data_6NRD
#
_entry.id   6NRD
#
_cell.length_a   1
_cell.length_b   1
_cell.length_c   1
_cell.angle_alpha   90.00
_cell.angle_beta   90.00
_cell.angle_gamma   90.00
#
_symmetry.space_group_name_H-M   'P 1'
#
loop_
_entity.id
_entity.type
_entity.pdbx_description
1 polymer 'T-complex protein 1 subunit alpha'
2 polymer 'T-complex protein 1 subunit beta'
3 polymer 'T-complex protein 1 subunit gamma'
4 polymer 'T-complex protein 1 subunit delta'
5 polymer 'T-complex protein 1 subunit epsilon'
6 polymer 'T-complex protein 1 subunit zeta'
7 polymer 'T-complex protein 1 subunit eta'
8 polymer 'T-complex protein 1 subunit theta'
9 polymer 'Prefoldin subunit 1'
10 polymer 'Prefoldin subunit 2'
11 polymer 'Prefoldin subunit 3'
12 polymer 'Prefoldin subunit 4'
13 polymer 'Prefoldin subunit 5'
14 polymer 'Prefoldin subunit 6'
#
loop_
_entity_poly.entity_id
_entity_poly.type
_entity_poly.pdbx_seq_one_letter_code
_entity_poly.pdbx_strand_id
1 'polypeptide(L)'
;MEGPLSVFGDRSTGETIRSQNVMAAASIANIVKSSLGPVGLDKMLVDDIGDVTITNDGATILKLLEVEHPAAKVLCELAD
LQDKEVGDGTTSVVIIAAELLKNADELVKQKIHPTSVISGYRLACKEAVRYINENLIVNTDELGRDCLINAAKTSMSSKI
IGINGDFFANMVVDAVLAIKYTDIRGQPRYPVNSVNILKAHGRSQMESMLISGYALNCVVGSQGMPKRIVNAKIACLDFS
LQKTKMKLGVQVVITDPEKLDQIRQRESDITKERIQKILATGANVILTTGGIDDMCLKYFVEAGAMAVRRVLKRDLKRIA
KASGATILSTLANLEGEETFEAAMLGQAEEVVQERICDDELILIKNTKARTSASIILRGANDFMCDEMERSLHDALCVVK
RVLESKSVVPGGGAVEAALSIYLENYATSMGSREQLAIAEFARSLLVIPNTLAVNAAQDSTDLVAKLRAFHNEAQVNPER
KNLKWIGLDLSNGKPRDNKQAGVFEPTIVKVKSLKFATEAAITILRIDDLIKLH
;
A,I
2 'polypeptide(L)'
;ADEERAETARLTSFIGAIAIGDLVKSTLGPKGMDKILLSSGRDASLMVTNDGATILKNIGVDNPAAKVLVDMSRVQDDEV
GDGTTSVTVLAAELLREAESLIAKKIHPQTIIAGWREATKAAREALLSSAVDHGSDEVKFRQDLMNIAGTTLSSKLLTHH
KDHFTKLAVEAVLRLKGSGNLEAIHIIKKLGGSLADSYLDEGFLLDKKIGVNQPKRIENAKILIANTGMDTDKIKIFGSR
VRVDSTAKVAEIEHAEKEKMKEKVERILKHGINCFINRQLIYNYPEQLFGAAGVMAIEHADFAGVERLALVTGGEIASTF
DHPELVKLGSCKLIEEVMIGEDKLIHFSGVALGEACTIVLRGATQQILDEAERSLHDALCVLAQTVKDSRTVYGGGCSEM
LMAHAVTQLANRTPGKEAVAMESYAKALRMLPTIIADNAGYDSADLVAQLRAAHSEGNTTAGLDMREGTIGDMAILGITE
SFQVKRQVLLSAAEAAEVILRVDNIIKAA
;
B,J
3 'polypeptide(L)'
;NTKRESGRKVQSGNINAAKTIADIIRTCLGPKSMMKMLLDPMGGIVMTNDGNAILREIQVQHPAAKSMIEISRTQDEEVG
DGTTSVIILAGEMLSVAEHFLEQQMHPTVVISAYRKALDDMISTLKKISIPVDISDSDMMLNIINSSITTKAISRWSSLA
CNIALDAVKMVQFEENGRKEIDIKKYARVEKIPGGIIEDSCVLRGVMINKDVTHPRMRRYIKNPRIVLLDSSLEYKKGES
QTDIEITREEDFTRILQMEEEYIQQLCEDIIQLKPDVVITEKGISDLAQHYLMRANITAIRRVRKTDNNRIARACGARIV
SRPEELREDDVGTGAGLLEIKKIGDEYFTFITDCKDPKACTILLRGASKEILSEVERNLQDAMQVCRNVLLDPQLVPGGG
ASEMAVAHALTEKSKAMTGVEQWPYRAVAQALEVIPRTLIQNCGASTIRLLTSLRAKHTQENCETWGVNGETGTLVDMKE
LGIWEPLAVKLQTYKTAVETAVLLLRIDDIVSG
;
C,K
4 'polypeptide(L)'
;DRDKPAQIRFSNISAAKAVADAIRTSLGPKGMDKMIQDGKGDVTITNDGATILKQMQVLHPAARMLVELSKAQDIEAGDG
TTSVVIIAGSLLDSCTKLLQKGIHPTIISESFQKALEKGIEILTDMSRPVELSDRETLLNSATTSLNSKVVSQYSSLLSP
MSVNAVMKVIDPATATSVDLRDIKIVKKLGGTIDDCELVEGLVLTQKVSNSGITRVEKAKIGLIQFCLSAPKTDMDNQIV
VSDYAQMDRVLREERAYILNLVKQIKKTGCNVLLIQKSILRDALSDLALHFLNKMKIMVIKDIEREDIEFICKTIGTKPV
AHIDQFTADMLGSAELAEEVNLNGSGKLLKITGCASPGKTVTIVVRGSNKLVIEEAERSIHDALCVIRCLVKKRALIAGG
GAPEIELALRLTEYSRTLSGMESYCVRAFADAMEVIPSTLAENAGLNPISTVTELRNRHAQGEKTAGINVRKGGISNILE
ELVVQPLLVSVSALTLATETVRSILKIDDVVNTR
;
D,L
5 'polypeptide(L)'
;KSRLMGLEALKSHIMAAKAVANTMRTSLGPNGLDKMMVDKDGDVTVTNDGATILSMMDVDHQIAKLMVELSKSQDDEIGD
GTTGVVVLAGALLEEAEQLLDRGIHPIRIADGYEQAARVAIEHLDKISDSVLVDIKDTEPLIQTAKTTLGSKVVNSCHRQ
MAEIAVNAVLTVADMERRDVDFELIKVEGKVGGRLEDTKLIKGVIVDKDFSHPQMPKKVEDAKIAILTCPFEPPKPKTKH
KLDVTSVEDYKALQKYEKEKFEEMIQQIKETGANLAICQWGFDDEANHLLLQNNLPAVRWVGGPEIELIAIATGGRIVPR
FSELTAEKLGFAGLVQEISFGTTKDKMLVIEQCKNSRAVTIFIRGGNKMIIEEAKRSLHDALCVIRNLIRDNRVVYGGGA
AEISCALAVSQEADKCPTLEQYAMRAFADALEVIPMALSENSGMNPIQTMTEVRARQVKEMNPALGIDCLHKGTNDMKQQ
HVIETLIGKKQQISLATQMVRMILKIDDIRKPGESEE
;
E,M
6 'polypeptide(L)'
;AEVARAQAALAVNISAARGLQDVLRTNLGPKGTMKMLVSGAGDIKLTKDGNVLLHEMQIQHPTASLIAKVATAQDDITGD
GTTSNVLIIGELLKQADLYISEGLHPRIITEGFEAAKEKALQFLEEVKVSREMDRETLIDVARTSLRTKVHAELADVLTE
AVVDSILAIKKQDEPIDLFMIEIMEMKHKSETDTSLIRGLVLDHGARHPDMKKRVEDAYILTCNVSLEYEKTEVNSGFFY
KSAEEREKLVKAERKFIEDRVKKIIELKRKVCGDSDKGFVVINQKGIDPFSLDALSKEGIVALRRAKRRNMERLTLACGG
VALNSFDDLSPDCLGHAGLVYEYTLGEEKFTFIEKCNNPRSVTLLIKGPNKHTLTQIKDAVRDGLRAVKNAIDDGCVVPG
AGAVEVAMAEALIKHKPSVKGRAQLGVQAFADALLIIPKVLAQNSGFDLQETLVKIQAEHSESGQLVGVDLNTGEPMVAA
EVGVWDNYCVKKQLLHSCTVIATNILLVDEIMRAG
;
F,N
7 'polypeptide(L)'
;GTDSSQGIPQLVSNISACQVIAEAVRTTLGPRGMDKLIVDGRGKATISNDGATILKLLDVVHPAAKTLVDIAKSQDAEVG
DGTTSVTLLAAEFLKQVKPYVEEGLHPQIIIRAFRTATQLAVNKIKEIAVTVKKADKVEQRKLLEKCAMTALSSKLISQQ
KAFFAKMVVDAVMMLDDLLQLKMIGIKKVQGGALEDSQLVAGVAFKKTFSYAGFEMQPKKYHNPKIALLNVELELKAEKD
NAEIRVHTVEDYQAIVDAEWNILYDKLEKIHHSGAKVVLSKLPIGDVATQYFADRDMFCAGRVPEEDLKRTMMACGGSIQ
TSVNALSADVLGRCQVFEETQIGGERYNFFTGCPKAKTCTFILRGGAEQFMEETERSLHDAIMIVRRAIKNDSVVAGGGA
IEMELSKYLRDYSRTIPGKQQLLIGAYAKALEIIPRQLCDNAGFDATNILNKLRARHAQGGTWYGVDINNEDIADNFEAF
VWEPAMVRINALTAASEAACLIVSVDETIKNPRS
;
G,O
8 'polypeptide(L)'
;MLKEGAKHFSGLEEAVYRNIQACKELAQTTRTAYGPNGMNKMVINHLEKLFVTNDAATILRELEVQHPAAKMIVMASHMQ
EQEVGDGTNFVLVFAGALLELAEELLRIGLSVSEVIEGYEIACRKAHEILPNLVCCSAKNLRDIDEVSSLLRTSIMSKQY
GNEVFLAKLIAQACVSIFPDSGHFNVDNIRVCKILGSGISSSSVLHGMVFKKETEGDVTSVKDAKIAVYSCPFDGMITET
KGTVLIKTAEELMNFSKGEENLMDAQVKAIADTGANVVVTGGKVADMALHYANKYNIMLVRLNSKWDLRRLCKTVGATAL
PRLTPPVLEEMGHCDSVYLSEVGDTQVVVFKHEKEDGAISTIVLRGSTDNLMDDIERAVDDGVNTFKVLTRDKRLVPGGG
ATEIELAKQITSYGETCPGLEQYAIKKFAEAFEAIPRALAENSGVKANEVISKLYAVHQEGNKNVGLDIEAEVPAVKDML
EAGILDTYLGKYWAIKLATNAAVTVLRVDQIIMA
;
H,P
9 'polypeptide(L)'
;AFTELQAKVIDTQQKVKLADIQIEQLNRTKKHAHLTDTEIMTLVDETNMYEGVGRMFILQSKEAIHSQLLEKQKIAEEKI
KELEQKKSYLERSVKEAEDNIREMLMA
;
1
10 'polypeptide(L)'
;SAEQVIAGFNRLRQEQRGLASKAAELEMELNEHSLVIDTLKEVDETRKCYRMVGGVLVERTVKEVLPALENNKEQIQKII
ETLTQQLQAKGKELNEFREKHNI
;
2
11 'polypeptide(L)'
;VLKKLDEQYQKYKFMELNLAQKKRRLKGQIPEIKQTLEILKYMQKKKESTNSMETRFLLADNLYCKASVPPTDKMCLWLG
ANVMLEYDIDEAQALLEKNLSTATKNLDSLEEDLDFLRDQFTTTEVNMARVY
;
3
12 'polypeptide(L)'
;DQQKINKFARNTSRITELKEEIEVKKKQLQNLEDACDDIMLADDDCLMIPYQIGDVFISHSQEETQEMLEEAKKNLQEEI
DALESRVESIQRVLADLKVQLYAK
;
4
13 'polypeptide(L)'
;NLPQLEMLKNQLDQEVEFLSTSIAQLKVVQTKYVEAKDCLNVLNKSNEGKELLVPLTSSMYVPGKLHDVEHVLIDVGTGY
YVEKTAEDAKDFFKRKIDFLTKQMEKIQPALQEKHAMKQAVMEMMSQ
;
5
14 'polypeptide(L)'
;VEKYQQLQKDLSKSMSGRQKLEAQLTENNIVKEELALLDGSNVVFKLLGPVLVKQELGEARATVGKRLDYITAEIKRYES
QLRDLERQSEQQRETLAQLQQE
;
6
#
# COMPACT_ATOMS: atom_id res chain seq x y z
N THR A 13 -1.20 -2.55 33.80
CA THR A 13 -1.79 -3.50 34.71
C THR A 13 -0.72 -4.14 35.60
N GLY A 14 -1.13 -4.66 36.75
CA GLY A 14 -0.18 -5.24 37.69
C GLY A 14 0.76 -4.18 38.22
N GLU A 15 2.06 -4.43 38.08
CA GLU A 15 3.03 -3.38 38.34
C GLU A 15 2.80 -2.20 37.41
N THR A 16 2.49 -2.47 36.15
CA THR A 16 2.28 -1.39 35.20
C THR A 16 1.14 -0.47 35.65
N ILE A 17 0.02 -1.01 36.11
CA ILE A 17 -0.99 -0.14 36.69
C ILE A 17 -0.50 0.43 38.01
N ARG A 18 0.18 -0.37 38.82
CA ARG A 18 0.73 0.16 40.05
C ARG A 18 1.86 1.13 39.76
N SER A 19 2.42 1.08 38.55
CA SER A 19 3.19 2.22 38.06
C SER A 19 2.25 3.28 37.50
N GLN A 20 1.20 2.86 36.80
CA GLN A 20 0.24 3.80 36.25
C GLN A 20 -0.52 4.51 37.36
N ASN A 21 -0.86 3.78 38.42
CA ASN A 21 -1.37 4.41 39.63
C ASN A 21 -0.35 5.39 40.18
N VAL A 22 0.92 4.98 40.23
CA VAL A 22 1.99 5.93 40.51
C VAL A 22 2.01 7.03 39.47
N MET A 23 1.98 6.66 38.20
CA MET A 23 1.92 7.67 37.15
C MET A 23 0.68 8.53 37.30
N ALA A 24 -0.41 7.94 37.79
CA ALA A 24 -1.54 8.75 38.23
C ALA A 24 -1.14 9.63 39.40
N ALA A 25 -0.52 9.04 40.43
CA ALA A 25 -0.03 9.82 41.55
C ALA A 25 1.08 10.77 41.12
N ALA A 26 1.99 10.30 40.27
CA ALA A 26 3.07 11.15 39.79
C ALA A 26 2.55 12.40 39.11
N SER A 27 1.84 12.24 37.99
CA SER A 27 1.39 13.37 37.20
C SER A 27 0.63 14.37 38.05
N ILE A 28 -0.32 13.88 38.86
CA ILE A 28 -1.07 14.75 39.75
C ILE A 28 -0.13 15.51 40.68
N ALA A 29 0.58 14.79 41.55
CA ALA A 29 1.37 15.43 42.59
C ALA A 29 2.31 16.46 42.02
N ASN A 30 2.80 16.24 40.79
CA ASN A 30 3.66 17.22 40.13
C ASN A 30 3.04 18.60 40.15
N ILE A 31 1.72 18.66 39.95
CA ILE A 31 1.05 19.95 39.84
C ILE A 31 0.82 20.55 41.22
N VAL A 32 0.03 19.86 42.06
CA VAL A 32 -0.30 20.35 43.40
C VAL A 32 0.93 20.70 44.22
N LYS A 33 2.08 20.09 43.94
CA LYS A 33 3.34 20.62 44.49
C LYS A 33 3.52 22.08 44.12
N SER A 34 3.63 22.37 42.83
CA SER A 34 3.73 23.73 42.31
C SER A 34 2.56 24.61 42.74
N SER A 35 1.45 24.00 43.14
CA SER A 35 0.34 24.74 43.72
C SER A 35 0.33 24.74 45.24
N LEU A 36 1.32 24.14 45.90
CA LEU A 36 1.24 23.95 47.34
C LEU A 36 1.51 25.24 48.10
N GLY A 37 0.51 25.64 48.89
CA GLY A 37 0.67 26.74 49.82
C GLY A 37 0.69 28.09 49.14
N PRO A 38 0.98 29.14 49.92
CA PRO A 38 1.14 30.48 49.33
C PRO A 38 2.24 30.54 48.30
N VAL A 39 3.39 29.90 48.56
CA VAL A 39 4.39 29.67 47.54
C VAL A 39 3.86 28.84 46.39
N GLY A 40 2.77 28.10 46.60
CA GLY A 40 2.14 27.39 45.51
C GLY A 40 1.63 28.34 44.45
N LEU A 41 1.81 27.97 43.20
CA LEU A 41 1.59 28.90 42.11
C LEU A 41 0.29 28.57 41.39
N ASP A 42 -0.36 29.61 40.89
CA ASP A 42 -1.57 29.46 40.10
C ASP A 42 -1.25 28.75 38.80
N LYS A 43 -2.19 27.93 38.34
CA LYS A 43 -1.96 27.03 37.22
C LYS A 43 -3.16 27.08 36.28
N MET A 44 -2.88 27.19 34.97
CA MET A 44 -3.92 27.15 33.96
C MET A 44 -4.57 25.78 33.99
N LEU A 45 -5.89 25.76 34.14
CA LEU A 45 -6.68 24.52 34.06
C LEU A 45 -7.71 24.72 32.97
N VAL A 46 -7.75 23.82 32.01
CA VAL A 46 -8.82 23.87 31.04
C VAL A 46 -10.07 23.28 31.70
N ASP A 47 -11.09 24.11 31.87
CA ASP A 47 -12.29 23.70 32.58
C ASP A 47 -13.21 22.84 31.73
N ASP A 48 -13.52 23.27 30.50
CA ASP A 48 -14.22 22.40 29.58
C ASP A 48 -13.41 22.22 28.30
N ILE A 49 -13.44 23.22 27.43
CA ILE A 49 -12.61 23.20 26.24
C ILE A 49 -11.93 24.55 26.05
N GLY A 50 -12.70 25.59 25.70
CA GLY A 50 -12.16 26.92 25.57
C GLY A 50 -12.09 27.60 26.91
N ASP A 51 -12.55 26.90 27.94
CA ASP A 51 -12.52 27.41 29.29
C ASP A 51 -11.25 26.95 29.97
N VAL A 52 -10.34 27.89 30.23
CA VAL A 52 -9.11 27.59 30.94
C VAL A 52 -8.99 28.55 32.12
N THR A 53 -8.63 27.99 33.28
CA THR A 53 -8.67 28.72 34.54
C THR A 53 -7.33 28.62 35.23
N ILE A 54 -6.85 29.75 35.77
CA ILE A 54 -5.53 29.84 36.37
C ILE A 54 -5.69 29.88 37.88
N THR A 55 -5.34 28.77 38.54
CA THR A 55 -5.59 28.61 39.98
C THR A 55 -4.53 27.71 40.59
N ASN A 56 -4.63 27.56 41.91
CA ASN A 56 -3.77 26.69 42.70
C ASN A 56 -4.62 26.11 43.83
N ASP A 57 -3.97 25.49 44.82
CA ASP A 57 -4.67 24.69 45.82
C ASP A 57 -5.39 23.54 45.15
N GLY A 58 -4.64 22.47 44.84
CA GLY A 58 -5.15 21.41 44.00
C GLY A 58 -6.57 20.99 44.34
N ALA A 59 -6.86 20.81 45.63
CA ALA A 59 -8.22 20.46 46.04
C ALA A 59 -9.24 21.37 45.38
N THR A 60 -8.95 22.67 45.31
CA THR A 60 -9.77 23.55 44.50
C THR A 60 -9.68 23.18 43.03
N ILE A 61 -8.47 23.03 42.51
CA ILE A 61 -8.33 22.91 41.06
C ILE A 61 -8.62 21.49 40.62
N LEU A 62 -8.23 20.49 41.42
CA LEU A 62 -8.50 19.10 41.08
C LEU A 62 -9.98 18.90 40.75
N LYS A 63 -10.84 19.71 41.35
CA LYS A 63 -12.27 19.61 41.09
C LYS A 63 -12.60 20.16 39.70
N LEU A 64 -11.85 21.17 39.24
CA LEU A 64 -11.96 21.54 37.84
C LEU A 64 -11.11 20.63 36.96
N LEU A 65 -10.19 19.90 37.57
CA LEU A 65 -9.42 18.91 36.83
C LEU A 65 -10.24 17.66 36.56
N GLU A 66 -10.10 17.16 35.35
CA GLU A 66 -10.75 15.92 34.94
C GLU A 66 -9.71 14.81 34.87
N VAL A 67 -9.81 13.85 35.78
CA VAL A 67 -8.78 12.85 35.97
C VAL A 67 -8.75 11.90 34.78
N GLU A 68 -7.56 11.36 34.52
CA GLU A 68 -7.40 10.29 33.54
C GLU A 68 -7.44 8.91 34.14
N HIS A 69 -7.53 8.78 35.45
CA HIS A 69 -7.49 7.48 36.11
C HIS A 69 -8.49 7.46 37.26
N PRO A 70 -9.05 6.30 37.56
CA PRO A 70 -9.71 6.16 38.87
C PRO A 70 -8.74 6.34 40.01
N ALA A 71 -7.46 5.98 39.79
CA ALA A 71 -6.43 6.26 40.76
C ALA A 71 -6.30 7.75 41.04
N ALA A 72 -6.16 8.56 39.98
CA ALA A 72 -6.20 10.01 40.17
C ALA A 72 -7.56 10.46 40.65
N LYS A 73 -8.62 9.78 40.20
CA LYS A 73 -9.97 10.09 40.65
C LYS A 73 -10.08 9.99 42.16
N VAL A 74 -9.85 8.79 42.72
CA VAL A 74 -10.05 8.58 44.14
C VAL A 74 -9.17 9.51 44.97
N LEU A 75 -8.01 9.87 44.43
CA LEU A 75 -7.14 10.77 45.17
C LEU A 75 -7.70 12.18 45.24
N CYS A 76 -8.22 12.71 44.13
CA CYS A 76 -8.97 13.97 44.21
C CYS A 76 -10.06 13.88 45.25
N GLU A 77 -10.82 12.80 45.23
CA GLU A 77 -11.82 12.55 46.26
C GLU A 77 -11.19 12.51 47.64
N LEU A 78 -10.03 11.87 47.76
CA LEU A 78 -9.35 11.81 49.05
C LEU A 78 -9.03 13.20 49.58
N ALA A 79 -8.39 14.02 48.75
CA ALA A 79 -8.19 15.42 49.12
C ALA A 79 -9.53 16.11 49.32
N ASP A 80 -10.51 15.78 48.46
CA ASP A 80 -11.85 16.31 48.67
C ASP A 80 -12.43 15.80 49.99
N LEU A 81 -12.24 14.52 50.28
CA LEU A 81 -12.45 14.03 51.64
C LEU A 81 -11.73 14.93 52.64
N GLN A 82 -10.39 15.00 52.53
CA GLN A 82 -9.62 15.91 53.38
C GLN A 82 -10.20 17.33 53.34
N ASP A 83 -10.56 17.82 52.16
CA ASP A 83 -11.13 19.15 52.04
C ASP A 83 -12.39 19.29 52.88
N LYS A 84 -13.31 18.32 52.79
CA LYS A 84 -14.52 18.38 53.59
C LYS A 84 -14.18 18.51 55.07
N GLU A 85 -13.18 17.78 55.53
CA GLU A 85 -12.56 18.11 56.81
C GLU A 85 -11.99 19.52 56.78
N VAL A 86 -10.90 19.71 56.05
CA VAL A 86 -10.29 21.02 55.91
C VAL A 86 -9.54 21.06 54.59
N GLY A 87 -9.59 22.22 53.91
CA GLY A 87 -8.84 22.39 52.69
C GLY A 87 -7.35 22.28 52.85
N ASP A 88 -6.86 22.26 54.08
CA ASP A 88 -5.45 22.12 54.38
C ASP A 88 -5.06 20.65 54.35
N GLY A 89 -3.85 20.37 53.86
CA GLY A 89 -3.38 19.01 53.72
C GLY A 89 -3.90 18.29 52.51
N THR A 90 -4.96 18.81 51.87
CA THR A 90 -5.50 18.23 50.65
C THR A 90 -4.43 18.08 49.59
N THR A 91 -3.86 19.20 49.14
CA THR A 91 -2.70 19.14 48.25
C THR A 91 -1.59 18.28 48.85
N SER A 92 -1.47 18.28 50.17
CA SER A 92 -0.40 17.51 50.82
C SER A 92 -0.69 16.01 50.76
N VAL A 93 -1.79 15.59 51.37
CA VAL A 93 -2.15 14.18 51.42
C VAL A 93 -2.02 13.54 50.04
N VAL A 94 -2.43 14.27 48.99
CA VAL A 94 -2.13 13.85 47.63
C VAL A 94 -0.64 13.72 47.43
N ILE A 95 0.08 14.83 47.55
CA ILE A 95 1.54 14.82 47.39
C ILE A 95 2.16 13.74 48.26
N ILE A 96 1.59 13.52 49.45
CA ILE A 96 2.09 12.47 50.32
C ILE A 96 1.83 11.11 49.70
N ALA A 97 0.62 10.89 49.19
CA ALA A 97 0.27 9.61 48.60
C ALA A 97 1.20 9.26 47.45
N ALA A 98 1.50 10.22 46.58
CA ALA A 98 2.47 9.98 45.53
C ALA A 98 3.80 9.50 46.10
N GLU A 99 4.32 10.24 47.08
CA GLU A 99 5.52 9.82 47.79
C GLU A 99 5.40 8.39 48.28
N LEU A 100 4.35 8.09 49.03
CA LEU A 100 4.10 6.74 49.51
C LEU A 100 4.21 5.72 48.40
N LEU A 101 3.30 5.79 47.42
CA LEU A 101 3.28 4.80 46.34
C LEU A 101 4.65 4.64 45.71
N LYS A 102 5.37 5.74 45.53
CA LYS A 102 6.69 5.66 44.92
C LYS A 102 7.70 5.02 45.87
N ASN A 103 7.53 5.24 47.17
CA ASN A 103 8.37 4.53 48.14
C ASN A 103 8.22 3.02 48.01
N ALA A 104 7.03 2.50 48.30
CA ALA A 104 6.88 1.07 48.52
C ALA A 104 6.80 0.29 47.22
N ASP A 105 6.31 0.93 46.15
CA ASP A 105 6.19 0.21 44.88
C ASP A 105 7.52 -0.41 44.49
N GLU A 106 8.60 0.35 44.67
CA GLU A 106 9.94 -0.20 44.56
C GLU A 106 10.08 -1.51 45.34
N LEU A 107 9.86 -1.47 46.65
CA LEU A 107 9.84 -2.70 47.43
C LEU A 107 8.86 -3.71 46.85
N VAL A 108 7.65 -3.28 46.51
CA VAL A 108 6.70 -4.16 45.86
C VAL A 108 7.28 -4.67 44.55
N LYS A 109 7.94 -3.79 43.80
CA LYS A 109 8.71 -4.25 42.66
C LYS A 109 9.76 -5.26 43.09
N GLN A 110 10.30 -5.09 44.29
CA GLN A 110 11.62 -5.66 44.54
C GLN A 110 11.58 -7.09 45.03
N LYS A 111 11.53 -7.30 46.34
CA LYS A 111 11.14 -8.61 46.84
C LYS A 111 9.83 -8.58 47.63
N ILE A 112 9.28 -7.40 47.85
CA ILE A 112 8.43 -7.17 49.02
C ILE A 112 6.97 -7.23 48.60
N HIS A 113 6.13 -7.78 49.47
CA HIS A 113 4.72 -7.89 49.19
C HIS A 113 4.03 -6.54 49.36
N PRO A 114 3.04 -6.25 48.52
CA PRO A 114 2.19 -5.06 48.78
C PRO A 114 1.47 -5.15 50.11
N THR A 115 1.27 -6.36 50.62
CA THR A 115 0.69 -6.50 51.95
C THR A 115 1.74 -6.33 53.03
N SER A 116 2.92 -6.89 52.82
CA SER A 116 3.98 -6.84 53.82
C SER A 116 4.45 -5.42 54.07
N VAL A 117 4.54 -4.61 53.01
CA VAL A 117 4.96 -3.22 53.17
C VAL A 117 4.02 -2.47 54.11
N ILE A 118 2.78 -2.24 53.68
CA ILE A 118 1.94 -1.20 54.24
C ILE A 118 1.70 -1.44 55.73
N SER A 119 1.97 -2.65 56.19
CA SER A 119 2.06 -2.89 57.63
C SER A 119 2.97 -1.86 58.29
N GLY A 120 4.27 -1.92 58.02
CA GLY A 120 5.21 -1.00 58.63
C GLY A 120 5.00 0.45 58.24
N TYR A 121 4.07 0.71 57.32
CA TYR A 121 3.70 2.08 56.99
C TYR A 121 2.54 2.56 57.87
N ARG A 122 1.38 1.91 57.74
CA ARG A 122 0.24 2.21 58.58
C ARG A 122 0.62 2.21 60.06
N LEU A 123 1.31 1.16 60.51
CA LEU A 123 1.68 1.11 61.92
C LEU A 123 2.65 2.23 62.27
N ALA A 124 3.48 2.64 61.30
CA ALA A 124 4.27 3.85 61.51
C ALA A 124 3.39 5.08 61.47
N CYS A 125 2.34 5.07 60.64
CA CYS A 125 1.33 6.12 60.73
C CYS A 125 0.74 6.19 62.13
N LYS A 126 0.62 5.03 62.79
CA LYS A 126 0.34 5.06 64.21
C LYS A 126 1.49 5.71 64.98
N GLU A 127 2.72 5.40 64.59
CA GLU A 127 3.86 5.90 65.34
C GLU A 127 4.01 7.41 65.17
N ALA A 128 4.00 7.88 63.92
CA ALA A 128 4.17 9.31 63.67
C ALA A 128 3.13 10.12 64.42
N VAL A 129 1.85 9.71 64.35
CA VAL A 129 0.85 10.44 65.10
C VAL A 129 1.15 10.35 66.59
N ARG A 130 1.59 9.19 67.07
CA ARG A 130 1.95 9.06 68.48
C ARG A 130 3.02 10.04 68.89
N TYR A 131 3.88 10.46 67.95
CA TYR A 131 4.71 11.62 68.24
C TYR A 131 3.94 12.90 68.08
N ILE A 132 3.20 13.04 66.98
CA ILE A 132 2.38 14.22 66.77
C ILE A 132 1.34 14.33 67.87
N ASN A 133 1.05 13.20 68.53
CA ASN A 133 0.25 13.25 69.74
C ASN A 133 1.07 13.73 70.92
N GLU A 134 2.29 13.20 71.06
CA GLU A 134 3.15 13.63 72.15
C GLU A 134 3.84 14.94 71.84
N ASN A 135 3.67 15.46 70.62
CA ASN A 135 4.08 16.81 70.30
C ASN A 135 2.86 17.72 70.30
N LEU A 136 2.87 18.73 71.15
CA LEU A 136 1.82 19.75 71.15
C LEU A 136 2.41 21.05 71.63
N ILE A 137 1.59 22.10 71.56
CA ILE A 137 1.74 23.25 72.43
C ILE A 137 0.33 23.75 72.76
N VAL A 138 0.05 23.84 74.05
CA VAL A 138 -1.27 24.29 74.49
C VAL A 138 -1.30 25.80 74.45
N ASN A 139 -0.14 26.44 74.59
CA ASN A 139 -0.11 27.89 74.47
C ASN A 139 0.39 28.22 73.08
N THR A 140 -0.56 28.45 72.18
CA THR A 140 -0.36 28.93 70.82
C THR A 140 -0.70 30.41 70.77
N ASP A 141 -0.84 31.02 71.93
CA ASP A 141 -1.36 32.38 72.02
C ASP A 141 -0.29 33.47 71.94
N GLU A 142 0.53 33.69 72.98
CA GLU A 142 1.58 34.69 72.94
C GLU A 142 2.62 34.46 71.88
N LEU A 143 3.27 33.29 71.87
CA LEU A 143 4.14 32.89 70.78
C LEU A 143 3.33 32.67 69.51
N GLY A 144 2.01 32.70 69.63
CA GLY A 144 1.12 32.62 68.51
C GLY A 144 1.22 31.31 67.75
N ARG A 145 0.56 31.31 66.58
CA ARG A 145 0.66 30.23 65.61
C ARG A 145 1.25 30.85 64.36
N ASP A 146 2.44 30.35 63.96
CA ASP A 146 3.28 31.02 62.99
C ASP A 146 3.50 32.42 63.52
N CYS A 147 4.15 32.48 64.68
CA CYS A 147 4.17 33.60 65.59
C CYS A 147 2.76 34.06 65.92
N LEU A 148 2.63 35.36 66.17
CA LEU A 148 1.39 35.96 66.62
C LEU A 148 1.05 37.06 65.63
N ILE A 149 1.95 38.03 65.55
CA ILE A 149 1.81 39.10 64.57
C ILE A 149 2.18 38.60 63.18
N ASN A 150 3.08 37.61 63.10
CA ASN A 150 3.65 37.25 61.82
C ASN A 150 2.63 36.55 60.93
N ALA A 151 1.60 35.95 61.51
CA ALA A 151 0.51 35.43 60.70
C ALA A 151 -0.09 36.53 59.84
N ALA A 152 -0.53 37.62 60.47
CA ALA A 152 -1.04 38.75 59.70
C ALA A 152 0.09 39.45 58.95
N LYS A 153 1.24 39.66 59.61
CA LYS A 153 2.32 40.43 59.00
C LYS A 153 2.77 39.83 57.68
N THR A 154 2.95 38.52 57.64
CA THR A 154 3.09 37.83 56.36
C THR A 154 1.95 38.17 55.41
N SER A 155 0.72 37.82 55.79
CA SER A 155 -0.46 38.13 55.00
C SER A 155 -0.68 39.62 54.80
N MET A 156 0.03 40.48 55.54
CA MET A 156 0.03 41.88 55.18
C MET A 156 0.68 42.07 53.82
N SER A 157 0.00 42.81 52.95
CA SER A 157 0.64 43.42 51.80
C SER A 157 1.04 44.80 52.26
N SER A 158 2.34 45.01 52.49
CA SER A 158 2.72 46.03 53.43
C SER A 158 2.88 47.38 52.73
N LYS A 159 1.95 48.27 53.02
CA LYS A 159 1.92 49.58 52.38
C LYS A 159 1.96 50.66 53.46
N ILE A 160 0.80 50.92 54.05
CA ILE A 160 0.71 51.64 55.31
C ILE A 160 0.51 50.68 56.48
N ILE A 161 0.31 49.40 56.20
CA ILE A 161 0.17 48.38 57.23
C ILE A 161 1.53 47.87 57.70
N GLY A 162 2.56 47.98 56.85
CA GLY A 162 3.90 47.51 57.18
C GLY A 162 4.56 48.20 58.35
N ILE A 163 4.58 49.53 58.40
CA ILE A 163 5.01 50.25 59.59
C ILE A 163 4.20 49.89 60.81
N ASN A 164 2.94 49.50 60.64
CA ASN A 164 2.08 48.96 61.67
C ASN A 164 2.20 47.44 61.69
N GLY A 165 3.16 46.93 60.94
CA GLY A 165 3.28 45.49 60.73
C GLY A 165 3.15 44.70 62.02
N ASP A 166 3.82 45.15 63.07
CA ASP A 166 3.49 44.62 64.38
C ASP A 166 2.25 45.30 64.94
N PHE A 167 2.19 46.62 64.82
CA PHE A 167 1.10 47.39 65.43
C PHE A 167 -0.25 46.81 65.05
N PHE A 168 -0.63 46.89 63.76
CA PHE A 168 -1.85 46.26 63.31
C PHE A 168 -1.90 44.78 63.68
N ALA A 169 -0.89 44.02 63.30
CA ALA A 169 -0.92 42.59 63.59
C ALA A 169 -1.06 42.33 65.08
N ASN A 170 -0.27 43.01 65.90
CA ASN A 170 -0.48 42.89 67.33
C ASN A 170 -1.85 43.41 67.72
N MET A 171 -2.29 44.52 67.14
CA MET A 171 -3.67 44.97 67.30
C MET A 171 -4.65 43.89 66.84
N VAL A 172 -4.64 43.60 65.54
CA VAL A 172 -5.71 42.77 64.98
C VAL A 172 -5.68 41.36 65.57
N VAL A 173 -4.49 40.77 65.72
CA VAL A 173 -4.43 39.39 66.17
C VAL A 173 -4.82 39.31 67.64
N ASP A 174 -4.29 40.21 68.47
CA ASP A 174 -4.81 40.29 69.83
C ASP A 174 -6.31 40.56 69.84
N ALA A 175 -6.78 41.37 68.89
CA ALA A 175 -8.22 41.47 68.65
C ALA A 175 -8.76 40.14 68.14
N VAL A 176 -8.00 39.48 67.26
CA VAL A 176 -8.43 38.18 66.75
C VAL A 176 -8.30 37.11 67.83
N LEU A 177 -7.28 37.21 68.69
CA LEU A 177 -7.15 36.27 69.79
C LEU A 177 -8.39 36.25 70.66
N ALA A 178 -8.54 37.25 71.52
CA ALA A 178 -9.81 37.57 72.13
C ALA A 178 -9.89 39.06 72.39
N ILE A 179 -11.00 39.68 72.03
CA ILE A 179 -11.42 40.96 72.54
C ILE A 179 -12.91 40.86 72.85
N LYS A 180 -13.49 41.95 73.37
CA LYS A 180 -14.90 41.90 73.70
C LYS A 180 -15.73 42.03 72.44
N TYR A 181 -16.48 40.98 72.12
CA TYR A 181 -17.49 41.07 71.08
C TYR A 181 -18.70 40.26 71.51
N THR A 182 -19.83 40.91 71.69
CA THR A 182 -21.04 40.16 71.96
C THR A 182 -21.48 39.41 70.70
N ASP A 183 -21.57 38.08 70.86
CA ASP A 183 -22.14 37.18 69.89
C ASP A 183 -23.65 37.36 69.98
N ILE A 184 -24.40 36.46 69.36
CA ILE A 184 -25.84 36.57 69.51
C ILE A 184 -26.16 36.60 71.00
N ARG A 185 -26.71 37.73 71.43
CA ARG A 185 -26.95 38.00 72.84
C ARG A 185 -25.69 37.76 73.68
N GLY A 186 -24.54 37.88 73.03
CA GLY A 186 -23.27 37.73 73.71
C GLY A 186 -22.90 36.35 74.22
N GLN A 187 -22.89 35.28 73.31
CA GLN A 187 -22.15 34.20 73.94
C GLN A 187 -20.67 34.58 74.05
N PRO A 188 -20.05 34.42 75.21
CA PRO A 188 -18.61 34.63 75.27
C PRO A 188 -17.86 33.56 74.51
N ARG A 189 -17.00 34.00 73.58
CA ARG A 189 -15.90 33.23 73.02
C ARG A 189 -14.93 34.26 72.48
N TYR A 190 -13.83 33.80 71.92
CA TYR A 190 -13.03 34.61 71.03
C TYR A 190 -13.91 35.18 69.92
N PRO A 191 -13.67 36.42 69.51
CA PRO A 191 -14.47 36.97 68.41
C PRO A 191 -13.92 36.72 67.02
N VAL A 192 -13.54 35.50 66.66
CA VAL A 192 -13.40 35.24 65.22
C VAL A 192 -14.71 34.57 64.82
N ASN A 193 -15.52 34.24 65.81
CA ASN A 193 -16.89 33.81 65.59
C ASN A 193 -17.64 34.80 64.72
N SER A 194 -17.50 36.08 65.02
CA SER A 194 -17.91 37.15 64.12
C SER A 194 -16.99 38.34 64.36
N VAL A 195 -16.68 39.05 63.28
CA VAL A 195 -15.93 40.28 63.39
C VAL A 195 -16.74 41.44 62.84
N ASN A 196 -17.19 42.33 63.72
CA ASN A 196 -17.69 43.62 63.26
C ASN A 196 -16.46 44.52 63.23
N ILE A 197 -15.32 43.91 63.53
CA ILE A 197 -14.03 44.48 63.19
C ILE A 197 -14.05 44.84 61.71
N LEU A 198 -13.70 46.07 61.40
CA LEU A 198 -13.77 46.59 60.04
C LEU A 198 -12.53 47.43 59.75
N LYS A 199 -12.52 48.03 58.57
CA LYS A 199 -11.47 48.93 58.15
C LYS A 199 -12.10 50.01 57.29
N ALA A 200 -11.74 51.26 57.54
CA ALA A 200 -12.10 52.36 56.64
C ALA A 200 -10.90 53.28 56.51
N HIS A 201 -10.43 53.49 55.29
CA HIS A 201 -9.28 54.35 55.12
C HIS A 201 -9.70 55.81 55.22
N GLY A 202 -9.05 56.51 56.12
CA GLY A 202 -9.35 57.90 56.43
C GLY A 202 -8.40 58.23 57.55
N ARG A 203 -8.22 59.54 57.79
CA ARG A 203 -7.22 60.01 58.74
C ARG A 203 -5.86 59.44 58.36
N SER A 204 -5.14 58.85 59.31
CA SER A 204 -3.87 58.22 58.98
C SER A 204 -3.87 56.75 59.38
N GLN A 205 -2.79 56.07 59.02
CA GLN A 205 -2.67 54.61 59.17
C GLN A 205 -2.38 54.16 60.59
N MET A 206 -1.41 54.78 61.27
CA MET A 206 -1.20 54.53 62.70
C MET A 206 -2.47 54.70 63.50
N GLU A 207 -3.31 55.65 63.09
CA GLU A 207 -4.57 55.96 63.74
C GLU A 207 -5.60 54.87 63.59
N SER A 208 -5.32 53.85 62.78
CA SER A 208 -6.15 52.66 62.78
C SER A 208 -6.22 52.05 64.16
N MET A 209 -7.43 51.87 64.67
CA MET A 209 -7.59 51.44 66.06
C MET A 209 -8.74 50.45 66.17
N LEU A 210 -8.56 49.50 67.07
CA LEU A 210 -9.69 48.76 67.61
C LEU A 210 -10.62 49.76 68.30
N ILE A 211 -11.91 49.51 68.20
CA ILE A 211 -12.91 50.39 68.80
C ILE A 211 -13.65 49.61 69.86
N SER A 212 -14.01 50.27 70.95
CA SER A 212 -14.78 49.59 71.98
C SER A 212 -16.24 49.84 71.65
N GLY A 213 -16.90 48.83 71.13
CA GLY A 213 -18.24 49.04 70.65
C GLY A 213 -18.58 48.23 69.42
N TYR A 214 -19.57 48.68 68.67
CA TYR A 214 -19.86 48.13 67.36
C TYR A 214 -19.58 49.11 66.23
N ALA A 215 -18.68 48.70 65.33
CA ALA A 215 -18.46 49.35 64.05
C ALA A 215 -19.73 49.28 63.22
N LEU A 216 -20.12 50.42 62.66
CA LEU A 216 -21.26 50.44 61.75
C LEU A 216 -20.97 51.29 60.54
N ASN A 217 -20.96 50.62 59.37
CA ASN A 217 -21.22 51.28 58.10
C ASN A 217 -22.72 51.43 58.00
N CYS A 218 -23.18 52.68 57.89
CA CYS A 218 -24.55 53.00 58.27
C CYS A 218 -24.98 54.27 57.56
N VAL A 219 -26.29 54.53 57.62
CA VAL A 219 -26.81 55.88 57.47
C VAL A 219 -27.18 56.38 58.86
N VAL A 220 -26.36 57.30 59.38
CA VAL A 220 -26.65 57.98 60.62
C VAL A 220 -27.71 59.04 60.32
N GLY A 221 -28.66 59.19 61.23
CA GLY A 221 -29.84 59.99 60.98
C GLY A 221 -29.56 61.48 60.96
N SER A 222 -30.64 62.25 60.97
CA SER A 222 -30.58 63.70 60.84
C SER A 222 -31.84 64.31 61.43
N GLN A 223 -32.10 65.59 61.11
CA GLN A 223 -33.42 66.18 61.28
C GLN A 223 -33.64 66.68 62.70
N GLY A 224 -32.61 66.61 63.54
CA GLY A 224 -32.75 66.88 64.95
C GLY A 224 -32.60 65.63 65.78
N MET A 225 -32.16 64.57 65.13
CA MET A 225 -31.67 63.41 65.85
C MET A 225 -30.52 63.81 66.76
N PRO A 226 -30.52 63.37 68.01
CA PRO A 226 -29.30 63.48 68.81
C PRO A 226 -28.21 62.68 68.12
N LYS A 227 -27.07 63.30 67.91
CA LYS A 227 -25.99 62.62 67.22
C LYS A 227 -25.26 61.65 68.13
N ARG A 228 -25.39 61.81 69.44
CA ARG A 228 -24.96 60.80 70.39
C ARG A 228 -26.04 60.65 71.44
N ILE A 229 -26.34 59.40 71.80
CA ILE A 229 -27.23 59.13 72.93
C ILE A 229 -26.54 58.11 73.83
N VAL A 230 -26.21 58.52 75.04
CA VAL A 230 -25.53 57.65 75.99
C VAL A 230 -26.56 56.73 76.65
N ASN A 231 -26.18 55.47 76.85
CA ASN A 231 -27.03 54.48 77.50
C ASN A 231 -28.40 54.38 76.85
N ALA A 232 -28.46 53.84 75.64
CA ALA A 232 -29.74 53.78 74.94
C ALA A 232 -30.05 52.35 74.55
N LYS A 233 -31.30 51.94 74.79
CA LYS A 233 -31.84 50.73 74.20
C LYS A 233 -31.95 50.95 72.70
N ILE A 234 -32.01 49.87 71.94
CA ILE A 234 -31.88 49.92 70.49
C ILE A 234 -33.14 49.35 69.85
N ALA A 235 -33.52 49.92 68.71
CA ALA A 235 -34.36 49.24 67.75
C ALA A 235 -33.51 48.98 66.53
N CYS A 236 -33.11 47.73 66.34
CA CYS A 236 -32.43 47.27 65.15
C CYS A 236 -33.49 46.76 64.18
N LEU A 237 -33.70 47.48 63.08
CA LEU A 237 -34.76 47.17 62.15
C LEU A 237 -34.20 46.48 60.91
N ASP A 238 -34.48 45.19 60.77
CA ASP A 238 -34.42 44.54 59.47
C ASP A 238 -35.37 45.22 58.49
N PHE A 239 -36.36 45.93 59.00
CA PHE A 239 -37.43 46.51 58.23
C PHE A 239 -36.94 47.74 57.48
N SER A 240 -37.85 48.31 56.69
CA SER A 240 -37.72 49.63 56.12
C SER A 240 -39.03 50.35 56.38
N LEU A 241 -38.99 51.42 57.18
CA LEU A 241 -40.24 52.02 57.61
C LEU A 241 -40.99 52.65 56.44
N GLN A 242 -40.36 53.58 55.72
CA GLN A 242 -41.04 54.32 54.68
C GLN A 242 -42.33 54.88 55.24
N LYS A 243 -43.40 54.74 54.48
CA LYS A 243 -44.75 54.89 55.00
C LYS A 243 -45.60 53.83 54.34
N THR A 244 -46.70 53.46 54.98
CA THR A 244 -47.60 52.46 54.42
C THR A 244 -48.65 53.18 53.58
N LYS A 245 -48.56 53.03 52.27
CA LYS A 245 -49.35 53.91 51.43
C LYS A 245 -50.83 53.60 51.62
N MET A 246 -51.52 54.60 52.15
CA MET A 246 -52.92 54.52 52.48
C MET A 246 -53.53 55.89 52.27
N LYS A 247 -54.63 55.97 51.52
CA LYS A 247 -55.33 57.24 51.42
C LYS A 247 -56.24 57.46 52.62
N LEU A 248 -56.97 56.43 53.03
CA LEU A 248 -57.82 56.47 54.20
C LEU A 248 -57.44 55.40 55.20
N GLY A 249 -56.79 55.79 56.30
CA GLY A 249 -56.83 54.94 57.48
C GLY A 249 -57.54 55.52 58.69
N VAL A 250 -57.59 56.85 58.80
CA VAL A 250 -58.07 57.55 59.98
C VAL A 250 -58.57 58.92 59.54
N GLN A 251 -59.57 59.44 60.26
CA GLN A 251 -60.11 60.78 60.04
C GLN A 251 -60.62 60.93 58.62
N VAL A 252 -61.67 60.18 58.29
CA VAL A 252 -62.20 60.10 56.94
C VAL A 252 -62.87 61.41 56.53
N VAL A 253 -63.18 62.25 57.53
CA VAL A 253 -63.99 63.44 57.34
C VAL A 253 -63.33 64.36 56.31
N ILE A 254 -64.15 65.01 55.50
CA ILE A 254 -63.69 66.04 54.57
C ILE A 254 -64.18 67.38 55.09
N THR A 255 -63.24 68.17 55.61
CA THR A 255 -63.53 69.52 56.09
C THR A 255 -62.71 70.58 55.37
N ASP A 256 -61.39 70.55 55.47
CA ASP A 256 -60.52 71.43 54.71
C ASP A 256 -59.74 70.55 53.75
N PRO A 257 -59.21 71.13 52.66
CA PRO A 257 -58.21 70.40 51.87
C PRO A 257 -57.04 69.94 52.71
N GLU A 258 -56.78 70.61 53.84
CA GLU A 258 -55.98 70.03 54.90
C GLU A 258 -56.43 68.63 55.25
N LYS A 259 -57.73 68.43 55.46
CA LYS A 259 -58.23 67.19 56.02
C LYS A 259 -58.11 66.02 55.06
N LEU A 260 -58.42 66.23 53.78
CA LEU A 260 -58.34 65.14 52.81
C LEU A 260 -56.94 64.52 52.78
N ASP A 261 -55.91 65.37 52.80
CA ASP A 261 -54.54 64.86 52.91
C ASP A 261 -54.21 64.48 54.35
N GLN A 262 -54.96 65.02 55.31
CA GLN A 262 -54.80 64.57 56.69
C GLN A 262 -55.36 63.17 56.87
N ILE A 263 -56.22 62.73 55.94
CA ILE A 263 -56.68 61.34 55.93
C ILE A 263 -55.50 60.42 55.64
N ARG A 264 -54.79 60.68 54.54
CA ARG A 264 -53.64 59.88 54.17
C ARG A 264 -52.40 60.25 54.99
N GLN A 265 -52.50 61.31 55.79
CA GLN A 265 -51.44 61.62 56.74
C GLN A 265 -51.32 60.55 57.82
N ARG A 266 -52.34 59.70 57.96
CA ARG A 266 -52.41 58.82 59.11
C ARG A 266 -51.56 57.57 58.94
N GLU A 267 -51.13 57.24 57.73
CA GLU A 267 -50.04 56.29 57.57
C GLU A 267 -48.82 56.73 58.39
N SER A 268 -48.60 58.04 58.46
CA SER A 268 -47.45 58.61 59.14
C SER A 268 -47.67 58.71 60.64
N ASP A 269 -48.90 59.00 61.06
CA ASP A 269 -49.15 59.27 62.47
C ASP A 269 -49.17 57.99 63.29
N ILE A 270 -49.80 56.92 62.79
CA ILE A 270 -49.74 55.63 63.47
C ILE A 270 -48.29 55.20 63.63
N THR A 271 -47.46 55.48 62.62
CA THR A 271 -46.02 55.35 62.80
C THR A 271 -45.54 56.30 63.89
N LYS A 272 -45.79 57.60 63.72
CA LYS A 272 -45.45 58.58 64.75
C LYS A 272 -45.90 58.13 66.13
N GLU A 273 -47.15 57.68 66.25
CA GLU A 273 -47.59 57.02 67.48
C GLU A 273 -46.65 55.90 67.86
N ARG A 274 -46.58 54.87 67.02
CA ARG A 274 -45.87 53.66 67.42
C ARG A 274 -44.36 53.86 67.46
N ILE A 275 -43.82 54.81 66.71
CA ILE A 275 -42.46 55.28 66.97
C ILE A 275 -42.33 55.68 68.43
N GLN A 276 -43.10 56.68 68.83
CA GLN A 276 -43.11 57.12 70.23
C GLN A 276 -43.56 56.00 71.16
N LYS A 277 -44.45 55.13 70.70
CA LYS A 277 -44.79 53.94 71.48
C LYS A 277 -43.59 53.00 71.61
N ILE A 278 -42.75 52.96 70.57
CA ILE A 278 -41.47 52.27 70.68
C ILE A 278 -40.52 53.08 71.55
N LEU A 279 -40.54 54.41 71.40
CA LEU A 279 -39.86 55.26 72.38
C LEU A 279 -40.37 54.99 73.78
N ALA A 280 -41.70 54.94 73.92
CA ALA A 280 -42.31 54.83 75.25
C ALA A 280 -41.96 53.52 75.94
N THR A 281 -41.98 52.41 75.21
CA THR A 281 -41.57 51.16 75.85
C THR A 281 -40.06 51.15 76.06
N GLY A 282 -39.29 51.06 74.99
CA GLY A 282 -38.02 51.75 75.01
C GLY A 282 -37.19 51.70 73.74
N ALA A 283 -36.47 52.79 73.52
CA ALA A 283 -35.14 52.90 72.93
C ALA A 283 -34.87 54.38 72.74
N ASN A 284 -33.61 54.77 72.86
CA ASN A 284 -33.21 56.07 72.36
C ASN A 284 -32.35 56.02 71.12
N VAL A 285 -31.97 54.84 70.64
CA VAL A 285 -31.14 54.73 69.45
C VAL A 285 -31.68 53.62 68.56
N ILE A 286 -31.92 53.96 67.31
CA ILE A 286 -32.66 53.10 66.39
C ILE A 286 -31.75 52.75 65.24
N LEU A 287 -31.72 51.47 64.89
CA LEU A 287 -30.87 50.96 63.81
C LEU A 287 -31.79 50.31 62.80
N THR A 288 -31.86 50.86 61.59
CA THR A 288 -32.75 50.33 60.58
C THR A 288 -31.92 49.81 59.43
N THR A 289 -32.16 48.55 59.03
CA THR A 289 -31.41 47.98 57.92
C THR A 289 -31.74 48.71 56.62
N GLY A 290 -33.01 49.06 56.43
CA GLY A 290 -33.45 49.80 55.26
C GLY A 290 -33.71 51.26 55.57
N GLY A 291 -34.43 51.89 54.65
CA GLY A 291 -34.73 53.31 54.80
C GLY A 291 -35.94 53.52 55.68
N ILE A 292 -35.91 54.59 56.47
CA ILE A 292 -37.11 55.11 57.11
C ILE A 292 -37.36 56.47 56.48
N ASP A 293 -38.64 56.85 56.41
CA ASP A 293 -38.91 58.11 55.74
C ASP A 293 -38.45 59.29 56.60
N ASP A 294 -38.57 60.48 56.03
CA ASP A 294 -38.04 61.66 56.69
C ASP A 294 -38.88 62.01 57.91
N MET A 295 -40.13 61.55 57.93
CA MET A 295 -40.94 61.71 59.13
C MET A 295 -40.65 60.61 60.14
N CYS A 296 -40.43 59.38 59.67
CA CYS A 296 -40.07 58.28 60.57
C CYS A 296 -38.88 58.62 61.45
N LEU A 297 -37.72 58.89 60.84
CA LEU A 297 -36.61 59.46 61.60
C LEU A 297 -37.07 60.63 62.46
N LYS A 298 -37.79 61.58 61.85
CA LYS A 298 -38.33 62.72 62.60
C LYS A 298 -39.13 62.26 63.82
N TYR A 299 -39.90 61.18 63.68
CA TYR A 299 -40.65 60.71 64.84
C TYR A 299 -39.69 60.28 65.94
N PHE A 300 -38.64 59.55 65.59
CA PHE A 300 -37.62 59.21 66.57
C PHE A 300 -36.99 60.47 67.14
N VAL A 301 -36.76 61.48 66.31
CA VAL A 301 -36.01 62.65 66.79
C VAL A 301 -36.92 63.52 67.65
N GLU A 302 -38.22 63.60 67.30
CA GLU A 302 -39.15 64.29 68.18
C GLU A 302 -39.44 63.43 69.41
N ALA A 303 -39.29 62.10 69.27
CA ALA A 303 -39.25 61.24 70.44
C ALA A 303 -37.94 61.38 71.18
N GLY A 304 -36.97 62.09 70.60
CA GLY A 304 -35.68 62.28 71.22
C GLY A 304 -34.78 61.09 71.01
N ALA A 305 -35.26 60.09 70.28
CA ALA A 305 -34.52 58.88 70.02
C ALA A 305 -33.66 59.06 68.77
N MET A 306 -32.41 58.62 68.85
CA MET A 306 -31.49 58.68 67.73
C MET A 306 -31.79 57.53 66.77
N ALA A 307 -32.10 57.85 65.53
CA ALA A 307 -32.44 56.83 64.55
C ALA A 307 -31.33 56.74 63.51
N VAL A 308 -30.58 55.66 63.55
CA VAL A 308 -29.62 55.34 62.51
C VAL A 308 -30.29 54.36 61.57
N ARG A 309 -30.44 54.77 60.32
CA ARG A 309 -31.23 53.97 59.39
C ARG A 309 -30.29 53.37 58.35
N ARG A 310 -30.88 52.57 57.46
CA ARG A 310 -30.15 51.94 56.36
C ARG A 310 -28.85 51.29 56.86
N VAL A 311 -28.96 50.66 58.01
CA VAL A 311 -27.83 50.11 58.73
C VAL A 311 -27.38 48.82 58.07
N LEU A 312 -26.07 48.66 57.92
CA LEU A 312 -25.49 47.48 57.32
C LEU A 312 -25.95 46.23 58.06
N LYS A 313 -26.56 45.30 57.32
CA LYS A 313 -27.22 44.17 57.96
C LYS A 313 -26.22 43.26 58.66
N ARG A 314 -25.14 42.89 57.98
CA ARG A 314 -24.16 42.01 58.59
C ARG A 314 -23.71 42.55 59.94
N ASP A 315 -23.33 43.83 59.98
CA ASP A 315 -23.08 44.46 61.28
C ASP A 315 -24.35 44.50 62.10
N LEU A 316 -25.47 44.93 61.48
CA LEU A 316 -26.67 45.14 62.27
C LEU A 316 -27.20 43.85 62.84
N LYS A 317 -27.30 42.80 62.02
CA LYS A 317 -27.74 41.51 62.56
C LYS A 317 -26.79 41.03 63.63
N ARG A 318 -25.47 41.18 63.42
CA ARG A 318 -24.51 40.86 64.47
C ARG A 318 -24.74 41.70 65.71
N ILE A 319 -25.08 42.96 65.51
CA ILE A 319 -25.55 43.76 66.64
C ILE A 319 -26.91 43.28 67.10
N ALA A 320 -27.86 43.17 66.17
CA ALA A 320 -29.22 42.77 66.54
C ALA A 320 -29.23 41.44 67.26
N LYS A 321 -28.43 40.48 66.80
CA LYS A 321 -28.31 39.24 67.56
C LYS A 321 -27.67 39.51 68.91
N ALA A 322 -26.81 40.52 68.99
CA ALA A 322 -26.17 40.84 70.26
C ALA A 322 -26.90 41.95 71.00
N SER A 323 -27.90 42.57 70.36
CA SER A 323 -28.46 43.82 70.88
C SER A 323 -29.34 43.59 72.11
N GLY A 324 -29.61 42.34 72.46
CA GLY A 324 -30.49 42.08 73.58
C GLY A 324 -31.93 41.86 73.15
N ALA A 325 -32.66 41.13 73.99
CA ALA A 325 -34.07 40.82 73.80
C ALA A 325 -34.35 40.20 72.44
N THR A 326 -35.46 40.58 71.81
CA THR A 326 -35.78 40.12 70.46
C THR A 326 -36.27 41.30 69.62
N ILE A 327 -35.48 41.63 68.61
CA ILE A 327 -35.49 42.98 68.07
C ILE A 327 -35.92 42.98 66.61
N LEU A 328 -36.32 44.14 66.11
CA LEU A 328 -36.91 44.25 64.78
C LEU A 328 -36.00 43.73 63.66
N SER A 329 -34.69 43.63 63.88
CA SER A 329 -33.85 42.88 62.97
C SER A 329 -33.82 41.39 63.28
N THR A 330 -34.20 40.99 64.49
CA THR A 330 -34.50 39.60 64.81
C THR A 330 -36.00 39.33 64.74
N LEU A 331 -36.81 40.36 64.48
CA LEU A 331 -38.26 40.27 64.38
C LEU A 331 -38.70 40.45 62.94
N ALA A 332 -39.64 39.60 62.51
CA ALA A 332 -40.30 39.79 61.24
C ALA A 332 -41.60 40.57 61.37
N ASN A 333 -42.06 40.84 62.59
CA ASN A 333 -43.34 41.47 62.80
C ASN A 333 -43.24 42.97 62.57
N LEU A 334 -43.99 43.46 61.59
CA LEU A 334 -44.07 44.89 61.32
C LEU A 334 -45.52 45.26 61.10
N GLU A 335 -46.03 46.16 61.94
CA GLU A 335 -47.42 46.61 61.92
C GLU A 335 -47.59 47.84 61.05
N GLY A 336 -46.56 48.25 60.31
CA GLY A 336 -46.38 49.62 59.89
C GLY A 336 -45.54 50.40 60.88
N GLU A 337 -45.53 49.94 62.13
CA GLU A 337 -44.57 50.22 63.18
C GLU A 337 -45.08 49.38 64.34
N GLU A 338 -44.23 48.96 65.26
CA GLU A 338 -44.69 48.05 66.30
C GLU A 338 -44.18 48.49 67.66
N THR A 339 -45.09 48.94 68.52
CA THR A 339 -44.73 49.30 69.87
C THR A 339 -44.02 48.14 70.54
N PHE A 340 -42.95 48.46 71.27
CA PHE A 340 -42.17 47.41 71.90
C PHE A 340 -42.88 46.86 73.12
N GLU A 341 -42.55 45.61 73.44
CA GLU A 341 -42.89 45.02 74.72
C GLU A 341 -41.72 45.11 75.71
N ALA A 342 -40.63 45.75 75.31
CA ALA A 342 -39.35 45.78 76.00
C ALA A 342 -38.77 44.38 76.13
N ALA A 343 -39.31 43.45 75.34
CA ALA A 343 -38.58 42.30 74.83
C ALA A 343 -38.17 42.54 73.39
N MET A 344 -38.51 43.72 72.86
CA MET A 344 -38.02 44.17 71.58
C MET A 344 -36.81 45.09 71.73
N LEU A 345 -36.31 45.26 72.94
CA LEU A 345 -35.22 46.20 73.18
C LEU A 345 -33.92 45.67 72.62
N GLY A 346 -33.33 46.41 71.68
CA GLY A 346 -31.91 46.35 71.48
C GLY A 346 -31.26 47.09 72.63
N GLN A 347 -29.97 46.90 72.80
CA GLN A 347 -29.28 47.42 73.96
C GLN A 347 -27.91 47.92 73.54
N ALA A 348 -27.59 49.12 73.98
CA ALA A 348 -26.26 49.69 73.78
C ALA A 348 -25.82 50.35 75.07
N GLU A 349 -24.69 49.88 75.60
CA GLU A 349 -24.15 50.38 76.86
C GLU A 349 -24.06 51.90 76.84
N GLU A 350 -23.52 52.44 75.76
CA GLU A 350 -23.71 53.84 75.39
C GLU A 350 -23.54 53.93 73.88
N VAL A 351 -24.26 54.85 73.26
CA VAL A 351 -24.34 54.90 71.81
C VAL A 351 -23.66 56.19 71.38
N VAL A 352 -22.79 56.10 70.39
CA VAL A 352 -21.99 57.23 69.94
C VAL A 352 -21.92 57.20 68.42
N GLN A 353 -22.29 58.31 67.78
CA GLN A 353 -21.89 58.55 66.39
C GLN A 353 -20.62 59.37 66.46
N GLU A 354 -19.50 58.74 66.15
CA GLU A 354 -18.19 59.31 66.36
C GLU A 354 -17.46 59.34 65.03
N ARG A 355 -16.69 60.40 64.79
CA ARG A 355 -15.87 60.44 63.61
C ARG A 355 -14.74 59.44 63.76
N ILE A 356 -14.69 58.49 62.84
CA ILE A 356 -13.63 57.48 62.80
C ILE A 356 -13.27 57.28 61.34
N CYS A 357 -11.97 57.33 61.04
CA CYS A 357 -11.46 57.20 59.68
C CYS A 357 -11.88 58.36 58.81
N ASP A 358 -11.92 59.58 59.37
CA ASP A 358 -12.49 60.74 58.70
C ASP A 358 -13.95 60.51 58.34
N ASP A 359 -14.59 59.63 59.10
CA ASP A 359 -15.97 59.22 58.83
C ASP A 359 -16.73 59.20 60.15
N GLU A 360 -17.78 59.99 60.22
CA GLU A 360 -18.69 59.87 61.35
C GLU A 360 -19.62 58.68 61.12
N LEU A 361 -19.50 57.68 61.99
CA LEU A 361 -20.32 56.50 61.93
C LEU A 361 -20.90 56.29 63.33
N ILE A 362 -22.11 55.76 63.37
CA ILE A 362 -22.65 55.34 64.65
C ILE A 362 -21.79 54.20 65.18
N LEU A 363 -21.29 54.36 66.39
CA LEU A 363 -20.61 53.28 67.10
C LEU A 363 -21.48 52.91 68.28
N ILE A 364 -22.15 51.76 68.19
CA ILE A 364 -22.84 51.19 69.33
C ILE A 364 -21.72 50.72 70.25
N LYS A 365 -21.65 51.27 71.44
CA LYS A 365 -20.56 50.85 72.33
C LYS A 365 -21.07 49.71 73.18
N ASN A 366 -20.56 48.52 72.89
CA ASN A 366 -21.00 47.30 73.53
C ASN A 366 -22.50 47.10 73.35
N THR A 367 -23.19 46.82 74.46
CA THR A 367 -24.62 46.56 74.51
C THR A 367 -25.10 46.98 75.90
N LYS A 368 -26.33 47.45 76.01
CA LYS A 368 -26.75 48.02 77.29
C LYS A 368 -26.70 46.97 78.38
N ALA A 369 -27.01 45.73 78.06
CA ALA A 369 -26.78 44.62 78.96
C ALA A 369 -25.52 43.82 78.62
N ARG A 370 -24.78 44.17 77.58
CA ARG A 370 -23.80 43.22 77.06
C ARG A 370 -22.63 43.99 76.44
N THR A 371 -21.54 43.28 76.14
CA THR A 371 -20.27 43.91 75.82
C THR A 371 -19.75 43.49 74.44
N SER A 372 -19.28 44.47 73.67
CA SER A 372 -18.61 44.21 72.40
C SER A 372 -17.58 45.28 72.10
N ALA A 373 -16.61 44.91 71.27
CA ALA A 373 -15.70 45.85 70.64
C ALA A 373 -15.62 45.47 69.17
N SER A 374 -15.14 46.40 68.36
CA SER A 374 -14.90 46.14 66.96
C SER A 374 -13.60 46.83 66.58
N ILE A 375 -13.30 46.83 65.29
CA ILE A 375 -12.22 47.63 64.75
C ILE A 375 -12.76 48.34 63.54
N ILE A 376 -12.34 49.58 63.34
CA ILE A 376 -12.31 50.17 62.01
C ILE A 376 -10.91 50.74 61.82
N LEU A 377 -10.13 50.13 60.95
CA LEU A 377 -8.76 50.57 60.77
C LEU A 377 -8.73 51.79 59.87
N ARG A 378 -8.09 52.85 60.36
CA ARG A 378 -7.96 54.11 59.65
C ARG A 378 -6.77 54.03 58.71
N GLY A 379 -7.03 54.08 57.42
CA GLY A 379 -5.98 54.13 56.44
C GLY A 379 -5.91 55.45 55.70
N ALA A 380 -4.88 55.57 54.88
CA ALA A 380 -4.96 56.51 53.77
C ALA A 380 -5.38 55.82 52.48
N ASN A 381 -5.57 54.50 52.49
CA ASN A 381 -5.76 53.72 51.28
C ASN A 381 -6.86 52.70 51.48
N ASP A 382 -7.82 52.67 50.56
CA ASP A 382 -8.70 51.51 50.49
C ASP A 382 -7.88 50.24 50.36
N PHE A 383 -6.71 50.34 49.74
CA PHE A 383 -5.83 49.20 49.59
C PHE A 383 -5.41 48.65 50.95
N MET A 384 -5.18 49.54 51.92
CA MET A 384 -5.04 49.08 53.29
C MET A 384 -6.25 48.24 53.69
N CYS A 385 -7.45 48.78 53.48
CA CYS A 385 -8.68 48.05 53.81
C CYS A 385 -8.83 46.81 52.95
N ASP A 386 -8.04 46.71 51.87
CA ASP A 386 -8.10 45.53 51.02
C ASP A 386 -7.23 44.41 51.56
N GLU A 387 -6.25 44.73 52.41
CA GLU A 387 -5.20 43.76 52.70
C GLU A 387 -5.31 43.19 54.10
N MET A 388 -5.24 44.04 55.13
CA MET A 388 -5.54 43.58 56.48
C MET A 388 -6.86 42.82 56.55
N GLU A 389 -7.78 43.14 55.63
CA GLU A 389 -8.92 42.28 55.36
C GLU A 389 -8.48 40.83 55.26
N ARG A 390 -7.62 40.52 54.28
CA ARG A 390 -7.01 39.21 54.20
C ARG A 390 -6.27 38.85 55.48
N SER A 391 -5.38 39.74 55.95
CA SER A 391 -4.59 39.47 57.14
C SER A 391 -5.47 39.09 58.32
N LEU A 392 -6.57 39.84 58.52
CA LEU A 392 -7.64 39.33 59.37
C LEU A 392 -7.99 37.91 59.01
N HIS A 393 -8.54 37.71 57.81
CA HIS A 393 -8.99 36.40 57.37
C HIS A 393 -7.90 35.36 57.55
N ASP A 394 -6.65 35.72 57.25
CA ASP A 394 -5.55 34.85 57.63
C ASP A 394 -5.51 34.64 59.13
N ALA A 395 -5.20 35.69 59.89
CA ALA A 395 -5.10 35.56 61.35
C ALA A 395 -6.39 35.00 61.93
N LEU A 396 -7.54 35.44 61.44
CA LEU A 396 -8.80 34.87 61.87
C LEU A 396 -8.76 33.36 61.77
N CYS A 397 -8.42 32.83 60.59
CA CYS A 397 -8.29 31.39 60.43
C CYS A 397 -7.14 30.84 61.26
N VAL A 398 -5.98 31.52 61.20
CA VAL A 398 -4.86 31.13 62.03
C VAL A 398 -5.30 30.99 63.47
N VAL A 399 -5.88 32.05 64.02
CA VAL A 399 -6.18 32.05 65.44
C VAL A 399 -7.47 31.30 65.71
N LYS A 400 -8.35 31.18 64.72
CA LYS A 400 -9.52 30.30 64.88
C LYS A 400 -9.09 28.90 65.29
N ARG A 401 -8.20 28.30 64.52
CA ARG A 401 -7.66 27.00 64.87
C ARG A 401 -6.97 27.05 66.22
N VAL A 402 -6.24 28.14 66.48
CA VAL A 402 -5.73 28.41 67.82
C VAL A 402 -6.87 28.37 68.85
N LEU A 403 -8.01 28.96 68.50
CA LEU A 403 -9.06 29.20 69.49
C LEU A 403 -9.92 27.98 69.75
N GLU A 404 -10.35 27.26 68.71
CA GLU A 404 -11.08 26.02 68.97
C GLU A 404 -10.14 24.89 69.34
N SER A 405 -8.88 24.98 68.94
CA SER A 405 -7.88 24.02 69.41
C SER A 405 -6.72 24.79 69.99
N LYS A 406 -6.59 24.76 71.32
CA LYS A 406 -5.33 25.14 71.92
C LYS A 406 -4.32 24.01 71.80
N SER A 407 -4.77 22.81 71.45
CA SER A 407 -3.84 21.75 71.09
C SER A 407 -3.40 21.95 69.65
N VAL A 408 -2.12 22.25 69.48
CA VAL A 408 -1.46 22.40 68.20
C VAL A 408 -0.01 21.99 68.40
N VAL A 409 0.59 21.41 67.36
CA VAL A 409 1.97 20.98 67.40
C VAL A 409 2.84 22.21 67.10
N PRO A 410 3.97 22.38 67.77
CA PRO A 410 4.95 23.35 67.28
C PRO A 410 5.53 22.87 65.96
N GLY A 411 5.59 23.79 65.00
CA GLY A 411 6.15 23.53 63.70
C GLY A 411 5.13 22.88 62.77
N GLY A 412 5.18 23.28 61.51
CA GLY A 412 4.54 22.48 60.49
C GLY A 412 5.52 21.63 59.70
N GLY A 413 6.74 22.15 59.52
CA GLY A 413 7.73 21.44 58.74
C GLY A 413 8.87 20.83 59.54
N ALA A 414 9.03 21.28 60.79
CA ALA A 414 10.09 20.73 61.62
C ALA A 414 9.77 19.30 62.02
N VAL A 415 8.50 18.92 61.93
CA VAL A 415 8.11 17.55 62.24
C VAL A 415 8.79 16.57 61.30
N GLU A 416 8.84 16.89 60.00
CA GLU A 416 9.27 15.93 58.98
C GLU A 416 10.62 15.33 59.31
N ALA A 417 11.63 16.20 59.52
CA ALA A 417 12.97 15.73 59.78
C ALA A 417 13.01 14.86 61.04
N ALA A 418 12.47 15.37 62.14
CA ALA A 418 12.30 14.55 63.33
C ALA A 418 11.54 13.27 63.02
N LEU A 419 10.35 13.39 62.42
CA LEU A 419 9.51 12.23 62.16
C LEU A 419 10.28 11.11 61.46
N SER A 420 10.91 11.41 60.32
CA SER A 420 11.74 10.42 59.65
C SER A 420 12.71 9.77 60.62
N ILE A 421 13.58 10.58 61.22
CA ILE A 421 14.41 10.11 62.33
C ILE A 421 13.57 9.41 63.40
N TYR A 422 12.58 10.10 63.97
CA TYR A 422 11.68 9.47 64.93
C TYR A 422 11.17 8.14 64.39
N LEU A 423 10.89 8.07 63.09
CA LEU A 423 10.62 6.79 62.46
C LEU A 423 11.88 5.98 62.27
N GLU A 424 12.95 6.59 61.74
CA GLU A 424 14.24 5.93 61.63
C GLU A 424 14.61 5.23 62.93
N ASN A 425 14.43 5.93 64.05
CA ASN A 425 14.51 5.29 65.35
C ASN A 425 13.55 4.13 65.45
N TYR A 426 12.25 4.43 65.38
CA TYR A 426 11.21 3.42 65.39
C TYR A 426 11.42 2.36 64.31
N ALA A 427 12.02 2.74 63.19
CA ALA A 427 12.37 1.77 62.15
C ALA A 427 13.30 0.70 62.69
N THR A 428 14.50 1.10 63.13
CA THR A 428 15.61 0.17 63.29
C THR A 428 15.25 -1.00 64.19
N SER A 429 14.39 -0.77 65.19
CA SER A 429 14.04 -1.84 66.11
C SER A 429 13.03 -2.80 65.51
N MET A 430 12.24 -2.33 64.54
CA MET A 430 11.21 -3.17 63.96
C MET A 430 11.82 -4.35 63.21
N GLY A 431 12.99 -4.14 62.60
CA GLY A 431 13.67 -5.20 61.90
C GLY A 431 12.87 -5.74 60.73
N SER A 432 13.31 -6.89 60.24
CA SER A 432 12.67 -7.62 59.15
C SER A 432 12.55 -6.70 57.93
N ARG A 433 11.43 -6.78 57.22
CA ARG A 433 11.16 -5.84 56.15
C ARG A 433 10.64 -4.53 56.71
N GLU A 434 10.00 -4.59 57.86
CA GLU A 434 9.17 -3.49 58.32
C GLU A 434 9.96 -2.44 59.08
N GLN A 435 11.20 -2.76 59.47
CA GLN A 435 12.16 -1.70 59.71
C GLN A 435 12.19 -0.74 58.53
N LEU A 436 12.24 -1.29 57.32
CA LEU A 436 12.25 -0.46 56.12
C LEU A 436 10.86 0.04 55.77
N ALA A 437 9.83 -0.78 55.97
CA ALA A 437 8.47 -0.32 55.74
C ALA A 437 8.16 0.93 56.56
N ILE A 438 8.87 1.09 57.68
CA ILE A 438 8.82 2.35 58.42
C ILE A 438 9.66 3.40 57.70
N ALA A 439 10.83 2.99 57.19
CA ALA A 439 11.73 3.95 56.58
C ALA A 439 11.12 4.57 55.32
N GLU A 440 10.62 3.73 54.41
CA GLU A 440 9.96 4.28 53.23
C GLU A 440 8.70 5.03 53.61
N PHE A 441 8.08 4.69 54.73
CA PHE A 441 7.02 5.54 55.25
C PHE A 441 7.59 6.87 55.70
N ALA A 442 8.82 6.86 56.19
CA ALA A 442 9.49 8.10 56.56
C ALA A 442 10.02 8.81 55.33
N ARG A 443 10.15 8.09 54.21
CA ARG A 443 10.59 8.74 52.98
C ARG A 443 9.45 9.49 52.31
N SER A 444 8.22 9.09 52.58
CA SER A 444 7.07 9.83 52.09
C SER A 444 6.96 11.19 52.75
N LEU A 445 7.42 11.31 53.99
CA LEU A 445 7.42 12.55 54.76
C LEU A 445 8.15 13.69 54.06
N LEU A 446 9.20 13.39 53.31
CA LEU A 446 10.26 14.37 53.10
C LEU A 446 9.91 15.42 52.05
N VAL A 447 8.79 15.26 51.34
CA VAL A 447 8.44 16.22 50.30
C VAL A 447 7.95 17.52 50.92
N ILE A 448 7.56 17.48 52.20
CA ILE A 448 6.91 18.65 52.81
C ILE A 448 7.80 19.88 52.78
N PRO A 449 9.06 19.83 53.23
CA PRO A 449 9.94 20.97 52.98
C PRO A 449 10.26 21.15 51.51
N ASN A 450 10.12 20.11 50.71
CA ASN A 450 10.64 20.14 49.35
C ASN A 450 9.78 21.00 48.44
N THR A 451 8.54 20.55 48.17
CA THR A 451 7.61 21.37 47.41
C THR A 451 7.54 22.79 47.94
N LEU A 452 7.61 22.95 49.26
CA LEU A 452 7.76 24.27 49.83
C LEU A 452 8.99 24.97 49.28
N ALA A 453 10.17 24.42 49.54
CA ALA A 453 11.40 24.98 49.01
C ALA A 453 11.34 25.09 47.48
N VAL A 454 10.73 24.10 46.82
CA VAL A 454 10.60 24.16 45.37
C VAL A 454 9.72 25.33 44.96
N ASN A 455 8.52 25.43 45.55
CA ASN A 455 7.65 26.55 45.22
C ASN A 455 8.26 27.88 45.67
N ALA A 456 9.07 27.84 46.71
CA ALA A 456 9.79 29.03 47.15
C ALA A 456 11.10 29.21 46.38
N ALA A 457 11.37 28.34 45.42
CA ALA A 457 12.63 28.33 44.67
C ALA A 457 13.80 28.24 45.64
N GLN A 458 13.70 27.33 46.59
CA GLN A 458 14.72 27.09 47.60
C GLN A 458 15.26 25.69 47.41
N ASP A 459 16.47 25.46 47.91
CA ASP A 459 17.07 24.14 47.85
C ASP A 459 16.55 23.30 49.00
N SER A 460 15.81 22.26 48.64
CA SER A 460 15.05 21.49 49.61
C SER A 460 15.96 20.67 50.51
N THR A 461 16.93 19.98 49.91
CA THR A 461 17.83 19.11 50.65
C THR A 461 18.59 19.88 51.73
N ASP A 462 19.25 20.97 51.34
CA ASP A 462 20.12 21.69 52.26
C ASP A 462 19.32 22.25 53.43
N LEU A 463 18.00 22.20 53.33
CA LEU A 463 17.14 22.52 54.46
C LEU A 463 16.78 21.26 55.23
N VAL A 464 16.02 20.36 54.60
CA VAL A 464 15.52 19.17 55.28
C VAL A 464 16.67 18.36 55.85
N ALA A 465 17.81 18.34 55.16
CA ALA A 465 18.99 17.71 55.73
C ALA A 465 19.49 18.47 56.95
N LYS A 466 19.78 19.76 56.76
CA LYS A 466 20.07 20.62 57.90
C LYS A 466 18.99 20.48 58.97
N LEU A 467 17.72 20.43 58.56
CA LEU A 467 16.66 20.09 59.50
C LEU A 467 16.97 18.80 60.24
N ARG A 468 17.20 17.72 59.50
CA ARG A 468 17.48 16.46 60.17
C ARG A 468 18.72 16.53 61.05
N ALA A 469 19.53 17.58 60.91
CA ALA A 469 20.70 17.73 61.77
C ALA A 469 20.41 18.62 62.97
N PHE A 470 19.17 19.06 63.16
CA PHE A 470 18.79 19.71 64.40
C PHE A 470 18.22 18.67 65.34
N HIS A 471 18.99 18.29 66.35
CA HIS A 471 18.55 17.24 67.24
C HIS A 471 19.62 16.94 68.27
N ASN A 472 19.15 16.37 69.38
CA ASN A 472 19.92 15.54 70.28
C ASN A 472 19.11 14.26 70.33
N GLU A 473 17.91 14.37 70.87
CA GLU A 473 16.79 13.53 70.50
C GLU A 473 15.85 14.35 69.62
N ALA A 474 14.74 13.74 69.23
CA ALA A 474 13.87 14.34 68.22
C ALA A 474 12.66 14.99 68.89
N GLN A 475 12.60 16.32 68.84
CA GLN A 475 11.42 17.06 69.25
C GLN A 475 11.34 18.41 68.53
N VAL A 476 10.15 18.92 68.37
CA VAL A 476 9.97 20.26 67.82
C VAL A 476 9.68 21.21 68.98
N ASN A 477 10.56 22.18 69.19
CA ASN A 477 10.54 22.99 70.40
C ASN A 477 11.64 24.05 70.29
N PRO A 478 11.33 25.30 70.64
CA PRO A 478 12.31 26.39 70.55
C PRO A 478 13.40 26.35 71.60
N GLU A 479 13.13 25.78 72.77
CA GLU A 479 14.17 25.59 73.79
C GLU A 479 15.43 24.98 73.21
N ARG A 480 15.31 23.88 72.48
CA ARG A 480 16.40 23.37 71.67
C ARG A 480 15.99 23.41 70.21
N LYS A 481 16.46 24.42 69.50
CA LYS A 481 16.53 24.37 68.04
C LYS A 481 17.84 23.72 67.60
N ASN A 482 18.91 23.90 68.37
CA ASN A 482 20.17 23.21 68.17
C ASN A 482 20.05 21.73 68.50
N LEU A 483 19.54 21.41 69.69
CA LEU A 483 19.46 20.03 70.14
C LEU A 483 18.13 19.36 69.82
N LYS A 484 17.18 20.07 69.22
CA LYS A 484 15.91 19.52 68.78
C LYS A 484 15.40 20.38 67.64
N TRP A 485 14.38 19.90 66.93
CA TRP A 485 13.76 20.72 65.90
C TRP A 485 12.87 21.79 66.50
N ILE A 486 12.60 22.83 65.69
CA ILE A 486 11.47 23.72 65.95
C ILE A 486 11.05 24.43 64.67
N GLY A 487 9.75 24.67 64.49
CA GLY A 487 9.24 25.67 63.57
C GLY A 487 9.61 25.50 62.11
N LEU A 488 9.27 26.49 61.28
CA LEU A 488 9.63 26.44 59.88
C LEU A 488 9.54 27.84 59.29
N ASP A 489 10.12 28.02 58.11
CA ASP A 489 9.92 29.19 57.26
C ASP A 489 9.34 28.74 55.92
N LEU A 490 8.79 29.70 55.19
CA LEU A 490 8.27 29.45 53.84
C LEU A 490 9.18 29.97 52.75
N SER A 491 9.37 31.30 52.66
CA SER A 491 10.17 31.86 51.58
C SER A 491 11.63 31.40 51.63
N ASN A 492 12.29 31.47 52.79
CA ASN A 492 13.59 30.84 52.92
C ASN A 492 13.35 29.34 53.09
N GLY A 493 12.34 28.99 53.88
CA GLY A 493 11.99 27.61 54.07
C GLY A 493 12.54 26.97 55.31
N LYS A 494 13.51 27.59 55.95
CA LYS A 494 14.28 27.01 57.04
C LYS A 494 13.48 27.01 58.34
N PRO A 495 13.89 26.21 59.33
CA PRO A 495 13.14 26.17 60.58
C PRO A 495 13.20 27.50 61.32
N ARG A 496 12.12 27.80 62.02
CA ARG A 496 12.01 28.98 62.87
C ARG A 496 11.58 28.45 64.23
N ASP A 497 11.21 29.32 65.16
CA ASP A 497 10.87 28.68 66.42
C ASP A 497 9.37 28.54 66.60
N ASN A 498 8.75 29.55 67.18
CA ASN A 498 7.32 29.62 67.37
C ASN A 498 6.88 31.02 67.04
N LYS A 499 7.35 31.94 67.87
CA LYS A 499 7.17 33.37 67.73
C LYS A 499 8.30 33.94 66.88
N GLN A 500 9.14 33.06 66.32
CA GLN A 500 10.22 33.55 65.46
C GLN A 500 9.69 33.89 64.07
N ALA A 501 9.61 32.92 63.17
CA ALA A 501 8.54 32.86 62.19
C ALA A 501 7.68 31.67 62.57
N GLY A 502 8.07 31.02 63.67
CA GLY A 502 7.95 29.58 63.79
C GLY A 502 6.60 29.00 63.48
N VAL A 503 6.57 28.13 62.49
CA VAL A 503 5.34 27.54 62.01
C VAL A 503 4.78 26.64 63.10
N PHE A 504 3.50 26.35 62.99
CA PHE A 504 2.83 25.35 63.79
C PHE A 504 1.98 24.48 62.89
N GLU A 505 1.33 23.51 63.49
CA GLU A 505 0.15 22.93 62.87
C GLU A 505 -0.87 22.66 63.96
N PRO A 506 -2.14 22.91 63.68
CA PRO A 506 -3.19 22.33 64.52
C PRO A 506 -3.09 20.81 64.41
N THR A 507 -3.01 20.18 65.57
CA THR A 507 -2.67 18.76 65.62
C THR A 507 -3.75 17.92 64.95
N ILE A 508 -4.87 18.55 64.64
CA ILE A 508 -6.00 17.83 64.05
C ILE A 508 -5.71 17.48 62.59
N VAL A 509 -5.12 18.41 61.84
CA VAL A 509 -5.15 18.29 60.37
C VAL A 509 -4.19 17.23 59.87
N LYS A 510 -2.92 17.28 60.31
CA LYS A 510 -1.92 16.37 59.75
C LYS A 510 -2.30 14.92 59.91
N VAL A 511 -2.57 14.50 61.15
CA VAL A 511 -2.91 13.10 61.42
C VAL A 511 -3.99 12.62 60.45
N LYS A 512 -4.94 13.48 60.14
CA LYS A 512 -5.95 13.17 59.12
C LYS A 512 -5.33 13.05 57.75
N SER A 513 -4.55 14.04 57.33
CA SER A 513 -3.80 13.95 56.08
C SER A 513 -2.88 12.73 56.09
N LEU A 514 -2.17 12.53 57.20
CA LEU A 514 -1.43 11.30 57.39
C LEU A 514 -2.31 10.08 57.13
N LYS A 515 -3.36 9.96 57.93
CA LYS A 515 -4.29 8.84 57.82
C LYS A 515 -4.73 8.60 56.38
N PHE A 516 -5.09 9.66 55.67
CA PHE A 516 -5.71 9.48 54.36
C PHE A 516 -4.74 8.92 53.34
N ALA A 517 -3.60 9.60 53.16
CA ALA A 517 -2.62 9.16 52.15
C ALA A 517 -2.18 7.73 52.42
N THR A 518 -1.96 7.40 53.68
CA THR A 518 -1.62 6.03 54.04
C THR A 518 -2.69 5.07 53.55
N GLU A 519 -3.95 5.44 53.73
CA GLU A 519 -5.04 4.54 53.37
C GLU A 519 -5.36 4.56 51.88
N ALA A 520 -5.34 5.73 51.25
CA ALA A 520 -5.60 5.74 49.81
C ALA A 520 -4.53 4.97 49.06
N ALA A 521 -3.27 5.18 49.40
CA ALA A 521 -2.19 4.50 48.71
C ALA A 521 -2.31 2.99 48.78
N ILE A 522 -2.68 2.45 49.94
CA ILE A 522 -2.72 1.00 50.10
C ILE A 522 -3.85 0.40 49.27
N THR A 523 -4.97 1.11 49.18
CA THR A 523 -6.03 0.64 48.30
C THR A 523 -5.67 0.89 46.84
N ILE A 524 -4.87 1.93 46.60
CA ILE A 524 -4.19 2.03 45.32
C ILE A 524 -3.17 0.92 45.20
N LEU A 525 -2.45 0.63 46.28
CA LEU A 525 -1.57 -0.52 46.32
C LEU A 525 -2.36 -1.84 46.31
N ARG A 526 -3.66 -1.77 46.53
CA ARG A 526 -4.48 -2.98 46.55
C ARG A 526 -4.45 -3.72 45.22
N ILE A 527 -5.01 -3.11 44.17
CA ILE A 527 -5.32 -3.86 42.95
C ILE A 527 -4.09 -4.00 42.05
N ASP A 528 -3.98 -5.17 41.41
CA ASP A 528 -3.10 -5.30 40.26
C ASP A 528 -3.80 -5.29 38.90
N ASP A 529 -5.13 -5.26 38.82
CA ASP A 529 -5.73 -5.33 37.50
C ASP A 529 -6.65 -4.14 37.27
N LEU A 530 -6.82 -3.82 36.00
CA LEU A 530 -7.99 -3.08 35.56
C LEU A 530 -8.43 -3.70 34.24
N ILE A 531 -9.61 -4.31 34.20
CA ILE A 531 -10.02 -5.08 33.03
C ILE A 531 -11.28 -4.46 32.46
N LYS A 532 -11.52 -4.73 31.17
CA LYS A 532 -12.73 -4.24 30.53
C LYS A 532 -13.01 -5.10 29.29
N LEU A 533 -14.26 -5.06 28.84
CA LEU A 533 -14.66 -5.66 27.58
C LEU A 533 -15.71 -4.80 26.90
N ALA B 1 -25.58 -24.00 -10.40
CA ALA B 1 -25.40 -25.24 -9.67
C ALA B 1 -23.96 -25.73 -9.79
N ASP B 2 -23.46 -26.37 -8.74
CA ASP B 2 -22.09 -26.85 -8.69
C ASP B 2 -22.08 -28.33 -8.93
N GLU B 3 -21.64 -28.74 -10.12
CA GLU B 3 -21.45 -30.16 -10.40
C GLU B 3 -20.26 -30.60 -9.57
N GLU B 4 -20.47 -31.56 -8.70
CA GLU B 4 -19.41 -32.05 -7.85
C GLU B 4 -19.23 -33.51 -8.20
N ARG B 5 -18.14 -33.81 -8.88
CA ARG B 5 -17.83 -35.15 -9.31
C ARG B 5 -17.24 -35.89 -8.12
N ALA B 6 -16.80 -37.14 -8.36
CA ALA B 6 -16.16 -37.91 -7.32
C ALA B 6 -15.00 -37.14 -6.68
N GLU B 7 -14.21 -36.43 -7.49
CA GLU B 7 -13.05 -35.72 -6.96
C GLU B 7 -13.46 -34.75 -5.86
N THR B 8 -14.44 -33.91 -6.14
CA THR B 8 -14.90 -32.94 -5.16
C THR B 8 -15.76 -33.58 -4.07
N ALA B 9 -16.66 -34.49 -4.47
CA ALA B 9 -17.60 -35.06 -3.52
C ALA B 9 -16.89 -35.83 -2.42
N ARG B 10 -16.02 -36.78 -2.80
CA ARG B 10 -15.36 -37.64 -1.82
C ARG B 10 -14.75 -36.83 -0.69
N LEU B 11 -13.76 -35.98 -1.00
CA LEU B 11 -13.16 -35.15 0.03
C LEU B 11 -14.21 -34.45 0.87
N THR B 12 -15.18 -33.81 0.22
CA THR B 12 -16.27 -33.18 0.95
C THR B 12 -17.12 -34.22 1.67
N SER B 13 -17.35 -35.36 1.03
CA SER B 13 -18.10 -36.43 1.69
C SER B 13 -17.35 -36.94 2.91
N PHE B 14 -16.02 -37.01 2.84
CA PHE B 14 -15.28 -37.43 4.02
C PHE B 14 -15.29 -36.34 5.09
N ILE B 15 -14.84 -35.13 4.74
CA ILE B 15 -14.42 -34.17 5.75
C ILE B 15 -15.50 -33.96 6.80
N GLY B 16 -16.75 -33.80 6.39
CA GLY B 16 -17.79 -33.79 7.39
C GLY B 16 -17.97 -35.15 8.03
N ALA B 17 -18.36 -36.14 7.21
CA ALA B 17 -18.79 -37.43 7.77
C ALA B 17 -17.67 -38.07 8.57
N ILE B 18 -16.44 -38.00 8.07
CA ILE B 18 -15.29 -38.43 8.86
C ILE B 18 -15.17 -37.62 10.14
N ALA B 19 -14.88 -36.31 10.01
CA ALA B 19 -14.59 -35.52 11.19
C ALA B 19 -15.82 -35.32 12.06
N ILE B 20 -17.02 -35.39 11.48
CA ILE B 20 -18.20 -35.42 12.33
C ILE B 20 -18.37 -36.81 12.90
N GLY B 21 -18.08 -37.84 12.11
CA GLY B 21 -17.97 -39.18 12.64
C GLY B 21 -16.97 -39.25 13.79
N ASP B 22 -15.96 -38.38 13.75
CA ASP B 22 -15.13 -38.21 14.94
C ASP B 22 -15.97 -37.75 16.12
N LEU B 23 -16.74 -36.68 15.94
CA LEU B 23 -17.44 -36.04 17.04
C LEU B 23 -18.37 -37.02 17.75
N VAL B 24 -19.04 -37.87 16.98
CA VAL B 24 -19.89 -38.88 17.60
C VAL B 24 -19.09 -39.94 18.32
N LYS B 25 -18.02 -40.47 17.71
CA LYS B 25 -17.17 -41.39 18.45
C LYS B 25 -16.34 -40.65 19.48
N SER B 26 -16.15 -39.33 19.29
CA SER B 26 -15.52 -38.52 20.31
C SER B 26 -16.23 -38.69 21.64
N THR B 27 -17.55 -38.57 21.63
CA THR B 27 -18.33 -38.92 22.80
C THR B 27 -18.96 -40.28 22.53
N LEU B 28 -18.34 -41.34 23.03
CA LEU B 28 -18.82 -42.68 22.73
C LEU B 28 -18.60 -43.66 23.87
N GLY B 29 -19.65 -44.32 24.33
CA GLY B 29 -19.53 -45.24 25.42
C GLY B 29 -19.34 -44.53 26.75
N PRO B 30 -19.21 -45.29 27.83
CA PRO B 30 -19.07 -44.68 29.16
C PRO B 30 -17.86 -43.77 29.27
N LYS B 31 -16.72 -44.21 28.73
CA LYS B 31 -15.51 -43.41 28.66
C LYS B 31 -15.58 -42.39 27.53
N GLY B 32 -16.66 -42.40 26.76
CA GLY B 32 -16.79 -41.44 25.68
C GLY B 32 -16.58 -40.02 26.17
N MET B 33 -15.62 -39.36 25.55
CA MET B 33 -15.16 -38.05 25.99
C MET B 33 -16.04 -36.98 25.40
N ASP B 34 -16.66 -36.19 26.28
CA ASP B 34 -17.72 -35.30 25.86
C ASP B 34 -17.21 -34.26 24.87
N LYS B 35 -18.13 -33.74 24.09
CA LYS B 35 -17.89 -32.56 23.27
C LYS B 35 -18.68 -31.41 23.85
N ILE B 36 -18.03 -30.25 23.93
CA ILE B 36 -18.73 -29.01 24.22
C ILE B 36 -19.56 -28.70 22.99
N LEU B 37 -20.87 -28.64 23.17
CA LEU B 37 -21.75 -28.33 22.07
C LEU B 37 -21.67 -26.84 21.79
N LEU B 38 -21.35 -26.51 20.54
CA LEU B 38 -21.13 -25.11 20.21
C LEU B 38 -22.46 -24.56 19.74
N SER B 39 -23.09 -23.75 20.59
CA SER B 39 -24.34 -23.13 20.19
C SER B 39 -23.99 -21.97 19.29
N SER B 40 -24.39 -22.06 18.04
CA SER B 40 -23.81 -21.26 16.97
C SER B 40 -24.88 -20.32 16.41
N GLY B 41 -24.65 -19.03 16.62
CA GLY B 41 -25.64 -18.04 16.25
C GLY B 41 -26.49 -17.66 17.45
N ARG B 42 -26.53 -18.54 18.44
CA ARG B 42 -27.25 -18.30 19.69
C ARG B 42 -26.29 -18.41 20.87
N ASP B 43 -26.03 -17.29 21.52
CA ASP B 43 -25.12 -17.19 22.65
C ASP B 43 -23.79 -17.83 22.28
N ALA B 44 -23.12 -18.44 23.24
CA ALA B 44 -22.18 -19.51 22.98
C ALA B 44 -22.77 -20.87 23.35
N SER B 45 -24.04 -20.88 23.78
CA SER B 45 -24.42 -21.61 24.98
C SER B 45 -23.75 -22.98 25.01
N LEU B 46 -23.02 -23.23 26.10
CA LEU B 46 -22.16 -24.39 26.18
C LEU B 46 -22.99 -25.57 26.65
N MET B 47 -22.99 -26.60 25.83
CA MET B 47 -23.70 -27.82 26.16
C MET B 47 -22.72 -28.96 25.98
N VAL B 48 -22.86 -29.97 26.82
CA VAL B 48 -21.87 -31.04 26.94
C VAL B 48 -22.62 -32.36 26.87
N THR B 49 -22.27 -33.16 25.86
CA THR B 49 -23.07 -34.33 25.52
C THR B 49 -22.16 -35.54 25.33
N ASN B 50 -22.70 -36.70 25.68
CA ASN B 50 -22.14 -37.96 25.20
C ASN B 50 -22.93 -38.41 23.97
N ASP B 51 -23.95 -37.64 23.60
CA ASP B 51 -24.88 -37.99 22.53
C ASP B 51 -24.64 -37.13 21.30
N GLY B 52 -24.45 -37.80 20.15
CA GLY B 52 -24.23 -37.07 18.92
C GLY B 52 -25.51 -36.55 18.29
N ALA B 53 -26.65 -37.18 18.61
CA ALA B 53 -27.92 -36.67 18.12
C ALA B 53 -28.11 -35.21 18.51
N THR B 54 -27.57 -34.84 19.67
CA THR B 54 -27.44 -33.43 20.02
C THR B 54 -26.56 -32.70 19.02
N ILE B 55 -25.37 -33.25 18.76
CA ILE B 55 -24.42 -32.61 17.86
C ILE B 55 -25.04 -32.38 16.49
N LEU B 56 -25.90 -33.31 16.06
CA LEU B 56 -26.56 -33.19 14.76
C LEU B 56 -27.27 -31.85 14.64
N LYS B 57 -28.00 -31.48 15.69
CA LYS B 57 -28.87 -30.32 15.61
C LYS B 57 -28.11 -29.02 15.82
N ASN B 58 -27.19 -29.01 16.79
CA ASN B 58 -26.63 -27.75 17.28
C ASN B 58 -26.00 -26.94 16.15
N ILE B 59 -24.87 -27.41 15.62
CA ILE B 59 -24.21 -26.74 14.51
C ILE B 59 -24.81 -27.33 13.24
N GLY B 60 -25.44 -26.48 12.44
CA GLY B 60 -25.92 -26.91 11.14
C GLY B 60 -24.77 -27.31 10.25
N VAL B 61 -24.99 -28.28 9.36
CA VAL B 61 -23.94 -28.81 8.51
C VAL B 61 -24.41 -28.80 7.06
N ASP B 62 -23.52 -28.38 6.16
CA ASP B 62 -23.76 -28.55 4.74
C ASP B 62 -23.14 -29.82 4.16
N ASN B 63 -22.29 -30.52 4.90
CA ASN B 63 -21.70 -31.73 4.38
C ASN B 63 -22.78 -32.76 4.08
N PRO B 64 -22.92 -33.17 2.82
CA PRO B 64 -24.11 -33.94 2.43
C PRO B 64 -24.28 -35.24 3.20
N ALA B 65 -23.21 -36.04 3.31
CA ALA B 65 -23.28 -37.20 4.17
C ALA B 65 -23.63 -36.80 5.60
N ALA B 66 -22.85 -35.89 6.18
CA ALA B 66 -23.18 -35.38 7.51
C ALA B 66 -24.60 -34.88 7.56
N LYS B 67 -25.09 -34.26 6.49
CA LYS B 67 -26.51 -33.95 6.41
C LYS B 67 -27.35 -35.22 6.34
N VAL B 68 -27.03 -36.10 5.39
CA VAL B 68 -27.77 -37.35 5.24
C VAL B 68 -27.65 -38.20 6.50
N LEU B 69 -26.45 -38.30 7.04
CA LEU B 69 -26.25 -39.28 8.11
C LEU B 69 -26.82 -38.79 9.44
N VAL B 70 -27.19 -37.51 9.54
CA VAL B 70 -28.06 -37.09 10.63
C VAL B 70 -29.27 -38.02 10.70
N ASP B 71 -29.86 -38.31 9.55
CA ASP B 71 -30.95 -39.27 9.52
C ASP B 71 -30.45 -40.66 9.86
N MET B 72 -29.37 -41.11 9.21
CA MET B 72 -28.75 -42.37 9.61
C MET B 72 -28.49 -42.42 11.11
N SER B 73 -28.01 -41.32 11.68
CA SER B 73 -27.82 -41.25 13.12
C SER B 73 -29.14 -41.49 13.85
N ARG B 74 -30.20 -40.80 13.44
CA ARG B 74 -31.44 -40.88 14.19
C ARG B 74 -32.24 -42.13 13.85
N VAL B 75 -32.11 -42.63 12.62
CA VAL B 75 -32.86 -43.84 12.23
C VAL B 75 -32.64 -44.95 13.25
N GLN B 76 -31.39 -45.40 13.42
CA GLN B 76 -31.08 -46.35 14.48
C GLN B 76 -31.53 -45.82 15.84
N ASP B 77 -31.30 -44.52 16.08
CA ASP B 77 -31.80 -43.89 17.30
C ASP B 77 -33.32 -44.02 17.39
N ASP B 78 -34.04 -43.43 16.45
CA ASP B 78 -35.51 -43.40 16.47
C ASP B 78 -36.09 -44.79 16.66
N GLU B 79 -35.48 -45.79 16.03
CA GLU B 79 -36.15 -47.05 15.79
C GLU B 79 -35.54 -48.19 16.60
N VAL B 80 -34.28 -48.50 16.31
CA VAL B 80 -33.56 -49.56 17.00
C VAL B 80 -33.30 -49.21 18.45
N GLY B 81 -33.67 -48.00 18.86
CA GLY B 81 -33.34 -47.50 20.18
C GLY B 81 -31.89 -47.11 20.31
N ASP B 82 -31.20 -47.68 21.29
CA ASP B 82 -29.80 -47.35 21.48
C ASP B 82 -28.99 -47.80 20.27
N GLY B 83 -27.79 -47.23 20.12
CA GLY B 83 -27.05 -47.33 18.90
C GLY B 83 -27.03 -46.05 18.08
N THR B 84 -27.51 -44.94 18.66
CA THR B 84 -27.45 -43.66 17.98
C THR B 84 -26.05 -43.38 17.48
N THR B 85 -25.13 -43.09 18.41
CA THR B 85 -23.75 -42.80 18.05
C THR B 85 -23.05 -44.02 17.47
N SER B 86 -23.57 -45.22 17.74
CA SER B 86 -22.95 -46.43 17.22
C SER B 86 -23.03 -46.50 15.70
N VAL B 87 -24.19 -46.21 15.12
CA VAL B 87 -24.31 -46.28 13.68
C VAL B 87 -23.64 -45.08 13.02
N THR B 88 -23.60 -43.95 13.72
CA THR B 88 -23.01 -42.73 13.16
C THR B 88 -21.60 -42.97 12.64
N VAL B 89 -20.67 -43.20 13.55
CA VAL B 89 -19.26 -43.30 13.15
C VAL B 89 -19.01 -44.60 12.41
N LEU B 90 -19.94 -45.56 12.53
CA LEU B 90 -19.74 -46.83 11.85
C LEU B 90 -19.50 -46.62 10.37
N ALA B 91 -20.27 -45.73 9.75
CA ALA B 91 -19.98 -45.35 8.37
C ALA B 91 -18.69 -44.55 8.28
N ALA B 92 -18.40 -43.73 9.28
CA ALA B 92 -17.11 -43.06 9.32
C ALA B 92 -15.99 -44.07 9.48
N GLU B 93 -16.25 -45.16 10.21
CA GLU B 93 -15.31 -46.26 10.25
C GLU B 93 -15.08 -46.82 8.85
N LEU B 94 -16.05 -46.63 7.97
CA LEU B 94 -15.99 -47.21 6.64
C LEU B 94 -15.35 -46.26 5.64
N LEU B 95 -15.93 -45.06 5.46
CA LEU B 95 -15.39 -44.11 4.50
C LEU B 95 -13.88 -43.96 4.66
N ARG B 96 -13.38 -43.96 5.89
CA ARG B 96 -11.94 -43.91 6.12
C ARG B 96 -11.25 -45.10 5.50
N GLU B 97 -11.83 -46.29 5.67
CA GLU B 97 -11.39 -47.43 4.88
C GLU B 97 -11.53 -47.14 3.39
N ALA B 98 -12.67 -46.57 2.98
CA ALA B 98 -12.86 -46.23 1.58
C ALA B 98 -11.89 -45.14 1.13
N GLU B 99 -11.43 -44.29 2.06
CA GLU B 99 -10.42 -43.30 1.72
C GLU B 99 -9.25 -43.92 0.99
N SER B 100 -8.51 -44.79 1.67
CA SER B 100 -7.30 -45.37 1.09
C SER B 100 -7.62 -46.22 -0.13
N LEU B 101 -8.86 -46.68 -0.25
CA LEU B 101 -9.26 -47.49 -1.40
C LEU B 101 -9.50 -46.60 -2.62
N ILE B 102 -10.42 -45.65 -2.51
CA ILE B 102 -10.50 -44.64 -3.56
C ILE B 102 -9.14 -43.98 -3.76
N ALA B 103 -8.33 -43.89 -2.71
CA ALA B 103 -6.95 -43.46 -2.88
C ALA B 103 -6.11 -44.56 -3.50
N LYS B 104 -6.53 -45.82 -3.32
CA LYS B 104 -5.94 -46.91 -4.09
C LYS B 104 -6.44 -46.88 -5.52
N LYS B 105 -7.38 -45.96 -5.82
CA LYS B 105 -8.07 -45.69 -7.08
C LYS B 105 -9.34 -46.54 -7.18
N ILE B 106 -9.56 -47.36 -6.17
CA ILE B 106 -10.56 -48.44 -6.20
C ILE B 106 -11.92 -47.90 -6.56
N HIS B 107 -12.65 -48.64 -7.40
CA HIS B 107 -14.03 -48.30 -7.72
C HIS B 107 -14.92 -48.51 -6.51
N PRO B 108 -15.93 -47.67 -6.31
CA PRO B 108 -17.00 -48.02 -5.37
C PRO B 108 -17.65 -49.33 -5.74
N GLN B 109 -17.97 -49.52 -7.01
CA GLN B 109 -18.38 -50.83 -7.50
C GLN B 109 -17.43 -51.92 -7.03
N THR B 110 -16.13 -51.67 -7.07
CA THR B 110 -15.18 -52.62 -6.52
C THR B 110 -15.34 -52.71 -5.01
N ILE B 111 -15.55 -51.57 -4.35
CA ILE B 111 -15.68 -51.59 -2.88
C ILE B 111 -17.02 -52.18 -2.47
N ILE B 112 -18.10 -51.68 -3.06
CA ILE B 112 -19.44 -51.97 -2.55
C ILE B 112 -19.64 -53.47 -2.39
N ALA B 113 -19.60 -54.21 -3.49
CA ALA B 113 -19.82 -55.65 -3.43
C ALA B 113 -19.01 -56.28 -2.30
N GLY B 114 -17.73 -55.89 -2.16
CA GLY B 114 -16.94 -56.45 -1.09
C GLY B 114 -17.50 -56.17 0.28
N TRP B 115 -17.66 -54.89 0.65
CA TRP B 115 -18.19 -54.59 1.97
C TRP B 115 -19.62 -55.06 2.12
N ARG B 116 -20.43 -54.80 1.09
CA ARG B 116 -21.83 -55.22 1.11
C ARG B 116 -21.96 -56.72 1.33
N GLU B 117 -21.19 -57.52 0.60
CA GLU B 117 -21.28 -58.96 0.78
C GLU B 117 -20.55 -59.41 2.03
N ALA B 118 -19.49 -58.69 2.39
CA ALA B 118 -18.82 -58.94 3.66
C ALA B 118 -19.75 -58.68 4.84
N THR B 119 -20.78 -57.87 4.63
CA THR B 119 -21.76 -57.65 5.69
C THR B 119 -22.31 -58.98 6.21
N LYS B 120 -22.56 -59.92 5.31
CA LYS B 120 -23.19 -61.16 5.74
C LYS B 120 -22.20 -62.06 6.47
N ALA B 121 -20.93 -62.02 6.10
CA ALA B 121 -19.92 -62.70 6.91
C ALA B 121 -19.86 -62.08 8.30
N ALA B 122 -20.10 -60.77 8.41
CA ALA B 122 -20.33 -60.17 9.71
C ALA B 122 -21.71 -60.52 10.25
N ARG B 123 -22.74 -60.38 9.41
CA ARG B 123 -24.08 -60.83 9.80
C ARG B 123 -24.06 -62.24 10.35
N GLU B 124 -23.68 -63.22 9.53
CA GLU B 124 -23.82 -64.61 9.94
C GLU B 124 -22.93 -64.91 11.13
N ALA B 125 -21.84 -64.15 11.30
CA ALA B 125 -21.11 -64.19 12.56
C ALA B 125 -21.92 -63.57 13.68
N LEU B 126 -22.41 -62.35 13.45
CA LEU B 126 -23.45 -61.77 14.29
C LEU B 126 -24.62 -62.74 14.49
N LEU B 127 -25.17 -63.25 13.38
CA LEU B 127 -26.24 -64.24 13.48
C LEU B 127 -25.79 -65.45 14.28
N SER B 128 -24.51 -65.81 14.18
CA SER B 128 -23.97 -66.82 15.09
C SER B 128 -23.78 -66.23 16.48
N SER B 129 -23.22 -65.02 16.57
CA SER B 129 -23.14 -64.31 17.84
C SER B 129 -24.51 -64.06 18.44
N ALA B 130 -25.58 -64.11 17.63
CA ALA B 130 -26.93 -64.06 18.16
C ALA B 130 -27.05 -65.22 19.14
N VAL B 131 -27.36 -64.89 20.39
CA VAL B 131 -27.41 -65.87 21.47
C VAL B 131 -28.69 -65.61 22.26
N ASP B 132 -29.55 -66.61 22.33
CA ASP B 132 -30.91 -66.35 22.76
C ASP B 132 -30.97 -66.19 24.27
N HIS B 133 -31.40 -64.99 24.68
CA HIS B 133 -31.34 -64.61 26.09
C HIS B 133 -32.71 -63.98 26.42
N GLY B 134 -33.36 -64.54 27.42
CA GLY B 134 -34.78 -64.30 27.59
C GLY B 134 -35.53 -65.58 27.30
N SER B 135 -34.82 -66.58 26.81
CA SER B 135 -35.39 -67.91 26.68
C SER B 135 -35.76 -68.47 28.05
N ASP B 136 -35.04 -68.06 29.08
CA ASP B 136 -35.37 -68.40 30.46
C ASP B 136 -35.82 -67.15 31.20
N GLU B 137 -36.73 -67.34 32.15
CA GLU B 137 -37.23 -66.23 32.95
C GLU B 137 -36.08 -65.49 33.65
N VAL B 138 -35.15 -66.25 34.25
CA VAL B 138 -33.97 -65.63 34.83
C VAL B 138 -33.16 -64.91 33.76
N LYS B 139 -32.81 -65.63 32.69
CA LYS B 139 -32.25 -64.98 31.52
C LYS B 139 -33.09 -63.80 31.08
N PHE B 140 -34.41 -63.98 30.96
CA PHE B 140 -35.28 -62.87 30.61
C PHE B 140 -35.09 -61.70 31.56
N ARG B 141 -35.17 -61.93 32.87
CA ARG B 141 -34.85 -60.87 33.82
C ARG B 141 -33.45 -60.34 33.59
N GLN B 142 -32.46 -61.24 33.54
CA GLN B 142 -31.09 -60.85 33.22
C GLN B 142 -31.02 -60.10 31.90
N ASP B 143 -31.60 -60.68 30.84
CA ASP B 143 -31.58 -60.03 29.53
C ASP B 143 -32.31 -58.70 29.58
N LEU B 144 -33.43 -58.64 30.29
CA LEU B 144 -34.05 -57.34 30.56
C LEU B 144 -33.07 -56.39 31.23
N MET B 145 -32.44 -56.85 32.31
CA MET B 145 -31.51 -55.98 33.04
C MET B 145 -30.25 -55.72 32.22
N ASN B 146 -29.73 -56.74 31.53
CA ASN B 146 -28.55 -56.55 30.69
C ASN B 146 -28.77 -55.46 29.65
N ILE B 147 -29.93 -55.48 28.99
CA ILE B 147 -30.17 -54.57 27.88
C ILE B 147 -30.58 -53.19 28.38
N ALA B 148 -31.40 -53.13 29.43
CA ALA B 148 -32.00 -51.87 29.84
C ALA B 148 -30.95 -50.83 30.22
N GLY B 149 -30.11 -51.16 31.21
CA GLY B 149 -29.05 -50.25 31.59
C GLY B 149 -28.10 -49.93 30.46
N THR B 150 -27.73 -50.96 29.67
CA THR B 150 -26.79 -50.76 28.56
C THR B 150 -27.29 -49.69 27.61
N THR B 151 -28.58 -49.72 27.28
CA THR B 151 -29.17 -48.66 26.48
C THR B 151 -28.86 -47.28 27.06
N LEU B 152 -29.32 -47.03 28.28
CA LEU B 152 -29.24 -45.69 28.83
C LEU B 152 -27.87 -45.40 29.41
N SER B 153 -27.00 -46.42 29.50
CA SER B 153 -25.71 -46.25 30.15
C SER B 153 -24.91 -45.12 29.50
N SER B 154 -24.71 -45.19 28.19
CA SER B 154 -23.97 -44.16 27.46
C SER B 154 -24.88 -43.05 26.93
N LYS B 155 -26.17 -43.10 27.25
CA LYS B 155 -27.13 -42.05 26.91
C LYS B 155 -27.10 -40.92 27.91
N LEU B 156 -26.10 -40.92 28.79
CA LEU B 156 -25.71 -39.80 29.62
C LEU B 156 -26.73 -39.51 30.74
N LEU B 157 -27.51 -40.52 31.14
CA LEU B 157 -27.92 -40.60 32.53
C LEU B 157 -27.88 -42.05 33.02
N THR B 158 -26.91 -42.37 33.87
CA THR B 158 -26.90 -43.64 34.59
C THR B 158 -27.29 -43.55 36.06
N HIS B 159 -27.58 -42.35 36.57
CA HIS B 159 -27.46 -42.10 38.01
C HIS B 159 -28.55 -42.78 38.82
N HIS B 160 -29.79 -42.31 38.71
CA HIS B 160 -30.95 -43.00 39.28
C HIS B 160 -31.62 -43.89 38.25
N LYS B 161 -31.02 -44.04 37.07
CA LYS B 161 -31.47 -45.01 36.08
C LYS B 161 -31.74 -46.36 36.71
N ASP B 162 -30.85 -46.79 37.63
CA ASP B 162 -30.97 -48.09 38.26
C ASP B 162 -32.37 -48.31 38.83
N HIS B 163 -32.99 -47.23 39.31
CA HIS B 163 -34.36 -47.33 39.81
C HIS B 163 -35.37 -47.42 38.67
N PHE B 164 -35.18 -46.61 37.63
CA PHE B 164 -36.10 -46.66 36.50
C PHE B 164 -35.87 -47.93 35.70
N THR B 165 -34.61 -48.37 35.63
CA THR B 165 -34.27 -49.60 34.92
C THR B 165 -35.16 -50.75 35.35
N LYS B 166 -35.11 -51.10 36.64
CA LYS B 166 -35.92 -52.21 37.14
C LYS B 166 -37.40 -52.01 36.81
N LEU B 167 -37.97 -50.89 37.25
CA LEU B 167 -39.38 -50.61 36.97
C LEU B 167 -39.69 -50.76 35.49
N ALA B 168 -38.80 -50.29 34.62
CA ALA B 168 -39.03 -50.42 33.18
C ALA B 168 -39.00 -51.88 32.75
N VAL B 169 -37.96 -52.62 33.14
CA VAL B 169 -37.92 -54.03 32.80
C VAL B 169 -38.97 -54.80 33.60
N GLU B 170 -39.25 -54.35 34.83
CA GLU B 170 -40.38 -54.89 35.58
C GLU B 170 -41.68 -54.73 34.79
N ALA B 171 -41.80 -53.63 34.05
CA ALA B 171 -42.96 -53.43 33.19
C ALA B 171 -42.92 -54.33 31.97
N VAL B 172 -41.78 -54.35 31.28
CA VAL B 172 -41.64 -55.19 30.10
C VAL B 172 -41.49 -56.65 30.50
N LEU B 173 -41.17 -56.91 31.77
CA LEU B 173 -41.28 -58.26 32.31
C LEU B 173 -42.66 -58.84 32.05
N ARG B 174 -43.70 -58.01 32.21
CA ARG B 174 -45.07 -58.50 32.12
C ARG B 174 -45.52 -58.61 30.67
N LEU B 175 -44.81 -57.96 29.75
CA LEU B 175 -45.16 -58.07 28.35
C LEU B 175 -45.06 -59.51 27.86
N LYS B 176 -44.18 -60.28 28.49
CA LYS B 176 -44.18 -61.74 28.42
C LYS B 176 -44.33 -62.27 27.00
N GLY B 177 -43.35 -62.00 26.15
CA GLY B 177 -43.33 -62.53 24.80
C GLY B 177 -44.02 -61.68 23.77
N SER B 178 -44.98 -60.84 24.17
CA SER B 178 -45.55 -59.84 23.26
C SER B 178 -45.25 -58.47 23.83
N GLY B 179 -44.32 -57.74 23.21
CA GLY B 179 -44.00 -56.40 23.64
C GLY B 179 -45.17 -55.47 23.39
N ASN B 180 -45.67 -54.86 24.45
CA ASN B 180 -46.75 -53.89 24.33
C ASN B 180 -46.40 -52.62 25.11
N LEU B 181 -46.19 -51.54 24.36
CA LEU B 181 -45.90 -50.26 24.96
C LEU B 181 -47.15 -49.53 25.43
N GLU B 182 -48.32 -49.88 24.90
CA GLU B 182 -49.58 -49.39 25.44
C GLU B 182 -50.06 -50.18 26.64
N ALA B 183 -49.64 -51.44 26.78
CA ALA B 183 -49.84 -52.15 28.04
C ALA B 183 -49.26 -51.39 29.21
N ILE B 184 -47.97 -51.08 29.14
CA ILE B 184 -47.31 -50.25 30.13
C ILE B 184 -47.82 -48.83 29.90
N HIS B 185 -48.16 -48.12 30.97
CA HIS B 185 -48.51 -46.72 30.83
C HIS B 185 -47.36 -45.85 31.32
N ILE B 186 -46.91 -44.96 30.45
CA ILE B 186 -45.75 -44.12 30.71
C ILE B 186 -46.23 -42.81 31.30
N ILE B 187 -45.95 -42.59 32.59
CA ILE B 187 -46.18 -41.31 33.24
C ILE B 187 -44.82 -40.66 33.47
N LYS B 188 -44.56 -39.58 32.77
CA LYS B 188 -43.34 -38.80 32.93
C LYS B 188 -43.71 -37.46 33.55
N LYS B 189 -43.41 -37.30 34.84
CA LYS B 189 -43.92 -36.14 35.56
C LYS B 189 -42.87 -35.62 36.53
N LEU B 190 -42.57 -34.32 36.43
CA LEU B 190 -41.69 -33.69 37.39
C LEU B 190 -42.38 -33.59 38.74
N GLY B 191 -41.71 -34.11 39.75
CA GLY B 191 -42.26 -34.16 41.10
C GLY B 191 -41.64 -35.28 41.88
N GLY B 192 -42.01 -35.41 43.14
CA GLY B 192 -41.38 -36.43 43.95
C GLY B 192 -39.88 -36.16 44.11
N SER B 193 -39.13 -37.22 43.88
CA SER B 193 -37.69 -37.17 44.07
C SER B 193 -36.96 -37.74 42.86
N LEU B 194 -35.63 -37.82 42.98
CA LEU B 194 -34.83 -38.48 41.97
C LEU B 194 -35.35 -39.86 41.66
N ALA B 195 -35.51 -40.71 42.66
CA ALA B 195 -36.46 -41.81 42.55
C ALA B 195 -37.55 -41.62 43.59
N ASP B 196 -38.66 -41.03 43.14
CA ASP B 196 -39.98 -41.34 43.68
C ASP B 196 -40.75 -42.22 42.70
N SER B 197 -40.16 -42.54 41.54
CA SER B 197 -40.88 -43.15 40.45
C SER B 197 -41.53 -44.46 40.87
N TYR B 198 -42.79 -44.63 40.45
CA TYR B 198 -43.53 -45.82 40.82
C TYR B 198 -44.09 -46.46 39.57
N LEU B 199 -44.11 -47.78 39.57
CA LEU B 199 -44.72 -48.56 38.51
C LEU B 199 -46.08 -49.01 39.03
N ASP B 200 -47.14 -48.40 38.54
CA ASP B 200 -48.49 -48.81 38.86
C ASP B 200 -48.83 -50.03 38.02
N GLU B 201 -49.36 -51.06 38.67
CA GLU B 201 -49.82 -52.23 37.94
C GLU B 201 -51.28 -51.94 37.61
N GLY B 202 -51.52 -51.56 36.36
CA GLY B 202 -52.80 -51.02 36.02
C GLY B 202 -52.67 -49.91 35.00
N PHE B 203 -53.68 -49.04 34.98
CA PHE B 203 -53.61 -47.77 34.27
C PHE B 203 -53.65 -46.67 35.31
N LEU B 204 -53.17 -45.49 34.94
CA LEU B 204 -53.14 -44.35 35.84
C LEU B 204 -53.56 -43.09 35.10
N LEU B 205 -54.64 -42.47 35.57
CA LEU B 205 -54.93 -41.09 35.23
C LEU B 205 -54.35 -40.22 36.33
N ASP B 206 -53.38 -39.39 35.96
CA ASP B 206 -52.72 -38.49 36.89
C ASP B 206 -53.60 -37.34 37.34
N LYS B 207 -54.82 -37.24 36.80
CA LYS B 207 -55.74 -36.16 37.11
C LYS B 207 -56.01 -36.07 38.61
N LYS B 208 -56.24 -34.86 39.10
CA LYS B 208 -56.71 -34.70 40.46
C LYS B 208 -58.22 -34.46 40.46
N ILE B 209 -58.98 -35.48 40.86
CA ILE B 209 -60.43 -35.34 40.85
C ILE B 209 -60.91 -34.93 42.23
N GLY B 210 -60.02 -35.00 43.22
CA GLY B 210 -60.39 -34.69 44.60
C GLY B 210 -61.53 -35.56 45.07
N VAL B 211 -62.26 -35.05 46.08
CA VAL B 211 -63.47 -35.70 46.57
C VAL B 211 -64.73 -35.09 45.95
N ASN B 212 -64.58 -34.06 45.12
CA ASN B 212 -65.74 -33.47 44.45
C ASN B 212 -66.46 -34.47 43.57
N GLN B 213 -65.74 -35.16 42.70
CA GLN B 213 -66.20 -36.32 41.97
C GLN B 213 -65.42 -37.52 42.49
N PRO B 214 -65.99 -38.72 42.41
CA PRO B 214 -65.41 -39.86 43.14
C PRO B 214 -63.95 -40.07 42.77
N LYS B 215 -63.09 -40.09 43.80
CA LYS B 215 -61.71 -40.51 43.65
C LYS B 215 -61.54 -42.00 43.84
N ARG B 216 -62.53 -42.68 44.39
CA ARG B 216 -62.44 -44.09 44.73
C ARG B 216 -63.61 -44.82 44.12
N ILE B 217 -63.34 -45.72 43.17
CA ILE B 217 -64.38 -46.60 42.62
C ILE B 217 -63.88 -48.03 42.67
N GLU B 218 -64.50 -48.84 43.51
CA GLU B 218 -64.35 -50.28 43.50
C GLU B 218 -65.28 -50.86 42.44
N ASN B 219 -64.94 -52.06 41.94
CA ASN B 219 -65.66 -52.69 40.85
C ASN B 219 -65.71 -51.74 39.64
N ALA B 220 -64.62 -51.00 39.50
CA ALA B 220 -64.62 -49.80 38.67
C ALA B 220 -65.06 -50.10 37.25
N LYS B 221 -66.11 -49.41 36.83
CA LYS B 221 -66.60 -49.51 35.47
C LYS B 221 -66.20 -48.23 34.75
N ILE B 222 -65.20 -48.33 33.89
CA ILE B 222 -64.63 -47.18 33.19
C ILE B 222 -65.39 -47.02 31.90
N LEU B 223 -66.13 -45.93 31.78
CA LEU B 223 -66.84 -45.60 30.55
C LEU B 223 -65.94 -44.72 29.70
N ILE B 224 -65.47 -45.26 28.59
CA ILE B 224 -64.61 -44.54 27.67
C ILE B 224 -65.52 -43.86 26.65
N ALA B 225 -65.60 -42.54 26.72
CA ALA B 225 -66.54 -41.79 25.92
C ALA B 225 -65.94 -40.42 25.60
N ASN B 226 -66.22 -39.95 24.40
CA ASN B 226 -65.67 -38.68 23.92
C ASN B 226 -66.57 -37.51 24.27
N THR B 227 -67.61 -37.71 25.08
CA THR B 227 -68.75 -36.81 25.13
C THR B 227 -68.32 -35.37 25.38
N GLY B 228 -68.70 -34.48 24.47
CA GLY B 228 -68.67 -33.07 24.80
C GLY B 228 -69.97 -32.65 25.48
N MET B 229 -69.83 -31.87 26.54
CA MET B 229 -70.99 -31.28 27.19
C MET B 229 -71.20 -29.81 26.85
N ASP B 230 -70.30 -29.20 26.09
CA ASP B 230 -70.45 -27.83 25.61
C ASP B 230 -70.25 -27.85 24.10
N THR B 231 -69.07 -28.31 23.67
CA THR B 231 -68.86 -28.62 22.27
C THR B 231 -69.94 -29.56 21.74
N ASP B 232 -70.49 -30.41 22.62
CA ASP B 232 -71.71 -31.16 22.30
C ASP B 232 -71.50 -32.06 21.08
N LYS B 233 -70.72 -33.12 21.28
CA LYS B 233 -70.44 -34.06 20.19
C LYS B 233 -71.71 -34.81 19.77
N ILE B 234 -71.61 -35.46 18.61
CA ILE B 234 -72.75 -35.99 17.87
C ILE B 234 -73.51 -37.02 18.69
N LYS B 235 -74.74 -37.29 18.26
CA LYS B 235 -75.88 -37.65 19.11
C LYS B 235 -76.17 -36.39 19.91
N ILE B 236 -76.11 -35.27 19.19
CA ILE B 236 -76.37 -33.96 19.79
C ILE B 236 -77.80 -33.54 19.50
N PHE B 237 -78.54 -33.27 20.57
CA PHE B 237 -79.99 -33.08 20.50
C PHE B 237 -80.44 -31.63 20.47
N GLY B 238 -79.52 -30.66 20.47
CA GLY B 238 -79.90 -29.28 20.65
C GLY B 238 -80.24 -28.57 19.34
N SER B 239 -80.28 -27.24 19.43
CA SER B 239 -80.50 -26.37 18.29
C SER B 239 -79.60 -25.16 18.41
N ARG B 240 -79.00 -24.76 17.30
CA ARG B 240 -77.84 -23.87 17.27
C ARG B 240 -78.26 -22.40 17.39
N VAL B 241 -77.26 -21.52 17.19
CA VAL B 241 -77.45 -20.09 17.42
C VAL B 241 -78.27 -19.46 16.29
N ARG B 242 -79.35 -18.79 16.67
CA ARG B 242 -80.23 -18.14 15.73
C ARG B 242 -80.95 -17.00 16.43
N VAL B 243 -81.25 -15.94 15.66
CA VAL B 243 -82.07 -14.84 16.15
C VAL B 243 -83.18 -14.55 15.16
N ASP B 244 -84.41 -14.88 15.56
CA ASP B 244 -85.61 -14.44 14.84
C ASP B 244 -86.18 -13.15 15.41
N SER B 245 -85.75 -12.79 16.63
CA SER B 245 -86.40 -11.72 17.37
C SER B 245 -85.56 -11.41 18.60
N THR B 246 -86.06 -10.48 19.42
CA THR B 246 -85.38 -10.02 20.62
C THR B 246 -85.37 -11.05 21.74
N ALA B 247 -86.31 -11.99 21.74
CA ALA B 247 -86.45 -12.97 22.81
C ALA B 247 -85.77 -14.30 22.51
N LYS B 248 -85.04 -14.41 21.39
CA LYS B 248 -84.52 -15.71 20.96
C LYS B 248 -83.35 -16.20 21.82
N VAL B 249 -82.88 -15.40 22.77
CA VAL B 249 -81.78 -15.84 23.63
C VAL B 249 -82.23 -17.00 24.51
N ALA B 250 -83.54 -17.16 24.68
CA ALA B 250 -84.05 -18.17 25.60
C ALA B 250 -84.00 -19.56 24.99
N GLU B 251 -84.41 -19.71 23.73
CA GLU B 251 -84.63 -21.03 23.15
C GLU B 251 -83.33 -21.84 23.06
N ILE B 252 -82.21 -21.16 22.80
CA ILE B 252 -81.00 -21.87 22.42
C ILE B 252 -80.36 -22.53 23.64
N GLU B 253 -80.39 -21.85 24.79
CA GLU B 253 -79.72 -22.37 25.97
C GLU B 253 -80.46 -23.57 26.56
N HIS B 254 -81.79 -23.58 26.41
CA HIS B 254 -82.56 -24.73 26.91
C HIS B 254 -82.39 -25.95 26.00
N ALA B 255 -81.77 -25.76 24.84
CA ALA B 255 -81.58 -26.89 23.93
C ALA B 255 -80.42 -27.76 24.36
N GLU B 256 -79.32 -27.15 24.82
CA GLU B 256 -78.15 -27.92 25.22
C GLU B 256 -78.30 -28.50 26.63
N LYS B 257 -78.98 -27.77 27.52
CA LYS B 257 -79.14 -28.23 28.89
C LYS B 257 -79.80 -29.60 28.96
N GLU B 258 -80.92 -29.78 28.25
CA GLU B 258 -81.57 -31.09 28.19
C GLU B 258 -80.59 -32.16 27.77
N LYS B 259 -79.92 -31.96 26.64
CA LYS B 259 -79.01 -32.96 26.09
C LYS B 259 -77.96 -33.40 27.11
N MET B 260 -77.31 -32.43 27.77
CA MET B 260 -76.34 -32.79 28.80
C MET B 260 -76.97 -33.68 29.85
N LYS B 261 -78.04 -33.21 30.49
CA LYS B 261 -78.78 -34.04 31.44
C LYS B 261 -79.23 -35.35 30.78
N GLU B 262 -79.58 -35.29 29.49
CA GLU B 262 -79.95 -36.51 28.78
C GLU B 262 -78.74 -37.39 28.52
N LYS B 263 -77.64 -36.81 28.02
CA LYS B 263 -76.40 -37.56 27.87
C LYS B 263 -75.90 -38.11 29.20
N VAL B 264 -76.09 -37.37 30.30
CA VAL B 264 -75.77 -37.91 31.61
C VAL B 264 -76.52 -39.20 31.85
N GLU B 265 -77.83 -39.20 31.61
CA GLU B 265 -78.63 -40.39 31.82
C GLU B 265 -78.17 -41.52 30.92
N ARG B 266 -77.64 -41.17 29.74
CA ARG B 266 -76.99 -42.18 28.90
C ARG B 266 -75.73 -42.71 29.58
N ILE B 267 -75.02 -41.85 30.29
CA ILE B 267 -73.84 -42.28 31.05
C ILE B 267 -74.28 -42.94 32.34
N LEU B 268 -75.44 -42.54 32.88
CA LEU B 268 -76.09 -43.30 33.93
C LEU B 268 -76.68 -44.59 33.39
N LYS B 269 -76.89 -44.67 32.08
CA LYS B 269 -77.57 -45.83 31.50
C LYS B 269 -76.68 -47.07 31.51
N HIS B 270 -75.35 -46.91 31.48
CA HIS B 270 -74.46 -48.06 31.39
C HIS B 270 -74.29 -48.73 32.75
N GLY B 271 -74.57 -48.01 33.84
CA GLY B 271 -74.29 -48.48 35.17
C GLY B 271 -72.85 -48.25 35.63
N ILE B 272 -72.09 -47.43 34.93
CA ILE B 272 -70.71 -47.13 35.28
C ILE B 272 -70.69 -46.17 36.47
N ASN B 273 -69.71 -46.39 37.36
CA ASN B 273 -69.33 -45.40 38.36
C ASN B 273 -68.13 -44.57 37.89
N CYS B 274 -67.64 -44.82 36.67
CA CYS B 274 -66.51 -44.07 36.14
C CYS B 274 -66.82 -43.65 34.72
N PHE B 275 -66.91 -42.36 34.49
CA PHE B 275 -67.08 -41.80 33.15
C PHE B 275 -65.79 -41.11 32.77
N ILE B 276 -65.04 -41.73 31.86
CA ILE B 276 -63.79 -41.18 31.36
C ILE B 276 -64.09 -40.43 30.08
N ASN B 277 -63.91 -39.11 30.12
CA ASN B 277 -64.25 -38.27 28.98
C ASN B 277 -62.96 -37.71 28.39
N ARG B 278 -62.71 -38.05 27.12
CA ARG B 278 -61.62 -37.41 26.40
C ARG B 278 -61.90 -35.92 26.22
N GLN B 279 -63.14 -35.50 26.43
CA GLN B 279 -63.54 -34.11 26.29
C GLN B 279 -64.08 -33.55 27.60
N LEU B 280 -64.60 -32.34 27.52
CA LEU B 280 -65.06 -31.62 28.70
C LEU B 280 -66.29 -32.26 29.31
N ILE B 281 -66.29 -32.35 30.63
CA ILE B 281 -67.48 -32.64 31.42
C ILE B 281 -67.92 -31.35 32.08
N TYR B 282 -69.04 -30.79 31.63
CA TYR B 282 -69.46 -29.47 32.07
C TYR B 282 -69.99 -29.55 33.50
N ASN B 283 -70.36 -28.38 34.04
CA ASN B 283 -70.83 -28.31 35.41
C ASN B 283 -72.10 -29.14 35.62
N TYR B 284 -73.13 -28.88 34.81
CA TYR B 284 -74.37 -29.63 34.96
C TYR B 284 -74.16 -31.14 34.87
N PRO B 285 -73.48 -31.69 33.86
CA PRO B 285 -73.24 -33.15 33.84
C PRO B 285 -72.35 -33.64 34.96
N GLU B 286 -71.31 -32.88 35.33
CA GLU B 286 -70.41 -33.36 36.38
C GLU B 286 -71.12 -33.37 37.73
N GLN B 287 -72.05 -32.44 37.95
CA GLN B 287 -72.94 -32.55 39.09
C GLN B 287 -73.81 -33.80 38.99
N LEU B 288 -74.34 -34.09 37.81
CA LEU B 288 -75.21 -35.25 37.64
C LEU B 288 -74.42 -36.54 37.61
N PHE B 289 -73.12 -36.47 37.29
CA PHE B 289 -72.25 -37.63 37.44
C PHE B 289 -71.93 -37.87 38.91
N GLY B 290 -71.60 -36.80 39.64
CA GLY B 290 -71.43 -36.93 41.08
C GLY B 290 -72.71 -37.28 41.79
N ALA B 291 -73.86 -37.04 41.15
CA ALA B 291 -75.13 -37.44 41.74
C ALA B 291 -75.34 -38.95 41.65
N ALA B 292 -74.76 -39.58 40.63
CA ALA B 292 -74.93 -41.02 40.46
C ALA B 292 -73.76 -41.81 41.03
N GLY B 293 -72.77 -41.13 41.60
CA GLY B 293 -71.57 -41.81 42.05
C GLY B 293 -70.62 -42.05 40.91
N VAL B 294 -71.00 -41.60 39.72
CA VAL B 294 -70.18 -41.68 38.53
C VAL B 294 -68.96 -40.80 38.72
N MET B 295 -67.78 -41.38 38.52
CA MET B 295 -66.58 -40.56 38.44
C MET B 295 -66.57 -39.82 37.11
N ALA B 296 -66.48 -38.50 37.19
CA ALA B 296 -66.43 -37.65 36.00
C ALA B 296 -64.99 -37.22 35.77
N ILE B 297 -64.35 -37.77 34.75
CA ILE B 297 -63.01 -37.39 34.36
C ILE B 297 -63.08 -36.70 33.00
N GLU B 298 -62.87 -35.40 33.00
CA GLU B 298 -62.97 -34.57 31.80
C GLU B 298 -61.58 -34.40 31.21
N HIS B 299 -61.51 -34.50 29.89
CA HIS B 299 -60.24 -34.44 29.15
C HIS B 299 -59.17 -35.27 29.83
N ALA B 300 -59.41 -36.58 29.90
CA ALA B 300 -58.47 -37.48 30.54
C ALA B 300 -57.22 -37.63 29.67
N ASP B 301 -56.30 -38.47 30.11
CA ASP B 301 -55.06 -38.67 29.38
C ASP B 301 -55.37 -39.10 27.95
N PHE B 302 -54.91 -38.30 26.99
CA PHE B 302 -55.40 -38.45 25.63
C PHE B 302 -54.79 -39.67 24.95
N ALA B 303 -53.49 -39.89 25.15
CA ALA B 303 -52.92 -41.19 24.80
C ALA B 303 -53.29 -42.22 25.86
N GLY B 304 -53.72 -41.75 27.03
CA GLY B 304 -54.07 -42.66 28.11
C GLY B 304 -55.44 -43.29 27.95
N VAL B 305 -56.44 -42.50 27.55
CA VAL B 305 -57.82 -42.98 27.49
C VAL B 305 -57.91 -44.29 26.70
N GLU B 306 -57.30 -44.33 25.51
CA GLU B 306 -57.27 -45.58 24.76
C GLU B 306 -56.38 -46.60 25.46
N ARG B 307 -55.18 -46.18 25.87
CA ARG B 307 -54.35 -47.04 26.70
C ARG B 307 -55.09 -47.51 27.95
N LEU B 308 -55.79 -46.60 28.64
CA LEU B 308 -56.80 -47.01 29.60
C LEU B 308 -57.73 -48.06 29.01
N ALA B 309 -58.47 -47.71 27.96
CA ALA B 309 -59.43 -48.64 27.38
C ALA B 309 -58.78 -49.96 27.01
N LEU B 310 -57.55 -49.93 26.50
CA LEU B 310 -56.84 -51.17 26.20
C LEU B 310 -56.57 -51.97 27.46
N VAL B 311 -55.86 -51.37 28.43
CA VAL B 311 -55.41 -52.15 29.58
C VAL B 311 -56.56 -52.43 30.53
N THR B 312 -57.49 -51.48 30.65
CA THR B 312 -58.58 -51.62 31.60
C THR B 312 -59.75 -52.40 30.98
N GLY B 313 -59.62 -52.77 29.70
CA GLY B 313 -60.60 -53.61 29.06
C GLY B 313 -61.85 -52.91 28.57
N GLY B 314 -61.74 -51.65 28.17
CA GLY B 314 -62.89 -50.92 27.67
C GLY B 314 -62.84 -50.71 26.17
N GLU B 315 -63.75 -49.84 25.72
CA GLU B 315 -63.85 -49.46 24.33
C GLU B 315 -64.36 -48.02 24.27
N ILE B 316 -64.05 -47.35 23.18
CA ILE B 316 -64.47 -45.96 23.00
C ILE B 316 -65.95 -45.93 22.63
N ALA B 317 -66.65 -44.91 23.12
CA ALA B 317 -68.03 -44.66 22.76
C ALA B 317 -68.17 -44.08 21.36
N SER B 318 -67.04 -43.78 20.71
CA SER B 318 -67.03 -43.27 19.33
C SER B 318 -67.81 -41.96 19.23
N THR B 319 -67.24 -40.91 19.82
CA THR B 319 -67.81 -39.56 19.82
C THR B 319 -69.14 -39.60 20.57
N PHE B 320 -69.26 -40.57 21.47
CA PHE B 320 -70.46 -40.77 22.30
C PHE B 320 -71.71 -40.88 21.43
N ASP B 321 -71.69 -41.81 20.49
CA ASP B 321 -72.87 -42.21 19.75
C ASP B 321 -73.55 -43.42 20.37
N HIS B 322 -72.94 -44.01 21.40
CA HIS B 322 -73.46 -45.22 22.02
C HIS B 322 -74.22 -44.87 23.29
N PRO B 323 -75.53 -45.03 23.33
CA PRO B 323 -76.25 -45.04 24.62
C PRO B 323 -75.91 -46.25 25.48
N GLU B 324 -75.57 -47.38 24.85
CA GLU B 324 -75.09 -48.59 25.51
C GLU B 324 -73.82 -49.13 24.87
N LEU B 325 -73.86 -49.34 23.56
CA LEU B 325 -73.01 -50.28 22.84
C LEU B 325 -71.54 -50.19 23.20
N VAL B 326 -71.06 -49.04 23.67
CA VAL B 326 -69.67 -48.87 24.09
C VAL B 326 -69.33 -49.91 25.15
N LYS B 327 -68.11 -50.44 25.08
CA LYS B 327 -67.63 -51.39 26.08
C LYS B 327 -66.89 -50.64 27.18
N LEU B 328 -67.04 -51.13 28.41
CA LEU B 328 -66.64 -50.38 29.59
C LEU B 328 -65.32 -50.92 30.15
N GLY B 329 -64.42 -50.01 30.50
CA GLY B 329 -63.16 -50.35 31.12
C GLY B 329 -63.37 -50.86 32.54
N SER B 330 -62.67 -51.95 32.86
CA SER B 330 -62.82 -52.54 34.18
C SER B 330 -61.46 -52.74 34.82
N CYS B 331 -61.20 -52.01 35.89
CA CYS B 331 -60.06 -52.26 36.75
C CYS B 331 -60.59 -52.51 38.16
N LYS B 332 -59.79 -53.20 38.97
CA LYS B 332 -60.22 -53.54 40.31
C LYS B 332 -60.57 -52.31 41.13
N LEU B 333 -59.58 -51.46 41.40
CA LEU B 333 -59.81 -50.26 42.20
C LEU B 333 -59.35 -49.03 41.43
N ILE B 334 -60.22 -48.03 41.41
CA ILE B 334 -59.86 -46.68 41.01
C ILE B 334 -59.66 -45.90 42.29
N GLU B 335 -58.45 -45.40 42.51
CA GLU B 335 -58.14 -44.58 43.67
C GLU B 335 -57.19 -43.45 43.28
N GLU B 336 -57.58 -42.23 43.63
CA GLU B 336 -56.69 -41.08 43.51
C GLU B 336 -55.62 -41.20 44.58
N VAL B 337 -54.36 -41.26 44.16
CA VAL B 337 -53.25 -41.49 45.07
C VAL B 337 -52.16 -40.49 44.77
N MET B 338 -51.55 -39.97 45.83
CA MET B 338 -50.45 -39.02 45.69
C MET B 338 -49.19 -39.80 45.36
N ILE B 339 -48.65 -39.55 44.18
CA ILE B 339 -47.31 -40.00 43.80
C ILE B 339 -46.56 -38.74 43.37
N GLY B 340 -45.37 -38.55 43.90
CA GLY B 340 -44.69 -37.30 43.70
C GLY B 340 -45.43 -36.20 44.44
N GLU B 341 -45.58 -35.05 43.78
CA GLU B 341 -46.28 -33.91 44.36
C GLU B 341 -47.74 -33.80 43.91
N ASP B 342 -48.22 -34.72 43.09
CA ASP B 342 -49.56 -34.65 42.54
C ASP B 342 -50.41 -35.82 43.01
N LYS B 343 -51.73 -35.63 42.95
CA LYS B 343 -52.70 -36.67 43.24
C LYS B 343 -53.02 -37.40 41.94
N LEU B 344 -52.61 -38.66 41.86
CA LEU B 344 -52.73 -39.45 40.65
C LEU B 344 -53.75 -40.55 40.91
N ILE B 345 -54.70 -40.70 39.99
CA ILE B 345 -55.80 -41.65 40.16
C ILE B 345 -55.37 -42.96 39.54
N HIS B 346 -55.07 -43.93 40.38
CA HIS B 346 -54.44 -45.18 39.97
C HIS B 346 -55.52 -46.20 39.68
N PHE B 347 -55.57 -46.67 38.45
CA PHE B 347 -56.49 -47.75 38.12
C PHE B 347 -55.72 -49.05 38.23
N SER B 348 -56.00 -49.83 39.27
CA SER B 348 -55.23 -51.03 39.54
C SER B 348 -56.10 -52.25 39.30
N GLY B 349 -55.48 -53.31 38.77
CA GLY B 349 -56.23 -54.47 38.36
C GLY B 349 -56.92 -54.30 37.03
N VAL B 350 -56.31 -53.57 36.11
CA VAL B 350 -56.89 -53.38 34.79
C VAL B 350 -56.94 -54.71 34.06
N ALA B 351 -57.82 -54.78 33.05
CA ALA B 351 -58.14 -56.06 32.43
C ALA B 351 -56.95 -56.68 31.72
N LEU B 352 -55.87 -55.92 31.55
CA LEU B 352 -54.69 -56.43 30.85
C LEU B 352 -53.61 -56.80 31.86
N GLY B 353 -53.08 -58.01 31.74
CA GLY B 353 -52.03 -58.49 32.65
C GLY B 353 -50.64 -58.00 32.32
N GLU B 354 -50.31 -57.81 31.04
CA GLU B 354 -49.03 -57.23 30.69
C GLU B 354 -48.96 -55.77 31.11
N ALA B 355 -50.10 -55.22 31.50
CA ALA B 355 -50.23 -53.77 31.65
C ALA B 355 -49.49 -53.28 32.88
N CYS B 356 -48.94 -52.07 32.77
CA CYS B 356 -48.35 -51.36 33.89
C CYS B 356 -48.63 -49.88 33.68
N THR B 357 -48.42 -49.11 34.74
CA THR B 357 -48.21 -47.68 34.60
C THR B 357 -46.95 -47.30 35.34
N ILE B 358 -45.92 -46.90 34.60
CA ILE B 358 -44.71 -46.36 35.20
C ILE B 358 -44.92 -44.88 35.42
N VAL B 359 -44.48 -44.40 36.57
CA VAL B 359 -44.36 -42.98 36.84
C VAL B 359 -42.88 -42.67 36.77
N LEU B 360 -42.52 -41.56 36.16
CA LEU B 360 -41.14 -41.08 36.17
C LEU B 360 -41.07 -39.82 37.00
N ARG B 361 -40.30 -39.87 38.09
CA ARG B 361 -40.18 -38.77 39.03
C ARG B 361 -38.75 -38.24 38.97
N GLY B 362 -38.59 -37.02 38.47
CA GLY B 362 -37.33 -36.31 38.51
C GLY B 362 -37.31 -35.32 39.66
N ALA B 363 -36.10 -34.90 40.05
CA ALA B 363 -35.99 -33.79 40.99
C ALA B 363 -36.24 -32.47 40.29
N THR B 364 -35.60 -32.27 39.13
CA THR B 364 -35.91 -31.16 38.25
C THR B 364 -36.29 -31.72 36.90
N GLN B 365 -36.99 -30.90 36.10
CA GLN B 365 -37.35 -31.34 34.76
C GLN B 365 -36.12 -31.67 33.93
N GLN B 366 -35.02 -30.99 34.18
CA GLN B 366 -33.75 -31.36 33.55
C GLN B 366 -33.36 -32.79 33.87
N ILE B 367 -33.74 -33.27 35.06
CA ILE B 367 -33.54 -34.67 35.38
C ILE B 367 -34.63 -35.54 34.77
N LEU B 368 -35.85 -35.00 34.69
CA LEU B 368 -36.97 -35.79 34.18
C LEU B 368 -36.86 -35.99 32.67
N ASP B 369 -36.56 -34.92 31.94
CA ASP B 369 -36.73 -34.91 30.48
C ASP B 369 -35.81 -35.91 29.78
N GLU B 370 -34.56 -36.03 30.25
CA GLU B 370 -33.57 -36.79 29.50
C GLU B 370 -33.81 -38.30 29.57
N ALA B 371 -34.25 -38.79 30.73
CA ALA B 371 -34.22 -40.24 30.97
C ALA B 371 -35.21 -40.97 30.09
N GLU B 372 -36.47 -40.51 30.05
CA GLU B 372 -37.51 -41.23 29.33
C GLU B 372 -37.17 -41.37 27.85
N ARG B 373 -36.64 -40.31 27.24
CA ARG B 373 -36.11 -40.43 25.88
C ARG B 373 -35.08 -41.53 25.79
N SER B 374 -34.13 -41.55 26.72
CA SER B 374 -33.16 -42.64 26.77
C SER B 374 -33.83 -43.94 27.17
N LEU B 375 -34.76 -43.88 28.13
CA LEU B 375 -35.44 -45.09 28.58
C LEU B 375 -36.36 -45.64 27.50
N HIS B 376 -36.94 -44.77 26.69
CA HIS B 376 -37.74 -45.23 25.56
C HIS B 376 -36.97 -46.19 24.67
N ASP B 377 -35.68 -45.93 24.50
CA ASP B 377 -34.88 -46.75 23.59
C ASP B 377 -34.65 -48.15 24.16
N ALA B 378 -34.50 -48.25 25.49
CA ALA B 378 -34.34 -49.56 26.11
C ALA B 378 -35.56 -50.43 25.89
N LEU B 379 -36.74 -49.92 26.25
CA LEU B 379 -37.97 -50.69 26.11
C LEU B 379 -38.19 -51.11 24.66
N CYS B 380 -37.83 -50.25 23.71
CA CYS B 380 -37.79 -50.65 22.32
C CYS B 380 -36.93 -51.87 22.12
N VAL B 381 -35.63 -51.76 22.45
CA VAL B 381 -34.73 -52.91 22.32
C VAL B 381 -35.25 -54.08 23.14
N LEU B 382 -35.76 -53.79 24.34
CA LEU B 382 -36.50 -54.79 25.09
C LEU B 382 -37.63 -55.39 24.27
N ALA B 383 -38.61 -54.56 23.88
CA ALA B 383 -39.68 -55.04 23.00
C ALA B 383 -39.11 -55.74 21.77
N GLN B 384 -38.09 -55.16 21.15
CA GLN B 384 -37.33 -55.87 20.14
C GLN B 384 -36.84 -57.21 20.66
N THR B 385 -36.19 -57.21 21.83
CA THR B 385 -35.67 -58.45 22.39
C THR B 385 -36.76 -59.31 22.99
N VAL B 386 -37.88 -58.73 23.42
CA VAL B 386 -39.02 -59.57 23.73
C VAL B 386 -39.43 -60.37 22.51
N LYS B 387 -39.26 -59.79 21.32
CA LYS B 387 -39.64 -60.48 20.10
C LYS B 387 -38.57 -61.48 19.67
N ASP B 388 -37.30 -61.09 19.74
CA ASP B 388 -36.19 -62.03 19.62
C ASP B 388 -35.38 -61.93 20.90
N SER B 389 -35.44 -62.94 21.75
CA SER B 389 -34.87 -62.85 23.08
C SER B 389 -33.42 -63.26 22.93
N ARG B 390 -32.53 -62.28 23.01
CA ARG B 390 -31.18 -62.43 22.47
C ARG B 390 -30.25 -61.40 23.09
N THR B 391 -28.97 -61.69 22.96
CA THR B 391 -27.92 -60.69 22.94
C THR B 391 -26.92 -61.08 21.87
N VAL B 392 -25.90 -60.25 21.72
CA VAL B 392 -24.68 -60.59 21.00
C VAL B 392 -23.53 -60.02 21.80
N TYR B 393 -22.34 -60.57 21.56
CA TYR B 393 -21.23 -60.36 22.47
C TYR B 393 -20.50 -59.09 22.07
N GLY B 394 -20.58 -58.07 22.93
CA GLY B 394 -20.14 -56.74 22.58
C GLY B 394 -18.70 -56.49 22.98
N GLY B 395 -18.42 -55.21 23.22
CA GLY B 395 -17.07 -54.79 23.53
C GLY B 395 -16.06 -55.29 22.53
N GLY B 396 -16.47 -55.48 21.29
CA GLY B 396 -15.62 -56.08 20.29
C GLY B 396 -15.70 -57.58 20.18
N CYS B 397 -16.32 -58.26 21.15
CA CYS B 397 -16.34 -59.72 21.11
C CYS B 397 -16.96 -60.22 19.81
N SER B 398 -18.14 -59.73 19.45
CA SER B 398 -18.68 -60.08 18.15
C SER B 398 -18.00 -59.29 17.05
N GLU B 399 -17.69 -58.01 17.31
CA GLU B 399 -16.96 -57.21 16.32
C GLU B 399 -15.73 -57.93 15.81
N MET B 400 -14.75 -58.12 16.69
CA MET B 400 -13.55 -58.85 16.33
C MET B 400 -13.90 -60.19 15.70
N LEU B 401 -14.89 -60.88 16.26
CA LEU B 401 -15.44 -62.09 15.67
C LEU B 401 -15.97 -61.84 14.27
N MET B 402 -17.01 -61.00 14.14
CA MET B 402 -17.54 -60.68 12.82
C MET B 402 -16.43 -60.24 11.88
N ALA B 403 -15.55 -59.36 12.37
CA ALA B 403 -14.38 -58.99 11.59
C ALA B 403 -13.59 -60.22 11.18
N HIS B 404 -13.27 -61.08 12.15
CA HIS B 404 -12.59 -62.34 11.84
C HIS B 404 -13.29 -63.08 10.71
N ALA B 405 -14.54 -63.48 10.92
CA ALA B 405 -15.31 -64.15 9.87
C ALA B 405 -15.23 -63.38 8.55
N VAL B 406 -15.33 -62.06 8.60
CA VAL B 406 -15.11 -61.28 7.40
C VAL B 406 -13.63 -61.31 7.00
N THR B 407 -12.73 -61.07 7.95
CA THR B 407 -11.31 -61.24 7.67
C THR B 407 -11.06 -62.62 7.08
N GLN B 408 -11.75 -63.62 7.58
CA GLN B 408 -11.81 -64.90 6.89
C GLN B 408 -12.33 -64.70 5.47
N LEU B 409 -13.52 -64.11 5.34
CA LEU B 409 -14.08 -63.91 4.01
C LEU B 409 -13.18 -63.03 3.17
N ALA B 410 -12.50 -62.08 3.82
CA ALA B 410 -11.46 -61.32 3.13
C ALA B 410 -10.29 -62.21 2.74
N ASN B 411 -10.16 -63.37 3.40
CA ASN B 411 -9.09 -64.31 3.06
C ASN B 411 -9.60 -65.46 2.18
N ARG B 412 -10.88 -65.42 1.79
CA ARG B 412 -11.48 -66.58 1.14
C ARG B 412 -11.87 -66.25 -0.30
N THR B 413 -12.70 -65.25 -0.49
CA THR B 413 -13.08 -64.60 -1.74
C THR B 413 -11.96 -63.94 -2.55
N PRO B 414 -10.83 -63.55 -1.93
CA PRO B 414 -10.36 -62.17 -2.05
C PRO B 414 -10.00 -61.64 -3.42
N GLY B 415 -10.98 -61.51 -4.33
CA GLY B 415 -10.80 -60.74 -5.51
C GLY B 415 -10.77 -59.25 -5.20
N LYS B 416 -11.01 -58.44 -6.23
CA LYS B 416 -11.25 -57.03 -5.97
C LYS B 416 -12.35 -56.85 -4.93
N GLU B 417 -13.24 -57.84 -4.82
CA GLU B 417 -14.23 -57.85 -3.77
C GLU B 417 -13.63 -57.79 -2.37
N ALA B 418 -12.76 -58.72 -2.00
CA ALA B 418 -12.30 -58.76 -0.62
C ALA B 418 -11.02 -57.96 -0.44
N VAL B 419 -10.53 -57.33 -1.50
CA VAL B 419 -9.68 -56.17 -1.31
C VAL B 419 -10.45 -55.14 -0.48
N ALA B 420 -11.77 -55.07 -0.71
CA ALA B 420 -12.63 -54.26 0.14
C ALA B 420 -13.00 -54.97 1.44
N MET B 421 -13.38 -56.25 1.36
CA MET B 421 -13.80 -56.98 2.55
C MET B 421 -12.75 -56.92 3.65
N GLU B 422 -11.47 -56.86 3.28
CA GLU B 422 -10.44 -56.49 4.23
C GLU B 422 -10.82 -55.21 4.96
N SER B 423 -10.81 -54.08 4.25
CA SER B 423 -11.15 -52.80 4.83
C SER B 423 -12.46 -52.86 5.61
N TYR B 424 -13.43 -53.63 5.09
CA TYR B 424 -14.67 -53.85 5.82
C TYR B 424 -14.39 -54.39 7.22
N ALA B 425 -13.78 -55.57 7.32
CA ALA B 425 -13.56 -56.21 8.61
C ALA B 425 -12.79 -55.31 9.56
N LYS B 426 -11.90 -54.48 9.03
CA LYS B 426 -11.07 -53.65 9.90
C LYS B 426 -11.90 -52.65 10.66
N ALA B 427 -12.88 -52.03 9.98
CA ALA B 427 -13.81 -51.16 10.68
C ALA B 427 -14.53 -51.92 11.79
N LEU B 428 -14.86 -53.19 11.55
CA LEU B 428 -15.43 -54.00 12.62
C LEU B 428 -14.49 -54.08 13.81
N ARG B 429 -13.19 -54.03 13.55
CA ARG B 429 -12.23 -54.03 14.64
C ARG B 429 -11.85 -52.60 15.07
N MET B 430 -12.34 -51.59 14.36
CA MET B 430 -12.02 -50.22 14.72
C MET B 430 -12.89 -49.69 15.85
N LEU B 431 -14.17 -50.03 15.90
CA LEU B 431 -14.95 -49.60 17.05
C LEU B 431 -14.35 -50.14 18.34
N PRO B 432 -13.95 -51.42 18.40
CA PRO B 432 -13.19 -51.88 19.58
C PRO B 432 -11.97 -51.03 19.86
N THR B 433 -11.38 -50.42 18.85
CA THR B 433 -10.31 -49.46 19.12
C THR B 433 -10.89 -48.22 19.78
N ILE B 434 -12.00 -47.70 19.24
CA ILE B 434 -12.50 -46.40 19.66
C ILE B 434 -12.87 -46.41 21.14
N ILE B 435 -13.48 -47.50 21.60
CA ILE B 435 -13.93 -47.56 22.98
C ILE B 435 -12.77 -47.50 23.96
N ALA B 436 -11.69 -48.25 23.68
CA ALA B 436 -10.48 -48.12 24.47
C ALA B 436 -9.87 -46.73 24.28
N ASP B 437 -10.06 -46.15 23.10
CA ASP B 437 -9.61 -44.80 22.85
C ASP B 437 -10.44 -43.80 23.65
N ASN B 438 -11.74 -44.04 23.76
CA ASN B 438 -12.56 -43.27 24.69
C ASN B 438 -11.98 -43.36 26.10
N ALA B 439 -11.48 -44.54 26.47
CA ALA B 439 -10.91 -44.74 27.79
C ALA B 439 -9.48 -44.23 27.86
N GLY B 440 -8.77 -44.24 26.73
CA GLY B 440 -7.36 -43.96 26.74
C GLY B 440 -6.46 -45.12 27.09
N TYR B 441 -6.80 -46.31 26.65
CA TYR B 441 -6.01 -47.52 26.85
C TYR B 441 -5.47 -47.98 25.50
N ASP B 442 -4.83 -49.14 25.49
CA ASP B 442 -4.18 -49.56 24.26
C ASP B 442 -5.17 -50.32 23.40
N SER B 443 -5.57 -49.67 22.31
CA SER B 443 -6.35 -50.36 21.29
C SER B 443 -5.45 -51.31 20.51
N ALA B 444 -4.25 -50.85 20.17
CA ALA B 444 -3.29 -51.70 19.48
C ALA B 444 -3.18 -53.06 20.15
N ASP B 445 -2.72 -53.08 21.40
CA ASP B 445 -2.63 -54.34 22.12
C ASP B 445 -3.99 -54.99 22.27
N LEU B 446 -4.88 -54.40 23.08
CA LEU B 446 -6.13 -55.05 23.47
C LEU B 446 -6.91 -55.58 22.28
N VAL B 447 -7.10 -54.75 21.24
CA VAL B 447 -7.78 -55.22 20.03
C VAL B 447 -7.03 -56.41 19.44
N ALA B 448 -5.75 -56.21 19.09
CA ALA B 448 -4.97 -57.33 18.57
C ALA B 448 -4.83 -58.44 19.60
N GLN B 449 -4.97 -58.10 20.89
CA GLN B 449 -5.18 -59.13 21.90
C GLN B 449 -6.56 -59.76 21.74
N LEU B 450 -7.61 -58.94 21.65
CA LEU B 450 -8.93 -59.50 21.40
C LEU B 450 -9.00 -60.09 20.00
N ARG B 451 -8.13 -59.63 19.09
CA ARG B 451 -7.94 -60.37 17.85
C ARG B 451 -7.16 -61.65 18.12
N ALA B 452 -6.07 -61.56 18.89
CA ALA B 452 -5.43 -62.77 19.39
C ALA B 452 -6.44 -63.61 20.16
N ALA B 453 -7.48 -62.97 20.70
CA ALA B 453 -8.60 -63.73 21.24
C ALA B 453 -9.47 -64.25 20.11
N HIS B 454 -9.77 -63.41 19.11
CA HIS B 454 -10.73 -63.81 18.09
C HIS B 454 -10.08 -64.35 16.82
N SER B 455 -8.75 -64.32 16.73
CA SER B 455 -8.11 -65.07 15.65
C SER B 455 -8.43 -66.55 15.76
N GLU B 456 -7.95 -67.20 16.82
CA GLU B 456 -8.47 -68.50 17.23
C GLU B 456 -9.99 -68.46 17.37
N GLY B 457 -10.53 -67.28 17.64
CA GLY B 457 -11.90 -67.02 17.97
C GLY B 457 -12.03 -67.03 19.47
N ASN B 458 -12.71 -66.02 20.00
CA ASN B 458 -13.14 -66.01 21.38
C ASN B 458 -14.53 -65.44 21.41
N THR B 459 -15.51 -66.28 21.72
CA THR B 459 -16.87 -65.80 21.71
C THR B 459 -17.29 -65.36 23.11
N THR B 460 -16.44 -65.63 24.09
CA THR B 460 -16.75 -65.42 25.50
C THR B 460 -16.21 -64.12 26.06
N ALA B 461 -15.45 -63.34 25.29
CA ALA B 461 -14.70 -62.27 25.90
C ALA B 461 -14.58 -61.07 24.98
N GLY B 462 -14.49 -59.90 25.58
CA GLY B 462 -14.33 -58.64 24.87
C GLY B 462 -13.52 -57.68 25.71
N LEU B 463 -13.24 -56.50 25.17
CA LEU B 463 -12.39 -55.53 25.84
C LEU B 463 -13.25 -54.63 26.69
N ASP B 464 -13.05 -54.67 28.01
CA ASP B 464 -13.87 -53.89 28.92
C ASP B 464 -13.21 -52.53 29.15
N MET B 465 -13.82 -51.48 28.59
CA MET B 465 -13.36 -50.12 28.78
C MET B 465 -13.68 -49.60 30.17
N ARG B 466 -14.76 -50.12 30.78
CA ARG B 466 -14.95 -49.93 32.21
C ARG B 466 -13.74 -50.39 33.00
N GLU B 467 -13.40 -51.68 32.91
CA GLU B 467 -12.21 -52.24 33.52
C GLU B 467 -10.92 -51.68 32.97
N GLY B 468 -10.91 -51.28 31.70
CA GLY B 468 -9.67 -51.02 31.01
C GLY B 468 -8.99 -52.24 30.47
N THR B 469 -9.46 -53.43 30.82
CA THR B 469 -8.85 -54.69 30.42
C THR B 469 -9.90 -55.55 29.74
N ILE B 470 -9.42 -56.58 29.03
CA ILE B 470 -10.29 -57.52 28.34
C ILE B 470 -11.21 -58.18 29.37
N GLY B 471 -12.42 -58.52 28.94
CA GLY B 471 -13.41 -59.05 29.85
C GLY B 471 -14.41 -59.96 29.15
N ASP B 472 -15.04 -60.80 29.96
CA ASP B 472 -16.02 -61.76 29.47
C ASP B 472 -17.13 -61.11 28.68
N MET B 473 -17.55 -61.78 27.60
CA MET B 473 -18.91 -61.63 27.12
C MET B 473 -19.59 -62.99 27.24
N ALA B 474 -20.25 -63.21 28.37
CA ALA B 474 -21.22 -64.29 28.56
C ALA B 474 -22.63 -63.72 28.67
N ILE B 475 -22.77 -62.42 28.45
CA ILE B 475 -23.52 -61.52 29.32
C ILE B 475 -22.73 -61.46 30.62
N LEU B 476 -21.60 -60.77 30.56
CA LEU B 476 -20.90 -60.29 31.75
C LEU B 476 -21.59 -59.00 32.16
N GLY B 477 -22.63 -58.64 31.41
CA GLY B 477 -23.31 -57.38 31.56
C GLY B 477 -22.98 -56.36 30.49
N ILE B 478 -21.85 -56.51 29.81
CA ILE B 478 -21.45 -55.65 28.70
C ILE B 478 -21.87 -56.31 27.39
N THR B 479 -22.40 -57.52 27.47
CA THR B 479 -22.96 -58.18 26.30
C THR B 479 -24.32 -57.59 25.96
N GLU B 480 -24.48 -57.18 24.71
CA GLU B 480 -25.60 -56.34 24.32
C GLU B 480 -26.50 -57.07 23.33
N SER B 481 -27.75 -56.61 23.26
CA SER B 481 -28.78 -57.35 22.54
C SER B 481 -28.41 -57.51 21.07
N PHE B 482 -28.80 -58.67 20.53
CA PHE B 482 -28.71 -58.89 19.09
C PHE B 482 -29.52 -57.85 18.33
N GLN B 483 -30.55 -57.29 18.97
CA GLN B 483 -31.42 -56.31 18.32
C GLN B 483 -30.62 -55.12 17.80
N VAL B 484 -29.89 -54.45 18.69
CA VAL B 484 -29.18 -53.23 18.32
C VAL B 484 -28.00 -53.55 17.44
N LYS B 485 -27.16 -54.49 17.88
CA LYS B 485 -25.85 -54.66 17.27
C LYS B 485 -25.97 -55.28 15.88
N ARG B 486 -27.14 -55.83 15.55
CA ARG B 486 -27.38 -56.22 14.16
C ARG B 486 -27.77 -55.00 13.34
N GLN B 487 -28.60 -54.13 13.90
CA GLN B 487 -29.17 -53.03 13.14
C GLN B 487 -28.19 -51.87 13.06
N VAL B 488 -27.42 -51.62 14.12
CA VAL B 488 -26.31 -50.68 14.01
C VAL B 488 -25.39 -51.09 12.88
N LEU B 489 -25.15 -52.40 12.76
CA LEU B 489 -24.41 -52.92 11.61
C LEU B 489 -25.17 -52.65 10.31
N LEU B 490 -26.50 -52.78 10.35
CA LEU B 490 -27.31 -52.54 9.17
C LEU B 490 -27.06 -51.18 8.57
N SER B 491 -27.47 -50.13 9.28
CA SER B 491 -27.78 -48.88 8.60
C SER B 491 -26.54 -48.24 8.00
N ALA B 492 -25.44 -48.20 8.75
CA ALA B 492 -24.26 -47.51 8.25
C ALA B 492 -23.57 -48.31 7.15
N ALA B 493 -23.70 -49.64 7.18
CA ALA B 493 -23.21 -50.45 6.07
C ALA B 493 -23.81 -49.98 4.76
N GLU B 494 -25.13 -49.74 4.76
CA GLU B 494 -25.77 -49.05 3.65
C GLU B 494 -25.06 -47.74 3.31
N ALA B 495 -25.05 -46.79 4.25
CA ALA B 495 -24.80 -45.39 3.90
C ALA B 495 -23.43 -45.21 3.27
N ALA B 496 -22.40 -45.83 3.86
CA ALA B 496 -21.06 -45.72 3.30
C ALA B 496 -21.04 -46.00 1.82
N GLU B 497 -21.41 -47.22 1.42
CA GLU B 497 -21.49 -47.54 0.01
C GLU B 497 -22.44 -46.62 -0.74
N VAL B 498 -23.48 -46.14 -0.06
CA VAL B 498 -24.37 -45.17 -0.68
C VAL B 498 -23.67 -43.82 -0.81
N ILE B 499 -22.88 -43.43 0.19
CA ILE B 499 -22.01 -42.29 0.01
C ILE B 499 -21.06 -42.51 -1.16
N LEU B 500 -20.52 -43.72 -1.28
CA LEU B 500 -19.81 -44.10 -2.49
C LEU B 500 -20.67 -43.90 -3.72
N ARG B 501 -21.99 -44.13 -3.61
CA ARG B 501 -22.82 -44.13 -4.80
C ARG B 501 -22.90 -42.78 -5.48
N VAL B 502 -22.88 -41.67 -4.75
CA VAL B 502 -22.81 -40.37 -5.40
C VAL B 502 -21.34 -39.99 -5.53
N ASP B 503 -20.83 -40.14 -6.73
CA ASP B 503 -19.66 -39.44 -7.22
C ASP B 503 -20.13 -38.08 -7.67
N ASN B 504 -21.21 -38.11 -8.46
CA ASN B 504 -21.83 -36.93 -9.00
C ASN B 504 -22.64 -36.27 -7.88
N ILE B 505 -22.30 -35.03 -7.62
CA ILE B 505 -23.07 -34.18 -6.72
C ILE B 505 -23.26 -32.85 -7.41
N ILE B 506 -24.50 -32.38 -7.49
CA ILE B 506 -24.75 -31.10 -8.14
C ILE B 506 -25.37 -30.19 -7.09
N LYS B 507 -24.61 -29.18 -6.68
CA LYS B 507 -25.02 -28.31 -5.59
C LYS B 507 -25.37 -26.94 -6.14
N ALA B 508 -26.66 -26.61 -6.09
CA ALA B 508 -27.18 -25.41 -6.73
C ALA B 508 -27.27 -24.21 -5.79
N ALA B 509 -26.82 -24.35 -4.55
CA ALA B 509 -26.74 -23.19 -3.67
C ALA B 509 -25.60 -22.28 -4.11
N ARG C 4 -2.56 19.06 29.51
CA ARG C 4 -1.65 19.13 30.65
C ARG C 4 -0.23 19.45 30.18
N GLU C 5 0.08 20.74 30.09
CA GLU C 5 1.39 21.23 29.68
C GLU C 5 1.95 22.11 30.79
N SER C 6 3.28 22.12 30.95
CA SER C 6 3.87 22.72 32.14
C SER C 6 5.30 23.15 31.90
N GLY C 7 5.78 24.01 32.81
CA GLY C 7 7.21 24.16 33.04
C GLY C 7 7.96 24.98 32.01
N ARG C 8 9.28 24.75 31.96
CA ARG C 8 10.18 25.49 31.08
C ARG C 8 9.62 25.61 29.68
N LYS C 9 9.19 24.48 29.12
CA LYS C 9 8.57 24.48 27.80
C LYS C 9 7.44 25.49 27.73
N VAL C 10 6.49 25.40 28.65
CA VAL C 10 5.48 26.44 28.77
C VAL C 10 6.12 27.78 29.05
N GLN C 11 7.01 27.84 30.05
CA GLN C 11 7.68 29.09 30.36
C GLN C 11 8.36 29.70 29.14
N SER C 12 8.95 28.87 28.29
CA SER C 12 9.40 29.36 26.99
C SER C 12 8.22 29.56 26.04
N GLY C 13 7.27 28.62 26.06
CA GLY C 13 6.09 28.79 25.22
C GLY C 13 5.29 30.03 25.57
N ASN C 14 5.24 30.37 26.86
CA ASN C 14 4.63 31.64 27.26
C ASN C 14 5.25 32.80 26.50
N ILE C 15 6.57 32.90 26.53
CA ILE C 15 7.27 33.89 25.72
C ILE C 15 6.89 33.71 24.26
N ASN C 16 7.07 32.49 23.75
CA ASN C 16 6.78 32.22 22.34
C ASN C 16 5.37 32.63 21.99
N ALA C 17 4.41 32.28 22.84
CA ALA C 17 3.06 32.83 22.69
C ALA C 17 3.09 34.35 22.73
N ALA C 18 3.43 34.92 23.89
CA ALA C 18 3.34 36.36 24.07
C ALA C 18 4.21 37.13 23.09
N LYS C 19 5.48 36.75 22.97
CA LYS C 19 6.43 37.56 22.22
C LYS C 19 6.13 37.58 20.73
N THR C 20 5.69 36.45 20.15
CA THR C 20 5.46 36.43 18.72
C THR C 20 4.40 37.45 18.31
N ILE C 21 3.49 37.79 19.22
CA ILE C 21 2.53 38.84 18.95
C ILE C 21 3.24 40.14 18.63
N ALA C 22 3.96 40.68 19.61
CA ALA C 22 4.29 42.10 19.64
C ALA C 22 5.17 42.50 18.46
N ASP C 23 5.72 41.53 17.74
CA ASP C 23 6.79 41.80 16.78
C ASP C 23 6.43 42.94 15.84
N ILE C 24 5.49 42.70 14.92
CA ILE C 24 5.06 43.79 14.06
C ILE C 24 4.21 44.77 14.86
N ILE C 25 3.60 44.29 15.95
CA ILE C 25 2.77 45.14 16.79
C ILE C 25 3.57 46.29 17.37
N ARG C 26 4.87 46.10 17.59
CA ARG C 26 5.69 47.21 18.06
C ARG C 26 6.01 48.17 16.92
N THR C 27 6.28 47.63 15.73
CA THR C 27 6.35 48.49 14.56
C THR C 27 5.06 49.27 14.38
N CYS C 28 3.92 48.64 14.68
CA CYS C 28 2.64 49.33 14.64
C CYS C 28 2.62 50.52 15.61
N LEU C 29 3.33 50.42 16.73
CA LEU C 29 3.41 51.54 17.66
C LEU C 29 3.98 52.77 16.99
N GLY C 30 3.46 53.94 17.37
CA GLY C 30 3.86 55.19 16.78
C GLY C 30 3.13 55.45 15.48
N PRO C 31 3.02 56.73 15.10
CA PRO C 31 2.40 57.06 13.82
C PRO C 31 3.12 56.44 12.63
N LYS C 32 4.45 56.46 12.61
CA LYS C 32 5.17 55.49 11.81
C LYS C 32 4.79 54.10 12.30
N SER C 33 4.23 53.31 11.41
CA SER C 33 3.67 52.04 11.80
C SER C 33 3.72 51.10 10.61
N MET C 34 3.92 49.81 10.91
CA MET C 34 3.88 48.80 9.87
C MET C 34 2.64 47.97 10.13
N MET C 35 1.62 48.15 9.31
CA MET C 35 0.38 47.41 9.47
C MET C 35 0.66 45.94 9.25
N LYS C 36 0.04 45.09 10.07
CA LYS C 36 0.02 43.68 9.75
C LYS C 36 -1.06 43.46 8.70
N MET C 37 -0.72 42.70 7.67
CA MET C 37 -1.71 42.12 6.81
C MET C 37 -2.32 40.91 7.50
N LEU C 38 -3.62 40.94 7.72
CA LEU C 38 -4.35 39.74 8.12
C LEU C 38 -5.24 39.32 6.98
N LEU C 39 -4.83 38.28 6.27
CA LEU C 39 -5.68 37.59 5.32
C LEU C 39 -6.63 36.73 6.12
N ASP C 40 -7.69 36.30 5.51
CA ASP C 40 -8.53 35.35 6.21
C ASP C 40 -8.49 34.01 5.51
N PRO C 41 -8.77 32.93 6.23
CA PRO C 41 -9.17 31.70 5.53
C PRO C 41 -10.32 31.94 4.57
N MET C 42 -11.23 32.84 4.92
CA MET C 42 -12.14 33.44 3.96
C MET C 42 -11.42 34.22 2.87
N GLY C 43 -10.32 34.89 3.22
CA GLY C 43 -9.64 35.76 2.29
C GLY C 43 -9.76 37.25 2.58
N GLY C 44 -10.49 37.62 3.63
CA GLY C 44 -10.57 39.03 3.99
C GLY C 44 -9.24 39.57 4.45
N ILE C 45 -8.80 40.67 3.83
CA ILE C 45 -7.47 41.23 4.10
C ILE C 45 -7.62 42.34 5.12
N VAL C 46 -6.72 42.38 6.09
CA VAL C 46 -6.77 43.35 7.17
C VAL C 46 -5.41 44.00 7.33
N MET C 47 -5.36 45.31 7.14
CA MET C 47 -4.18 46.12 7.43
C MET C 47 -4.46 46.98 8.66
N THR C 48 -3.84 46.63 9.78
CA THR C 48 -4.13 47.30 11.04
C THR C 48 -2.87 47.41 11.88
N ASN C 49 -2.73 48.55 12.54
CA ASN C 49 -1.66 48.77 13.52
C ASN C 49 -2.17 48.58 14.94
N ASP C 50 -3.43 48.22 15.10
CA ASP C 50 -4.09 48.22 16.40
C ASP C 50 -4.30 46.78 16.86
N GLY C 51 -3.67 46.42 17.97
CA GLY C 51 -3.72 45.04 18.43
C GLY C 51 -5.12 44.56 18.76
N ASN C 52 -5.90 45.40 19.45
CA ASN C 52 -7.24 45.00 19.85
C ASN C 52 -8.01 44.40 18.68
N ALA C 53 -7.88 45.00 17.50
CA ALA C 53 -8.39 44.36 16.30
C ALA C 53 -7.56 43.14 15.94
N ILE C 54 -6.23 43.30 15.99
CA ILE C 54 -5.34 42.20 15.62
C ILE C 54 -5.54 41.01 16.55
N LEU C 55 -5.76 41.29 17.84
CA LEU C 55 -5.85 40.21 18.82
C LEU C 55 -7.06 39.31 18.55
N ARG C 56 -8.23 39.91 18.36
CA ARG C 56 -9.44 39.13 18.13
C ARG C 56 -9.32 38.28 16.87
N GLU C 57 -8.76 38.84 15.82
CA GLU C 57 -8.90 38.25 14.49
C GLU C 57 -7.98 37.04 14.33
N ILE C 58 -6.94 36.95 15.14
CA ILE C 58 -5.90 35.95 14.89
C ILE C 58 -6.21 34.66 15.64
N GLN C 59 -5.87 33.54 15.01
CA GLN C 59 -5.84 32.28 15.72
C GLN C 59 -4.92 32.37 16.92
N VAL C 60 -5.42 32.02 18.07
CA VAL C 60 -4.62 32.01 19.28
C VAL C 60 -4.04 30.61 19.47
N GLN C 61 -2.72 30.53 19.33
CA GLN C 61 -2.02 29.25 19.37
C GLN C 61 -1.82 28.72 20.79
N HIS C 62 -1.97 29.53 21.82
CA HIS C 62 -1.56 29.17 23.16
C HIS C 62 -2.53 29.82 24.14
N PRO C 63 -2.81 29.18 25.27
CA PRO C 63 -3.68 29.81 26.27
C PRO C 63 -3.08 31.08 26.85
N ALA C 64 -1.76 31.24 26.81
CA ALA C 64 -1.16 32.50 27.22
C ALA C 64 -1.62 33.64 26.33
N ALA C 65 -1.66 33.40 25.01
CA ALA C 65 -2.26 34.37 24.11
C ALA C 65 -3.69 34.69 24.53
N LYS C 66 -4.48 33.67 24.86
CA LYS C 66 -5.77 33.91 25.49
C LYS C 66 -5.62 34.78 26.72
N SER C 67 -4.61 34.50 27.55
CA SER C 67 -4.33 35.37 28.69
C SER C 67 -3.79 36.72 28.25
N MET C 68 -2.96 36.73 27.18
CA MET C 68 -2.48 37.99 26.64
C MET C 68 -3.64 38.90 26.26
N ILE C 69 -4.65 38.35 25.61
CA ILE C 69 -5.83 39.11 25.25
C ILE C 69 -6.41 39.80 26.48
N GLU C 70 -6.48 39.08 27.60
CA GLU C 70 -7.12 39.60 28.80
C GLU C 70 -6.58 40.95 29.20
N ILE C 71 -5.28 41.05 29.45
CA ILE C 71 -4.72 42.31 29.94
C ILE C 71 -4.70 43.39 28.87
N SER C 72 -4.68 43.02 27.59
CA SER C 72 -4.88 44.03 26.56
C SER C 72 -6.33 44.51 26.58
N ARG C 73 -7.29 43.60 26.66
CA ARG C 73 -8.67 44.00 26.89
C ARG C 73 -8.79 44.77 28.20
N THR C 74 -8.03 44.35 29.21
CA THR C 74 -8.01 45.09 30.46
C THR C 74 -7.69 46.56 30.23
N GLN C 75 -6.49 46.85 29.71
CA GLN C 75 -6.14 48.23 29.41
C GLN C 75 -7.11 48.85 28.41
N ASP C 76 -7.52 48.07 27.40
CA ASP C 76 -8.53 48.55 26.48
C ASP C 76 -9.81 48.90 27.24
N GLU C 77 -10.11 48.16 28.30
CA GLU C 77 -11.17 48.55 29.21
C GLU C 77 -10.69 49.58 30.21
N GLU C 78 -9.49 49.39 30.77
CA GLU C 78 -8.89 50.32 31.72
C GLU C 78 -8.87 51.75 31.18
N VAL C 79 -8.24 51.94 30.02
CA VAL C 79 -8.28 53.23 29.34
C VAL C 79 -8.70 53.02 27.89
N GLY C 80 -7.90 52.24 27.16
CA GLY C 80 -8.07 52.15 25.72
C GLY C 80 -6.93 52.85 25.01
N ASP C 81 -6.07 53.52 25.80
CA ASP C 81 -4.90 54.19 25.30
C ASP C 81 -3.68 53.34 25.61
N GLY C 82 -2.84 53.12 24.59
CA GLY C 82 -1.67 52.29 24.77
C GLY C 82 -1.97 50.82 24.94
N THR C 83 -3.15 50.37 24.52
CA THR C 83 -3.48 48.95 24.56
C THR C 83 -2.43 48.13 23.83
N THR C 84 -1.93 48.67 22.70
CA THR C 84 -0.85 48.01 21.99
C THR C 84 0.38 47.86 22.87
N SER C 85 0.56 48.77 23.82
CA SER C 85 1.83 48.83 24.53
C SER C 85 1.86 47.91 25.75
N VAL C 86 0.71 47.34 26.14
CA VAL C 86 0.66 46.59 27.39
C VAL C 86 1.24 45.21 27.22
N ILE C 87 1.18 44.68 25.99
CA ILE C 87 1.68 43.35 25.74
C ILE C 87 3.13 43.42 25.32
N ILE C 88 3.64 44.64 25.21
CA ILE C 88 5.00 44.84 24.73
C ILE C 88 6.02 44.39 25.77
N LEU C 89 5.94 44.97 26.96
CA LEU C 89 7.01 44.73 27.92
C LEU C 89 6.69 43.54 28.81
N ALA C 90 5.46 43.01 28.70
CA ALA C 90 5.14 41.78 29.41
C ALA C 90 5.94 40.62 28.85
N GLY C 91 5.95 40.45 27.53
CA GLY C 91 6.79 39.44 26.93
C GLY C 91 8.26 39.68 27.22
N GLU C 92 8.71 40.93 27.07
CA GLU C 92 10.10 41.31 27.31
C GLU C 92 10.65 40.77 28.62
N MET C 93 10.06 41.16 29.75
CA MET C 93 10.47 40.62 31.05
C MET C 93 10.66 39.12 30.96
N LEU C 94 9.58 38.40 30.65
CA LEU C 94 9.69 37.00 30.29
C LEU C 94 10.78 36.78 29.26
N SER C 95 10.63 37.35 28.07
CA SER C 95 11.53 37.04 26.95
C SER C 95 12.99 37.16 27.37
N VAL C 96 13.38 38.33 27.89
CA VAL C 96 14.78 38.58 28.19
C VAL C 96 15.31 37.57 29.20
N ALA C 97 14.87 37.67 30.45
CA ALA C 97 15.53 36.95 31.53
C ALA C 97 15.08 35.50 31.64
N GLU C 98 13.79 35.25 31.43
CA GLU C 98 13.11 34.12 32.06
C GLU C 98 13.93 32.84 31.98
N HIS C 99 14.20 32.36 30.77
CA HIS C 99 14.94 31.12 30.60
C HIS C 99 16.21 31.09 31.44
N PHE C 100 16.99 32.18 31.43
CA PHE C 100 18.17 32.26 32.28
C PHE C 100 17.84 31.95 33.72
N LEU C 101 17.03 32.81 34.34
CA LEU C 101 16.85 32.78 35.79
C LEU C 101 16.02 31.59 36.29
N GLU C 102 15.27 30.92 35.41
CA GLU C 102 14.72 29.62 35.79
C GLU C 102 15.74 28.51 35.55
N GLN C 103 16.58 28.63 34.52
CA GLN C 103 17.79 27.83 34.48
C GLN C 103 18.71 28.19 35.63
N GLN C 104 18.70 29.46 36.01
CA GLN C 104 19.34 29.90 37.24
C GLN C 104 18.36 29.76 38.40
N MET C 105 17.22 29.12 38.13
CA MET C 105 16.29 28.58 39.11
C MET C 105 15.63 29.62 40.02
N HIS C 106 14.61 30.28 39.49
CA HIS C 106 13.57 30.89 40.32
C HIS C 106 12.48 31.52 39.48
N PRO C 107 11.23 31.27 39.79
CA PRO C 107 10.15 32.17 39.37
C PRO C 107 10.20 33.48 40.14
N THR C 108 10.45 33.36 41.44
CA THR C 108 10.06 34.42 42.37
C THR C 108 11.02 35.61 42.32
N VAL C 109 12.32 35.34 42.27
CA VAL C 109 13.31 36.42 42.29
C VAL C 109 13.03 37.42 41.18
N VAL C 110 12.61 36.93 40.01
CA VAL C 110 12.09 37.85 39.00
C VAL C 110 10.73 38.39 39.42
N ILE C 111 9.85 37.50 39.89
CA ILE C 111 8.52 37.93 40.30
C ILE C 111 8.62 39.03 41.35
N SER C 112 9.53 38.86 42.31
CA SER C 112 9.74 39.91 43.29
C SER C 112 10.40 41.12 42.64
N ALA C 113 11.20 40.91 41.61
CA ALA C 113 11.90 42.01 40.98
C ALA C 113 11.02 42.69 39.93
N TYR C 114 9.80 42.21 39.75
CA TYR C 114 8.83 42.94 38.95
C TYR C 114 8.39 44.21 39.66
N ARG C 115 7.95 44.07 40.92
CA ARG C 115 7.49 45.21 41.68
C ARG C 115 8.60 46.22 41.90
N LYS C 116 9.76 45.76 42.35
CA LYS C 116 10.81 46.68 42.74
C LYS C 116 11.32 47.46 41.53
N ALA C 117 11.35 46.82 40.36
CA ALA C 117 11.57 47.60 39.15
C ALA C 117 10.39 48.52 38.87
N LEU C 118 9.17 48.06 39.16
CA LEU C 118 7.96 48.81 38.85
C LEU C 118 7.98 50.19 39.50
N ASP C 119 7.93 50.24 40.83
CA ASP C 119 7.88 51.51 41.54
C ASP C 119 9.07 52.42 41.23
N ASP C 120 10.24 51.84 40.95
CA ASP C 120 11.38 52.64 40.55
C ASP C 120 11.02 53.55 39.38
N MET C 121 10.40 52.99 38.34
CA MET C 121 9.89 53.82 37.26
C MET C 121 8.89 54.83 37.79
N ILE C 122 7.84 54.36 38.47
CA ILE C 122 6.87 55.26 39.08
C ILE C 122 7.56 56.34 39.88
N SER C 123 8.54 55.96 40.70
CA SER C 123 9.32 56.97 41.41
C SER C 123 10.08 57.85 40.44
N THR C 124 10.79 57.23 39.49
CA THR C 124 11.49 58.01 38.47
C THR C 124 10.52 58.81 37.63
N LEU C 125 9.35 58.24 37.33
CA LEU C 125 8.35 58.97 36.56
C LEU C 125 8.00 60.29 37.22
N LYS C 126 7.53 60.24 38.47
CA LYS C 126 7.02 61.43 39.13
C LYS C 126 8.06 62.54 39.17
N LYS C 127 9.34 62.19 39.07
CA LYS C 127 10.36 63.19 38.84
C LYS C 127 10.33 63.68 37.39
N ILE C 128 10.40 62.75 36.44
CA ILE C 128 10.41 63.15 35.03
C ILE C 128 9.00 63.49 34.56
N SER C 129 7.98 62.93 35.20
CA SER C 129 6.63 63.40 34.97
C SER C 129 6.46 64.72 35.69
N ILE C 130 6.16 65.76 34.92
CA ILE C 130 6.13 67.09 35.51
C ILE C 130 4.70 67.59 35.40
N PRO C 131 4.20 68.31 36.40
CA PRO C 131 2.78 68.67 36.40
C PRO C 131 2.37 69.50 35.21
N VAL C 132 1.07 69.56 35.01
CA VAL C 132 0.42 70.20 33.88
C VAL C 132 -0.47 71.30 34.41
N ASP C 133 -0.82 72.25 33.55
CA ASP C 133 -1.92 73.15 33.82
C ASP C 133 -3.18 72.54 33.25
N ILE C 134 -4.07 72.08 34.13
CA ILE C 134 -5.45 71.85 33.74
C ILE C 134 -6.24 73.14 33.74
N SER C 135 -5.82 74.12 34.55
CA SER C 135 -6.26 75.49 34.41
C SER C 135 -6.10 75.99 32.98
N ASP C 136 -4.99 75.66 32.33
CA ASP C 136 -4.81 75.95 30.91
C ASP C 136 -5.29 74.75 30.12
N SER C 137 -6.41 74.92 29.42
CA SER C 137 -6.91 73.86 28.55
C SER C 137 -5.89 73.53 27.46
N ASP C 138 -5.12 74.53 27.02
CA ASP C 138 -4.16 74.30 25.95
C ASP C 138 -2.92 73.58 26.46
N MET C 139 -2.48 73.92 27.67
CA MET C 139 -1.46 73.11 28.33
C MET C 139 -1.87 71.65 28.34
N MET C 140 -3.17 71.40 28.48
CA MET C 140 -3.74 70.09 28.19
C MET C 140 -3.90 69.86 26.69
N LEU C 141 -4.44 70.85 25.98
CA LEU C 141 -4.82 70.66 24.59
C LEU C 141 -3.61 70.24 23.75
N ASN C 142 -2.47 70.90 23.93
CA ASN C 142 -1.27 70.51 23.21
C ASN C 142 -0.96 69.03 23.35
N ILE C 143 -1.04 68.48 24.56
CA ILE C 143 -0.98 67.02 24.71
C ILE C 143 -2.15 66.37 24.02
N ILE C 144 -3.37 66.88 24.27
CA ILE C 144 -4.53 66.36 23.57
C ILE C 144 -4.34 66.49 22.06
N ASN C 145 -3.78 67.62 21.62
CA ASN C 145 -3.35 67.73 20.23
C ASN C 145 -2.26 66.72 19.92
N SER C 146 -1.27 66.59 20.81
CA SER C 146 -0.30 65.52 20.67
C SER C 146 -0.98 64.17 20.74
N SER C 147 -2.12 64.10 21.42
CA SER C 147 -2.84 62.84 21.52
C SER C 147 -3.70 62.57 20.29
N ILE C 148 -4.29 63.60 19.69
CA ILE C 148 -5.10 63.38 18.50
C ILE C 148 -4.21 63.27 17.27
N THR C 149 -3.00 63.82 17.33
CA THR C 149 -2.03 63.49 16.30
C THR C 149 -1.40 62.14 16.54
N THR C 150 -1.46 61.64 17.79
CA THR C 150 -1.24 60.22 18.03
C THR C 150 -2.36 59.41 17.39
N LYS C 151 -3.58 59.90 17.48
CA LYS C 151 -4.69 59.39 16.69
C LYS C 151 -4.69 59.94 15.28
N ALA C 152 -3.79 60.88 14.99
CA ALA C 152 -3.48 61.34 13.64
C ALA C 152 -4.67 61.94 12.92
N ILE C 153 -5.65 62.44 13.66
CA ILE C 153 -6.65 63.34 13.11
C ILE C 153 -6.49 64.68 13.81
N SER C 154 -5.89 65.65 13.11
CA SER C 154 -5.82 67.03 13.58
C SER C 154 -6.87 67.90 12.89
N ARG C 155 -7.65 67.30 12.00
CA ARG C 155 -8.60 68.02 11.18
C ARG C 155 -9.86 68.34 11.96
N TRP C 156 -10.69 67.32 12.18
CA TRP C 156 -11.86 67.46 13.02
C TRP C 156 -11.56 67.28 14.51
N SER C 157 -10.61 66.40 14.86
CA SER C 157 -10.48 65.99 16.24
C SER C 157 -9.77 67.06 17.07
N SER C 158 -9.07 67.99 16.41
CA SER C 158 -8.55 69.15 17.13
C SER C 158 -9.68 69.94 17.76
N LEU C 159 -10.86 69.87 17.14
CA LEU C 159 -12.07 70.38 17.77
C LEU C 159 -12.59 69.37 18.79
N ALA C 160 -12.60 68.08 18.45
CA ALA C 160 -12.89 67.05 19.43
C ALA C 160 -12.00 67.17 20.64
N CYS C 161 -10.74 67.59 20.45
CA CYS C 161 -9.92 68.00 21.56
C CYS C 161 -10.68 68.95 22.49
N ASN C 162 -11.00 70.15 22.01
CA ASN C 162 -11.71 71.13 22.82
C ASN C 162 -13.00 70.57 23.38
N ILE C 163 -13.85 70.02 22.51
CA ILE C 163 -15.15 69.54 22.95
C ILE C 163 -15.00 68.51 24.07
N ALA C 164 -14.18 67.48 23.84
CA ALA C 164 -13.84 66.57 24.94
C ALA C 164 -13.25 67.34 26.12
N LEU C 165 -12.11 67.99 25.89
CA LEU C 165 -11.45 68.77 26.95
C LEU C 165 -12.45 69.62 27.72
N ASP C 166 -13.12 70.55 27.04
CA ASP C 166 -14.15 71.35 27.69
C ASP C 166 -15.15 70.45 28.42
N ALA C 167 -15.57 69.36 27.79
CA ALA C 167 -16.45 68.41 28.47
C ALA C 167 -15.73 67.71 29.61
N VAL C 168 -14.53 67.20 29.34
CA VAL C 168 -13.84 66.40 30.35
C VAL C 168 -13.51 67.26 31.55
N LYS C 169 -13.13 68.51 31.33
CA LYS C 169 -12.99 69.44 32.44
C LYS C 169 -14.31 69.59 33.19
N MET C 170 -15.42 69.54 32.46
CA MET C 170 -16.73 69.56 33.09
C MET C 170 -17.15 68.21 33.62
N VAL C 171 -16.90 67.13 32.87
CA VAL C 171 -17.23 65.81 33.39
C VAL C 171 -16.20 65.46 34.44
N GLN C 172 -15.20 66.33 34.61
CA GLN C 172 -14.30 66.19 35.73
C GLN C 172 -15.07 66.49 37.01
N PHE C 173 -15.18 65.46 37.85
CA PHE C 173 -15.60 65.53 39.23
C PHE C 173 -15.72 64.08 39.66
N GLU C 174 -15.66 63.81 40.95
CA GLU C 174 -16.21 62.61 41.56
C GLU C 174 -15.79 62.63 43.01
N GLU C 175 -16.52 61.96 43.88
CA GLU C 175 -16.12 61.86 45.27
C GLU C 175 -16.36 60.46 45.78
N ASN C 176 -15.28 59.78 46.10
CA ASN C 176 -15.31 58.61 46.98
C ASN C 176 -14.92 58.94 48.41
N GLY C 177 -14.71 60.21 48.74
CA GLY C 177 -13.99 60.62 49.94
C GLY C 177 -12.51 60.71 49.71
N ARG C 178 -12.01 59.96 48.73
CA ARG C 178 -10.71 60.16 48.12
C ARG C 178 -10.81 61.06 46.89
N LYS C 179 -12.02 61.39 46.45
CA LYS C 179 -12.35 62.35 45.41
C LYS C 179 -11.65 62.05 44.08
N GLU C 180 -12.15 61.04 43.36
CA GLU C 180 -11.72 60.76 42.00
C GLU C 180 -11.86 62.03 41.16
N ILE C 181 -10.89 62.24 40.28
CA ILE C 181 -10.75 63.52 39.60
C ILE C 181 -11.82 63.63 38.51
N ASP C 182 -11.65 62.89 37.43
CA ASP C 182 -12.67 62.81 36.38
C ASP C 182 -13.80 61.90 36.84
N ILE C 183 -14.92 62.00 36.14
CA ILE C 183 -15.82 60.87 36.03
C ILE C 183 -16.24 60.73 34.56
N LYS C 184 -15.88 59.61 33.94
CA LYS C 184 -16.30 59.36 32.57
C LYS C 184 -17.73 58.84 32.47
N LYS C 185 -18.15 57.93 33.35
CA LYS C 185 -19.52 57.43 33.33
C LYS C 185 -20.52 58.57 33.50
N TYR C 186 -20.08 59.73 33.98
CA TYR C 186 -20.87 60.93 33.78
C TYR C 186 -20.85 61.40 32.34
N ALA C 187 -19.68 61.43 31.69
CA ALA C 187 -19.59 62.01 30.37
C ALA C 187 -20.55 61.31 29.42
N ARG C 188 -21.44 62.10 28.83
CA ARG C 188 -22.36 61.54 27.85
C ARG C 188 -22.34 62.33 26.56
N VAL C 189 -21.88 61.69 25.49
CA VAL C 189 -21.85 62.32 24.17
C VAL C 189 -23.24 62.25 23.58
N GLU C 190 -23.38 62.81 22.38
CA GLU C 190 -24.55 62.60 21.56
C GLU C 190 -24.09 62.15 20.19
N LYS C 191 -25.01 61.57 19.41
CA LYS C 191 -24.71 61.21 18.02
C LYS C 191 -25.82 61.83 17.18
N ILE C 192 -25.49 62.91 16.48
CA ILE C 192 -26.47 63.71 15.75
C ILE C 192 -26.10 63.90 14.29
N PRO C 193 -26.92 63.48 13.35
CA PRO C 193 -26.79 63.98 11.98
C PRO C 193 -27.33 65.40 11.88
N GLY C 194 -26.68 66.19 11.03
CA GLY C 194 -27.08 67.59 10.88
C GLY C 194 -26.35 68.49 11.86
N GLY C 195 -26.15 69.76 11.50
CA GLY C 195 -25.29 70.63 12.26
C GLY C 195 -23.85 70.24 11.98
N ILE C 196 -22.88 71.05 12.38
CA ILE C 196 -21.49 70.66 12.18
C ILE C 196 -20.89 70.43 13.56
N ILE C 197 -19.87 69.58 13.61
CA ILE C 197 -19.29 69.22 14.89
C ILE C 197 -18.62 70.43 15.53
N GLU C 198 -18.30 71.44 14.74
CA GLU C 198 -17.89 72.74 15.23
C GLU C 198 -19.02 73.43 15.97
N ASP C 199 -20.25 73.20 15.55
CA ASP C 199 -21.44 73.64 16.25
C ASP C 199 -21.82 72.70 17.38
N SER C 200 -21.23 71.50 17.42
CA SER C 200 -21.40 70.61 18.57
C SER C 200 -20.71 71.22 19.78
N CYS C 201 -21.27 70.98 20.96
CA CYS C 201 -20.79 71.64 22.17
C CYS C 201 -21.09 70.75 23.37
N VAL C 202 -20.95 71.31 24.57
CA VAL C 202 -21.30 70.62 25.80
C VAL C 202 -22.12 71.58 26.66
N LEU C 203 -23.16 71.04 27.29
CA LEU C 203 -24.01 71.81 28.18
C LEU C 203 -24.17 71.09 29.50
N ARG C 204 -24.58 71.87 30.50
CA ARG C 204 -24.68 71.42 31.88
C ARG C 204 -25.53 70.16 31.97
N GLY C 205 -25.06 69.22 32.79
CA GLY C 205 -25.83 68.03 33.00
C GLY C 205 -25.61 67.06 31.85
N VAL C 206 -26.29 65.93 31.96
CA VAL C 206 -26.26 64.90 30.93
C VAL C 206 -27.33 65.19 29.91
N MET C 207 -26.91 65.54 28.71
CA MET C 207 -27.77 65.54 27.55
C MET C 207 -28.19 64.11 27.28
N ILE C 208 -29.49 63.87 27.23
CA ILE C 208 -30.00 62.56 26.87
C ILE C 208 -30.49 62.60 25.43
N ASN C 209 -29.66 62.09 24.52
CA ASN C 209 -30.14 61.66 23.22
C ASN C 209 -30.38 60.16 23.26
N LYS C 210 -29.92 59.50 24.33
CA LYS C 210 -29.90 58.05 24.36
C LYS C 210 -31.28 57.44 24.27
N ASP C 211 -32.22 57.80 25.15
CA ASP C 211 -33.60 57.41 24.92
C ASP C 211 -34.34 58.41 24.04
N VAL C 212 -33.76 59.57 23.77
CA VAL C 212 -34.49 60.61 23.06
C VAL C 212 -33.81 60.83 21.71
N THR C 213 -34.37 60.20 20.67
CA THR C 213 -34.21 60.61 19.28
C THR C 213 -35.44 61.27 18.69
N HIS C 214 -36.50 61.43 19.48
CA HIS C 214 -37.84 61.80 19.02
C HIS C 214 -38.53 62.43 20.23
N PRO C 215 -39.83 62.74 20.17
CA PRO C 215 -40.51 63.14 21.41
C PRO C 215 -40.28 62.08 22.48
N ARG C 216 -39.80 62.53 23.64
CA ARG C 216 -39.73 61.68 24.82
C ARG C 216 -40.32 62.41 26.01
N MET C 217 -39.76 63.57 26.38
CA MET C 217 -40.36 64.42 27.41
C MET C 217 -40.78 65.74 26.73
N ARG C 218 -42.07 65.87 26.40
CA ARG C 218 -42.59 67.01 25.65
C ARG C 218 -41.64 67.47 24.54
N ARG C 219 -41.41 68.77 24.47
CA ARG C 219 -40.29 69.38 23.78
C ARG C 219 -39.46 70.24 24.71
N TYR C 220 -39.95 71.41 25.05
CA TYR C 220 -39.19 72.36 25.83
C TYR C 220 -39.88 72.54 27.17
N ILE C 221 -39.28 71.96 28.20
CA ILE C 221 -39.77 72.10 29.56
C ILE C 221 -38.76 72.97 30.29
N LYS C 222 -39.15 74.22 30.55
CA LYS C 222 -38.15 75.26 30.75
C LYS C 222 -37.62 75.24 32.16
N ASN C 223 -38.36 75.80 33.10
CA ASN C 223 -38.18 75.47 34.50
C ASN C 223 -38.74 74.08 34.81
N PRO C 224 -40.01 73.75 34.44
CA PRO C 224 -40.69 72.61 35.07
C PRO C 224 -39.91 71.31 35.03
N ARG C 225 -40.18 70.45 36.01
CA ARG C 225 -39.33 69.34 36.34
C ARG C 225 -39.56 68.13 35.44
N ILE C 226 -38.54 67.29 35.37
CA ILE C 226 -38.68 65.91 34.97
C ILE C 226 -38.62 65.07 36.24
N VAL C 227 -39.44 64.03 36.32
CA VAL C 227 -39.53 63.23 37.52
C VAL C 227 -38.99 61.84 37.26
N LEU C 228 -37.84 61.55 37.86
CA LEU C 228 -37.24 60.22 37.87
C LEU C 228 -37.94 59.41 38.94
N LEU C 229 -38.37 58.19 38.61
CA LEU C 229 -39.19 57.43 39.54
C LEU C 229 -38.55 56.09 39.86
N ASP C 230 -37.98 55.98 41.07
CA ASP C 230 -37.54 54.68 41.58
C ASP C 230 -38.58 54.07 42.50
N SER C 231 -39.72 54.72 42.69
CA SER C 231 -40.84 54.12 43.38
C SER C 231 -41.23 52.87 42.57
N SER C 232 -41.80 51.81 43.15
CA SER C 232 -42.72 51.73 44.31
C SER C 232 -43.96 52.54 43.92
N LEU C 233 -44.13 52.69 42.61
CA LEU C 233 -45.31 53.29 42.02
C LEU C 233 -46.33 52.27 41.52
N GLU C 234 -46.03 50.97 41.62
CA GLU C 234 -46.88 50.00 40.94
C GLU C 234 -48.31 50.13 41.42
N TYR C 235 -49.22 50.36 40.47
CA TYR C 235 -50.61 50.60 40.81
C TYR C 235 -51.15 49.42 41.59
N LYS C 236 -51.69 49.68 42.77
CA LYS C 236 -52.10 48.64 43.68
C LYS C 236 -53.44 48.09 43.24
N LYS C 237 -53.51 46.77 43.05
CA LYS C 237 -54.76 46.15 42.65
C LYS C 237 -55.85 46.40 43.69
N GLY C 238 -55.52 46.26 44.96
CA GLY C 238 -56.33 46.77 46.04
C GLY C 238 -55.88 48.16 46.42
N GLU C 239 -56.17 48.56 47.66
CA GLU C 239 -55.68 49.83 48.15
C GLU C 239 -54.25 49.77 48.65
N SER C 240 -54.00 49.14 49.81
CA SER C 240 -52.64 48.92 50.26
C SER C 240 -52.18 47.50 49.95
N GLN C 241 -53.07 46.68 49.41
CA GLN C 241 -52.76 45.27 49.17
C GLN C 241 -52.89 44.97 47.69
N THR C 242 -52.09 44.02 47.23
CA THR C 242 -52.19 43.51 45.87
C THR C 242 -53.13 42.32 45.86
N ASP C 243 -54.04 42.29 44.89
CA ASP C 243 -55.02 41.22 44.79
C ASP C 243 -54.92 40.56 43.42
N ILE C 244 -55.86 39.65 43.12
CA ILE C 244 -55.82 38.93 41.86
C ILE C 244 -55.80 39.91 40.70
N GLU C 245 -55.11 39.52 39.63
CA GLU C 245 -54.94 40.38 38.46
C GLU C 245 -56.27 40.47 37.72
N ILE C 246 -56.30 41.29 36.67
CA ILE C 246 -57.58 41.59 36.04
C ILE C 246 -57.73 40.75 34.78
N THR C 247 -58.56 39.70 34.89
CA THR C 247 -58.93 38.89 33.73
C THR C 247 -60.31 39.23 33.17
N ARG C 248 -61.10 40.01 33.91
CA ARG C 248 -62.53 40.06 33.61
C ARG C 248 -63.11 41.40 34.10
N GLU C 249 -64.30 41.70 33.59
CA GLU C 249 -64.96 42.99 33.81
C GLU C 249 -64.98 43.38 35.29
N GLU C 250 -65.46 42.48 36.16
CA GLU C 250 -65.45 42.77 37.59
C GLU C 250 -64.07 43.17 38.05
N ASP C 251 -63.05 42.45 37.60
CA ASP C 251 -61.69 42.78 37.97
C ASP C 251 -61.30 44.16 37.45
N PHE C 252 -61.78 44.53 36.26
CA PHE C 252 -61.56 45.89 35.80
C PHE C 252 -62.24 46.89 36.73
N THR C 253 -63.54 46.71 36.97
CA THR C 253 -64.27 47.65 37.82
C THR C 253 -63.65 47.75 39.21
N ARG C 254 -63.80 46.69 40.01
CA ARG C 254 -63.38 46.72 41.41
C ARG C 254 -61.93 47.14 41.57
N ILE C 255 -61.04 46.59 40.75
CA ILE C 255 -59.62 46.76 41.01
C ILE C 255 -59.15 48.13 40.55
N LEU C 256 -59.55 48.55 39.34
CA LEU C 256 -59.22 49.91 38.89
C LEU C 256 -59.73 50.96 39.86
N GLN C 257 -60.87 50.70 40.50
CA GLN C 257 -61.29 51.53 41.62
C GLN C 257 -60.14 51.71 42.60
N MET C 258 -59.52 50.61 42.99
CA MET C 258 -58.44 50.64 43.97
C MET C 258 -57.12 51.03 43.31
N GLU C 259 -56.97 50.77 42.01
CA GLU C 259 -55.73 51.07 41.33
C GLU C 259 -55.57 52.57 41.09
N GLU C 260 -56.59 53.20 40.47
CA GLU C 260 -56.42 54.55 39.95
C GLU C 260 -56.17 55.55 41.06
N GLU C 261 -56.74 55.31 42.24
CA GLU C 261 -56.56 56.21 43.35
C GLU C 261 -55.15 56.11 43.93
N TYR C 262 -54.50 54.96 43.74
CA TYR C 262 -53.15 54.81 44.27
C TYR C 262 -52.13 55.58 43.43
N ILE C 263 -52.19 55.43 42.11
CA ILE C 263 -51.38 56.29 41.25
C ILE C 263 -51.73 57.75 41.49
N GLN C 264 -53.02 58.02 41.73
CA GLN C 264 -53.41 59.32 42.25
C GLN C 264 -52.74 59.60 43.58
N GLN C 265 -52.82 58.65 44.53
CA GLN C 265 -52.06 58.77 45.76
C GLN C 265 -50.58 58.96 45.48
N LEU C 266 -50.11 58.50 44.32
CA LEU C 266 -48.70 58.60 43.97
C LEU C 266 -48.40 59.86 43.17
N CYS C 267 -48.98 59.95 41.97
CA CYS C 267 -48.54 60.99 41.04
C CYS C 267 -49.18 62.33 41.36
N GLU C 268 -50.03 62.38 42.39
CA GLU C 268 -50.39 63.66 42.98
C GLU C 268 -49.28 64.12 43.93
N ASP C 269 -48.56 63.17 44.52
CA ASP C 269 -47.34 63.53 45.23
C ASP C 269 -46.25 63.92 44.23
N ILE C 270 -46.47 63.60 42.96
CA ILE C 270 -45.56 64.06 41.91
C ILE C 270 -45.87 65.50 41.51
N ILE C 271 -47.16 65.84 41.42
CA ILE C 271 -47.54 67.14 40.89
C ILE C 271 -47.06 68.29 41.78
N GLN C 272 -46.69 67.99 43.03
CA GLN C 272 -46.24 69.03 43.94
C GLN C 272 -44.83 69.52 43.64
N LEU C 273 -44.02 68.75 42.92
CA LEU C 273 -42.63 69.10 42.67
C LEU C 273 -42.45 69.92 41.40
N LYS C 274 -43.56 70.32 40.76
CA LYS C 274 -43.62 71.13 39.55
C LYS C 274 -42.95 70.48 38.34
N PRO C 275 -43.32 69.24 37.97
CA PRO C 275 -42.99 68.76 36.63
C PRO C 275 -43.99 69.22 35.58
N ASP C 276 -43.51 69.49 34.36
CA ASP C 276 -44.40 69.49 33.20
C ASP C 276 -44.23 68.14 32.51
N VAL C 277 -43.27 67.35 32.97
CA VAL C 277 -42.94 66.05 32.39
C VAL C 277 -42.50 65.11 33.50
N VAL C 278 -42.90 63.84 33.40
CA VAL C 278 -42.52 62.82 34.37
C VAL C 278 -42.06 61.58 33.62
N ILE C 279 -40.79 61.25 33.74
CA ILE C 279 -40.21 60.13 33.00
C ILE C 279 -40.24 58.91 33.91
N THR C 280 -41.03 57.91 33.54
CA THR C 280 -41.31 56.82 34.48
C THR C 280 -40.45 55.63 34.12
N GLU C 281 -39.40 55.44 34.89
CA GLU C 281 -38.52 54.29 34.85
C GLU C 281 -39.01 53.09 35.65
N LYS C 282 -39.52 53.30 36.86
CA LYS C 282 -40.09 52.24 37.67
C LYS C 282 -41.54 52.58 37.94
N GLY C 283 -42.33 51.57 38.26
CA GLY C 283 -43.76 51.76 38.42
C GLY C 283 -44.48 52.16 37.14
N ILE C 284 -43.79 52.15 36.00
CA ILE C 284 -44.45 52.47 34.74
C ILE C 284 -45.38 51.34 34.34
N SER C 285 -46.67 51.66 34.21
CA SER C 285 -47.68 50.68 33.87
C SER C 285 -48.92 51.41 33.36
N ASP C 286 -49.80 50.65 32.69
CA ASP C 286 -50.87 51.22 31.90
C ASP C 286 -51.60 52.34 32.64
N LEU C 287 -51.79 52.18 33.94
CA LEU C 287 -52.46 53.19 34.75
C LEU C 287 -51.55 54.35 35.11
N ALA C 288 -50.29 54.05 35.42
CA ALA C 288 -49.39 55.05 36.00
C ALA C 288 -49.28 56.29 35.14
N GLN C 289 -48.67 56.16 33.96
CA GLN C 289 -48.52 57.29 33.06
C GLN C 289 -49.86 57.84 32.58
N HIS C 290 -50.93 57.04 32.67
CA HIS C 290 -52.24 57.52 32.28
C HIS C 290 -52.74 58.58 33.25
N TYR C 291 -52.30 58.51 34.51
CA TYR C 291 -52.77 59.47 35.50
C TYR C 291 -51.93 60.75 35.51
N LEU C 292 -50.73 60.73 34.94
CA LEU C 292 -49.95 61.96 34.92
C LEU C 292 -50.56 62.98 33.98
N MET C 293 -51.09 62.55 32.83
CA MET C 293 -51.91 63.45 32.03
C MET C 293 -53.18 63.84 32.79
N ARG C 294 -53.66 62.96 33.67
CA ARG C 294 -54.69 63.33 34.62
C ARG C 294 -54.10 64.11 35.80
N ALA C 295 -52.82 63.91 36.09
CA ALA C 295 -52.14 64.76 37.06
C ALA C 295 -51.66 66.05 36.41
N ASN C 296 -52.00 66.25 35.14
CA ASN C 296 -51.71 67.48 34.40
C ASN C 296 -50.21 67.62 34.20
N ILE C 297 -49.53 66.50 34.04
CA ILE C 297 -48.09 66.47 33.79
C ILE C 297 -47.84 65.45 32.69
N THR C 298 -46.94 65.76 31.78
CA THR C 298 -46.57 64.79 30.77
C THR C 298 -45.90 63.59 31.42
N ALA C 299 -46.32 62.41 31.00
CA ALA C 299 -45.75 61.16 31.50
C ALA C 299 -44.92 60.52 30.40
N ILE C 300 -43.87 59.80 30.79
CA ILE C 300 -42.90 59.26 29.85
C ILE C 300 -42.58 57.83 30.26
N ARG C 301 -42.59 56.92 29.29
CA ARG C 301 -42.84 55.52 29.53
C ARG C 301 -41.61 54.65 29.39
N ARG C 302 -41.45 53.72 30.34
CA ARG C 302 -40.55 52.57 30.24
C ARG C 302 -39.19 52.98 29.68
N VAL C 303 -38.45 53.69 30.53
CA VAL C 303 -37.23 54.35 30.14
C VAL C 303 -36.05 53.71 30.85
N ARG C 304 -34.87 53.83 30.26
CA ARG C 304 -33.67 53.28 30.88
C ARG C 304 -33.23 54.13 32.06
N LYS C 305 -32.90 53.43 33.15
CA LYS C 305 -32.40 54.12 34.33
C LYS C 305 -30.96 54.58 34.13
N THR C 306 -30.27 53.98 33.17
CA THR C 306 -28.96 54.49 32.78
C THR C 306 -29.04 55.97 32.46
N ASP C 307 -29.93 56.34 31.53
CA ASP C 307 -30.32 57.74 31.39
C ASP C 307 -30.67 58.34 32.75
N ASN C 308 -31.69 57.80 33.42
CA ASN C 308 -32.15 58.38 34.66
C ASN C 308 -31.03 58.51 35.69
N ASN C 309 -30.00 57.66 35.59
CA ASN C 309 -28.79 57.87 36.40
C ASN C 309 -27.91 58.93 35.78
N ARG C 310 -27.68 58.86 34.47
CA ARG C 310 -27.15 60.01 33.75
C ARG C 310 -27.96 61.25 34.05
N ILE C 311 -29.29 61.11 34.06
CA ILE C 311 -30.16 62.22 34.38
C ILE C 311 -30.02 62.60 35.85
N ALA C 312 -29.80 61.61 36.73
CA ALA C 312 -29.40 61.93 38.09
C ALA C 312 -28.09 62.71 38.11
N ARG C 313 -27.35 62.67 37.00
CA ARG C 313 -26.23 63.58 36.86
C ARG C 313 -26.56 64.75 35.93
N ALA C 314 -27.77 64.75 35.35
CA ALA C 314 -28.11 65.78 34.36
C ALA C 314 -28.71 67.00 35.04
N CYS C 315 -29.97 66.90 35.47
CA CYS C 315 -30.44 67.83 36.49
C CYS C 315 -29.65 67.64 37.77
N GLY C 316 -28.88 66.56 37.85
CA GLY C 316 -28.01 66.29 38.96
C GLY C 316 -28.69 65.82 40.21
N ALA C 317 -29.96 65.44 40.13
CA ALA C 317 -30.69 64.98 41.29
C ALA C 317 -30.25 63.59 41.69
N ARG C 318 -30.90 63.06 42.71
CA ARG C 318 -30.95 61.64 42.94
C ARG C 318 -32.24 61.12 42.32
N ILE C 319 -32.51 59.84 42.52
CA ILE C 319 -33.82 59.27 42.25
C ILE C 319 -34.29 58.64 43.55
N VAL C 320 -35.58 58.74 43.83
CA VAL C 320 -36.12 58.28 45.10
C VAL C 320 -37.21 57.24 44.84
N SER C 321 -37.23 56.21 45.67
CA SER C 321 -38.30 55.24 45.69
C SER C 321 -39.43 55.65 46.62
N ARG C 322 -39.32 56.83 47.22
CA ARG C 322 -40.33 57.29 48.18
C ARG C 322 -41.65 57.49 47.46
N PRO C 323 -42.68 56.70 47.79
CA PRO C 323 -43.99 56.93 47.16
C PRO C 323 -44.66 58.21 47.61
N GLU C 324 -44.61 58.56 48.89
CA GLU C 324 -45.22 59.78 49.40
C GLU C 324 -44.38 61.03 49.16
N GLU C 325 -43.05 60.94 49.29
CA GLU C 325 -42.18 62.10 49.21
C GLU C 325 -41.53 62.12 47.83
N LEU C 326 -41.97 63.03 46.98
CA LEU C 326 -41.43 63.19 45.63
C LEU C 326 -41.29 64.69 45.38
N ARG C 327 -40.06 65.16 45.20
CA ARG C 327 -39.80 66.58 45.18
C ARG C 327 -38.71 66.91 44.18
N GLU C 328 -38.44 68.20 44.04
CA GLU C 328 -37.33 68.67 43.22
C GLU C 328 -36.00 68.12 43.72
N ASP C 329 -35.74 68.25 45.01
CA ASP C 329 -34.49 67.73 45.56
C ASP C 329 -34.46 66.20 45.47
N ASP C 330 -35.61 65.56 45.70
CA ASP C 330 -35.68 64.11 45.54
C ASP C 330 -35.39 63.71 44.09
N VAL C 331 -36.04 64.35 43.14
CA VAL C 331 -35.85 64.06 41.72
C VAL C 331 -35.96 65.35 40.93
N GLY C 332 -35.10 65.53 39.93
CA GLY C 332 -35.10 66.76 39.17
C GLY C 332 -34.63 67.97 39.95
N THR C 333 -33.41 67.94 40.47
CA THR C 333 -32.92 69.07 41.24
C THR C 333 -32.64 70.25 40.33
N GLY C 334 -32.28 71.37 40.95
CA GLY C 334 -32.06 72.60 40.23
C GLY C 334 -33.34 73.11 39.62
N ALA C 335 -33.26 74.30 39.03
CA ALA C 335 -34.37 74.79 38.24
C ALA C 335 -34.65 73.83 37.09
N GLY C 336 -33.59 73.28 36.51
CA GLY C 336 -33.72 72.29 35.47
C GLY C 336 -33.95 72.97 34.15
N LEU C 337 -33.45 72.40 33.07
CA LEU C 337 -33.86 72.79 31.73
C LEU C 337 -34.08 71.52 30.94
N LEU C 338 -35.33 71.25 30.59
CA LEU C 338 -35.62 70.09 29.77
C LEU C 338 -36.01 70.57 28.39
N GLU C 339 -35.12 70.37 27.43
CA GLU C 339 -35.30 70.90 26.09
C GLU C 339 -35.18 69.76 25.11
N ILE C 340 -36.25 69.45 24.39
CA ILE C 340 -36.20 68.45 23.34
C ILE C 340 -36.09 69.21 22.03
N LYS C 341 -34.89 69.23 21.48
CA LYS C 341 -34.60 69.98 20.27
C LYS C 341 -34.39 68.99 19.13
N LYS C 342 -34.85 69.38 17.96
CA LYS C 342 -34.61 68.57 16.76
C LYS C 342 -33.33 69.10 16.16
N ILE C 343 -32.27 68.31 16.28
CA ILE C 343 -30.97 68.67 15.71
C ILE C 343 -30.75 67.62 14.63
N GLY C 344 -30.71 68.09 13.39
CA GLY C 344 -31.04 67.23 12.26
C GLY C 344 -32.53 66.97 12.24
N ASP C 345 -32.91 65.70 12.07
CA ASP C 345 -34.31 65.30 12.07
C ASP C 345 -34.79 64.72 13.39
N GLU C 346 -33.93 64.63 14.41
CA GLU C 346 -34.27 63.91 15.62
C GLU C 346 -34.43 64.85 16.81
N TYR C 347 -35.56 64.68 17.50
CA TYR C 347 -35.88 65.43 18.70
C TYR C 347 -35.04 64.94 19.88
N PHE C 348 -34.36 65.86 20.54
CA PHE C 348 -33.32 65.54 21.51
C PHE C 348 -33.55 66.25 22.83
N THR C 349 -33.78 65.47 23.89
CA THR C 349 -33.92 66.04 25.22
C THR C 349 -32.57 66.54 25.67
N PHE C 350 -32.49 67.81 25.98
CA PHE C 350 -31.32 68.37 26.61
C PHE C 350 -31.68 68.79 28.02
N ILE C 351 -31.15 68.04 28.99
CA ILE C 351 -31.40 68.38 30.39
C ILE C 351 -30.27 69.30 30.81
N THR C 352 -30.60 70.57 31.00
CA THR C 352 -29.62 71.59 31.36
C THR C 352 -30.08 72.19 32.68
N ASP C 353 -29.37 73.22 33.13
CA ASP C 353 -29.43 73.67 34.52
C ASP C 353 -29.03 72.48 35.39
N CYS C 354 -27.78 72.08 35.29
CA CYS C 354 -27.23 70.98 36.05
C CYS C 354 -27.08 71.38 37.51
N LYS C 355 -27.59 70.57 38.41
CA LYS C 355 -27.22 70.67 39.81
C LYS C 355 -26.45 69.39 40.16
N ASP C 356 -25.13 69.48 40.06
CA ASP C 356 -24.18 68.37 40.07
C ASP C 356 -22.85 69.03 39.72
N PRO C 357 -21.74 68.67 40.38
CA PRO C 357 -20.54 69.50 40.27
C PRO C 357 -19.99 69.60 38.84
N LYS C 358 -19.76 70.84 38.38
CA LYS C 358 -19.34 71.05 36.99
C LYS C 358 -20.35 70.36 36.08
N ALA C 359 -19.90 69.28 35.45
CA ALA C 359 -20.81 68.35 34.79
C ALA C 359 -21.56 68.95 33.61
N CYS C 360 -20.85 69.15 32.50
CA CYS C 360 -21.49 69.33 31.20
C CYS C 360 -21.28 68.05 30.39
N THR C 361 -22.26 67.75 29.53
CA THR C 361 -22.16 66.60 28.63
C THR C 361 -22.32 67.06 27.19
N ILE C 362 -21.99 66.15 26.28
CA ILE C 362 -21.51 66.51 24.95
C ILE C 362 -22.67 66.51 23.96
N LEU C 363 -22.96 67.68 23.42
CA LEU C 363 -23.59 67.77 22.12
C LEU C 363 -22.58 67.36 21.05
N LEU C 364 -22.94 66.35 20.28
CA LEU C 364 -22.21 66.08 19.04
C LEU C 364 -23.24 66.08 17.93
N ARG C 365 -23.16 67.08 17.06
CA ARG C 365 -23.92 67.09 15.83
C ARG C 365 -22.97 67.24 14.66
N GLY C 366 -22.82 66.17 13.88
CA GLY C 366 -22.13 66.23 12.61
C GLY C 366 -23.10 66.45 11.48
N ALA C 367 -22.60 67.04 10.40
CA ALA C 367 -23.36 67.14 9.17
C ALA C 367 -23.91 65.79 8.74
N SER C 368 -23.16 64.73 9.01
CA SER C 368 -23.64 63.36 8.99
C SER C 368 -23.25 62.73 10.32
N LYS C 369 -23.85 61.57 10.61
CA LYS C 369 -23.29 60.70 11.64
C LYS C 369 -21.80 60.47 11.43
N GLU C 370 -21.40 60.26 10.19
CA GLU C 370 -20.03 59.87 9.90
C GLU C 370 -19.05 61.00 10.14
N ILE C 371 -19.32 62.18 9.59
CA ILE C 371 -18.42 63.32 9.82
C ILE C 371 -18.29 63.58 11.31
N LEU C 372 -19.31 63.23 12.08
CA LEU C 372 -19.22 63.32 13.54
C LEU C 372 -18.29 62.25 14.08
N SER C 373 -18.35 61.04 13.49
CA SER C 373 -17.69 59.87 14.07
C SER C 373 -16.18 60.07 14.18
N GLU C 374 -15.60 60.82 13.27
CA GLU C 374 -14.15 61.03 13.28
C GLU C 374 -13.75 61.89 14.47
N VAL C 375 -14.50 62.96 14.72
CA VAL C 375 -14.47 63.63 16.02
C VAL C 375 -14.77 62.65 17.14
N GLU C 376 -15.86 61.87 16.97
CA GLU C 376 -16.46 61.14 18.07
C GLU C 376 -15.47 60.19 18.73
N ARG C 377 -14.74 59.42 17.92
CA ARG C 377 -13.83 58.42 18.47
C ARG C 377 -12.64 59.07 19.16
N ASN C 378 -12.02 60.04 18.50
CA ASN C 378 -10.90 60.74 19.10
C ASN C 378 -11.35 61.59 20.29
N LEU C 379 -12.56 62.12 20.25
CA LEU C 379 -13.12 62.77 21.43
C LEU C 379 -13.29 61.76 22.55
N GLN C 380 -13.72 60.55 22.21
CA GLN C 380 -13.69 59.47 23.18
C GLN C 380 -12.26 59.11 23.56
N ASP C 381 -11.33 59.33 22.64
CA ASP C 381 -9.93 59.13 22.96
C ASP C 381 -9.39 60.29 23.78
N ALA C 382 -9.75 61.52 23.40
CA ALA C 382 -9.29 62.69 24.12
C ALA C 382 -9.76 62.69 25.56
N MET C 383 -11.02 62.30 25.80
CA MET C 383 -11.48 62.19 27.18
C MET C 383 -10.65 61.21 27.98
N GLN C 384 -10.32 60.07 27.41
CA GLN C 384 -9.36 59.17 28.03
C GLN C 384 -8.02 59.86 28.23
N VAL C 385 -7.61 60.64 27.24
CA VAL C 385 -6.38 61.42 27.38
C VAL C 385 -6.54 62.50 28.43
N CYS C 386 -7.59 63.31 28.31
CA CYS C 386 -7.81 64.42 29.24
C CYS C 386 -7.85 63.91 30.68
N ARG C 387 -8.60 62.83 30.92
CA ARG C 387 -8.70 62.31 32.26
C ARG C 387 -7.36 61.80 32.76
N ASN C 388 -6.55 61.22 31.87
CA ASN C 388 -5.23 60.79 32.27
C ASN C 388 -4.39 61.98 32.69
N VAL C 389 -4.54 63.11 31.99
CA VAL C 389 -3.99 64.36 32.47
C VAL C 389 -4.68 64.77 33.76
N LEU C 390 -5.98 64.50 33.87
CA LEU C 390 -6.69 64.87 35.09
C LEU C 390 -6.34 63.92 36.24
N LEU C 391 -6.50 62.62 36.02
CA LEU C 391 -6.12 61.65 37.04
C LEU C 391 -4.66 61.84 37.43
N ASP C 392 -3.78 61.85 36.44
CA ASP C 392 -2.40 62.25 36.66
C ASP C 392 -2.15 63.62 36.05
N PRO C 393 -2.08 64.66 36.86
CA PRO C 393 -1.58 65.93 36.35
C PRO C 393 -0.07 66.03 36.44
N GLN C 394 0.63 65.02 35.92
CA GLN C 394 2.03 65.18 35.59
C GLN C 394 2.27 64.69 34.17
N LEU C 395 2.53 65.64 33.29
CA LEU C 395 2.88 65.31 31.92
C LEU C 395 4.32 64.83 31.86
N VAL C 396 4.50 63.66 31.26
CA VAL C 396 5.80 63.00 31.21
C VAL C 396 6.21 62.89 29.74
N PRO C 397 7.49 63.09 29.41
CA PRO C 397 7.87 63.10 27.99
C PRO C 397 7.76 61.72 27.36
N GLY C 398 7.10 61.68 26.21
CA GLY C 398 6.82 60.43 25.53
C GLY C 398 8.05 59.81 24.90
N GLY C 399 8.13 58.48 25.02
CA GLY C 399 9.17 57.73 24.36
C GLY C 399 10.43 57.58 25.20
N GLY C 400 11.55 57.55 24.51
CA GLY C 400 12.86 57.34 25.08
C GLY C 400 13.23 58.22 26.25
N ALA C 401 12.69 59.45 26.30
CA ALA C 401 12.95 60.31 27.44
C ALA C 401 12.47 59.67 28.73
N SER C 402 11.21 59.23 28.74
CA SER C 402 10.70 58.47 29.88
C SER C 402 11.28 57.08 29.93
N GLU C 403 12.00 56.67 28.89
CA GLU C 403 12.39 55.27 28.76
C GLU C 403 13.78 55.04 29.33
N MET C 404 14.80 55.55 28.64
CA MET C 404 16.19 55.38 29.04
C MET C 404 16.44 55.97 30.42
N ALA C 405 15.64 56.96 30.83
CA ALA C 405 15.75 57.51 32.17
C ALA C 405 15.68 56.41 33.22
N VAL C 406 14.54 55.71 33.29
CA VAL C 406 14.33 54.69 34.32
C VAL C 406 15.37 53.59 34.24
N ALA C 407 15.83 53.27 33.03
CA ALA C 407 16.74 52.14 32.84
C ALA C 407 17.97 52.26 33.73
N HIS C 408 18.68 53.38 33.65
CA HIS C 408 19.89 53.55 34.43
C HIS C 408 19.60 53.46 35.93
N ALA C 409 18.54 54.11 36.39
CA ALA C 409 18.07 53.88 37.76
C ALA C 409 17.99 52.39 38.05
N LEU C 410 17.15 51.66 37.29
CA LEU C 410 17.01 50.22 37.43
C LEU C 410 18.36 49.49 37.43
N THR C 411 19.22 49.79 36.44
CA THR C 411 20.56 49.21 36.47
C THR C 411 21.27 49.57 37.76
N GLU C 412 21.48 50.87 38.01
CA GLU C 412 22.03 51.32 39.28
C GLU C 412 21.31 50.69 40.45
N LYS C 413 19.98 50.71 40.44
CA LYS C 413 19.19 49.90 41.36
C LYS C 413 19.72 48.48 41.43
N SER C 414 19.63 47.74 40.32
CA SER C 414 20.18 46.40 40.25
C SER C 414 21.61 46.37 40.75
N LYS C 415 22.42 47.33 40.30
CA LYS C 415 23.81 47.40 40.71
C LYS C 415 23.94 47.71 42.19
N ALA C 416 23.11 48.63 42.69
CA ALA C 416 23.12 48.91 44.13
C ALA C 416 22.59 47.71 44.91
N MET C 417 21.70 46.93 44.30
CA MET C 417 21.21 45.73 44.96
C MET C 417 22.21 44.57 44.79
N THR C 418 22.84 44.47 43.63
CA THR C 418 23.91 43.53 43.33
C THR C 418 23.62 42.13 43.86
N GLY C 419 22.35 41.73 43.77
CA GLY C 419 21.92 40.39 44.13
C GLY C 419 21.75 39.52 42.91
N VAL C 420 20.76 38.63 42.97
CA VAL C 420 20.25 38.01 41.75
C VAL C 420 19.24 38.90 41.05
N GLU C 421 18.34 39.56 41.80
CA GLU C 421 17.32 40.40 41.19
C GLU C 421 17.92 41.50 40.32
N GLN C 422 19.21 41.78 40.47
CA GLN C 422 19.85 42.70 39.55
C GLN C 422 19.57 42.30 38.10
N TRP C 423 19.60 41.01 37.80
CA TRP C 423 19.44 40.52 36.45
C TRP C 423 18.03 40.83 35.93
N PRO C 424 16.97 40.61 36.71
CA PRO C 424 15.66 41.10 36.27
C PRO C 424 15.64 42.59 35.99
N TYR C 425 16.21 43.40 36.88
CA TYR C 425 16.27 44.83 36.60
C TYR C 425 17.12 45.10 35.38
N ARG C 426 18.28 44.46 35.31
CA ARG C 426 19.08 44.49 34.09
C ARG C 426 18.27 44.00 32.91
N ALA C 427 17.42 42.99 33.10
CA ALA C 427 16.49 42.63 32.05
C ALA C 427 15.44 43.72 31.86
N VAL C 428 14.87 44.22 32.96
CA VAL C 428 13.80 45.20 32.86
C VAL C 428 14.31 46.51 32.29
N ALA C 429 15.43 47.04 32.80
CA ALA C 429 15.99 48.26 32.24
C ALA C 429 16.27 48.11 30.75
N GLN C 430 16.76 46.94 30.35
CA GLN C 430 16.96 46.67 28.93
C GLN C 430 15.65 46.38 28.22
N ALA C 431 14.68 45.83 28.94
CA ALA C 431 13.35 45.62 28.36
C ALA C 431 12.73 46.95 27.93
N LEU C 432 13.00 48.03 28.67
CA LEU C 432 12.52 49.35 28.27
C LEU C 432 13.00 49.72 26.88
N GLU C 433 14.28 49.52 26.61
CA GLU C 433 14.94 50.10 25.45
C GLU C 433 14.34 49.67 24.12
N VAL C 434 13.48 48.65 24.11
CA VAL C 434 12.89 48.16 22.87
C VAL C 434 12.13 49.26 22.15
N ILE C 435 11.28 49.99 22.84
CA ILE C 435 10.36 50.93 22.21
C ILE C 435 11.14 52.03 21.50
N PRO C 436 12.12 52.69 22.14
CA PRO C 436 12.97 53.60 21.38
C PRO C 436 13.70 52.89 20.25
N ARG C 437 14.29 51.73 20.53
CA ARG C 437 14.79 50.89 19.45
C ARG C 437 13.71 50.63 18.42
N THR C 438 12.54 50.17 18.87
CA THR C 438 11.42 50.00 17.96
C THR C 438 11.12 51.27 17.20
N LEU C 439 11.05 52.40 17.90
CA LEU C 439 10.90 53.66 17.20
C LEU C 439 12.03 53.90 16.22
N ILE C 440 13.26 53.53 16.57
CA ILE C 440 14.35 53.64 15.61
C ILE C 440 14.19 52.57 14.53
N GLN C 441 13.87 51.36 14.95
CA GLN C 441 13.33 50.36 14.03
C GLN C 441 12.22 50.95 13.16
N ASN C 442 11.31 51.70 13.78
CA ASN C 442 10.19 52.25 13.03
C ASN C 442 10.64 53.41 12.15
N CYS C 443 11.55 54.25 12.65
CA CYS C 443 11.85 55.48 11.93
C CYS C 443 12.70 55.19 10.71
N GLY C 444 13.52 54.17 10.75
CA GLY C 444 14.43 53.95 9.66
C GLY C 444 15.87 54.32 9.92
N ALA C 445 16.25 54.50 11.18
CA ALA C 445 17.64 54.76 11.48
C ALA C 445 18.27 53.57 12.19
N SER C 446 19.57 53.69 12.49
CA SER C 446 20.28 52.60 13.14
C SER C 446 20.17 52.74 14.66
N THR C 447 19.54 51.77 15.29
CA THR C 447 19.15 51.92 16.67
C THR C 447 20.33 51.86 17.63
N ILE C 448 21.14 50.80 17.53
CA ILE C 448 22.22 50.59 18.49
C ILE C 448 23.12 51.82 18.56
N ARG C 449 23.31 52.49 17.43
CA ARG C 449 23.87 53.84 17.46
C ARG C 449 23.01 54.75 18.32
N LEU C 450 21.78 55.01 17.86
CA LEU C 450 20.88 55.91 18.56
C LEU C 450 20.64 55.46 20.00
N LEU C 451 20.61 54.14 20.22
CA LEU C 451 20.55 53.64 21.59
C LEU C 451 21.73 54.15 22.41
N THR C 452 22.94 53.77 22.00
CA THR C 452 24.14 54.33 22.61
C THR C 452 24.09 55.84 22.67
N SER C 453 23.74 56.46 21.54
CA SER C 453 23.45 57.89 21.54
C SER C 453 22.46 58.26 22.62
N LEU C 454 21.37 57.53 22.76
CA LEU C 454 20.41 57.83 23.82
C LEU C 454 21.00 57.51 25.20
N ARG C 455 21.83 56.48 25.29
CA ARG C 455 22.59 56.28 26.52
C ARG C 455 23.40 57.51 26.85
N ALA C 456 24.10 58.07 25.86
CA ALA C 456 24.81 59.32 26.07
C ALA C 456 23.83 60.42 26.45
N LYS C 457 22.61 60.37 25.92
CA LYS C 457 21.59 61.29 26.38
C LYS C 457 21.28 61.06 27.86
N HIS C 458 21.33 59.82 28.31
CA HIS C 458 21.18 59.60 29.75
C HIS C 458 22.50 59.76 30.50
N THR C 459 23.62 59.35 29.88
CA THR C 459 24.90 59.40 30.57
C THR C 459 25.18 60.80 31.12
N GLN C 460 24.52 61.79 30.54
CA GLN C 460 24.78 63.18 30.90
C GLN C 460 23.49 63.88 31.33
N GLU C 461 22.57 64.07 30.38
CA GLU C 461 21.27 64.65 30.64
C GLU C 461 20.42 63.82 31.58
N ASN C 462 20.67 62.51 31.68
CA ASN C 462 19.76 61.53 32.26
C ASN C 462 18.52 61.34 31.38
N CYS C 463 18.64 61.63 30.08
CA CYS C 463 17.52 61.52 29.15
C CYS C 463 16.26 62.17 29.69
N GLU C 464 16.42 63.30 30.40
CA GLU C 464 15.29 63.96 31.03
C GLU C 464 14.11 64.12 30.08
N THR C 465 14.25 65.04 29.14
CA THR C 465 13.32 65.20 28.04
C THR C 465 13.82 64.53 26.77
N TRP C 466 14.93 63.79 26.87
CA TRP C 466 15.57 63.30 25.66
C TRP C 466 15.32 61.81 25.48
N GLY C 467 14.44 61.49 24.54
CA GLY C 467 14.44 60.25 23.85
C GLY C 467 14.86 60.42 22.40
N VAL C 468 14.74 59.35 21.64
CA VAL C 468 14.69 59.41 20.19
C VAL C 468 13.22 59.57 19.80
N ASN C 469 12.96 60.42 18.82
CA ASN C 469 11.59 60.67 18.43
C ASN C 469 11.30 59.88 17.16
N GLY C 470 10.51 58.82 17.31
CA GLY C 470 10.29 57.88 16.23
C GLY C 470 9.83 58.51 14.93
N GLU C 471 9.01 59.56 15.00
CA GLU C 471 8.66 60.28 13.79
C GLU C 471 9.89 60.80 13.08
N THR C 472 10.62 61.73 13.71
CA THR C 472 11.87 62.23 13.14
C THR C 472 13.03 61.28 13.33
N GLY C 473 12.90 60.24 14.16
CA GLY C 473 13.97 59.29 14.39
C GLY C 473 15.25 59.88 14.92
N THR C 474 15.19 60.89 15.78
CA THR C 474 16.37 61.56 16.28
C THR C 474 16.27 61.77 17.79
N LEU C 475 17.44 61.86 18.42
CA LEU C 475 17.55 62.35 19.78
C LEU C 475 16.93 63.73 19.86
N VAL C 476 16.02 63.93 20.81
CA VAL C 476 15.14 65.08 20.78
C VAL C 476 14.84 65.54 22.19
N ASP C 477 14.38 66.78 22.30
CA ASP C 477 13.90 67.32 23.57
C ASP C 477 12.38 67.17 23.58
N MET C 478 11.86 66.23 24.37
CA MET C 478 10.41 66.00 24.31
C MET C 478 9.64 67.16 24.91
N LYS C 479 10.22 67.81 25.92
CA LYS C 479 9.72 69.12 26.33
C LYS C 479 9.60 70.04 25.13
N GLU C 480 10.73 70.34 24.49
CA GLU C 480 10.74 71.17 23.29
C GLU C 480 9.82 70.63 22.21
N LEU C 481 9.89 69.32 21.94
CA LEU C 481 9.00 68.76 20.93
C LEU C 481 7.55 68.94 21.34
N GLY C 482 7.29 69.12 22.61
CA GLY C 482 5.97 68.97 23.15
C GLY C 482 5.53 67.55 23.18
N ILE C 483 6.41 66.59 22.90
CA ILE C 483 6.05 65.19 23.05
C ILE C 483 5.87 64.91 24.52
N TRP C 484 4.69 64.44 24.89
CA TRP C 484 4.33 64.29 26.29
C TRP C 484 3.26 63.24 26.42
N GLU C 485 2.82 63.06 27.65
CA GLU C 485 1.80 62.10 28.02
C GLU C 485 1.65 62.15 29.53
N PRO C 486 0.49 61.76 30.04
CA PRO C 486 0.34 61.65 31.49
C PRO C 486 1.16 60.48 32.03
N LEU C 487 1.72 60.73 33.22
CA LEU C 487 2.30 59.63 33.98
C LEU C 487 1.34 58.45 34.10
N ALA C 488 0.06 58.72 34.36
CA ALA C 488 -0.90 57.64 34.63
C ALA C 488 -0.85 56.58 33.54
N VAL C 489 -1.36 56.91 32.34
CA VAL C 489 -1.38 55.92 31.27
C VAL C 489 0.03 55.40 31.00
N LYS C 490 1.03 56.28 31.10
CA LYS C 490 2.41 55.81 31.05
C LYS C 490 2.66 54.78 32.14
N LEU C 491 2.50 55.17 33.41
CA LEU C 491 2.50 54.22 34.51
C LEU C 491 1.58 53.05 34.22
N GLN C 492 0.28 53.32 34.08
CA GLN C 492 -0.74 52.27 33.99
C GLN C 492 -0.39 51.24 32.94
N THR C 493 -0.32 51.66 31.67
CA THR C 493 0.06 50.75 30.59
C THR C 493 1.32 49.99 30.94
N TYR C 494 2.34 50.68 31.43
CA TYR C 494 3.53 50.00 31.90
C TYR C 494 3.22 49.10 33.09
N LYS C 495 2.61 49.65 34.13
CA LYS C 495 2.29 48.86 35.31
C LYS C 495 1.47 47.63 34.93
N THR C 496 0.64 47.75 33.90
CA THR C 496 -0.07 46.59 33.38
C THR C 496 0.89 45.64 32.68
N ALA C 497 1.83 46.17 31.89
CA ALA C 497 2.78 45.32 31.18
C ALA C 497 3.59 44.49 32.16
N VAL C 498 3.76 44.97 33.39
CA VAL C 498 4.42 44.17 34.41
C VAL C 498 3.59 42.94 34.73
N GLU C 499 2.27 43.10 34.77
CA GLU C 499 1.42 42.18 35.51
C GLU C 499 1.40 40.78 34.91
N THR C 500 1.23 40.68 33.59
CA THR C 500 1.11 39.36 32.99
C THR C 500 2.45 38.63 33.00
N ALA C 501 3.55 39.38 32.87
CA ALA C 501 4.86 38.78 33.08
C ALA C 501 4.97 38.18 34.48
N VAL C 502 4.40 38.85 35.48
CA VAL C 502 4.26 38.23 36.79
C VAL C 502 3.42 36.96 36.65
N LEU C 503 2.28 37.08 35.98
CA LEU C 503 1.39 35.95 35.78
C LEU C 503 2.11 34.79 35.10
N LEU C 504 2.45 34.95 33.82
CA LEU C 504 2.94 33.83 33.03
C LEU C 504 4.18 33.21 33.65
N LEU C 505 4.95 33.99 34.42
CA LEU C 505 6.06 33.40 35.15
C LEU C 505 5.57 32.64 36.36
N ARG C 506 4.54 33.14 37.04
CA ARG C 506 3.95 32.36 38.14
C ARG C 506 3.39 31.04 37.63
N ILE C 507 2.83 31.03 36.43
CA ILE C 507 1.99 29.88 36.08
C ILE C 507 2.86 28.83 35.43
N ASP C 508 3.11 27.75 36.17
CA ASP C 508 3.94 26.68 35.64
C ASP C 508 3.17 25.49 35.11
N ASP C 509 1.84 25.45 35.24
CA ASP C 509 1.06 24.27 34.88
C ASP C 509 -0.15 24.71 34.07
N ILE C 510 -0.22 24.22 32.84
CA ILE C 510 -1.38 24.42 31.98
C ILE C 510 -2.05 23.07 31.78
N VAL C 511 -3.23 22.89 32.37
CA VAL C 511 -3.82 21.55 32.45
C VAL C 511 -5.31 21.67 32.18
N SER C 512 -6.03 20.58 32.39
CA SER C 512 -7.47 20.55 32.15
C SER C 512 -8.23 20.05 33.37
N ASP D 1 -7.78 -34.81 15.51
CA ASP D 1 -7.97 -35.73 16.63
C ASP D 1 -8.39 -34.98 17.86
N ARG D 2 -8.67 -35.71 18.94
CA ARG D 2 -8.96 -35.12 20.24
C ARG D 2 -7.81 -34.23 20.72
N ASP D 3 -6.65 -34.31 20.06
CA ASP D 3 -5.68 -33.23 20.14
C ASP D 3 -6.31 -31.88 19.84
N LYS D 4 -7.09 -31.78 18.75
CA LYS D 4 -7.74 -30.51 18.43
C LYS D 4 -8.65 -30.14 19.60
N PRO D 5 -9.53 -31.06 20.06
CA PRO D 5 -10.12 -30.88 21.38
C PRO D 5 -9.13 -30.66 22.50
N ALA D 6 -8.05 -31.45 22.58
CA ALA D 6 -7.04 -31.17 23.60
C ALA D 6 -6.55 -29.74 23.47
N GLN D 7 -6.12 -29.36 22.27
CA GLN D 7 -5.86 -27.95 21.96
C GLN D 7 -7.01 -27.07 22.45
N ILE D 8 -8.21 -27.32 21.94
CA ILE D 8 -9.41 -26.68 22.50
C ILE D 8 -9.40 -26.77 24.02
N ARG D 9 -9.37 -27.99 24.56
CA ARG D 9 -9.22 -28.16 25.99
C ARG D 9 -8.05 -27.34 26.52
N PHE D 10 -6.87 -27.51 25.92
CA PHE D 10 -5.72 -26.67 26.28
C PHE D 10 -6.06 -25.20 26.17
N SER D 11 -6.79 -24.82 25.12
CA SER D 11 -7.22 -23.43 24.98
C SER D 11 -8.20 -23.05 26.07
N ASN D 12 -9.22 -23.89 26.28
CA ASN D 12 -10.06 -23.74 27.45
C ASN D 12 -9.22 -23.73 28.72
N ILE D 13 -8.34 -24.72 28.85
CA ILE D 13 -7.29 -24.68 29.85
C ILE D 13 -6.56 -23.35 29.81
N SER D 14 -6.15 -22.91 28.62
CA SER D 14 -5.43 -21.65 28.51
C SER D 14 -6.27 -20.50 29.07
N ALA D 15 -7.52 -20.40 28.62
CA ALA D 15 -8.42 -19.40 29.17
C ALA D 15 -8.57 -19.53 30.68
N ALA D 16 -9.12 -20.66 31.14
CA ALA D 16 -9.63 -20.76 32.51
C ALA D 16 -8.53 -20.54 33.55
N LYS D 17 -7.30 -20.93 33.24
CA LYS D 17 -6.27 -20.96 34.28
C LYS D 17 -5.79 -19.55 34.64
N ALA D 18 -5.51 -18.73 33.64
CA ALA D 18 -5.14 -17.34 33.93
C ALA D 18 -6.28 -16.63 34.66
N VAL D 19 -7.52 -17.03 34.40
CA VAL D 19 -8.65 -16.42 35.08
C VAL D 19 -8.63 -16.74 36.56
N ALA D 20 -8.31 -17.99 36.91
CA ALA D 20 -8.29 -18.39 38.31
C ALA D 20 -7.24 -17.60 39.10
N ASP D 21 -6.15 -17.22 38.43
CA ASP D 21 -5.11 -16.46 39.12
C ASP D 21 -5.60 -15.08 39.52
N ALA D 22 -6.40 -14.44 38.66
CA ALA D 22 -6.91 -13.12 38.98
C ALA D 22 -7.64 -13.13 40.32
N ILE D 23 -8.31 -14.23 40.65
CA ILE D 23 -8.93 -14.33 41.96
C ILE D 23 -7.91 -14.71 43.01
N ARG D 24 -6.86 -15.45 42.63
CA ARG D 24 -5.79 -15.77 43.57
C ARG D 24 -5.14 -14.49 44.10
N THR D 25 -5.17 -13.43 43.32
CA THR D 25 -4.82 -12.11 43.81
C THR D 25 -5.80 -11.60 44.85
N SER D 26 -7.08 -11.93 44.70
CA SER D 26 -8.13 -11.58 45.64
C SER D 26 -8.39 -12.66 46.67
N LEU D 27 -7.62 -13.75 46.66
CA LEU D 27 -7.85 -14.84 47.59
C LEU D 27 -7.68 -14.33 49.02
N GLY D 28 -8.73 -14.47 49.81
CA GLY D 28 -8.73 -13.98 51.16
C GLY D 28 -8.86 -12.48 51.20
N PRO D 29 -9.27 -11.93 52.35
CA PRO D 29 -9.27 -10.47 52.51
C PRO D 29 -7.88 -9.89 52.51
N LYS D 30 -6.89 -10.61 53.01
CA LYS D 30 -5.49 -10.31 52.76
C LYS D 30 -5.20 -10.31 51.26
N GLY D 31 -5.81 -11.22 50.50
CA GLY D 31 -5.83 -11.06 49.07
C GLY D 31 -6.49 -9.75 48.68
N MET D 32 -6.11 -9.24 47.53
CA MET D 32 -6.28 -7.83 47.21
C MET D 32 -7.48 -7.63 46.30
N ASP D 33 -8.16 -6.49 46.47
CA ASP D 33 -9.25 -6.12 45.58
C ASP D 33 -8.73 -5.98 44.17
N LYS D 34 -9.64 -6.05 43.21
CA LYS D 34 -9.27 -5.95 41.80
C LYS D 34 -10.13 -4.88 41.13
N MET D 35 -9.49 -3.81 40.69
CA MET D 35 -10.18 -2.75 39.96
C MET D 35 -10.64 -3.28 38.61
N ILE D 36 -11.87 -2.95 38.24
CA ILE D 36 -12.52 -3.50 37.06
C ILE D 36 -13.21 -2.36 36.33
N GLN D 37 -12.85 -2.18 35.06
CA GLN D 37 -13.63 -1.35 34.15
C GLN D 37 -14.78 -2.19 33.64
N ASP D 38 -15.93 -1.57 33.45
CA ASP D 38 -17.08 -2.27 32.89
C ASP D 38 -17.52 -1.55 31.62
N GLY D 39 -18.64 -2.00 31.03
CA GLY D 39 -19.24 -1.25 29.94
C GLY D 39 -19.44 0.22 30.25
N LYS D 40 -19.67 0.55 31.52
CA LYS D 40 -19.61 1.92 31.99
C LYS D 40 -18.23 2.54 31.81
N GLY D 41 -17.21 1.74 31.51
CA GLY D 41 -15.86 2.24 31.48
C GLY D 41 -15.37 2.78 32.80
N ASP D 42 -15.91 2.30 33.92
CA ASP D 42 -15.59 2.83 35.23
C ASP D 42 -15.06 1.73 36.13
N VAL D 43 -14.27 2.13 37.12
CA VAL D 43 -13.57 1.24 38.01
C VAL D 43 -14.58 0.45 38.85
N THR D 44 -14.25 -0.80 39.15
CA THR D 44 -15.03 -1.63 40.07
C THR D 44 -14.04 -2.38 40.96
N ILE D 45 -14.12 -2.15 42.27
CA ILE D 45 -13.10 -2.59 43.21
C ILE D 45 -13.72 -3.61 44.15
N THR D 46 -13.31 -4.88 44.01
CA THR D 46 -13.79 -5.95 44.87
C THR D 46 -12.69 -6.95 45.13
N ASN D 47 -12.66 -7.46 46.37
CA ASN D 47 -11.92 -8.67 46.69
C ASN D 47 -12.72 -9.90 46.32
N ASP D 48 -13.94 -9.70 45.82
CA ASP D 48 -14.89 -10.78 45.60
C ASP D 48 -14.67 -11.36 44.20
N GLY D 49 -14.21 -12.61 44.16
CA GLY D 49 -14.06 -13.27 42.88
C GLY D 49 -15.38 -13.52 42.20
N ALA D 50 -16.39 -13.94 42.97
CA ALA D 50 -17.69 -14.28 42.40
C ALA D 50 -18.22 -13.16 41.54
N THR D 51 -18.18 -11.92 42.05
CA THR D 51 -18.56 -10.81 41.19
C THR D 51 -17.53 -10.60 40.07
N ILE D 52 -16.24 -10.57 40.40
CA ILE D 52 -15.21 -10.42 39.38
C ILE D 52 -15.40 -11.47 38.28
N LEU D 53 -15.79 -12.67 38.67
CA LEU D 53 -16.34 -13.61 37.70
C LEU D 53 -17.48 -12.98 36.93
N LYS D 54 -18.56 -12.64 37.62
CA LYS D 54 -19.76 -12.17 36.94
C LYS D 54 -19.53 -10.80 36.31
N GLN D 55 -19.09 -9.82 37.11
CA GLN D 55 -19.25 -8.40 36.78
C GLN D 55 -18.66 -8.04 35.42
N MET D 56 -17.34 -8.11 35.24
CA MET D 56 -16.77 -8.06 33.89
C MET D 56 -16.19 -9.44 33.61
N GLN D 57 -16.59 -10.01 32.49
CA GLN D 57 -16.31 -11.41 32.21
C GLN D 57 -16.18 -11.62 30.71
N VAL D 58 -15.46 -12.64 30.38
CA VAL D 58 -15.44 -13.18 29.03
C VAL D 58 -16.36 -14.39 29.00
N LEU D 59 -17.12 -14.50 27.91
CA LEU D 59 -18.04 -15.61 27.72
C LEU D 59 -17.35 -16.82 27.11
N HIS D 60 -16.03 -16.82 27.08
CA HIS D 60 -15.30 -18.03 26.76
C HIS D 60 -15.84 -19.18 27.59
N PRO D 61 -16.04 -20.35 26.96
CA PRO D 61 -16.71 -21.45 27.67
C PRO D 61 -16.03 -21.87 28.96
N ALA D 62 -14.71 -22.02 28.94
CA ALA D 62 -14.00 -22.31 30.18
C ALA D 62 -14.27 -21.24 31.23
N ALA D 63 -14.27 -19.97 30.81
CA ALA D 63 -14.62 -18.90 31.73
C ALA D 63 -16.10 -18.97 32.12
N ARG D 64 -16.94 -19.44 31.20
CA ARG D 64 -18.37 -19.58 31.51
C ARG D 64 -18.58 -20.55 32.66
N MET D 65 -17.81 -21.63 32.70
CA MET D 65 -17.96 -22.60 33.77
C MET D 65 -17.56 -22.01 35.11
N LEU D 66 -16.58 -21.11 35.11
CA LEU D 66 -15.93 -20.73 36.36
C LEU D 66 -16.80 -19.81 37.20
N VAL D 67 -17.78 -19.14 36.58
CA VAL D 67 -18.74 -18.39 37.39
C VAL D 67 -19.58 -19.36 38.21
N GLU D 68 -20.04 -20.45 37.58
CA GLU D 68 -20.79 -21.46 38.29
C GLU D 68 -19.90 -22.24 39.24
N LEU D 69 -18.61 -22.29 38.94
CA LEU D 69 -17.64 -22.76 39.93
C LEU D 69 -17.87 -22.11 41.27
N SER D 70 -17.76 -20.78 41.33
CA SER D 70 -18.21 -20.06 42.52
C SER D 70 -19.71 -20.05 42.69
N LYS D 71 -20.48 -19.92 41.60
CA LYS D 71 -21.92 -19.71 41.77
C LYS D 71 -22.57 -20.92 42.43
N ALA D 72 -22.09 -22.12 42.13
CA ALA D 72 -22.42 -23.25 42.97
C ALA D 72 -22.00 -22.99 44.41
N GLN D 73 -20.70 -22.82 44.64
CA GLN D 73 -20.21 -22.49 45.97
C GLN D 73 -20.91 -21.25 46.52
N ASP D 74 -21.33 -20.34 45.63
CA ASP D 74 -22.25 -19.28 46.02
C ASP D 74 -23.52 -19.86 46.60
N ILE D 75 -24.13 -20.82 45.91
CA ILE D 75 -25.39 -21.37 46.39
C ILE D 75 -25.17 -22.61 47.24
N GLU D 76 -23.95 -23.15 47.25
CA GLU D 76 -23.70 -24.34 48.04
C GLU D 76 -23.62 -24.02 49.52
N ALA D 77 -22.54 -23.40 49.93
CA ALA D 77 -22.36 -22.96 51.30
C ALA D 77 -22.76 -21.50 51.50
N GLY D 78 -23.05 -20.79 50.42
CA GLY D 78 -23.15 -19.35 50.49
C GLY D 78 -21.84 -18.64 50.71
N ASP D 79 -20.74 -19.40 50.82
CA ASP D 79 -19.46 -18.90 51.31
C ASP D 79 -18.34 -19.60 50.56
N GLY D 80 -17.10 -19.26 50.94
CA GLY D 80 -15.93 -19.92 50.41
C GLY D 80 -15.82 -19.93 48.90
N THR D 81 -16.41 -18.93 48.25
CA THR D 81 -16.53 -18.98 46.79
C THR D 81 -15.25 -18.49 46.13
N THR D 82 -14.42 -17.77 46.87
CA THR D 82 -13.08 -17.50 46.38
C THR D 82 -12.29 -18.78 46.26
N SER D 83 -12.22 -19.54 47.36
CA SER D 83 -11.45 -20.77 47.40
C SER D 83 -11.79 -21.70 46.25
N VAL D 84 -13.08 -21.83 45.90
CA VAL D 84 -13.46 -22.78 44.87
C VAL D 84 -12.92 -22.33 43.52
N VAL D 85 -12.67 -21.03 43.37
CA VAL D 85 -11.92 -20.57 42.21
C VAL D 85 -10.44 -20.78 42.44
N ILE D 86 -10.00 -20.70 43.69
CA ILE D 86 -8.57 -20.81 43.97
C ILE D 86 -8.15 -22.27 43.93
N ILE D 87 -9.12 -23.18 44.06
CA ILE D 87 -8.82 -24.60 43.88
C ILE D 87 -8.79 -24.95 42.40
N ALA D 88 -9.43 -24.14 41.56
CA ALA D 88 -9.55 -24.47 40.14
C ALA D 88 -8.19 -24.60 39.47
N GLY D 89 -7.48 -23.48 39.27
CA GLY D 89 -6.29 -23.49 38.46
C GLY D 89 -5.19 -24.38 38.99
N SER D 90 -5.31 -24.83 40.24
CA SER D 90 -4.28 -25.65 40.85
C SER D 90 -4.22 -27.02 40.17
N LEU D 91 -5.37 -27.68 39.99
CA LEU D 91 -5.40 -28.90 39.20
C LEU D 91 -5.31 -28.59 37.71
N LEU D 92 -5.99 -27.54 37.25
CA LEU D 92 -5.87 -27.14 35.86
C LEU D 92 -4.43 -27.05 35.40
N ASP D 93 -3.54 -26.52 36.24
CA ASP D 93 -2.12 -26.73 36.02
C ASP D 93 -1.81 -28.22 35.93
N SER D 94 -2.01 -28.94 37.04
CA SER D 94 -1.62 -30.34 37.12
C SER D 94 -2.27 -31.18 36.04
N CYS D 95 -3.49 -30.81 35.61
CA CYS D 95 -4.16 -31.61 34.60
C CYS D 95 -3.46 -31.47 33.25
N THR D 96 -3.07 -30.26 32.89
CA THR D 96 -2.28 -30.09 31.67
C THR D 96 -0.98 -30.87 31.76
N LYS D 97 -0.33 -30.84 32.92
CA LYS D 97 0.84 -31.67 33.17
C LYS D 97 0.59 -33.11 32.74
N LEU D 98 -0.39 -33.76 33.36
CA LEU D 98 -0.79 -35.10 32.94
C LEU D 98 -1.09 -35.15 31.45
N LEU D 99 -1.84 -34.18 30.93
CA LEU D 99 -2.00 -34.05 29.49
C LEU D 99 -0.65 -33.92 28.80
N GLN D 100 0.22 -33.06 29.32
CA GLN D 100 1.58 -32.99 28.82
C GLN D 100 2.33 -34.29 29.07
N LYS D 101 2.05 -34.93 30.21
CA LYS D 101 2.54 -36.29 30.43
C LYS D 101 1.88 -37.27 29.49
N GLY D 102 0.85 -36.82 28.77
CA GLY D 102 0.09 -37.67 27.87
C GLY D 102 -1.00 -38.46 28.55
N ILE D 103 -1.25 -38.21 29.83
CA ILE D 103 -2.25 -38.98 30.57
C ILE D 103 -3.61 -38.69 29.95
N HIS D 104 -4.43 -39.73 29.84
CA HIS D 104 -5.68 -39.58 29.11
C HIS D 104 -6.70 -38.85 29.97
N PRO D 105 -7.33 -37.80 29.45
CA PRO D 105 -8.17 -36.94 30.30
C PRO D 105 -9.23 -37.70 31.05
N THR D 106 -9.78 -38.78 30.47
CA THR D 106 -10.57 -39.70 31.28
C THR D 106 -9.77 -40.20 32.46
N ILE D 107 -8.67 -40.91 32.20
CA ILE D 107 -7.79 -41.37 33.27
C ILE D 107 -7.48 -40.23 34.21
N ILE D 108 -7.17 -39.06 33.66
CA ILE D 108 -7.01 -37.86 34.48
C ILE D 108 -8.27 -37.64 35.32
N SER D 109 -9.40 -37.40 34.66
CA SER D 109 -10.69 -37.38 35.35
C SER D 109 -10.83 -38.58 36.28
N GLU D 110 -10.83 -39.78 35.70
CA GLU D 110 -11.08 -41.01 36.43
C GLU D 110 -10.27 -41.08 37.71
N SER D 111 -9.08 -40.48 37.72
CA SER D 111 -8.22 -40.53 38.88
C SER D 111 -8.70 -39.60 40.00
N PHE D 112 -9.64 -38.71 39.72
CA PHE D 112 -9.78 -37.55 40.61
C PHE D 112 -10.94 -37.68 41.58
N GLN D 113 -12.18 -37.60 41.10
CA GLN D 113 -13.30 -37.80 42.01
C GLN D 113 -13.14 -39.09 42.79
N LYS D 114 -12.48 -40.08 42.18
CA LYS D 114 -11.89 -41.16 42.96
C LYS D 114 -11.10 -40.62 44.14
N ALA D 115 -9.99 -39.93 43.86
CA ALA D 115 -9.11 -39.50 44.95
C ALA D 115 -9.71 -38.36 45.74
N LEU D 116 -10.68 -37.65 45.18
CA LEU D 116 -11.39 -36.62 45.94
C LEU D 116 -12.09 -37.23 47.14
N GLU D 117 -12.72 -38.40 46.94
CA GLU D 117 -13.36 -39.11 48.04
C GLU D 117 -12.35 -39.41 49.14
N LYS D 118 -11.14 -39.79 48.76
CA LYS D 118 -10.07 -39.95 49.74
C LYS D 118 -9.84 -38.66 50.51
N GLY D 119 -9.42 -37.60 49.82
CA GLY D 119 -9.03 -36.36 50.46
C GLY D 119 -10.01 -35.80 51.46
N ILE D 120 -11.30 -35.81 51.12
CA ILE D 120 -12.31 -35.24 52.01
C ILE D 120 -12.30 -35.95 53.36
N GLU D 121 -12.07 -37.26 53.38
CA GLU D 121 -11.92 -37.97 54.65
C GLU D 121 -10.78 -37.40 55.47
N ILE D 122 -9.56 -37.50 54.94
CA ILE D 122 -8.42 -36.91 55.62
C ILE D 122 -8.69 -35.46 55.96
N LEU D 123 -9.30 -34.72 55.03
CA LEU D 123 -9.83 -33.41 55.36
C LEU D 123 -10.77 -33.47 56.56
N THR D 124 -11.76 -34.36 56.50
CA THR D 124 -12.65 -34.54 57.63
C THR D 124 -11.90 -35.07 58.84
N ASP D 125 -10.81 -35.82 58.60
CA ASP D 125 -10.00 -36.29 59.71
C ASP D 125 -9.42 -35.13 60.49
N MET D 126 -9.07 -34.06 59.78
CA MET D 126 -8.57 -32.84 60.40
C MET D 126 -9.66 -32.16 61.22
N SER D 127 -10.91 -32.42 60.88
CA SER D 127 -12.01 -31.58 61.31
C SER D 127 -12.45 -31.90 62.74
N ARG D 128 -13.09 -30.91 63.35
CA ARG D 128 -13.69 -31.01 64.66
C ARG D 128 -15.19 -30.82 64.55
N PRO D 129 -15.99 -31.82 64.86
CA PRO D 129 -17.45 -31.60 64.87
C PRO D 129 -17.87 -30.71 66.02
N VAL D 130 -18.83 -29.83 65.77
CA VAL D 130 -19.43 -29.03 66.82
C VAL D 130 -20.86 -29.51 66.99
N GLU D 131 -21.57 -28.92 67.93
CA GLU D 131 -22.94 -29.36 68.19
C GLU D 131 -23.93 -28.54 67.38
N LEU D 132 -24.57 -29.20 66.42
CA LEU D 132 -25.58 -28.58 65.60
C LEU D 132 -26.90 -28.45 66.32
N SER D 133 -27.23 -29.38 67.22
CA SER D 133 -28.37 -29.25 68.10
C SER D 133 -28.29 -28.07 69.03
N ASP D 134 -27.11 -27.80 69.60
CA ASP D 134 -26.90 -26.64 70.44
C ASP D 134 -26.97 -25.38 69.58
N ARG D 135 -27.87 -24.48 69.95
CA ARG D 135 -27.91 -23.18 69.30
C ARG D 135 -26.67 -22.36 69.65
N GLU D 136 -26.28 -22.37 70.92
CA GLU D 136 -25.20 -21.51 71.40
C GLU D 136 -23.85 -21.94 70.85
N THR D 137 -23.56 -23.24 70.83
CA THR D 137 -22.36 -23.73 70.18
C THR D 137 -22.18 -23.10 68.81
N LEU D 138 -23.13 -23.34 67.92
CA LEU D 138 -23.13 -22.66 66.63
C LEU D 138 -23.15 -21.15 66.81
N LEU D 139 -23.96 -20.65 67.74
CA LEU D 139 -23.96 -19.22 68.05
C LEU D 139 -22.58 -18.79 68.53
N ASN D 140 -21.81 -19.72 69.08
CA ASN D 140 -20.40 -19.45 69.34
C ASN D 140 -19.56 -19.68 68.08
N SER D 141 -19.90 -20.72 67.33
CA SER D 141 -19.02 -21.19 66.25
C SER D 141 -19.15 -20.33 65.01
N ALA D 142 -20.33 -20.32 64.39
CA ALA D 142 -20.54 -19.45 63.24
C ALA D 142 -20.18 -18.01 63.55
N THR D 143 -20.44 -17.59 64.79
CA THR D 143 -19.90 -16.32 65.26
C THR D 143 -18.39 -16.30 65.15
N THR D 144 -17.73 -17.29 65.75
CA THR D 144 -16.29 -17.43 65.56
C THR D 144 -15.94 -17.49 64.08
N SER D 145 -16.77 -18.15 63.28
CA SER D 145 -16.61 -18.08 61.83
C SER D 145 -16.83 -16.66 61.33
N LEU D 146 -17.90 -16.00 61.79
CA LEU D 146 -18.04 -14.58 61.54
C LEU D 146 -16.84 -13.82 62.09
N ASN D 147 -16.36 -14.21 63.26
CA ASN D 147 -15.12 -13.64 63.79
C ASN D 147 -13.93 -14.04 62.92
N SER D 148 -14.02 -15.20 62.26
CA SER D 148 -13.02 -15.57 61.28
C SER D 148 -13.20 -14.79 59.99
N LYS D 149 -14.31 -14.07 59.87
CA LYS D 149 -14.62 -13.31 58.68
C LYS D 149 -14.59 -11.82 58.98
N VAL D 150 -14.86 -11.02 57.94
CA VAL D 150 -14.84 -9.56 58.09
C VAL D 150 -16.09 -9.01 58.75
N VAL D 151 -17.28 -9.43 58.33
CA VAL D 151 -18.51 -8.81 58.77
C VAL D 151 -18.82 -9.31 60.18
N SER D 152 -18.84 -8.38 61.11
CA SER D 152 -18.97 -8.65 62.54
C SER D 152 -20.06 -7.77 63.11
N GLN D 153 -19.88 -6.45 62.93
CA GLN D 153 -20.63 -5.42 63.65
C GLN D 153 -22.09 -5.80 63.78
N TYR D 154 -22.81 -5.83 62.66
CA TYR D 154 -24.16 -6.37 62.65
C TYR D 154 -24.19 -7.86 62.87
N SER D 155 -23.33 -8.62 62.18
CA SER D 155 -23.26 -10.07 62.39
C SER D 155 -23.18 -10.44 63.86
N SER D 156 -22.41 -9.68 64.66
CA SER D 156 -22.46 -9.85 66.10
C SER D 156 -23.89 -9.72 66.60
N LEU D 157 -24.50 -8.54 66.40
CA LEU D 157 -25.92 -8.38 66.66
C LEU D 157 -26.76 -9.42 65.94
N LEU D 158 -26.37 -9.77 64.72
CA LEU D 158 -27.24 -10.58 63.87
C LEU D 158 -26.94 -12.07 64.01
N SER D 159 -25.84 -12.42 64.67
CA SER D 159 -25.61 -13.84 64.95
C SER D 159 -26.77 -14.43 65.75
N PRO D 160 -27.17 -13.87 66.91
CA PRO D 160 -28.36 -14.40 67.57
C PRO D 160 -29.57 -14.34 66.65
N MET D 161 -29.77 -13.22 65.95
CA MET D 161 -30.88 -13.14 65.02
C MET D 161 -30.77 -14.18 63.92
N SER D 162 -29.59 -14.29 63.29
CA SER D 162 -29.38 -15.41 62.37
C SER D 162 -29.62 -16.73 63.07
N VAL D 163 -28.81 -17.04 64.09
CA VAL D 163 -28.84 -18.37 64.67
C VAL D 163 -30.21 -18.69 65.25
N ASN D 164 -30.91 -17.69 65.79
CA ASN D 164 -32.26 -17.93 66.28
C ASN D 164 -33.22 -18.17 65.12
N ALA D 165 -33.26 -17.25 64.16
CA ALA D 165 -34.03 -17.50 62.95
C ALA D 165 -33.65 -18.83 62.34
N VAL D 166 -32.35 -19.15 62.38
CA VAL D 166 -31.91 -20.50 62.06
C VAL D 166 -32.45 -21.49 63.07
N MET D 167 -32.23 -21.24 64.37
CA MET D 167 -32.73 -22.18 65.38
C MET D 167 -34.24 -22.33 65.27
N LYS D 168 -34.92 -21.30 64.78
CA LYS D 168 -36.35 -21.45 64.53
C LYS D 168 -36.61 -22.25 63.25
N VAL D 169 -35.73 -22.15 62.26
CA VAL D 169 -35.81 -23.12 61.17
C VAL D 169 -34.94 -24.33 61.47
N ILE D 170 -34.35 -24.42 62.66
CA ILE D 170 -33.80 -25.67 63.14
C ILE D 170 -34.86 -26.37 63.97
N ASP D 171 -35.51 -27.34 63.36
CA ASP D 171 -36.16 -28.42 64.07
C ASP D 171 -35.14 -29.45 64.52
N PRO D 172 -34.29 -29.97 63.62
CA PRO D 172 -33.48 -31.16 63.96
C PRO D 172 -32.34 -30.82 64.90
N ALA D 173 -32.00 -31.80 65.73
CA ALA D 173 -30.69 -31.82 66.37
C ALA D 173 -29.56 -31.84 65.37
N THR D 174 -29.75 -32.52 64.24
CA THR D 174 -28.83 -32.40 63.12
C THR D 174 -28.83 -30.98 62.57
N ALA D 175 -29.94 -30.27 62.75
CA ALA D 175 -30.18 -28.97 62.14
C ALA D 175 -30.13 -29.07 60.62
N THR D 176 -30.35 -30.28 60.10
CA THR D 176 -30.49 -30.57 58.67
C THR D 176 -29.48 -29.80 57.83
N SER D 177 -29.94 -29.20 56.72
CA SER D 177 -29.09 -28.29 55.97
C SER D 177 -29.31 -26.84 56.39
N VAL D 178 -30.36 -26.60 57.18
CA VAL D 178 -30.94 -25.27 57.40
C VAL D 178 -31.02 -24.56 56.07
N ASP D 179 -31.98 -24.97 55.26
CA ASP D 179 -32.36 -24.22 54.07
C ASP D 179 -32.63 -22.77 54.44
N LEU D 180 -32.04 -21.85 53.68
CA LEU D 180 -32.49 -20.47 53.67
C LEU D 180 -33.84 -20.34 52.99
N ARG D 181 -34.30 -21.43 52.39
CA ARG D 181 -35.64 -21.58 51.86
C ARG D 181 -36.71 -21.09 52.82
N ASP D 182 -36.84 -21.73 53.98
CA ASP D 182 -37.84 -21.35 54.96
C ASP D 182 -37.66 -19.93 55.47
N ILE D 183 -36.49 -19.33 55.26
CA ILE D 183 -36.21 -17.98 55.71
C ILE D 183 -36.72 -16.98 54.67
N LYS D 184 -37.46 -15.98 55.13
CA LYS D 184 -37.79 -14.81 54.33
C LYS D 184 -37.03 -13.61 54.89
N ILE D 185 -36.07 -13.10 54.12
CA ILE D 185 -35.36 -11.90 54.54
C ILE D 185 -36.11 -10.72 53.96
N VAL D 186 -36.68 -9.91 54.85
CA VAL D 186 -37.44 -8.73 54.48
C VAL D 186 -36.68 -7.51 54.96
N LYS D 187 -36.70 -6.45 54.16
CA LYS D 187 -36.17 -5.18 54.61
C LYS D 187 -37.31 -4.18 54.78
N LYS D 188 -37.17 -3.31 55.77
CA LYS D 188 -38.08 -2.19 55.95
C LYS D 188 -37.23 -0.92 56.01
N LEU D 189 -37.68 0.10 55.28
CA LEU D 189 -36.82 1.25 55.02
C LEU D 189 -36.48 2.00 56.30
N GLY D 190 -37.44 2.16 57.19
CA GLY D 190 -37.22 2.81 58.46
C GLY D 190 -36.49 1.93 59.44
N GLY D 191 -36.49 2.35 60.70
CA GLY D 191 -35.88 1.58 61.76
C GLY D 191 -34.36 1.62 61.71
N THR D 192 -33.75 0.75 62.50
CA THR D 192 -32.32 0.53 62.52
C THR D 192 -32.03 -0.96 62.48
N ILE D 193 -30.75 -1.31 62.45
CA ILE D 193 -30.38 -2.73 62.48
C ILE D 193 -30.87 -3.37 63.77
N ASP D 194 -30.94 -2.58 64.84
CA ASP D 194 -31.63 -3.05 66.04
C ASP D 194 -33.08 -3.39 65.74
N ASP D 195 -33.68 -2.67 64.79
CA ASP D 195 -35.06 -2.88 64.38
C ASP D 195 -35.20 -3.95 63.31
N CYS D 196 -34.09 -4.49 62.81
CA CYS D 196 -34.16 -5.80 62.17
C CYS D 196 -34.71 -6.80 63.17
N GLU D 197 -35.75 -7.53 62.77
CA GLU D 197 -36.31 -8.46 63.74
C GLU D 197 -36.81 -9.72 63.05
N LEU D 198 -36.69 -10.81 63.79
CA LEU D 198 -37.16 -12.12 63.36
C LEU D 198 -38.67 -12.16 63.56
N VAL D 199 -39.41 -12.49 62.52
CA VAL D 199 -40.86 -12.54 62.63
C VAL D 199 -41.36 -13.91 62.20
N GLU D 200 -42.25 -14.48 63.00
CA GLU D 200 -42.67 -15.88 62.88
C GLU D 200 -43.91 -16.08 62.05
N GLY D 201 -44.36 -15.03 61.39
CA GLY D 201 -45.28 -15.16 60.28
C GLY D 201 -44.88 -14.09 59.30
N LEU D 202 -45.21 -14.26 58.03
CA LEU D 202 -44.51 -13.54 56.98
C LEU D 202 -44.77 -12.05 57.07
N VAL D 203 -43.69 -11.29 57.05
CA VAL D 203 -43.73 -9.85 56.85
C VAL D 203 -43.95 -9.61 55.38
N LEU D 204 -45.08 -9.00 55.06
CA LEU D 204 -45.56 -8.93 53.69
C LEU D 204 -45.42 -7.50 53.20
N THR D 205 -45.18 -7.35 51.90
CA THR D 205 -45.05 -6.04 51.29
C THR D 205 -46.32 -5.25 51.53
N GLN D 206 -46.17 -4.06 52.13
CA GLN D 206 -47.25 -3.10 52.26
C GLN D 206 -48.48 -3.64 52.96
N LYS D 207 -49.63 -3.27 52.39
CA LYS D 207 -50.96 -3.83 52.58
C LYS D 207 -51.84 -3.01 51.65
N VAL D 208 -52.96 -3.54 51.19
CA VAL D 208 -53.86 -2.79 50.33
C VAL D 208 -55.29 -3.07 50.78
N SER D 209 -55.95 -2.05 51.32
CA SER D 209 -57.37 -2.16 51.65
C SER D 209 -58.04 -0.83 51.42
N ASN D 210 -59.19 -0.86 50.75
CA ASN D 210 -60.02 0.32 50.60
C ASN D 210 -60.90 0.56 51.81
N SER D 211 -61.96 -0.22 52.00
CA SER D 211 -62.70 -0.23 53.25
C SER D 211 -62.27 -1.43 54.08
N GLY D 212 -61.34 -2.22 53.56
CA GLY D 212 -60.92 -3.45 54.20
C GLY D 212 -60.34 -3.24 55.58
N ILE D 213 -60.64 -4.16 56.50
CA ILE D 213 -60.20 -4.02 57.88
C ILE D 213 -58.69 -3.86 57.94
N THR D 214 -58.24 -2.88 58.72
CA THR D 214 -56.81 -2.57 58.78
C THR D 214 -56.00 -3.78 59.25
N ARG D 215 -56.38 -4.36 60.37
CA ARG D 215 -55.74 -5.57 60.90
C ARG D 215 -56.82 -6.56 61.30
N VAL D 216 -56.83 -7.73 60.66
CA VAL D 216 -57.74 -8.80 61.02
C VAL D 216 -56.94 -9.91 61.71
N GLU D 217 -57.35 -10.25 62.92
CA GLU D 217 -56.79 -11.38 63.64
C GLU D 217 -57.34 -12.67 63.05
N LYS D 218 -56.64 -13.77 63.32
CA LYS D 218 -57.07 -15.10 62.90
C LYS D 218 -57.24 -15.16 61.38
N ALA D 219 -56.40 -14.38 60.70
CA ALA D 219 -56.64 -14.04 59.31
C ALA D 219 -56.60 -15.28 58.43
N LYS D 220 -57.70 -15.48 57.72
CA LYS D 220 -57.77 -16.40 56.58
C LYS D 220 -57.16 -15.66 55.41
N ILE D 221 -56.07 -16.18 54.88
CA ILE D 221 -55.28 -15.46 53.88
C ILE D 221 -55.76 -15.92 52.52
N GLY D 222 -56.44 -15.04 51.81
CA GLY D 222 -56.90 -15.40 50.48
C GLY D 222 -55.79 -15.19 49.48
N LEU D 223 -55.93 -15.75 48.29
CA LEU D 223 -55.04 -15.42 47.18
C LEU D 223 -55.89 -15.30 45.94
N ILE D 224 -55.60 -14.33 45.09
CA ILE D 224 -56.36 -14.16 43.86
C ILE D 224 -55.45 -14.54 42.70
N GLN D 225 -55.69 -15.73 42.15
CA GLN D 225 -55.10 -16.14 40.87
C GLN D 225 -56.14 -16.03 39.76
N PHE D 226 -57.29 -15.43 40.07
CA PHE D 226 -58.39 -15.24 39.13
C PHE D 226 -58.50 -13.77 38.79
N CYS D 227 -59.04 -13.49 37.60
CA CYS D 227 -59.20 -12.10 37.16
C CYS D 227 -60.45 -11.48 37.79
N LEU D 228 -60.25 -10.42 38.58
CA LEU D 228 -61.37 -9.66 39.11
C LEU D 228 -62.01 -8.74 38.08
N SER D 229 -61.25 -8.31 37.08
CA SER D 229 -61.82 -7.51 36.00
C SER D 229 -62.85 -8.32 35.23
N ALA D 230 -63.92 -7.64 34.82
CA ALA D 230 -64.87 -8.25 33.92
C ALA D 230 -64.15 -8.64 32.64
N PRO D 231 -64.62 -9.67 31.93
CA PRO D 231 -63.92 -10.11 30.72
C PRO D 231 -63.71 -8.97 29.75
N LYS D 232 -62.65 -9.01 28.96
CA LYS D 232 -62.35 -7.88 28.11
C LYS D 232 -62.83 -8.18 26.70
N THR D 233 -63.97 -7.60 26.33
CA THR D 233 -64.50 -7.77 25.00
C THR D 233 -64.12 -6.62 24.07
N ASP D 234 -63.64 -5.49 24.60
CA ASP D 234 -63.14 -4.42 23.76
C ASP D 234 -61.78 -3.88 24.17
N MET D 235 -61.65 -3.19 25.32
CA MET D 235 -60.32 -2.82 25.79
C MET D 235 -60.01 -3.53 27.09
N ASP D 236 -60.47 -2.99 28.23
CA ASP D 236 -60.58 -3.80 29.43
C ASP D 236 -62.02 -4.16 29.79
N ASN D 237 -63.02 -3.63 29.10
CA ASN D 237 -64.37 -3.60 29.65
C ASN D 237 -65.26 -4.62 28.97
N GLN D 238 -66.22 -5.14 29.74
CA GLN D 238 -67.16 -6.11 29.19
C GLN D 238 -68.02 -5.49 28.09
N ILE D 239 -67.96 -4.17 27.95
CA ILE D 239 -68.62 -3.50 26.83
C ILE D 239 -67.85 -3.75 25.55
N VAL D 240 -68.51 -3.54 24.41
CA VAL D 240 -67.86 -3.40 23.13
C VAL D 240 -68.00 -1.94 22.73
N VAL D 241 -67.04 -1.44 21.96
CA VAL D 241 -67.03 -0.02 21.65
C VAL D 241 -67.74 0.20 20.32
N SER D 242 -68.95 0.72 20.40
CA SER D 242 -69.61 1.39 19.29
C SER D 242 -70.32 2.67 19.69
N ASP D 243 -71.38 2.60 20.49
CA ASP D 243 -72.18 3.75 20.86
C ASP D 243 -72.25 3.84 22.37
N TYR D 244 -73.00 4.83 22.85
CA TYR D 244 -73.18 5.03 24.30
C TYR D 244 -74.26 4.10 24.86
N ALA D 245 -75.28 3.79 24.07
CA ALA D 245 -76.48 3.18 24.62
C ALA D 245 -76.32 1.69 24.85
N GLN D 246 -75.84 0.94 23.84
CA GLN D 246 -75.76 -0.51 23.97
C GLN D 246 -74.73 -0.92 25.00
N MET D 247 -73.71 -0.08 25.21
CA MET D 247 -72.66 -0.45 26.14
C MET D 247 -73.10 -0.29 27.59
N ASP D 248 -73.96 0.69 27.88
CA ASP D 248 -74.32 0.97 29.27
C ASP D 248 -75.06 -0.21 29.89
N ARG D 249 -75.80 -0.96 29.08
CA ARG D 249 -76.45 -2.16 29.57
C ARG D 249 -75.44 -3.28 29.79
N VAL D 250 -74.37 -3.31 29.00
CA VAL D 250 -73.29 -4.27 29.26
C VAL D 250 -72.19 -3.60 30.08
N LEU D 251 -72.31 -2.28 30.28
CA LEU D 251 -71.62 -1.65 31.40
C LEU D 251 -72.21 -2.14 32.71
N ARG D 252 -73.54 -2.28 32.75
CA ARG D 252 -74.20 -2.95 33.85
C ARG D 252 -73.63 -4.35 34.06
N GLU D 253 -73.24 -5.01 32.96
CA GLU D 253 -72.69 -6.36 33.06
C GLU D 253 -71.30 -6.36 33.69
N GLU D 254 -70.41 -5.48 33.22
CA GLU D 254 -69.12 -5.31 33.88
C GLU D 254 -69.28 -5.04 35.37
N ARG D 255 -70.31 -4.27 35.72
CA ARG D 255 -70.59 -3.99 37.12
C ARG D 255 -70.78 -5.26 37.93
N ALA D 256 -71.87 -5.98 37.68
CA ALA D 256 -72.26 -7.07 38.56
C ALA D 256 -71.20 -8.17 38.62
N TYR D 257 -70.65 -8.54 37.46
CA TYR D 257 -69.67 -9.61 37.43
C TYR D 257 -68.50 -9.35 38.37
N ILE D 258 -67.89 -8.18 38.27
CA ILE D 258 -66.72 -7.91 39.10
C ILE D 258 -67.10 -7.91 40.57
N LEU D 259 -68.33 -7.49 40.88
CA LEU D 259 -68.80 -7.52 42.26
C LEU D 259 -69.09 -8.94 42.71
N ASN D 260 -69.76 -9.72 41.86
CA ASN D 260 -70.17 -11.07 42.22
C ASN D 260 -68.98 -11.95 42.57
N LEU D 261 -68.02 -12.07 41.64
CA LEU D 261 -66.76 -12.73 41.94
C LEU D 261 -66.19 -12.21 43.26
N VAL D 262 -66.15 -10.88 43.40
CA VAL D 262 -65.78 -10.27 44.67
C VAL D 262 -66.73 -10.70 45.79
N LYS D 263 -68.04 -10.65 45.54
CA LYS D 263 -68.96 -11.18 46.55
C LYS D 263 -68.64 -12.64 46.84
N GLN D 264 -68.48 -13.45 45.80
CA GLN D 264 -68.10 -14.84 45.95
C GLN D 264 -66.82 -15.00 46.77
N ILE D 265 -65.87 -14.08 46.62
CA ILE D 265 -64.67 -14.12 47.44
C ILE D 265 -65.03 -14.23 48.92
N LYS D 266 -65.74 -13.24 49.45
CA LYS D 266 -66.07 -13.25 50.87
C LYS D 266 -67.16 -14.28 51.16
N LYS D 267 -67.83 -14.80 50.13
CA LYS D 267 -68.90 -15.77 50.38
C LYS D 267 -68.34 -17.15 50.69
N THR D 268 -67.28 -17.57 49.99
CA THR D 268 -66.46 -18.65 50.53
C THR D 268 -65.53 -18.13 51.62
N GLY D 269 -65.20 -16.85 51.53
CA GLY D 269 -64.67 -16.08 52.64
C GLY D 269 -63.17 -16.11 52.84
N CYS D 270 -62.63 -14.97 53.24
CA CYS D 270 -61.23 -14.80 53.63
C CYS D 270 -61.15 -13.61 54.58
N ASN D 271 -60.26 -13.68 55.55
CA ASN D 271 -59.92 -12.51 56.34
C ASN D 271 -58.87 -11.62 55.68
N VAL D 272 -57.88 -12.21 55.01
CA VAL D 272 -56.90 -11.48 54.22
C VAL D 272 -56.93 -12.08 52.82
N LEU D 273 -56.60 -11.27 51.82
CA LEU D 273 -56.50 -11.72 50.45
C LEU D 273 -55.14 -11.35 49.88
N LEU D 274 -54.35 -12.35 49.55
CA LEU D 274 -53.13 -12.13 48.78
C LEU D 274 -53.59 -11.71 47.39
N ILE D 275 -53.10 -10.59 46.93
CA ILE D 275 -53.31 -10.18 45.55
C ILE D 275 -51.96 -9.89 44.94
N GLN D 276 -51.65 -10.61 43.88
CA GLN D 276 -50.46 -10.41 43.08
C GLN D 276 -50.62 -9.08 42.35
N LYS D 277 -49.66 -8.74 41.51
CA LYS D 277 -49.84 -7.54 40.72
C LYS D 277 -50.95 -7.75 39.68
N SER D 278 -51.60 -6.65 39.32
CA SER D 278 -52.59 -6.68 38.24
C SER D 278 -51.95 -6.89 36.88
N ILE D 279 -50.63 -6.72 36.80
CA ILE D 279 -49.84 -7.16 35.65
C ILE D 279 -49.50 -8.64 35.83
N LEU D 280 -49.23 -9.06 37.08
CA LEU D 280 -49.22 -10.46 37.45
C LEU D 280 -50.60 -11.08 37.33
N ARG D 281 -51.58 -10.24 37.01
CA ARG D 281 -52.92 -10.60 36.59
C ARG D 281 -53.09 -10.19 35.14
N ASP D 282 -54.05 -10.78 34.47
CA ASP D 282 -54.57 -10.14 33.27
C ASP D 282 -55.08 -8.75 33.60
N ALA D 283 -56.16 -8.66 34.36
CA ALA D 283 -56.59 -7.40 34.95
C ALA D 283 -57.45 -7.70 36.19
N LEU D 284 -57.43 -6.76 37.12
CA LEU D 284 -58.22 -6.84 38.34
C LEU D 284 -59.04 -5.56 38.47
N SER D 285 -60.37 -5.69 38.38
CA SER D 285 -61.22 -4.52 38.45
C SER D 285 -61.18 -3.95 39.86
N ASP D 286 -60.89 -2.66 39.96
CA ASP D 286 -60.82 -2.02 41.27
C ASP D 286 -62.21 -1.74 41.81
N LEU D 287 -63.16 -1.41 40.95
CA LEU D 287 -64.54 -1.24 41.40
C LEU D 287 -65.05 -2.49 42.07
N ALA D 288 -64.58 -3.65 41.62
CA ALA D 288 -64.73 -4.87 42.39
C ALA D 288 -64.00 -4.77 43.71
N LEU D 289 -62.70 -4.42 43.67
CA LEU D 289 -61.92 -4.28 44.89
C LEU D 289 -62.45 -3.14 45.75
N HIS D 290 -62.81 -2.02 45.12
CA HIS D 290 -63.53 -0.97 45.82
C HIS D 290 -64.70 -1.54 46.60
N PHE D 291 -65.41 -2.50 46.01
CA PHE D 291 -66.48 -3.19 46.74
C PHE D 291 -65.92 -4.34 47.56
N LEU D 292 -64.75 -4.87 47.19
CA LEU D 292 -64.21 -6.03 47.88
C LEU D 292 -63.70 -5.68 49.26
N ASN D 293 -62.91 -4.63 49.37
CA ASN D 293 -62.58 -4.10 50.69
C ASN D 293 -63.79 -3.46 51.32
N LYS D 294 -64.75 -3.00 50.50
CA LYS D 294 -66.04 -2.56 51.02
C LYS D 294 -66.79 -3.71 51.68
N MET D 295 -66.51 -4.94 51.26
CA MET D 295 -66.95 -6.11 52.01
C MET D 295 -66.16 -6.29 53.30
N LYS D 296 -65.21 -5.37 53.56
CA LYS D 296 -64.47 -5.28 54.81
C LYS D 296 -63.52 -6.45 54.98
N ILE D 297 -62.87 -6.86 53.89
CA ILE D 297 -61.82 -7.87 53.93
C ILE D 297 -60.48 -7.16 53.96
N MET D 298 -59.64 -7.51 54.92
CA MET D 298 -58.24 -7.10 54.91
C MET D 298 -57.60 -7.73 53.68
N VAL D 299 -56.79 -6.96 52.97
CA VAL D 299 -56.24 -7.40 51.69
C VAL D 299 -54.84 -6.83 51.54
N ILE D 300 -54.01 -7.54 50.77
CA ILE D 300 -52.81 -6.96 50.16
C ILE D 300 -52.97 -7.08 48.66
N LYS D 301 -52.44 -6.11 47.92
CA LYS D 301 -52.45 -6.15 46.47
C LYS D 301 -51.02 -6.02 45.97
N ASP D 302 -50.79 -6.53 44.76
CA ASP D 302 -49.52 -6.37 44.07
C ASP D 302 -48.38 -6.99 44.86
N ILE D 303 -48.37 -8.33 44.95
CA ILE D 303 -47.29 -9.05 45.59
C ILE D 303 -46.70 -9.99 44.55
N GLU D 304 -45.42 -10.33 44.72
CA GLU D 304 -44.75 -11.23 43.80
C GLU D 304 -45.46 -12.59 43.78
N ARG D 305 -45.82 -13.03 42.57
CA ARG D 305 -46.31 -14.39 42.44
C ARG D 305 -45.24 -15.40 42.84
N GLU D 306 -43.96 -14.97 42.80
CA GLU D 306 -42.89 -15.81 43.29
C GLU D 306 -42.80 -15.76 44.81
N ASP D 307 -42.88 -14.56 45.38
CA ASP D 307 -43.02 -14.46 46.83
C ASP D 307 -44.29 -15.14 47.29
N ILE D 308 -45.36 -15.04 46.49
CA ILE D 308 -46.54 -15.88 46.71
C ILE D 308 -46.13 -17.33 46.85
N GLU D 309 -45.32 -17.84 45.92
CA GLU D 309 -44.84 -19.21 46.04
C GLU D 309 -44.07 -19.40 47.34
N PHE D 310 -43.33 -18.38 47.78
CA PHE D 310 -42.76 -18.44 49.12
C PHE D 310 -43.86 -18.39 50.17
N ILE D 311 -44.80 -17.48 49.97
CA ILE D 311 -45.92 -17.35 50.91
C ILE D 311 -46.74 -18.63 50.93
N CYS D 312 -47.00 -19.20 49.76
CA CYS D 312 -47.77 -20.44 49.68
C CYS D 312 -47.14 -21.54 50.52
N LYS D 313 -45.82 -21.69 50.43
CA LYS D 313 -45.17 -22.81 51.09
C LYS D 313 -44.95 -22.52 52.57
N THR D 314 -44.53 -21.31 52.91
CA THR D 314 -44.08 -21.06 54.27
C THR D 314 -45.25 -20.86 55.23
N ILE D 315 -46.20 -19.99 54.88
CA ILE D 315 -47.37 -19.79 55.74
C ILE D 315 -48.57 -20.59 55.28
N GLY D 316 -48.43 -21.40 54.25
CA GLY D 316 -49.52 -22.28 53.88
C GLY D 316 -50.74 -21.59 53.32
N THR D 317 -50.55 -20.47 52.62
CA THR D 317 -51.64 -19.92 51.83
C THR D 317 -51.45 -20.29 50.37
N LYS D 318 -52.26 -21.25 49.95
CA LYS D 318 -51.93 -21.96 48.72
C LYS D 318 -52.51 -21.22 47.52
N PRO D 319 -51.96 -21.47 46.32
CA PRO D 319 -52.40 -20.72 45.13
C PRO D 319 -53.89 -20.81 44.88
N VAL D 320 -54.57 -19.69 44.76
CA VAL D 320 -56.02 -19.68 44.62
C VAL D 320 -56.42 -18.89 43.38
N ALA D 321 -56.90 -19.60 42.37
CA ALA D 321 -57.53 -18.99 41.21
C ALA D 321 -59.05 -19.01 41.28
N HIS D 322 -59.62 -19.47 42.39
CA HIS D 322 -61.06 -19.70 42.40
C HIS D 322 -61.67 -19.34 43.75
N ILE D 323 -62.90 -18.84 43.66
CA ILE D 323 -63.76 -18.72 44.82
C ILE D 323 -63.80 -20.03 45.58
N ASP D 324 -63.91 -21.15 44.85
CA ASP D 324 -63.92 -22.45 45.49
C ASP D 324 -62.60 -22.73 46.19
N GLN D 325 -61.48 -22.35 45.59
CA GLN D 325 -60.17 -22.48 46.19
C GLN D 325 -60.02 -21.59 47.42
N PHE D 326 -60.98 -20.70 47.66
CA PHE D 326 -61.22 -20.14 48.98
C PHE D 326 -62.16 -21.10 49.70
N THR D 327 -61.69 -21.74 50.77
CA THR D 327 -62.66 -22.03 51.83
C THR D 327 -62.12 -21.54 53.16
N ALA D 328 -61.43 -22.41 53.88
CA ALA D 328 -60.24 -22.11 54.65
C ALA D 328 -59.06 -22.83 53.99
N ASP D 329 -59.36 -23.65 52.98
CA ASP D 329 -58.47 -24.69 52.48
C ASP D 329 -57.10 -24.18 52.06
N MET D 330 -57.03 -23.43 50.97
CA MET D 330 -55.77 -22.88 50.50
C MET D 330 -55.43 -21.60 51.24
N LEU D 331 -56.24 -21.23 52.22
CA LEU D 331 -56.09 -20.03 53.00
C LEU D 331 -55.26 -20.34 54.24
N GLY D 332 -54.07 -19.74 54.32
CA GLY D 332 -53.34 -19.77 55.56
C GLY D 332 -54.12 -19.03 56.63
N SER D 333 -54.07 -19.56 57.84
CA SER D 333 -54.78 -18.94 58.95
C SER D 333 -53.76 -18.14 59.73
N ALA D 334 -53.82 -16.82 59.63
CA ALA D 334 -52.84 -15.93 60.21
C ALA D 334 -53.37 -15.30 61.49
N GLU D 335 -52.77 -15.71 62.62
CA GLU D 335 -53.25 -15.29 63.92
C GLU D 335 -53.32 -13.77 64.03
N LEU D 336 -52.25 -13.08 63.70
CA LEU D 336 -52.28 -11.61 63.65
C LEU D 336 -51.80 -11.15 62.30
N ALA D 337 -52.71 -10.55 61.54
CA ALA D 337 -52.38 -9.91 60.28
C ALA D 337 -52.45 -8.40 60.48
N GLU D 338 -51.31 -7.73 60.40
CA GLU D 338 -51.28 -6.28 60.46
C GLU D 338 -50.03 -5.79 59.75
N GLU D 339 -50.12 -4.62 59.13
CA GLU D 339 -48.91 -3.97 58.63
C GLU D 339 -48.38 -3.00 59.66
N VAL D 340 -47.06 -2.98 59.81
CA VAL D 340 -46.39 -2.06 60.71
C VAL D 340 -45.75 -0.96 59.88
N ASN D 341 -46.29 0.24 59.99
CA ASN D 341 -45.71 1.45 59.43
C ASN D 341 -44.59 2.02 60.29
N LEU D 342 -44.34 1.43 61.46
CA LEU D 342 -43.61 2.10 62.53
C LEU D 342 -42.12 2.12 62.31
N ASN D 343 -41.40 2.68 63.28
CA ASN D 343 -39.95 2.80 63.24
C ASN D 343 -39.51 3.45 61.94
N GLY D 344 -39.77 4.74 61.82
CA GLY D 344 -39.41 5.45 60.62
C GLY D 344 -40.33 5.09 59.47
N SER D 345 -39.73 4.86 58.31
CA SER D 345 -40.47 4.65 57.08
C SER D 345 -40.77 3.17 56.88
N GLY D 346 -41.47 2.90 55.79
CA GLY D 346 -41.86 1.55 55.40
C GLY D 346 -43.18 1.13 56.03
N LYS D 347 -43.92 0.31 55.28
CA LYS D 347 -45.08 -0.36 55.85
C LYS D 347 -45.06 -1.79 55.27
N LEU D 348 -45.18 -2.76 56.16
CA LEU D 348 -45.12 -4.15 55.76
C LEU D 348 -46.13 -4.94 56.56
N LEU D 349 -47.00 -5.67 55.87
CA LEU D 349 -47.97 -6.52 56.55
C LEU D 349 -47.17 -7.59 57.28
N LYS D 350 -47.37 -7.67 58.58
CA LYS D 350 -46.64 -8.61 59.41
C LYS D 350 -47.61 -9.63 59.98
N ILE D 351 -47.53 -10.84 59.47
CA ILE D 351 -48.27 -11.97 60.02
C ILE D 351 -47.60 -12.26 61.36
N THR D 352 -48.37 -12.20 62.43
CA THR D 352 -47.87 -12.57 63.74
C THR D 352 -48.67 -13.78 64.20
N GLY D 353 -48.04 -14.95 64.14
CA GLY D 353 -48.72 -16.21 64.36
C GLY D 353 -49.41 -16.60 63.07
N CYS D 354 -49.43 -17.89 62.74
CA CYS D 354 -50.11 -18.33 61.53
C CYS D 354 -50.30 -19.84 61.59
N ALA D 355 -51.16 -20.35 60.72
CA ALA D 355 -51.15 -21.77 60.42
C ALA D 355 -50.20 -21.94 59.24
N SER D 356 -49.03 -22.54 59.49
CA SER D 356 -47.93 -22.44 58.55
C SER D 356 -47.18 -23.76 58.48
N PRO D 357 -46.74 -24.16 57.30
CA PRO D 357 -45.87 -25.34 57.20
C PRO D 357 -44.46 -25.01 57.69
N GLY D 358 -43.78 -26.03 58.21
CA GLY D 358 -42.48 -25.85 58.83
C GLY D 358 -42.55 -24.86 59.97
N LYS D 359 -41.43 -24.29 60.36
CA LYS D 359 -41.51 -23.13 61.23
C LYS D 359 -41.19 -21.89 60.40
N THR D 360 -42.22 -21.12 60.10
CA THR D 360 -42.11 -20.03 59.13
C THR D 360 -41.40 -18.87 59.80
N VAL D 361 -40.27 -18.49 59.24
CA VAL D 361 -39.40 -17.48 59.83
C VAL D 361 -39.09 -16.43 58.78
N THR D 362 -39.57 -15.22 59.04
CA THR D 362 -39.16 -14.08 58.24
C THR D 362 -38.44 -13.11 59.16
N ILE D 363 -37.40 -12.47 58.64
CA ILE D 363 -36.65 -11.49 59.41
C ILE D 363 -36.84 -10.13 58.74
N VAL D 364 -37.27 -9.16 59.52
CA VAL D 364 -37.32 -7.77 59.09
C VAL D 364 -35.89 -7.28 59.02
N VAL D 365 -35.56 -6.54 57.98
CA VAL D 365 -34.31 -5.79 57.97
C VAL D 365 -34.64 -4.31 57.97
N ARG D 366 -34.44 -3.68 59.12
CA ARG D 366 -34.56 -2.24 59.23
C ARG D 366 -33.16 -1.71 59.44
N GLY D 367 -32.92 -0.50 58.99
CA GLY D 367 -31.59 0.06 59.10
C GLY D 367 -31.67 1.56 59.10
N SER D 368 -30.66 2.16 59.73
CA SER D 368 -30.61 3.62 59.86
C SER D 368 -30.86 4.29 58.52
N ASN D 369 -30.35 3.71 57.44
CA ASN D 369 -30.80 4.07 56.11
C ASN D 369 -30.86 2.82 55.26
N LYS D 370 -31.13 3.02 53.97
CA LYS D 370 -31.04 1.94 53.00
C LYS D 370 -29.69 1.25 53.09
N LEU D 371 -28.60 2.01 53.09
CA LEU D 371 -27.28 1.41 53.16
C LEU D 371 -27.11 0.62 54.46
N VAL D 372 -27.51 1.20 55.58
CA VAL D 372 -27.47 0.47 56.84
C VAL D 372 -28.32 -0.79 56.74
N ILE D 373 -29.49 -0.69 56.12
CA ILE D 373 -30.24 -1.90 55.77
C ILE D 373 -29.38 -2.84 54.97
N GLU D 374 -28.79 -2.35 53.87
CA GLU D 374 -27.99 -3.17 52.97
C GLU D 374 -26.87 -3.89 53.69
N GLU D 375 -26.25 -3.26 54.69
CA GLU D 375 -25.04 -3.82 55.27
C GLU D 375 -25.33 -5.05 56.12
N ALA D 376 -26.40 -5.02 56.90
CA ALA D 376 -26.74 -6.16 57.75
C ALA D 376 -27.26 -7.33 56.92
N GLU D 377 -27.56 -7.11 55.65
CA GLU D 377 -28.14 -8.17 54.84
C GLU D 377 -27.15 -9.31 54.63
N ARG D 378 -25.91 -8.99 54.31
CA ARG D 378 -24.89 -10.02 54.35
C ARG D 378 -24.66 -10.51 55.77
N SER D 379 -24.69 -9.59 56.75
CA SER D 379 -24.41 -9.95 58.13
C SER D 379 -25.15 -11.21 58.55
N ILE D 380 -26.49 -11.16 58.54
CA ILE D 380 -27.25 -12.40 58.63
C ILE D 380 -26.77 -13.40 57.58
N HIS D 381 -26.91 -13.06 56.30
CA HIS D 381 -26.62 -14.00 55.23
C HIS D 381 -25.26 -14.65 55.45
N ASP D 382 -24.23 -13.84 55.72
CA ASP D 382 -22.94 -14.39 56.12
C ASP D 382 -23.10 -15.41 57.23
N ALA D 383 -23.61 -14.97 58.38
CA ALA D 383 -23.92 -15.90 59.46
C ALA D 383 -24.82 -17.02 58.97
N LEU D 384 -25.97 -16.67 58.38
CA LEU D 384 -26.88 -17.67 57.83
C LEU D 384 -26.15 -18.67 56.95
N CYS D 385 -25.20 -18.20 56.15
CA CYS D 385 -24.47 -19.11 55.27
C CYS D 385 -23.52 -20.00 56.07
N VAL D 386 -22.60 -19.41 56.85
CA VAL D 386 -21.70 -20.24 57.64
C VAL D 386 -22.48 -21.15 58.57
N ILE D 387 -23.65 -20.71 59.01
CA ILE D 387 -24.58 -21.65 59.63
C ILE D 387 -24.94 -22.75 58.64
N ARG D 388 -25.66 -22.42 57.57
CA ARG D 388 -26.07 -23.45 56.62
C ARG D 388 -24.86 -24.17 56.03
N CYS D 389 -23.68 -23.57 56.13
CA CYS D 389 -22.46 -24.34 56.00
C CYS D 389 -22.40 -25.44 57.07
N LEU D 390 -22.33 -25.05 58.34
CA LEU D 390 -21.91 -25.97 59.39
C LEU D 390 -23.05 -26.87 59.85
N VAL D 391 -24.29 -26.37 59.87
CA VAL D 391 -25.40 -27.26 60.18
C VAL D 391 -25.55 -28.32 59.11
N LYS D 392 -25.31 -27.95 57.85
CA LYS D 392 -25.42 -28.90 56.75
C LYS D 392 -24.25 -29.88 56.79
N LYS D 393 -23.03 -29.37 56.95
CA LYS D 393 -21.85 -30.20 57.12
C LYS D 393 -21.36 -30.03 58.55
N ARG D 394 -21.53 -31.08 59.37
CA ARG D 394 -21.41 -30.94 60.81
C ARG D 394 -20.00 -30.57 61.23
N ALA D 395 -19.01 -31.27 60.71
CA ALA D 395 -17.67 -31.09 61.23
C ALA D 395 -17.11 -29.73 60.85
N LEU D 396 -16.60 -29.03 61.86
CA LEU D 396 -16.01 -27.72 61.71
C LEU D 396 -14.51 -27.90 61.48
N ILE D 397 -13.93 -27.01 60.69
CA ILE D 397 -12.49 -27.04 60.44
C ILE D 397 -11.97 -25.61 60.46
N ALA D 398 -10.70 -25.45 60.78
CA ALA D 398 -10.16 -24.11 60.75
C ALA D 398 -9.86 -23.69 59.31
N GLY D 399 -9.85 -22.39 59.09
CA GLY D 399 -9.60 -21.82 57.79
C GLY D 399 -8.11 -21.63 57.55
N GLY D 400 -7.79 -20.61 56.77
CA GLY D 400 -6.41 -20.23 56.54
C GLY D 400 -5.62 -21.13 55.61
N GLY D 401 -6.28 -21.96 54.82
CA GLY D 401 -5.61 -22.80 53.84
C GLY D 401 -4.73 -23.87 54.42
N ALA D 402 -4.69 -24.04 55.73
CA ALA D 402 -3.85 -25.05 56.34
C ALA D 402 -4.29 -26.46 55.95
N PRO D 403 -5.58 -26.83 56.09
CA PRO D 403 -5.98 -28.20 55.68
C PRO D 403 -5.49 -28.59 54.31
N GLU D 404 -5.34 -27.63 53.39
CA GLU D 404 -4.69 -27.91 52.12
C GLU D 404 -3.24 -28.29 52.31
N ILE D 405 -2.50 -27.52 53.11
CA ILE D 405 -1.12 -27.86 53.45
C ILE D 405 -1.07 -29.22 54.13
N GLU D 406 -2.16 -29.55 54.81
CA GLU D 406 -2.21 -30.81 55.56
C GLU D 406 -2.52 -31.97 54.62
N LEU D 407 -3.41 -31.72 53.66
CA LEU D 407 -3.95 -32.78 52.83
C LEU D 407 -3.01 -33.16 51.69
N ALA D 408 -2.32 -32.17 51.12
CA ALA D 408 -1.45 -32.42 49.98
C ALA D 408 -0.43 -33.52 50.28
N LEU D 409 0.45 -33.26 51.24
CA LEU D 409 1.51 -34.21 51.58
C LEU D 409 0.96 -35.62 51.80
N ARG D 410 -0.20 -35.72 52.45
CA ARG D 410 -0.78 -37.02 52.68
C ARG D 410 -1.27 -37.65 51.39
N LEU D 411 -2.05 -36.91 50.60
CA LEU D 411 -2.52 -37.46 49.35
C LEU D 411 -1.38 -37.75 48.37
N THR D 412 -0.27 -37.02 48.47
CA THR D 412 0.91 -37.38 47.69
C THR D 412 1.35 -38.79 48.03
N GLU D 413 1.46 -39.08 49.32
CA GLU D 413 1.83 -40.44 49.74
C GLU D 413 0.69 -41.41 49.45
N TYR D 414 -0.55 -41.00 49.74
CA TYR D 414 -1.68 -41.84 49.40
C TYR D 414 -1.67 -42.18 47.92
N SER D 415 -1.41 -41.18 47.08
CA SER D 415 -1.12 -41.44 45.67
C SER D 415 -0.08 -42.53 45.54
N ARG D 416 1.10 -42.30 46.12
CA ARG D 416 2.15 -43.30 46.09
C ARG D 416 1.65 -44.65 46.61
N THR D 417 0.94 -44.67 47.74
CA THR D 417 0.39 -45.93 48.23
C THR D 417 -0.63 -46.50 47.26
N LEU D 418 -1.55 -45.65 46.76
CA LEU D 418 -2.40 -46.06 45.66
C LEU D 418 -1.56 -46.57 44.49
N SER D 419 -0.38 -45.98 44.29
CA SER D 419 0.51 -46.31 43.19
C SER D 419 -0.23 -46.23 41.86
N GLY D 420 0.11 -47.12 40.93
CA GLY D 420 -0.56 -47.15 39.65
C GLY D 420 -0.16 -45.98 38.79
N MET D 421 -0.36 -46.09 37.48
CA MET D 421 -0.12 -44.97 36.58
C MET D 421 -0.88 -43.73 37.06
N GLU D 422 -2.00 -43.94 37.73
CA GLU D 422 -2.80 -42.86 38.32
C GLU D 422 -2.15 -42.23 39.55
N SER D 423 -1.08 -42.84 40.09
CA SER D 423 -0.39 -42.19 41.19
C SER D 423 0.05 -40.79 40.80
N TYR D 424 0.81 -40.69 39.71
CA TYR D 424 1.20 -39.40 39.16
C TYR D 424 0.03 -38.46 39.07
N CYS D 425 -1.11 -38.95 38.56
CA CYS D 425 -2.35 -38.19 38.62
C CYS D 425 -2.65 -37.77 40.04
N VAL D 426 -2.88 -38.73 40.93
CA VAL D 426 -3.21 -38.40 42.31
C VAL D 426 -2.08 -37.61 42.97
N ARG D 427 -0.83 -37.88 42.58
CA ARG D 427 0.26 -37.00 42.98
C ARG D 427 -0.03 -35.56 42.56
N ALA D 428 -0.11 -35.32 41.25
CA ALA D 428 -0.49 -34.00 40.76
C ALA D 428 -1.81 -33.54 41.37
N PHE D 429 -2.78 -34.45 41.48
CA PHE D 429 -3.98 -34.19 42.25
C PHE D 429 -3.65 -33.63 43.63
N ALA D 430 -2.93 -34.41 44.43
CA ALA D 430 -2.47 -33.94 45.74
C ALA D 430 -1.69 -32.64 45.63
N ASP D 431 -1.08 -32.38 44.48
CA ASP D 431 -0.15 -31.26 44.39
C ASP D 431 -0.88 -29.94 44.14
N ALA D 432 -2.21 -29.97 44.09
CA ALA D 432 -2.95 -28.74 43.85
C ALA D 432 -3.36 -28.07 45.16
N MET D 433 -3.00 -28.67 46.30
CA MET D 433 -3.53 -28.20 47.57
C MET D 433 -2.80 -26.96 48.04
N GLU D 434 -1.48 -27.06 48.25
CA GLU D 434 -0.68 -25.95 48.74
C GLU D 434 -0.83 -24.68 47.93
N VAL D 435 -1.25 -24.78 46.67
CA VAL D 435 -1.31 -23.60 45.81
C VAL D 435 -2.22 -22.54 46.44
N ILE D 436 -3.35 -22.95 46.98
CA ILE D 436 -4.30 -22.02 47.58
C ILE D 436 -3.62 -21.28 48.73
N PRO D 437 -3.14 -21.95 49.79
CA PRO D 437 -2.43 -21.19 50.82
C PRO D 437 -1.15 -20.56 50.30
N SER D 438 -0.57 -21.09 49.22
CA SER D 438 0.62 -20.49 48.64
C SER D 438 0.36 -19.04 48.25
N THR D 439 -0.49 -18.82 47.25
CA THR D 439 -0.91 -17.47 46.91
C THR D 439 -1.46 -16.75 48.13
N LEU D 440 -2.22 -17.47 48.97
CA LEU D 440 -2.70 -16.90 50.21
C LEU D 440 -1.55 -16.42 51.08
N ALA D 441 -0.47 -17.20 51.16
CA ALA D 441 0.68 -16.76 51.92
C ALA D 441 1.24 -15.45 51.38
N GLU D 442 1.27 -15.31 50.05
CA GLU D 442 1.58 -14.00 49.48
C GLU D 442 0.48 -13.00 49.80
N ASN D 443 -0.77 -13.47 49.82
CA ASN D 443 -1.89 -12.56 50.07
C ASN D 443 -1.80 -11.91 51.44
N ALA D 444 -1.36 -12.67 52.45
CA ALA D 444 -0.99 -12.03 53.71
C ALA D 444 0.40 -11.42 53.62
N GLY D 445 1.23 -11.98 52.76
CA GLY D 445 2.63 -11.73 52.46
C GLY D 445 3.48 -12.69 53.27
N LEU D 446 4.43 -13.32 52.59
CA LEU D 446 5.26 -14.42 53.06
C LEU D 446 6.07 -14.95 51.88
N ASN D 447 6.92 -15.92 52.13
CA ASN D 447 7.21 -16.87 51.08
C ASN D 447 6.53 -18.17 51.46
N PRO D 448 5.45 -18.55 50.78
CA PRO D 448 4.80 -19.83 51.10
C PRO D 448 5.78 -20.97 50.91
N ILE D 449 6.45 -20.96 49.75
CA ILE D 449 7.44 -21.97 49.44
C ILE D 449 8.42 -22.11 50.59
N SER D 450 8.70 -21.00 51.28
CA SER D 450 9.39 -21.08 52.55
C SER D 450 8.42 -21.47 53.68
N THR D 451 7.26 -20.80 53.72
CA THR D 451 6.36 -21.01 54.85
C THR D 451 5.60 -22.33 54.75
N VAL D 452 5.00 -22.60 53.59
CA VAL D 452 4.16 -23.78 53.44
C VAL D 452 4.97 -25.04 53.57
N THR D 453 6.29 -24.95 53.30
CA THR D 453 7.19 -26.08 53.47
C THR D 453 7.21 -26.54 54.92
N GLU D 454 6.90 -25.62 55.82
CA GLU D 454 7.13 -25.82 57.25
C GLU D 454 5.84 -26.26 57.92
N LEU D 455 4.77 -25.47 57.77
CA LEU D 455 3.44 -26.00 58.07
C LEU D 455 3.26 -27.39 57.50
N ARG D 456 3.67 -27.62 56.26
CA ARG D 456 3.58 -28.97 55.71
C ARG D 456 4.27 -29.97 56.62
N ASN D 457 5.38 -29.57 57.24
CA ASN D 457 5.95 -30.40 58.28
C ASN D 457 5.13 -30.32 59.56
N ARG D 458 4.75 -29.11 59.98
CA ARG D 458 3.80 -28.97 61.08
C ARG D 458 2.57 -29.83 60.84
N HIS D 459 2.11 -29.82 59.59
CA HIS D 459 0.96 -30.62 59.22
C HIS D 459 1.40 -32.03 58.84
N ALA D 460 2.70 -32.26 58.77
CA ALA D 460 3.21 -33.62 58.88
C ALA D 460 3.26 -34.04 60.34
N GLN D 461 3.45 -33.07 61.25
CA GLN D 461 3.64 -33.42 62.65
C GLN D 461 2.33 -33.56 63.41
N GLY D 462 1.65 -32.45 63.69
CA GLY D 462 0.42 -32.52 64.45
C GLY D 462 -0.79 -32.68 63.55
N GLU D 463 -0.52 -32.58 62.24
CA GLU D 463 -1.49 -32.59 61.14
C GLU D 463 -2.23 -31.26 61.09
N LYS D 464 -2.47 -30.68 62.26
CA LYS D 464 -2.44 -29.24 62.44
C LYS D 464 -1.87 -28.97 63.82
N THR D 465 -0.61 -28.57 63.90
CA THR D 465 -0.13 -27.88 65.08
C THR D 465 -0.04 -26.39 64.85
N ALA D 466 -0.33 -25.97 63.62
CA ALA D 466 -0.24 -24.58 63.21
C ALA D 466 -0.94 -24.46 61.86
N GLY D 467 -0.98 -23.23 61.35
CA GLY D 467 -1.56 -22.98 60.04
C GLY D 467 -1.47 -21.49 59.75
N ILE D 468 -1.57 -21.16 58.47
CA ILE D 468 -1.59 -19.77 58.05
C ILE D 468 -2.77 -19.10 58.74
N ASN D 469 -2.50 -18.08 59.53
CA ASN D 469 -3.48 -17.59 60.49
C ASN D 469 -3.75 -16.12 60.18
N VAL D 470 -4.96 -15.84 59.69
CA VAL D 470 -5.17 -14.73 58.75
C VAL D 470 -4.50 -13.44 59.22
N ARG D 471 -4.75 -13.01 60.46
CA ARG D 471 -4.09 -11.81 60.96
C ARG D 471 -2.57 -11.96 60.92
N LYS D 472 -2.06 -12.99 61.59
CA LYS D 472 -0.66 -13.37 61.39
C LYS D 472 -0.39 -13.71 59.93
N GLY D 473 -1.38 -14.29 59.25
CA GLY D 473 -1.17 -14.80 57.91
C GLY D 473 -0.05 -15.79 57.80
N GLY D 474 0.31 -16.46 58.90
CA GLY D 474 1.51 -17.28 58.91
C GLY D 474 1.45 -18.40 59.92
N ILE D 475 2.57 -19.09 60.08
CA ILE D 475 2.63 -20.32 60.89
C ILE D 475 2.25 -19.95 62.31
N SER D 476 1.22 -20.63 62.81
CA SER D 476 0.75 -20.59 64.19
C SER D 476 -0.53 -21.40 64.19
N ASN D 477 -0.97 -21.82 65.37
CA ASN D 477 -2.22 -22.56 65.38
C ASN D 477 -3.36 -21.62 65.04
N ILE D 478 -4.06 -21.93 63.95
CA ILE D 478 -5.23 -21.20 63.53
C ILE D 478 -6.42 -21.49 64.43
N LEU D 479 -6.42 -22.62 65.11
CA LEU D 479 -7.34 -22.91 66.20
C LEU D 479 -7.10 -21.99 67.39
N GLU D 480 -5.88 -21.48 67.54
CA GLU D 480 -5.54 -20.54 68.60
C GLU D 480 -6.06 -19.13 68.36
N GLU D 481 -5.91 -18.59 67.15
CA GLU D 481 -6.57 -17.34 66.82
C GLU D 481 -8.00 -17.56 66.33
N LEU D 482 -8.44 -18.81 66.23
CA LEU D 482 -9.78 -19.17 65.78
C LEU D 482 -10.13 -18.54 64.44
N VAL D 483 -9.43 -18.96 63.39
CA VAL D 483 -9.85 -18.74 62.03
C VAL D 483 -10.44 -20.05 61.55
N VAL D 484 -11.77 -20.10 61.44
CA VAL D 484 -12.48 -21.37 61.42
C VAL D 484 -13.48 -21.35 60.27
N GLN D 485 -13.76 -22.54 59.74
CA GLN D 485 -14.71 -22.70 58.65
C GLN D 485 -15.42 -24.04 58.77
N PRO D 486 -16.69 -24.10 58.43
CA PRO D 486 -17.33 -25.42 58.31
C PRO D 486 -16.69 -26.18 57.17
N LEU D 487 -16.71 -27.51 57.27
CA LEU D 487 -16.18 -28.30 56.16
C LEU D 487 -16.93 -28.00 54.88
N LEU D 488 -18.16 -27.48 54.99
CA LEU D 488 -18.96 -27.29 53.79
C LEU D 488 -18.26 -26.37 52.81
N VAL D 489 -17.83 -25.18 53.27
CA VAL D 489 -17.11 -24.27 52.38
C VAL D 489 -15.91 -24.95 51.76
N SER D 490 -15.15 -25.72 52.54
CA SER D 490 -14.13 -26.59 52.00
C SER D 490 -14.70 -27.63 51.05
N VAL D 491 -15.50 -28.56 51.57
CA VAL D 491 -15.94 -29.71 50.79
C VAL D 491 -16.71 -29.27 49.55
N SER D 492 -17.66 -28.34 49.71
CA SER D 492 -18.42 -27.86 48.57
C SER D 492 -17.50 -27.30 47.49
N ALA D 493 -16.33 -26.80 47.88
CA ALA D 493 -15.41 -26.27 46.88
C ALA D 493 -14.75 -27.38 46.09
N LEU D 494 -14.50 -28.53 46.73
CA LEU D 494 -13.74 -29.61 46.07
C LEU D 494 -14.41 -30.09 44.80
N THR D 495 -15.58 -30.74 44.94
CA THR D 495 -16.17 -31.45 43.81
C THR D 495 -16.30 -30.56 42.57
N LEU D 496 -16.61 -29.28 42.77
CA LEU D 496 -16.94 -28.42 41.64
C LEU D 496 -15.82 -28.36 40.63
N ALA D 497 -14.70 -27.73 40.98
CA ALA D 497 -13.59 -27.59 40.04
C ALA D 497 -13.18 -28.94 39.48
N THR D 498 -12.85 -29.90 40.36
CA THR D 498 -12.52 -31.25 39.93
C THR D 498 -13.52 -31.77 38.91
N GLU D 499 -14.78 -31.94 39.31
CA GLU D 499 -15.83 -32.29 38.37
C GLU D 499 -15.79 -31.41 37.13
N THR D 500 -15.93 -30.10 37.30
CA THR D 500 -15.85 -29.19 36.17
C THR D 500 -14.60 -29.45 35.34
N VAL D 501 -13.47 -29.70 36.01
CA VAL D 501 -12.30 -30.16 35.26
C VAL D 501 -12.56 -31.55 34.72
N ARG D 502 -12.96 -32.47 35.59
CA ARG D 502 -13.38 -33.80 35.14
C ARG D 502 -14.30 -33.69 33.94
N SER D 503 -15.21 -32.72 33.99
CA SER D 503 -15.96 -32.36 32.80
C SER D 503 -15.05 -31.98 31.65
N ILE D 504 -14.32 -30.86 31.79
CA ILE D 504 -13.58 -30.31 30.65
C ILE D 504 -12.55 -31.31 30.14
N LEU D 505 -12.12 -32.23 31.00
CA LEU D 505 -11.19 -33.26 30.54
C LEU D 505 -11.83 -34.15 29.49
N LYS D 506 -12.98 -34.75 29.81
CA LYS D 506 -13.73 -35.45 28.78
C LYS D 506 -14.25 -34.51 27.71
N ILE D 507 -14.56 -33.27 28.06
CA ILE D 507 -15.09 -32.32 27.10
C ILE D 507 -14.08 -32.09 25.99
N ASP D 508 -14.54 -32.22 24.75
CA ASP D 508 -13.68 -32.03 23.60
C ASP D 508 -13.31 -30.56 23.42
N LYS E 1 -19.31 -5.12 -27.58
CA LYS E 1 -19.09 -6.27 -28.45
C LYS E 1 -17.76 -6.95 -28.18
N SER E 2 -17.80 -8.17 -27.67
CA SER E 2 -16.61 -9.00 -27.53
C SER E 2 -16.79 -10.28 -28.34
N ARG E 3 -16.03 -10.37 -29.43
CA ARG E 3 -16.03 -11.58 -30.25
C ARG E 3 -14.80 -12.38 -29.87
N LEU E 4 -14.96 -13.68 -29.68
CA LEU E 4 -13.84 -14.53 -29.37
C LEU E 4 -13.58 -15.43 -30.57
N MET E 5 -12.56 -16.27 -30.45
CA MET E 5 -12.28 -17.23 -31.50
C MET E 5 -13.14 -18.46 -31.31
N GLY E 6 -13.67 -18.97 -32.42
CA GLY E 6 -14.44 -20.20 -32.39
C GLY E 6 -13.66 -21.28 -31.71
N LEU E 7 -12.36 -21.35 -32.03
CA LEU E 7 -11.42 -22.18 -31.29
C LEU E 7 -11.56 -21.96 -29.79
N GLU E 8 -11.31 -20.73 -29.34
CA GLU E 8 -11.55 -20.38 -27.93
C GLU E 8 -12.93 -20.80 -27.47
N ALA E 9 -13.96 -20.49 -28.26
CA ALA E 9 -15.29 -21.00 -27.97
C ALA E 9 -15.30 -22.51 -28.01
N LEU E 10 -14.73 -23.11 -29.05
CA LEU E 10 -14.66 -24.56 -29.13
C LEU E 10 -14.03 -25.13 -27.87
N LYS E 11 -13.04 -24.44 -27.32
CA LYS E 11 -12.60 -24.75 -25.96
C LYS E 11 -13.77 -24.69 -24.98
N SER E 12 -14.34 -23.50 -24.79
CA SER E 12 -15.49 -23.39 -23.90
C SER E 12 -16.56 -24.40 -24.24
N HIS E 13 -16.74 -24.69 -25.53
CA HIS E 13 -17.54 -25.84 -25.91
C HIS E 13 -16.99 -27.12 -25.27
N ILE E 14 -15.75 -27.50 -25.63
CA ILE E 14 -15.21 -28.75 -25.12
C ILE E 14 -15.02 -28.69 -23.61
N MET E 15 -14.72 -27.50 -23.09
CA MET E 15 -14.62 -27.35 -21.64
C MET E 15 -15.95 -27.66 -20.97
N ALA E 16 -17.05 -27.35 -21.65
CA ALA E 16 -18.35 -27.75 -21.14
C ALA E 16 -18.65 -29.21 -21.49
N ALA E 17 -18.04 -29.71 -22.56
CA ALA E 17 -18.42 -31.03 -23.07
C ALA E 17 -17.94 -32.14 -22.15
N LYS E 18 -17.13 -31.81 -21.15
CA LYS E 18 -16.48 -32.86 -20.37
C LYS E 18 -17.33 -33.32 -19.19
N ALA E 19 -17.47 -32.48 -18.15
CA ALA E 19 -18.04 -32.91 -16.89
C ALA E 19 -19.43 -33.53 -17.09
N VAL E 20 -20.23 -32.91 -17.96
CA VAL E 20 -21.54 -33.45 -18.27
C VAL E 20 -21.41 -34.84 -18.88
N ALA E 21 -20.57 -34.98 -19.91
CA ALA E 21 -20.26 -36.30 -20.44
C ALA E 21 -19.66 -37.17 -19.36
N ASN E 22 -18.74 -36.60 -18.59
CA ASN E 22 -18.16 -37.32 -17.45
C ASN E 22 -19.25 -37.75 -16.49
N THR E 23 -20.21 -36.86 -16.22
CA THR E 23 -21.22 -37.12 -15.20
C THR E 23 -21.80 -38.52 -15.35
N MET E 24 -22.01 -38.94 -16.59
CA MET E 24 -22.63 -40.22 -16.83
C MET E 24 -21.62 -41.34 -16.68
N ARG E 25 -20.35 -41.06 -16.97
CA ARG E 25 -19.40 -42.12 -17.28
C ARG E 25 -19.13 -43.02 -16.08
N THR E 26 -19.15 -42.46 -14.87
CA THR E 26 -19.18 -43.33 -13.69
C THR E 26 -20.60 -43.49 -13.17
N SER E 27 -21.55 -42.82 -13.82
CA SER E 27 -22.95 -43.00 -13.47
C SER E 27 -23.71 -43.93 -14.41
N LEU E 28 -23.04 -44.46 -15.43
CA LEU E 28 -23.74 -45.24 -16.43
C LEU E 28 -24.26 -46.54 -15.84
N GLY E 29 -25.58 -46.72 -15.93
CA GLY E 29 -26.23 -47.92 -15.45
C GLY E 29 -26.11 -48.09 -13.95
N PRO E 30 -26.52 -49.26 -13.45
CA PRO E 30 -26.32 -49.58 -12.05
C PRO E 30 -24.85 -49.76 -11.69
N ASN E 31 -24.05 -50.33 -12.57
CA ASN E 31 -22.60 -50.22 -12.44
C ASN E 31 -22.14 -48.76 -12.41
N GLY E 32 -22.96 -47.84 -12.88
CA GLY E 32 -22.69 -46.44 -12.65
C GLY E 32 -23.05 -46.01 -11.24
N LEU E 33 -22.54 -44.84 -10.87
CA LEU E 33 -22.67 -44.30 -9.53
C LEU E 33 -23.72 -43.21 -9.51
N ASP E 34 -24.42 -43.07 -8.38
CA ASP E 34 -25.55 -42.16 -8.29
C ASP E 34 -25.12 -40.72 -8.54
N LYS E 35 -26.07 -39.93 -9.01
CA LYS E 35 -25.87 -38.52 -9.28
C LYS E 35 -26.62 -37.70 -8.24
N MET E 36 -25.89 -36.92 -7.46
CA MET E 36 -26.46 -36.14 -6.37
C MET E 36 -26.82 -34.75 -6.85
N MET E 37 -28.00 -34.28 -6.48
CA MET E 37 -28.41 -32.91 -6.68
C MET E 37 -28.61 -32.24 -5.33
N VAL E 38 -27.89 -31.15 -5.12
CA VAL E 38 -28.09 -30.27 -3.97
C VAL E 38 -28.56 -28.94 -4.53
N ASP E 39 -29.56 -28.34 -3.90
CA ASP E 39 -30.29 -27.30 -4.60
C ASP E 39 -29.81 -25.90 -4.24
N LYS E 40 -30.41 -24.93 -4.92
CA LYS E 40 -30.43 -23.56 -4.42
C LYS E 40 -31.02 -23.53 -3.02
N ASP E 41 -31.86 -24.53 -2.72
CA ASP E 41 -32.39 -24.69 -1.37
C ASP E 41 -31.41 -25.49 -0.52
N GLY E 42 -30.31 -25.94 -1.11
CA GLY E 42 -29.40 -26.86 -0.47
C GLY E 42 -29.94 -28.26 -0.31
N ASP E 43 -30.83 -28.71 -1.20
CA ASP E 43 -31.54 -29.96 -1.00
C ASP E 43 -30.84 -31.12 -1.70
N VAL E 44 -30.28 -32.01 -0.88
CA VAL E 44 -29.67 -33.26 -1.31
C VAL E 44 -30.67 -34.09 -2.09
N THR E 45 -30.32 -34.44 -3.32
CA THR E 45 -31.18 -35.26 -4.16
C THR E 45 -30.34 -36.19 -5.04
N VAL E 46 -30.65 -37.49 -4.99
CA VAL E 46 -30.01 -38.48 -5.85
C VAL E 46 -30.77 -38.55 -7.15
N THR E 47 -30.07 -38.39 -8.27
CA THR E 47 -30.69 -38.11 -9.56
C THR E 47 -30.25 -39.17 -10.56
N ASN E 48 -30.75 -39.04 -11.79
CA ASN E 48 -30.68 -40.13 -12.75
C ASN E 48 -30.71 -39.56 -14.16
N ASP E 49 -30.40 -40.43 -15.13
CA ASP E 49 -30.30 -40.11 -16.55
C ASP E 49 -29.45 -38.89 -16.82
N GLY E 50 -29.71 -38.20 -17.93
CA GLY E 50 -29.31 -36.82 -18.03
C GLY E 50 -30.39 -35.87 -17.52
N ALA E 51 -31.60 -36.00 -18.05
CA ALA E 51 -32.56 -34.90 -17.99
C ALA E 51 -32.96 -34.59 -16.56
N THR E 52 -33.12 -35.62 -15.74
CA THR E 52 -33.28 -35.39 -14.31
C THR E 52 -32.16 -34.50 -13.79
N ILE E 53 -30.92 -34.98 -13.86
CA ILE E 53 -29.82 -34.21 -13.30
C ILE E 53 -29.51 -32.99 -14.16
N LEU E 54 -29.67 -33.11 -15.48
CA LEU E 54 -29.31 -32.00 -16.36
C LEU E 54 -30.18 -30.78 -16.10
N SER E 55 -31.48 -30.96 -15.98
CA SER E 55 -32.33 -29.81 -15.65
C SER E 55 -32.05 -29.34 -14.23
N MET E 56 -31.87 -30.26 -13.29
CA MET E 56 -31.53 -29.86 -11.93
C MET E 56 -30.21 -29.12 -11.88
N MET E 57 -29.15 -29.71 -12.44
CA MET E 57 -27.93 -28.97 -12.66
C MET E 57 -28.25 -27.71 -13.45
N ASP E 58 -27.65 -26.60 -13.04
CA ASP E 58 -27.95 -25.31 -13.65
C ASP E 58 -27.01 -25.11 -14.83
N VAL E 59 -27.57 -25.11 -16.03
CA VAL E 59 -26.73 -25.12 -17.22
C VAL E 59 -26.11 -23.74 -17.42
N ASP E 60 -24.82 -23.75 -17.72
CA ASP E 60 -24.09 -22.49 -17.92
C ASP E 60 -23.63 -22.26 -19.35
N HIS E 61 -22.70 -23.05 -19.87
CA HIS E 61 -22.22 -22.83 -21.23
C HIS E 61 -23.35 -23.14 -22.19
N GLN E 62 -23.24 -22.58 -23.40
CA GLN E 62 -24.17 -22.88 -24.48
C GLN E 62 -24.40 -24.38 -24.63
N ILE E 63 -23.33 -25.16 -24.58
CA ILE E 63 -23.45 -26.62 -24.59
C ILE E 63 -24.36 -27.08 -23.47
N ALA E 64 -23.98 -26.77 -22.22
CA ALA E 64 -24.82 -27.10 -21.08
C ALA E 64 -26.25 -26.67 -21.34
N LYS E 65 -26.45 -25.44 -21.80
CA LYS E 65 -27.77 -24.99 -22.20
C LYS E 65 -28.36 -25.88 -23.28
N LEU E 66 -27.59 -26.15 -24.33
CA LEU E 66 -28.12 -26.96 -25.44
C LEU E 66 -28.32 -28.40 -25.02
N MET E 67 -27.54 -28.88 -24.04
CA MET E 67 -27.69 -30.25 -23.55
C MET E 67 -29.13 -30.59 -23.24
N VAL E 68 -29.71 -29.98 -22.21
CA VAL E 68 -31.07 -30.33 -21.77
C VAL E 68 -32.04 -30.27 -22.94
N GLU E 69 -31.89 -29.26 -23.79
CA GLU E 69 -32.72 -29.15 -24.98
C GLU E 69 -32.70 -30.44 -25.78
N LEU E 70 -31.54 -30.81 -26.30
CA LEU E 70 -31.39 -32.08 -27.00
C LEU E 70 -31.78 -33.25 -26.11
N SER E 71 -31.39 -33.19 -24.83
CA SER E 71 -31.41 -34.38 -23.98
C SER E 71 -32.83 -34.85 -23.71
N LYS E 72 -33.78 -33.92 -23.66
CA LYS E 72 -35.16 -34.29 -23.32
C LYS E 72 -35.72 -35.31 -24.31
N SER E 73 -35.40 -35.16 -25.59
CA SER E 73 -36.07 -35.94 -26.63
C SER E 73 -35.84 -37.44 -26.45
N GLN E 74 -34.67 -37.84 -25.96
CA GLN E 74 -34.35 -39.26 -25.85
C GLN E 74 -35.17 -39.91 -24.75
N ASP E 75 -35.43 -39.18 -23.67
CA ASP E 75 -36.27 -39.71 -22.61
C ASP E 75 -37.75 -39.58 -22.97
N ASP E 76 -38.07 -38.58 -23.78
CA ASP E 76 -39.45 -38.43 -24.27
C ASP E 76 -39.88 -39.68 -25.00
N GLU E 77 -39.36 -39.89 -26.20
CA GLU E 77 -39.67 -41.07 -27.01
C GLU E 77 -39.28 -42.35 -26.30
N ILE E 78 -37.97 -42.54 -26.11
CA ILE E 78 -37.40 -43.82 -25.75
C ILE E 78 -37.51 -44.10 -24.26
N GLY E 79 -37.36 -43.06 -23.44
CA GLY E 79 -37.28 -43.23 -22.01
C GLY E 79 -35.89 -43.50 -21.49
N ASP E 80 -35.01 -44.03 -22.33
CA ASP E 80 -33.64 -44.36 -21.94
C ASP E 80 -32.69 -43.84 -23.03
N GLY E 81 -31.40 -44.04 -22.78
CA GLY E 81 -30.39 -43.49 -23.65
C GLY E 81 -30.08 -42.03 -23.42
N THR E 82 -30.79 -41.38 -22.51
CA THR E 82 -30.52 -39.97 -22.20
C THR E 82 -29.11 -39.80 -21.66
N THR E 83 -28.68 -40.73 -20.80
CA THR E 83 -27.34 -40.65 -20.24
C THR E 83 -26.28 -40.82 -21.32
N GLY E 84 -26.60 -41.53 -22.39
CA GLY E 84 -25.58 -41.88 -23.36
C GLY E 84 -25.17 -40.73 -24.27
N VAL E 85 -26.14 -39.99 -24.80
CA VAL E 85 -25.83 -38.96 -25.79
C VAL E 85 -24.83 -37.95 -25.23
N VAL E 86 -24.94 -37.65 -23.93
CA VAL E 86 -24.03 -36.68 -23.33
C VAL E 86 -22.61 -37.25 -23.27
N VAL E 87 -22.48 -38.50 -22.83
CA VAL E 87 -21.22 -39.22 -23.01
C VAL E 87 -20.80 -39.18 -24.47
N LEU E 88 -21.70 -39.61 -25.35
CA LEU E 88 -21.37 -39.72 -26.76
C LEU E 88 -21.00 -38.38 -27.36
N ALA E 89 -21.69 -37.31 -26.93
CA ALA E 89 -21.39 -35.99 -27.45
C ALA E 89 -19.92 -35.64 -27.27
N GLY E 90 -19.50 -35.42 -26.02
CA GLY E 90 -18.11 -35.06 -25.78
C GLY E 90 -17.13 -36.06 -26.35
N ALA E 91 -17.38 -37.36 -26.13
CA ALA E 91 -16.45 -38.40 -26.58
C ALA E 91 -15.99 -38.14 -28.00
N LEU E 92 -16.94 -38.17 -28.95
CA LEU E 92 -16.59 -37.80 -30.32
C LEU E 92 -16.17 -36.34 -30.39
N LEU E 93 -16.94 -35.44 -29.78
CA LEU E 93 -16.64 -34.02 -29.85
C LEU E 93 -15.24 -33.71 -29.35
N GLU E 94 -14.86 -34.27 -28.21
CA GLU E 94 -13.57 -33.93 -27.62
C GLU E 94 -12.43 -34.50 -28.46
N GLU E 95 -12.71 -35.52 -29.26
CA GLU E 95 -11.75 -35.88 -30.30
C GLU E 95 -11.87 -34.96 -31.50
N ALA E 96 -13.09 -34.60 -31.89
CA ALA E 96 -13.27 -33.60 -32.93
C ALA E 96 -12.49 -32.33 -32.60
N GLU E 97 -12.48 -31.97 -31.31
CA GLU E 97 -11.48 -31.03 -30.80
C GLU E 97 -10.09 -31.43 -31.25
N GLN E 98 -9.59 -32.57 -30.74
CA GLN E 98 -8.28 -33.07 -31.11
C GLN E 98 -8.10 -33.13 -32.62
N LEU E 99 -9.14 -33.51 -33.34
CA LEU E 99 -9.07 -33.45 -34.79
C LEU E 99 -8.92 -32.02 -35.28
N LEU E 100 -9.79 -31.11 -34.84
CA LEU E 100 -9.56 -29.72 -35.16
C LEU E 100 -8.22 -29.24 -34.61
N ASP E 101 -7.75 -29.87 -33.54
CA ASP E 101 -6.43 -29.56 -33.02
C ASP E 101 -5.34 -30.14 -33.91
N ARG E 102 -5.71 -31.11 -34.75
CA ARG E 102 -4.85 -31.50 -35.86
C ARG E 102 -4.85 -30.42 -36.94
N GLY E 103 -5.68 -29.38 -36.76
CA GLY E 103 -5.96 -28.46 -37.83
C GLY E 103 -6.95 -29.03 -38.82
N ILE E 104 -8.05 -29.56 -38.29
CA ILE E 104 -9.12 -30.15 -39.10
C ILE E 104 -10.35 -29.25 -39.02
N HIS E 105 -11.00 -29.03 -40.14
CA HIS E 105 -12.26 -28.31 -40.13
C HIS E 105 -13.28 -29.05 -39.28
N PRO E 106 -14.03 -28.35 -38.44
CA PRO E 106 -15.29 -28.91 -37.99
C PRO E 106 -16.22 -29.13 -39.16
N ILE E 107 -16.12 -28.24 -40.15
CA ILE E 107 -16.89 -28.33 -41.38
C ILE E 107 -16.91 -29.75 -41.90
N ARG E 108 -15.74 -30.27 -42.21
CA ARG E 108 -15.58 -31.36 -43.15
C ARG E 108 -15.85 -32.73 -42.52
N ILE E 109 -15.39 -32.93 -41.28
CA ILE E 109 -15.53 -34.24 -40.65
C ILE E 109 -16.94 -34.44 -40.10
N ALA E 110 -17.61 -33.35 -39.72
CA ALA E 110 -18.90 -33.48 -39.08
C ALA E 110 -19.94 -34.08 -40.03
N ASP E 111 -19.87 -33.71 -41.30
CA ASP E 111 -20.58 -34.48 -42.32
C ASP E 111 -20.30 -35.96 -42.16
N GLY E 112 -19.02 -36.35 -42.27
CA GLY E 112 -18.65 -37.72 -42.00
C GLY E 112 -19.28 -38.29 -40.75
N TYR E 113 -19.42 -37.48 -39.69
CA TYR E 113 -20.17 -37.93 -38.52
C TYR E 113 -21.64 -38.09 -38.84
N GLU E 114 -22.25 -37.09 -39.46
CA GLU E 114 -23.62 -37.24 -39.94
C GLU E 114 -23.73 -38.43 -40.87
N GLN E 115 -22.70 -38.63 -41.69
CA GLN E 115 -22.72 -39.71 -42.67
C GLN E 115 -22.35 -41.04 -42.04
N ALA E 116 -21.37 -41.06 -41.13
CA ALA E 116 -21.06 -42.29 -40.41
C ALA E 116 -22.15 -42.65 -39.43
N ALA E 117 -22.94 -41.66 -38.99
CA ALA E 117 -24.16 -41.97 -38.26
C ALA E 117 -24.97 -43.02 -39.00
N ARG E 118 -25.41 -42.68 -40.21
CA ARG E 118 -26.26 -43.57 -40.99
C ARG E 118 -25.63 -44.95 -41.16
N VAL E 119 -24.34 -45.01 -41.47
CA VAL E 119 -23.74 -46.32 -41.71
C VAL E 119 -23.59 -47.08 -40.40
N ALA E 120 -23.40 -46.37 -39.29
CA ALA E 120 -23.53 -47.03 -37.99
C ALA E 120 -24.99 -47.30 -37.67
N ILE E 121 -25.85 -46.30 -37.91
CA ILE E 121 -27.29 -46.51 -37.87
C ILE E 121 -27.69 -47.72 -38.69
N GLU E 122 -27.17 -47.82 -39.91
CA GLU E 122 -27.47 -48.99 -40.72
C GLU E 122 -26.79 -50.23 -40.16
N HIS E 123 -25.53 -50.10 -39.75
CA HIS E 123 -24.92 -51.19 -39.00
C HIS E 123 -25.77 -51.55 -37.80
N LEU E 124 -26.23 -50.54 -37.07
CA LEU E 124 -27.23 -50.76 -36.04
C LEU E 124 -28.44 -51.46 -36.63
N ASP E 125 -28.88 -51.03 -37.81
CA ASP E 125 -30.06 -51.62 -38.44
C ASP E 125 -29.85 -53.10 -38.71
N LYS E 126 -28.62 -53.58 -38.62
CA LYS E 126 -28.38 -55.02 -38.66
C LYS E 126 -28.69 -55.67 -37.33
N ILE E 127 -28.47 -54.93 -36.24
CA ILE E 127 -28.20 -55.57 -34.95
C ILE E 127 -29.47 -56.15 -34.37
N SER E 128 -29.32 -57.29 -33.70
CA SER E 128 -30.38 -57.95 -32.95
C SER E 128 -31.60 -58.26 -33.81
N ASP E 129 -32.78 -58.05 -33.25
CA ASP E 129 -34.02 -58.50 -33.84
C ASP E 129 -34.86 -57.33 -34.33
N SER E 130 -35.57 -57.56 -35.44
CA SER E 130 -36.47 -56.54 -35.95
C SER E 130 -37.86 -56.62 -35.36
N VAL E 131 -38.14 -57.54 -34.45
CA VAL E 131 -39.52 -57.88 -34.10
C VAL E 131 -39.65 -58.06 -32.60
N LEU E 132 -40.76 -57.57 -32.06
CA LEU E 132 -41.32 -58.03 -30.80
C LEU E 132 -42.82 -58.14 -31.03
N VAL E 133 -43.50 -58.99 -30.26
CA VAL E 133 -44.96 -59.11 -30.37
C VAL E 133 -45.56 -59.17 -28.98
N ASP E 134 -46.90 -59.09 -28.95
CA ASP E 134 -47.64 -58.85 -27.71
C ASP E 134 -47.21 -59.78 -26.59
N ILE E 135 -47.14 -61.07 -26.85
CA ILE E 135 -46.64 -62.00 -25.84
C ILE E 135 -45.12 -62.04 -25.85
N LYS E 136 -44.52 -62.02 -27.05
CA LYS E 136 -43.05 -61.96 -27.13
C LYS E 136 -42.50 -60.82 -26.29
N ASP E 137 -42.81 -59.57 -26.65
CA ASP E 137 -42.16 -58.43 -26.03
C ASP E 137 -42.20 -58.52 -24.51
N THR E 138 -43.26 -59.11 -23.95
CA THR E 138 -43.40 -59.20 -22.50
C THR E 138 -42.14 -59.72 -21.83
N GLU E 139 -41.51 -60.75 -22.40
CA GLU E 139 -40.28 -61.21 -21.76
C GLU E 139 -39.16 -60.19 -21.98
N PRO E 140 -38.92 -59.70 -23.22
CA PRO E 140 -38.05 -58.52 -23.35
C PRO E 140 -38.55 -57.33 -22.56
N LEU E 141 -39.87 -57.13 -22.48
CA LEU E 141 -40.37 -56.25 -21.43
C LEU E 141 -39.86 -56.71 -20.08
N ILE E 142 -40.23 -57.92 -19.66
CA ILE E 142 -39.73 -58.47 -18.41
C ILE E 142 -38.23 -58.28 -18.31
N GLN E 143 -37.47 -58.52 -19.39
CA GLN E 143 -36.06 -58.14 -19.41
C GLN E 143 -35.86 -56.70 -18.96
N THR E 144 -36.42 -55.73 -19.69
CA THR E 144 -36.27 -54.35 -19.28
C THR E 144 -37.14 -54.05 -18.06
N ALA E 145 -38.31 -54.68 -17.98
CA ALA E 145 -39.15 -54.54 -16.77
C ALA E 145 -38.43 -55.11 -15.55
N LYS E 146 -37.53 -56.06 -15.76
CA LYS E 146 -36.50 -56.30 -14.74
C LYS E 146 -35.70 -55.04 -14.51
N THR E 147 -34.87 -54.67 -15.48
CA THR E 147 -33.80 -53.71 -15.21
C THR E 147 -34.35 -52.33 -14.90
N THR E 148 -35.53 -51.99 -15.41
CA THR E 148 -36.13 -50.71 -15.04
C THR E 148 -36.57 -50.72 -13.58
N LEU E 149 -37.20 -51.80 -13.15
CA LEU E 149 -37.49 -51.95 -11.72
C LEU E 149 -36.36 -52.69 -11.02
N GLY E 150 -35.33 -53.06 -11.76
CA GLY E 150 -34.13 -53.59 -11.18
C GLY E 150 -33.06 -52.53 -11.14
N SER E 151 -33.48 -51.27 -11.18
CA SER E 151 -32.52 -50.16 -11.18
C SER E 151 -32.75 -49.16 -10.05
N LYS E 152 -33.75 -48.30 -10.21
CA LYS E 152 -33.78 -47.07 -9.41
C LYS E 152 -34.36 -47.31 -8.03
N VAL E 153 -35.68 -47.46 -7.94
CA VAL E 153 -36.34 -47.47 -6.65
C VAL E 153 -36.00 -48.74 -5.88
N VAL E 154 -36.12 -49.89 -6.55
CA VAL E 154 -35.56 -51.14 -6.05
C VAL E 154 -34.73 -51.72 -7.17
N ASN E 155 -33.80 -52.60 -6.83
CA ASN E 155 -33.25 -53.48 -7.85
C ASN E 155 -34.00 -54.81 -7.84
N SER E 156 -35.05 -54.94 -7.01
CA SER E 156 -35.77 -56.20 -6.89
C SER E 156 -36.57 -56.58 -8.13
N CYS E 157 -37.01 -55.59 -8.91
CA CYS E 157 -37.99 -55.83 -9.97
C CYS E 157 -39.22 -56.52 -9.42
N HIS E 158 -40.06 -55.79 -8.69
CA HIS E 158 -41.40 -56.32 -8.49
C HIS E 158 -42.00 -56.53 -9.86
N ARG E 159 -42.46 -57.74 -10.16
CA ARG E 159 -43.09 -57.96 -11.45
C ARG E 159 -44.43 -57.23 -11.50
N GLN E 160 -44.85 -56.66 -10.37
CA GLN E 160 -46.07 -55.86 -10.32
C GLN E 160 -46.05 -54.78 -11.38
N MET E 161 -45.31 -53.70 -11.12
CA MET E 161 -45.21 -52.63 -12.09
C MET E 161 -44.57 -53.12 -13.38
N ALA E 162 -43.68 -54.11 -13.26
CA ALA E 162 -43.04 -54.68 -14.44
C ALA E 162 -44.09 -55.12 -15.45
N GLU E 163 -45.09 -55.87 -15.00
CA GLU E 163 -46.18 -56.23 -15.90
C GLU E 163 -47.42 -55.37 -15.71
N ILE E 164 -47.43 -54.47 -14.73
CA ILE E 164 -48.51 -53.48 -14.67
C ILE E 164 -48.25 -52.34 -15.65
N ALA E 165 -46.99 -51.88 -15.71
CA ALA E 165 -46.66 -50.77 -16.58
C ALA E 165 -46.87 -51.13 -18.04
N VAL E 166 -46.46 -52.33 -18.44
CA VAL E 166 -46.61 -52.73 -19.82
C VAL E 166 -48.08 -52.84 -20.18
N ASN E 167 -48.91 -53.31 -19.24
CA ASN E 167 -50.32 -53.52 -19.54
C ASN E 167 -51.01 -52.21 -19.86
N ALA E 168 -50.79 -51.18 -19.04
CA ALA E 168 -51.31 -49.86 -19.39
C ALA E 168 -50.89 -49.47 -20.79
N VAL E 169 -49.60 -49.58 -21.10
CA VAL E 169 -49.18 -49.46 -22.49
C VAL E 169 -49.95 -50.44 -23.35
N LEU E 170 -49.76 -51.75 -23.13
CA LEU E 170 -50.46 -52.76 -23.91
C LEU E 170 -51.95 -52.46 -24.02
N THR E 171 -52.52 -51.84 -22.98
CA THR E 171 -53.91 -51.40 -23.08
C THR E 171 -54.05 -50.22 -24.02
N VAL E 172 -53.20 -49.20 -23.89
CA VAL E 172 -53.34 -48.02 -24.74
C VAL E 172 -52.43 -48.13 -25.98
N ALA E 173 -51.55 -49.14 -25.99
CA ALA E 173 -50.68 -49.34 -27.15
C ALA E 173 -51.49 -49.52 -28.43
N ASP E 174 -52.24 -50.61 -28.51
CA ASP E 174 -53.16 -50.84 -29.61
C ASP E 174 -54.14 -49.69 -29.82
N MET E 175 -54.60 -49.04 -28.73
CA MET E 175 -55.57 -47.96 -28.84
C MET E 175 -55.18 -46.88 -29.84
N GLU E 176 -53.92 -46.47 -29.83
CA GLU E 176 -53.47 -45.29 -30.55
C GLU E 176 -53.04 -45.65 -31.96
N ARG E 177 -53.38 -46.87 -32.38
CA ARG E 177 -52.80 -47.55 -33.54
C ARG E 177 -51.32 -47.82 -33.33
N ARG E 178 -51.00 -48.73 -32.41
CA ARG E 178 -49.61 -49.11 -32.15
C ARG E 178 -48.82 -47.93 -31.57
N ASP E 179 -49.53 -47.03 -30.90
CA ASP E 179 -48.91 -45.85 -30.29
C ASP E 179 -49.37 -45.77 -28.84
N VAL E 180 -48.70 -44.93 -28.05
CA VAL E 180 -49.19 -44.60 -26.71
C VAL E 180 -48.61 -43.27 -26.28
N ASP E 181 -49.30 -42.60 -25.35
CA ASP E 181 -48.75 -41.45 -24.64
C ASP E 181 -48.86 -41.69 -23.14
N PHE E 182 -48.08 -40.93 -22.40
CA PHE E 182 -47.95 -41.13 -20.95
C PHE E 182 -48.85 -40.19 -20.17
N GLU E 183 -49.67 -39.43 -20.89
CA GLU E 183 -50.98 -39.06 -20.38
C GLU E 183 -51.97 -40.19 -20.66
N LEU E 184 -51.88 -40.79 -21.85
CA LEU E 184 -52.75 -41.88 -22.27
C LEU E 184 -52.57 -43.13 -21.43
N ILE E 185 -51.39 -43.31 -20.85
CA ILE E 185 -51.23 -44.15 -19.67
C ILE E 185 -50.75 -43.21 -18.59
N LYS E 186 -50.89 -43.61 -17.33
CA LYS E 186 -50.43 -42.66 -16.33
C LYS E 186 -49.90 -43.41 -15.12
N VAL E 187 -48.81 -42.90 -14.58
CA VAL E 187 -48.29 -43.32 -13.29
C VAL E 187 -49.04 -42.49 -12.25
N GLU E 188 -49.81 -43.15 -11.40
CA GLU E 188 -50.50 -42.44 -10.33
C GLU E 188 -49.73 -42.67 -9.04
N GLY E 189 -48.92 -41.69 -8.67
CA GLY E 189 -48.31 -41.75 -7.36
C GLY E 189 -49.28 -41.31 -6.29
N LYS E 190 -49.64 -42.22 -5.39
CA LYS E 190 -50.25 -41.88 -4.12
C LYS E 190 -49.82 -42.94 -3.13
N VAL E 191 -49.41 -42.54 -1.94
CA VAL E 191 -48.90 -43.47 -0.94
C VAL E 191 -50.06 -43.97 -0.09
N GLY E 192 -49.74 -44.59 1.03
CA GLY E 192 -50.72 -45.28 1.84
C GLY E 192 -50.49 -46.77 1.79
N GLY E 193 -49.64 -47.18 0.86
CA GLY E 193 -49.11 -48.52 0.81
C GLY E 193 -47.72 -48.42 0.22
N ARG E 194 -46.94 -49.49 0.28
CA ARG E 194 -45.55 -49.40 -0.17
C ARG E 194 -45.48 -49.57 -1.68
N LEU E 195 -44.25 -49.56 -2.18
CA LEU E 195 -43.96 -49.91 -3.56
C LEU E 195 -44.64 -51.20 -3.98
N GLU E 196 -44.64 -52.20 -3.13
CA GLU E 196 -45.30 -53.47 -3.37
C GLU E 196 -46.81 -53.33 -3.49
N ASP E 197 -47.36 -52.21 -3.04
CA ASP E 197 -48.75 -51.85 -3.29
C ASP E 197 -48.78 -50.96 -4.52
N THR E 198 -49.33 -51.47 -5.61
CA THR E 198 -49.49 -50.69 -6.83
C THR E 198 -50.83 -51.03 -7.45
N LYS E 199 -51.09 -50.42 -8.60
CA LYS E 199 -52.30 -50.72 -9.33
C LYS E 199 -52.14 -50.32 -10.79
N LEU E 200 -52.97 -50.91 -11.63
CA LEU E 200 -53.25 -50.42 -12.97
C LEU E 200 -54.74 -50.09 -13.04
N ILE E 201 -55.06 -48.88 -13.47
CA ILE E 201 -56.42 -48.41 -13.56
C ILE E 201 -56.71 -48.04 -15.02
N LYS E 202 -57.91 -48.36 -15.47
CA LYS E 202 -58.38 -48.04 -16.80
C LYS E 202 -58.91 -46.61 -16.87
N GLY E 203 -58.69 -45.84 -15.83
CA GLY E 203 -59.35 -44.57 -15.60
C GLY E 203 -58.75 -43.92 -14.37
N VAL E 204 -59.54 -43.07 -13.70
CA VAL E 204 -59.06 -42.34 -12.53
C VAL E 204 -59.43 -43.12 -11.28
N ILE E 205 -58.56 -43.03 -10.28
CA ILE E 205 -58.92 -43.37 -8.91
C ILE E 205 -58.84 -42.10 -8.08
N VAL E 206 -59.90 -41.82 -7.35
CA VAL E 206 -59.96 -40.69 -6.44
C VAL E 206 -60.44 -41.20 -5.11
N ASP E 207 -59.95 -40.62 -4.03
CA ASP E 207 -60.38 -41.08 -2.72
C ASP E 207 -61.77 -40.55 -2.46
N LYS E 208 -62.73 -41.46 -2.34
CA LYS E 208 -64.14 -41.13 -2.46
C LYS E 208 -64.58 -40.33 -1.24
N ASP E 209 -65.20 -39.19 -1.48
CA ASP E 209 -65.66 -38.31 -0.42
C ASP E 209 -66.67 -39.04 0.45
N PHE E 210 -66.39 -39.10 1.74
CA PHE E 210 -67.34 -39.56 2.74
C PHE E 210 -67.26 -38.68 3.97
N SER E 211 -68.39 -38.13 4.34
CA SER E 211 -68.47 -37.43 5.62
C SER E 211 -68.86 -38.33 6.78
N HIS E 212 -69.07 -39.63 6.54
CA HIS E 212 -69.30 -40.63 7.58
C HIS E 212 -69.42 -42.00 6.93
N PRO E 213 -68.71 -43.02 7.44
CA PRO E 213 -68.86 -44.36 6.86
C PRO E 213 -70.18 -45.03 7.16
N GLN E 214 -70.72 -44.89 8.37
CA GLN E 214 -71.98 -45.56 8.70
C GLN E 214 -73.10 -45.05 7.84
N MET E 215 -73.13 -43.76 7.54
CA MET E 215 -73.99 -43.30 6.48
C MET E 215 -73.52 -43.95 5.19
N PRO E 216 -74.35 -44.84 4.60
CA PRO E 216 -73.81 -45.92 3.77
C PRO E 216 -72.76 -45.52 2.75
N LYS E 217 -71.72 -46.35 2.64
CA LYS E 217 -70.76 -46.26 1.57
C LYS E 217 -71.32 -47.12 0.44
N LYS E 218 -71.68 -46.49 -0.66
CA LYS E 218 -72.33 -47.16 -1.77
C LYS E 218 -71.60 -46.82 -3.06
N VAL E 219 -71.07 -47.85 -3.71
CA VAL E 219 -70.61 -47.74 -5.08
C VAL E 219 -71.32 -48.84 -5.87
N GLU E 220 -71.63 -48.55 -7.13
CA GLU E 220 -72.43 -49.50 -7.89
C GLU E 220 -72.27 -49.24 -9.37
N ASP E 221 -73.05 -50.00 -10.14
CA ASP E 221 -73.06 -50.04 -11.59
C ASP E 221 -71.64 -50.23 -12.14
N ALA E 222 -71.41 -49.74 -13.36
CA ALA E 222 -70.06 -49.49 -13.84
C ALA E 222 -69.78 -48.01 -13.94
N LYS E 223 -70.80 -47.18 -13.75
CA LYS E 223 -70.80 -45.83 -14.31
C LYS E 223 -70.64 -44.81 -13.21
N ILE E 224 -69.95 -43.72 -13.54
CA ILE E 224 -69.88 -42.52 -12.71
C ILE E 224 -70.76 -41.48 -13.37
N ALA E 225 -71.38 -40.62 -12.56
CA ALA E 225 -72.11 -39.48 -13.10
C ALA E 225 -71.23 -38.26 -12.92
N ILE E 226 -70.66 -37.76 -14.01
CA ILE E 226 -69.66 -36.71 -13.91
C ILE E 226 -70.35 -35.35 -13.81
N LEU E 227 -70.08 -34.63 -12.72
CA LEU E 227 -70.74 -33.37 -12.46
C LEU E 227 -69.74 -32.33 -11.98
N THR E 228 -69.73 -31.19 -12.64
CA THR E 228 -69.27 -29.95 -12.03
C THR E 228 -70.28 -29.46 -11.01
N CYS E 229 -71.49 -30.01 -11.05
CA CYS E 229 -72.63 -29.57 -10.30
C CYS E 229 -72.95 -30.55 -9.16
N PRO E 230 -73.97 -30.25 -8.37
CA PRO E 230 -74.27 -31.10 -7.21
C PRO E 230 -74.95 -32.41 -7.58
N PHE E 231 -74.54 -33.47 -6.87
CA PHE E 231 -75.39 -34.62 -6.61
C PHE E 231 -76.08 -34.54 -5.26
N GLU E 232 -75.66 -33.60 -4.40
CA GLU E 232 -76.20 -33.25 -3.10
C GLU E 232 -75.92 -31.77 -3.00
N PRO E 233 -76.64 -31.02 -2.17
CA PRO E 233 -76.63 -29.55 -2.26
C PRO E 233 -75.23 -29.01 -2.42
N PRO E 234 -75.03 -28.08 -3.35
CA PRO E 234 -73.66 -27.65 -3.71
C PRO E 234 -72.91 -26.97 -2.58
N LYS E 235 -71.69 -26.50 -2.89
CA LYS E 235 -70.93 -25.47 -2.18
C LYS E 235 -69.57 -25.30 -2.83
N PRO E 236 -69.09 -24.02 -3.07
CA PRO E 236 -67.80 -23.77 -3.74
C PRO E 236 -66.59 -24.05 -2.87
N LYS E 237 -66.56 -25.25 -2.25
CA LYS E 237 -65.39 -25.75 -1.53
C LYS E 237 -64.83 -24.72 -0.55
N THR E 238 -65.73 -23.95 0.06
CA THR E 238 -65.35 -22.87 0.98
C THR E 238 -66.38 -22.75 2.10
N LYS E 239 -66.22 -21.71 2.92
CA LYS E 239 -67.11 -21.48 4.05
C LYS E 239 -68.49 -21.05 3.60
N HIS E 240 -69.52 -21.56 4.28
CA HIS E 240 -70.91 -21.22 4.03
C HIS E 240 -71.70 -21.24 5.32
N LYS E 241 -72.52 -20.21 5.50
CA LYS E 241 -73.31 -20.06 6.71
C LYS E 241 -74.64 -20.80 6.59
N LEU E 242 -74.93 -21.65 7.57
CA LEU E 242 -76.19 -22.39 7.62
C LEU E 242 -76.98 -21.94 8.83
N ASP E 243 -78.06 -21.20 8.60
CA ASP E 243 -78.88 -20.69 9.69
C ASP E 243 -80.33 -21.12 9.48
N VAL E 244 -81.08 -21.17 10.58
CA VAL E 244 -82.50 -21.47 10.55
C VAL E 244 -83.20 -20.52 11.52
N THR E 245 -84.49 -20.29 11.28
CA THR E 245 -85.20 -19.23 11.98
C THR E 245 -85.51 -19.61 13.43
N SER E 246 -86.08 -20.80 13.63
CA SER E 246 -86.54 -21.21 14.95
C SER E 246 -85.88 -22.54 15.31
N VAL E 247 -86.22 -23.06 16.48
CA VAL E 247 -85.65 -24.33 16.94
C VAL E 247 -86.01 -25.46 15.98
N GLU E 248 -87.23 -25.44 15.45
CA GLU E 248 -87.69 -26.53 14.61
C GLU E 248 -87.09 -26.47 13.21
N ASP E 249 -86.80 -25.26 12.73
CA ASP E 249 -86.41 -25.08 11.33
C ASP E 249 -85.08 -25.75 10.99
N TYR E 250 -84.27 -26.13 11.99
CA TYR E 250 -83.11 -26.96 11.72
C TYR E 250 -83.51 -28.30 11.13
N LYS E 251 -84.67 -28.83 11.54
CA LYS E 251 -85.13 -30.11 11.01
C LYS E 251 -85.58 -29.98 9.56
N ALA E 252 -86.31 -28.91 9.24
CA ALA E 252 -86.72 -28.68 7.86
C ALA E 252 -85.51 -28.47 6.95
N LEU E 253 -84.42 -27.96 7.53
CA LEU E 253 -83.20 -27.75 6.74
C LEU E 253 -82.67 -29.05 6.15
N GLN E 254 -82.66 -30.12 6.95
CA GLN E 254 -82.15 -31.39 6.44
C GLN E 254 -83.09 -31.99 5.41
N LYS E 255 -84.40 -31.80 5.59
CA LYS E 255 -85.36 -32.19 4.57
C LYS E 255 -84.97 -31.63 3.20
N TYR E 256 -84.66 -30.34 3.17
CA TYR E 256 -84.15 -29.72 1.95
C TYR E 256 -82.93 -30.47 1.43
N GLU E 257 -81.96 -30.75 2.30
CA GLU E 257 -80.89 -31.67 1.92
C GLU E 257 -81.46 -33.02 1.53
N LYS E 258 -82.27 -33.63 2.40
CA LYS E 258 -82.82 -34.95 2.14
C LYS E 258 -83.59 -34.99 0.83
N GLU E 259 -84.44 -33.99 0.57
CA GLU E 259 -85.15 -34.00 -0.70
C GLU E 259 -84.19 -33.77 -1.86
N LYS E 260 -83.30 -32.79 -1.74
CA LYS E 260 -82.38 -32.50 -2.82
C LYS E 260 -81.23 -33.49 -2.88
N PHE E 261 -81.07 -34.35 -1.87
CA PHE E 261 -80.36 -35.59 -2.12
C PHE E 261 -81.08 -36.37 -3.22
N GLU E 262 -82.25 -36.89 -2.90
CA GLU E 262 -83.00 -37.68 -3.86
C GLU E 262 -83.39 -36.86 -5.09
N GLU E 263 -83.77 -35.60 -4.90
CA GLU E 263 -84.06 -34.76 -6.05
C GLU E 263 -82.87 -34.74 -7.02
N MET E 264 -81.66 -34.60 -6.49
CA MET E 264 -80.48 -34.73 -7.33
C MET E 264 -80.17 -36.20 -7.62
N ILE E 265 -80.28 -37.06 -6.60
CA ILE E 265 -80.12 -38.50 -6.83
C ILE E 265 -81.03 -38.95 -7.97
N GLN E 266 -82.32 -38.67 -7.84
CA GLN E 266 -83.27 -39.09 -8.87
C GLN E 266 -83.04 -38.35 -10.18
N GLN E 267 -82.53 -37.12 -10.11
CA GLN E 267 -82.18 -36.41 -11.34
C GLN E 267 -80.93 -37.00 -11.98
N ILE E 268 -79.86 -37.16 -11.21
CA ILE E 268 -78.57 -37.53 -11.79
C ILE E 268 -78.54 -39.03 -12.09
N LYS E 269 -79.29 -39.84 -11.34
CA LYS E 269 -79.27 -41.29 -11.54
C LYS E 269 -79.85 -41.67 -12.90
N GLU E 270 -81.06 -41.19 -13.20
CA GLU E 270 -81.72 -41.57 -14.44
C GLU E 270 -80.83 -41.35 -15.65
N THR E 271 -79.89 -40.42 -15.53
CA THR E 271 -78.98 -40.14 -16.63
C THR E 271 -77.74 -41.02 -16.52
N GLY E 272 -77.75 -41.97 -15.60
CA GLY E 272 -76.64 -42.90 -15.38
C GLY E 272 -75.93 -42.81 -14.04
N ALA E 273 -75.35 -43.94 -13.64
CA ALA E 273 -74.85 -44.27 -12.30
C ALA E 273 -75.86 -43.95 -11.21
N ASN E 274 -75.40 -43.86 -9.96
CA ASN E 274 -75.76 -42.82 -9.01
C ASN E 274 -74.55 -42.00 -8.62
N LEU E 275 -73.37 -42.47 -8.98
CA LEU E 275 -72.14 -41.93 -8.43
C LEU E 275 -71.85 -40.63 -9.15
N ALA E 276 -71.90 -39.53 -8.43
CA ALA E 276 -71.64 -38.25 -9.04
C ALA E 276 -70.51 -37.54 -8.34
N ILE E 277 -69.39 -37.43 -9.04
CA ILE E 277 -68.31 -36.54 -8.64
C ILE E 277 -68.91 -35.15 -8.60
N CYS E 278 -68.77 -34.49 -7.46
CA CYS E 278 -69.25 -33.13 -7.33
C CYS E 278 -68.03 -32.26 -7.05
N GLN E 279 -67.64 -31.43 -8.03
CA GLN E 279 -66.56 -30.49 -7.80
C GLN E 279 -66.81 -29.70 -6.53
N TRP E 280 -68.08 -29.44 -6.23
CA TRP E 280 -68.46 -28.74 -5.02
C TRP E 280 -68.16 -29.62 -3.83
N GLY E 281 -67.37 -29.09 -2.89
CA GLY E 281 -67.27 -29.68 -1.57
C GLY E 281 -68.37 -29.16 -0.69
N PHE E 282 -68.84 -30.03 0.20
CA PHE E 282 -69.94 -29.61 1.05
C PHE E 282 -69.49 -29.78 2.50
N ASP E 283 -70.29 -29.18 3.39
CA ASP E 283 -70.16 -29.36 4.83
C ASP E 283 -70.32 -30.84 5.14
N ASP E 284 -69.84 -31.24 6.32
CA ASP E 284 -70.00 -32.62 6.75
C ASP E 284 -71.43 -33.10 6.58
N GLU E 285 -72.40 -32.25 6.96
CA GLU E 285 -73.76 -32.72 7.21
C GLU E 285 -74.38 -33.38 5.99
N ALA E 286 -74.71 -32.60 4.94
CA ALA E 286 -75.47 -33.17 3.83
C ALA E 286 -74.72 -34.30 3.16
N ASN E 287 -73.39 -34.19 3.09
CA ASN E 287 -72.60 -35.26 2.50
C ASN E 287 -72.97 -36.60 3.11
N HIS E 288 -72.70 -36.77 4.42
CA HIS E 288 -73.07 -38.03 5.05
C HIS E 288 -74.59 -38.23 5.05
N LEU E 289 -75.36 -37.15 5.19
CA LEU E 289 -76.82 -37.31 5.13
C LEU E 289 -77.26 -37.83 3.77
N LEU E 290 -76.55 -37.46 2.70
CA LEU E 290 -76.80 -38.12 1.43
C LEU E 290 -76.18 -39.51 1.41
N LEU E 291 -74.94 -39.65 1.89
CA LEU E 291 -74.42 -40.99 2.12
C LEU E 291 -75.45 -41.81 2.88
N GLN E 292 -76.05 -41.21 3.91
CA GLN E 292 -77.23 -41.77 4.55
C GLN E 292 -78.37 -41.95 3.56
N ASN E 293 -78.92 -40.84 3.04
CA ASN E 293 -80.16 -40.90 2.27
C ASN E 293 -80.09 -41.97 1.19
N ASN E 294 -79.06 -41.90 0.34
CA ASN E 294 -78.62 -42.94 -0.59
C ASN E 294 -77.38 -42.51 -1.37
N LEU E 295 -76.65 -43.49 -1.90
CA LEU E 295 -75.84 -43.28 -3.08
C LEU E 295 -74.81 -42.16 -2.92
N PRO E 296 -73.72 -42.40 -2.18
CA PRO E 296 -72.70 -41.38 -1.95
C PRO E 296 -72.30 -40.60 -3.19
N ALA E 297 -72.00 -39.33 -2.95
CA ALA E 297 -71.45 -38.43 -3.95
C ALA E 297 -70.07 -38.00 -3.50
N VAL E 298 -69.24 -37.65 -4.49
CA VAL E 298 -67.86 -37.25 -4.23
C VAL E 298 -67.81 -35.74 -4.23
N ARG E 299 -67.31 -35.17 -3.13
CA ARG E 299 -67.29 -33.75 -2.88
C ARG E 299 -65.85 -33.34 -2.64
N TRP E 300 -65.60 -32.04 -2.69
CA TRP E 300 -64.26 -31.49 -2.50
C TRP E 300 -63.31 -32.07 -3.53
N VAL E 301 -63.57 -31.78 -4.79
CA VAL E 301 -62.87 -32.42 -5.90
C VAL E 301 -62.15 -31.34 -6.69
N GLY E 302 -60.98 -31.71 -7.22
CA GLY E 302 -60.26 -30.85 -8.14
C GLY E 302 -61.05 -30.63 -9.42
N GLY E 303 -61.20 -29.35 -9.76
CA GLY E 303 -61.75 -28.96 -11.04
C GLY E 303 -61.08 -29.69 -12.18
N PRO E 304 -59.75 -29.82 -12.14
CA PRO E 304 -59.11 -30.77 -13.04
C PRO E 304 -59.65 -32.18 -12.94
N GLU E 305 -59.97 -32.66 -11.74
CA GLU E 305 -60.34 -34.07 -11.61
C GLU E 305 -61.72 -34.34 -12.21
N ILE E 306 -62.70 -33.48 -11.93
CA ILE E 306 -63.98 -33.62 -12.62
C ILE E 306 -63.76 -33.49 -14.12
N GLU E 307 -62.77 -32.69 -14.52
CA GLU E 307 -62.37 -32.63 -15.92
C GLU E 307 -61.59 -33.88 -16.32
N LEU E 308 -60.66 -34.30 -15.47
CA LEU E 308 -59.86 -35.48 -15.78
C LEU E 308 -60.74 -36.71 -16.01
N ILE E 309 -61.69 -36.96 -15.11
CA ILE E 309 -62.56 -38.12 -15.28
C ILE E 309 -63.39 -37.97 -16.54
N ALA E 310 -63.80 -36.74 -16.87
CA ALA E 310 -64.61 -36.53 -18.07
C ALA E 310 -63.82 -36.85 -19.33
N ILE E 311 -62.66 -36.22 -19.49
CA ILE E 311 -61.85 -36.48 -20.68
C ILE E 311 -61.35 -37.91 -20.67
N ALA E 312 -61.20 -38.52 -19.50
CA ALA E 312 -60.93 -39.94 -19.43
C ALA E 312 -62.11 -40.74 -19.98
N THR E 313 -63.32 -40.37 -19.57
CA THR E 313 -64.51 -40.98 -20.15
C THR E 313 -64.72 -40.57 -21.60
N GLY E 314 -64.02 -39.56 -22.09
CA GLY E 314 -64.25 -39.08 -23.44
C GLY E 314 -65.56 -38.35 -23.62
N GLY E 315 -66.43 -38.38 -22.62
CA GLY E 315 -67.60 -37.51 -22.59
C GLY E 315 -67.29 -36.26 -21.79
N ARG E 316 -68.30 -35.45 -21.52
CA ARG E 316 -68.09 -34.17 -20.86
C ARG E 316 -68.37 -34.29 -19.37
N ILE E 317 -68.27 -33.14 -18.70
CA ILE E 317 -68.77 -32.94 -17.36
C ILE E 317 -70.16 -32.33 -17.53
N VAL E 318 -71.03 -32.60 -16.56
CA VAL E 318 -72.24 -31.78 -16.47
C VAL E 318 -71.86 -30.48 -15.76
N PRO E 319 -71.76 -29.37 -16.48
CA PRO E 319 -71.43 -28.11 -15.80
C PRO E 319 -72.53 -27.64 -14.89
N ARG E 320 -73.77 -27.65 -15.36
CA ARG E 320 -74.88 -27.08 -14.60
C ARG E 320 -75.79 -28.17 -14.09
N PHE E 321 -76.23 -27.99 -12.85
CA PHE E 321 -77.15 -28.94 -12.27
C PHE E 321 -78.52 -28.85 -12.92
N SER E 322 -78.96 -27.63 -13.24
CA SER E 322 -80.14 -27.50 -14.09
C SER E 322 -79.98 -28.32 -15.37
N GLU E 323 -78.77 -28.32 -15.93
CA GLU E 323 -78.39 -29.21 -17.01
C GLU E 323 -78.16 -30.63 -16.52
N LEU E 324 -78.12 -31.55 -17.48
CA LEU E 324 -77.60 -32.90 -17.28
C LEU E 324 -77.62 -33.67 -18.59
N THR E 325 -76.71 -34.63 -18.75
CA THR E 325 -76.66 -35.49 -19.93
C THR E 325 -75.82 -36.71 -19.58
N ALA E 326 -76.03 -37.81 -20.31
CA ALA E 326 -75.25 -39.02 -20.09
C ALA E 326 -73.81 -38.91 -20.54
N GLU E 327 -73.56 -38.36 -21.73
CA GLU E 327 -72.20 -38.03 -22.14
C GLU E 327 -71.52 -37.09 -21.17
N LYS E 328 -72.25 -36.09 -20.67
CA LYS E 328 -71.76 -35.19 -19.65
C LYS E 328 -71.63 -35.86 -18.29
N LEU E 329 -72.19 -37.05 -18.13
CA LEU E 329 -71.82 -37.95 -17.05
C LEU E 329 -70.69 -38.86 -17.52
N GLY E 330 -70.38 -39.87 -16.72
CA GLY E 330 -69.23 -40.71 -17.01
C GLY E 330 -69.50 -41.83 -17.98
N PHE E 331 -68.48 -42.12 -18.81
CA PHE E 331 -68.39 -43.38 -19.53
C PHE E 331 -67.35 -44.21 -18.76
N ALA E 332 -67.84 -45.17 -17.99
CA ALA E 332 -66.95 -45.99 -17.18
C ALA E 332 -67.44 -47.43 -17.15
N GLY E 333 -66.54 -48.34 -17.49
CA GLY E 333 -66.85 -49.75 -17.46
C GLY E 333 -66.73 -50.31 -16.06
N LEU E 334 -66.11 -49.54 -15.16
CA LEU E 334 -66.26 -49.82 -13.74
C LEU E 334 -66.07 -48.54 -12.93
N VAL E 335 -66.89 -48.40 -11.88
CA VAL E 335 -66.66 -47.44 -10.81
C VAL E 335 -66.84 -48.18 -9.50
N GLN E 336 -65.79 -48.23 -8.71
CA GLN E 336 -65.88 -48.88 -7.42
C GLN E 336 -65.03 -48.15 -6.40
N GLU E 337 -65.63 -47.85 -5.27
CA GLU E 337 -64.84 -47.45 -4.12
C GLU E 337 -64.04 -48.67 -3.70
N ILE E 338 -62.73 -48.50 -3.63
CA ILE E 338 -61.81 -49.56 -3.23
C ILE E 338 -60.89 -48.99 -2.16
N SER E 339 -60.59 -49.82 -1.16
CA SER E 339 -59.80 -49.36 -0.04
C SER E 339 -58.48 -48.80 -0.53
N PHE E 340 -58.23 -47.54 -0.16
CA PHE E 340 -57.10 -46.81 -0.70
C PHE E 340 -56.05 -46.65 0.37
N GLY E 341 -54.87 -47.14 0.08
CA GLY E 341 -53.81 -47.19 1.07
C GLY E 341 -54.15 -48.14 2.19
N THR E 342 -53.20 -48.30 3.09
CA THR E 342 -53.51 -48.88 4.38
C THR E 342 -53.91 -47.79 5.37
N THR E 343 -53.59 -46.53 5.06
CA THR E 343 -53.73 -45.46 6.03
C THR E 343 -55.01 -44.65 5.95
N LYS E 344 -55.83 -44.81 4.90
CA LYS E 344 -56.88 -43.84 4.69
C LYS E 344 -58.06 -44.45 3.93
N ASP E 345 -58.97 -43.55 3.52
CA ASP E 345 -60.29 -43.92 3.04
C ASP E 345 -60.20 -44.72 1.74
N LYS E 346 -61.29 -45.41 1.44
CA LYS E 346 -61.44 -46.10 0.16
C LYS E 346 -61.33 -45.13 -1.00
N MET E 347 -60.50 -45.45 -1.98
CA MET E 347 -60.45 -44.70 -3.23
C MET E 347 -61.66 -45.09 -4.05
N LEU E 348 -62.15 -44.15 -4.85
CA LEU E 348 -63.18 -44.44 -5.82
C LEU E 348 -62.48 -44.77 -7.13
N VAL E 349 -62.56 -46.02 -7.54
CA VAL E 349 -61.87 -46.49 -8.73
C VAL E 349 -62.82 -46.37 -9.90
N ILE E 350 -62.51 -45.45 -10.80
CA ILE E 350 -63.24 -45.37 -12.06
C ILE E 350 -62.32 -46.02 -13.07
N GLU E 351 -62.66 -47.25 -13.46
CA GLU E 351 -61.99 -47.93 -14.56
C GLU E 351 -62.96 -48.03 -15.72
N GLN E 352 -62.58 -47.40 -16.82
CA GLN E 352 -63.54 -47.09 -17.87
C GLN E 352 -63.39 -48.10 -18.99
N CYS E 353 -64.32 -49.04 -19.05
CA CYS E 353 -64.53 -49.86 -20.23
C CYS E 353 -65.70 -49.38 -21.07
N LYS E 354 -66.44 -48.36 -20.64
CA LYS E 354 -67.36 -47.68 -21.55
C LYS E 354 -66.59 -46.80 -22.53
N ASN E 355 -65.93 -45.76 -22.03
CA ASN E 355 -64.90 -45.09 -22.82
C ASN E 355 -63.72 -44.69 -21.95
N SER E 356 -62.52 -45.17 -22.31
CA SER E 356 -61.29 -44.72 -21.69
C SER E 356 -60.24 -44.50 -22.76
N ARG E 357 -59.78 -43.26 -22.86
CA ARG E 357 -58.67 -42.95 -23.75
C ARG E 357 -57.38 -43.05 -22.95
N ALA E 358 -57.51 -43.18 -21.63
CA ALA E 358 -56.36 -43.21 -20.74
C ALA E 358 -56.50 -44.37 -19.77
N VAL E 359 -55.43 -45.15 -19.63
CA VAL E 359 -55.39 -46.29 -18.72
C VAL E 359 -54.15 -46.15 -17.85
N THR E 360 -54.36 -45.94 -16.56
CA THR E 360 -53.36 -45.37 -15.67
C THR E 360 -52.88 -46.40 -14.66
N ILE E 361 -51.57 -46.60 -14.60
CA ILE E 361 -50.98 -47.44 -13.56
C ILE E 361 -50.95 -46.60 -12.29
N PHE E 362 -51.41 -47.19 -11.20
CA PHE E 362 -51.35 -46.51 -9.90
C PHE E 362 -50.27 -47.15 -9.05
N ILE E 363 -49.61 -46.34 -8.23
CA ILE E 363 -48.55 -46.81 -7.37
C ILE E 363 -48.70 -46.18 -5.99
N ARG E 364 -48.75 -47.04 -4.97
CA ARG E 364 -48.43 -46.69 -3.60
C ARG E 364 -46.93 -46.82 -3.36
N GLY E 365 -46.43 -46.11 -2.36
CA GLY E 365 -45.06 -46.27 -1.95
C GLY E 365 -44.89 -46.02 -0.46
N GLY E 366 -43.88 -46.66 0.11
CA GLY E 366 -43.68 -46.62 1.55
C GLY E 366 -43.13 -45.27 1.94
N ASN E 367 -42.51 -44.60 0.99
CA ASN E 367 -42.13 -43.22 1.09
C ASN E 367 -42.59 -42.54 -0.19
N LYS E 368 -42.66 -41.21 -0.16
CA LYS E 368 -42.62 -40.51 -1.43
C LYS E 368 -41.29 -40.76 -2.12
N MET E 369 -40.20 -40.73 -1.35
CA MET E 369 -38.87 -40.92 -1.92
C MET E 369 -38.80 -42.16 -2.79
N ILE E 370 -39.37 -43.27 -2.33
CA ILE E 370 -39.36 -44.46 -3.17
C ILE E 370 -40.49 -44.42 -4.21
N ILE E 371 -41.68 -43.97 -3.83
CA ILE E 371 -42.80 -43.99 -4.79
C ILE E 371 -42.51 -43.02 -5.93
N GLU E 372 -41.73 -41.96 -5.64
CA GLU E 372 -41.33 -41.04 -6.70
C GLU E 372 -40.20 -41.65 -7.53
N GLU E 373 -39.27 -42.34 -6.85
CA GLU E 373 -38.16 -42.96 -7.58
C GLU E 373 -38.68 -44.08 -8.48
N ALA E 374 -39.73 -44.77 -8.03
CA ALA E 374 -40.42 -45.70 -8.92
C ALA E 374 -41.20 -44.95 -9.98
N LYS E 375 -41.98 -43.95 -9.57
CA LYS E 375 -42.54 -43.02 -10.54
C LYS E 375 -41.47 -42.50 -11.47
N ARG E 376 -40.31 -42.16 -10.93
CA ARG E 376 -39.17 -41.83 -11.76
C ARG E 376 -38.70 -43.03 -12.58
N SER E 377 -38.83 -44.22 -12.02
CA SER E 377 -38.31 -45.41 -12.69
C SER E 377 -39.13 -45.75 -13.93
N LEU E 378 -40.46 -45.73 -13.80
CA LEU E 378 -41.32 -46.41 -14.74
C LEU E 378 -41.22 -45.84 -16.16
N HIS E 379 -41.27 -44.52 -16.28
CA HIS E 379 -41.47 -43.88 -17.60
C HIS E 379 -40.52 -44.47 -18.62
N ASP E 380 -39.32 -44.82 -18.18
CA ASP E 380 -38.33 -45.42 -19.07
C ASP E 380 -38.89 -46.65 -19.76
N ALA E 381 -39.15 -47.72 -18.99
CA ALA E 381 -39.74 -48.93 -19.56
C ALA E 381 -41.09 -48.62 -20.20
N LEU E 382 -41.80 -47.62 -19.68
CA LEU E 382 -43.01 -47.14 -20.33
C LEU E 382 -42.70 -46.62 -21.72
N CYS E 383 -41.60 -45.90 -21.87
CA CYS E 383 -41.31 -45.26 -23.15
C CYS E 383 -40.68 -46.24 -24.13
N VAL E 384 -39.88 -47.18 -23.64
CA VAL E 384 -39.25 -48.12 -24.57
C VAL E 384 -40.31 -48.94 -25.28
N ILE E 385 -41.34 -49.37 -24.57
CA ILE E 385 -42.41 -50.09 -25.24
C ILE E 385 -43.24 -49.17 -26.10
N ARG E 386 -43.33 -47.88 -25.76
CA ARG E 386 -43.89 -46.93 -26.70
C ARG E 386 -43.17 -46.99 -28.04
N ASN E 387 -41.85 -47.10 -28.01
CA ASN E 387 -41.11 -47.37 -29.23
C ASN E 387 -41.55 -48.70 -29.82
N LEU E 388 -41.57 -49.73 -28.98
CA LEU E 388 -41.92 -51.07 -29.43
C LEU E 388 -43.27 -51.10 -30.13
N ILE E 389 -44.30 -50.55 -29.50
CA ILE E 389 -45.62 -50.68 -30.09
C ILE E 389 -45.67 -50.00 -31.45
N ARG E 390 -44.95 -48.90 -31.62
CA ARG E 390 -44.82 -48.31 -32.95
C ARG E 390 -43.93 -49.18 -33.84
N ASP E 391 -42.66 -49.26 -33.51
CA ASP E 391 -41.74 -50.21 -34.12
C ASP E 391 -41.33 -51.20 -33.04
N ASN E 392 -41.77 -52.44 -33.15
CA ASN E 392 -41.17 -53.43 -32.27
C ASN E 392 -39.91 -53.84 -32.97
N ARG E 393 -38.82 -53.22 -32.55
CA ARG E 393 -37.48 -53.59 -32.91
C ARG E 393 -36.60 -53.22 -31.74
N VAL E 394 -35.73 -54.13 -31.33
CA VAL E 394 -34.79 -53.85 -30.26
C VAL E 394 -33.41 -54.25 -30.73
N VAL E 395 -32.42 -53.61 -30.13
CA VAL E 395 -31.03 -53.86 -30.43
C VAL E 395 -30.29 -54.18 -29.14
N TYR E 396 -29.61 -55.31 -29.16
CA TYR E 396 -28.67 -55.63 -28.11
C TYR E 396 -27.52 -54.65 -28.23
N GLY E 397 -27.30 -53.87 -27.17
CA GLY E 397 -26.33 -52.81 -27.18
C GLY E 397 -25.84 -52.54 -25.77
N GLY E 398 -24.96 -51.56 -25.64
CA GLY E 398 -24.16 -51.46 -24.44
C GLY E 398 -22.98 -52.40 -24.38
N GLY E 399 -22.13 -52.40 -25.41
CA GLY E 399 -20.97 -53.27 -25.48
C GLY E 399 -21.06 -54.35 -26.54
N ALA E 400 -22.27 -54.69 -26.96
CA ALA E 400 -22.40 -55.39 -28.23
C ALA E 400 -22.38 -54.40 -29.40
N ALA E 401 -23.23 -53.37 -29.32
CA ALA E 401 -23.55 -52.57 -30.49
C ALA E 401 -22.53 -51.46 -30.75
N GLU E 402 -22.09 -50.76 -29.70
CA GLU E 402 -21.17 -49.65 -29.90
C GLU E 402 -19.95 -50.09 -30.70
N ILE E 403 -19.14 -50.95 -30.10
CA ILE E 403 -17.97 -51.48 -30.77
C ILE E 403 -18.36 -52.14 -32.09
N SER E 404 -19.54 -52.77 -32.14
CA SER E 404 -20.05 -53.26 -33.40
C SER E 404 -20.19 -52.14 -34.43
N CYS E 405 -21.13 -51.23 -34.20
CA CYS E 405 -21.33 -50.11 -35.11
C CYS E 405 -20.06 -49.31 -35.33
N ALA E 406 -19.20 -49.24 -34.32
CA ALA E 406 -17.93 -48.54 -34.49
C ALA E 406 -17.00 -49.29 -35.43
N LEU E 407 -16.99 -50.62 -35.34
CA LEU E 407 -16.05 -51.41 -36.14
C LEU E 407 -16.29 -51.22 -37.64
N ALA E 408 -17.52 -51.41 -38.10
CA ALA E 408 -17.81 -51.14 -39.50
C ALA E 408 -17.43 -49.72 -39.87
N VAL E 409 -17.82 -48.75 -39.05
CA VAL E 409 -17.47 -47.36 -39.32
C VAL E 409 -15.97 -47.16 -39.27
N SER E 410 -15.29 -47.82 -38.31
CA SER E 410 -13.83 -47.87 -38.36
C SER E 410 -13.36 -48.36 -39.72
N GLN E 411 -14.02 -49.39 -40.23
CA GLN E 411 -13.69 -49.90 -41.56
C GLN E 411 -14.18 -48.96 -42.65
N GLU E 412 -15.37 -48.39 -42.45
CA GLU E 412 -15.90 -47.42 -43.42
C GLU E 412 -14.96 -46.25 -43.61
N ALA E 413 -14.32 -45.78 -42.54
CA ALA E 413 -13.33 -44.72 -42.66
C ALA E 413 -12.31 -45.03 -43.76
N ASP E 414 -11.77 -46.25 -43.74
CA ASP E 414 -10.75 -46.64 -44.71
C ASP E 414 -11.34 -46.90 -46.09
N LYS E 415 -12.65 -47.13 -46.19
CA LYS E 415 -13.29 -47.35 -47.48
C LYS E 415 -13.55 -46.02 -48.18
N CYS E 416 -14.11 -45.07 -47.44
CA CYS E 416 -14.59 -43.72 -47.71
C CYS E 416 -13.58 -42.67 -48.15
N PRO E 417 -12.29 -42.79 -47.84
CA PRO E 417 -11.54 -41.75 -47.12
C PRO E 417 -11.58 -40.30 -47.57
N THR E 418 -10.62 -39.54 -47.03
CA THR E 418 -10.44 -38.12 -46.69
C THR E 418 -11.29 -37.74 -45.47
N LEU E 419 -11.96 -36.58 -45.52
CA LEU E 419 -12.48 -35.92 -44.33
C LEU E 419 -13.34 -36.86 -43.50
N GLU E 420 -14.07 -37.75 -44.17
CA GLU E 420 -14.82 -38.81 -43.52
C GLU E 420 -13.93 -39.88 -42.90
N GLN E 421 -12.70 -40.05 -43.36
CA GLN E 421 -11.88 -41.15 -42.83
C GLN E 421 -11.53 -40.89 -41.38
N TYR E 422 -11.10 -39.67 -41.06
CA TYR E 422 -10.86 -39.34 -39.65
C TYR E 422 -12.15 -38.97 -38.94
N ALA E 423 -13.18 -38.58 -39.69
CA ALA E 423 -14.51 -38.62 -39.11
C ALA E 423 -14.87 -40.03 -38.66
N MET E 424 -14.97 -40.96 -39.61
CA MET E 424 -15.50 -42.29 -39.29
C MET E 424 -14.59 -43.05 -38.33
N ARG E 425 -13.28 -42.84 -38.41
CA ARG E 425 -12.40 -43.32 -37.35
C ARG E 425 -12.83 -42.75 -36.00
N ALA E 426 -12.73 -41.42 -35.85
CA ALA E 426 -13.11 -40.80 -34.59
C ALA E 426 -14.59 -41.01 -34.28
N PHE E 427 -15.43 -41.03 -35.31
CA PHE E 427 -16.84 -41.37 -35.10
C PHE E 427 -16.97 -42.67 -34.33
N ALA E 428 -16.15 -43.66 -34.69
CA ALA E 428 -16.26 -44.99 -34.11
C ALA E 428 -15.77 -45.04 -32.68
N ASP E 429 -14.59 -44.47 -32.41
CA ASP E 429 -13.98 -44.63 -31.08
C ASP E 429 -14.89 -44.10 -29.99
N ALA E 430 -15.70 -43.09 -30.29
CA ALA E 430 -16.64 -42.56 -29.31
C ALA E 430 -17.63 -43.62 -28.87
N LEU E 431 -18.20 -44.37 -29.82
CA LEU E 431 -19.09 -45.47 -29.47
C LEU E 431 -18.42 -46.45 -28.52
N GLU E 432 -17.26 -46.97 -28.93
CA GLU E 432 -16.51 -47.94 -28.13
C GLU E 432 -16.16 -47.43 -26.75
N VAL E 433 -16.24 -46.12 -26.52
CA VAL E 433 -16.01 -45.57 -25.19
C VAL E 433 -17.11 -46.02 -24.23
N ILE E 434 -18.37 -45.94 -24.64
CA ILE E 434 -19.49 -46.20 -23.72
C ILE E 434 -19.35 -47.54 -23.03
N PRO E 435 -19.21 -48.68 -23.74
CA PRO E 435 -18.96 -49.94 -23.02
C PRO E 435 -17.67 -49.91 -22.22
N MET E 436 -16.59 -49.42 -22.83
CA MET E 436 -15.40 -49.04 -22.07
C MET E 436 -15.79 -48.22 -20.85
N ALA E 437 -16.41 -47.06 -21.08
CA ALA E 437 -16.81 -46.16 -20.00
C ALA E 437 -17.77 -46.80 -19.01
N LEU E 438 -18.32 -47.97 -19.30
CA LEU E 438 -19.04 -48.69 -18.26
C LEU E 438 -18.07 -49.36 -17.31
N SER E 439 -17.10 -50.10 -17.84
CA SER E 439 -16.05 -50.60 -16.96
C SER E 439 -15.35 -49.46 -16.24
N GLU E 440 -15.39 -48.25 -16.82
CA GLU E 440 -15.10 -47.06 -16.05
C GLU E 440 -15.97 -46.97 -14.80
N ASN E 441 -17.29 -46.88 -15.00
CA ASN E 441 -18.19 -46.84 -13.84
C ASN E 441 -18.10 -48.14 -13.07
N SER E 442 -17.95 -49.26 -13.77
CA SER E 442 -17.83 -50.55 -13.11
C SER E 442 -16.41 -50.70 -12.54
N GLY E 443 -16.14 -51.91 -12.04
CA GLY E 443 -14.88 -52.17 -11.38
C GLY E 443 -13.76 -52.66 -12.27
N MET E 444 -13.97 -52.67 -13.59
CA MET E 444 -13.09 -53.37 -14.52
C MET E 444 -12.31 -52.36 -15.35
N ASN E 445 -11.14 -52.79 -15.82
CA ASN E 445 -10.37 -51.96 -16.74
C ASN E 445 -11.22 -51.60 -17.95
N PRO E 446 -11.51 -50.31 -18.14
CA PRO E 446 -12.32 -49.91 -19.29
C PRO E 446 -11.66 -50.27 -20.61
N ILE E 447 -10.33 -50.12 -20.67
CA ILE E 447 -9.58 -50.49 -21.85
C ILE E 447 -9.78 -51.96 -22.19
N GLN E 448 -9.35 -52.84 -21.28
CA GLN E 448 -9.34 -54.27 -21.56
C GLN E 448 -10.75 -54.80 -21.76
N THR E 449 -11.73 -54.17 -21.11
CA THR E 449 -13.13 -54.47 -21.43
C THR E 449 -13.42 -54.22 -22.89
N MET E 450 -13.31 -52.96 -23.33
CA MET E 450 -13.44 -52.67 -24.76
C MET E 450 -12.56 -53.60 -25.58
N THR E 451 -11.31 -53.79 -25.16
CA THR E 451 -10.47 -54.83 -25.72
C THR E 451 -11.19 -56.18 -25.77
N GLU E 452 -11.79 -56.58 -24.64
CA GLU E 452 -12.41 -57.90 -24.57
C GLU E 452 -13.38 -58.13 -25.72
N VAL E 453 -14.49 -57.39 -25.73
CA VAL E 453 -15.46 -57.57 -26.80
C VAL E 453 -14.83 -57.23 -28.13
N ARG E 454 -13.84 -56.32 -28.14
CA ARG E 454 -13.09 -56.08 -29.36
C ARG E 454 -12.54 -57.38 -29.92
N ALA E 455 -11.99 -58.22 -29.05
CA ALA E 455 -11.67 -59.58 -29.47
C ALA E 455 -12.94 -60.31 -29.90
N ARG E 456 -13.99 -60.25 -29.08
CA ARG E 456 -15.23 -60.92 -29.43
C ARG E 456 -15.83 -60.36 -30.71
N GLN E 457 -15.71 -59.05 -30.93
CA GLN E 457 -16.23 -58.50 -32.19
C GLN E 457 -15.44 -59.03 -33.36
N VAL E 458 -14.11 -59.15 -33.23
CA VAL E 458 -13.33 -59.87 -34.21
C VAL E 458 -13.84 -61.30 -34.33
N LYS E 459 -14.10 -61.94 -33.17
CA LYS E 459 -14.75 -63.25 -33.19
C LYS E 459 -16.11 -63.19 -33.86
N GLU E 460 -17.08 -62.54 -33.21
CA GLU E 460 -18.45 -62.50 -33.69
C GLU E 460 -18.95 -61.07 -33.65
N MET E 461 -19.77 -60.72 -34.63
CA MET E 461 -20.25 -59.36 -34.77
C MET E 461 -21.75 -59.30 -34.49
N ASN E 462 -22.16 -58.17 -33.92
CA ASN E 462 -23.48 -57.97 -33.35
C ASN E 462 -23.84 -59.14 -32.45
N PRO E 463 -23.04 -59.42 -31.42
CA PRO E 463 -23.26 -60.62 -30.62
C PRO E 463 -24.46 -60.44 -29.71
N ALA E 464 -25.14 -61.55 -29.46
CA ALA E 464 -26.03 -61.64 -28.31
C ALA E 464 -25.28 -61.42 -27.01
N LEU E 465 -23.96 -61.55 -27.05
CA LEU E 465 -23.07 -61.14 -25.98
C LEU E 465 -22.91 -59.63 -25.99
N GLY E 466 -21.98 -59.16 -25.18
CA GLY E 466 -21.69 -57.76 -25.01
C GLY E 466 -20.83 -57.62 -23.78
N ILE E 467 -20.81 -56.47 -23.13
CA ILE E 467 -20.10 -56.33 -21.87
C ILE E 467 -21.01 -56.84 -20.75
N ASP E 468 -20.58 -56.62 -19.52
CA ASP E 468 -21.47 -56.82 -18.39
C ASP E 468 -21.87 -55.46 -17.82
N CYS E 469 -23.10 -55.05 -18.08
CA CYS E 469 -23.65 -53.83 -17.50
C CYS E 469 -24.10 -54.12 -16.09
N LEU E 470 -24.53 -55.37 -15.84
CA LEU E 470 -24.83 -55.84 -14.49
C LEU E 470 -23.55 -56.30 -13.78
N HIS E 471 -22.41 -56.22 -14.47
CA HIS E 471 -21.12 -56.63 -13.94
C HIS E 471 -21.10 -58.13 -13.62
N LYS E 472 -21.91 -58.90 -14.33
CA LYS E 472 -21.88 -60.35 -14.22
C LYS E 472 -20.57 -60.88 -14.78
N GLY E 473 -20.11 -61.99 -14.22
CA GLY E 473 -18.99 -62.69 -14.81
C GLY E 473 -19.13 -62.96 -16.28
N THR E 474 -20.32 -63.38 -16.72
CA THR E 474 -20.63 -63.46 -18.14
C THR E 474 -20.81 -62.05 -18.66
N ASN E 475 -20.20 -61.78 -19.81
CA ASN E 475 -20.38 -60.50 -20.48
C ASN E 475 -21.25 -60.74 -21.71
N ASP E 476 -22.50 -60.30 -21.63
CA ASP E 476 -23.51 -60.73 -22.58
C ASP E 476 -24.29 -59.50 -23.04
N MET E 477 -25.33 -59.74 -23.82
CA MET E 477 -26.35 -58.73 -23.97
C MET E 477 -27.67 -59.45 -23.76
N LYS E 478 -27.88 -60.52 -24.55
CA LYS E 478 -29.00 -61.42 -24.36
C LYS E 478 -29.19 -61.83 -22.91
N GLN E 479 -28.15 -62.34 -22.26
CA GLN E 479 -28.24 -62.88 -20.92
C GLN E 479 -27.86 -61.86 -19.86
N GLN E 480 -27.27 -60.74 -20.26
CA GLN E 480 -27.43 -59.52 -19.50
C GLN E 480 -28.85 -59.02 -19.60
N HIS E 481 -29.55 -59.41 -20.68
CA HIS E 481 -30.91 -58.97 -20.97
C HIS E 481 -30.92 -57.44 -21.06
N VAL E 482 -29.73 -56.90 -21.30
CA VAL E 482 -29.54 -55.52 -21.66
C VAL E 482 -29.85 -55.45 -23.15
N ILE E 483 -30.52 -54.38 -23.55
CA ILE E 483 -31.04 -54.23 -24.90
C ILE E 483 -31.76 -52.89 -24.95
N GLU E 484 -31.97 -52.37 -26.14
CA GLU E 484 -32.70 -51.12 -26.32
C GLU E 484 -33.49 -51.20 -27.62
N THR E 485 -34.64 -50.53 -27.65
CA THR E 485 -35.36 -50.43 -28.91
C THR E 485 -34.46 -49.82 -29.96
N LEU E 486 -34.30 -50.54 -31.07
CA LEU E 486 -33.36 -50.06 -32.07
C LEU E 486 -33.78 -48.69 -32.58
N ILE E 487 -35.04 -48.35 -32.36
CA ILE E 487 -35.44 -46.95 -32.29
C ILE E 487 -34.47 -46.18 -31.41
N GLY E 488 -34.36 -46.58 -30.14
CA GLY E 488 -33.70 -45.74 -29.15
C GLY E 488 -32.24 -45.45 -29.46
N LYS E 489 -31.42 -46.48 -29.58
CA LYS E 489 -30.01 -46.27 -29.88
C LYS E 489 -29.83 -45.43 -31.13
N LYS E 490 -30.51 -45.77 -32.21
CA LYS E 490 -30.48 -44.92 -33.40
C LYS E 490 -30.92 -43.52 -33.05
N GLN E 491 -32.10 -43.39 -32.44
CA GLN E 491 -32.50 -42.09 -31.90
C GLN E 491 -31.41 -41.51 -31.02
N GLN E 492 -30.79 -42.37 -30.22
CA GLN E 492 -29.67 -41.92 -29.38
C GLN E 492 -28.45 -41.59 -30.23
N ILE E 493 -28.24 -42.35 -31.31
CA ILE E 493 -27.20 -42.00 -32.27
C ILE E 493 -27.44 -40.61 -32.83
N SER E 494 -28.69 -40.30 -33.17
CA SER E 494 -29.00 -39.04 -33.83
C SER E 494 -28.55 -37.86 -32.98
N LEU E 495 -28.77 -37.93 -31.67
CA LEU E 495 -28.78 -36.71 -30.85
C LEU E 495 -27.40 -36.12 -30.71
N ALA E 496 -26.43 -36.88 -30.21
CA ALA E 496 -25.09 -36.34 -30.07
C ALA E 496 -24.54 -35.91 -31.41
N THR E 497 -24.70 -36.78 -32.42
CA THR E 497 -24.36 -36.40 -33.79
C THR E 497 -25.10 -35.13 -34.20
N GLN E 498 -26.39 -35.06 -33.86
CA GLN E 498 -27.12 -33.81 -34.01
C GLN E 498 -26.40 -32.66 -33.29
N MET E 499 -26.07 -32.85 -32.02
CA MET E 499 -25.57 -31.73 -31.23
C MET E 499 -24.15 -31.37 -31.62
N VAL E 500 -23.26 -32.36 -31.70
CA VAL E 500 -21.91 -32.10 -32.16
C VAL E 500 -21.93 -31.44 -33.54
N ARG E 501 -23.03 -31.62 -34.26
CA ARG E 501 -23.28 -30.80 -35.44
C ARG E 501 -23.79 -29.41 -35.05
N MET E 502 -24.65 -29.34 -34.04
CA MET E 502 -25.28 -28.06 -33.72
C MET E 502 -24.27 -27.05 -33.20
N ILE E 503 -23.19 -27.54 -32.58
CA ILE E 503 -22.11 -26.64 -32.19
C ILE E 503 -21.48 -26.02 -33.42
N LEU E 504 -21.69 -26.62 -34.59
CA LEU E 504 -21.07 -26.12 -35.81
C LEU E 504 -21.96 -25.12 -36.53
N LYS E 505 -23.05 -24.68 -35.90
CA LYS E 505 -24.28 -24.35 -36.60
C LYS E 505 -24.08 -23.58 -37.91
N ILE E 506 -23.71 -22.30 -37.86
CA ILE E 506 -23.48 -21.60 -39.12
C ILE E 506 -22.13 -20.92 -39.18
N ASP E 507 -22.04 -19.72 -38.61
CA ASP E 507 -20.80 -18.97 -38.54
C ASP E 507 -20.72 -18.30 -37.18
N ASP E 508 -21.70 -17.44 -36.93
CA ASP E 508 -21.52 -16.23 -36.13
C ASP E 508 -20.96 -16.55 -34.74
N ILE E 509 -19.75 -16.09 -34.44
CA ILE E 509 -19.22 -16.16 -33.08
C ILE E 509 -19.22 -14.79 -32.42
N ARG E 510 -19.76 -13.78 -33.09
CA ARG E 510 -19.82 -12.44 -32.50
C ARG E 510 -21.06 -12.33 -31.63
N LYS E 511 -20.96 -11.50 -30.61
CA LYS E 511 -22.07 -11.12 -29.77
C LYS E 511 -22.19 -9.60 -29.74
N PRO E 512 -23.34 -9.06 -29.35
CA PRO E 512 -23.43 -7.62 -29.05
C PRO E 512 -22.46 -7.15 -27.99
N GLY E 513 -21.75 -8.08 -27.35
CA GLY E 513 -21.13 -7.92 -26.06
C GLY E 513 -21.86 -8.86 -25.14
N GLU E 514 -22.97 -9.40 -25.63
CA GLU E 514 -23.81 -10.30 -24.85
C GLU E 514 -24.05 -11.56 -25.66
N SER E 515 -23.48 -12.66 -25.18
CA SER E 515 -23.69 -13.99 -25.74
C SER E 515 -24.14 -14.91 -24.62
N GLU E 516 -23.30 -15.03 -23.60
CA GLU E 516 -23.77 -15.52 -22.32
C GLU E 516 -24.08 -14.40 -21.33
N GLU E 517 -23.88 -13.13 -21.70
CA GLU E 517 -24.24 -12.04 -20.80
C GLU E 517 -25.73 -11.73 -20.87
N GLU F 2 -0.57 30.71 8.46
CA GLU F 2 0.88 30.77 8.31
C GLU F 2 1.36 32.20 8.46
N VAL F 3 2.69 32.38 8.38
CA VAL F 3 3.28 33.71 8.38
C VAL F 3 4.35 33.76 7.30
N ALA F 4 4.25 34.76 6.44
CA ALA F 4 5.33 35.14 5.53
C ALA F 4 6.00 36.35 6.15
N ARG F 5 7.21 36.15 6.65
CA ARG F 5 7.81 37.08 7.59
C ARG F 5 8.62 38.14 6.88
N ALA F 6 8.36 39.40 7.23
CA ALA F 6 9.17 40.52 6.80
C ALA F 6 9.33 40.55 5.28
N GLN F 7 10.57 40.37 4.83
CA GLN F 7 10.90 40.38 3.41
C GLN F 7 9.99 39.45 2.60
N ALA F 8 9.58 38.33 3.20
CA ALA F 8 8.71 37.40 2.48
C ALA F 8 7.36 38.01 2.17
N ALA F 9 6.77 38.73 3.13
CA ALA F 9 5.44 39.29 2.93
C ALA F 9 5.41 40.24 1.75
N LEU F 10 6.45 41.08 1.61
CA LEU F 10 6.50 42.00 0.48
C LEU F 10 6.86 41.26 -0.80
N ALA F 11 7.68 40.21 -0.67
CA ALA F 11 7.99 39.37 -1.83
C ALA F 11 6.72 38.82 -2.46
N VAL F 12 5.68 38.62 -1.64
CA VAL F 12 4.37 38.27 -2.19
C VAL F 12 3.76 39.49 -2.87
N ASN F 13 3.84 40.65 -2.22
CA ASN F 13 3.24 41.86 -2.76
C ASN F 13 3.86 42.22 -4.10
N ILE F 14 5.19 42.20 -4.18
CA ILE F 14 5.86 42.58 -5.41
C ILE F 14 5.43 41.68 -6.55
N SER F 15 5.39 40.37 -6.31
CA SER F 15 5.08 39.41 -7.37
C SER F 15 3.69 39.65 -7.94
N ALA F 16 2.69 39.71 -7.06
CA ALA F 16 1.31 39.81 -7.52
C ALA F 16 1.09 41.06 -8.37
N ALA F 17 1.93 42.08 -8.18
CA ALA F 17 1.84 43.27 -9.01
C ALA F 17 2.39 43.00 -10.40
N ARG F 18 3.51 42.29 -10.48
CA ARG F 18 4.27 42.18 -11.73
C ARG F 18 3.44 41.61 -12.86
N GLY F 19 3.04 40.34 -12.75
CA GLY F 19 2.41 39.67 -13.88
C GLY F 19 1.18 40.38 -14.39
N LEU F 20 0.44 41.03 -13.49
CA LEU F 20 -0.71 41.81 -13.91
C LEU F 20 -0.29 43.07 -14.65
N GLN F 21 0.74 43.76 -14.16
CA GLN F 21 1.28 44.91 -14.86
C GLN F 21 1.63 44.54 -16.30
N ASP F 22 2.14 43.33 -16.50
CA ASP F 22 2.48 42.87 -17.85
C ASP F 22 1.24 42.82 -18.72
N VAL F 23 0.11 42.39 -18.15
CA VAL F 23 -1.14 42.36 -18.90
C VAL F 23 -1.50 43.76 -19.37
N LEU F 24 -1.25 44.76 -18.53
CA LEU F 24 -1.70 46.11 -18.79
C LEU F 24 -0.68 46.96 -19.52
N ARG F 25 0.54 46.45 -19.76
CA ARG F 25 1.46 47.19 -20.59
C ARG F 25 0.92 47.39 -21.99
N THR F 26 0.27 46.37 -22.57
CA THR F 26 -0.84 46.70 -23.45
C THR F 26 -2.13 46.17 -22.86
N ASN F 27 -2.75 46.94 -21.98
CA ASN F 27 -4.19 47.10 -21.92
C ASN F 27 -4.40 48.56 -22.29
N LEU F 28 -3.29 49.25 -22.55
CA LEU F 28 -3.20 50.71 -22.53
C LEU F 28 -2.76 51.24 -23.88
N GLY F 29 -3.40 52.32 -24.32
CA GLY F 29 -3.16 52.89 -25.63
C GLY F 29 -3.89 52.12 -26.71
N PRO F 30 -3.94 52.67 -27.93
CA PRO F 30 -4.42 51.86 -29.06
C PRO F 30 -3.60 50.62 -29.27
N LYS F 31 -2.30 50.71 -29.01
CA LYS F 31 -1.47 49.53 -28.84
C LYS F 31 -2.03 48.58 -27.80
N GLY F 32 -2.70 49.10 -26.77
CA GLY F 32 -3.24 48.30 -25.70
C GLY F 32 -4.05 47.13 -26.20
N THR F 33 -3.77 45.95 -25.69
CA THR F 33 -4.41 44.72 -26.14
C THR F 33 -5.55 44.38 -25.18
N MET F 34 -6.75 44.27 -25.75
CA MET F 34 -7.90 43.83 -24.98
C MET F 34 -7.66 42.43 -24.44
N LYS F 35 -8.29 42.12 -23.31
CA LYS F 35 -8.12 40.84 -22.67
C LYS F 35 -9.50 40.23 -22.40
N MET F 36 -9.57 38.90 -22.46
CA MET F 36 -10.86 38.22 -22.38
C MET F 36 -10.94 37.39 -21.11
N LEU F 37 -12.17 37.07 -20.72
CA LEU F 37 -12.41 36.37 -19.47
C LEU F 37 -13.34 35.19 -19.66
N VAL F 38 -12.83 33.99 -19.38
CA VAL F 38 -13.65 32.81 -19.20
C VAL F 38 -13.85 32.59 -17.71
N SER F 39 -12.78 32.22 -17.01
CA SER F 39 -12.86 31.82 -15.62
C SER F 39 -13.23 32.96 -14.69
N GLY F 40 -13.21 34.21 -15.19
CA GLY F 40 -13.80 35.29 -14.42
C GLY F 40 -15.26 35.05 -14.11
N ALA F 41 -15.96 34.37 -15.01
CA ALA F 41 -17.33 33.90 -14.82
C ALA F 41 -17.41 32.43 -15.20
N GLY F 42 -16.99 32.13 -16.42
CA GLY F 42 -17.47 31.00 -17.19
C GLY F 42 -18.26 31.44 -18.40
N ASP F 43 -18.59 32.72 -18.48
CA ASP F 43 -19.04 33.40 -19.68
C ASP F 43 -17.86 33.70 -20.60
N ILE F 44 -18.18 33.96 -21.86
CA ILE F 44 -17.21 34.51 -22.81
C ILE F 44 -17.26 36.02 -22.61
N LYS F 45 -16.15 36.58 -22.16
CA LYS F 45 -16.12 37.97 -21.71
C LYS F 45 -14.85 38.64 -22.19
N LEU F 46 -15.00 39.76 -22.89
CA LEU F 46 -13.87 40.58 -23.30
C LEU F 46 -13.95 41.94 -22.62
N THR F 47 -12.80 42.46 -22.19
CA THR F 47 -12.74 43.80 -21.62
C THR F 47 -11.36 44.39 -21.81
N LYS F 48 -11.32 45.70 -22.03
CA LYS F 48 -10.10 46.49 -21.85
C LYS F 48 -10.38 47.60 -20.86
N ASP F 49 -9.77 47.49 -19.67
CA ASP F 49 -9.65 48.59 -18.70
C ASP F 49 -8.95 48.07 -17.46
N GLY F 50 -8.37 48.96 -16.67
CA GLY F 50 -7.57 48.51 -15.54
C GLY F 50 -8.40 47.85 -14.45
N ASN F 51 -9.36 48.59 -13.90
CA ASN F 51 -10.03 48.12 -12.70
C ASN F 51 -11.12 47.10 -13.00
N VAL F 52 -11.81 47.27 -14.13
CA VAL F 52 -12.97 46.43 -14.37
C VAL F 52 -12.55 44.98 -14.59
N LEU F 53 -11.56 44.76 -15.45
CA LEU F 53 -10.98 43.42 -15.60
C LEU F 53 -10.66 42.79 -14.26
N LEU F 54 -10.13 43.57 -13.32
CA LEU F 54 -9.95 43.07 -11.96
C LEU F 54 -11.24 42.50 -11.41
N HIS F 55 -12.26 43.35 -11.27
CA HIS F 55 -13.54 42.92 -10.71
C HIS F 55 -14.17 41.80 -11.53
N GLU F 56 -14.07 41.89 -12.86
CA GLU F 56 -14.61 40.85 -13.73
C GLU F 56 -14.05 39.48 -13.35
N MET F 57 -12.73 39.33 -13.36
CA MET F 57 -12.11 38.14 -12.81
C MET F 57 -12.55 37.96 -11.38
N GLN F 58 -12.62 36.72 -10.93
CA GLN F 58 -12.69 36.47 -9.49
C GLN F 58 -11.27 36.29 -8.98
N ILE F 59 -10.78 37.32 -8.30
CA ILE F 59 -9.35 37.43 -8.04
C ILE F 59 -9.06 36.97 -6.62
N GLN F 60 -8.46 35.79 -6.49
CA GLN F 60 -8.16 35.21 -5.20
C GLN F 60 -7.00 35.90 -4.51
N HIS F 61 -6.09 36.51 -5.27
CA HIS F 61 -4.92 36.98 -4.57
C HIS F 61 -5.25 38.29 -3.86
N PRO F 62 -4.91 38.39 -2.58
CA PRO F 62 -5.29 39.58 -1.80
C PRO F 62 -4.80 40.87 -2.39
N THR F 63 -3.54 40.92 -2.86
CA THR F 63 -3.03 42.11 -3.53
C THR F 63 -3.99 42.58 -4.61
N ALA F 64 -4.18 41.78 -5.66
CA ALA F 64 -5.19 42.10 -6.66
C ALA F 64 -6.54 42.36 -6.02
N SER F 65 -6.92 41.54 -5.03
CA SER F 65 -8.18 41.76 -4.33
C SER F 65 -8.21 43.14 -3.67
N LEU F 66 -7.10 43.53 -3.05
CA LEU F 66 -7.01 44.87 -2.49
C LEU F 66 -7.04 45.92 -3.59
N ILE F 67 -6.35 45.66 -4.70
CA ILE F 67 -6.18 46.67 -5.73
C ILE F 67 -7.50 47.03 -6.39
N ALA F 68 -8.32 46.03 -6.72
CA ALA F 68 -9.57 46.29 -7.41
C ALA F 68 -10.40 47.34 -6.68
N LYS F 69 -10.28 47.41 -5.35
CA LYS F 69 -11.00 48.41 -4.59
C LYS F 69 -10.35 49.78 -4.68
N VAL F 70 -9.01 49.83 -4.58
CA VAL F 70 -8.36 51.13 -4.49
C VAL F 70 -8.22 51.79 -5.86
N ALA F 71 -7.93 51.00 -6.91
CA ALA F 71 -7.89 51.58 -8.25
C ALA F 71 -9.26 52.04 -8.67
N THR F 72 -10.31 51.45 -8.10
CA THR F 72 -11.68 51.88 -8.34
C THR F 72 -11.83 53.39 -8.19
N ALA F 73 -11.52 53.90 -6.99
CA ALA F 73 -11.71 55.33 -6.71
C ALA F 73 -11.16 56.20 -7.83
N GLN F 74 -9.99 55.84 -8.37
CA GLN F 74 -9.49 56.56 -9.54
C GLN F 74 -10.21 56.12 -10.79
N ASP F 75 -10.45 54.83 -10.95
CA ASP F 75 -11.20 54.35 -12.11
C ASP F 75 -12.62 54.89 -12.09
N ASP F 76 -13.12 55.24 -10.91
CA ASP F 76 -14.37 56.01 -10.83
C ASP F 76 -14.25 57.30 -11.60
N ILE F 77 -13.12 57.99 -11.46
CA ILE F 77 -12.97 59.33 -12.01
C ILE F 77 -12.62 59.28 -13.48
N THR F 78 -11.46 58.68 -13.79
CA THR F 78 -10.90 58.69 -15.13
C THR F 78 -11.42 57.55 -15.99
N GLY F 79 -11.09 56.32 -15.61
CA GLY F 79 -11.30 55.15 -16.44
C GLY F 79 -10.12 54.78 -17.32
N ASP F 80 -9.27 55.75 -17.66
CA ASP F 80 -8.00 55.48 -18.32
C ASP F 80 -6.90 56.15 -17.53
N GLY F 81 -5.70 55.62 -17.65
CA GLY F 81 -4.70 55.79 -16.62
C GLY F 81 -4.88 54.80 -15.50
N THR F 82 -6.06 54.21 -15.39
CA THR F 82 -6.32 53.05 -14.56
C THR F 82 -5.75 51.79 -15.17
N THR F 83 -6.01 51.57 -16.46
CA THR F 83 -5.24 50.58 -17.19
C THR F 83 -3.76 50.90 -17.15
N SER F 84 -3.41 52.15 -16.86
CA SER F 84 -2.02 52.50 -16.64
C SER F 84 -1.57 52.20 -15.21
N ASN F 85 -2.47 52.40 -14.25
CA ASN F 85 -2.06 52.64 -12.87
C ASN F 85 -1.31 51.45 -12.26
N VAL F 86 -1.62 50.24 -12.71
CA VAL F 86 -1.05 49.05 -12.07
C VAL F 86 0.46 49.02 -12.23
N LEU F 87 0.96 49.52 -13.37
CA LEU F 87 2.39 49.50 -13.64
C LEU F 87 3.19 50.21 -12.56
N ILE F 88 3.03 51.52 -12.43
CA ILE F 88 3.87 52.33 -11.54
C ILE F 88 3.92 51.79 -10.12
N ILE F 89 2.87 51.10 -9.68
CA ILE F 89 2.76 50.75 -8.27
C ILE F 89 3.74 49.64 -7.91
N GLY F 90 3.55 48.45 -8.49
CA GLY F 90 4.47 47.36 -8.23
C GLY F 90 5.86 47.63 -8.77
N GLU F 91 5.95 48.32 -9.90
CA GLU F 91 7.26 48.77 -10.37
C GLU F 91 7.99 49.55 -9.30
N LEU F 92 7.29 50.42 -8.57
CA LEU F 92 7.91 51.11 -7.46
C LEU F 92 8.32 50.13 -6.39
N LEU F 93 7.49 49.11 -6.15
CA LEU F 93 7.92 48.01 -5.29
C LEU F 93 9.19 47.38 -5.85
N LYS F 94 9.24 47.20 -7.17
CA LYS F 94 10.42 46.61 -7.79
C LYS F 94 11.62 47.54 -7.62
N GLN F 95 11.38 48.85 -7.65
CA GLN F 95 12.40 49.80 -7.22
C GLN F 95 12.82 49.55 -5.78
N ALA F 96 11.91 49.81 -4.84
CA ALA F 96 12.31 49.94 -3.44
C ALA F 96 12.74 48.61 -2.84
N ASP F 97 12.07 47.51 -3.20
CA ASP F 97 12.42 46.22 -2.63
C ASP F 97 13.91 45.97 -2.77
N LEU F 98 14.47 46.31 -3.93
CA LEU F 98 15.92 46.27 -4.08
C LEU F 98 16.61 47.05 -2.97
N TYR F 99 16.18 48.30 -2.75
CA TYR F 99 16.85 49.12 -1.75
C TYR F 99 16.79 48.48 -0.37
N ILE F 100 15.64 47.89 -0.03
CA ILE F 100 15.55 47.15 1.22
C ILE F 100 16.25 45.79 1.08
N SER F 101 16.39 45.32 -0.16
CA SER F 101 17.22 44.15 -0.39
C SER F 101 18.69 44.52 -0.32
N GLU F 102 19.05 45.68 -0.85
CA GLU F 102 20.31 46.32 -0.49
C GLU F 102 20.40 46.50 1.02
N GLY F 103 19.25 46.55 1.66
CA GLY F 103 19.04 46.85 3.06
C GLY F 103 18.75 48.32 3.21
N LEU F 104 17.70 48.61 3.96
CA LEU F 104 17.20 49.95 4.21
C LEU F 104 15.84 49.76 4.85
N HIS F 105 15.29 50.83 5.43
CA HIS F 105 13.92 50.70 5.91
C HIS F 105 12.94 51.04 4.79
N PRO F 106 11.93 50.19 4.60
CA PRO F 106 10.79 50.56 3.75
C PRO F 106 10.10 51.78 4.30
N ARG F 107 10.28 52.01 5.60
CA ARG F 107 9.88 53.26 6.22
C ARG F 107 10.41 54.46 5.44
N ILE F 108 11.73 54.68 5.48
CA ILE F 108 12.32 55.88 4.92
C ILE F 108 11.99 55.99 3.44
N ILE F 109 11.67 54.88 2.79
CA ILE F 109 11.37 54.93 1.36
C ILE F 109 9.93 55.38 1.15
N THR F 110 9.00 54.82 1.93
CA THR F 110 7.66 55.42 2.02
C THR F 110 7.76 56.89 2.42
N GLU F 111 8.51 57.16 3.47
CA GLU F 111 8.96 58.53 3.73
C GLU F 111 9.49 59.17 2.46
N GLY F 112 10.56 58.60 1.88
CA GLY F 112 11.20 59.16 0.70
C GLY F 112 10.28 59.46 -0.46
N PHE F 113 9.21 58.68 -0.64
CA PHE F 113 8.29 58.93 -1.74
C PHE F 113 7.56 60.25 -1.56
N GLU F 114 7.37 60.67 -0.31
CA GLU F 114 6.46 61.76 0.00
C GLU F 114 6.86 63.05 -0.71
N ALA F 115 8.00 63.62 -0.31
CA ALA F 115 8.46 64.86 -0.93
C ALA F 115 8.54 64.72 -2.45
N ALA F 116 8.91 63.53 -2.93
CA ALA F 116 8.87 63.29 -4.36
C ALA F 116 7.44 63.36 -4.89
N LYS F 117 6.50 62.72 -4.20
CA LYS F 117 5.09 62.88 -4.54
C LYS F 117 4.70 64.35 -4.57
N GLU F 118 5.20 65.12 -3.61
CA GLU F 118 4.82 66.53 -3.53
C GLU F 118 5.40 67.32 -4.69
N LYS F 119 6.72 67.20 -4.92
CA LYS F 119 7.30 67.82 -6.10
C LYS F 119 6.57 67.39 -7.37
N ALA F 120 6.28 66.11 -7.50
CA ALA F 120 5.36 65.67 -8.54
C ALA F 120 4.07 66.47 -8.51
N LEU F 121 3.33 66.40 -7.39
CA LEU F 121 2.17 67.26 -7.20
C LEU F 121 2.51 68.71 -7.53
N GLN F 122 3.64 69.20 -7.04
CA GLN F 122 4.12 70.50 -7.49
C GLN F 122 4.33 70.50 -8.99
N PHE F 123 5.05 69.50 -9.51
CA PHE F 123 5.24 69.42 -10.95
C PHE F 123 3.93 69.26 -11.68
N LEU F 124 3.04 68.41 -11.16
CA LEU F 124 1.70 68.25 -11.73
C LEU F 124 1.06 69.60 -11.99
N GLU F 125 1.18 70.53 -11.04
CA GLU F 125 0.79 71.90 -11.29
C GLU F 125 1.65 72.51 -12.39
N GLU F 126 2.97 72.43 -12.22
CA GLU F 126 3.90 73.08 -13.13
C GLU F 126 3.78 72.50 -14.54
N VAL F 127 3.45 71.22 -14.64
CA VAL F 127 3.27 70.61 -15.95
C VAL F 127 1.90 70.89 -16.56
N LYS F 128 0.84 70.97 -15.75
CA LYS F 128 -0.50 70.90 -16.32
C LYS F 128 -0.78 72.12 -17.18
N VAL F 129 -1.20 71.86 -18.42
CA VAL F 129 -1.37 72.91 -19.42
C VAL F 129 -2.84 73.29 -19.46
N SER F 130 -3.14 74.53 -19.09
CA SER F 130 -4.50 75.01 -19.21
C SER F 130 -4.90 75.02 -20.67
N ARG F 131 -5.98 74.31 -20.96
CA ARG F 131 -6.46 74.09 -22.31
C ARG F 131 -7.93 74.47 -22.35
N GLU F 132 -8.44 74.60 -23.56
CA GLU F 132 -9.76 75.16 -23.75
C GLU F 132 -10.79 74.05 -23.89
N MET F 133 -12.05 74.46 -23.95
CA MET F 133 -13.19 73.56 -23.94
C MET F 133 -13.65 73.25 -25.36
N ASP F 134 -12.86 73.66 -26.34
CA ASP F 134 -13.15 73.35 -27.73
C ASP F 134 -13.43 71.86 -27.89
N ARG F 135 -14.52 71.58 -28.58
CA ARG F 135 -14.88 70.19 -28.87
C ARG F 135 -13.71 69.44 -29.49
N GLU F 136 -12.94 70.13 -30.34
CA GLU F 136 -11.65 69.60 -30.79
C GLU F 136 -10.79 69.17 -29.62
N THR F 137 -10.43 70.13 -28.75
CA THR F 137 -9.71 69.80 -27.53
C THR F 137 -10.43 68.68 -26.77
N LEU F 138 -11.76 68.66 -26.82
CA LEU F 138 -12.49 67.57 -26.20
C LEU F 138 -12.33 66.27 -26.98
N ILE F 139 -12.36 66.35 -28.32
CA ILE F 139 -12.20 65.15 -29.14
C ILE F 139 -10.92 64.41 -28.77
N ASP F 140 -9.79 65.11 -28.78
CA ASP F 140 -8.52 64.45 -28.55
C ASP F 140 -8.41 63.85 -27.16
N VAL F 141 -9.01 64.49 -26.15
CA VAL F 141 -9.07 63.88 -24.83
C VAL F 141 -10.05 62.70 -24.83
N ALA F 142 -11.20 62.87 -25.48
CA ALA F 142 -12.11 61.74 -25.64
C ALA F 142 -11.41 60.58 -26.33
N ARG F 143 -10.84 60.85 -27.51
CA ARG F 143 -10.38 59.74 -28.34
C ARG F 143 -9.15 59.09 -27.75
N THR F 144 -8.28 59.85 -27.07
CA THR F 144 -7.10 59.22 -26.48
C THR F 144 -7.49 58.16 -25.46
N SER F 145 -8.53 58.42 -24.67
CA SER F 145 -9.07 57.37 -23.81
C SER F 145 -9.75 56.30 -24.65
N LEU F 146 -10.53 56.73 -25.63
CA LEU F 146 -11.10 55.80 -26.60
C LEU F 146 -10.01 55.03 -27.33
N ARG F 147 -9.01 55.75 -27.88
CA ARG F 147 -7.85 55.10 -28.47
C ARG F 147 -7.21 54.11 -27.51
N THR F 148 -7.01 54.51 -26.24
CA THR F 148 -6.54 53.55 -25.26
C THR F 148 -7.43 52.32 -25.21
N LYS F 149 -8.74 52.53 -25.01
CA LYS F 149 -9.65 51.43 -24.77
C LYS F 149 -10.08 50.71 -26.04
N VAL F 150 -10.27 51.41 -27.16
CA VAL F 150 -10.69 50.74 -28.39
C VAL F 150 -9.76 51.15 -29.53
N HIS F 151 -10.09 50.73 -30.75
CA HIS F 151 -9.35 51.15 -31.92
C HIS F 151 -9.48 52.66 -32.10
N ALA F 152 -8.41 53.31 -32.56
CA ALA F 152 -8.48 54.71 -32.95
C ALA F 152 -9.61 55.00 -33.91
N GLU F 153 -9.80 54.14 -34.92
CA GLU F 153 -11.01 54.18 -35.73
C GLU F 153 -12.24 54.15 -34.85
N LEU F 154 -12.44 53.07 -34.09
CA LEU F 154 -13.53 53.02 -33.13
C LEU F 154 -13.50 54.22 -32.21
N ALA F 155 -12.31 54.67 -31.80
CA ALA F 155 -12.21 55.92 -31.08
C ALA F 155 -12.76 57.08 -31.91
N ASP F 156 -12.25 57.24 -33.13
CA ASP F 156 -12.70 58.33 -33.99
C ASP F 156 -14.20 58.32 -34.19
N VAL F 157 -14.74 57.25 -34.80
CA VAL F 157 -16.14 57.23 -35.19
C VAL F 157 -17.05 57.50 -34.01
N LEU F 158 -16.67 57.03 -32.82
CA LEU F 158 -17.50 57.24 -31.66
C LEU F 158 -17.25 58.59 -30.98
N THR F 159 -16.08 59.20 -31.21
CA THR F 159 -15.66 60.35 -30.41
C THR F 159 -16.68 61.49 -30.51
N GLU F 160 -17.24 61.68 -31.71
CA GLU F 160 -18.13 62.81 -31.97
C GLU F 160 -19.28 62.82 -30.98
N ALA F 161 -20.13 61.80 -31.01
CA ALA F 161 -21.25 61.71 -30.08
C ALA F 161 -20.80 61.89 -28.64
N VAL F 162 -19.60 61.42 -28.31
CA VAL F 162 -19.09 61.57 -26.95
C VAL F 162 -18.90 63.04 -26.62
N VAL F 163 -18.17 63.77 -27.46
CA VAL F 163 -17.87 65.17 -27.17
C VAL F 163 -19.08 66.05 -27.48
N ASP F 164 -20.11 65.47 -28.08
CA ASP F 164 -21.31 66.22 -28.39
C ASP F 164 -22.21 66.37 -27.17
N SER F 165 -22.68 65.24 -26.62
CA SER F 165 -23.60 65.27 -25.49
C SER F 165 -23.07 66.15 -24.36
N ILE F 166 -21.78 66.05 -24.09
CA ILE F 166 -21.19 66.81 -22.98
C ILE F 166 -21.37 68.30 -23.21
N LEU F 167 -21.42 68.73 -24.46
CA LEU F 167 -21.73 70.13 -24.73
C LEU F 167 -23.14 70.47 -24.27
N ALA F 168 -24.10 69.57 -24.51
CA ALA F 168 -25.46 69.83 -24.06
C ALA F 168 -25.60 69.60 -22.57
N ILE F 169 -24.74 68.77 -21.98
CA ILE F 169 -24.76 68.64 -20.52
C ILE F 169 -24.00 69.79 -19.89
N LYS F 170 -23.11 70.45 -20.62
CA LYS F 170 -22.57 71.72 -20.16
C LYS F 170 -23.47 72.89 -20.55
N LYS F 171 -24.36 72.67 -21.52
CA LYS F 171 -25.49 73.56 -21.69
C LYS F 171 -26.28 73.72 -20.41
N GLN F 172 -26.38 72.64 -19.63
CA GLN F 172 -26.93 72.72 -18.29
C GLN F 172 -26.01 73.49 -17.35
N ASP F 173 -24.81 73.84 -17.83
CA ASP F 173 -23.71 74.35 -17.01
C ASP F 173 -23.32 73.32 -15.97
N GLU F 174 -23.62 72.10 -16.24
CA GLU F 174 -23.12 71.08 -15.35
C GLU F 174 -21.63 70.86 -15.57
N PRO F 175 -20.83 71.07 -14.52
CA PRO F 175 -19.39 70.81 -14.60
C PRO F 175 -19.02 69.35 -14.91
N ILE F 176 -19.95 68.42 -14.80
CA ILE F 176 -19.66 67.01 -15.04
C ILE F 176 -20.71 66.42 -15.99
N ASP F 177 -20.69 65.10 -16.14
CA ASP F 177 -21.66 64.39 -16.94
C ASP F 177 -22.54 63.56 -16.01
N LEU F 178 -23.78 64.00 -15.79
CA LEU F 178 -24.76 63.20 -15.05
C LEU F 178 -25.82 62.58 -15.93
N PHE F 179 -26.63 63.36 -16.63
CA PHE F 179 -27.50 62.82 -17.65
C PHE F 179 -26.77 62.91 -18.97
N MET F 180 -27.48 62.56 -20.04
CA MET F 180 -26.88 62.35 -21.34
C MET F 180 -25.85 61.23 -21.27
N ILE F 181 -25.95 60.42 -20.21
CA ILE F 181 -25.10 59.26 -20.00
C ILE F 181 -25.85 58.03 -20.49
N GLU F 182 -27.05 58.23 -21.01
CA GLU F 182 -27.89 57.10 -21.40
C GLU F 182 -27.31 56.52 -22.68
N ILE F 183 -26.91 55.25 -22.60
CA ILE F 183 -26.35 54.54 -23.75
C ILE F 183 -27.39 53.51 -24.14
N MET F 184 -27.51 53.25 -25.43
CA MET F 184 -28.47 52.25 -25.92
C MET F 184 -27.83 51.32 -26.93
N GLU F 185 -27.74 50.05 -26.56
CA GLU F 185 -27.37 48.99 -27.48
C GLU F 185 -28.62 48.53 -28.22
N MET F 186 -28.47 48.26 -29.51
CA MET F 186 -29.60 48.06 -30.39
C MET F 186 -29.31 46.92 -31.35
N LYS F 187 -30.38 46.18 -31.69
CA LYS F 187 -30.25 45.00 -32.53
C LYS F 187 -29.67 45.39 -33.89
N HIS F 188 -28.56 44.76 -34.25
CA HIS F 188 -27.94 45.04 -35.53
C HIS F 188 -27.03 43.86 -35.88
N LYS F 189 -26.72 43.75 -37.16
CA LYS F 189 -25.69 42.82 -37.64
C LYS F 189 -24.30 43.28 -37.24
N SER F 190 -24.07 44.58 -37.09
CA SER F 190 -22.74 45.09 -36.85
C SER F 190 -22.80 46.19 -35.80
N GLU F 191 -21.79 46.24 -34.94
CA GLU F 191 -21.63 47.31 -33.97
C GLU F 191 -21.20 48.62 -34.63
N THR F 192 -20.98 48.59 -35.94
CA THR F 192 -20.64 49.77 -36.74
C THR F 192 -21.56 50.95 -36.50
N ASP F 193 -22.85 50.72 -36.26
CA ASP F 193 -23.83 51.79 -36.20
C ASP F 193 -23.96 52.34 -34.79
N THR F 194 -23.70 53.63 -34.66
CA THR F 194 -23.85 54.37 -33.40
C THR F 194 -24.46 55.71 -33.71
N SER F 195 -25.49 56.09 -32.95
CA SER F 195 -26.18 57.34 -33.21
C SER F 195 -26.28 58.19 -31.95
N LEU F 196 -26.34 59.50 -32.15
CA LEU F 196 -26.42 60.49 -31.09
C LEU F 196 -27.81 61.07 -31.05
N ILE F 197 -28.57 60.75 -30.00
CA ILE F 197 -29.94 61.22 -29.85
C ILE F 197 -29.94 62.31 -28.80
N ARG F 198 -30.10 63.56 -29.23
CA ARG F 198 -30.09 64.68 -28.28
C ARG F 198 -31.20 64.53 -27.26
N GLY F 199 -32.34 63.98 -27.67
CA GLY F 199 -33.38 63.58 -26.76
C GLY F 199 -33.14 62.16 -26.29
N LEU F 200 -34.22 61.43 -26.10
CA LEU F 200 -34.14 60.07 -25.62
C LEU F 200 -34.53 59.10 -26.72
N VAL F 201 -34.50 57.82 -26.38
CA VAL F 201 -35.12 56.79 -27.21
C VAL F 201 -35.85 55.83 -26.31
N LEU F 202 -37.15 55.74 -26.48
CA LEU F 202 -37.91 54.60 -25.99
C LEU F 202 -37.80 53.48 -27.00
N ASP F 203 -37.86 52.25 -26.51
CA ASP F 203 -37.71 51.09 -27.35
C ASP F 203 -39.02 50.57 -27.90
N HIS F 204 -40.14 51.13 -27.47
CA HIS F 204 -41.44 50.54 -27.78
C HIS F 204 -42.37 51.56 -28.41
N GLY F 205 -43.26 51.06 -29.25
CA GLY F 205 -44.35 51.83 -29.81
C GLY F 205 -45.67 51.51 -29.15
N ALA F 206 -45.60 51.06 -27.89
CA ALA F 206 -46.59 50.19 -27.29
C ALA F 206 -46.72 48.94 -28.15
N ARG F 207 -47.92 48.38 -28.27
CA ARG F 207 -48.14 47.27 -29.18
C ARG F 207 -48.82 47.66 -30.49
N HIS F 208 -49.20 48.93 -30.66
CA HIS F 208 -50.02 49.30 -31.82
C HIS F 208 -49.24 50.15 -32.80
N PRO F 209 -49.13 49.74 -34.05
CA PRO F 209 -48.46 50.56 -35.05
C PRO F 209 -49.32 51.72 -35.52
N ASP F 210 -48.67 52.67 -36.18
CA ASP F 210 -49.37 53.70 -36.96
C ASP F 210 -50.37 54.46 -36.10
N MET F 211 -49.91 54.90 -34.92
CA MET F 211 -50.76 55.63 -33.99
C MET F 211 -50.68 57.11 -34.29
N LYS F 212 -50.11 57.44 -35.46
CA LYS F 212 -49.33 58.65 -35.68
C LYS F 212 -48.13 58.53 -34.76
N LYS F 213 -47.32 57.51 -35.04
CA LYS F 213 -46.09 57.22 -34.32
C LYS F 213 -44.93 58.08 -34.79
N ARG F 214 -45.10 58.78 -35.91
CA ARG F 214 -44.21 59.84 -36.35
C ARG F 214 -44.74 61.14 -35.76
N VAL F 215 -43.98 61.72 -34.82
CA VAL F 215 -44.48 62.84 -34.02
C VAL F 215 -43.50 63.99 -34.06
N GLU F 216 -43.90 65.08 -34.72
CA GLU F 216 -43.11 66.29 -34.69
C GLU F 216 -43.34 67.10 -33.43
N ASP F 217 -44.60 67.30 -33.04
CA ASP F 217 -44.92 68.03 -31.80
C ASP F 217 -45.29 66.97 -30.76
N ALA F 218 -44.39 66.76 -29.80
CA ALA F 218 -44.59 65.71 -28.81
C ALA F 218 -44.80 66.31 -27.43
N TYR F 219 -46.03 66.23 -26.94
CA TYR F 219 -46.34 66.59 -25.57
C TYR F 219 -46.35 65.29 -24.78
N ILE F 220 -45.37 65.11 -23.91
CA ILE F 220 -44.99 63.77 -23.48
C ILE F 220 -45.82 63.44 -22.25
N LEU F 221 -46.71 62.47 -22.39
CA LEU F 221 -47.34 61.84 -21.25
C LEU F 221 -46.56 60.58 -20.97
N THR F 222 -45.79 60.61 -19.90
CA THR F 222 -45.24 59.39 -19.32
C THR F 222 -46.19 59.01 -18.20
N CYS F 223 -46.88 57.89 -18.36
CA CYS F 223 -47.86 57.46 -17.40
C CYS F 223 -47.53 56.05 -16.96
N ASN F 224 -47.09 55.91 -15.71
CA ASN F 224 -46.74 54.58 -15.25
C ASN F 224 -47.96 53.69 -15.06
N VAL F 225 -49.16 54.24 -15.13
CA VAL F 225 -50.38 53.46 -15.04
C VAL F 225 -50.84 53.09 -16.43
N SER F 226 -51.42 51.90 -16.52
CA SER F 226 -51.83 51.32 -17.79
C SER F 226 -53.15 51.89 -18.27
N LEU F 227 -53.32 51.90 -19.60
CA LEU F 227 -54.65 51.76 -20.17
C LEU F 227 -55.05 50.30 -20.26
N GLU F 228 -54.12 49.37 -20.02
CA GLU F 228 -54.44 47.96 -19.90
C GLU F 228 -54.43 47.62 -18.42
N TYR F 229 -55.60 47.68 -17.79
CA TYR F 229 -55.79 47.05 -16.49
C TYR F 229 -56.14 45.59 -16.60
N GLU F 230 -57.15 45.25 -17.42
CA GLU F 230 -57.38 43.93 -17.97
C GLU F 230 -58.66 43.96 -18.79
N LYS F 231 -58.81 43.06 -19.76
CA LYS F 231 -60.02 43.01 -20.56
C LYS F 231 -61.01 41.98 -20.02
N THR F 232 -60.58 41.21 -19.03
CA THR F 232 -61.42 40.14 -18.49
C THR F 232 -62.20 40.67 -17.28
N GLU F 233 -62.80 39.75 -16.52
CA GLU F 233 -63.64 40.09 -15.39
C GLU F 233 -62.89 40.71 -14.22
N VAL F 234 -61.79 40.11 -13.76
CA VAL F 234 -61.15 40.50 -12.52
C VAL F 234 -60.07 41.52 -12.80
N ASN F 235 -59.87 42.42 -11.83
CA ASN F 235 -59.02 43.59 -12.00
C ASN F 235 -57.55 43.17 -12.11
N SER F 236 -56.69 44.16 -12.30
CA SER F 236 -55.27 43.89 -12.53
C SER F 236 -54.62 43.26 -11.30
N GLY F 237 -54.85 43.85 -10.13
CA GLY F 237 -54.26 43.31 -8.91
C GLY F 237 -55.24 42.53 -8.08
N PHE F 238 -56.52 42.57 -8.44
CA PHE F 238 -57.58 41.91 -7.68
C PHE F 238 -57.80 40.52 -8.25
N PHE F 239 -57.48 39.50 -7.45
CA PHE F 239 -57.65 38.10 -7.83
C PHE F 239 -58.62 37.42 -6.88
N TYR F 240 -59.52 36.62 -7.44
CA TYR F 240 -60.57 35.99 -6.66
C TYR F 240 -60.77 34.55 -7.13
N LYS F 241 -60.64 33.59 -6.20
CA LYS F 241 -61.13 32.25 -6.51
C LYS F 241 -62.52 31.98 -5.98
N SER F 242 -63.15 32.94 -5.31
CA SER F 242 -64.54 32.83 -4.88
C SER F 242 -65.46 33.31 -6.01
N ALA F 243 -66.59 32.64 -6.20
CA ALA F 243 -67.40 32.86 -7.39
C ALA F 243 -68.12 34.20 -7.35
N GLU F 244 -68.82 34.50 -6.25
CA GLU F 244 -69.70 35.67 -6.24
C GLU F 244 -68.91 36.97 -6.31
N GLU F 245 -67.64 36.95 -5.88
CA GLU F 245 -66.83 38.16 -5.92
C GLU F 245 -66.32 38.44 -7.33
N ARG F 246 -66.31 37.43 -8.20
CA ARG F 246 -65.82 37.63 -9.57
C ARG F 246 -66.88 38.28 -10.45
N GLU F 247 -68.15 37.91 -10.28
CA GLU F 247 -69.22 38.53 -11.05
C GLU F 247 -69.33 40.02 -10.77
N LYS F 248 -68.68 40.48 -9.70
CA LYS F 248 -68.77 41.88 -9.31
C LYS F 248 -67.89 42.76 -10.18
N LEU F 249 -66.72 42.27 -10.57
CA LEU F 249 -65.74 43.11 -11.25
C LEU F 249 -65.85 43.02 -12.76
N VAL F 250 -66.69 42.12 -13.27
CA VAL F 250 -66.69 41.83 -14.72
C VAL F 250 -67.19 43.04 -15.50
N LYS F 251 -68.09 43.81 -14.91
CA LYS F 251 -68.77 44.87 -15.66
C LYS F 251 -67.89 46.10 -15.84
N ALA F 252 -67.25 46.57 -14.75
CA ALA F 252 -66.55 47.84 -14.81
C ALA F 252 -65.05 47.70 -15.06
N GLU F 253 -64.53 46.47 -15.16
CA GLU F 253 -63.12 46.29 -15.50
C GLU F 253 -62.85 46.78 -16.93
N ARG F 254 -63.69 46.38 -17.87
CA ARG F 254 -63.59 46.89 -19.23
C ARG F 254 -63.88 48.38 -19.28
N LYS F 255 -64.67 48.88 -18.33
CA LYS F 255 -65.00 50.31 -18.30
C LYS F 255 -63.83 51.17 -17.84
N PHE F 256 -63.24 50.83 -16.67
CA PHE F 256 -62.21 51.69 -16.08
C PHE F 256 -61.02 51.84 -17.03
N ILE F 257 -60.89 50.92 -17.97
CA ILE F 257 -60.06 51.15 -19.14
C ILE F 257 -60.53 52.39 -19.90
N GLU F 258 -61.72 52.30 -20.50
CA GLU F 258 -62.23 53.39 -21.32
C GLU F 258 -62.43 54.66 -20.48
N ASP F 259 -62.55 54.52 -19.17
CA ASP F 259 -62.27 55.65 -18.30
C ASP F 259 -60.94 56.29 -18.68
N ARG F 260 -59.84 55.58 -18.41
CA ARG F 260 -58.52 56.11 -18.67
C ARG F 260 -58.26 56.31 -20.16
N VAL F 261 -58.86 55.46 -21.01
CA VAL F 261 -58.71 55.63 -22.46
C VAL F 261 -59.22 56.98 -22.91
N LYS F 262 -60.49 57.26 -22.63
CA LYS F 262 -61.09 58.47 -23.18
C LYS F 262 -60.64 59.71 -22.41
N LYS F 263 -60.15 59.54 -21.18
CA LYS F 263 -59.38 60.61 -20.57
C LYS F 263 -58.31 61.10 -21.51
N ILE F 264 -57.55 60.18 -22.11
CA ILE F 264 -56.56 60.55 -23.11
C ILE F 264 -57.24 61.09 -24.35
N ILE F 265 -58.27 60.39 -24.83
CA ILE F 265 -59.04 60.89 -25.98
C ILE F 265 -59.51 62.31 -25.71
N GLU F 266 -60.01 62.56 -24.50
CA GLU F 266 -60.14 63.93 -24.03
C GLU F 266 -58.78 64.62 -23.99
N LEU F 267 -57.82 64.04 -23.27
CA LEU F 267 -56.50 64.64 -23.11
C LEU F 267 -55.87 65.00 -24.44
N LYS F 268 -56.05 64.16 -25.46
CA LYS F 268 -55.65 64.54 -26.81
C LYS F 268 -56.25 65.88 -27.18
N ARG F 269 -57.58 65.94 -27.27
CA ARG F 269 -58.22 67.20 -27.61
C ARG F 269 -57.97 68.25 -26.55
N LYS F 270 -57.80 67.82 -25.30
CA LYS F 270 -57.39 68.75 -24.26
C LYS F 270 -56.01 69.33 -24.57
N VAL F 271 -55.02 68.47 -24.74
CA VAL F 271 -53.71 68.92 -25.22
C VAL F 271 -53.83 69.59 -26.57
N CYS F 272 -54.37 68.88 -27.54
CA CYS F 272 -54.33 69.35 -28.92
C CYS F 272 -55.61 70.06 -29.33
N GLY F 273 -56.72 69.34 -29.34
CA GLY F 273 -57.87 69.72 -30.11
C GLY F 273 -57.72 69.42 -31.59
N ASP F 274 -56.50 69.09 -32.01
CA ASP F 274 -56.16 68.76 -33.38
C ASP F 274 -55.31 67.50 -33.38
N SER F 275 -55.78 66.49 -34.10
CA SER F 275 -54.98 65.29 -34.32
C SER F 275 -53.64 65.60 -34.96
N ASP F 276 -53.50 66.79 -35.54
CA ASP F 276 -52.30 67.25 -36.21
C ASP F 276 -51.04 67.07 -35.36
N LYS F 277 -51.03 67.60 -34.14
CA LYS F 277 -49.92 67.36 -33.24
C LYS F 277 -50.09 65.98 -32.62
N GLY F 278 -49.16 65.09 -32.92
CA GLY F 278 -49.17 63.77 -32.33
C GLY F 278 -48.90 63.84 -30.83
N PHE F 279 -49.88 63.38 -30.07
CA PHE F 279 -49.73 63.42 -28.63
C PHE F 279 -49.21 62.08 -28.17
N VAL F 280 -48.13 62.11 -27.39
CA VAL F 280 -47.40 60.90 -27.04
C VAL F 280 -47.77 60.47 -25.63
N VAL F 281 -48.53 59.38 -25.54
CA VAL F 281 -48.76 58.70 -24.28
C VAL F 281 -47.66 57.67 -24.11
N ILE F 282 -47.10 57.58 -22.92
CA ILE F 282 -45.99 56.69 -22.64
C ILE F 282 -46.29 55.99 -21.33
N ASN F 283 -46.37 54.67 -21.38
CA ASN F 283 -46.75 53.86 -20.23
C ASN F 283 -45.60 52.97 -19.82
N GLN F 284 -45.29 52.98 -18.53
CA GLN F 284 -44.35 52.05 -17.93
C GLN F 284 -44.86 50.63 -17.96
N LYS F 285 -46.15 50.44 -18.20
CA LYS F 285 -46.78 49.13 -18.24
C LYS F 285 -47.50 49.02 -19.57
N GLY F 286 -48.29 47.95 -19.71
CA GLY F 286 -49.00 47.72 -20.95
C GLY F 286 -50.16 48.67 -21.18
N ILE F 287 -50.68 48.64 -22.41
CA ILE F 287 -51.83 49.43 -22.82
C ILE F 287 -52.68 48.55 -23.75
N ASP F 288 -53.99 48.52 -23.51
CA ASP F 288 -54.90 47.68 -24.29
C ASP F 288 -54.84 48.02 -25.77
N PRO F 289 -55.06 47.02 -26.64
CA PRO F 289 -55.10 47.30 -28.09
C PRO F 289 -56.19 48.27 -28.47
N PHE F 290 -57.42 48.07 -28.00
CA PHE F 290 -58.50 49.01 -28.30
C PHE F 290 -58.22 50.36 -27.66
N SER F 291 -57.60 50.35 -26.47
CA SER F 291 -57.12 51.60 -25.89
C SER F 291 -56.19 52.31 -26.85
N LEU F 292 -55.13 51.63 -27.29
CA LEU F 292 -54.32 52.11 -28.39
C LEU F 292 -55.18 52.43 -29.60
N ASP F 293 -56.07 51.50 -29.99
CA ASP F 293 -56.95 51.74 -31.13
C ASP F 293 -57.75 53.03 -30.97
N ALA F 294 -58.48 53.15 -29.85
CA ALA F 294 -59.25 54.37 -29.62
C ALA F 294 -58.34 55.59 -29.58
N LEU F 295 -57.10 55.40 -29.11
CA LEU F 295 -56.12 56.49 -29.13
C LEU F 295 -55.50 56.68 -30.51
N SER F 296 -55.03 55.58 -31.12
CA SER F 296 -54.27 55.69 -32.37
C SER F 296 -55.08 56.36 -33.46
N LYS F 297 -56.35 55.98 -33.59
CA LYS F 297 -57.20 56.56 -34.63
C LYS F 297 -57.33 58.07 -34.46
N GLU F 298 -57.39 58.54 -33.22
CA GLU F 298 -57.43 59.98 -32.98
C GLU F 298 -56.08 60.63 -33.26
N GLY F 299 -55.05 59.83 -33.53
CA GLY F 299 -53.73 60.37 -33.79
C GLY F 299 -52.86 60.35 -32.56
N ILE F 300 -53.44 59.93 -31.43
CA ILE F 300 -52.70 59.77 -30.19
C ILE F 300 -51.73 58.63 -30.42
N VAL F 301 -50.45 58.89 -30.13
CA VAL F 301 -49.47 57.81 -30.09
C VAL F 301 -49.24 57.47 -28.61
N ALA F 302 -49.68 56.28 -28.23
CA ALA F 302 -49.56 55.82 -26.85
C ALA F 302 -48.48 54.76 -26.80
N LEU F 303 -47.57 54.91 -25.84
CA LEU F 303 -46.47 53.99 -25.68
C LEU F 303 -46.67 53.25 -24.37
N ARG F 304 -46.37 51.95 -24.39
CA ARG F 304 -46.56 51.13 -23.21
C ARG F 304 -45.26 50.45 -22.87
N ARG F 305 -45.18 49.96 -21.64
CA ARG F 305 -44.03 49.18 -21.17
C ARG F 305 -42.74 49.99 -21.23
N ALA F 306 -42.85 51.30 -21.01
CA ALA F 306 -41.68 52.17 -20.97
C ALA F 306 -40.82 51.85 -19.76
N LYS F 307 -39.58 52.30 -19.80
CA LYS F 307 -38.59 52.01 -18.77
C LYS F 307 -38.54 53.14 -17.74
N ARG F 308 -38.33 52.73 -16.48
CA ARG F 308 -38.30 53.68 -15.37
C ARG F 308 -37.23 54.74 -15.57
N ARG F 309 -36.05 54.35 -16.07
CA ARG F 309 -35.04 55.37 -16.37
C ARG F 309 -35.55 56.32 -17.43
N ASN F 310 -36.13 55.80 -18.51
CA ASN F 310 -36.83 56.66 -19.44
C ASN F 310 -37.83 57.55 -18.72
N MET F 311 -38.72 56.94 -17.92
CA MET F 311 -39.63 57.72 -17.10
C MET F 311 -38.90 58.83 -16.37
N GLU F 312 -37.82 58.47 -15.69
CA GLU F 312 -36.92 59.49 -15.17
C GLU F 312 -36.43 60.41 -16.28
N ARG F 313 -35.72 59.84 -17.27
CA ARG F 313 -35.21 60.62 -18.38
C ARG F 313 -36.31 61.48 -19.02
N LEU F 314 -37.42 60.85 -19.42
CA LEU F 314 -38.50 61.56 -20.11
C LEU F 314 -39.03 62.70 -19.27
N THR F 315 -39.27 62.46 -17.98
CA THR F 315 -39.67 63.53 -17.07
C THR F 315 -38.67 64.68 -17.13
N LEU F 316 -37.38 64.36 -17.10
CA LEU F 316 -36.35 65.39 -17.06
C LEU F 316 -36.06 65.96 -18.44
N ALA F 317 -35.89 65.09 -19.44
CA ALA F 317 -35.43 65.55 -20.75
C ALA F 317 -36.48 66.42 -21.44
N CYS F 318 -37.74 65.99 -21.41
CA CYS F 318 -38.80 66.76 -22.04
C CYS F 318 -39.28 67.92 -21.18
N GLY F 319 -38.79 68.00 -19.94
CA GLY F 319 -39.54 68.70 -18.93
C GLY F 319 -40.80 67.90 -18.70
N GLY F 320 -40.67 66.59 -18.92
CA GLY F 320 -41.82 65.70 -18.93
C GLY F 320 -42.37 65.44 -17.55
N VAL F 321 -43.36 64.55 -17.52
CA VAL F 321 -44.04 64.17 -16.28
C VAL F 321 -44.34 62.68 -16.32
N ALA F 322 -44.21 62.03 -15.17
CA ALA F 322 -44.73 60.68 -14.95
C ALA F 322 -46.07 60.84 -14.23
N LEU F 323 -47.08 60.09 -14.68
CA LEU F 323 -48.42 60.27 -14.14
C LEU F 323 -49.08 58.93 -13.79
N ASN F 324 -49.75 58.95 -12.64
CA ASN F 324 -50.59 57.84 -12.20
C ASN F 324 -52.04 58.01 -12.62
N SER F 325 -52.37 59.11 -13.30
CA SER F 325 -53.70 59.32 -13.84
C SER F 325 -53.56 59.99 -15.20
N PHE F 326 -54.65 60.00 -15.95
CA PHE F 326 -54.66 60.63 -17.27
C PHE F 326 -55.48 61.92 -17.24
N ASP F 327 -56.80 61.80 -17.07
CA ASP F 327 -57.71 62.94 -17.01
C ASP F 327 -57.46 63.87 -18.19
N ASP F 328 -57.40 65.17 -17.93
CA ASP F 328 -57.13 66.16 -18.95
C ASP F 328 -56.09 67.15 -18.46
N LEU F 329 -55.17 67.50 -19.37
CA LEU F 329 -54.06 68.39 -19.09
C LEU F 329 -53.69 69.12 -20.36
N SER F 330 -53.11 70.29 -20.19
CA SER F 330 -52.62 71.08 -21.31
C SER F 330 -51.42 70.39 -21.96
N PRO F 331 -51.02 70.84 -23.15
CA PRO F 331 -49.81 70.27 -23.77
C PRO F 331 -48.59 70.28 -22.89
N ASP F 332 -48.35 71.37 -22.16
CA ASP F 332 -47.12 71.54 -21.39
C ASP F 332 -47.14 70.80 -20.06
N CYS F 333 -48.30 70.63 -19.44
CA CYS F 333 -48.43 69.74 -18.29
C CYS F 333 -47.90 68.34 -18.59
N LEU F 334 -47.85 67.97 -19.86
CA LEU F 334 -47.22 66.76 -20.34
C LEU F 334 -46.00 67.16 -21.16
N GLY F 335 -44.82 66.94 -20.59
CA GLY F 335 -43.63 67.63 -21.04
C GLY F 335 -43.39 67.45 -22.52
N HIS F 336 -42.66 68.38 -23.11
CA HIS F 336 -42.60 68.38 -24.56
C HIS F 336 -41.28 67.84 -25.07
N ALA F 337 -41.38 66.94 -26.04
CA ALA F 337 -40.24 66.51 -26.84
C ALA F 337 -40.30 67.22 -28.17
N GLY F 338 -39.22 67.90 -28.54
CA GLY F 338 -39.16 68.59 -29.81
C GLY F 338 -39.41 67.68 -30.99
N LEU F 339 -39.10 66.40 -30.87
CA LEU F 339 -39.38 65.44 -31.93
C LEU F 339 -39.58 64.08 -31.30
N VAL F 340 -40.52 63.31 -31.84
CA VAL F 340 -40.72 61.92 -31.43
C VAL F 340 -41.00 61.06 -32.67
N TYR F 341 -40.20 60.02 -32.87
CA TYR F 341 -40.45 59.07 -33.93
C TYR F 341 -40.20 57.65 -33.45
N GLU F 342 -41.25 56.83 -33.48
CA GLU F 342 -41.10 55.42 -33.19
C GLU F 342 -40.37 54.77 -34.37
N TYR F 343 -39.22 54.19 -34.09
CA TYR F 343 -38.34 53.69 -35.16
C TYR F 343 -38.17 52.20 -35.03
N THR F 344 -38.70 51.47 -36.01
CA THR F 344 -38.55 50.02 -36.07
C THR F 344 -37.21 49.67 -36.68
N LEU F 345 -36.39 48.97 -35.90
CA LEU F 345 -35.25 48.23 -36.45
C LEU F 345 -35.40 46.80 -35.96
N GLY F 346 -35.07 45.83 -36.80
CA GLY F 346 -35.53 44.49 -36.57
C GLY F 346 -37.05 44.51 -36.40
N GLU F 347 -37.52 43.78 -35.41
CA GLU F 347 -38.93 43.87 -35.06
C GLU F 347 -39.25 45.06 -34.16
N GLU F 348 -38.45 45.31 -33.14
CA GLU F 348 -38.80 46.28 -32.11
C GLU F 348 -38.75 47.69 -32.68
N LYS F 349 -39.78 48.48 -32.41
CA LYS F 349 -39.81 49.87 -32.83
C LYS F 349 -39.32 50.77 -31.72
N PHE F 350 -38.14 51.33 -31.93
CA PHE F 350 -37.45 52.12 -30.93
C PHE F 350 -37.87 53.56 -31.13
N THR F 351 -38.65 54.08 -30.19
CA THR F 351 -39.20 55.41 -30.35
C THR F 351 -38.09 56.42 -30.18
N PHE F 352 -37.87 57.24 -31.19
CA PHE F 352 -36.88 58.29 -31.06
C PHE F 352 -37.58 59.51 -30.51
N ILE F 353 -37.32 59.79 -29.23
CA ILE F 353 -37.83 61.00 -28.61
C ILE F 353 -36.67 61.94 -28.42
N GLU F 354 -36.58 62.94 -29.27
CA GLU F 354 -35.29 63.52 -29.62
C GLU F 354 -35.38 65.03 -29.69
N LYS F 355 -34.37 65.66 -29.10
CA LYS F 355 -34.38 67.10 -28.82
C LYS F 355 -35.60 67.46 -27.99
N CYS F 356 -35.77 66.75 -26.89
CA CYS F 356 -36.80 67.08 -25.92
C CYS F 356 -36.58 68.50 -25.43
N ASN F 357 -37.64 69.18 -25.01
CA ASN F 357 -37.47 70.56 -24.56
C ASN F 357 -36.55 70.58 -23.35
N ASN F 358 -35.44 71.35 -23.49
CA ASN F 358 -34.28 71.21 -22.61
C ASN F 358 -33.84 69.74 -22.64
N PRO F 359 -33.24 69.29 -23.74
CA PRO F 359 -32.98 67.85 -23.90
C PRO F 359 -31.93 67.41 -22.90
N ARG F 360 -32.30 67.42 -21.62
CA ARG F 360 -31.38 67.19 -20.54
C ARG F 360 -30.68 65.85 -20.59
N SER F 361 -31.23 64.89 -21.33
CA SER F 361 -30.65 63.56 -21.45
C SER F 361 -30.51 63.20 -22.91
N VAL F 362 -29.25 63.04 -23.34
CA VAL F 362 -28.90 62.65 -24.69
C VAL F 362 -28.64 61.15 -24.69
N THR F 363 -29.51 60.42 -25.36
CA THR F 363 -29.32 58.98 -25.51
C THR F 363 -28.27 58.76 -26.59
N LEU F 364 -27.22 58.04 -26.25
CA LEU F 364 -26.22 57.65 -27.22
C LEU F 364 -26.52 56.22 -27.62
N LEU F 365 -26.97 56.06 -28.84
CA LEU F 365 -27.49 54.78 -29.32
C LEU F 365 -26.39 54.09 -30.11
N ILE F 366 -26.13 52.82 -29.79
CA ILE F 366 -25.18 52.00 -30.53
C ILE F 366 -25.92 50.78 -31.07
N LYS F 367 -25.97 50.67 -32.39
CA LYS F 367 -26.62 49.55 -33.04
C LYS F 367 -25.57 48.50 -33.35
N GLY F 368 -25.73 47.31 -32.77
CA GLY F 368 -24.74 46.28 -32.92
C GLY F 368 -25.24 44.86 -32.75
N PRO F 369 -24.30 43.90 -32.79
CA PRO F 369 -24.66 42.50 -32.59
C PRO F 369 -25.20 42.19 -31.22
N ASN F 370 -25.05 43.12 -30.28
CA ASN F 370 -25.49 42.93 -28.90
C ASN F 370 -24.69 41.82 -28.24
N LYS F 371 -23.48 41.59 -28.74
CA LYS F 371 -22.51 40.70 -28.13
C LYS F 371 -21.80 41.46 -27.02
N HIS F 372 -20.88 40.78 -26.33
CA HIS F 372 -20.01 41.55 -25.45
C HIS F 372 -19.05 42.40 -26.27
N THR F 373 -18.98 42.17 -27.59
CA THR F 373 -18.28 43.07 -28.49
C THR F 373 -18.94 44.45 -28.48
N LEU F 374 -20.26 44.48 -28.65
CA LEU F 374 -20.97 45.74 -28.53
C LEU F 374 -20.90 46.27 -27.11
N THR F 375 -20.84 45.38 -26.13
CA THR F 375 -20.53 45.80 -24.77
C THR F 375 -19.08 46.25 -24.67
N GLN F 376 -18.21 45.69 -25.52
CA GLN F 376 -16.80 46.05 -25.50
C GLN F 376 -16.60 47.49 -25.96
N ILE F 377 -17.53 48.04 -26.75
CA ILE F 377 -17.44 49.45 -27.08
C ILE F 377 -18.33 50.29 -26.18
N LYS F 378 -19.09 49.66 -25.29
CA LYS F 378 -19.97 50.41 -24.40
C LYS F 378 -19.19 51.05 -23.26
N ASP F 379 -17.95 50.61 -23.07
CA ASP F 379 -17.10 51.12 -22.00
C ASP F 379 -16.30 52.34 -22.39
N ALA F 380 -15.45 52.24 -23.42
CA ALA F 380 -14.58 53.35 -23.80
C ALA F 380 -15.35 54.66 -23.89
N VAL F 381 -16.57 54.61 -24.43
CA VAL F 381 -17.40 55.81 -24.49
C VAL F 381 -17.62 56.39 -23.10
N ARG F 382 -18.34 55.68 -22.23
CA ARG F 382 -18.57 56.16 -20.88
C ARG F 382 -17.25 56.40 -20.16
N ASP F 383 -16.26 55.56 -20.43
CA ASP F 383 -14.89 55.85 -20.01
C ASP F 383 -14.41 57.18 -20.54
N GLY F 384 -14.35 57.34 -21.86
CA GLY F 384 -14.04 58.63 -22.47
C GLY F 384 -14.93 59.75 -21.96
N LEU F 385 -16.22 59.45 -21.73
CA LEU F 385 -17.10 60.45 -21.13
C LEU F 385 -16.51 61.01 -19.84
N ARG F 386 -16.11 60.12 -18.92
CA ARG F 386 -15.32 60.53 -17.77
C ARG F 386 -14.13 61.39 -18.16
N ALA F 387 -13.37 60.94 -19.17
CA ALA F 387 -12.17 61.66 -19.58
C ALA F 387 -12.50 63.08 -20.03
N VAL F 388 -13.40 63.22 -21.00
CA VAL F 388 -13.85 64.56 -21.36
C VAL F 388 -14.49 65.27 -20.19
N LYS F 389 -15.34 64.56 -19.41
CA LYS F 389 -15.83 65.14 -18.17
C LYS F 389 -14.67 65.62 -17.31
N ASN F 390 -13.63 64.79 -17.15
CA ASN F 390 -12.41 65.26 -16.53
C ASN F 390 -11.85 66.46 -17.29
N ALA F 391 -11.71 66.34 -18.61
CA ALA F 391 -11.28 67.47 -19.42
C ALA F 391 -12.24 68.64 -19.26
N ILE F 392 -13.53 68.35 -19.20
CA ILE F 392 -14.51 69.38 -18.80
C ILE F 392 -14.15 69.89 -17.41
N ASP F 393 -13.83 68.98 -16.49
CA ASP F 393 -13.47 69.40 -15.15
C ASP F 393 -12.23 70.28 -15.18
N ASP F 394 -11.14 69.80 -15.78
CA ASP F 394 -9.92 70.59 -15.74
C ASP F 394 -9.64 71.24 -17.09
N GLY F 395 -9.54 72.57 -17.06
CA GLY F 395 -9.03 73.28 -18.20
C GLY F 395 -7.57 72.93 -18.41
N CYS F 396 -6.94 72.46 -17.34
CA CYS F 396 -5.53 72.11 -17.37
C CYS F 396 -5.38 70.66 -17.78
N VAL F 397 -4.84 70.44 -18.97
CA VAL F 397 -4.68 69.12 -19.56
C VAL F 397 -3.37 69.13 -20.33
N VAL F 398 -2.63 68.03 -20.30
CA VAL F 398 -1.30 68.03 -20.91
C VAL F 398 -1.21 67.01 -22.03
N PRO F 399 -0.09 66.97 -22.76
CA PRO F 399 0.21 65.82 -23.61
C PRO F 399 0.14 64.52 -22.81
N GLY F 400 -0.32 63.48 -23.49
CA GLY F 400 -0.33 62.15 -22.93
C GLY F 400 0.95 61.42 -23.27
N ALA F 401 0.85 60.09 -23.35
CA ALA F 401 1.95 59.23 -23.77
C ALA F 401 3.15 59.36 -22.83
N GLY F 402 2.86 59.76 -21.60
CA GLY F 402 3.88 59.87 -20.58
C GLY F 402 4.93 60.94 -20.81
N ALA F 403 4.63 61.97 -21.61
CA ALA F 403 5.54 63.11 -21.71
C ALA F 403 5.80 63.71 -20.33
N VAL F 404 4.78 63.67 -19.47
CA VAL F 404 4.93 64.16 -18.10
C VAL F 404 5.88 63.28 -17.32
N GLU F 405 5.81 61.96 -17.54
CA GLU F 405 6.65 61.00 -16.80
C GLU F 405 8.10 61.45 -16.80
N VAL F 406 8.70 61.55 -17.98
CA VAL F 406 10.08 62.03 -18.10
C VAL F 406 10.24 63.38 -17.42
N ALA F 407 9.51 64.38 -17.92
CA ALA F 407 9.59 65.72 -17.34
C ALA F 407 9.39 65.68 -15.83
N MET F 408 8.50 64.81 -15.32
CA MET F 408 8.54 64.47 -13.91
C MET F 408 9.88 63.84 -13.54
N ALA F 409 10.12 62.62 -14.03
CA ALA F 409 11.30 61.86 -13.66
C ALA F 409 12.57 62.69 -13.84
N GLU F 410 12.64 63.50 -14.90
CA GLU F 410 13.77 64.42 -15.03
C GLU F 410 13.87 65.34 -13.83
N ALA F 411 12.99 66.35 -13.75
CA ALA F 411 13.16 67.40 -12.76
C ALA F 411 13.16 66.84 -11.36
N LEU F 412 12.13 66.05 -11.04
CA LEU F 412 12.00 65.47 -9.71
C LEU F 412 13.30 64.80 -9.28
N ILE F 413 13.90 64.01 -10.16
CA ILE F 413 15.19 63.39 -9.82
C ILE F 413 16.33 64.37 -10.04
N LYS F 414 16.30 65.14 -11.14
CA LYS F 414 17.43 66.01 -11.46
C LYS F 414 17.84 66.85 -10.26
N HIS F 415 16.90 67.55 -9.64
CA HIS F 415 17.16 68.18 -8.36
C HIS F 415 16.92 67.12 -7.29
N LYS F 416 17.66 67.23 -6.20
CA LYS F 416 17.23 66.53 -5.00
C LYS F 416 16.16 67.36 -4.31
N PRO F 417 14.90 66.92 -4.31
CA PRO F 417 13.88 67.62 -3.53
C PRO F 417 14.16 67.55 -2.04
N SER F 418 14.83 66.49 -1.59
CA SER F 418 15.26 66.38 -0.21
C SER F 418 16.57 67.11 0.04
N VAL F 419 17.51 66.98 -0.90
CA VAL F 419 18.93 67.24 -0.64
C VAL F 419 19.29 66.38 0.57
N LYS F 420 18.78 65.15 0.56
CA LYS F 420 19.02 64.14 1.57
C LYS F 420 19.33 62.82 0.89
N GLY F 421 19.77 61.85 1.67
CA GLY F 421 19.57 60.49 1.22
C GLY F 421 18.16 60.00 1.51
N ARG F 422 17.75 60.16 2.76
CA ARG F 422 16.60 59.42 3.29
C ARG F 422 15.37 59.61 2.43
N ALA F 423 15.05 60.85 2.10
CA ALA F 423 13.92 61.08 1.21
C ALA F 423 14.31 60.82 -0.23
N GLN F 424 15.49 61.31 -0.65
CA GLN F 424 15.92 61.08 -2.03
C GLN F 424 16.00 59.59 -2.35
N LEU F 425 16.48 58.78 -1.41
CA LEU F 425 16.38 57.33 -1.57
C LEU F 425 14.98 56.94 -2.03
N GLY F 426 13.96 57.26 -1.24
CA GLY F 426 12.59 57.12 -1.71
C GLY F 426 12.35 57.88 -3.00
N VAL F 427 12.78 59.15 -3.06
CA VAL F 427 12.59 59.94 -4.28
C VAL F 427 13.19 59.22 -5.48
N GLN F 428 14.40 58.68 -5.31
CA GLN F 428 15.02 57.90 -6.38
C GLN F 428 14.09 56.82 -6.89
N ALA F 429 13.75 55.86 -6.03
CA ALA F 429 12.76 54.85 -6.40
C ALA F 429 11.49 55.48 -6.93
N PHE F 430 11.04 56.56 -6.28
CA PHE F 430 9.75 57.16 -6.60
C PHE F 430 9.66 57.52 -8.08
N ALA F 431 10.45 58.49 -8.52
CA ALA F 431 10.27 59.01 -9.88
C ALA F 431 10.76 58.01 -10.91
N ASP F 432 11.49 56.98 -10.49
CA ASP F 432 11.87 55.92 -11.42
C ASP F 432 10.68 55.11 -11.89
N ALA F 433 9.77 54.73 -11.00
CA ALA F 433 8.63 53.92 -11.39
C ALA F 433 7.71 54.70 -12.34
N LEU F 434 7.90 56.01 -12.41
CA LEU F 434 7.13 56.81 -13.35
C LEU F 434 7.31 56.30 -14.77
N LEU F 435 8.55 56.24 -15.23
CA LEU F 435 8.85 56.06 -16.64
C LEU F 435 8.41 54.71 -17.17
N ILE F 436 7.94 53.81 -16.29
CA ILE F 436 7.55 52.47 -16.73
C ILE F 436 6.63 52.54 -17.94
N ILE F 437 5.61 53.40 -17.86
CA ILE F 437 4.53 53.42 -18.85
C ILE F 437 5.03 53.87 -20.22
N PRO F 438 5.57 55.08 -20.38
CA PRO F 438 5.79 55.58 -21.75
C PRO F 438 6.84 54.76 -22.48
N LYS F 439 7.83 54.25 -21.75
CA LYS F 439 8.86 53.46 -22.39
C LYS F 439 8.32 52.10 -22.84
N VAL F 440 7.55 51.44 -21.98
CA VAL F 440 7.07 50.11 -22.34
C VAL F 440 6.02 50.21 -23.44
N LEU F 441 5.18 51.25 -23.38
CA LEU F 441 4.31 51.55 -24.51
C LEU F 441 5.10 51.58 -25.81
N ALA F 442 6.06 52.51 -25.91
CA ALA F 442 7.00 52.47 -27.02
C ALA F 442 7.61 51.08 -27.18
N GLN F 443 8.09 50.50 -26.09
CA GLN F 443 8.72 49.18 -26.17
C GLN F 443 7.74 48.14 -26.66
N ASN F 444 6.47 48.26 -26.25
CA ASN F 444 5.45 47.37 -26.80
C ASN F 444 5.11 47.76 -28.23
N SER F 445 5.25 49.05 -28.55
CA SER F 445 4.83 49.56 -29.85
C SER F 445 5.84 49.22 -30.94
N GLY F 446 7.09 48.99 -30.55
CA GLY F 446 8.16 49.51 -31.36
C GLY F 446 9.41 49.70 -30.53
N PHE F 447 10.12 50.79 -30.83
CA PHE F 447 11.45 51.04 -30.29
C PHE F 447 11.49 50.79 -28.78
N ASP F 448 12.61 50.25 -28.32
CA ASP F 448 12.77 49.77 -26.96
C ASP F 448 12.61 50.90 -25.94
N LEU F 449 12.42 50.54 -24.68
CA LEU F 449 12.45 51.54 -23.63
C LEU F 449 13.66 52.45 -23.76
N GLN F 450 14.80 51.87 -24.13
CA GLN F 450 16.06 52.60 -24.09
C GLN F 450 16.05 53.83 -24.97
N GLU F 451 16.00 53.64 -26.28
CA GLU F 451 16.10 54.77 -27.20
C GLU F 451 15.05 55.81 -26.92
N THR F 452 13.78 55.39 -26.84
CA THR F 452 12.70 56.34 -26.62
C THR F 452 12.95 57.19 -25.39
N LEU F 453 13.33 56.57 -24.27
CA LEU F 453 13.70 57.35 -23.09
C LEU F 453 14.81 58.35 -23.41
N VAL F 454 15.99 57.85 -23.78
CA VAL F 454 17.10 58.74 -24.05
C VAL F 454 16.76 59.70 -25.20
N LYS F 455 15.88 59.28 -26.11
CA LYS F 455 15.19 60.29 -26.92
C LYS F 455 14.48 61.29 -26.03
N ILE F 456 13.37 60.86 -25.42
CA ILE F 456 12.41 61.78 -24.83
C ILE F 456 13.05 62.57 -23.69
N GLN F 457 13.95 61.94 -22.94
CA GLN F 457 14.69 62.65 -21.92
C GLN F 457 15.51 63.79 -22.52
N ALA F 458 16.51 63.44 -23.34
CA ALA F 458 17.26 64.47 -24.05
C ALA F 458 16.33 65.42 -24.78
N GLU F 459 15.28 64.88 -25.41
CA GLU F 459 14.25 65.70 -26.02
C GLU F 459 13.63 66.68 -25.03
N HIS F 460 12.98 66.20 -23.97
CA HIS F 460 12.57 67.10 -22.90
C HIS F 460 13.71 67.99 -22.44
N SER F 461 14.90 67.39 -22.23
CA SER F 461 16.07 68.19 -21.90
C SER F 461 16.29 69.27 -22.94
N GLU F 462 16.20 68.90 -24.22
CA GLU F 462 16.16 69.91 -25.27
C GLU F 462 14.91 70.78 -25.15
N SER F 463 13.76 70.15 -24.94
CA SER F 463 12.50 70.86 -25.11
C SER F 463 12.08 71.63 -23.86
N GLY F 464 11.59 70.91 -22.86
CA GLY F 464 10.68 71.46 -21.88
C GLY F 464 9.27 71.53 -22.41
N GLN F 465 9.11 71.52 -23.72
CA GLN F 465 7.91 71.02 -24.37
C GLN F 465 7.65 69.61 -23.88
N LEU F 466 6.37 69.25 -23.81
CA LEU F 466 6.04 67.89 -23.39
C LEU F 466 6.04 67.06 -24.66
N VAL F 467 7.07 66.27 -24.79
CA VAL F 467 7.26 65.38 -25.92
C VAL F 467 7.01 63.98 -25.41
N GLY F 468 6.22 63.20 -26.16
CA GLY F 468 5.80 61.91 -25.68
C GLY F 468 5.65 60.94 -26.82
N VAL F 469 5.63 59.66 -26.48
CA VAL F 469 5.82 58.57 -27.43
C VAL F 469 4.81 58.69 -28.56
N ASP F 470 5.24 58.30 -29.76
CA ASP F 470 4.29 57.97 -30.82
C ASP F 470 4.01 56.48 -30.68
N LEU F 471 2.79 56.16 -30.23
CA LEU F 471 2.44 54.81 -29.87
C LEU F 471 2.36 53.89 -31.08
N ASN F 472 2.32 54.47 -32.28
CA ASN F 472 2.41 53.66 -33.49
C ASN F 472 3.82 53.67 -34.05
N THR F 473 4.74 54.40 -33.43
CA THR F 473 6.14 54.42 -33.83
C THR F 473 6.99 53.75 -32.75
N GLY F 474 6.94 54.31 -31.54
CA GLY F 474 7.81 53.86 -30.48
C GLY F 474 8.90 54.87 -30.15
N GLU F 475 8.80 56.06 -30.72
CA GLU F 475 9.65 57.19 -30.36
C GLU F 475 8.78 58.41 -30.17
N PRO F 476 9.24 59.38 -29.39
CA PRO F 476 8.32 60.41 -28.89
C PRO F 476 7.90 61.41 -29.94
N MET F 477 6.79 62.06 -29.63
CA MET F 477 6.28 63.22 -30.37
C MET F 477 5.75 64.19 -29.33
N VAL F 478 5.19 65.29 -29.80
CA VAL F 478 4.51 66.18 -28.87
C VAL F 478 3.08 65.68 -28.74
N ALA F 479 2.75 65.14 -27.58
CA ALA F 479 1.45 64.51 -27.43
C ALA F 479 0.35 65.56 -27.33
N ALA F 480 0.71 66.81 -27.05
CA ALA F 480 -0.21 67.90 -27.35
C ALA F 480 -0.56 67.91 -28.81
N GLU F 481 0.43 67.73 -29.68
CA GLU F 481 0.16 67.65 -31.11
C GLU F 481 -0.44 66.30 -31.47
N VAL F 482 0.00 65.24 -30.79
CA VAL F 482 -0.53 63.91 -31.08
C VAL F 482 -2.02 63.85 -30.78
N GLY F 483 -2.44 64.54 -29.73
CA GLY F 483 -3.82 64.47 -29.28
C GLY F 483 -4.05 63.60 -28.08
N VAL F 484 -3.13 62.68 -27.77
CA VAL F 484 -3.22 61.89 -26.55
C VAL F 484 -2.90 62.84 -25.39
N TRP F 485 -3.86 63.00 -24.50
CA TRP F 485 -3.87 64.15 -23.60
C TRP F 485 -4.21 63.70 -22.19
N ASP F 486 -3.36 64.08 -21.25
CA ASP F 486 -3.51 63.71 -19.86
C ASP F 486 -4.24 64.83 -19.13
N ASN F 487 -5.47 64.54 -18.71
CA ASN F 487 -6.19 65.49 -17.87
C ASN F 487 -5.52 65.56 -16.51
N TYR F 488 -5.36 66.78 -16.01
CA TYR F 488 -4.81 66.93 -14.67
C TYR F 488 -5.70 66.24 -13.64
N CYS F 489 -7.02 66.27 -13.86
CA CYS F 489 -7.90 65.43 -13.06
C CYS F 489 -7.53 63.96 -13.19
N VAL F 490 -7.33 63.50 -14.42
CA VAL F 490 -6.87 62.13 -14.63
C VAL F 490 -5.51 61.90 -13.98
N LYS F 491 -4.47 62.55 -14.50
CA LYS F 491 -3.09 62.21 -14.16
C LYS F 491 -2.77 62.38 -12.67
N LYS F 492 -3.49 63.26 -11.97
CA LYS F 492 -3.14 63.56 -10.58
C LYS F 492 -3.38 62.37 -9.67
N GLN F 493 -4.53 61.72 -9.82
CA GLN F 493 -4.98 60.73 -8.86
C GLN F 493 -4.10 59.50 -8.80
N LEU F 494 -3.49 59.10 -9.91
CA LEU F 494 -2.57 57.98 -9.87
C LEU F 494 -1.40 58.28 -8.94
N LEU F 495 -1.00 59.54 -8.85
CA LEU F 495 0.03 59.91 -7.89
C LEU F 495 -0.46 59.69 -6.47
N HIS F 496 -1.72 60.04 -6.21
CA HIS F 496 -2.34 59.72 -4.93
C HIS F 496 -2.29 58.22 -4.69
N SER F 497 -3.03 57.47 -5.52
CA SER F 497 -3.16 56.03 -5.38
C SER F 497 -1.81 55.35 -5.21
N CYS F 498 -0.98 55.39 -6.26
CA CYS F 498 0.28 54.64 -6.29
C CYS F 498 1.08 54.85 -5.02
N THR F 499 1.27 56.10 -4.62
CA THR F 499 1.89 56.37 -3.33
C THR F 499 1.08 55.77 -2.19
N VAL F 500 -0.15 56.27 -2.00
CA VAL F 500 -0.89 55.98 -0.77
C VAL F 500 -1.13 54.48 -0.63
N ILE F 501 -1.32 53.78 -1.74
CA ILE F 501 -1.43 52.33 -1.62
C ILE F 501 -0.10 51.73 -1.22
N ALA F 502 1.00 52.20 -1.81
CA ALA F 502 2.29 51.60 -1.55
C ALA F 502 2.72 51.83 -0.11
N THR F 503 2.20 52.88 0.50
CA THR F 503 2.60 53.24 1.87
C THR F 503 2.47 52.07 2.83
N ASN F 504 1.24 51.66 3.15
CA ASN F 504 1.05 50.65 4.18
C ASN F 504 1.42 49.27 3.69
N ILE F 505 1.18 48.96 2.42
CA ILE F 505 1.46 47.63 1.92
C ILE F 505 2.97 47.39 1.88
N LEU F 506 3.75 48.46 1.72
CA LEU F 506 5.20 48.31 1.77
C LEU F 506 5.64 48.01 3.19
N LEU F 507 4.82 48.34 4.18
CA LEU F 507 5.15 48.04 5.57
C LEU F 507 4.21 46.95 6.05
N VAL F 508 4.69 45.71 6.01
CA VAL F 508 4.09 44.55 6.64
C VAL F 508 5.24 43.59 6.91
N ASP F 509 5.14 42.88 8.02
CA ASP F 509 6.05 41.77 8.30
C ASP F 509 5.31 40.49 8.63
N GLU F 510 4.60 40.45 9.74
CA GLU F 510 3.69 39.34 10.03
C GLU F 510 2.53 39.41 9.06
N ILE F 511 2.13 38.26 8.54
CA ILE F 511 0.87 38.11 7.81
C ILE F 511 0.31 36.78 8.25
N MET F 512 -1.01 36.72 8.42
CA MET F 512 -1.60 35.47 8.87
C MET F 512 -3.06 35.39 8.46
N ARG F 513 -3.55 34.16 8.32
CA ARG F 513 -4.99 33.93 8.30
C ARG F 513 -5.62 34.53 9.55
N ALA F 514 -6.61 35.40 9.35
CA ALA F 514 -7.31 35.98 10.49
C ALA F 514 -8.69 35.33 10.57
N GLY F 515 -8.97 34.69 11.70
CA GLY F 515 -10.20 33.96 11.87
C GLY F 515 -10.07 32.53 11.37
N THR G 2 -20.25 15.75 -26.21
CA THR G 2 -19.56 16.67 -27.08
C THR G 2 -18.18 16.13 -27.42
N ASP G 3 -18.07 15.47 -28.57
CA ASP G 3 -16.89 14.73 -28.96
C ASP G 3 -16.60 14.99 -30.44
N SER G 4 -15.64 14.26 -30.98
CA SER G 4 -15.27 14.32 -32.39
C SER G 4 -14.08 13.40 -32.61
N SER G 5 -13.63 13.32 -33.86
CA SER G 5 -12.38 12.64 -34.20
C SER G 5 -12.10 12.81 -35.68
N GLN G 6 -10.82 12.64 -36.04
CA GLN G 6 -10.34 12.94 -37.38
C GLN G 6 -9.08 12.15 -37.65
N GLY G 7 -8.74 12.04 -38.92
CA GLY G 7 -7.43 11.54 -39.28
C GLY G 7 -7.39 10.04 -39.51
N ILE G 8 -6.35 9.66 -40.23
CA ILE G 8 -6.07 8.24 -40.44
C ILE G 8 -5.98 7.48 -39.13
N PRO G 9 -5.35 8.00 -38.06
CA PRO G 9 -5.45 7.31 -36.77
C PRO G 9 -6.87 6.98 -36.40
N GLN G 10 -7.80 7.90 -36.65
CA GLN G 10 -9.20 7.56 -36.47
C GLN G 10 -9.73 6.76 -37.66
N LEU G 11 -9.24 7.07 -38.85
CA LEU G 11 -9.83 6.48 -40.06
C LEU G 11 -9.67 4.98 -40.07
N VAL G 12 -8.44 4.49 -39.89
CA VAL G 12 -8.23 3.05 -39.85
C VAL G 12 -9.07 2.42 -38.74
N SER G 13 -9.23 3.15 -37.64
CA SER G 13 -10.04 2.65 -36.53
C SER G 13 -11.47 2.38 -36.98
N ASN G 14 -12.01 3.25 -37.83
CA ASN G 14 -13.31 2.95 -38.43
C ASN G 14 -13.25 1.63 -39.16
N ILE G 15 -12.32 1.51 -40.12
CA ILE G 15 -12.11 0.27 -40.85
C ILE G 15 -11.86 -0.87 -39.88
N SER G 16 -11.19 -0.58 -38.77
CA SER G 16 -10.82 -1.63 -37.82
C SER G 16 -12.02 -2.45 -37.40
N ALA G 17 -13.13 -1.78 -37.06
CA ALA G 17 -14.32 -2.52 -36.65
C ALA G 17 -14.99 -3.19 -37.84
N CYS G 18 -14.89 -2.58 -39.02
CA CYS G 18 -15.57 -3.09 -40.20
C CYS G 18 -15.15 -4.52 -40.52
N GLN G 19 -13.90 -4.87 -40.24
CA GLN G 19 -13.42 -6.21 -40.55
C GLN G 19 -13.93 -7.22 -39.52
N VAL G 20 -14.13 -6.76 -38.29
CA VAL G 20 -14.45 -7.65 -37.18
C VAL G 20 -15.74 -8.41 -37.44
N ILE G 21 -16.87 -7.70 -37.51
CA ILE G 21 -18.16 -8.33 -37.66
C ILE G 21 -18.23 -9.15 -38.95
N ALA G 22 -17.57 -8.67 -40.01
CA ALA G 22 -17.73 -9.28 -41.33
C ALA G 22 -17.49 -10.78 -41.30
N GLU G 23 -16.70 -11.27 -40.36
CA GLU G 23 -16.43 -12.70 -40.31
C GLU G 23 -17.62 -13.47 -39.73
N ALA G 24 -18.60 -12.77 -39.18
CA ALA G 24 -19.80 -13.46 -38.73
C ALA G 24 -20.70 -13.84 -39.90
N VAL G 25 -20.98 -12.88 -40.80
CA VAL G 25 -21.77 -13.21 -41.98
C VAL G 25 -21.01 -14.11 -42.94
N ARG G 26 -19.74 -14.40 -42.63
CA ARG G 26 -18.82 -14.96 -43.62
C ARG G 26 -19.35 -16.28 -44.18
N THR G 27 -19.35 -17.34 -43.36
CA THR G 27 -19.88 -18.62 -43.82
C THR G 27 -21.30 -18.86 -43.36
N THR G 28 -21.90 -17.90 -42.66
CA THR G 28 -23.21 -18.14 -42.06
C THR G 28 -24.22 -18.72 -43.04
N LEU G 29 -24.05 -18.47 -44.33
CA LEU G 29 -24.77 -19.20 -45.36
C LEU G 29 -24.56 -20.70 -45.27
N GLY G 30 -23.34 -21.19 -45.49
CA GLY G 30 -23.04 -22.59 -45.29
C GLY G 30 -23.08 -22.96 -43.82
N PRO G 31 -23.85 -23.99 -43.48
CA PRO G 31 -24.00 -24.33 -42.06
C PRO G 31 -22.85 -25.13 -41.49
N ARG G 32 -21.62 -24.68 -41.71
CA ARG G 32 -20.44 -25.30 -41.13
C ARG G 32 -19.50 -24.20 -40.66
N GLY G 33 -19.13 -24.28 -39.38
CA GLY G 33 -18.59 -23.14 -38.67
C GLY G 33 -18.88 -23.31 -37.20
N MET G 34 -19.04 -22.20 -36.48
CA MET G 34 -19.70 -22.22 -35.19
C MET G 34 -21.00 -21.47 -35.32
N ASP G 35 -21.68 -21.28 -34.20
CA ASP G 35 -22.56 -20.14 -34.05
C ASP G 35 -22.54 -19.72 -32.59
N LYS G 36 -22.72 -18.43 -32.35
CA LYS G 36 -22.74 -17.94 -31.00
C LYS G 36 -24.17 -17.73 -30.53
N LEU G 37 -24.60 -18.60 -29.63
CA LEU G 37 -25.85 -18.41 -28.89
C LEU G 37 -25.79 -17.07 -28.19
N ILE G 38 -26.80 -16.24 -28.41
CA ILE G 38 -26.80 -14.88 -27.89
C ILE G 38 -27.74 -14.81 -26.70
N VAL G 39 -27.16 -14.69 -25.51
CA VAL G 39 -27.87 -14.29 -24.32
C VAL G 39 -27.62 -12.80 -24.13
N ASP G 40 -28.67 -12.08 -23.77
CA ASP G 40 -28.66 -10.65 -23.57
C ASP G 40 -29.16 -10.40 -22.16
N GLY G 41 -29.46 -9.15 -21.84
CA GLY G 41 -30.21 -8.95 -20.61
C GLY G 41 -31.47 -9.79 -20.53
N ARG G 42 -31.92 -10.29 -21.67
CA ARG G 42 -32.91 -11.36 -21.71
C ARG G 42 -32.52 -12.50 -20.77
N GLY G 43 -31.30 -13.01 -20.90
CA GLY G 43 -30.94 -14.23 -20.23
C GLY G 43 -31.28 -15.48 -21.02
N LYS G 44 -31.61 -15.31 -22.31
CA LYS G 44 -32.21 -16.39 -23.08
C LYS G 44 -31.36 -16.65 -24.32
N ALA G 45 -31.51 -17.85 -24.88
CA ALA G 45 -30.74 -18.30 -26.03
C ALA G 45 -31.24 -17.63 -27.30
N THR G 46 -30.32 -17.06 -28.06
CA THR G 46 -30.62 -16.55 -29.40
C THR G 46 -29.53 -17.00 -30.35
N ILE G 47 -29.93 -17.76 -31.37
CA ILE G 47 -29.00 -18.43 -32.26
C ILE G 47 -29.44 -18.14 -33.69
N SER G 48 -28.47 -17.88 -34.56
CA SER G 48 -28.76 -17.26 -35.85
C SER G 48 -28.42 -18.18 -37.01
N ASN G 49 -29.07 -17.92 -38.15
CA ASN G 49 -28.55 -18.33 -39.46
C ASN G 49 -27.88 -17.19 -40.20
N ASP G 50 -27.92 -15.98 -39.67
CA ASP G 50 -27.37 -14.82 -40.35
C ASP G 50 -26.90 -13.81 -39.32
N GLY G 51 -25.91 -13.00 -39.71
CA GLY G 51 -25.51 -11.89 -38.87
C GLY G 51 -26.62 -10.88 -38.63
N ALA G 52 -27.48 -10.67 -39.64
CA ALA G 52 -28.56 -9.71 -39.51
C ALA G 52 -29.37 -9.93 -38.25
N THR G 53 -29.57 -11.20 -37.87
CA THR G 53 -30.21 -11.47 -36.59
C THR G 53 -29.43 -10.86 -35.44
N ILE G 54 -28.13 -11.13 -35.39
CA ILE G 54 -27.32 -10.60 -34.30
C ILE G 54 -26.97 -9.15 -34.58
N LEU G 55 -26.98 -8.73 -35.84
CA LEU G 55 -26.83 -7.31 -36.13
C LEU G 55 -27.92 -6.51 -35.45
N LYS G 56 -29.18 -6.93 -35.60
CA LYS G 56 -30.25 -6.41 -34.77
C LYS G 56 -29.88 -6.46 -33.29
N LEU G 57 -29.26 -7.57 -32.87
CA LEU G 57 -28.80 -7.66 -31.50
C LEU G 57 -27.60 -6.76 -31.26
N LEU G 58 -26.76 -6.60 -32.28
CA LEU G 58 -25.48 -5.94 -32.11
C LEU G 58 -25.64 -4.45 -31.87
N ASP G 59 -24.89 -3.94 -30.90
CA ASP G 59 -24.82 -2.52 -30.59
C ASP G 59 -23.37 -2.09 -30.66
N VAL G 60 -23.12 -0.99 -31.38
CA VAL G 60 -21.77 -0.69 -31.87
C VAL G 60 -21.14 0.48 -31.12
N VAL G 61 -19.85 0.35 -30.81
CA VAL G 61 -19.02 1.46 -30.39
C VAL G 61 -18.57 2.28 -31.61
N HIS G 62 -18.38 1.62 -32.75
CA HIS G 62 -18.26 2.31 -34.02
C HIS G 62 -19.66 2.49 -34.59
N PRO G 63 -20.21 3.70 -34.56
CA PRO G 63 -21.43 3.93 -35.31
C PRO G 63 -21.16 3.85 -36.81
N ALA G 64 -19.89 4.02 -37.19
CA ALA G 64 -19.46 3.67 -38.53
C ALA G 64 -19.79 2.21 -38.82
N ALA G 65 -19.55 1.33 -37.86
CA ALA G 65 -20.03 -0.04 -38.03
C ALA G 65 -21.54 -0.08 -38.15
N LYS G 66 -22.25 0.82 -37.47
CA LYS G 66 -23.69 0.86 -37.60
C LYS G 66 -24.10 1.31 -38.99
N THR G 67 -23.30 2.16 -39.63
CA THR G 67 -23.62 2.57 -41.00
C THR G 67 -23.76 1.36 -41.90
N LEU G 68 -22.69 0.58 -42.05
CA LEU G 68 -22.76 -0.63 -42.86
C LEU G 68 -23.90 -1.54 -42.42
N VAL G 69 -24.14 -1.64 -41.10
CA VAL G 69 -25.31 -2.37 -40.61
C VAL G 69 -26.55 -1.93 -41.38
N ASP G 70 -26.88 -0.64 -41.30
CA ASP G 70 -28.05 -0.11 -41.99
C ASP G 70 -28.09 -0.55 -43.45
N ILE G 71 -26.98 -0.40 -44.16
CA ILE G 71 -26.98 -0.74 -45.58
C ILE G 71 -26.84 -2.26 -45.76
N ALA G 72 -26.22 -2.94 -44.80
CA ALA G 72 -26.24 -4.39 -44.84
C ALA G 72 -27.61 -4.92 -44.46
N LYS G 73 -28.22 -4.34 -43.43
CA LYS G 73 -29.63 -4.60 -43.17
C LYS G 73 -30.48 -4.27 -44.38
N SER G 74 -30.14 -3.19 -45.09
CA SER G 74 -30.99 -2.71 -46.17
C SER G 74 -31.24 -3.80 -47.21
N GLN G 75 -30.23 -4.09 -48.04
CA GLN G 75 -30.43 -5.10 -49.08
C GLN G 75 -30.83 -6.42 -48.48
N ASP G 76 -30.37 -6.72 -47.26
CA ASP G 76 -30.86 -7.90 -46.56
C ASP G 76 -32.37 -7.86 -46.43
N ALA G 77 -32.88 -6.94 -45.61
CA ALA G 77 -34.33 -6.84 -45.43
C ALA G 77 -35.02 -6.56 -46.75
N GLU G 78 -34.37 -5.84 -47.66
CA GLU G 78 -34.95 -5.57 -48.97
C GLU G 78 -35.13 -6.85 -49.77
N VAL G 79 -34.10 -7.70 -49.79
CA VAL G 79 -34.19 -8.97 -50.51
C VAL G 79 -34.69 -10.10 -49.61
N GLY G 80 -34.68 -9.88 -48.29
CA GLY G 80 -34.78 -11.00 -47.37
C GLY G 80 -33.47 -11.69 -47.12
N ASP G 81 -32.38 -11.12 -47.63
CA ASP G 81 -31.06 -11.74 -47.59
C ASP G 81 -30.08 -10.76 -48.22
N GLY G 82 -28.79 -11.00 -48.00
CA GLY G 82 -27.79 -10.09 -48.52
C GLY G 82 -27.06 -9.24 -47.50
N THR G 83 -27.34 -9.43 -46.21
CA THR G 83 -26.39 -8.97 -45.20
C THR G 83 -24.99 -9.45 -45.54
N THR G 84 -24.81 -10.78 -45.61
CA THR G 84 -23.53 -11.36 -46.00
C THR G 84 -22.95 -10.67 -47.23
N SER G 85 -23.80 -10.38 -48.22
CA SER G 85 -23.33 -9.59 -49.36
C SER G 85 -22.79 -8.24 -48.90
N VAL G 86 -23.68 -7.33 -48.50
CA VAL G 86 -23.29 -5.93 -48.29
C VAL G 86 -22.20 -5.83 -47.23
N THR G 87 -22.28 -6.68 -46.20
CA THR G 87 -21.29 -6.66 -45.13
C THR G 87 -19.87 -6.85 -45.68
N LEU G 88 -19.62 -8.00 -46.30
CA LEU G 88 -18.27 -8.34 -46.74
C LEU G 88 -17.75 -7.36 -47.77
N LEU G 89 -18.67 -6.77 -48.56
CA LEU G 89 -18.26 -5.90 -49.65
C LEU G 89 -17.53 -4.67 -49.14
N ALA G 90 -18.15 -3.94 -48.22
CA ALA G 90 -17.47 -2.82 -47.58
C ALA G 90 -16.18 -3.27 -46.92
N ALA G 91 -16.29 -4.14 -45.90
CA ALA G 91 -15.14 -4.56 -45.12
C ALA G 91 -13.98 -5.01 -46.02
N GLU G 92 -14.31 -5.65 -47.14
CA GLU G 92 -13.28 -6.02 -48.11
C GLU G 92 -12.38 -4.86 -48.48
N PHE G 93 -12.93 -3.85 -49.16
CA PHE G 93 -12.11 -2.73 -49.60
C PHE G 93 -11.48 -2.04 -48.41
N LEU G 94 -12.25 -1.84 -47.35
CA LEU G 94 -11.70 -1.35 -46.10
C LEU G 94 -10.48 -2.16 -45.67
N LYS G 95 -10.56 -3.49 -45.74
CA LYS G 95 -9.36 -4.30 -45.61
C LYS G 95 -8.38 -3.98 -46.73
N GLN G 96 -8.85 -4.04 -47.98
CA GLN G 96 -8.02 -3.73 -49.13
C GLN G 96 -7.34 -2.38 -49.03
N VAL G 97 -8.07 -1.34 -48.66
CA VAL G 97 -7.54 0.02 -48.72
C VAL G 97 -6.73 0.36 -47.49
N LYS G 98 -6.94 -0.35 -46.38
CA LYS G 98 -6.19 -0.03 -45.16
C LYS G 98 -4.69 0.07 -45.40
N PRO G 99 -4.04 -0.84 -46.14
CA PRO G 99 -2.65 -0.57 -46.54
C PRO G 99 -2.53 0.60 -47.48
N TYR G 100 -3.46 0.76 -48.43
CA TYR G 100 -3.46 1.97 -49.24
C TYR G 100 -3.57 3.21 -48.37
N VAL G 101 -4.39 3.13 -47.31
CA VAL G 101 -4.65 4.28 -46.44
C VAL G 101 -3.35 4.89 -45.94
N GLU G 102 -2.31 4.08 -45.79
CA GLU G 102 -1.07 4.61 -45.27
C GLU G 102 -0.31 5.38 -46.34
N GLU G 103 -0.19 4.81 -47.54
CA GLU G 103 -0.02 5.62 -48.73
C GLU G 103 -1.08 6.72 -48.78
N GLY G 104 -2.28 6.35 -48.40
CA GLY G 104 -3.52 7.09 -48.51
C GLY G 104 -4.22 6.69 -49.78
N LEU G 105 -5.49 6.37 -49.65
CA LEU G 105 -6.45 6.70 -50.69
C LEU G 105 -7.15 7.97 -50.24
N HIS G 106 -6.69 8.53 -49.11
CA HIS G 106 -7.46 9.52 -48.36
C HIS G 106 -8.05 10.64 -49.21
N PRO G 107 -7.39 11.17 -50.23
CA PRO G 107 -8.08 12.08 -51.15
C PRO G 107 -9.39 11.46 -51.60
N GLN G 108 -10.40 12.29 -51.79
CA GLN G 108 -11.73 11.73 -51.92
C GLN G 108 -11.96 11.13 -53.29
N ILE G 109 -10.86 11.01 -54.04
CA ILE G 109 -10.71 10.17 -55.21
C ILE G 109 -11.16 8.75 -54.88
N ILE G 110 -11.31 8.46 -53.58
CA ILE G 110 -11.83 7.18 -53.11
C ILE G 110 -13.02 6.74 -53.97
N ILE G 111 -14.12 7.48 -53.90
CA ILE G 111 -15.39 7.03 -54.47
C ILE G 111 -15.32 7.01 -55.98
N ARG G 112 -14.56 7.94 -56.58
CA ARG G 112 -14.45 7.98 -58.02
C ARG G 112 -14.03 6.62 -58.58
N ALA G 113 -13.17 5.93 -57.84
CA ALA G 113 -12.94 4.51 -58.11
C ALA G 113 -14.22 3.72 -57.95
N PHE G 114 -14.78 3.70 -56.73
CA PHE G 114 -15.94 2.87 -56.40
C PHE G 114 -17.03 2.98 -57.43
N ARG G 115 -17.55 4.18 -57.66
CA ARG G 115 -18.60 4.40 -58.64
C ARG G 115 -18.30 3.66 -59.94
N THR G 116 -17.26 4.10 -60.64
CA THR G 116 -16.87 3.44 -61.89
C THR G 116 -16.63 1.96 -61.67
N ALA G 117 -15.98 1.61 -60.56
CA ALA G 117 -15.80 0.20 -60.23
C ALA G 117 -17.13 -0.54 -60.25
N THR G 118 -18.04 -0.19 -59.34
CA THR G 118 -19.33 -0.86 -59.31
C THR G 118 -20.15 -0.54 -60.55
N GLN G 119 -19.66 0.39 -61.38
CA GLN G 119 -20.38 0.76 -62.59
C GLN G 119 -20.22 -0.29 -63.67
N LEU G 120 -18.98 -0.55 -64.09
CA LEU G 120 -18.72 -1.51 -65.15
C LEU G 120 -19.46 -2.82 -64.90
N ALA G 121 -19.59 -3.22 -63.65
CA ALA G 121 -20.16 -4.52 -63.33
C ALA G 121 -21.66 -4.56 -63.63
N VAL G 122 -22.44 -3.62 -63.08
CA VAL G 122 -23.89 -3.68 -63.28
C VAL G 122 -24.21 -3.77 -64.76
N ASN G 123 -23.40 -3.12 -65.59
CA ASN G 123 -23.50 -3.34 -67.03
C ASN G 123 -23.08 -4.76 -67.37
N LYS G 124 -21.87 -5.13 -66.96
CA LYS G 124 -21.40 -6.50 -67.15
C LYS G 124 -22.34 -7.52 -66.52
N ILE G 125 -23.02 -7.13 -65.44
CA ILE G 125 -23.92 -8.08 -64.78
C ILE G 125 -25.20 -8.24 -65.59
N LYS G 126 -25.74 -7.13 -66.08
CA LYS G 126 -27.02 -7.23 -66.78
C LYS G 126 -26.88 -8.05 -68.05
N GLU G 127 -25.75 -7.91 -68.75
CA GLU G 127 -25.49 -8.78 -69.89
C GLU G 127 -25.23 -10.22 -69.43
N ILE G 128 -24.78 -10.39 -68.19
CA ILE G 128 -24.60 -11.75 -67.70
C ILE G 128 -25.83 -12.17 -66.90
N ALA G 129 -26.81 -11.27 -66.76
CA ALA G 129 -28.10 -11.63 -66.21
C ALA G 129 -28.94 -12.37 -67.25
N VAL G 130 -29.51 -13.50 -66.83
CA VAL G 130 -30.19 -14.42 -67.74
C VAL G 130 -31.69 -14.41 -67.47
N THR G 131 -32.44 -13.79 -68.37
CA THR G 131 -33.88 -13.63 -68.18
C THR G 131 -34.61 -14.90 -68.60
N VAL G 132 -35.79 -15.11 -68.01
CA VAL G 132 -36.60 -16.31 -68.24
C VAL G 132 -38.07 -15.91 -68.24
N LYS G 133 -38.92 -16.75 -68.81
CA LYS G 133 -40.34 -16.48 -68.89
C LYS G 133 -41.16 -17.73 -68.59
N LYS G 134 -42.47 -17.64 -68.79
CA LYS G 134 -43.43 -18.70 -68.50
C LYS G 134 -43.14 -20.00 -69.23
N ALA G 135 -43.43 -20.04 -70.53
CA ALA G 135 -43.23 -21.25 -71.32
C ALA G 135 -41.88 -21.17 -72.01
N ASP G 136 -41.12 -20.12 -71.70
CA ASP G 136 -39.90 -19.80 -72.44
C ASP G 136 -38.92 -20.95 -72.54
N LYS G 137 -38.19 -21.26 -71.46
CA LYS G 137 -37.34 -22.45 -71.49
C LYS G 137 -37.98 -23.60 -70.73
N VAL G 138 -39.18 -23.37 -70.20
CA VAL G 138 -39.73 -24.13 -69.10
C VAL G 138 -41.25 -24.06 -69.14
N GLU G 139 -41.85 -24.49 -68.03
CA GLU G 139 -43.28 -24.32 -67.78
C GLU G 139 -43.57 -23.11 -66.89
N GLN G 140 -42.52 -22.44 -66.39
CA GLN G 140 -42.53 -21.43 -65.34
C GLN G 140 -42.78 -22.07 -63.99
N ARG G 141 -43.38 -23.26 -64.00
CA ARG G 141 -43.23 -24.17 -62.89
C ARG G 141 -41.95 -24.97 -63.03
N LYS G 142 -41.69 -25.47 -64.25
CA LYS G 142 -40.42 -26.10 -64.59
C LYS G 142 -39.24 -25.19 -64.36
N LEU G 143 -39.40 -23.88 -64.60
CA LEU G 143 -38.40 -22.92 -64.15
C LEU G 143 -38.15 -23.05 -62.66
N LEU G 144 -39.15 -22.66 -61.86
CA LEU G 144 -39.06 -22.73 -60.42
C LEU G 144 -38.85 -24.16 -59.93
N GLU G 145 -39.30 -25.15 -60.70
CA GLU G 145 -38.91 -26.53 -60.43
C GLU G 145 -37.41 -26.65 -60.26
N LYS G 146 -36.64 -26.18 -61.25
CA LYS G 146 -35.20 -26.13 -61.12
C LYS G 146 -34.76 -25.16 -60.03
N CYS G 147 -35.34 -23.96 -60.02
CA CYS G 147 -34.95 -22.96 -59.03
C CYS G 147 -35.23 -23.45 -57.61
N ALA G 148 -36.30 -24.23 -57.43
CA ALA G 148 -36.51 -24.87 -56.15
C ALA G 148 -35.65 -26.13 -56.03
N MET G 149 -35.57 -26.92 -57.11
CA MET G 149 -34.59 -28.00 -57.14
C MET G 149 -33.20 -27.49 -56.77
N THR G 150 -32.85 -26.30 -57.27
CA THR G 150 -31.56 -25.70 -56.95
C THR G 150 -31.31 -25.68 -55.45
N ALA G 151 -32.12 -24.93 -54.70
CA ALA G 151 -31.87 -24.77 -53.28
C ALA G 151 -32.30 -26.01 -52.49
N LEU G 152 -33.12 -26.86 -53.07
CA LEU G 152 -33.39 -28.15 -52.45
C LEU G 152 -32.26 -29.14 -52.70
N SER G 153 -31.59 -29.02 -53.85
CA SER G 153 -30.37 -29.77 -54.08
C SER G 153 -29.18 -29.20 -53.34
N SER G 154 -29.34 -28.03 -52.71
CA SER G 154 -28.22 -27.42 -51.98
C SER G 154 -27.68 -28.34 -50.90
N LYS G 155 -28.43 -28.53 -49.83
CA LYS G 155 -27.99 -29.40 -48.75
C LYS G 155 -28.84 -30.66 -48.73
N LEU G 156 -28.18 -31.78 -48.45
CA LEU G 156 -28.68 -33.10 -48.79
C LEU G 156 -29.99 -33.49 -48.14
N ILE G 157 -30.94 -33.86 -48.99
CA ILE G 157 -32.17 -34.53 -48.60
C ILE G 157 -32.44 -35.61 -49.66
N SER G 158 -33.60 -36.24 -49.56
CA SER G 158 -33.94 -37.31 -50.49
C SER G 158 -34.34 -36.74 -51.85
N GLN G 159 -34.89 -37.59 -52.71
CA GLN G 159 -35.53 -37.13 -53.93
C GLN G 159 -36.71 -36.22 -53.63
N GLN G 160 -37.02 -36.05 -52.36
CA GLN G 160 -37.91 -35.00 -51.88
C GLN G 160 -37.59 -33.64 -52.45
N LYS G 161 -36.34 -33.41 -52.85
CA LYS G 161 -35.97 -32.18 -53.55
C LYS G 161 -36.97 -31.84 -54.64
N ALA G 162 -37.00 -32.65 -55.70
CA ALA G 162 -37.97 -32.41 -56.77
C ALA G 162 -39.40 -32.58 -56.27
N PHE G 163 -39.62 -33.52 -55.34
CA PHE G 163 -40.92 -33.64 -54.70
C PHE G 163 -41.32 -32.31 -54.06
N PHE G 164 -40.42 -31.74 -53.23
CA PHE G 164 -40.70 -30.45 -52.63
C PHE G 164 -40.68 -29.35 -53.68
N ALA G 165 -39.77 -29.44 -54.65
CA ALA G 165 -39.58 -28.35 -55.61
C ALA G 165 -40.88 -28.03 -56.34
N LYS G 166 -41.29 -28.91 -57.25
CA LYS G 166 -42.49 -28.65 -58.06
C LYS G 166 -43.69 -28.28 -57.21
N MET G 167 -43.86 -28.96 -56.07
CA MET G 167 -44.92 -28.59 -55.14
C MET G 167 -44.78 -27.16 -54.67
N VAL G 168 -43.74 -26.85 -53.88
CA VAL G 168 -43.64 -25.52 -53.29
C VAL G 168 -43.74 -24.44 -54.36
N VAL G 169 -43.35 -24.75 -55.60
CA VAL G 169 -43.54 -23.84 -56.73
C VAL G 169 -45.01 -23.43 -56.85
N ASP G 170 -45.91 -24.28 -56.40
CA ASP G 170 -47.33 -24.08 -56.72
C ASP G 170 -47.91 -22.90 -55.96
N ALA G 171 -47.95 -22.98 -54.62
CA ALA G 171 -48.45 -21.85 -53.84
C ALA G 171 -47.63 -20.61 -54.10
N VAL G 172 -46.34 -20.77 -54.41
CA VAL G 172 -45.59 -19.66 -54.97
C VAL G 172 -46.32 -19.09 -56.17
N MET G 173 -46.51 -19.90 -57.21
CA MET G 173 -47.28 -19.45 -58.37
C MET G 173 -48.66 -18.97 -57.96
N MET G 174 -49.18 -19.45 -56.83
CA MET G 174 -50.46 -18.95 -56.34
C MET G 174 -50.32 -17.55 -55.78
N LEU G 175 -49.61 -17.42 -54.66
CA LEU G 175 -49.63 -16.17 -53.92
C LEU G 175 -48.47 -15.24 -54.28
N ASP G 176 -47.64 -15.58 -55.26
CA ASP G 176 -46.42 -14.79 -55.38
C ASP G 176 -46.75 -13.33 -55.62
N ASP G 177 -46.47 -12.53 -54.60
CA ASP G 177 -46.43 -11.09 -54.59
C ASP G 177 -45.17 -10.72 -53.82
N LEU G 178 -45.13 -11.18 -52.57
CA LEU G 178 -43.94 -11.17 -51.73
C LEU G 178 -42.82 -11.90 -52.45
N LEU G 179 -41.59 -11.45 -52.21
CA LEU G 179 -40.43 -12.32 -52.25
C LEU G 179 -40.43 -13.27 -51.07
N GLN G 180 -41.22 -12.97 -50.04
CA GLN G 180 -41.24 -13.68 -48.78
C GLN G 180 -42.01 -14.99 -48.86
N LEU G 181 -41.67 -15.91 -47.98
CA LEU G 181 -42.32 -17.20 -47.89
C LEU G 181 -43.47 -17.20 -46.90
N LYS G 182 -43.66 -16.07 -46.21
CA LYS G 182 -44.69 -15.92 -45.19
C LYS G 182 -46.05 -16.42 -45.64
N MET G 183 -46.64 -15.78 -46.64
CA MET G 183 -47.92 -16.19 -47.20
C MET G 183 -47.93 -17.64 -47.64
N ILE G 184 -46.77 -18.22 -47.94
CA ILE G 184 -46.67 -19.65 -48.20
C ILE G 184 -46.14 -20.45 -47.02
N GLY G 185 -45.84 -19.83 -45.88
CA GLY G 185 -44.98 -20.40 -44.86
C GLY G 185 -45.22 -21.84 -44.46
N ILE G 186 -44.14 -22.62 -44.41
CA ILE G 186 -44.20 -24.06 -44.22
C ILE G 186 -44.72 -24.39 -42.81
N LYS G 187 -45.59 -25.38 -42.72
CA LYS G 187 -45.95 -25.97 -41.44
C LYS G 187 -45.11 -27.21 -41.22
N LYS G 188 -44.23 -27.16 -40.22
CA LYS G 188 -43.59 -28.38 -39.78
C LYS G 188 -44.62 -29.26 -39.08
N VAL G 189 -44.68 -30.51 -39.49
CA VAL G 189 -45.52 -31.50 -38.84
C VAL G 189 -44.62 -32.59 -38.28
N GLN G 190 -44.69 -32.79 -36.97
CA GLN G 190 -43.90 -33.81 -36.31
C GLN G 190 -44.77 -35.07 -36.29
N GLY G 191 -44.43 -36.00 -37.18
CA GLY G 191 -45.26 -37.17 -37.41
C GLY G 191 -45.24 -37.49 -38.89
N GLY G 192 -46.08 -38.43 -39.32
CA GLY G 192 -46.22 -38.69 -40.74
C GLY G 192 -44.94 -39.19 -41.38
N ALA G 193 -44.90 -39.12 -42.70
CA ALA G 193 -43.76 -39.59 -43.48
C ALA G 193 -43.15 -38.42 -44.22
N LEU G 194 -41.88 -38.53 -44.57
CA LEU G 194 -41.23 -37.56 -45.43
C LEU G 194 -41.87 -37.53 -46.80
N GLU G 195 -42.38 -38.66 -47.27
CA GLU G 195 -43.25 -38.71 -48.44
C GLU G 195 -44.57 -38.01 -48.19
N ASP G 196 -44.92 -37.74 -46.94
CA ASP G 196 -46.10 -36.97 -46.61
C ASP G 196 -45.69 -35.51 -46.48
N SER G 197 -46.09 -34.71 -47.46
CA SER G 197 -45.97 -33.27 -47.36
C SER G 197 -47.05 -32.66 -48.23
N GLN G 198 -47.68 -31.59 -47.76
CA GLN G 198 -48.78 -30.99 -48.51
C GLN G 198 -48.65 -29.48 -48.49
N LEU G 199 -48.50 -28.89 -49.67
CA LEU G 199 -48.59 -27.45 -49.79
C LEU G 199 -50.07 -27.11 -49.79
N VAL G 200 -50.51 -26.36 -48.77
CA VAL G 200 -51.92 -26.12 -48.54
C VAL G 200 -52.23 -24.70 -48.97
N ALA G 201 -53.29 -24.56 -49.79
CA ALA G 201 -53.65 -23.30 -50.43
C ALA G 201 -54.41 -22.37 -49.52
N GLY G 202 -54.60 -22.79 -48.27
CA GLY G 202 -55.28 -21.98 -47.28
C GLY G 202 -54.63 -22.22 -45.94
N VAL G 203 -55.02 -21.46 -44.92
CA VAL G 203 -54.35 -21.52 -43.63
C VAL G 203 -54.67 -22.85 -42.98
N ALA G 204 -53.62 -23.56 -42.59
CA ALA G 204 -53.81 -24.85 -41.93
C ALA G 204 -53.18 -24.77 -40.55
N PHE G 205 -53.97 -25.08 -39.53
CA PHE G 205 -53.52 -24.92 -38.16
C PHE G 205 -52.84 -26.20 -37.71
N LYS G 206 -51.58 -26.08 -37.32
CA LYS G 206 -50.88 -27.20 -36.72
C LYS G 206 -51.69 -27.79 -35.56
N LYS G 207 -52.10 -26.95 -34.62
CA LYS G 207 -52.71 -27.47 -33.39
C LYS G 207 -53.87 -26.60 -32.94
N THR G 208 -54.91 -27.30 -32.47
CA THR G 208 -55.75 -26.81 -31.40
C THR G 208 -55.81 -27.89 -30.33
N PHE G 209 -56.19 -27.50 -29.12
CA PHE G 209 -56.19 -28.41 -27.98
C PHE G 209 -57.44 -29.29 -27.98
N SER G 210 -57.32 -30.47 -27.38
CA SER G 210 -58.42 -31.43 -27.28
C SER G 210 -59.13 -31.22 -25.95
N TYR G 211 -60.36 -30.71 -26.02
CA TYR G 211 -61.15 -30.23 -24.90
C TYR G 211 -62.08 -31.31 -24.36
N ALA G 212 -62.97 -30.88 -23.47
CA ALA G 212 -64.16 -31.64 -23.10
C ALA G 212 -65.28 -31.15 -24.02
N GLY G 213 -65.74 -32.03 -24.90
CA GLY G 213 -66.73 -31.65 -25.89
C GLY G 213 -66.10 -31.32 -27.22
N PHE G 214 -64.77 -31.16 -27.24
CA PHE G 214 -64.04 -31.02 -28.49
C PHE G 214 -64.27 -32.26 -29.34
N GLU G 215 -64.24 -33.44 -28.70
CA GLU G 215 -64.67 -34.67 -29.33
C GLU G 215 -66.10 -34.58 -29.87
N MET G 216 -66.95 -33.76 -29.23
CA MET G 216 -68.31 -33.53 -29.68
C MET G 216 -68.40 -32.33 -30.62
N GLN G 217 -67.35 -31.53 -30.73
CA GLN G 217 -67.35 -30.43 -31.67
C GLN G 217 -67.05 -30.97 -33.06
N PRO G 218 -67.78 -30.50 -34.08
CA PRO G 218 -67.53 -30.98 -35.44
C PRO G 218 -66.09 -30.73 -35.87
N LYS G 219 -65.47 -31.76 -36.40
CA LYS G 219 -64.20 -31.60 -37.09
C LYS G 219 -64.39 -31.27 -38.55
N LYS G 220 -65.63 -31.04 -39.00
CA LYS G 220 -65.92 -30.78 -40.40
C LYS G 220 -66.89 -29.62 -40.55
N TYR G 221 -66.45 -28.57 -41.23
CA TYR G 221 -67.31 -27.51 -41.73
C TYR G 221 -66.91 -27.21 -43.17
N HIS G 222 -67.87 -27.35 -44.09
CA HIS G 222 -67.68 -26.81 -45.43
C HIS G 222 -68.11 -25.36 -45.51
N ASN G 223 -68.59 -24.81 -44.42
CA ASN G 223 -68.85 -23.38 -44.32
C ASN G 223 -68.34 -22.86 -42.99
N PRO G 224 -67.05 -22.97 -42.69
CA PRO G 224 -66.54 -22.37 -41.45
C PRO G 224 -66.74 -20.88 -41.46
N LYS G 225 -67.39 -20.39 -40.41
CA LYS G 225 -67.49 -18.95 -40.14
C LYS G 225 -66.51 -18.69 -39.02
N ILE G 226 -65.40 -18.05 -39.33
CA ILE G 226 -64.17 -18.23 -38.58
C ILE G 226 -64.01 -17.07 -37.61
N ALA G 227 -64.26 -17.35 -36.33
CA ALA G 227 -64.09 -16.38 -35.27
C ALA G 227 -62.62 -16.36 -34.88
N LEU G 228 -61.97 -15.21 -35.02
CA LEU G 228 -60.55 -15.09 -34.70
C LEU G 228 -60.45 -14.41 -33.35
N LEU G 229 -60.25 -15.17 -32.28
CA LEU G 229 -60.34 -14.63 -30.94
C LEU G 229 -58.95 -14.43 -30.37
N ASN G 230 -58.71 -13.19 -29.93
CA ASN G 230 -57.43 -12.80 -29.36
C ASN G 230 -57.42 -12.91 -27.84
N VAL G 231 -58.48 -13.46 -27.24
CA VAL G 231 -58.58 -13.51 -25.78
C VAL G 231 -58.99 -14.91 -25.34
N GLU G 232 -59.10 -15.09 -24.03
CA GLU G 232 -59.52 -16.36 -23.44
C GLU G 232 -61.01 -16.32 -23.15
N LEU G 233 -61.67 -17.45 -23.38
CA LEU G 233 -63.03 -17.66 -22.92
C LEU G 233 -62.99 -18.94 -22.09
N GLU G 234 -63.18 -18.80 -20.79
CA GLU G 234 -62.84 -19.86 -19.86
C GLU G 234 -63.86 -19.91 -18.73
N LEU G 235 -63.59 -20.77 -17.75
CA LEU G 235 -64.48 -20.90 -16.61
C LEU G 235 -64.44 -19.67 -15.71
N LYS G 236 -63.38 -18.86 -15.82
CA LYS G 236 -63.19 -17.69 -14.97
C LYS G 236 -63.75 -16.42 -15.57
N ALA G 237 -64.27 -16.48 -16.81
CA ALA G 237 -64.96 -15.33 -17.37
C ALA G 237 -66.05 -14.84 -16.44
N GLU G 238 -66.95 -15.74 -16.05
CA GLU G 238 -67.76 -15.61 -14.84
C GLU G 238 -67.28 -16.73 -13.91
N LYS G 239 -66.57 -16.35 -12.86
CA LYS G 239 -65.94 -17.35 -12.01
C LYS G 239 -66.98 -18.27 -11.39
N ASP G 240 -66.60 -19.54 -11.24
CA ASP G 240 -67.54 -20.58 -10.85
C ASP G 240 -67.56 -20.82 -9.35
N ASN G 241 -66.78 -20.08 -8.57
CA ASN G 241 -66.82 -20.20 -7.12
C ASN G 241 -67.41 -18.92 -6.53
N ALA G 242 -68.62 -19.02 -6.01
CA ALA G 242 -69.27 -17.91 -5.34
C ALA G 242 -70.00 -18.45 -4.13
N GLU G 243 -69.71 -17.88 -2.96
CA GLU G 243 -70.29 -18.33 -1.71
C GLU G 243 -71.73 -17.84 -1.59
N ILE G 244 -72.52 -18.57 -0.81
CA ILE G 244 -73.96 -18.32 -0.73
C ILE G 244 -74.42 -18.56 0.69
N ARG G 245 -75.37 -17.75 1.15
CA ARG G 245 -76.00 -17.93 2.44
C ARG G 245 -77.05 -19.04 2.37
N VAL G 246 -77.11 -19.87 3.41
CA VAL G 246 -77.96 -21.05 3.40
C VAL G 246 -78.90 -21.03 4.59
N HIS G 247 -80.18 -20.79 4.33
CA HIS G 247 -81.24 -21.22 5.25
C HIS G 247 -81.85 -22.48 4.68
N THR G 248 -81.43 -22.84 3.46
CA THR G 248 -81.95 -23.99 2.74
C THR G 248 -80.97 -24.31 1.62
N VAL G 249 -81.21 -25.44 0.95
CA VAL G 249 -80.17 -26.01 0.11
C VAL G 249 -80.30 -25.58 -1.34
N GLU G 250 -81.40 -24.92 -1.70
CA GLU G 250 -81.56 -24.44 -3.07
C GLU G 250 -80.74 -23.17 -3.29
N ASP G 251 -80.30 -22.53 -2.21
CA ASP G 251 -79.42 -21.38 -2.33
C ASP G 251 -78.10 -21.77 -2.98
N TYR G 252 -77.57 -22.95 -2.64
CA TYR G 252 -76.39 -23.45 -3.35
C TYR G 252 -76.73 -23.74 -4.82
N GLN G 253 -77.84 -24.45 -5.07
CA GLN G 253 -78.24 -24.78 -6.43
C GLN G 253 -78.29 -23.53 -7.31
N ALA G 254 -78.78 -22.42 -6.76
CA ALA G 254 -78.95 -21.21 -7.56
C ALA G 254 -77.62 -20.56 -7.87
N ILE G 255 -76.77 -20.41 -6.86
CA ILE G 255 -75.51 -19.70 -7.03
C ILE G 255 -74.59 -20.47 -7.98
N VAL G 256 -74.70 -21.80 -8.01
CA VAL G 256 -73.86 -22.55 -8.91
C VAL G 256 -74.40 -22.51 -10.34
N ASP G 257 -75.69 -22.78 -10.51
CA ASP G 257 -76.24 -22.94 -11.86
C ASP G 257 -76.25 -21.63 -12.62
N ALA G 258 -75.98 -20.52 -11.93
CA ALA G 258 -76.01 -19.22 -12.58
C ALA G 258 -74.64 -18.80 -13.11
N GLU G 259 -73.65 -18.68 -12.22
CA GLU G 259 -72.31 -18.24 -12.61
C GLU G 259 -71.74 -19.09 -13.75
N TRP G 260 -72.23 -20.32 -13.90
CA TRP G 260 -71.93 -21.12 -15.08
C TRP G 260 -72.49 -20.53 -16.36
N ASN G 261 -73.60 -19.77 -16.27
CA ASN G 261 -74.31 -19.37 -17.49
C ASN G 261 -73.59 -18.23 -18.22
N ILE G 262 -73.15 -17.21 -17.48
CA ILE G 262 -72.52 -16.04 -18.12
C ILE G 262 -71.34 -16.47 -18.98
N LEU G 263 -70.66 -17.55 -18.57
CA LEU G 263 -69.69 -18.20 -19.44
C LEU G 263 -70.30 -18.51 -20.80
N TYR G 264 -71.32 -19.38 -20.82
CA TYR G 264 -72.06 -19.69 -22.04
C TYR G 264 -72.60 -18.43 -22.70
N ASP G 265 -73.08 -17.47 -21.90
CA ASP G 265 -73.76 -16.29 -22.43
C ASP G 265 -72.90 -15.54 -23.43
N LYS G 266 -71.76 -15.00 -22.97
CA LYS G 266 -70.91 -14.21 -23.85
C LYS G 266 -70.48 -14.99 -25.08
N LEU G 267 -70.05 -16.24 -24.88
CA LEU G 267 -69.51 -17.02 -25.98
C LEU G 267 -70.58 -17.39 -27.00
N GLU G 268 -71.81 -17.62 -26.54
CA GLU G 268 -72.89 -17.96 -27.46
C GLU G 268 -73.34 -16.77 -28.28
N LYS G 269 -73.02 -15.55 -27.84
CA LYS G 269 -73.42 -14.37 -28.59
C LYS G 269 -72.77 -14.36 -29.97
N ILE G 270 -71.43 -14.48 -30.02
CA ILE G 270 -70.76 -14.57 -31.31
C ILE G 270 -71.08 -15.91 -31.98
N HIS G 271 -71.31 -16.96 -31.17
CA HIS G 271 -71.81 -18.20 -31.72
C HIS G 271 -73.12 -18.00 -32.45
N HIS G 272 -74.17 -17.64 -31.71
CA HIS G 272 -75.46 -17.37 -32.33
C HIS G 272 -75.34 -16.43 -33.50
N SER G 273 -74.49 -15.40 -33.41
CA SER G 273 -74.29 -14.52 -34.55
C SER G 273 -73.79 -15.29 -35.76
N GLY G 274 -72.48 -15.54 -35.83
CA GLY G 274 -71.98 -16.40 -36.88
C GLY G 274 -71.16 -17.63 -36.56
N ALA G 275 -70.69 -17.82 -35.33
CA ALA G 275 -69.41 -18.49 -35.21
C ALA G 275 -69.57 -20.00 -35.01
N LYS G 276 -69.31 -20.74 -36.08
CA LYS G 276 -69.05 -22.18 -36.03
C LYS G 276 -67.60 -22.53 -35.73
N VAL G 277 -66.63 -21.86 -36.36
CA VAL G 277 -65.22 -22.02 -36.05
C VAL G 277 -64.83 -20.88 -35.13
N VAL G 278 -64.50 -21.23 -33.89
CA VAL G 278 -64.17 -20.26 -32.85
C VAL G 278 -62.68 -20.44 -32.54
N LEU G 279 -61.88 -19.44 -32.90
CA LEU G 279 -60.43 -19.58 -32.81
C LEU G 279 -59.89 -18.63 -31.76
N SER G 280 -59.44 -19.18 -30.64
CA SER G 280 -58.72 -18.40 -29.65
C SER G 280 -57.25 -18.77 -29.74
N LYS G 281 -56.39 -17.76 -29.83
CA LYS G 281 -54.97 -18.01 -29.70
C LYS G 281 -54.58 -18.34 -28.27
N LEU G 282 -55.52 -18.26 -27.34
CA LEU G 282 -55.31 -18.28 -25.90
C LEU G 282 -56.15 -19.36 -25.26
N PRO G 283 -55.86 -19.73 -24.01
CA PRO G 283 -56.54 -20.84 -23.36
C PRO G 283 -58.06 -20.73 -23.35
N ILE G 284 -58.71 -21.89 -23.39
CA ILE G 284 -60.13 -22.02 -23.17
C ILE G 284 -60.34 -22.89 -21.92
N GLY G 285 -61.18 -22.41 -21.02
CA GLY G 285 -61.48 -23.16 -19.82
C GLY G 285 -62.26 -24.43 -20.10
N ASP G 286 -62.09 -25.40 -19.21
CA ASP G 286 -62.76 -26.69 -19.36
C ASP G 286 -64.28 -26.56 -19.32
N VAL G 287 -64.81 -25.58 -18.59
CA VAL G 287 -66.25 -25.35 -18.55
C VAL G 287 -66.74 -24.57 -19.76
N ALA G 288 -65.97 -23.60 -20.26
CA ALA G 288 -66.42 -22.81 -21.39
C ALA G 288 -66.36 -23.59 -22.69
N THR G 289 -65.37 -24.48 -22.83
CA THR G 289 -65.31 -25.31 -24.04
C THR G 289 -66.49 -26.25 -24.15
N GLN G 290 -67.08 -26.64 -23.01
CA GLN G 290 -68.40 -27.24 -23.06
C GLN G 290 -69.38 -26.31 -23.75
N TYR G 291 -69.60 -25.11 -23.20
CA TYR G 291 -70.53 -24.16 -23.78
C TYR G 291 -70.22 -23.93 -25.26
N PHE G 292 -68.93 -23.95 -25.62
CA PHE G 292 -68.56 -24.03 -27.03
C PHE G 292 -69.12 -25.30 -27.67
N ALA G 293 -68.86 -26.46 -27.05
CA ALA G 293 -69.34 -27.72 -27.61
C ALA G 293 -70.81 -27.94 -27.29
N ASP G 294 -71.28 -27.41 -26.15
CA ASP G 294 -72.71 -27.51 -25.83
C ASP G 294 -73.55 -26.94 -26.95
N ARG G 295 -73.00 -25.96 -27.68
CA ARG G 295 -73.60 -25.56 -28.94
C ARG G 295 -73.24 -26.48 -30.09
N ASP G 296 -72.09 -27.17 -30.00
CA ASP G 296 -71.52 -27.95 -31.09
C ASP G 296 -71.12 -27.05 -32.25
N MET G 297 -70.72 -25.82 -31.92
CA MET G 297 -69.96 -24.98 -32.83
C MET G 297 -68.51 -24.97 -32.41
N PHE G 298 -67.66 -25.40 -33.34
CA PHE G 298 -66.26 -25.69 -33.07
C PHE G 298 -65.52 -24.50 -32.47
N CYS G 299 -64.81 -24.75 -31.37
CA CYS G 299 -63.89 -23.77 -30.82
C CYS G 299 -62.46 -24.30 -30.87
N ALA G 300 -61.54 -23.38 -31.15
CA ALA G 300 -60.13 -23.69 -31.04
C ALA G 300 -59.44 -22.61 -30.22
N GLY G 301 -59.04 -22.97 -29.00
CA GLY G 301 -58.21 -22.11 -28.19
C GLY G 301 -56.77 -22.57 -28.28
N ARG G 302 -55.85 -21.69 -27.89
CA ARG G 302 -54.43 -21.97 -27.91
C ARG G 302 -54.00 -22.39 -29.33
N VAL G 303 -54.18 -21.47 -30.25
CA VAL G 303 -53.88 -21.71 -31.65
C VAL G 303 -52.78 -20.74 -32.05
N PRO G 304 -52.02 -21.05 -33.10
CA PRO G 304 -50.92 -20.16 -33.50
C PRO G 304 -51.42 -18.78 -33.87
N GLU G 305 -50.79 -17.77 -33.25
CA GLU G 305 -51.00 -16.38 -33.64
C GLU G 305 -50.72 -16.16 -35.12
N GLU G 306 -49.63 -16.76 -35.61
CA GLU G 306 -49.29 -16.62 -37.02
C GLU G 306 -50.40 -17.20 -37.88
N ASP G 307 -50.85 -18.42 -37.57
CA ASP G 307 -52.03 -18.99 -38.21
C ASP G 307 -53.25 -18.09 -37.99
N LEU G 308 -53.44 -17.63 -36.75
CA LEU G 308 -54.50 -16.67 -36.48
C LEU G 308 -54.36 -15.44 -37.37
N LYS G 309 -53.13 -14.99 -37.58
CA LYS G 309 -52.89 -13.88 -38.49
C LYS G 309 -52.92 -14.36 -39.94
N ARG G 310 -52.40 -15.56 -40.22
CA ARG G 310 -52.61 -16.17 -41.53
C ARG G 310 -54.08 -16.13 -41.93
N THR G 311 -54.96 -16.53 -41.00
CA THR G 311 -56.38 -16.60 -41.29
C THR G 311 -56.93 -15.24 -41.71
N MET G 312 -56.63 -14.21 -40.92
CA MET G 312 -57.01 -12.84 -41.29
C MET G 312 -56.52 -12.49 -42.69
N MET G 313 -55.37 -13.05 -43.07
CA MET G 313 -54.87 -12.85 -44.43
C MET G 313 -55.66 -13.69 -45.43
N ALA G 314 -55.56 -15.01 -45.32
CA ALA G 314 -56.21 -15.88 -46.29
C ALA G 314 -57.73 -15.85 -46.18
N CYS G 315 -58.27 -16.05 -44.98
CA CYS G 315 -59.68 -16.33 -44.82
C CYS G 315 -60.55 -15.08 -44.83
N GLY G 316 -59.96 -13.91 -45.04
CA GLY G 316 -60.72 -12.68 -45.01
C GLY G 316 -61.24 -12.30 -43.64
N GLY G 317 -60.92 -13.06 -42.61
CA GLY G 317 -61.40 -12.78 -41.28
C GLY G 317 -60.74 -11.57 -40.65
N SER G 318 -61.41 -10.97 -39.68
CA SER G 318 -60.82 -9.90 -38.89
C SER G 318 -60.54 -10.46 -37.51
N ILE G 319 -59.31 -10.26 -37.01
CA ILE G 319 -58.97 -10.73 -35.68
C ILE G 319 -59.87 -10.05 -34.66
N GLN G 320 -60.44 -10.86 -33.77
CA GLN G 320 -61.38 -10.41 -32.75
C GLN G 320 -60.69 -10.47 -31.40
N THR G 321 -60.68 -9.35 -30.69
CA THR G 321 -60.29 -9.35 -29.30
C THR G 321 -61.50 -9.43 -28.37
N SER G 322 -62.70 -9.44 -28.94
CA SER G 322 -63.91 -9.46 -28.14
C SER G 322 -64.89 -10.48 -28.71
N VAL G 323 -65.17 -11.51 -27.91
CA VAL G 323 -66.37 -12.30 -28.09
C VAL G 323 -67.64 -11.47 -27.95
N ASN G 324 -67.61 -10.41 -27.14
CA ASN G 324 -68.74 -9.51 -27.03
C ASN G 324 -68.89 -8.66 -28.28
N ALA G 325 -67.92 -8.76 -29.20
CA ALA G 325 -68.08 -8.18 -30.53
C ALA G 325 -68.69 -9.21 -31.47
N LEU G 326 -69.88 -8.91 -31.96
CA LEU G 326 -70.67 -9.86 -32.72
C LEU G 326 -70.82 -9.41 -34.16
N SER G 327 -70.27 -10.21 -35.09
CA SER G 327 -70.39 -9.93 -36.51
C SER G 327 -69.77 -11.03 -37.37
N ALA G 328 -70.17 -11.07 -38.64
CA ALA G 328 -69.72 -12.10 -39.57
C ALA G 328 -68.46 -11.73 -40.34
N ASP G 329 -68.09 -10.45 -40.37
CA ASP G 329 -66.87 -10.04 -41.07
C ASP G 329 -65.68 -9.93 -40.13
N VAL G 330 -65.89 -9.99 -38.82
CA VAL G 330 -64.82 -10.21 -37.86
C VAL G 330 -64.72 -11.73 -37.70
N LEU G 331 -65.68 -12.44 -38.27
CA LEU G 331 -65.50 -13.83 -38.63
C LEU G 331 -64.73 -13.90 -39.94
N GLY G 332 -64.61 -15.10 -40.48
CA GLY G 332 -64.07 -15.31 -41.80
C GLY G 332 -64.68 -16.55 -42.42
N ARG G 333 -64.69 -16.57 -43.74
CA ARG G 333 -65.30 -17.69 -44.44
C ARG G 333 -64.26 -18.45 -45.23
N CYS G 334 -63.85 -19.58 -44.69
CA CYS G 334 -63.38 -20.68 -45.52
C CYS G 334 -64.62 -21.44 -45.96
N GLN G 335 -64.48 -22.16 -47.07
CA GLN G 335 -65.44 -23.22 -47.36
C GLN G 335 -64.89 -24.59 -46.97
N VAL G 336 -63.72 -24.65 -46.34
CA VAL G 336 -63.26 -25.89 -45.72
C VAL G 336 -62.82 -25.60 -44.29
N PHE G 337 -63.55 -26.15 -43.33
CA PHE G 337 -63.01 -26.50 -42.04
C PHE G 337 -63.10 -28.00 -41.90
N GLU G 338 -61.95 -28.66 -41.96
CA GLU G 338 -61.88 -30.04 -41.51
C GLU G 338 -60.74 -30.11 -40.53
N GLU G 339 -60.89 -30.94 -39.51
CA GLU G 339 -59.80 -31.17 -38.59
C GLU G 339 -59.48 -32.65 -38.57
N THR G 340 -58.33 -33.01 -39.13
CA THR G 340 -57.80 -34.36 -39.07
C THR G 340 -56.47 -34.29 -38.36
N GLN G 341 -56.35 -34.98 -37.24
CA GLN G 341 -55.10 -34.97 -36.50
C GLN G 341 -54.01 -35.53 -37.40
N ILE G 342 -52.97 -34.74 -37.62
CA ILE G 342 -51.90 -35.08 -38.56
C ILE G 342 -50.67 -35.41 -37.74
N GLY G 343 -50.27 -36.68 -37.76
CA GLY G 343 -49.33 -37.13 -36.76
C GLY G 343 -49.98 -37.05 -35.40
N GLY G 344 -49.33 -36.33 -34.48
CA GLY G 344 -49.88 -36.11 -33.16
C GLY G 344 -50.62 -34.80 -32.98
N GLU G 345 -50.41 -33.83 -33.86
CA GLU G 345 -50.99 -32.52 -33.72
C GLU G 345 -52.46 -32.56 -34.13
N ARG G 346 -53.31 -32.05 -33.26
CA ARG G 346 -54.74 -31.92 -33.54
C ARG G 346 -54.91 -30.71 -34.44
N TYR G 347 -55.33 -30.96 -35.67
CA TYR G 347 -54.82 -30.21 -36.81
C TYR G 347 -55.96 -29.68 -37.66
N ASN G 348 -56.10 -28.35 -37.74
CA ASN G 348 -57.23 -27.72 -38.40
C ASN G 348 -56.88 -27.35 -39.84
N PHE G 349 -57.77 -27.71 -40.77
CA PHE G 349 -57.64 -27.38 -42.18
C PHE G 349 -58.58 -26.24 -42.50
N PHE G 350 -58.03 -25.08 -42.86
CA PHE G 350 -58.85 -23.99 -43.39
C PHE G 350 -58.44 -23.73 -44.83
N THR G 351 -59.31 -24.10 -45.76
CA THR G 351 -59.18 -23.63 -47.12
C THR G 351 -60.59 -23.36 -47.64
N GLY G 352 -60.68 -23.02 -48.92
CA GLY G 352 -61.87 -22.36 -49.39
C GLY G 352 -62.01 -20.96 -48.85
N CYS G 353 -60.90 -20.35 -48.44
CA CYS G 353 -60.91 -18.96 -48.01
C CYS G 353 -61.51 -18.11 -49.13
N PRO G 354 -62.17 -16.98 -48.80
CA PRO G 354 -62.84 -16.22 -49.86
C PRO G 354 -61.86 -15.62 -50.84
N LYS G 355 -60.60 -15.50 -50.45
CA LYS G 355 -59.50 -15.09 -51.31
C LYS G 355 -58.35 -16.09 -51.16
N ALA G 356 -57.97 -16.37 -49.90
CA ALA G 356 -56.84 -17.22 -49.55
C ALA G 356 -55.51 -16.61 -49.98
N LYS G 357 -55.14 -15.51 -49.30
CA LYS G 357 -53.86 -14.85 -49.49
C LYS G 357 -52.78 -15.41 -48.58
N THR G 358 -53.09 -16.47 -47.84
CA THR G 358 -52.07 -17.22 -47.12
C THR G 358 -52.16 -18.69 -47.52
N CYS G 359 -51.02 -19.24 -47.89
CA CYS G 359 -50.86 -20.66 -48.13
C CYS G 359 -49.87 -21.19 -47.10
N THR G 360 -49.88 -22.49 -46.90
CA THR G 360 -48.86 -23.03 -46.03
C THR G 360 -48.47 -24.42 -46.50
N PHE G 361 -47.18 -24.71 -46.45
CA PHE G 361 -46.68 -26.01 -46.89
C PHE G 361 -46.56 -26.95 -45.71
N ILE G 362 -47.26 -28.08 -45.80
CA ILE G 362 -47.18 -29.11 -44.77
C ILE G 362 -45.94 -29.92 -45.05
N LEU G 363 -45.08 -30.03 -44.04
CA LEU G 363 -43.92 -30.90 -44.11
C LEU G 363 -44.05 -31.91 -42.97
N ARG G 364 -43.98 -33.19 -43.31
CA ARG G 364 -44.17 -34.26 -42.36
C ARG G 364 -42.97 -35.20 -42.40
N GLY G 365 -43.08 -36.30 -41.69
CA GLY G 365 -41.98 -37.22 -41.53
C GLY G 365 -41.43 -37.16 -40.14
N GLY G 366 -41.80 -36.10 -39.42
CA GLY G 366 -41.42 -35.93 -38.04
C GLY G 366 -39.95 -36.08 -37.75
N ALA G 367 -39.08 -35.79 -38.71
CA ALA G 367 -37.65 -35.83 -38.47
C ALA G 367 -37.15 -34.41 -38.27
N GLU G 368 -36.86 -34.09 -37.01
CA GLU G 368 -36.46 -32.74 -36.64
C GLU G 368 -35.20 -32.29 -37.35
N GLN G 369 -34.13 -33.08 -37.28
CA GLN G 369 -32.90 -32.77 -38.01
C GLN G 369 -33.18 -32.57 -39.49
N PHE G 370 -33.65 -33.62 -40.16
CA PHE G 370 -33.89 -33.59 -41.60
C PHE G 370 -34.76 -32.41 -42.01
N MET G 371 -35.94 -32.29 -41.40
CA MET G 371 -36.97 -31.38 -41.89
C MET G 371 -36.59 -29.92 -41.73
N GLU G 372 -36.12 -29.52 -40.55
CA GLU G 372 -35.74 -28.11 -40.35
C GLU G 372 -34.65 -27.71 -41.33
N GLU G 373 -33.76 -28.64 -41.67
CA GLU G 373 -32.74 -28.37 -42.69
C GLU G 373 -33.39 -28.23 -44.06
N THR G 374 -34.36 -29.08 -44.37
CA THR G 374 -35.17 -28.88 -45.57
C THR G 374 -35.90 -27.55 -45.49
N GLU G 375 -36.40 -27.19 -44.31
CA GLU G 375 -37.10 -25.93 -44.16
C GLU G 375 -36.19 -24.77 -44.46
N ARG G 376 -34.97 -24.79 -43.93
CA ARG G 376 -33.96 -23.82 -44.37
C ARG G 376 -33.71 -23.97 -45.86
N SER G 377 -33.69 -25.21 -46.37
CA SER G 377 -33.54 -25.43 -47.80
C SER G 377 -34.69 -24.82 -48.57
N LEU G 378 -35.92 -25.02 -48.10
CA LEU G 378 -37.08 -24.45 -48.77
C LEU G 378 -37.06 -22.94 -48.78
N HIS G 379 -36.64 -22.31 -47.67
CA HIS G 379 -36.57 -20.86 -47.65
C HIS G 379 -35.78 -20.33 -48.83
N ASP G 380 -34.57 -20.86 -49.04
CA ASP G 380 -33.76 -20.46 -50.17
C ASP G 380 -34.41 -20.82 -51.49
N ALA G 381 -35.04 -22.00 -51.58
CA ALA G 381 -35.83 -22.30 -52.76
C ALA G 381 -36.86 -21.22 -53.00
N ILE G 382 -37.70 -20.96 -52.00
CA ILE G 382 -38.59 -19.81 -52.03
C ILE G 382 -37.82 -18.53 -52.30
N MET G 383 -36.74 -18.29 -51.55
CA MET G 383 -35.91 -17.11 -51.80
C MET G 383 -35.51 -17.03 -53.26
N ILE G 384 -34.96 -18.11 -53.82
CA ILE G 384 -34.73 -18.16 -55.25
C ILE G 384 -36.04 -18.00 -56.01
N VAL G 385 -36.91 -19.00 -55.94
CA VAL G 385 -37.97 -19.16 -56.93
C VAL G 385 -38.82 -17.90 -57.02
N ARG G 386 -39.20 -17.32 -55.89
CA ARG G 386 -39.99 -16.10 -55.94
C ARG G 386 -39.19 -14.96 -56.53
N ARG G 387 -37.99 -14.72 -56.02
CA ARG G 387 -37.14 -13.70 -56.61
C ARG G 387 -36.60 -14.11 -57.98
N ALA G 388 -36.42 -15.42 -58.21
CA ALA G 388 -36.14 -15.88 -59.57
C ALA G 388 -37.25 -15.48 -60.52
N ILE G 389 -38.51 -15.53 -60.06
CA ILE G 389 -39.56 -14.81 -60.77
C ILE G 389 -39.27 -13.31 -60.74
N LYS G 390 -39.30 -12.71 -59.55
CA LYS G 390 -39.27 -11.26 -59.41
C LYS G 390 -38.17 -10.62 -60.24
N ASN G 391 -36.96 -11.17 -60.21
CA ASN G 391 -36.00 -10.94 -61.26
C ASN G 391 -35.91 -12.22 -62.08
N ASP G 392 -36.51 -12.22 -63.26
CA ASP G 392 -36.38 -13.33 -64.20
C ASP G 392 -35.00 -13.38 -64.83
N SER G 393 -34.29 -12.26 -64.85
CA SER G 393 -32.87 -12.27 -65.18
C SER G 393 -32.16 -12.93 -64.01
N VAL G 394 -31.45 -14.01 -64.30
CA VAL G 394 -30.78 -14.80 -63.28
C VAL G 394 -29.32 -14.89 -63.62
N VAL G 395 -28.59 -15.66 -62.82
CA VAL G 395 -27.13 -15.64 -62.82
C VAL G 395 -26.70 -16.72 -61.85
N ALA G 396 -25.46 -17.15 -62.00
CA ALA G 396 -24.99 -18.34 -61.32
C ALA G 396 -24.27 -17.96 -60.04
N GLY G 397 -24.45 -18.76 -59.00
CA GLY G 397 -23.90 -18.46 -57.70
C GLY G 397 -22.46 -18.93 -57.59
N GLY G 398 -22.02 -19.17 -56.35
CA GLY G 398 -20.65 -19.59 -56.11
C GLY G 398 -19.61 -18.73 -56.77
N GLY G 399 -19.85 -17.42 -56.84
CA GLY G 399 -18.95 -16.54 -57.54
C GLY G 399 -18.79 -16.84 -59.01
N ALA G 400 -19.87 -17.19 -59.70
CA ALA G 400 -19.77 -17.60 -61.10
C ALA G 400 -19.27 -16.47 -61.97
N ILE G 401 -19.70 -15.24 -61.69
CA ILE G 401 -19.17 -14.11 -62.43
C ILE G 401 -18.04 -13.43 -61.66
N GLU G 402 -17.78 -13.87 -60.42
CA GLU G 402 -16.88 -13.11 -59.57
C GLU G 402 -15.44 -13.15 -60.09
N MET G 403 -14.92 -14.34 -60.37
CA MET G 403 -13.59 -14.40 -60.99
C MET G 403 -13.60 -13.69 -62.33
N GLU G 404 -14.69 -13.83 -63.09
CA GLU G 404 -14.86 -13.12 -64.34
C GLU G 404 -14.88 -11.63 -64.11
N LEU G 405 -15.83 -11.15 -63.28
CA LEU G 405 -15.78 -9.76 -62.87
C LEU G 405 -14.40 -9.38 -62.41
N SER G 406 -13.86 -10.12 -61.42
CA SER G 406 -12.51 -9.84 -60.95
C SER G 406 -11.56 -9.71 -62.13
N LYS G 407 -11.51 -10.73 -62.99
CA LYS G 407 -10.82 -10.59 -64.26
C LYS G 407 -11.30 -9.35 -65.00
N TYR G 408 -12.57 -9.36 -65.43
CA TYR G 408 -13.17 -8.23 -66.14
C TYR G 408 -12.84 -6.89 -65.48
N LEU G 409 -12.84 -6.86 -64.15
CA LEU G 409 -12.49 -5.63 -63.46
C LEU G 409 -10.99 -5.39 -63.50
N ARG G 410 -10.18 -6.29 -62.94
CA ARG G 410 -8.73 -6.10 -63.03
C ARG G 410 -8.26 -6.09 -64.47
N ASP G 411 -9.10 -6.55 -65.41
CA ASP G 411 -8.83 -6.24 -66.81
C ASP G 411 -8.75 -4.74 -67.03
N TYR G 412 -9.68 -3.99 -66.42
CA TYR G 412 -9.60 -2.55 -66.54
C TYR G 412 -8.52 -1.97 -65.65
N SER G 413 -8.10 -2.71 -64.63
CA SER G 413 -7.02 -2.21 -63.79
C SER G 413 -5.84 -1.70 -64.59
N ARG G 414 -5.36 -2.50 -65.55
CA ARG G 414 -4.03 -2.30 -66.15
C ARG G 414 -3.80 -0.87 -66.58
N THR G 415 -4.84 -0.18 -67.05
CA THR G 415 -4.69 1.11 -67.71
C THR G 415 -4.44 2.26 -66.76
N ILE G 416 -5.00 2.22 -65.56
CA ILE G 416 -4.98 3.30 -64.57
C ILE G 416 -3.61 3.63 -63.99
N PRO G 417 -2.69 2.67 -63.86
CA PRO G 417 -2.14 2.34 -62.54
C PRO G 417 -1.88 3.52 -61.64
N GLY G 418 -2.30 3.33 -60.41
CA GLY G 418 -2.35 4.38 -59.43
C GLY G 418 -3.39 4.01 -58.42
N LYS G 419 -3.82 4.98 -57.63
CA LYS G 419 -4.64 4.69 -56.46
C LYS G 419 -5.89 3.90 -56.82
N GLN G 420 -6.55 4.25 -57.92
CA GLN G 420 -7.81 3.59 -58.22
C GLN G 420 -7.62 2.25 -58.90
N GLN G 421 -6.58 2.08 -59.73
CA GLN G 421 -6.25 0.71 -60.14
C GLN G 421 -6.01 -0.16 -58.92
N LEU G 422 -5.20 0.33 -57.97
CA LEU G 422 -4.98 -0.39 -56.74
C LEU G 422 -6.30 -0.80 -56.10
N LEU G 423 -7.33 0.03 -56.25
CA LEU G 423 -8.69 -0.42 -56.01
C LEU G 423 -9.12 -1.48 -57.01
N ILE G 424 -9.11 -1.15 -58.31
CA ILE G 424 -9.75 -2.01 -59.32
C ILE G 424 -9.25 -3.44 -59.20
N GLY G 425 -7.95 -3.63 -58.95
CA GLY G 425 -7.48 -4.95 -58.57
C GLY G 425 -8.04 -5.44 -57.25
N ALA G 426 -7.86 -4.68 -56.18
CA ALA G 426 -8.45 -5.05 -54.90
C ALA G 426 -9.97 -5.09 -54.99
N TYR G 427 -10.56 -4.20 -55.79
CA TYR G 427 -11.98 -4.28 -56.11
C TYR G 427 -12.29 -5.58 -56.84
N ALA G 428 -11.42 -6.00 -57.76
CA ALA G 428 -11.54 -7.34 -58.31
C ALA G 428 -11.33 -8.40 -57.23
N LYS G 429 -10.42 -8.13 -56.30
CA LYS G 429 -10.11 -9.10 -55.25
C LYS G 429 -11.29 -9.29 -54.32
N ALA G 430 -12.19 -8.31 -54.28
CA ALA G 430 -13.38 -8.43 -53.42
C ALA G 430 -14.20 -9.66 -53.73
N LEU G 431 -14.09 -10.18 -54.93
CA LEU G 431 -15.02 -11.20 -55.39
C LEU G 431 -14.67 -12.57 -54.85
N GLU G 432 -13.38 -12.88 -54.75
CA GLU G 432 -12.97 -14.21 -54.32
C GLU G 432 -13.26 -14.49 -52.85
N ILE G 433 -13.44 -13.46 -52.03
CA ILE G 433 -13.67 -13.70 -50.60
C ILE G 433 -14.90 -14.59 -50.41
N ILE G 434 -15.90 -14.45 -51.27
CA ILE G 434 -17.11 -15.23 -51.10
C ILE G 434 -16.85 -16.72 -51.33
N PRO G 435 -16.29 -17.15 -52.47
CA PRO G 435 -15.88 -18.56 -52.56
C PRO G 435 -14.78 -18.89 -51.58
N ARG G 436 -13.97 -17.89 -51.21
CA ARG G 436 -12.89 -18.10 -50.26
C ARG G 436 -13.38 -18.76 -48.98
N GLN G 437 -14.27 -18.08 -48.25
CA GLN G 437 -14.92 -18.71 -47.12
C GLN G 437 -15.54 -20.05 -47.50
N LEU G 438 -16.18 -20.13 -48.66
CA LEU G 438 -16.78 -21.39 -49.05
C LEU G 438 -15.72 -22.46 -49.28
N CYS G 439 -14.52 -22.07 -49.71
CA CYS G 439 -13.43 -23.04 -49.83
C CYS G 439 -13.16 -23.72 -48.49
N ASP G 440 -13.33 -22.98 -47.40
CA ASP G 440 -13.39 -23.62 -46.09
C ASP G 440 -14.52 -24.61 -46.03
N ASN G 441 -15.72 -24.17 -46.41
CA ASN G 441 -16.92 -24.98 -46.25
C ASN G 441 -16.97 -26.09 -47.29
N ALA G 442 -16.73 -25.73 -48.55
CA ALA G 442 -16.75 -26.71 -49.64
C ALA G 442 -15.55 -27.65 -49.57
N GLY G 443 -14.65 -27.42 -48.64
CA GLY G 443 -13.50 -28.29 -48.53
C GLY G 443 -12.40 -27.96 -49.50
N PHE G 444 -12.21 -26.69 -49.82
CA PHE G 444 -11.32 -26.29 -50.90
C PHE G 444 -10.17 -25.43 -50.44
N ASP G 445 -9.36 -25.06 -51.43
CA ASP G 445 -8.22 -24.21 -51.20
C ASP G 445 -8.54 -22.84 -51.75
N ALA G 446 -8.82 -21.89 -50.86
CA ALA G 446 -9.02 -20.52 -51.34
C ALA G 446 -7.80 -20.04 -52.09
N THR G 447 -6.62 -20.46 -51.64
CA THR G 447 -5.41 -20.26 -52.41
C THR G 447 -5.50 -20.88 -53.80
N ASN G 448 -5.65 -22.20 -53.86
CA ASN G 448 -5.50 -22.90 -55.13
C ASN G 448 -6.74 -22.71 -56.00
N ILE G 449 -7.92 -22.86 -55.40
CA ILE G 449 -9.15 -23.01 -56.17
C ILE G 449 -9.51 -21.72 -56.89
N LEU G 450 -9.50 -20.59 -56.18
CA LEU G 450 -9.99 -19.36 -56.77
C LEU G 450 -9.22 -19.01 -58.03
N ASN G 451 -7.91 -19.27 -58.01
CA ASN G 451 -7.10 -19.08 -59.21
C ASN G 451 -7.51 -20.04 -60.31
N LYS G 452 -7.80 -21.29 -59.94
CA LYS G 452 -8.33 -22.22 -60.92
C LYS G 452 -9.57 -21.65 -61.57
N LEU G 453 -10.44 -21.04 -60.78
CA LEU G 453 -11.62 -20.40 -61.33
C LEU G 453 -11.26 -19.11 -62.05
N ARG G 454 -10.26 -18.38 -61.55
CA ARG G 454 -9.67 -17.36 -62.40
C ARG G 454 -9.13 -17.96 -63.68
N ALA G 455 -8.32 -19.03 -63.57
CA ALA G 455 -7.91 -19.76 -64.76
C ALA G 455 -9.12 -20.22 -65.54
N ARG G 456 -10.10 -20.82 -64.87
CA ARG G 456 -11.31 -21.24 -65.54
C ARG G 456 -12.24 -20.07 -65.82
N HIS G 457 -11.86 -18.87 -65.42
CA HIS G 457 -12.38 -17.71 -66.14
C HIS G 457 -11.37 -17.07 -67.08
N ALA G 458 -10.11 -17.49 -67.07
CA ALA G 458 -9.19 -17.16 -68.14
C ALA G 458 -9.13 -18.27 -69.19
N GLN G 459 -9.66 -19.45 -68.88
CA GLN G 459 -9.85 -20.57 -69.79
C GLN G 459 -11.30 -20.78 -70.16
N GLY G 460 -12.15 -21.07 -69.19
CA GLY G 460 -13.58 -20.84 -69.25
C GLY G 460 -13.78 -19.37 -68.94
N GLY G 461 -14.74 -19.03 -68.09
CA GLY G 461 -15.21 -17.67 -68.01
C GLY G 461 -16.66 -17.55 -68.40
N THR G 462 -17.35 -18.69 -68.46
CA THR G 462 -18.79 -18.62 -68.62
C THR G 462 -19.45 -18.45 -67.25
N TRP G 463 -19.63 -19.54 -66.49
CA TRP G 463 -20.03 -19.42 -65.09
C TRP G 463 -19.00 -19.96 -64.11
N TYR G 464 -17.83 -20.40 -64.57
CA TYR G 464 -17.05 -21.37 -63.82
C TYR G 464 -16.73 -20.87 -62.41
N GLY G 465 -17.14 -21.66 -61.41
CA GLY G 465 -16.99 -21.25 -60.04
C GLY G 465 -17.27 -22.40 -59.10
N VAL G 466 -17.00 -22.16 -57.82
CA VAL G 466 -17.05 -23.17 -56.77
C VAL G 466 -18.48 -23.64 -56.58
N ASP G 467 -18.65 -24.93 -56.30
CA ASP G 467 -19.91 -25.46 -55.78
C ASP G 467 -19.65 -25.99 -54.38
N ILE G 468 -20.18 -25.30 -53.37
CA ILE G 468 -20.15 -25.90 -52.04
C ILE G 468 -21.07 -27.11 -52.01
N ASN G 469 -22.14 -27.07 -52.80
CA ASN G 469 -23.05 -28.21 -52.91
C ASN G 469 -22.33 -29.46 -53.39
N ASN G 470 -21.88 -29.45 -54.63
CA ASN G 470 -21.15 -30.57 -55.21
C ASN G 470 -19.78 -30.77 -54.60
N GLU G 471 -19.27 -29.81 -53.84
CA GLU G 471 -17.85 -29.74 -53.51
C GLU G 471 -17.01 -29.94 -54.76
N ASP G 472 -17.18 -29.05 -55.73
CA ASP G 472 -16.32 -28.95 -56.89
C ASP G 472 -16.35 -27.51 -57.37
N ILE G 473 -15.78 -27.27 -58.54
CA ILE G 473 -15.82 -25.97 -59.18
C ILE G 473 -16.21 -26.16 -60.64
N ALA G 474 -17.08 -25.27 -61.14
CA ALA G 474 -17.62 -25.38 -62.49
C ALA G 474 -18.53 -24.21 -62.81
N ASP G 475 -19.03 -24.16 -64.04
CA ASP G 475 -20.11 -23.21 -64.34
C ASP G 475 -21.27 -23.45 -63.39
N ASN G 476 -21.61 -22.41 -62.63
CA ASN G 476 -22.60 -22.53 -61.56
C ASN G 476 -24.00 -22.46 -62.11
N PHE G 477 -24.15 -21.97 -63.34
CA PHE G 477 -25.47 -21.85 -63.91
C PHE G 477 -25.85 -23.22 -64.43
N GLU G 478 -24.88 -23.93 -64.97
CA GLU G 478 -25.04 -25.32 -65.33
C GLU G 478 -24.53 -26.25 -64.22
N ALA G 479 -23.93 -25.68 -63.17
CA ALA G 479 -24.02 -26.29 -61.85
C ALA G 479 -25.31 -25.88 -61.19
N PHE G 480 -26.12 -25.07 -61.88
CA PHE G 480 -27.51 -24.84 -61.54
C PHE G 480 -27.68 -23.96 -60.31
N VAL G 481 -26.56 -23.52 -59.75
CA VAL G 481 -26.59 -22.58 -58.65
C VAL G 481 -27.13 -21.30 -59.27
N TRP G 482 -28.29 -20.86 -58.83
CA TRP G 482 -29.08 -19.88 -59.55
C TRP G 482 -29.65 -18.86 -58.57
N GLU G 483 -29.36 -17.60 -58.82
CA GLU G 483 -29.86 -16.48 -58.07
C GLU G 483 -30.07 -15.39 -59.10
N PRO G 484 -30.96 -14.44 -58.84
CA PRO G 484 -31.11 -13.31 -59.75
C PRO G 484 -29.85 -12.46 -59.75
N ALA G 485 -29.69 -11.69 -60.83
CA ALA G 485 -28.57 -10.76 -60.89
C ALA G 485 -28.89 -9.46 -60.18
N MET G 486 -30.18 -9.16 -59.97
CA MET G 486 -30.54 -7.91 -59.34
C MET G 486 -30.00 -7.82 -57.92
N VAL G 487 -30.21 -8.87 -57.12
CA VAL G 487 -29.60 -8.92 -55.81
C VAL G 487 -28.10 -8.71 -55.92
N ARG G 488 -27.48 -9.28 -56.96
CA ARG G 488 -26.06 -9.03 -57.20
C ARG G 488 -25.83 -7.62 -57.72
N ILE G 489 -26.67 -7.15 -58.63
CA ILE G 489 -26.68 -5.72 -58.94
C ILE G 489 -26.84 -4.92 -57.67
N ASN G 490 -27.86 -5.24 -56.88
CA ASN G 490 -28.07 -4.54 -55.63
C ASN G 490 -26.92 -4.76 -54.68
N ALA G 491 -26.28 -5.93 -54.74
CA ALA G 491 -25.06 -6.14 -53.97
C ALA G 491 -24.01 -5.11 -54.35
N LEU G 492 -23.80 -4.94 -55.66
CA LEU G 492 -22.88 -3.92 -56.15
C LEU G 492 -23.27 -2.54 -55.63
N THR G 493 -24.55 -2.18 -55.81
CA THR G 493 -25.00 -0.84 -55.43
C THR G 493 -24.63 -0.54 -54.00
N ALA G 494 -24.86 -1.49 -53.10
CA ALA G 494 -24.47 -1.30 -51.70
C ALA G 494 -22.98 -1.60 -51.49
N ALA G 495 -22.40 -2.43 -52.35
CA ALA G 495 -21.00 -2.82 -52.19
C ALA G 495 -20.09 -1.61 -52.06
N SER G 496 -19.91 -0.87 -53.15
CA SER G 496 -19.05 0.30 -53.12
C SER G 496 -19.65 1.39 -52.27
N GLU G 497 -20.99 1.39 -52.14
CA GLU G 497 -21.68 2.52 -51.52
C GLU G 497 -21.17 2.79 -50.12
N ALA G 498 -21.51 1.93 -49.17
CA ALA G 498 -20.96 2.07 -47.83
C ALA G 498 -19.44 2.12 -47.88
N ALA G 499 -18.82 1.27 -48.70
CA ALA G 499 -17.39 1.34 -48.91
C ALA G 499 -16.93 2.76 -49.20
N CYS G 500 -17.35 3.31 -50.34
CA CYS G 500 -16.96 4.68 -50.66
C CYS G 500 -17.52 5.66 -49.64
N LEU G 501 -18.68 5.34 -49.07
CA LEU G 501 -19.28 6.21 -48.06
C LEU G 501 -18.35 6.43 -46.89
N ILE G 502 -18.15 5.40 -46.08
CA ILE G 502 -17.56 5.60 -44.75
C ILE G 502 -16.09 5.99 -44.88
N VAL G 503 -15.45 5.59 -45.98
CA VAL G 503 -14.06 5.97 -46.17
C VAL G 503 -13.96 7.48 -46.38
N SER G 504 -15.07 8.13 -46.69
CA SER G 504 -15.06 9.59 -46.77
C SER G 504 -15.08 10.22 -45.39
N VAL G 505 -15.21 9.42 -44.34
CA VAL G 505 -15.17 9.98 -43.00
C VAL G 505 -13.95 9.43 -42.27
N ASP G 506 -12.88 10.23 -42.18
CA ASP G 506 -12.00 10.06 -41.03
C ASP G 506 -12.36 11.14 -40.03
N GLU G 507 -13.08 12.16 -40.51
CA GLU G 507 -13.47 13.31 -39.70
C GLU G 507 -14.84 12.98 -39.14
N THR G 508 -14.88 12.68 -37.86
CA THR G 508 -16.07 12.18 -37.20
C THR G 508 -16.36 13.09 -36.03
N ILE G 509 -17.64 13.37 -35.81
CA ILE G 509 -18.06 14.25 -34.74
C ILE G 509 -19.06 13.49 -33.89
N LYS G 510 -19.03 13.72 -32.59
CA LYS G 510 -19.97 13.12 -31.66
C LYS G 510 -20.31 14.14 -30.58
N ASN G 511 -21.51 14.04 -30.04
CA ASN G 511 -21.92 14.96 -28.98
C ASN G 511 -22.80 14.23 -27.98
N PRO G 512 -22.24 13.26 -27.25
CA PRO G 512 -23.03 12.63 -26.18
C PRO G 512 -23.56 13.66 -25.22
N ARG G 513 -22.80 14.76 -25.08
CA ARG G 513 -23.27 15.96 -24.43
C ARG G 513 -24.13 16.75 -25.41
N MET H 1 -2.59 33.03 -12.14
CA MET H 1 -1.18 33.22 -12.51
C MET H 1 -0.27 32.69 -11.42
N LEU H 2 0.89 33.33 -11.28
CA LEU H 2 1.76 33.17 -10.13
C LEU H 2 0.98 33.34 -8.83
N LYS H 3 0.06 34.29 -8.81
CA LYS H 3 -0.79 34.56 -7.67
C LYS H 3 -2.09 33.80 -7.83
N GLU H 4 -2.64 33.39 -6.69
CA GLU H 4 -3.88 32.61 -6.68
C GLU H 4 -5.01 33.33 -7.43
N GLY H 5 -4.88 34.63 -7.65
CA GLY H 5 -5.90 35.38 -8.35
C GLY H 5 -5.78 35.24 -9.86
N ALA H 6 -6.29 36.25 -10.55
CA ALA H 6 -6.21 36.37 -12.00
C ALA H 6 -6.90 35.23 -12.74
N LYS H 7 -8.24 35.24 -12.73
CA LYS H 7 -9.03 34.32 -13.55
C LYS H 7 -8.70 34.51 -15.01
N HIS H 8 -8.36 33.40 -15.68
CA HIS H 8 -8.16 33.34 -17.12
C HIS H 8 -7.76 31.91 -17.46
N PHE H 9 -8.06 31.49 -18.69
CA PHE H 9 -7.29 30.38 -19.25
C PHE H 9 -6.47 30.76 -20.47
N SER H 10 -6.59 31.99 -20.96
CA SER H 10 -5.91 32.34 -22.20
C SER H 10 -4.71 33.23 -21.91
N GLY H 11 -3.64 33.04 -22.67
CA GLY H 11 -2.59 34.04 -22.68
C GLY H 11 -1.22 33.63 -23.20
N LEU H 12 -0.41 34.64 -23.51
CA LEU H 12 1.03 34.50 -23.79
C LEU H 12 1.26 33.34 -24.74
N GLU H 13 2.07 32.34 -24.38
CA GLU H 13 2.25 31.18 -25.22
C GLU H 13 0.91 30.54 -25.59
N GLU H 14 0.15 30.11 -24.58
CA GLU H 14 -1.14 29.47 -24.83
C GLU H 14 -2.06 30.33 -25.69
N ALA H 15 -1.84 31.63 -25.73
CA ALA H 15 -2.43 32.43 -26.79
C ALA H 15 -1.71 32.20 -28.10
N VAL H 16 -0.41 32.53 -28.14
CA VAL H 16 0.34 32.41 -29.38
C VAL H 16 0.49 30.95 -29.78
N TYR H 17 0.18 30.04 -28.87
CA TYR H 17 0.04 28.63 -29.27
C TYR H 17 -1.41 28.19 -29.23
N ARG H 18 -1.90 27.88 -28.02
CA ARG H 18 -3.08 27.03 -27.90
C ARG H 18 -4.31 27.65 -28.54
N ASN H 19 -4.59 28.92 -28.24
CA ASN H 19 -5.70 29.61 -28.88
C ASN H 19 -5.68 29.42 -30.38
N ILE H 20 -4.60 29.88 -31.02
CA ILE H 20 -4.48 29.74 -32.47
C ILE H 20 -4.52 28.27 -32.86
N GLN H 21 -3.88 27.42 -32.06
CA GLN H 21 -3.90 25.98 -32.31
C GLN H 21 -5.31 25.41 -32.16
N ALA H 22 -6.02 25.81 -31.09
CA ALA H 22 -7.42 25.43 -30.98
C ALA H 22 -8.22 25.97 -32.16
N CYS H 23 -7.90 27.19 -32.60
CA CYS H 23 -8.48 27.71 -33.83
C CYS H 23 -8.07 26.85 -35.02
N LYS H 24 -6.85 26.33 -35.01
CA LYS H 24 -6.40 25.43 -36.06
C LYS H 24 -7.24 24.17 -36.09
N GLU H 25 -7.64 23.67 -34.92
CA GLU H 25 -8.31 22.38 -34.83
C GLU H 25 -9.54 22.33 -35.72
N LEU H 26 -10.40 23.35 -35.63
CA LEU H 26 -11.71 23.26 -36.26
C LEU H 26 -11.66 23.60 -37.74
N ALA H 27 -10.80 24.55 -38.13
CA ALA H 27 -10.62 24.86 -39.54
C ALA H 27 -10.07 23.69 -40.32
N GLN H 28 -9.50 22.70 -39.62
CA GLN H 28 -8.97 21.51 -40.26
C GLN H 28 -10.00 20.87 -41.18
N THR H 29 -11.20 20.61 -40.65
CA THR H 29 -12.20 19.94 -41.47
C THR H 29 -12.90 20.91 -42.40
N THR H 30 -13.01 22.19 -42.02
CA THR H 30 -13.61 23.20 -42.88
C THR H 30 -12.94 23.24 -44.23
N ARG H 31 -11.64 22.94 -44.28
CA ARG H 31 -10.93 22.68 -45.51
C ARG H 31 -11.58 21.58 -46.32
N THR H 32 -11.75 20.40 -45.75
CA THR H 32 -12.52 19.35 -46.41
C THR H 32 -13.97 19.72 -46.60
N ALA H 33 -14.46 20.79 -45.96
CA ALA H 33 -15.88 21.12 -46.00
C ALA H 33 -16.24 22.21 -47.01
N TYR H 34 -15.28 22.84 -47.69
CA TYR H 34 -15.59 23.94 -48.58
C TYR H 34 -15.16 23.62 -50.01
N GLY H 35 -15.83 24.26 -50.96
CA GLY H 35 -15.60 23.98 -52.36
C GLY H 35 -16.13 22.60 -52.65
N PRO H 36 -15.76 22.03 -53.80
CA PRO H 36 -16.10 20.63 -54.04
C PRO H 36 -15.60 19.77 -52.89
N ASN H 37 -16.51 19.00 -52.31
CA ASN H 37 -16.16 18.24 -51.12
C ASN H 37 -16.57 16.80 -51.32
N GLY H 38 -15.57 15.93 -51.39
CA GLY H 38 -15.82 14.50 -51.43
C GLY H 38 -15.78 13.94 -50.02
N MET H 39 -15.27 14.73 -49.10
CA MET H 39 -15.13 14.33 -47.71
C MET H 39 -16.51 14.28 -47.06
N ASN H 40 -16.61 13.56 -45.95
CA ASN H 40 -17.87 13.44 -45.22
C ASN H 40 -17.58 13.35 -43.73
N LYS H 41 -18.56 13.79 -42.92
CA LYS H 41 -18.38 13.88 -41.48
C LYS H 41 -19.55 13.27 -40.74
N MET H 42 -19.30 12.14 -40.07
CA MET H 42 -20.24 11.57 -39.11
C MET H 42 -20.41 12.56 -37.96
N VAL H 43 -21.65 12.76 -37.51
CA VAL H 43 -21.89 13.56 -36.32
C VAL H 43 -23.04 13.00 -35.52
N ILE H 44 -22.85 12.84 -34.21
CA ILE H 44 -23.98 12.55 -33.35
C ILE H 44 -24.17 13.78 -32.47
N ASN H 45 -25.43 14.22 -32.42
CA ASN H 45 -25.80 15.54 -31.94
C ASN H 45 -26.25 15.61 -30.49
N HIS H 46 -26.05 14.53 -29.73
CA HIS H 46 -26.77 14.21 -28.49
C HIS H 46 -28.18 13.70 -28.81
N LEU H 47 -28.35 13.17 -30.01
CA LEU H 47 -29.24 12.02 -30.17
C LEU H 47 -28.51 10.70 -30.22
N GLU H 48 -27.17 10.71 -30.23
CA GLU H 48 -26.31 9.57 -30.58
C GLU H 48 -26.50 9.23 -32.05
N LYS H 49 -27.47 9.86 -32.71
CA LYS H 49 -27.73 9.68 -34.13
C LYS H 49 -26.56 10.18 -34.96
N LEU H 50 -26.03 9.33 -35.83
CA LEU H 50 -25.10 9.80 -36.85
C LEU H 50 -25.79 10.72 -37.84
N PHE H 51 -25.07 11.74 -38.26
CA PHE H 51 -25.43 12.52 -39.43
C PHE H 51 -24.14 12.81 -40.17
N VAL H 52 -24.23 13.02 -41.48
CA VAL H 52 -23.06 13.21 -42.32
C VAL H 52 -23.21 14.49 -43.12
N THR H 53 -22.13 15.25 -43.23
CA THR H 53 -22.14 16.51 -43.97
C THR H 53 -20.72 16.93 -44.30
N ASN H 54 -20.61 17.89 -45.23
CA ASN H 54 -19.58 18.90 -45.10
C ASN H 54 -20.23 20.25 -44.84
N ASP H 55 -20.31 20.61 -43.56
CA ASP H 55 -20.50 21.98 -43.12
C ASP H 55 -19.99 22.07 -41.69
N ALA H 56 -19.33 23.17 -41.35
CA ALA H 56 -18.78 23.30 -40.00
C ALA H 56 -19.85 23.73 -39.01
N ALA H 57 -20.63 24.76 -39.37
CA ALA H 57 -21.50 25.41 -38.39
C ALA H 57 -22.48 24.44 -37.76
N THR H 58 -23.04 23.54 -38.56
CA THR H 58 -23.87 22.47 -38.01
C THR H 58 -23.12 21.73 -36.91
N ILE H 59 -21.85 21.42 -37.17
CA ILE H 59 -21.06 20.64 -36.22
C ILE H 59 -20.52 21.52 -35.10
N LEU H 60 -19.94 22.67 -35.46
CA LEU H 60 -19.14 23.42 -34.50
C LEU H 60 -19.96 23.89 -33.31
N ARG H 61 -21.18 24.38 -33.57
CA ARG H 61 -22.08 24.79 -32.50
C ARG H 61 -22.16 23.73 -31.42
N GLU H 62 -22.22 22.46 -31.83
CA GLU H 62 -22.24 21.36 -30.88
C GLU H 62 -20.93 21.30 -30.10
N LEU H 63 -19.81 21.51 -30.79
CA LEU H 63 -18.53 21.26 -30.19
C LEU H 63 -18.24 22.29 -29.12
N GLU H 64 -17.67 21.82 -28.01
CA GLU H 64 -17.51 22.63 -26.81
C GLU H 64 -16.06 22.60 -26.38
N VAL H 65 -15.44 23.77 -26.36
CA VAL H 65 -14.04 23.91 -26.02
C VAL H 65 -13.93 24.86 -24.85
N GLN H 66 -12.85 24.73 -24.08
CA GLN H 66 -12.57 25.63 -22.97
C GLN H 66 -12.49 27.08 -23.45
N HIS H 67 -12.08 27.28 -24.70
CA HIS H 67 -11.53 28.55 -25.09
C HIS H 67 -12.46 29.32 -26.03
N PRO H 68 -12.74 30.58 -25.70
CA PRO H 68 -13.60 31.40 -26.57
C PRO H 68 -13.05 31.54 -27.97
N ALA H 69 -11.76 31.28 -28.16
CA ALA H 69 -11.16 31.30 -29.49
C ALA H 69 -12.05 30.59 -30.49
N ALA H 70 -12.26 29.29 -30.31
CA ALA H 70 -13.27 28.61 -31.10
C ALA H 70 -14.65 29.21 -30.88
N LYS H 71 -14.99 29.54 -29.63
CA LYS H 71 -16.34 29.96 -29.30
C LYS H 71 -16.69 31.28 -29.95
N MET H 72 -15.70 32.13 -30.18
CA MET H 72 -16.00 33.43 -30.78
C MET H 72 -16.21 33.31 -32.28
N ILE H 73 -15.18 32.90 -33.00
CA ILE H 73 -15.10 33.06 -34.45
C ILE H 73 -16.33 32.47 -35.15
N VAL H 74 -16.93 31.43 -34.57
CA VAL H 74 -18.13 30.85 -35.17
C VAL H 74 -19.19 31.92 -35.36
N MET H 75 -19.30 32.85 -34.41
CA MET H 75 -20.25 33.94 -34.54
C MET H 75 -20.03 34.69 -35.85
N ALA H 76 -18.78 35.04 -36.16
CA ALA H 76 -18.46 35.60 -37.46
C ALA H 76 -18.82 34.62 -38.57
N SER H 77 -18.46 33.36 -38.40
CA SER H 77 -18.90 32.34 -39.36
C SER H 77 -20.42 32.29 -39.42
N HIS H 78 -21.08 32.33 -38.26
CA HIS H 78 -22.51 32.57 -38.27
C HIS H 78 -22.83 33.90 -38.93
N MET H 79 -22.16 34.97 -38.52
CA MET H 79 -22.42 36.28 -39.11
C MET H 79 -22.37 36.20 -40.63
N GLN H 80 -21.41 35.46 -41.17
CA GLN H 80 -21.51 35.06 -42.56
C GLN H 80 -22.77 34.26 -42.81
N GLU H 81 -22.88 33.09 -42.19
CA GLU H 81 -24.02 32.20 -42.47
C GLU H 81 -25.34 32.94 -42.31
N GLN H 82 -25.39 33.87 -41.36
CA GLN H 82 -26.55 34.75 -41.23
C GLN H 82 -26.76 35.55 -42.51
N GLU H 83 -25.73 36.24 -42.98
CA GLU H 83 -25.88 37.06 -44.17
C GLU H 83 -25.75 36.24 -45.44
N VAL H 84 -24.88 35.22 -45.46
CA VAL H 84 -24.62 34.48 -46.68
C VAL H 84 -24.64 32.97 -46.42
N GLY H 85 -25.42 32.25 -47.22
CA GLY H 85 -25.67 30.84 -47.01
C GLY H 85 -24.47 29.93 -46.99
N ASP H 86 -23.46 30.18 -47.81
CA ASP H 86 -22.29 29.34 -47.84
C ASP H 86 -21.05 30.19 -48.03
N GLY H 87 -19.89 29.53 -48.12
CA GLY H 87 -18.63 30.17 -47.86
C GLY H 87 -18.25 30.08 -46.39
N THR H 88 -19.23 29.91 -45.52
CA THR H 88 -18.95 29.64 -44.12
C THR H 88 -18.09 28.40 -43.96
N ASN H 89 -18.25 27.43 -44.86
CA ASN H 89 -17.29 26.34 -44.94
C ASN H 89 -15.89 26.89 -45.10
N PHE H 90 -15.74 27.95 -45.88
CA PHE H 90 -14.47 28.63 -46.04
C PHE H 90 -14.19 29.63 -44.92
N VAL H 91 -15.22 30.33 -44.45
CA VAL H 91 -14.99 31.54 -43.64
C VAL H 91 -14.08 31.23 -42.46
N LEU H 92 -14.12 30.00 -41.94
CA LEU H 92 -13.27 29.67 -40.81
C LEU H 92 -11.83 29.39 -41.23
N VAL H 93 -11.64 28.69 -42.35
CA VAL H 93 -10.30 28.18 -42.66
C VAL H 93 -9.31 29.32 -42.87
N PHE H 94 -9.73 30.37 -43.60
CA PHE H 94 -8.78 31.42 -43.93
C PHE H 94 -8.24 32.10 -42.67
N ALA H 95 -9.13 32.49 -41.77
CA ALA H 95 -8.69 33.12 -40.53
C ALA H 95 -7.72 32.22 -39.78
N GLY H 96 -8.17 31.01 -39.42
CA GLY H 96 -7.29 30.07 -38.76
C GLY H 96 -5.99 29.88 -39.51
N ALA H 97 -6.05 29.76 -40.84
CA ALA H 97 -4.83 29.69 -41.62
C ALA H 97 -4.05 30.98 -41.53
N LEU H 98 -4.71 32.12 -41.74
CA LEU H 98 -4.00 33.40 -41.74
C LEU H 98 -3.44 33.69 -40.36
N LEU H 99 -4.12 33.22 -39.31
CA LEU H 99 -3.63 33.41 -37.94
C LEU H 99 -2.23 32.86 -37.76
N GLU H 100 -2.02 31.62 -38.18
CA GLU H 100 -0.84 30.89 -37.73
C GLU H 100 0.42 31.47 -38.35
N LEU H 101 0.26 32.38 -39.30
CA LEU H 101 1.37 33.21 -39.74
C LEU H 101 1.87 34.09 -38.61
N ALA H 102 0.94 34.60 -37.78
CA ALA H 102 1.31 35.46 -36.67
C ALA H 102 2.21 34.74 -35.68
N GLU H 103 1.75 33.60 -35.15
CA GLU H 103 2.57 32.84 -34.21
C GLU H 103 3.93 32.53 -34.81
N GLU H 104 3.99 32.35 -36.13
CA GLU H 104 5.26 32.30 -36.82
C GLU H 104 5.97 33.66 -36.77
N LEU H 105 5.27 34.72 -37.17
CA LEU H 105 5.81 36.07 -37.00
C LEU H 105 6.12 36.37 -35.54
N LEU H 106 5.47 35.64 -34.62
CA LEU H 106 5.80 35.78 -33.21
C LEU H 106 7.09 35.05 -32.88
N ARG H 107 7.31 33.87 -33.47
CA ARG H 107 8.63 33.28 -33.44
C ARG H 107 9.61 34.15 -34.21
N ILE H 108 9.13 34.75 -35.29
CA ILE H 108 9.92 35.76 -35.99
C ILE H 108 9.88 37.06 -35.20
N GLY H 109 9.02 37.14 -34.19
CA GLY H 109 8.99 38.28 -33.29
C GLY H 109 8.40 39.53 -33.89
N LEU H 110 7.19 39.43 -34.42
CA LEU H 110 6.48 40.62 -34.89
C LEU H 110 5.34 40.96 -33.95
N SER H 111 5.21 42.25 -33.65
CA SER H 111 4.31 42.71 -32.61
C SER H 111 2.86 42.42 -32.98
N VAL H 112 2.00 42.44 -31.96
CA VAL H 112 0.58 42.20 -32.15
C VAL H 112 0.02 43.14 -33.20
N SER H 113 0.02 44.45 -32.91
CA SER H 113 -0.43 45.44 -33.88
C SER H 113 0.29 45.30 -35.21
N GLU H 114 1.60 45.08 -35.17
CA GLU H 114 2.36 44.92 -36.40
C GLU H 114 1.79 43.80 -37.25
N VAL H 115 1.58 42.62 -36.66
CA VAL H 115 1.01 41.52 -37.40
C VAL H 115 -0.43 41.83 -37.81
N ILE H 116 -1.20 42.40 -36.89
CA ILE H 116 -2.60 42.69 -37.16
C ILE H 116 -2.75 43.65 -38.32
N GLU H 117 -2.11 44.81 -38.22
CA GLU H 117 -2.46 45.94 -39.08
C GLU H 117 -2.12 45.69 -40.54
N GLY H 118 -1.07 44.92 -40.80
CA GLY H 118 -0.78 44.53 -42.18
C GLY H 118 -1.93 43.83 -42.85
N TYR H 119 -2.51 42.83 -42.19
CA TYR H 119 -3.73 42.22 -42.69
C TYR H 119 -4.82 43.26 -42.88
N GLU H 120 -4.93 44.19 -41.92
CA GLU H 120 -6.01 45.18 -41.96
C GLU H 120 -6.03 45.95 -43.26
N ILE H 121 -5.02 46.77 -43.51
CA ILE H 121 -5.04 47.62 -44.69
C ILE H 121 -5.05 46.77 -45.95
N ALA H 122 -4.36 45.63 -45.92
CA ALA H 122 -4.45 44.69 -47.01
C ALA H 122 -5.87 44.16 -47.16
N CYS H 123 -6.56 43.93 -46.04
CA CYS H 123 -7.96 43.57 -46.09
C CYS H 123 -8.79 44.68 -46.73
N ARG H 124 -8.54 45.93 -46.32
CA ARG H 124 -9.10 47.07 -47.04
C ARG H 124 -8.65 47.08 -48.49
N LYS H 125 -7.34 46.99 -48.71
CA LYS H 125 -6.81 46.77 -50.05
C LYS H 125 -7.51 45.62 -50.74
N ALA H 126 -7.65 44.48 -50.07
CA ALA H 126 -8.53 43.44 -50.58
C ALA H 126 -9.91 44.00 -50.86
N HIS H 127 -10.60 44.49 -49.82
CA HIS H 127 -11.92 45.08 -50.01
C HIS H 127 -11.89 46.15 -51.09
N GLU H 128 -10.72 46.74 -51.33
CA GLU H 128 -10.56 47.60 -52.51
C GLU H 128 -10.43 46.77 -53.78
N ILE H 129 -9.49 45.83 -53.82
CA ILE H 129 -9.25 45.04 -55.03
C ILE H 129 -10.22 43.88 -55.17
N LEU H 130 -10.84 43.45 -54.08
CA LEU H 130 -11.78 42.33 -54.17
C LEU H 130 -12.95 42.63 -55.11
N PRO H 131 -13.62 43.80 -55.06
CA PRO H 131 -14.64 44.07 -56.08
C PRO H 131 -14.09 44.27 -57.47
N ASN H 132 -12.84 44.69 -57.61
CA ASN H 132 -12.19 44.75 -58.91
C ASN H 132 -12.17 43.38 -59.57
N LEU H 133 -12.19 42.31 -58.78
CA LEU H 133 -12.20 40.94 -59.29
C LEU H 133 -13.59 40.38 -59.44
N VAL H 134 -14.62 41.20 -59.24
CA VAL H 134 -15.97 40.82 -59.63
C VAL H 134 -15.91 40.46 -61.09
N CYS H 135 -16.22 39.19 -61.41
CA CYS H 135 -16.10 38.74 -62.79
C CYS H 135 -17.44 38.65 -63.52
N CYS H 136 -18.55 38.81 -62.82
CA CYS H 136 -19.88 38.78 -63.42
C CYS H 136 -20.84 39.43 -62.45
N SER H 137 -22.12 39.34 -62.79
CA SER H 137 -23.19 39.63 -61.85
C SER H 137 -24.31 38.66 -62.17
N ALA H 138 -25.15 38.38 -61.18
CA ALA H 138 -26.31 37.55 -61.46
C ALA H 138 -27.30 38.40 -62.25
N LYS H 139 -28.38 37.77 -62.72
CA LYS H 139 -29.32 38.52 -63.54
C LYS H 139 -30.78 38.32 -63.15
N ASN H 140 -31.31 37.13 -63.40
CA ASN H 140 -32.74 36.93 -63.38
C ASN H 140 -33.09 35.75 -62.49
N LEU H 141 -33.88 36.02 -61.46
CA LEU H 141 -34.48 34.99 -60.64
C LEU H 141 -35.46 34.12 -61.41
N ARG H 142 -36.26 34.72 -62.30
CA ARG H 142 -37.21 33.97 -63.11
C ARG H 142 -36.48 32.93 -63.94
N ASP H 143 -35.30 33.29 -64.46
CA ASP H 143 -34.44 32.32 -65.09
C ASP H 143 -34.00 31.28 -64.07
N ILE H 144 -34.20 30.00 -64.40
CA ILE H 144 -33.73 28.95 -63.52
C ILE H 144 -32.22 28.83 -63.61
N ASP H 145 -31.69 28.84 -64.83
CA ASP H 145 -30.25 28.70 -65.03
C ASP H 145 -29.47 29.81 -64.35
N GLU H 146 -29.82 31.07 -64.64
CA GLU H 146 -29.14 32.20 -64.04
C GLU H 146 -29.03 32.03 -62.53
N VAL H 147 -30.09 31.52 -61.91
CA VAL H 147 -30.01 31.18 -60.49
C VAL H 147 -29.20 29.90 -60.31
N SER H 148 -29.68 28.79 -60.86
CA SER H 148 -29.07 27.48 -60.67
C SER H 148 -27.58 27.46 -60.99
N SER H 149 -27.14 28.25 -61.97
CA SER H 149 -25.71 28.36 -62.25
C SER H 149 -24.90 28.64 -61.00
N LEU H 150 -25.13 29.80 -60.37
CA LEU H 150 -24.57 30.07 -59.05
C LEU H 150 -24.82 28.92 -58.09
N LEU H 151 -26.09 28.60 -57.85
CA LEU H 151 -26.50 27.79 -56.70
C LEU H 151 -25.63 26.56 -56.55
N ARG H 152 -25.18 25.98 -57.66
CA ARG H 152 -24.24 24.88 -57.60
C ARG H 152 -23.02 25.24 -56.75
N THR H 153 -22.48 26.44 -56.97
CA THR H 153 -21.23 26.84 -56.31
C THR H 153 -21.30 26.58 -54.80
N SER H 154 -22.40 26.96 -54.17
CA SER H 154 -22.54 26.72 -52.73
C SER H 154 -22.87 25.27 -52.45
N ILE H 155 -23.82 24.69 -53.19
CA ILE H 155 -24.03 23.26 -53.09
C ILE H 155 -22.72 22.53 -53.33
N MET H 156 -21.99 22.93 -54.37
CA MET H 156 -20.62 22.48 -54.55
C MET H 156 -19.82 22.65 -53.27
N SER H 157 -19.79 23.88 -52.74
CA SER H 157 -19.04 24.15 -51.52
C SER H 157 -19.56 23.33 -50.35
N LYS H 158 -20.74 22.71 -50.50
CA LYS H 158 -21.10 21.58 -49.65
C LYS H 158 -20.79 20.26 -50.33
N GLN H 159 -21.54 19.91 -51.37
CA GLN H 159 -21.39 18.62 -52.01
C GLN H 159 -21.37 18.78 -53.53
N TYR H 160 -20.52 17.98 -54.18
CA TYR H 160 -20.14 18.28 -55.56
C TYR H 160 -21.21 17.88 -56.57
N GLY H 161 -21.45 16.59 -56.77
CA GLY H 161 -22.23 16.12 -57.91
C GLY H 161 -23.71 16.45 -57.88
N ASN H 162 -24.35 16.32 -56.72
CA ASN H 162 -25.78 16.55 -56.57
C ASN H 162 -26.23 17.91 -57.07
N GLU H 163 -25.34 18.90 -57.09
CA GLU H 163 -25.73 20.29 -57.29
C GLU H 163 -26.54 20.48 -58.57
N VAL H 164 -26.37 19.58 -59.55
CA VAL H 164 -26.91 19.84 -60.87
C VAL H 164 -28.44 19.74 -60.87
N PHE H 165 -28.97 18.56 -60.55
CA PHE H 165 -30.43 18.44 -60.41
C PHE H 165 -30.95 19.40 -59.35
N LEU H 166 -30.13 19.70 -58.35
CA LEU H 166 -30.58 20.49 -57.22
C LEU H 166 -30.76 21.95 -57.60
N ALA H 167 -29.66 22.59 -58.00
CA ALA H 167 -29.69 24.02 -58.31
C ALA H 167 -30.85 24.37 -59.22
N LYS H 168 -31.09 23.55 -60.24
CA LYS H 168 -32.28 23.72 -61.05
C LYS H 168 -33.54 23.59 -60.20
N LEU H 169 -33.66 22.49 -59.45
CA LEU H 169 -34.83 22.28 -58.60
C LEU H 169 -35.04 23.47 -57.66
N ILE H 170 -33.99 24.22 -57.37
CA ILE H 170 -34.10 25.33 -56.42
C ILE H 170 -34.84 26.51 -57.05
N ALA H 171 -34.29 27.06 -58.13
CA ALA H 171 -35.02 28.12 -58.82
C ALA H 171 -36.37 27.61 -59.32
N GLN H 172 -36.50 26.30 -59.50
CA GLN H 172 -37.80 25.70 -59.78
C GLN H 172 -38.72 25.72 -58.56
N ALA H 173 -38.16 25.77 -57.35
CA ALA H 173 -38.91 26.18 -56.17
C ALA H 173 -39.33 27.64 -56.27
N CYS H 174 -38.89 28.31 -57.34
CA CYS H 174 -39.14 29.72 -57.55
C CYS H 174 -38.56 30.52 -56.40
N VAL H 175 -37.24 30.62 -56.39
CA VAL H 175 -36.56 31.73 -55.74
C VAL H 175 -37.09 33.00 -56.39
N SER H 176 -37.66 32.86 -57.59
CA SER H 176 -38.14 33.94 -58.42
C SER H 176 -39.42 34.62 -57.91
N ILE H 177 -40.24 33.92 -57.14
CA ILE H 177 -41.48 34.52 -56.63
C ILE H 177 -41.17 35.79 -55.84
N PHE H 178 -40.23 35.70 -54.92
CA PHE H 178 -39.68 36.90 -54.30
C PHE H 178 -38.82 37.63 -55.33
N PRO H 179 -38.77 38.97 -55.30
CA PRO H 179 -37.87 39.67 -56.24
C PRO H 179 -36.41 39.47 -55.93
N ASP H 180 -36.07 39.01 -54.71
CA ASP H 180 -34.71 39.07 -54.17
C ASP H 180 -34.24 40.52 -54.17
N SER H 181 -35.20 41.44 -54.13
CA SER H 181 -34.94 42.88 -54.02
C SER H 181 -35.47 43.29 -52.66
N GLY H 182 -34.56 43.51 -51.72
CA GLY H 182 -34.92 43.84 -50.37
C GLY H 182 -35.73 42.80 -49.65
N HIS H 183 -35.99 41.65 -50.29
CA HIS H 183 -36.81 40.63 -49.68
C HIS H 183 -36.46 39.26 -50.21
N PHE H 184 -36.60 38.27 -49.33
CA PHE H 184 -36.66 36.86 -49.67
C PHE H 184 -36.92 36.10 -48.38
N ASN H 185 -37.47 34.90 -48.46
CA ASN H 185 -37.90 34.16 -47.29
C ASN H 185 -37.64 32.67 -47.47
N VAL H 186 -37.04 32.07 -46.44
CA VAL H 186 -36.97 30.61 -46.38
C VAL H 186 -38.31 30.00 -46.01
N ASP H 187 -38.91 30.40 -44.89
CA ASP H 187 -40.13 29.77 -44.39
C ASP H 187 -41.26 29.76 -45.41
N ASN H 188 -41.42 30.82 -46.20
CA ASN H 188 -42.31 30.79 -47.35
C ASN H 188 -41.91 29.71 -48.35
N ILE H 189 -40.62 29.63 -48.69
CA ILE H 189 -40.18 28.69 -49.70
C ILE H 189 -39.82 27.37 -49.03
N ARG H 190 -40.15 27.24 -47.75
CA ARG H 190 -39.47 26.32 -46.83
C ARG H 190 -39.34 24.92 -47.42
N VAL H 191 -38.16 24.35 -47.21
CA VAL H 191 -37.89 22.95 -47.49
C VAL H 191 -38.85 22.12 -46.65
N CYS H 192 -39.50 21.15 -47.29
CA CYS H 192 -40.30 20.17 -46.57
C CYS H 192 -39.93 18.80 -47.10
N LYS H 193 -39.35 17.97 -46.24
CA LYS H 193 -38.66 16.77 -46.67
C LYS H 193 -39.55 15.54 -46.50
N ILE H 194 -39.92 14.94 -47.62
CA ILE H 194 -40.73 13.73 -47.65
C ILE H 194 -39.77 12.56 -47.71
N LEU H 195 -39.69 11.79 -46.64
CA LEU H 195 -38.90 10.57 -46.69
C LEU H 195 -39.65 9.53 -47.50
N GLY H 196 -38.97 8.92 -48.46
CA GLY H 196 -39.69 8.13 -49.44
C GLY H 196 -39.65 8.84 -50.79
N SER H 197 -40.25 8.18 -51.78
CA SER H 197 -40.00 8.44 -53.19
C SER H 197 -38.51 8.37 -53.47
N GLY H 198 -38.01 9.24 -54.34
CA GLY H 198 -36.59 9.31 -54.57
C GLY H 198 -36.01 10.56 -53.96
N ILE H 199 -34.69 10.64 -53.88
CA ILE H 199 -34.06 11.90 -53.45
C ILE H 199 -34.09 12.91 -54.60
N SER H 200 -34.04 12.42 -55.84
CA SER H 200 -34.27 13.24 -57.01
C SER H 200 -35.75 13.34 -57.34
N SER H 201 -36.61 12.65 -56.59
CA SER H 201 -38.03 12.93 -56.60
C SER H 201 -38.35 14.17 -55.79
N SER H 202 -37.36 14.73 -55.11
CA SER H 202 -37.56 15.97 -54.38
C SER H 202 -38.15 17.01 -55.32
N SER H 203 -39.29 17.56 -54.92
CA SER H 203 -40.18 18.21 -55.86
C SER H 203 -40.34 19.67 -55.46
N VAL H 204 -41.23 20.36 -56.16
CA VAL H 204 -41.63 21.71 -55.80
C VAL H 204 -43.14 21.79 -55.80
N LEU H 205 -43.73 22.01 -54.63
CA LEU H 205 -45.10 22.48 -54.55
C LEU H 205 -45.07 23.87 -53.96
N HIS H 206 -45.34 24.87 -54.79
CA HIS H 206 -45.44 26.24 -54.31
C HIS H 206 -46.63 26.30 -53.37
N GLY H 207 -46.48 26.99 -52.25
CA GLY H 207 -47.52 26.84 -51.26
C GLY H 207 -47.18 25.68 -50.34
N MET H 208 -47.65 25.77 -49.10
CA MET H 208 -47.18 24.90 -48.02
C MET H 208 -47.22 23.43 -48.37
N VAL H 209 -46.17 22.72 -47.99
CA VAL H 209 -46.10 21.27 -48.03
C VAL H 209 -45.95 20.78 -46.60
N PHE H 210 -46.99 20.17 -46.06
CA PHE H 210 -46.90 19.62 -44.71
C PHE H 210 -47.04 18.11 -44.78
N LYS H 211 -45.95 17.42 -44.47
CA LYS H 211 -45.92 15.96 -44.55
C LYS H 211 -46.96 15.35 -43.61
N LYS H 212 -47.45 16.13 -42.65
CA LYS H 212 -48.44 15.65 -41.71
C LYS H 212 -49.69 15.16 -42.42
N GLU H 213 -50.28 14.11 -41.86
CA GLU H 213 -51.47 13.51 -42.43
C GLU H 213 -52.58 14.55 -42.53
N THR H 214 -53.16 14.65 -43.71
CA THR H 214 -54.13 15.70 -43.97
C THR H 214 -55.54 15.14 -43.73
N GLU H 215 -56.16 15.59 -42.65
CA GLU H 215 -57.34 14.92 -42.11
C GLU H 215 -58.58 15.78 -42.25
N GLY H 216 -59.67 15.27 -41.71
CA GLY H 216 -60.97 15.78 -42.05
C GLY H 216 -61.21 15.58 -43.54
N ASP H 217 -61.91 16.54 -44.12
CA ASP H 217 -61.90 16.67 -45.56
C ASP H 217 -60.82 17.65 -45.99
N VAL H 218 -60.88 18.06 -47.25
CA VAL H 218 -60.12 19.23 -47.69
C VAL H 218 -60.73 20.44 -46.99
N THR H 219 -60.01 21.55 -46.92
CA THR H 219 -60.47 22.68 -46.12
C THR H 219 -61.85 23.15 -46.54
N SER H 220 -62.61 23.64 -45.56
CA SER H 220 -63.93 24.18 -45.83
C SER H 220 -63.88 25.21 -46.95
N VAL H 221 -62.90 26.11 -46.91
CA VAL H 221 -62.61 26.97 -48.06
C VAL H 221 -61.11 26.93 -48.30
N LYS H 222 -60.71 27.27 -49.52
CA LYS H 222 -59.29 27.27 -49.86
C LYS H 222 -58.63 28.58 -49.44
N ASP H 223 -59.44 29.56 -49.06
CA ASP H 223 -58.96 30.82 -48.51
C ASP H 223 -58.60 30.64 -47.04
N ALA H 224 -58.59 29.38 -46.62
CA ALA H 224 -59.18 28.95 -45.36
C ALA H 224 -58.81 29.90 -44.24
N LYS H 225 -59.84 30.31 -43.49
CA LYS H 225 -59.57 30.87 -42.18
C LYS H 225 -58.92 29.75 -41.41
N ILE H 226 -57.69 30.00 -40.97
CA ILE H 226 -56.85 28.93 -40.48
C ILE H 226 -56.62 29.17 -39.01
N ALA H 227 -57.29 28.40 -38.17
CA ALA H 227 -57.02 28.46 -36.75
C ALA H 227 -56.14 27.28 -36.42
N VAL H 228 -54.87 27.56 -36.19
CA VAL H 228 -53.88 26.56 -35.83
C VAL H 228 -53.79 26.54 -34.33
N TYR H 229 -53.68 25.35 -33.75
CA TYR H 229 -53.70 25.27 -32.31
C TYR H 229 -52.70 24.24 -31.83
N SER H 230 -51.92 24.65 -30.83
CA SER H 230 -50.91 23.79 -30.22
C SER H 230 -51.48 22.46 -29.77
N CYS H 231 -52.41 22.47 -28.84
CA CYS H 231 -53.10 21.24 -28.49
C CYS H 231 -54.58 21.51 -28.26
N PRO H 232 -55.33 21.83 -29.32
CA PRO H 232 -56.77 22.03 -29.14
C PRO H 232 -57.47 20.79 -28.65
N PHE H 233 -56.83 19.63 -28.79
CA PHE H 233 -57.25 18.45 -28.07
C PHE H 233 -56.14 18.06 -27.10
N ASP H 234 -56.37 18.34 -25.82
CA ASP H 234 -55.68 17.71 -24.71
C ASP H 234 -56.37 16.41 -24.37
N GLY H 235 -57.36 16.08 -25.17
CA GLY H 235 -58.45 15.20 -24.85
C GLY H 235 -59.60 15.99 -24.28
N MET H 236 -60.80 15.65 -24.72
CA MET H 236 -62.00 16.06 -24.03
C MET H 236 -62.53 14.93 -23.18
N ILE H 237 -61.93 13.74 -23.28
CA ILE H 237 -62.09 12.68 -22.30
C ILE H 237 -61.02 12.88 -21.25
N THR H 238 -61.40 12.73 -20.00
CA THR H 238 -60.47 12.92 -18.90
C THR H 238 -59.85 11.60 -18.48
N GLU H 239 -58.61 11.65 -18.03
CA GLU H 239 -57.78 10.47 -17.79
C GLU H 239 -57.99 9.88 -16.39
N THR H 240 -58.96 10.40 -15.65
CA THR H 240 -58.97 10.25 -14.21
C THR H 240 -59.39 8.86 -13.76
N LYS H 241 -59.62 8.76 -12.45
CA LYS H 241 -60.03 7.60 -11.67
C LYS H 241 -59.08 6.41 -11.67
N GLY H 242 -59.63 5.19 -11.59
CA GLY H 242 -58.88 4.06 -11.06
C GLY H 242 -57.90 3.42 -12.02
N THR H 243 -58.32 3.12 -13.24
CA THR H 243 -57.54 2.35 -14.20
C THR H 243 -56.64 3.27 -15.03
N VAL H 244 -56.55 4.53 -14.66
CA VAL H 244 -56.03 5.64 -15.46
C VAL H 244 -57.00 5.76 -16.64
N LEU H 245 -58.18 5.17 -16.47
CA LEU H 245 -59.32 5.34 -17.35
C LEU H 245 -60.55 5.57 -16.49
N ILE H 246 -60.91 4.54 -15.69
CA ILE H 246 -62.11 4.53 -14.87
C ILE H 246 -61.78 3.94 -13.51
N LYS H 247 -62.64 4.21 -12.53
CA LYS H 247 -62.58 3.59 -11.22
C LYS H 247 -63.85 2.80 -10.95
N THR H 248 -64.93 3.53 -10.67
CA THR H 248 -66.25 2.96 -10.47
C THR H 248 -66.75 2.44 -11.82
N ALA H 249 -67.58 1.40 -11.77
CA ALA H 249 -68.20 0.90 -13.00
C ALA H 249 -69.03 1.98 -13.68
N GLU H 250 -69.54 2.94 -12.89
CA GLU H 250 -70.33 4.02 -13.46
C GLU H 250 -69.46 5.05 -14.16
N GLU H 251 -68.14 4.97 -13.97
CA GLU H 251 -67.26 6.01 -14.49
C GLU H 251 -67.22 6.01 -16.02
N LEU H 252 -67.04 4.85 -16.66
CA LEU H 252 -66.73 4.81 -18.09
C LEU H 252 -67.79 5.50 -18.93
N MET H 253 -69.05 5.47 -18.51
CA MET H 253 -70.13 6.01 -19.33
C MET H 253 -69.90 7.49 -19.64
N ASN H 254 -69.49 8.27 -18.63
CA ASN H 254 -69.31 9.71 -18.83
C ASN H 254 -67.98 10.03 -19.49
N PHE H 255 -66.97 9.17 -19.32
CA PHE H 255 -65.69 9.40 -19.99
C PHE H 255 -65.84 9.40 -21.51
N SER H 256 -66.52 8.39 -22.05
CA SER H 256 -66.54 8.19 -23.50
C SER H 256 -67.29 9.32 -24.20
N LYS H 257 -68.50 9.63 -23.75
CA LYS H 257 -69.36 10.56 -24.48
C LYS H 257 -68.90 12.01 -24.29
N GLY H 258 -68.33 12.32 -23.13
CA GLY H 258 -67.91 13.69 -22.87
C GLY H 258 -66.91 14.22 -23.88
N GLU H 259 -65.98 13.36 -24.32
CA GLU H 259 -65.06 13.76 -25.37
C GLU H 259 -65.80 14.23 -26.62
N GLU H 260 -66.86 13.52 -26.99
CA GLU H 260 -67.61 13.82 -28.21
C GLU H 260 -68.16 15.24 -28.18
N ASN H 261 -69.13 15.50 -27.30
CA ASN H 261 -69.87 16.75 -27.35
C ASN H 261 -68.96 17.94 -27.08
N LEU H 262 -68.01 17.80 -26.15
CA LEU H 262 -66.98 18.82 -26.03
C LEU H 262 -66.28 19.05 -27.36
N MET H 263 -65.62 18.02 -27.90
CA MET H 263 -65.08 18.14 -29.25
C MET H 263 -66.13 18.55 -30.26
N ASP H 264 -67.37 18.06 -30.12
CA ASP H 264 -68.43 18.56 -30.98
C ASP H 264 -68.56 20.06 -30.85
N ALA H 265 -68.78 20.55 -29.62
CA ALA H 265 -68.77 21.99 -29.40
C ALA H 265 -67.44 22.59 -29.81
N GLN H 266 -66.33 21.91 -29.48
CA GLN H 266 -65.01 22.36 -29.88
C GLN H 266 -64.92 22.50 -31.40
N VAL H 267 -65.28 21.44 -32.13
CA VAL H 267 -65.20 21.49 -33.58
C VAL H 267 -66.36 22.30 -34.16
N LYS H 268 -67.51 22.32 -33.50
CA LYS H 268 -68.51 23.31 -33.85
C LYS H 268 -67.96 24.71 -33.64
N ALA H 269 -67.34 24.97 -32.48
CA ALA H 269 -66.75 26.28 -32.26
C ALA H 269 -65.60 26.56 -33.22
N ILE H 270 -65.01 25.51 -33.81
CA ILE H 270 -64.12 25.72 -34.94
C ILE H 270 -64.91 26.31 -36.11
N ALA H 271 -66.11 25.78 -36.36
CA ALA H 271 -66.99 26.38 -37.36
C ALA H 271 -67.64 27.65 -36.82
N ASP H 272 -67.85 27.71 -35.50
CA ASP H 272 -68.46 28.90 -34.92
C ASP H 272 -67.55 30.10 -35.05
N THR H 273 -66.25 29.92 -34.78
CA THR H 273 -65.32 30.98 -35.09
C THR H 273 -65.09 31.09 -36.59
N GLY H 274 -65.27 29.98 -37.32
CA GLY H 274 -65.18 30.01 -38.77
C GLY H 274 -63.87 29.48 -39.32
N ALA H 275 -63.07 28.82 -38.49
CA ALA H 275 -61.84 28.23 -38.99
C ALA H 275 -62.17 27.18 -40.04
N ASN H 276 -61.56 27.35 -41.22
CA ASN H 276 -61.84 26.43 -42.32
C ASN H 276 -60.82 25.29 -42.38
N VAL H 277 -59.75 25.35 -41.59
CA VAL H 277 -58.90 24.21 -41.33
C VAL H 277 -58.61 24.19 -39.84
N VAL H 278 -58.69 23.02 -39.23
CA VAL H 278 -58.34 22.84 -37.82
C VAL H 278 -56.99 22.13 -37.77
N VAL H 279 -56.09 22.66 -36.96
CA VAL H 279 -54.74 22.12 -36.84
C VAL H 279 -54.53 21.74 -35.39
N THR H 280 -54.39 20.44 -35.14
CA THR H 280 -54.24 19.92 -33.78
C THR H 280 -52.84 19.35 -33.62
N GLY H 281 -52.01 20.04 -32.85
CA GLY H 281 -50.80 19.41 -32.38
C GLY H 281 -51.20 18.42 -31.31
N GLY H 282 -52.35 18.68 -30.69
CA GLY H 282 -53.02 17.71 -29.87
C GLY H 282 -53.54 16.56 -30.71
N LYS H 283 -54.13 15.58 -30.02
CA LYS H 283 -54.49 14.32 -30.67
C LYS H 283 -55.61 14.53 -31.69
N VAL H 284 -55.75 13.53 -32.56
CA VAL H 284 -56.91 13.41 -33.42
C VAL H 284 -57.92 12.46 -32.80
N ALA H 285 -59.21 12.78 -32.95
CA ALA H 285 -60.29 11.91 -32.50
C ALA H 285 -61.34 11.79 -33.59
N ASP H 286 -61.79 10.55 -33.84
CA ASP H 286 -62.66 10.27 -34.97
C ASP H 286 -63.97 11.06 -34.89
N MET H 287 -64.56 11.15 -33.69
CA MET H 287 -65.71 12.03 -33.53
C MET H 287 -65.38 13.45 -33.94
N ALA H 288 -64.43 14.08 -33.25
CA ALA H 288 -63.91 15.37 -33.68
C ALA H 288 -63.55 15.34 -35.15
N LEU H 289 -62.87 14.27 -35.58
CA LEU H 289 -62.65 14.07 -37.01
C LEU H 289 -63.97 14.05 -37.77
N HIS H 290 -64.92 13.24 -37.32
CA HIS H 290 -66.23 13.25 -37.97
C HIS H 290 -66.91 14.59 -37.80
N TYR H 291 -66.73 15.23 -36.64
CA TYR H 291 -67.16 16.62 -36.52
C TYR H 291 -66.44 17.49 -37.54
N ALA H 292 -65.11 17.39 -37.59
CA ALA H 292 -64.37 18.05 -38.66
C ALA H 292 -64.77 17.52 -40.02
N ASN H 293 -65.36 16.32 -40.07
CA ASN H 293 -65.96 15.87 -41.32
C ASN H 293 -67.34 16.49 -41.51
N LYS H 294 -68.15 16.54 -40.45
CA LYS H 294 -69.40 17.29 -40.51
C LYS H 294 -69.14 18.74 -40.86
N TYR H 295 -68.50 19.47 -39.94
CA TYR H 295 -68.21 20.88 -40.17
C TYR H 295 -67.23 21.08 -41.31
N ASN H 296 -66.68 20.00 -41.84
CA ASN H 296 -65.91 20.00 -43.09
C ASN H 296 -64.67 20.86 -42.96
N ILE H 297 -64.11 20.91 -41.77
CA ILE H 297 -62.94 21.72 -41.48
C ILE H 297 -61.73 20.81 -41.46
N MET H 298 -60.81 21.01 -42.40
CA MET H 298 -59.68 20.12 -42.59
C MET H 298 -58.88 20.01 -41.30
N LEU H 299 -58.47 18.79 -40.97
CA LEU H 299 -57.89 18.49 -39.67
C LEU H 299 -56.42 18.12 -39.80
N VAL H 300 -55.64 18.53 -38.81
CA VAL H 300 -54.23 18.18 -38.71
C VAL H 300 -54.07 17.39 -37.41
N ARG H 301 -53.58 16.16 -37.52
CA ARG H 301 -53.62 15.25 -36.37
C ARG H 301 -52.52 15.55 -35.36
N LEU H 302 -51.34 15.93 -35.84
CA LEU H 302 -50.21 16.13 -34.96
C LEU H 302 -49.28 17.18 -35.55
N ASN H 303 -48.57 17.89 -34.68
CA ASN H 303 -47.73 18.98 -35.12
C ASN H 303 -46.40 18.97 -34.41
N SER H 304 -45.33 19.05 -35.19
CA SER H 304 -44.10 19.65 -34.74
C SER H 304 -44.39 21.13 -34.52
N LYS H 305 -43.62 21.76 -33.64
CA LYS H 305 -43.73 23.21 -33.56
C LYS H 305 -43.49 23.84 -34.92
N TRP H 306 -42.52 23.31 -35.67
CA TRP H 306 -42.24 23.78 -37.02
C TRP H 306 -43.53 23.91 -37.83
N ASP H 307 -44.40 22.92 -37.73
CA ASP H 307 -45.75 23.07 -38.25
C ASP H 307 -46.44 24.28 -37.64
N LEU H 308 -46.72 24.20 -36.34
CA LEU H 308 -47.32 25.33 -35.63
C LEU H 308 -46.56 26.61 -35.86
N ARG H 309 -45.23 26.58 -35.67
CA ARG H 309 -44.39 27.73 -35.92
C ARG H 309 -44.65 28.35 -37.28
N ARG H 310 -44.41 27.60 -38.36
CA ARG H 310 -44.67 28.14 -39.69
C ARG H 310 -46.11 28.56 -39.85
N LEU H 311 -47.05 27.71 -39.42
CA LEU H 311 -48.45 28.12 -39.40
C LEU H 311 -48.63 29.41 -38.61
N CYS H 312 -48.01 29.49 -37.44
CA CYS H 312 -47.96 30.77 -36.73
C CYS H 312 -47.20 31.80 -37.55
N LYS H 313 -46.01 31.43 -38.05
CA LYS H 313 -45.25 32.32 -38.90
C LYS H 313 -46.03 32.75 -40.13
N THR H 314 -46.35 31.81 -41.02
CA THR H 314 -46.81 32.17 -42.35
C THR H 314 -48.26 32.63 -42.33
N VAL H 315 -49.17 31.75 -41.94
CA VAL H 315 -50.61 32.07 -41.96
C VAL H 315 -50.89 33.35 -41.18
N GLY H 316 -50.04 33.69 -40.24
CA GLY H 316 -50.42 34.59 -39.18
C GLY H 316 -51.24 33.90 -38.13
N ALA H 317 -51.28 32.57 -38.17
CA ALA H 317 -51.98 31.78 -37.18
C ALA H 317 -51.27 31.87 -35.83
N THR H 318 -51.99 31.47 -34.80
CA THR H 318 -51.45 31.37 -33.44
C THR H 318 -51.89 30.03 -32.87
N ALA H 319 -50.92 29.15 -32.62
CA ALA H 319 -51.22 27.81 -32.11
C ALA H 319 -51.41 27.88 -30.59
N LEU H 320 -52.60 27.53 -30.12
CA LEU H 320 -52.89 27.56 -28.70
C LEU H 320 -53.68 26.30 -28.34
N PRO H 321 -53.39 25.68 -27.20
CA PRO H 321 -54.28 24.60 -26.75
C PRO H 321 -55.66 25.15 -26.48
N ARG H 322 -56.67 24.55 -27.10
CA ARG H 322 -58.05 24.93 -26.89
C ARG H 322 -58.83 23.79 -26.27
N LEU H 323 -59.05 23.86 -24.96
CA LEU H 323 -60.12 23.07 -24.38
C LEU H 323 -61.39 23.87 -24.24
N THR H 324 -61.38 25.06 -24.73
CA THR H 324 -61.78 26.40 -25.12
C THR H 324 -62.35 26.40 -26.53
N PRO H 325 -63.50 27.02 -26.73
CA PRO H 325 -64.00 27.24 -28.08
C PRO H 325 -62.97 27.98 -28.91
N PRO H 326 -62.62 27.48 -30.08
CA PRO H 326 -61.64 28.17 -30.92
C PRO H 326 -62.16 29.56 -31.27
N VAL H 327 -61.23 30.51 -31.32
CA VAL H 327 -61.53 31.87 -31.72
C VAL H 327 -60.52 32.28 -32.78
N LEU H 328 -61.02 32.68 -33.94
CA LEU H 328 -60.14 33.08 -35.01
C LEU H 328 -59.49 34.41 -34.64
N GLU H 329 -58.18 34.35 -34.53
CA GLU H 329 -57.23 35.45 -34.40
C GLU H 329 -56.22 35.08 -35.46
N GLU H 330 -55.83 33.81 -35.40
CA GLU H 330 -55.13 33.14 -36.49
C GLU H 330 -55.75 33.50 -37.84
N MET H 331 -57.09 33.47 -37.91
CA MET H 331 -57.87 33.81 -39.09
C MET H 331 -57.39 33.04 -40.32
N GLY H 332 -57.47 33.66 -41.50
CA GLY H 332 -56.88 33.09 -42.70
C GLY H 332 -55.67 33.88 -43.18
N HIS H 333 -54.90 33.24 -44.06
CA HIS H 333 -54.03 33.97 -44.98
C HIS H 333 -54.10 33.36 -46.38
N CYS H 334 -53.60 32.14 -46.50
CA CYS H 334 -53.35 31.50 -47.78
C CYS H 334 -54.62 31.37 -48.59
N ASP H 335 -54.56 31.85 -49.83
CA ASP H 335 -55.72 31.87 -50.71
C ASP H 335 -56.10 30.49 -51.24
N SER H 336 -55.17 29.54 -51.27
CA SER H 336 -55.55 28.18 -51.62
C SER H 336 -54.96 27.23 -50.57
N VAL H 337 -55.86 26.60 -49.81
CA VAL H 337 -55.49 25.81 -48.64
C VAL H 337 -56.04 24.39 -48.84
N TYR H 338 -55.16 23.43 -49.08
CA TYR H 338 -55.50 22.16 -49.74
C TYR H 338 -55.17 20.96 -48.88
N LEU H 339 -55.77 19.83 -49.28
CA LEU H 339 -55.20 18.50 -49.07
C LEU H 339 -54.45 18.15 -50.35
N SER H 340 -53.34 17.44 -50.23
CA SER H 340 -52.68 16.89 -51.40
C SER H 340 -51.87 15.67 -50.98
N GLU H 341 -51.60 14.79 -51.93
CA GLU H 341 -50.64 13.72 -51.73
C GLU H 341 -49.41 14.01 -52.56
N VAL H 342 -48.33 14.39 -51.89
CA VAL H 342 -47.07 14.74 -52.52
C VAL H 342 -46.03 13.79 -51.97
N GLY H 343 -45.28 13.16 -52.86
CA GLY H 343 -44.72 11.86 -52.55
C GLY H 343 -45.78 10.82 -52.31
N ASP H 344 -47.03 11.16 -52.62
CA ASP H 344 -48.22 10.40 -52.27
C ASP H 344 -48.35 10.21 -50.77
N THR H 345 -47.66 11.04 -50.00
CA THR H 345 -47.92 11.21 -48.58
C THR H 345 -49.02 12.24 -48.45
N GLN H 346 -49.94 12.03 -47.52
CA GLN H 346 -50.92 13.08 -47.25
C GLN H 346 -50.19 14.36 -46.90
N VAL H 347 -50.41 15.40 -47.66
CA VAL H 347 -49.66 16.64 -47.51
C VAL H 347 -50.64 17.78 -47.29
N VAL H 348 -50.54 18.38 -46.11
CA VAL H 348 -51.33 19.55 -45.76
C VAL H 348 -50.76 20.71 -46.57
N VAL H 349 -51.62 21.35 -47.36
CA VAL H 349 -51.17 22.29 -48.38
C VAL H 349 -51.91 23.59 -48.22
N PHE H 350 -51.20 24.64 -47.88
CA PHE H 350 -51.74 25.99 -47.95
C PHE H 350 -50.94 26.72 -49.01
N LYS H 351 -51.61 27.55 -49.80
CA LYS H 351 -50.88 28.27 -50.84
C LYS H 351 -51.48 29.66 -50.98
N HIS H 352 -50.61 30.64 -51.05
CA HIS H 352 -50.96 32.00 -51.45
C HIS H 352 -49.76 32.58 -52.19
N GLU H 353 -50.05 33.30 -53.27
CA GLU H 353 -48.98 33.74 -54.15
C GLU H 353 -48.95 35.26 -54.23
N LYS H 354 -47.80 35.82 -53.87
CA LYS H 354 -47.57 37.25 -53.76
C LYS H 354 -46.11 37.50 -54.11
N GLU H 355 -45.81 38.67 -54.69
CA GLU H 355 -44.41 38.95 -55.00
C GLU H 355 -43.55 38.88 -53.75
N ASP H 356 -44.12 39.25 -52.61
CA ASP H 356 -43.54 39.01 -51.30
C ASP H 356 -44.62 38.50 -50.37
N GLY H 357 -44.33 37.41 -49.67
CA GLY H 357 -45.30 36.71 -48.88
C GLY H 357 -45.77 35.40 -49.47
N ALA H 358 -45.49 35.15 -50.75
CA ALA H 358 -45.85 33.87 -51.36
C ALA H 358 -45.03 32.75 -50.75
N ILE H 359 -45.73 31.72 -50.31
CA ILE H 359 -45.11 30.44 -50.00
C ILE H 359 -44.91 29.70 -51.31
N SER H 360 -43.65 29.47 -51.66
CA SER H 360 -43.34 28.50 -52.71
C SER H 360 -42.51 27.41 -52.05
N THR H 361 -43.15 26.33 -51.64
CA THR H 361 -42.63 25.50 -50.57
C THR H 361 -41.84 24.34 -51.12
N ILE H 362 -40.54 24.37 -50.91
CA ILE H 362 -39.67 23.27 -51.33
C ILE H 362 -40.20 22.00 -50.68
N VAL H 363 -40.54 21.02 -51.50
CA VAL H 363 -40.92 19.71 -51.00
C VAL H 363 -39.87 18.70 -51.41
N LEU H 364 -39.13 18.21 -50.44
CA LEU H 364 -38.16 17.19 -50.75
C LEU H 364 -38.78 15.83 -50.56
N ARG H 365 -39.07 15.17 -51.67
CA ARG H 365 -39.24 13.73 -51.64
C ARG H 365 -37.83 13.20 -51.51
N GLY H 366 -37.62 12.22 -50.65
CA GLY H 366 -36.28 11.67 -50.52
C GLY H 366 -36.29 10.27 -49.98
N SER H 367 -35.29 9.50 -50.38
CA SER H 367 -35.14 8.13 -49.94
C SER H 367 -34.55 8.03 -48.55
N THR H 368 -33.70 8.97 -48.15
CA THR H 368 -33.02 8.91 -46.86
C THR H 368 -33.06 10.27 -46.20
N ASP H 369 -33.66 10.33 -45.00
CA ASP H 369 -33.52 11.48 -44.13
C ASP H 369 -32.07 11.91 -43.99
N ASN H 370 -31.21 11.04 -43.47
CA ASN H 370 -29.81 11.38 -43.20
C ASN H 370 -29.16 12.01 -44.42
N LEU H 371 -29.66 11.66 -45.61
CA LEU H 371 -29.27 12.37 -46.82
C LEU H 371 -30.14 13.61 -47.02
N MET H 372 -31.45 13.40 -47.15
CA MET H 372 -32.38 14.48 -47.50
C MET H 372 -32.25 15.68 -46.56
N ASP H 373 -31.79 15.49 -45.32
CA ASP H 373 -31.50 16.63 -44.47
C ASP H 373 -30.18 17.29 -44.82
N ASP H 374 -29.19 16.49 -45.25
CA ASP H 374 -27.97 17.09 -45.78
C ASP H 374 -28.18 17.55 -47.21
N ILE H 375 -28.99 16.81 -47.97
CA ILE H 375 -29.47 17.34 -49.24
C ILE H 375 -30.18 18.65 -49.00
N GLU H 376 -30.99 18.72 -47.93
CA GLU H 376 -31.55 19.98 -47.49
C GLU H 376 -30.45 20.99 -47.17
N ARG H 377 -29.39 20.53 -46.52
CA ARG H 377 -28.32 21.42 -46.04
C ARG H 377 -27.73 22.26 -47.16
N ALA H 378 -27.33 21.61 -48.26
CA ALA H 378 -26.71 22.34 -49.37
C ALA H 378 -27.70 23.27 -50.05
N VAL H 379 -28.88 22.76 -50.41
CA VAL H 379 -29.91 23.61 -51.00
C VAL H 379 -30.26 24.75 -50.05
N ASP H 380 -30.40 24.44 -48.76
CA ASP H 380 -30.50 25.48 -47.74
C ASP H 380 -29.43 26.53 -47.95
N ASP H 381 -28.16 26.14 -47.81
CA ASP H 381 -27.08 27.11 -47.87
C ASP H 381 -26.83 27.57 -49.30
N GLY H 382 -27.40 26.85 -50.28
CA GLY H 382 -27.38 27.34 -51.65
C GLY H 382 -28.39 28.45 -51.87
N VAL H 383 -29.63 28.26 -51.44
CA VAL H 383 -30.64 29.30 -51.60
C VAL H 383 -30.38 30.44 -50.62
N ASN H 384 -29.78 30.12 -49.47
CA ASN H 384 -29.32 31.19 -48.60
C ASN H 384 -28.11 31.91 -49.20
N THR H 385 -27.33 31.24 -50.04
CA THR H 385 -26.39 31.95 -50.89
C THR H 385 -27.10 32.66 -52.03
N PHE H 386 -28.15 32.05 -52.59
CA PHE H 386 -29.07 32.84 -53.40
C PHE H 386 -29.54 34.05 -52.64
N LYS H 387 -29.65 33.94 -51.32
CA LYS H 387 -30.01 35.15 -50.60
C LYS H 387 -28.74 35.99 -50.55
N VAL H 388 -28.80 37.10 -51.26
CA VAL H 388 -27.85 38.19 -51.30
C VAL H 388 -28.75 39.39 -51.14
N LEU H 389 -29.85 39.35 -51.90
CA LEU H 389 -30.81 40.42 -52.09
C LEU H 389 -30.15 41.48 -52.94
N THR H 390 -29.24 41.03 -53.77
CA THR H 390 -28.92 41.70 -55.03
C THR H 390 -29.23 40.69 -56.12
N ARG H 391 -30.26 40.97 -56.92
CA ARG H 391 -30.55 40.16 -58.10
C ARG H 391 -29.34 40.06 -59.00
N ASP H 392 -28.47 41.08 -58.99
CA ASP H 392 -27.18 41.04 -59.66
C ASP H 392 -26.16 40.96 -58.53
N LYS H 393 -25.55 39.80 -58.37
CA LYS H 393 -24.76 39.48 -57.18
C LYS H 393 -23.31 39.90 -57.32
N ARG H 394 -22.98 40.67 -58.37
CA ARG H 394 -21.63 41.13 -58.67
C ARG H 394 -20.64 39.96 -58.52
N LEU H 395 -20.83 38.98 -59.38
CA LEU H 395 -20.23 37.68 -59.20
C LEU H 395 -18.72 37.75 -59.30
N VAL H 396 -18.05 36.89 -58.55
CA VAL H 396 -16.61 36.73 -58.57
C VAL H 396 -16.39 35.25 -58.83
N PRO H 397 -15.17 34.81 -59.16
CA PRO H 397 -14.95 33.37 -59.37
C PRO H 397 -15.42 32.54 -58.19
N GLY H 398 -16.26 31.55 -58.48
CA GLY H 398 -16.78 30.66 -57.46
C GLY H 398 -15.94 29.41 -57.35
N GLY H 399 -15.99 28.80 -56.17
CA GLY H 399 -14.99 27.82 -55.84
C GLY H 399 -13.59 28.38 -55.74
N GLY H 400 -13.46 29.71 -55.72
CA GLY H 400 -12.18 30.36 -55.54
C GLY H 400 -11.20 30.29 -56.68
N ALA H 401 -11.53 30.78 -57.87
CA ALA H 401 -10.45 31.16 -58.78
C ALA H 401 -9.89 32.52 -58.40
N THR H 402 -10.49 33.15 -57.38
CA THR H 402 -10.04 34.46 -56.92
C THR H 402 -8.66 34.40 -56.31
N GLU H 403 -8.44 33.49 -55.35
CA GLU H 403 -7.28 33.60 -54.45
C GLU H 403 -5.99 33.78 -55.23
N ILE H 404 -5.83 33.02 -56.32
CA ILE H 404 -4.61 33.12 -57.11
C ILE H 404 -4.44 34.54 -57.64
N GLU H 405 -5.53 35.19 -58.04
CA GLU H 405 -5.44 36.58 -58.46
C GLU H 405 -4.98 37.44 -57.30
N LEU H 406 -5.62 37.28 -56.13
CA LEU H 406 -5.30 38.12 -54.99
C LEU H 406 -3.99 37.73 -54.34
N ALA H 407 -3.74 36.42 -54.19
CA ALA H 407 -2.42 35.98 -53.73
C ALA H 407 -1.33 36.60 -54.60
N LYS H 408 -1.62 36.80 -55.89
CA LYS H 408 -0.76 37.65 -56.71
C LYS H 408 -0.93 39.12 -56.35
N GLN H 409 -2.18 39.57 -56.23
CA GLN H 409 -2.43 41.00 -56.01
C GLN H 409 -1.70 41.55 -54.80
N ILE H 410 -1.95 40.98 -53.62
CA ILE H 410 -1.51 41.64 -52.41
C ILE H 410 -0.01 41.53 -52.24
N THR H 411 0.50 40.33 -51.95
CA THR H 411 1.89 40.21 -51.49
C THR H 411 2.87 40.88 -52.45
N SER H 412 2.57 40.88 -53.74
CA SER H 412 3.31 41.73 -54.66
C SER H 412 3.20 43.19 -54.24
N TYR H 413 1.99 43.74 -54.34
CA TYR H 413 1.70 45.01 -53.71
C TYR H 413 2.12 45.01 -52.24
N GLY H 414 2.01 43.86 -51.58
CA GLY H 414 2.34 43.77 -50.17
C GLY H 414 3.74 44.26 -49.86
N GLU H 415 4.70 43.99 -50.74
CA GLU H 415 6.03 44.55 -50.52
C GLU H 415 6.07 46.02 -50.91
N THR H 416 5.32 46.41 -51.94
CA THR H 416 5.32 47.80 -52.38
C THR H 416 4.98 48.73 -51.23
N CYS H 417 3.82 48.52 -50.61
CA CYS H 417 3.57 49.12 -49.32
C CYS H 417 4.61 48.62 -48.34
N PRO H 418 5.43 49.53 -47.80
CA PRO H 418 6.62 49.10 -47.07
C PRO H 418 6.43 48.93 -45.58
N GLY H 419 7.53 48.65 -44.88
CA GLY H 419 7.54 48.53 -43.44
C GLY H 419 6.97 47.20 -43.00
N LEU H 420 7.39 46.77 -41.81
CA LEU H 420 7.11 45.43 -41.32
C LEU H 420 5.65 45.04 -41.44
N GLU H 421 4.74 46.01 -41.47
CA GLU H 421 3.38 45.75 -41.91
C GLU H 421 3.36 45.00 -43.24
N GLN H 422 4.29 45.34 -44.14
CA GLN H 422 4.29 44.72 -45.46
C GLN H 422 4.31 43.21 -45.34
N TYR H 423 5.03 42.68 -44.36
CA TYR H 423 5.11 41.23 -44.20
C TYR H 423 3.76 40.68 -43.76
N ALA H 424 3.13 41.33 -42.79
CA ALA H 424 1.74 41.02 -42.49
C ALA H 424 0.87 41.27 -43.73
N ILE H 425 1.16 42.32 -44.48
CA ILE H 425 0.48 42.48 -45.76
C ILE H 425 0.86 41.36 -46.73
N LYS H 426 2.11 40.91 -46.67
CA LYS H 426 2.51 39.81 -47.54
C LYS H 426 2.03 38.47 -47.00
N LYS H 427 2.08 38.28 -45.67
CA LYS H 427 1.39 37.12 -45.09
C LYS H 427 -0.09 37.13 -45.41
N PHE H 428 -0.66 38.32 -45.62
CA PHE H 428 -2.07 38.44 -45.96
C PHE H 428 -2.42 37.70 -47.24
N ALA H 429 -1.51 37.72 -48.24
CA ALA H 429 -1.83 37.14 -49.53
C ALA H 429 -1.58 35.64 -49.56
N GLU H 430 -1.19 35.08 -48.43
CA GLU H 430 -0.80 33.67 -48.37
C GLU H 430 -1.99 32.76 -48.13
N ALA H 431 -2.71 32.94 -47.01
CA ALA H 431 -3.76 32.00 -46.63
C ALA H 431 -4.89 31.94 -47.65
N PHE H 432 -4.84 32.80 -48.67
CA PHE H 432 -5.69 32.59 -49.86
C PHE H 432 -5.62 31.16 -50.34
N GLU H 433 -4.42 30.57 -50.33
CA GLU H 433 -4.19 29.27 -50.92
C GLU H 433 -4.97 28.16 -50.19
N ALA H 434 -5.63 28.51 -49.07
CA ALA H 434 -6.36 27.51 -48.27
C ALA H 434 -7.28 26.66 -49.12
N ILE H 435 -8.30 27.26 -49.74
CA ILE H 435 -9.25 26.47 -50.53
C ILE H 435 -8.57 25.86 -51.75
N PRO H 436 -7.71 26.58 -52.48
CA PRO H 436 -6.88 25.87 -53.47
C PRO H 436 -6.16 24.68 -52.88
N ARG H 437 -5.76 24.77 -51.62
CA ARG H 437 -5.26 23.61 -50.89
C ARG H 437 -6.40 22.73 -50.42
N ALA H 438 -7.43 23.35 -49.84
CA ALA H 438 -8.53 22.59 -49.25
C ALA H 438 -9.28 21.78 -50.30
N LEU H 439 -9.34 22.29 -51.52
CA LEU H 439 -9.80 21.44 -52.60
C LEU H 439 -8.73 20.43 -52.97
N ALA H 440 -7.50 20.89 -53.21
CA ALA H 440 -6.39 19.96 -53.44
C ALA H 440 -6.25 19.00 -52.28
N GLU H 441 -6.74 19.38 -51.10
CA GLU H 441 -6.90 18.43 -50.02
C GLU H 441 -7.81 17.29 -50.45
N ASN H 442 -9.09 17.58 -50.64
CA ASN H 442 -10.03 16.56 -51.07
C ASN H 442 -9.81 16.18 -52.53
N SER H 443 -9.09 17.01 -53.29
CA SER H 443 -8.65 16.58 -54.62
C SER H 443 -7.40 15.74 -54.54
N GLY H 444 -6.53 15.99 -53.56
CA GLY H 444 -5.41 15.10 -53.31
C GLY H 444 -4.04 15.54 -53.77
N VAL H 445 -3.85 16.82 -54.11
CA VAL H 445 -2.52 17.27 -54.52
C VAL H 445 -2.03 18.41 -53.65
N LYS H 446 -0.84 18.92 -53.97
CA LYS H 446 -0.20 19.97 -53.20
C LYS H 446 -0.69 21.33 -53.65
N ALA H 447 -1.02 22.18 -52.68
CA ALA H 447 -1.36 23.56 -52.97
C ALA H 447 -0.21 24.27 -53.67
N ASN H 448 1.02 23.93 -53.32
CA ASN H 448 2.17 24.47 -54.03
C ASN H 448 2.11 24.11 -55.50
N GLU H 449 2.02 22.80 -55.78
CA GLU H 449 1.69 22.34 -57.12
C GLU H 449 0.50 23.11 -57.69
N VAL H 450 -0.55 23.27 -56.89
CA VAL H 450 -1.68 24.11 -57.27
C VAL H 450 -1.22 25.53 -57.58
N ILE H 451 -0.74 26.23 -56.56
CA ILE H 451 -0.52 27.66 -56.70
C ILE H 451 0.57 27.96 -57.71
N SER H 452 1.61 27.12 -57.78
CA SER H 452 2.66 27.32 -58.76
C SER H 452 2.09 27.36 -60.17
N LYS H 453 1.23 26.40 -60.49
CA LYS H 453 0.51 26.42 -61.75
C LYS H 453 -0.55 27.51 -61.79
N LEU H 454 -1.17 27.81 -60.66
CA LEU H 454 -2.27 28.77 -60.65
C LEU H 454 -1.75 30.17 -60.39
N TYR H 455 -0.47 30.29 -60.04
CA TYR H 455 0.25 31.52 -60.31
C TYR H 455 0.65 31.58 -61.77
N ALA H 456 0.95 30.42 -62.36
CA ALA H 456 1.31 30.35 -63.77
C ALA H 456 0.10 30.59 -64.67
N VAL H 457 -1.12 30.35 -64.19
CA VAL H 457 -2.28 30.84 -64.90
C VAL H 457 -2.40 32.35 -64.80
N HIS H 458 -1.65 32.97 -63.90
CA HIS H 458 -1.54 34.41 -63.74
C HIS H 458 -2.90 35.07 -63.73
N GLN H 459 -3.08 36.14 -64.49
CA GLN H 459 -4.34 36.85 -64.41
C GLN H 459 -5.38 36.05 -65.18
N GLU H 460 -6.34 35.50 -64.44
CA GLU H 460 -7.24 34.51 -64.98
C GLU H 460 -8.67 34.78 -64.54
N GLY H 461 -8.92 34.64 -63.25
CA GLY H 461 -10.25 34.63 -62.71
C GLY H 461 -11.03 33.38 -63.03
N ASN H 462 -10.48 32.48 -63.83
CA ASN H 462 -11.19 31.33 -64.35
C ASN H 462 -10.61 30.02 -63.86
N LYS H 463 -9.46 29.64 -64.40
CA LYS H 463 -8.77 28.42 -64.02
C LYS H 463 -8.52 28.38 -62.52
N ASN H 464 -8.89 27.26 -61.89
CA ASN H 464 -8.50 27.01 -60.50
C ASN H 464 -8.87 25.57 -60.17
N VAL H 465 -8.75 25.21 -58.90
CA VAL H 465 -9.01 23.83 -58.48
C VAL H 465 -10.51 23.56 -58.40
N GLY H 466 -10.85 22.42 -57.83
CA GLY H 466 -12.17 21.83 -57.92
C GLY H 466 -12.08 20.41 -57.41
N LEU H 467 -12.93 19.53 -57.90
CA LEU H 467 -12.79 18.11 -57.63
C LEU H 467 -12.12 17.44 -58.83
N ASP H 468 -12.14 16.10 -58.83
CA ASP H 468 -11.52 15.22 -59.83
C ASP H 468 -10.02 15.40 -59.97
N ILE H 469 -9.50 15.18 -61.18
CA ILE H 469 -8.05 15.26 -61.39
C ILE H 469 -7.67 16.61 -61.97
N GLU H 470 -8.66 17.37 -62.42
CA GLU H 470 -8.35 18.67 -63.00
C GLU H 470 -8.11 19.70 -61.91
N ALA H 471 -8.46 19.36 -60.68
CA ALA H 471 -7.90 20.05 -59.53
C ALA H 471 -6.60 19.39 -59.07
N GLU H 472 -6.30 18.20 -59.60
CA GLU H 472 -5.10 17.50 -59.17
C GLU H 472 -3.88 17.86 -60.00
N VAL H 473 -3.80 17.29 -61.21
CA VAL H 473 -2.59 17.44 -62.01
C VAL H 473 -2.41 18.86 -62.52
N PRO H 474 -3.35 19.46 -63.27
CA PRO H 474 -3.18 20.87 -63.62
C PRO H 474 -3.47 21.77 -62.44
N ALA H 475 -4.32 21.27 -61.54
CA ALA H 475 -5.02 22.09 -60.55
C ALA H 475 -5.87 23.14 -61.24
N VAL H 476 -6.21 22.88 -62.50
CA VAL H 476 -6.87 23.85 -63.37
C VAL H 476 -8.27 23.35 -63.66
N LYS H 477 -9.26 24.02 -63.08
CA LYS H 477 -10.64 23.94 -63.49
C LYS H 477 -11.13 25.36 -63.54
N ASP H 478 -12.05 25.66 -64.43
CA ASP H 478 -12.38 27.05 -64.67
C ASP H 478 -13.44 27.43 -63.64
N MET H 479 -13.03 28.20 -62.65
CA MET H 479 -13.85 28.55 -61.50
C MET H 479 -14.44 29.94 -61.68
N LEU H 480 -14.13 30.56 -62.79
CA LEU H 480 -15.07 31.47 -63.41
C LEU H 480 -16.14 30.71 -64.17
N GLU H 481 -15.78 30.05 -65.27
CA GLU H 481 -16.78 29.26 -65.98
C GLU H 481 -16.44 27.78 -65.94
N ALA H 482 -16.99 27.13 -64.92
CA ALA H 482 -17.45 25.75 -64.99
C ALA H 482 -18.96 25.87 -65.12
N GLY H 483 -19.42 27.11 -65.17
CA GLY H 483 -20.74 27.47 -64.72
C GLY H 483 -20.75 27.96 -63.30
N ILE H 484 -19.59 27.99 -62.65
CA ILE H 484 -19.46 28.24 -61.23
C ILE H 484 -18.82 29.61 -61.05
N LEU H 485 -19.60 30.59 -60.61
CA LEU H 485 -19.05 31.77 -59.95
C LEU H 485 -19.61 31.86 -58.55
N ASP H 486 -19.18 32.89 -57.83
CA ASP H 486 -19.75 33.21 -56.53
C ASP H 486 -19.91 34.71 -56.44
N THR H 487 -20.83 35.16 -55.60
CA THR H 487 -21.07 36.57 -55.41
C THR H 487 -19.86 37.20 -54.73
N TYR H 488 -19.56 38.43 -55.14
CA TYR H 488 -18.57 39.22 -54.43
C TYR H 488 -18.90 39.33 -52.95
N LEU H 489 -20.19 39.33 -52.62
CA LEU H 489 -20.61 39.70 -51.28
C LEU H 489 -20.24 38.62 -50.27
N GLY H 490 -20.78 37.41 -50.43
CA GLY H 490 -20.37 36.30 -49.59
C GLY H 490 -18.86 36.15 -49.55
N LYS H 491 -18.20 36.36 -50.69
CA LYS H 491 -16.75 36.50 -50.66
C LYS H 491 -16.33 37.71 -49.85
N TYR H 492 -16.93 38.87 -50.13
CA TYR H 492 -16.53 40.11 -49.48
C TYR H 492 -16.60 40.00 -47.96
N TRP H 493 -17.61 39.29 -47.44
CA TRP H 493 -17.71 39.18 -45.99
C TRP H 493 -16.59 38.35 -45.41
N ALA H 494 -16.36 37.15 -45.96
CA ALA H 494 -15.40 36.22 -45.40
C ALA H 494 -14.07 36.90 -45.11
N ILE H 495 -13.54 37.61 -46.11
CA ILE H 495 -12.36 38.44 -45.85
C ILE H 495 -12.64 39.40 -44.71
N LYS H 496 -13.63 40.27 -44.89
CA LYS H 496 -14.02 41.21 -43.84
C LYS H 496 -14.26 40.49 -42.51
N LEU H 497 -15.13 39.49 -42.52
CA LEU H 497 -15.41 38.75 -41.30
C LEU H 497 -14.15 38.13 -40.72
N ALA H 498 -13.54 37.19 -41.46
CA ALA H 498 -12.37 36.50 -40.94
C ALA H 498 -11.22 37.47 -40.69
N THR H 499 -11.34 38.71 -41.14
CA THR H 499 -10.41 39.72 -40.69
C THR H 499 -10.62 40.03 -39.21
N ASN H 500 -11.87 40.09 -38.77
CA ASN H 500 -12.18 40.66 -37.47
C ASN H 500 -11.78 39.73 -36.34
N ALA H 501 -12.46 38.58 -36.24
CA ALA H 501 -12.22 37.65 -35.15
C ALA H 501 -10.76 37.23 -35.08
N ALA H 502 -10.19 36.84 -36.23
CA ALA H 502 -8.77 36.51 -36.29
C ALA H 502 -7.93 37.62 -35.67
N VAL H 503 -8.01 38.83 -36.20
CA VAL H 503 -7.40 39.99 -35.54
C VAL H 503 -7.76 40.01 -34.07
N THR H 504 -9.06 39.88 -33.76
CA THR H 504 -9.51 39.95 -32.37
C THR H 504 -8.85 38.90 -31.52
N VAL H 505 -9.12 37.62 -31.81
CA VAL H 505 -8.75 36.52 -30.93
C VAL H 505 -7.25 36.53 -30.61
N LEU H 506 -6.44 37.14 -31.47
CA LEU H 506 -5.03 37.32 -31.14
C LEU H 506 -4.84 38.34 -30.03
N ARG H 507 -5.61 39.42 -30.02
CA ARG H 507 -5.34 40.54 -29.13
C ARG H 507 -5.46 40.14 -27.67
N VAL H 508 -6.11 39.00 -27.38
CA VAL H 508 -6.56 38.77 -26.02
C VAL H 508 -5.67 37.75 -25.32
N ASP H 509 -4.90 38.24 -24.35
CA ASP H 509 -3.99 37.39 -23.58
C ASP H 509 -4.61 36.90 -22.28
N GLN H 510 -5.90 37.09 -22.08
CA GLN H 510 -6.54 36.64 -20.85
C GLN H 510 -7.66 35.65 -21.20
N MET I 1 13.41 -11.79 -30.75
CA MET I 1 12.67 -12.01 -31.99
C MET I 1 11.17 -12.04 -31.76
N GLU I 2 10.47 -12.81 -32.59
CA GLU I 2 9.02 -12.85 -32.60
C GLU I 2 8.52 -14.27 -32.29
N GLY I 3 7.37 -14.33 -31.62
CA GLY I 3 6.73 -15.58 -31.32
C GLY I 3 7.49 -16.40 -30.31
N PRO I 4 7.67 -17.69 -30.61
CA PRO I 4 8.39 -18.56 -29.67
C PRO I 4 9.82 -18.09 -29.41
N LEU I 5 10.15 -17.94 -28.13
CA LEU I 5 11.50 -17.61 -27.68
C LEU I 5 12.25 -18.86 -27.17
N SER I 6 11.59 -20.02 -27.25
CA SER I 6 11.99 -21.22 -26.51
C SER I 6 13.33 -21.81 -26.94
N VAL I 7 13.77 -21.59 -28.19
CA VAL I 7 14.99 -22.21 -28.68
C VAL I 7 15.84 -21.15 -29.39
N PHE I 8 17.12 -21.11 -29.01
CA PHE I 8 18.08 -20.22 -29.62
C PHE I 8 18.60 -20.88 -30.90
N GLY I 9 19.66 -20.32 -31.46
CA GLY I 9 20.29 -20.92 -32.62
C GLY I 9 19.63 -20.48 -33.92
N ASP I 10 19.03 -19.30 -33.90
CA ASP I 10 18.21 -18.80 -35.01
C ASP I 10 17.20 -19.85 -35.46
N ARG I 11 16.73 -20.66 -34.52
CA ARG I 11 15.65 -21.58 -34.80
C ARG I 11 14.41 -20.94 -34.19
N SER I 12 13.62 -20.27 -35.03
CA SER I 12 12.32 -19.80 -34.60
C SER I 12 11.26 -20.72 -35.20
N THR I 13 11.72 -21.70 -35.98
CA THR I 13 10.87 -22.79 -36.45
C THR I 13 9.67 -22.29 -37.24
N GLY I 14 9.90 -21.86 -38.47
CA GLY I 14 8.79 -21.44 -39.31
C GLY I 14 8.54 -19.95 -39.29
N GLU I 15 7.28 -19.59 -39.53
CA GLU I 15 6.92 -18.25 -39.96
C GLU I 15 7.61 -17.17 -39.15
N THR I 16 7.79 -17.40 -37.85
CA THR I 16 8.56 -16.48 -37.02
C THR I 16 9.91 -16.16 -37.65
N ILE I 17 10.83 -17.12 -37.70
CA ILE I 17 12.11 -16.84 -38.36
C ILE I 17 11.88 -16.46 -39.82
N ARG I 18 10.95 -17.13 -40.49
CA ARG I 18 10.60 -16.73 -41.86
C ARG I 18 10.26 -15.26 -41.92
N SER I 19 9.38 -14.79 -41.03
CA SER I 19 9.10 -13.37 -40.95
C SER I 19 10.28 -12.62 -40.38
N GLN I 20 10.91 -13.14 -39.32
CA GLN I 20 12.15 -12.55 -38.85
C GLN I 20 13.18 -12.51 -39.97
N ASN I 21 13.05 -13.38 -40.95
CA ASN I 21 13.83 -13.23 -42.17
C ASN I 21 13.24 -12.13 -43.06
N VAL I 22 11.93 -12.16 -43.33
CA VAL I 22 11.36 -11.11 -44.18
C VAL I 22 11.55 -9.76 -43.52
N MET I 23 11.51 -9.72 -42.18
CA MET I 23 11.92 -8.51 -41.46
C MET I 23 13.34 -8.14 -41.83
N ALA I 24 14.30 -9.01 -41.51
CA ALA I 24 15.68 -8.78 -41.93
C ALA I 24 15.78 -8.54 -43.43
N ALA I 25 15.02 -9.32 -44.22
CA ALA I 25 15.03 -9.11 -45.67
C ALA I 25 14.49 -7.75 -46.03
N ALA I 26 13.35 -7.36 -45.44
CA ALA I 26 12.86 -6.00 -45.67
C ALA I 26 13.71 -4.98 -44.93
N SER I 27 14.56 -5.44 -44.00
CA SER I 27 15.42 -4.51 -43.29
C SER I 27 16.61 -4.07 -44.14
N ILE I 28 17.24 -5.00 -44.85
CA ILE I 28 18.48 -4.69 -45.55
C ILE I 28 18.19 -3.91 -46.83
N ALA I 29 17.11 -4.26 -47.52
CA ALA I 29 16.85 -3.69 -48.84
C ALA I 29 16.46 -2.21 -48.75
N ASN I 30 16.24 -1.72 -47.53
CA ASN I 30 15.76 -0.36 -47.35
C ASN I 30 16.75 0.68 -47.83
N ILE I 31 18.03 0.52 -47.50
CA ILE I 31 19.04 1.49 -47.92
C ILE I 31 19.06 1.60 -49.43
N VAL I 32 19.07 0.46 -50.10
CA VAL I 32 18.95 0.38 -51.56
C VAL I 32 17.79 1.17 -52.10
N LYS I 33 16.61 1.08 -51.48
CA LYS I 33 15.44 1.81 -51.97
C LYS I 33 15.75 3.30 -52.07
N SER I 34 16.16 3.92 -50.97
CA SER I 34 16.55 5.33 -51.01
C SER I 34 17.77 5.55 -51.89
N SER I 35 18.58 4.52 -52.12
CA SER I 35 19.76 4.60 -52.96
C SER I 35 19.49 4.15 -54.39
N LEU I 36 18.26 3.76 -54.70
CA LEU I 36 17.97 3.16 -56.00
C LEU I 36 17.94 4.23 -57.09
N GLY I 37 18.62 3.93 -58.20
CA GLY I 37 18.71 4.86 -59.31
C GLY I 37 19.69 5.97 -59.02
N PRO I 38 20.09 6.69 -60.08
CA PRO I 38 20.90 7.90 -59.86
C PRO I 38 20.22 8.93 -58.99
N VAL I 39 18.91 8.85 -58.83
CA VAL I 39 18.16 9.75 -57.95
C VAL I 39 18.13 9.14 -56.56
N GLY I 40 18.79 8.00 -56.40
CA GLY I 40 19.00 7.44 -55.09
C GLY I 40 19.95 8.30 -54.27
N LEU I 41 19.53 8.58 -53.05
CA LEU I 41 20.24 9.50 -52.17
C LEU I 41 21.62 8.95 -51.83
N ASP I 42 22.52 9.84 -51.45
CA ASP I 42 23.90 9.46 -51.21
C ASP I 42 24.16 9.35 -49.71
N LYS I 43 24.49 8.14 -49.26
CA LYS I 43 24.48 7.82 -47.83
C LYS I 43 25.87 7.97 -47.23
N MET I 44 26.01 8.98 -46.36
CA MET I 44 27.17 9.07 -45.48
C MET I 44 26.98 7.99 -44.42
N LEU I 45 27.93 7.07 -44.32
CA LEU I 45 27.75 5.88 -43.51
C LEU I 45 28.98 5.70 -42.63
N VAL I 46 28.78 5.80 -41.32
CA VAL I 46 29.87 5.73 -40.35
C VAL I 46 30.53 4.36 -40.42
N ASP I 47 31.84 4.35 -40.63
CA ASP I 47 32.61 3.12 -40.62
C ASP I 47 32.93 2.63 -39.21
N ASP I 48 33.40 3.53 -38.33
CA ASP I 48 33.56 3.20 -36.92
C ASP I 48 32.79 4.18 -36.05
N ILE I 49 33.35 5.37 -35.85
CA ILE I 49 32.63 6.48 -35.22
C ILE I 49 32.84 7.76 -36.04
N GLY I 50 34.08 8.24 -36.09
CA GLY I 50 34.43 9.35 -36.96
C GLY I 50 34.73 8.84 -38.34
N ASP I 51 35.01 7.53 -38.44
CA ASP I 51 35.21 6.86 -39.70
C ASP I 51 33.87 6.71 -40.40
N VAL I 52 33.77 7.23 -41.62
CA VAL I 52 32.50 7.25 -42.33
C VAL I 52 32.76 6.92 -43.80
N THR I 53 31.69 6.63 -44.53
CA THR I 53 31.72 6.51 -45.97
C THR I 53 30.44 7.10 -46.54
N ILE I 54 30.59 7.91 -47.58
CA ILE I 54 29.46 8.51 -48.27
C ILE I 54 29.24 7.76 -49.57
N THR I 55 28.19 6.94 -49.60
CA THR I 55 27.96 6.05 -50.74
C THR I 55 26.48 5.94 -51.03
N ASN I 56 26.14 6.11 -52.30
CA ASN I 56 24.80 5.78 -52.77
C ASN I 56 24.70 4.41 -53.42
N ASP I 57 25.77 3.61 -53.45
CA ASP I 57 25.73 2.28 -54.03
C ASP I 57 25.44 1.27 -52.94
N GLY I 58 24.26 0.66 -53.00
CA GLY I 58 23.87 -0.32 -52.00
C GLY I 58 24.88 -1.43 -51.85
N ALA I 59 25.36 -1.95 -52.97
CA ALA I 59 26.41 -2.97 -52.93
C ALA I 59 27.61 -2.48 -52.14
N THR I 60 28.17 -1.32 -52.53
CA THR I 60 29.22 -0.71 -51.73
C THR I 60 28.78 -0.51 -50.29
N ILE I 61 27.55 -0.02 -50.09
CA ILE I 61 26.98 0.08 -48.75
C ILE I 61 27.00 -1.29 -48.08
N LEU I 62 26.42 -2.29 -48.74
CA LEU I 62 26.44 -3.67 -48.24
C LEU I 62 27.83 -4.12 -47.84
N LYS I 63 28.84 -3.79 -48.64
CA LYS I 63 30.18 -4.31 -48.39
C LYS I 63 30.73 -3.80 -47.06
N LEU I 64 30.48 -2.54 -46.73
CA LEU I 64 30.78 -2.08 -45.38
C LEU I 64 29.89 -2.78 -44.36
N LEU I 65 28.63 -3.02 -44.71
CA LEU I 65 27.67 -3.60 -43.78
C LEU I 65 27.99 -5.05 -43.51
N GLU I 66 27.43 -5.58 -42.43
CA GLU I 66 27.60 -6.97 -42.05
C GLU I 66 26.24 -7.65 -42.03
N VAL I 67 26.24 -8.99 -42.10
CA VAL I 67 25.00 -9.72 -42.25
C VAL I 67 24.64 -10.40 -40.93
N GLU I 68 23.55 -9.94 -40.33
CA GLU I 68 23.16 -10.39 -39.00
C GLU I 68 22.14 -11.52 -39.07
N HIS I 69 21.70 -11.86 -40.27
CA HIS I 69 20.78 -12.96 -40.47
C HIS I 69 21.10 -13.63 -41.79
N PRO I 70 20.73 -14.90 -41.96
CA PRO I 70 20.77 -15.48 -43.31
C PRO I 70 19.97 -14.66 -44.29
N ALA I 71 18.82 -14.13 -43.87
CA ALA I 71 18.09 -13.17 -44.70
C ALA I 71 18.96 -11.96 -45.01
N ALA I 72 19.63 -11.40 -44.01
CA ALA I 72 20.61 -10.36 -44.27
C ALA I 72 21.75 -10.90 -45.13
N LYS I 73 22.10 -12.17 -44.94
CA LYS I 73 23.27 -12.73 -45.61
C LYS I 73 22.98 -13.09 -47.07
N VAL I 74 21.86 -13.76 -47.34
CA VAL I 74 21.64 -14.31 -48.68
C VAL I 74 21.49 -13.21 -49.71
N LEU I 75 20.99 -12.04 -49.29
CA LEU I 75 20.86 -10.93 -50.22
C LEU I 75 22.21 -10.24 -50.44
N CYS I 76 22.99 -10.04 -49.38
CA CYS I 76 24.24 -9.30 -49.51
C CYS I 76 25.23 -10.03 -50.39
N GLU I 77 25.02 -11.32 -50.63
CA GLU I 77 25.75 -11.99 -51.71
C GLU I 77 25.13 -11.65 -53.05
N LEU I 78 23.90 -12.12 -53.28
CA LEU I 78 23.24 -11.97 -54.58
C LEU I 78 23.26 -10.53 -55.07
N ALA I 79 23.13 -9.58 -54.14
CA ALA I 79 23.27 -8.18 -54.50
C ALA I 79 24.70 -7.87 -54.93
N ASP I 80 25.68 -8.25 -54.09
CA ASP I 80 27.06 -8.08 -54.46
C ASP I 80 27.46 -9.04 -55.58
N LEU I 81 26.72 -10.14 -55.75
CA LEU I 81 26.95 -11.01 -56.90
C LEU I 81 26.45 -10.36 -58.19
N GLN I 82 25.25 -9.78 -58.16
CA GLN I 82 24.82 -8.97 -59.30
C GLN I 82 25.72 -7.76 -59.47
N ASP I 83 26.24 -7.23 -58.36
CA ASP I 83 27.34 -6.28 -58.45
C ASP I 83 28.57 -6.95 -59.05
N LYS I 84 28.86 -8.18 -58.63
CA LYS I 84 29.98 -8.92 -59.19
C LYS I 84 29.76 -9.21 -60.67
N GLU I 85 28.51 -9.38 -61.09
CA GLU I 85 28.18 -9.52 -62.50
C GLU I 85 28.72 -8.31 -63.26
N VAL I 86 28.13 -7.15 -62.99
CA VAL I 86 28.57 -5.88 -63.56
C VAL I 86 28.76 -4.81 -62.48
N GLY I 87 27.72 -4.54 -61.71
CA GLY I 87 27.52 -3.26 -61.07
C GLY I 87 26.33 -2.51 -61.62
N ASP I 88 25.77 -2.97 -62.73
CA ASP I 88 24.43 -2.59 -63.19
C ASP I 88 23.44 -3.63 -62.69
N GLY I 89 22.51 -3.20 -61.84
CA GLY I 89 21.60 -4.12 -61.22
C GLY I 89 21.90 -4.42 -59.76
N THR I 90 22.93 -3.80 -59.19
CA THR I 90 23.19 -3.90 -57.76
C THR I 90 21.92 -3.63 -56.96
N THR I 91 21.45 -2.39 -56.97
CA THR I 91 20.22 -2.02 -56.30
C THR I 91 19.02 -2.78 -56.84
N SER I 92 19.04 -3.11 -58.14
CA SER I 92 17.92 -3.81 -58.75
C SER I 92 17.61 -5.11 -58.03
N VAL I 93 18.56 -6.04 -58.00
CA VAL I 93 18.30 -7.36 -57.42
C VAL I 93 17.89 -7.25 -55.96
N VAL I 94 18.42 -6.24 -55.25
CA VAL I 94 18.26 -6.19 -53.80
C VAL I 94 16.79 -6.27 -53.40
N ILE I 95 16.00 -5.28 -53.83
CA ILE I 95 14.70 -5.04 -53.19
C ILE I 95 13.75 -6.22 -53.39
N ILE I 96 13.55 -6.65 -54.64
CA ILE I 96 12.49 -7.61 -54.96
C ILE I 96 12.65 -8.88 -54.13
N ALA I 97 13.86 -9.14 -53.64
CA ALA I 97 14.09 -10.32 -52.84
C ALA I 97 13.24 -10.31 -51.57
N ALA I 98 13.10 -9.14 -50.94
CA ALA I 98 12.43 -9.07 -49.65
C ALA I 98 10.95 -9.39 -49.78
N GLU I 99 10.37 -9.14 -50.96
CA GLU I 99 8.95 -9.42 -51.17
C GLU I 99 8.72 -10.89 -51.47
N LEU I 100 9.61 -11.51 -52.25
CA LEU I 100 9.32 -12.83 -52.79
C LEU I 100 9.52 -13.94 -51.77
N LEU I 101 10.29 -13.68 -50.72
CA LEU I 101 10.56 -14.77 -49.79
C LEU I 101 9.49 -14.90 -48.71
N LYS I 102 8.55 -13.94 -48.63
CA LYS I 102 7.26 -14.26 -48.04
C LYS I 102 6.31 -14.81 -49.10
N ASN I 103 6.62 -14.56 -50.36
CA ASN I 103 5.81 -15.09 -51.46
C ASN I 103 6.22 -16.52 -51.79
N ALA I 104 7.52 -16.81 -51.74
CA ALA I 104 8.04 -18.09 -52.22
C ALA I 104 7.58 -19.26 -51.36
N ASP I 105 7.75 -19.14 -50.05
CA ASP I 105 7.51 -20.27 -49.16
C ASP I 105 6.05 -20.63 -49.13
N GLU I 106 5.18 -19.61 -49.20
CA GLU I 106 3.76 -19.79 -49.06
C GLU I 106 3.23 -20.85 -50.01
N LEU I 107 3.76 -20.87 -51.23
CA LEU I 107 3.39 -21.91 -52.19
C LEU I 107 4.21 -23.20 -52.02
N VAL I 108 5.53 -23.07 -51.80
CA VAL I 108 6.38 -24.26 -51.85
C VAL I 108 6.22 -25.09 -50.60
N LYS I 109 5.70 -24.48 -49.53
CA LYS I 109 5.35 -25.23 -48.34
C LYS I 109 4.31 -26.30 -48.63
N GLN I 110 3.32 -25.99 -49.47
CA GLN I 110 2.18 -26.87 -49.68
C GLN I 110 2.55 -28.13 -50.46
N LYS I 111 3.82 -28.26 -50.84
CA LYS I 111 4.33 -29.50 -51.40
C LYS I 111 3.57 -29.85 -52.68
N ILE I 112 2.83 -30.98 -52.66
CA ILE I 112 2.15 -31.54 -53.83
C ILE I 112 3.07 -31.46 -55.04
N HIS I 113 4.09 -32.32 -55.05
CA HIS I 113 5.29 -32.20 -55.87
C HIS I 113 6.01 -30.90 -55.49
N PRO I 114 6.62 -30.87 -54.30
CA PRO I 114 7.15 -29.60 -53.77
C PRO I 114 8.22 -28.95 -54.63
N THR I 115 8.76 -29.67 -55.62
CA THR I 115 9.95 -29.23 -56.33
C THR I 115 9.74 -27.89 -57.05
N SER I 116 8.61 -27.75 -57.77
CA SER I 116 8.58 -26.85 -58.92
C SER I 116 8.03 -25.47 -58.56
N VAL I 117 7.71 -25.21 -57.30
CA VAL I 117 6.98 -23.99 -56.94
C VAL I 117 7.75 -22.74 -57.36
N ILE I 118 8.97 -22.57 -56.83
CA ILE I 118 9.66 -21.29 -57.00
C ILE I 118 10.06 -21.10 -58.45
N SER I 119 9.97 -22.15 -59.25
CA SER I 119 10.11 -22.01 -60.70
C SER I 119 9.00 -21.16 -61.27
N GLY I 120 7.86 -21.08 -60.57
CA GLY I 120 6.89 -20.04 -60.88
C GLY I 120 7.51 -18.66 -60.81
N TYR I 121 8.57 -18.50 -60.01
CA TYR I 121 9.33 -17.27 -60.05
C TYR I 121 10.51 -17.40 -61.00
N ARG I 122 10.73 -18.61 -61.53
CA ARG I 122 11.81 -18.83 -62.47
C ARG I 122 11.32 -18.74 -63.90
N LEU I 123 10.36 -19.61 -64.27
CA LEU I 123 9.75 -19.53 -65.59
C LEU I 123 9.32 -18.11 -65.92
N ALA I 124 8.92 -17.36 -64.90
CA ALA I 124 8.65 -15.94 -65.08
C ALA I 124 9.90 -15.20 -65.54
N CYS I 125 11.05 -15.47 -64.89
CA CYS I 125 12.30 -14.90 -65.36
C CYS I 125 12.57 -15.27 -66.82
N LYS I 126 12.47 -16.57 -67.13
CA LYS I 126 12.45 -17.00 -68.53
C LYS I 126 11.47 -16.18 -69.35
N GLU I 127 10.18 -16.24 -68.98
CA GLU I 127 9.17 -15.43 -69.64
C GLU I 127 9.62 -13.97 -69.75
N ALA I 128 10.26 -13.45 -68.69
CA ALA I 128 10.80 -12.11 -68.76
C ALA I 128 12.02 -12.02 -69.66
N VAL I 129 13.03 -12.88 -69.41
CA VAL I 129 14.27 -12.86 -70.20
C VAL I 129 13.96 -12.84 -71.69
N ARG I 130 13.08 -13.73 -72.13
CA ARG I 130 12.62 -13.71 -73.52
C ARG I 130 12.16 -12.31 -73.92
N TYR I 131 11.12 -11.81 -73.26
CA TYR I 131 10.69 -10.42 -73.47
C TYR I 131 11.84 -9.44 -73.26
N ILE I 132 12.66 -9.69 -72.24
CA ILE I 132 13.83 -8.83 -72.01
C ILE I 132 14.81 -8.94 -73.18
N ASN I 133 14.85 -10.08 -73.84
CA ASN I 133 15.62 -10.18 -75.08
C ASN I 133 14.90 -9.47 -76.22
N GLU I 134 13.64 -9.10 -76.00
CA GLU I 134 12.82 -8.58 -77.09
C GLU I 134 12.78 -7.05 -77.12
N ASN I 135 13.44 -6.37 -76.18
CA ASN I 135 13.18 -4.94 -76.07
C ASN I 135 14.24 -4.12 -76.75
N LEU I 136 13.96 -3.71 -77.98
CA LEU I 136 14.60 -2.56 -78.60
C LEU I 136 13.68 -1.36 -78.57
N ILE I 137 12.46 -1.52 -78.05
CA ILE I 137 11.47 -0.45 -78.00
C ILE I 137 12.05 0.81 -77.38
N VAL I 138 12.90 0.65 -76.37
CA VAL I 138 13.62 1.76 -75.76
C VAL I 138 15.06 1.32 -75.61
N ASN I 139 15.97 2.28 -75.40
CA ASN I 139 17.39 2.00 -75.26
C ASN I 139 17.99 1.39 -76.53
N THR I 140 18.10 2.17 -77.59
CA THR I 140 18.83 1.62 -78.74
C THR I 140 20.13 2.38 -79.02
N ASP I 141 21.26 1.77 -78.67
CA ASP I 141 22.53 2.07 -79.32
C ASP I 141 22.90 1.03 -80.36
N GLU I 142 22.07 -0.01 -80.52
CA GLU I 142 22.27 -0.99 -81.58
C GLU I 142 22.28 -0.30 -82.93
N LEU I 143 21.27 0.50 -83.19
CA LEU I 143 21.36 1.52 -84.22
C LEU I 143 20.49 2.69 -83.82
N GLY I 144 21.01 3.88 -84.07
CA GLY I 144 20.23 5.11 -84.06
C GLY I 144 20.07 5.62 -85.48
N ARG I 145 19.57 6.85 -85.58
CA ARG I 145 19.52 7.56 -86.85
C ARG I 145 20.91 7.91 -87.34
N ASP I 146 21.72 8.54 -86.50
CA ASP I 146 23.15 8.60 -86.78
C ASP I 146 23.90 7.41 -86.20
N CYS I 147 23.19 6.41 -85.68
CA CYS I 147 23.77 5.28 -84.97
C CYS I 147 24.57 5.78 -83.79
N LEU I 148 25.79 5.25 -83.60
CA LEU I 148 26.57 5.56 -82.41
C LEU I 148 26.78 7.05 -82.21
N ILE I 149 26.73 7.85 -83.28
CA ILE I 149 26.71 9.30 -83.10
C ILE I 149 25.51 9.71 -82.27
N ASN I 150 24.30 9.62 -82.85
CA ASN I 150 23.09 10.00 -82.14
C ASN I 150 22.90 9.11 -80.91
N ALA I 151 23.21 7.82 -81.04
CA ALA I 151 23.22 6.94 -79.87
C ALA I 151 24.06 7.52 -78.75
N ALA I 152 25.25 8.03 -79.08
CA ALA I 152 26.03 8.75 -78.09
C ALA I 152 25.46 10.15 -77.86
N LYS I 153 24.93 10.78 -78.91
CA LYS I 153 24.32 12.09 -78.72
C LYS I 153 23.14 12.01 -77.75
N THR I 154 22.28 11.01 -77.94
CA THR I 154 21.22 10.79 -76.96
C THR I 154 21.82 10.28 -75.65
N SER I 155 22.96 9.60 -75.72
CA SER I 155 23.69 9.24 -74.51
C SER I 155 24.41 10.44 -73.92
N MET I 156 25.02 11.28 -74.77
CA MET I 156 25.41 12.61 -74.36
C MET I 156 24.21 13.50 -74.09
N SER I 157 23.01 13.10 -74.52
CA SER I 157 21.81 13.65 -73.94
C SER I 157 21.45 12.97 -72.63
N SER I 158 21.78 11.68 -72.48
CA SER I 158 21.57 11.03 -71.19
C SER I 158 22.49 11.58 -70.12
N LYS I 159 23.76 11.82 -70.43
CA LYS I 159 24.60 12.66 -69.61
C LYS I 159 24.92 13.94 -70.38
N ILE I 160 24.30 15.06 -69.96
CA ILE I 160 24.43 16.27 -70.73
C ILE I 160 24.67 17.47 -69.81
N ILE I 161 25.84 18.09 -69.96
CA ILE I 161 26.16 19.31 -69.22
C ILE I 161 26.00 20.55 -70.06
N GLY I 162 25.64 20.42 -71.35
CA GLY I 162 25.75 21.50 -72.32
C GLY I 162 25.27 21.07 -73.69
N ILE I 163 25.75 21.72 -74.76
CA ILE I 163 25.39 21.29 -76.11
C ILE I 163 26.32 20.13 -76.48
N ASN I 164 27.14 19.72 -75.51
CA ASN I 164 27.99 18.55 -75.71
C ASN I 164 27.14 17.36 -76.16
N GLY I 165 27.72 16.55 -77.04
CA GLY I 165 26.94 15.61 -77.82
C GLY I 165 26.85 16.05 -79.26
N ASP I 166 27.55 17.13 -79.59
CA ASP I 166 27.70 17.54 -80.97
C ASP I 166 29.00 16.95 -81.51
N PHE I 167 30.14 17.45 -81.04
CA PHE I 167 31.40 16.75 -81.26
C PHE I 167 31.45 15.48 -80.42
N PHE I 168 30.79 15.50 -79.26
CA PHE I 168 30.90 14.45 -78.27
C PHE I 168 30.08 13.22 -78.63
N ALA I 169 29.04 13.38 -79.45
CA ALA I 169 28.45 12.24 -80.11
C ALA I 169 29.47 11.54 -81.00
N ASN I 170 30.29 12.33 -81.69
CA ASN I 170 31.29 11.79 -82.60
C ASN I 170 32.50 11.25 -81.87
N MET I 171 32.92 11.90 -80.78
CA MET I 171 34.04 11.40 -80.00
C MET I 171 33.80 9.98 -79.51
N VAL I 172 32.64 9.72 -78.93
CA VAL I 172 32.33 8.37 -78.46
C VAL I 172 32.38 7.39 -79.62
N VAL I 173 31.93 7.80 -80.80
CA VAL I 173 32.17 7.02 -82.01
C VAL I 173 33.66 6.92 -82.27
N ASP I 174 34.37 8.05 -82.15
CA ASP I 174 35.81 8.03 -82.30
C ASP I 174 36.45 7.20 -81.22
N ALA I 175 35.86 7.18 -80.02
CA ALA I 175 36.47 6.53 -78.87
C ALA I 175 36.48 5.02 -79.02
N VAL I 176 35.31 4.41 -79.30
CA VAL I 176 35.24 2.96 -79.39
C VAL I 176 36.20 2.43 -80.44
N LEU I 177 36.37 3.17 -81.55
CA LEU I 177 37.32 2.81 -82.57
C LEU I 177 38.75 3.26 -82.27
N ALA I 178 38.92 4.33 -81.48
CA ALA I 178 40.25 4.70 -81.02
C ALA I 178 40.92 3.52 -80.34
N ILE I 179 40.18 2.81 -79.49
CA ILE I 179 40.68 1.58 -78.89
C ILE I 179 40.56 0.43 -79.88
N LYS I 180 41.68 -0.24 -80.14
CA LYS I 180 41.73 -1.49 -80.89
C LYS I 180 42.51 -2.48 -80.03
N TYR I 181 41.81 -3.48 -79.50
CA TYR I 181 42.44 -4.55 -78.74
C TYR I 181 41.68 -5.84 -78.99
N THR I 182 42.40 -6.95 -78.86
CA THR I 182 41.76 -8.24 -79.09
C THR I 182 40.57 -8.41 -78.17
N ASP I 183 39.40 -8.60 -78.78
CA ASP I 183 38.18 -8.85 -78.04
C ASP I 183 37.49 -10.03 -78.69
N ILE I 184 36.84 -10.84 -77.86
CA ILE I 184 36.63 -12.24 -78.15
C ILE I 184 35.15 -12.46 -78.42
N ARG I 185 34.86 -13.56 -79.14
CA ARG I 185 33.57 -13.87 -79.76
C ARG I 185 33.50 -13.13 -81.10
N GLY I 186 34.56 -12.39 -81.42
CA GLY I 186 34.63 -11.66 -82.66
C GLY I 186 34.31 -10.20 -82.56
N GLN I 187 34.31 -9.63 -81.36
CA GLN I 187 33.84 -8.28 -81.13
C GLN I 187 34.69 -7.24 -81.84
N PRO I 188 34.09 -6.47 -82.74
CA PRO I 188 34.62 -5.14 -83.07
C PRO I 188 34.48 -4.15 -81.92
N ARG I 189 33.61 -4.46 -80.96
CA ARG I 189 33.58 -3.75 -79.69
C ARG I 189 34.95 -3.79 -79.04
N TYR I 190 35.45 -2.62 -78.68
CA TYR I 190 36.74 -2.51 -78.03
C TYR I 190 36.58 -1.63 -76.80
N PRO I 191 37.29 -1.95 -75.71
CA PRO I 191 36.98 -1.34 -74.42
C PRO I 191 37.02 0.18 -74.46
N VAL I 192 35.98 0.79 -73.90
CA VAL I 192 35.73 2.21 -74.02
C VAL I 192 36.46 3.03 -72.97
N ASN I 193 36.98 2.40 -71.92
CA ASN I 193 37.72 3.08 -70.88
C ASN I 193 39.15 3.39 -71.27
N SER I 194 39.82 2.46 -71.95
CA SER I 194 41.19 2.64 -72.38
C SER I 194 41.38 3.72 -73.43
N VAL I 195 40.29 4.31 -73.94
CA VAL I 195 40.40 5.30 -75.00
C VAL I 195 41.33 6.41 -74.58
N ASN I 196 42.31 6.71 -75.42
CA ASN I 196 43.21 7.81 -75.14
C ASN I 196 42.39 9.09 -75.27
N ILE I 197 42.32 9.83 -74.18
CA ILE I 197 41.43 10.98 -74.05
C ILE I 197 42.19 12.03 -73.26
N LEU I 198 42.20 13.26 -73.77
CA LEU I 198 42.97 14.33 -73.16
C LEU I 198 42.09 15.54 -72.94
N LYS I 199 42.40 16.28 -71.88
CA LYS I 199 41.61 17.42 -71.46
C LYS I 199 42.32 18.71 -71.83
N ALA I 200 41.57 19.66 -72.39
CA ALA I 200 42.17 20.91 -72.84
C ALA I 200 41.39 22.08 -72.27
N HIS I 201 42.04 22.84 -71.38
CA HIS I 201 41.46 24.07 -70.89
C HIS I 201 41.53 25.16 -71.96
N GLY I 202 40.63 26.14 -71.84
CA GLY I 202 40.60 27.26 -72.74
C GLY I 202 39.92 26.92 -74.06
N ARG I 203 40.07 27.83 -75.01
CA ARG I 203 39.38 27.77 -76.30
C ARG I 203 37.89 27.69 -76.03
N SER I 204 37.18 26.82 -76.73
CA SER I 204 35.76 26.65 -76.52
C SER I 204 35.49 25.74 -75.32
N GLN I 205 34.47 26.11 -74.54
CA GLN I 205 33.98 25.22 -73.49
C GLN I 205 33.61 23.85 -74.04
N MET I 206 32.84 23.83 -75.14
CA MET I 206 32.40 22.58 -75.74
C MET I 206 33.02 22.45 -77.12
N GLU I 207 33.95 21.50 -77.25
CA GLU I 207 34.70 21.27 -78.47
C GLU I 207 35.60 20.06 -78.26
N SER I 208 36.04 19.44 -79.34
CA SER I 208 36.90 18.28 -79.24
C SER I 208 37.80 18.23 -80.47
N MET I 209 39.00 17.72 -80.27
CA MET I 209 39.93 17.50 -81.37
C MET I 209 40.44 16.07 -81.33
N LEU I 210 40.05 15.31 -82.35
CA LEU I 210 40.53 13.95 -82.53
C LEU I 210 41.92 13.95 -83.15
N ILE I 211 42.84 13.26 -82.48
CA ILE I 211 44.21 13.11 -82.93
C ILE I 211 44.30 11.89 -83.83
N SER I 212 44.85 12.08 -85.02
CA SER I 212 45.19 10.97 -85.91
C SER I 212 46.28 10.16 -85.23
N GLY I 213 46.04 8.86 -85.04
CA GLY I 213 46.87 8.06 -84.18
C GLY I 213 46.65 8.42 -82.72
N TYR I 214 47.28 7.65 -81.84
CA TYR I 214 47.20 7.97 -80.43
C TYR I 214 47.98 9.24 -80.13
N ALA I 215 47.41 10.08 -79.27
CA ALA I 215 48.04 11.32 -78.88
C ALA I 215 48.86 11.09 -77.62
N LEU I 216 50.18 11.18 -77.78
CA LEU I 216 51.12 10.97 -76.69
C LEU I 216 51.37 12.30 -75.99
N ASN I 217 50.99 12.37 -74.72
CA ASN I 217 51.27 13.56 -73.91
C ASN I 217 52.73 13.51 -73.48
N CYS I 218 53.49 14.51 -73.90
CA CYS I 218 54.92 14.58 -73.67
C CYS I 218 55.23 15.88 -72.95
N VAL I 219 56.20 15.84 -72.03
CA VAL I 219 56.43 16.96 -71.13
C VAL I 219 57.00 18.14 -71.90
N VAL I 220 56.39 19.32 -71.72
CA VAL I 220 56.92 20.59 -72.19
C VAL I 220 56.71 21.63 -71.08
N GLY I 221 57.58 22.63 -71.07
CA GLY I 221 57.58 23.64 -70.03
C GLY I 221 58.44 23.29 -68.83
N SER I 222 58.70 22.01 -68.62
CA SER I 222 59.64 21.56 -67.59
C SER I 222 61.00 21.33 -68.25
N GLN I 223 61.06 20.38 -69.18
CA GLN I 223 62.24 20.22 -70.03
C GLN I 223 62.17 21.27 -71.12
N GLY I 224 63.15 22.16 -71.14
CA GLY I 224 63.23 23.18 -72.16
C GLY I 224 64.06 22.70 -73.33
N MET I 225 64.66 21.52 -73.15
CA MET I 225 65.47 20.94 -74.20
C MET I 225 64.59 20.64 -75.42
N PRO I 226 65.08 20.93 -76.62
CA PRO I 226 64.32 20.54 -77.82
C PRO I 226 64.21 19.04 -77.93
N LYS I 227 62.97 18.56 -78.02
CA LYS I 227 62.70 17.20 -78.43
C LYS I 227 62.25 17.18 -79.88
N ARG I 228 62.22 18.35 -80.50
CA ARG I 228 61.41 18.59 -81.69
C ARG I 228 62.27 18.62 -82.94
N ILE I 229 62.10 17.60 -83.77
CA ILE I 229 62.39 17.66 -85.20
C ILE I 229 61.24 16.95 -85.90
N VAL I 230 60.57 17.66 -86.82
CA VAL I 230 59.50 17.01 -87.57
C VAL I 230 60.08 15.81 -88.29
N ASN I 231 59.52 14.64 -88.04
CA ASN I 231 60.16 13.40 -88.44
C ASN I 231 59.10 12.44 -88.98
N ALA I 232 59.53 11.28 -89.49
CA ALA I 232 58.59 10.23 -89.81
C ALA I 232 58.57 9.16 -88.72
N LYS I 233 59.45 9.29 -87.72
CA LYS I 233 59.75 8.20 -86.81
C LYS I 233 59.72 8.65 -85.36
N ILE I 234 59.51 7.69 -84.46
CA ILE I 234 59.63 7.87 -83.02
C ILE I 234 60.39 6.68 -82.45
N ALA I 235 61.33 6.95 -81.56
CA ALA I 235 62.01 5.91 -80.82
C ALA I 235 61.28 5.76 -79.48
N CYS I 236 60.56 4.65 -79.33
CA CYS I 236 59.79 4.38 -78.11
C CYS I 236 60.74 3.69 -77.13
N LEU I 237 60.96 4.32 -75.99
CA LEU I 237 61.92 3.84 -74.99
C LEU I 237 61.16 3.48 -73.72
N ASP I 238 61.45 2.31 -73.17
CA ASP I 238 61.31 2.19 -71.73
C ASP I 238 62.72 2.26 -71.16
N PHE I 239 63.10 3.45 -70.70
CA PHE I 239 64.47 3.70 -70.28
C PHE I 239 64.46 4.99 -69.48
N SER I 240 65.48 5.17 -68.64
CA SER I 240 65.49 6.31 -67.74
C SER I 240 66.90 6.89 -67.64
N LEU I 241 66.99 8.21 -67.60
CA LEU I 241 68.25 8.93 -67.51
C LEU I 241 68.31 9.66 -66.18
N GLN I 242 69.41 9.50 -65.44
CA GLN I 242 69.54 10.15 -64.15
C GLN I 242 70.98 10.62 -63.98
N LYS I 243 71.14 11.88 -63.58
CA LYS I 243 72.45 12.46 -63.33
C LYS I 243 72.87 12.37 -61.87
N THR I 244 72.12 11.68 -61.03
CA THR I 244 72.55 11.38 -59.67
C THR I 244 73.05 9.93 -59.63
N LYS I 245 72.19 8.93 -59.57
CA LYS I 245 72.64 7.55 -59.68
C LYS I 245 71.78 6.83 -60.71
N MET I 246 72.37 6.54 -61.86
CA MET I 246 71.69 5.89 -62.97
C MET I 246 71.67 4.37 -62.83
N LYS I 247 72.78 3.78 -62.37
CA LYS I 247 72.85 2.36 -62.05
C LYS I 247 73.35 2.20 -60.62
N LEU I 248 72.55 1.51 -59.80
CA LEU I 248 72.81 1.38 -58.38
C LEU I 248 73.64 0.14 -58.07
N GLY I 249 73.67 -0.23 -56.79
CA GLY I 249 74.53 -1.28 -56.30
C GLY I 249 75.69 -0.78 -55.46
N VAL I 250 75.67 0.50 -55.12
CA VAL I 250 76.67 1.10 -54.24
C VAL I 250 76.04 1.33 -52.87
N GLN I 251 76.88 1.17 -51.83
CA GLN I 251 76.43 1.23 -50.45
C GLN I 251 76.98 2.46 -49.76
N VAL I 252 76.07 3.24 -49.17
CA VAL I 252 76.45 4.33 -48.27
C VAL I 252 77.25 3.83 -47.07
N VAL I 253 77.24 2.50 -46.83
CA VAL I 253 77.97 1.90 -45.71
C VAL I 253 79.46 1.82 -45.94
N ILE I 254 79.90 1.66 -47.19
CA ILE I 254 81.32 1.43 -47.48
C ILE I 254 82.17 2.57 -46.93
N THR I 255 83.35 2.22 -46.41
CA THR I 255 84.26 3.22 -45.86
C THR I 255 84.65 4.24 -46.93
N ASP I 256 84.50 3.88 -48.20
CA ASP I 256 84.84 4.77 -49.30
C ASP I 256 83.59 5.45 -49.83
N PRO I 257 83.38 6.74 -49.57
CA PRO I 257 82.34 7.48 -50.31
C PRO I 257 82.71 7.69 -51.76
N GLU I 258 83.98 7.49 -52.11
CA GLU I 258 84.43 7.66 -53.48
C GLU I 258 83.70 6.71 -54.43
N LYS I 259 83.30 5.54 -53.94
CA LYS I 259 82.65 4.56 -54.81
C LYS I 259 81.26 5.03 -55.23
N LEU I 260 80.56 5.76 -54.36
CA LEU I 260 79.24 6.25 -54.72
C LEU I 260 79.33 7.49 -55.59
N ASP I 261 80.33 8.34 -55.32
CA ASP I 261 80.53 9.54 -56.15
C ASP I 261 81.04 9.17 -57.53
N GLN I 262 81.81 8.08 -57.63
CA GLN I 262 82.44 7.75 -58.91
C GLN I 262 81.41 7.37 -59.97
N ILE I 263 80.59 6.36 -59.69
CA ILE I 263 79.55 5.99 -60.65
C ILE I 263 78.53 7.10 -60.77
N ARG I 264 78.38 7.93 -59.74
CA ARG I 264 77.57 9.12 -59.88
C ARG I 264 78.18 10.09 -60.90
N GLN I 265 79.45 10.42 -60.71
CA GLN I 265 80.13 11.34 -61.63
C GLN I 265 80.14 10.78 -63.06
N ARG I 266 80.56 9.52 -63.22
CA ARG I 266 80.62 8.91 -64.55
C ARG I 266 79.25 8.81 -65.20
N GLU I 267 78.32 8.12 -64.54
CA GLU I 267 77.08 7.72 -65.20
C GLU I 267 76.05 8.84 -65.21
N SER I 268 76.39 10.01 -64.66
CA SER I 268 75.56 11.18 -64.87
C SER I 268 75.73 11.71 -66.29
N ASP I 269 76.92 11.54 -66.86
CA ASP I 269 77.23 12.13 -68.16
C ASP I 269 76.90 11.18 -69.30
N ILE I 270 76.59 9.91 -68.97
CA ILE I 270 76.21 8.96 -70.00
C ILE I 270 74.76 9.13 -70.39
N THR I 271 74.01 9.96 -69.66
CA THR I 271 72.61 10.16 -69.97
C THR I 271 72.43 10.79 -71.35
N LYS I 272 73.33 11.70 -71.72
CA LYS I 272 73.17 12.46 -72.95
C LYS I 272 73.87 11.78 -74.12
N GLU I 273 74.59 10.68 -73.86
CA GLU I 273 75.13 9.88 -74.95
C GLU I 273 74.09 8.92 -75.51
N ARG I 274 73.22 8.38 -74.63
CA ARG I 274 72.22 7.43 -75.08
C ARG I 274 71.38 7.99 -76.21
N ILE I 275 70.96 9.25 -76.08
CA ILE I 275 70.19 9.92 -77.13
C ILE I 275 71.02 10.06 -78.40
N GLN I 276 72.30 10.39 -78.26
CA GLN I 276 73.16 10.52 -79.43
C GLN I 276 73.31 9.18 -80.15
N LYS I 277 73.17 8.08 -79.40
CA LYS I 277 73.11 6.77 -80.04
C LYS I 277 71.78 6.57 -80.75
N ILE I 278 70.72 7.20 -80.23
CA ILE I 278 69.39 7.04 -80.84
C ILE I 278 69.25 7.97 -82.03
N LEU I 279 69.75 9.20 -81.90
CA LEU I 279 69.62 10.18 -82.98
C LEU I 279 70.39 9.73 -84.22
N ALA I 280 71.58 9.18 -84.02
CA ALA I 280 72.40 8.75 -85.16
C ALA I 280 71.75 7.61 -85.93
N THR I 281 70.83 6.89 -85.29
CA THR I 281 70.13 5.81 -85.99
C THR I 281 69.15 6.39 -87.01
N GLY I 282 68.97 7.70 -86.99
CA GLY I 282 68.00 8.35 -87.85
C GLY I 282 66.77 8.77 -87.08
N ALA I 283 66.83 8.69 -85.76
CA ALA I 283 65.68 9.05 -84.94
C ALA I 283 65.77 10.51 -84.50
N ASN I 284 64.88 11.32 -85.07
CA ASN I 284 64.77 12.72 -84.66
C ASN I 284 63.65 12.97 -83.66
N VAL I 285 62.84 11.96 -83.33
CA VAL I 285 61.90 12.03 -82.23
C VAL I 285 62.07 10.74 -81.45
N ILE I 286 62.52 10.83 -80.20
CA ILE I 286 62.83 9.65 -79.42
C ILE I 286 62.07 9.73 -78.09
N LEU I 287 61.15 8.79 -77.90
CA LEU I 287 60.18 8.84 -76.81
C LEU I 287 60.79 8.10 -75.64
N THR I 288 61.14 8.83 -74.59
CA THR I 288 61.91 8.28 -73.48
C THR I 288 61.07 8.32 -72.22
N THR I 289 61.25 7.32 -71.36
CA THR I 289 60.58 7.30 -70.07
C THR I 289 61.30 8.26 -69.12
N GLY I 290 60.54 8.90 -68.24
CA GLY I 290 61.07 9.94 -67.38
C GLY I 290 61.57 9.46 -66.04
N GLY I 291 61.42 10.30 -65.02
CA GLY I 291 61.93 10.00 -63.70
C GLY I 291 63.18 10.74 -63.31
N ILE I 292 63.56 11.78 -64.05
CA ILE I 292 64.77 12.54 -63.75
C ILE I 292 64.55 13.36 -62.48
N ASP I 293 65.61 13.51 -61.70
CA ASP I 293 65.52 14.26 -60.44
C ASP I 293 65.28 15.73 -60.74
N ASP I 294 64.72 16.44 -59.74
CA ASP I 294 64.53 17.88 -59.89
C ASP I 294 65.85 18.57 -60.15
N MET I 295 66.93 18.06 -59.56
CA MET I 295 68.26 18.52 -59.92
C MET I 295 68.64 18.02 -61.31
N CYS I 296 68.49 16.71 -61.54
CA CYS I 296 68.76 16.14 -62.85
C CYS I 296 67.91 16.79 -63.94
N LEU I 297 66.69 17.19 -63.61
CA LEU I 297 65.86 17.91 -64.58
C LEU I 297 66.50 19.21 -64.99
N LYS I 298 66.77 20.10 -64.03
CA LYS I 298 67.34 21.40 -64.38
C LYS I 298 68.71 21.24 -65.01
N TYR I 299 69.47 20.22 -64.59
CA TYR I 299 70.69 19.86 -65.32
C TYR I 299 70.34 19.51 -66.77
N PHE I 300 69.43 18.56 -66.97
CA PHE I 300 68.95 18.25 -68.31
C PHE I 300 68.34 19.46 -68.99
N VAL I 301 67.90 20.45 -68.20
CA VAL I 301 67.49 21.73 -68.78
C VAL I 301 68.70 22.57 -69.15
N GLU I 302 69.64 22.75 -68.21
CA GLU I 302 70.76 23.64 -68.47
C GLU I 302 71.87 22.95 -69.26
N ALA I 303 72.10 21.66 -69.01
CA ALA I 303 73.03 20.93 -69.87
C ALA I 303 72.43 20.60 -71.22
N GLY I 304 71.15 20.22 -71.24
CA GLY I 304 70.42 20.04 -72.48
C GLY I 304 70.54 18.66 -73.08
N ALA I 305 69.50 18.22 -73.78
CA ALA I 305 69.52 16.93 -74.46
C ALA I 305 68.47 16.93 -75.56
N MET I 306 68.64 16.03 -76.52
CA MET I 306 67.66 15.85 -77.58
C MET I 306 66.94 14.53 -77.33
N ALA I 307 65.68 14.62 -76.89
CA ALA I 307 64.87 13.45 -76.59
C ALA I 307 63.50 13.90 -76.11
N VAL I 308 62.53 12.99 -76.22
CA VAL I 308 61.16 13.23 -75.78
C VAL I 308 60.98 12.38 -74.54
N ARG I 309 60.89 13.02 -73.38
CA ARG I 309 60.87 12.28 -72.12
C ARG I 309 59.55 12.50 -71.38
N ARG I 310 59.41 11.76 -70.28
CA ARG I 310 58.22 11.79 -69.42
C ARG I 310 56.92 11.73 -70.22
N VAL I 311 56.93 10.96 -71.30
CA VAL I 311 55.72 10.72 -72.06
C VAL I 311 54.82 9.76 -71.30
N LEU I 312 53.53 9.78 -71.64
CA LEU I 312 52.59 8.85 -71.03
C LEU I 312 52.91 7.45 -71.54
N LYS I 313 53.20 6.54 -70.62
CA LYS I 313 53.49 5.17 -71.04
C LYS I 313 52.21 4.47 -71.48
N ARG I 314 51.07 4.86 -70.92
CA ARG I 314 49.80 4.37 -71.44
C ARG I 314 49.68 4.66 -72.92
N ASP I 315 50.08 5.86 -73.35
CA ASP I 315 50.09 6.17 -74.77
C ASP I 315 51.33 5.62 -75.43
N LEU I 316 52.49 5.75 -74.78
CA LEU I 316 53.74 5.23 -75.35
C LEU I 316 53.64 3.74 -75.64
N LYS I 317 53.10 2.97 -74.70
CA LYS I 317 52.82 1.56 -74.99
C LYS I 317 51.85 1.41 -76.14
N ARG I 318 50.72 2.12 -76.10
CA ARG I 318 49.77 2.06 -77.20
C ARG I 318 50.42 2.48 -78.52
N ILE I 319 51.26 3.54 -78.48
CA ILE I 319 51.84 4.05 -79.71
C ILE I 319 52.98 3.16 -80.17
N ALA I 320 53.74 2.57 -79.25
CA ALA I 320 54.79 1.63 -79.62
C ALA I 320 54.23 0.54 -80.52
N LYS I 321 53.20 -0.16 -80.05
CA LYS I 321 52.47 -1.08 -80.92
C LYS I 321 51.87 -0.34 -82.10
N ALA I 322 51.41 0.90 -81.89
CA ALA I 322 50.74 1.62 -82.96
C ALA I 322 51.71 2.02 -84.07
N SER I 323 52.83 2.62 -83.70
CA SER I 323 53.82 3.03 -84.70
C SER I 323 54.75 1.90 -85.10
N GLY I 324 54.56 0.70 -84.54
CA GLY I 324 55.39 -0.44 -84.84
C GLY I 324 56.62 -0.57 -83.98
N ALA I 325 56.91 0.44 -83.15
CA ALA I 325 58.08 0.40 -82.29
C ALA I 325 57.92 -0.62 -81.17
N THR I 326 59.04 -0.98 -80.56
CA THR I 326 59.02 -1.54 -79.22
C THR I 326 59.40 -0.45 -78.23
N ILE I 327 59.27 -0.75 -76.94
CA ILE I 327 59.81 0.10 -75.89
C ILE I 327 61.18 -0.35 -75.42
N LEU I 328 61.61 -1.56 -75.76
CA LEU I 328 62.92 -2.07 -75.40
C LEU I 328 63.41 -2.99 -76.52
N SER I 329 64.64 -2.77 -76.96
CA SER I 329 65.23 -3.69 -77.93
C SER I 329 66.63 -4.08 -77.48
N THR I 330 67.53 -3.11 -77.51
CA THR I 330 68.95 -3.31 -77.21
C THR I 330 69.25 -3.02 -75.74
N LEU I 331 68.22 -2.80 -74.93
CA LEU I 331 68.43 -2.34 -73.58
C LEU I 331 68.60 -3.55 -72.67
N ALA I 332 69.86 -3.84 -72.31
CA ALA I 332 70.17 -4.89 -71.36
C ALA I 332 70.55 -4.33 -69.99
N ASN I 333 70.65 -3.01 -69.87
CA ASN I 333 71.32 -2.39 -68.75
C ASN I 333 70.77 -0.99 -68.54
N LEU I 334 71.08 -0.42 -67.37
CA LEU I 334 70.69 0.94 -67.03
C LEU I 334 71.69 1.98 -67.52
N GLU I 335 72.71 1.54 -68.26
CA GLU I 335 73.76 2.41 -68.76
C GLU I 335 73.32 3.14 -70.04
N GLY I 336 73.65 4.42 -70.11
CA GLY I 336 73.38 5.21 -71.29
C GLY I 336 74.36 4.93 -72.40
N GLU I 337 75.43 4.20 -72.09
CA GLU I 337 76.42 3.77 -73.06
C GLU I 337 75.84 2.87 -74.14
N GLU I 338 74.62 2.37 -73.95
CA GLU I 338 74.01 1.46 -74.89
C GLU I 338 73.78 2.12 -76.24
N THR I 339 74.08 1.38 -77.30
CA THR I 339 73.77 1.78 -78.66
C THR I 339 72.25 1.75 -78.86
N PHE I 340 71.81 2.38 -79.94
CA PHE I 340 70.41 2.31 -80.32
C PHE I 340 70.29 1.70 -81.71
N GLU I 341 69.35 0.78 -81.85
CA GLU I 341 69.01 0.20 -83.14
C GLU I 341 67.55 0.50 -83.43
N ALA I 342 67.21 0.46 -84.72
CA ALA I 342 65.93 0.93 -85.23
C ALA I 342 64.74 0.10 -84.75
N ALA I 343 64.98 -1.01 -84.04
CA ALA I 343 63.89 -1.83 -83.55
C ALA I 343 62.93 -1.07 -82.64
N MET I 344 63.44 -0.13 -81.85
CA MET I 344 62.61 0.72 -81.00
C MET I 344 62.04 1.92 -81.73
N LEU I 345 62.35 2.07 -83.02
CA LEU I 345 61.78 3.13 -83.81
C LEU I 345 60.35 2.79 -84.25
N GLY I 346 59.44 3.71 -84.00
CA GLY I 346 58.11 3.64 -84.56
C GLY I 346 58.07 4.20 -85.97
N GLN I 347 57.26 3.56 -86.81
CA GLN I 347 57.15 3.96 -88.19
C GLN I 347 55.83 4.73 -88.38
N ALA I 348 55.91 5.87 -89.06
CA ALA I 348 54.77 6.71 -89.29
C ALA I 348 54.97 7.48 -90.59
N GLU I 349 53.85 7.93 -91.18
CA GLU I 349 53.93 8.81 -92.34
C GLU I 349 54.79 10.03 -92.03
N GLU I 350 54.43 10.74 -90.97
CA GLU I 350 55.37 11.66 -90.34
C GLU I 350 55.03 11.75 -88.86
N VAL I 351 56.05 11.99 -88.06
CA VAL I 351 55.89 12.36 -86.66
C VAL I 351 56.13 13.86 -86.62
N VAL I 352 55.07 14.63 -86.43
CA VAL I 352 55.14 16.08 -86.44
C VAL I 352 54.68 16.59 -85.08
N GLN I 353 55.36 17.62 -84.59
CA GLN I 353 55.11 18.16 -83.26
C GLN I 353 54.07 19.28 -83.37
N GLU I 354 52.89 19.03 -82.83
CA GLU I 354 51.87 20.06 -82.72
C GLU I 354 51.64 20.41 -81.26
N ARG I 355 52.05 21.61 -80.88
CA ARG I 355 51.73 22.15 -79.57
C ARG I 355 50.43 22.94 -79.72
N ILE I 356 49.38 22.46 -79.07
CA ILE I 356 48.08 23.11 -79.09
C ILE I 356 47.62 23.25 -77.64
N CYS I 357 46.93 24.33 -77.33
CA CYS I 357 46.42 24.64 -75.99
C CYS I 357 47.55 25.13 -75.09
N ASP I 358 48.76 25.30 -75.63
CA ASP I 358 50.02 25.48 -74.91
C ASP I 358 50.42 24.18 -74.24
N ASP I 359 50.01 23.06 -74.85
CA ASP I 359 50.47 21.73 -74.47
C ASP I 359 50.98 21.03 -75.72
N GLU I 360 52.29 20.78 -75.78
CA GLU I 360 52.82 20.00 -76.88
C GLU I 360 52.64 18.52 -76.62
N LEU I 361 52.18 17.82 -77.65
CA LEU I 361 51.98 16.39 -77.59
C LEU I 361 52.84 15.75 -78.67
N ILE I 362 53.09 14.46 -78.52
CA ILE I 362 53.62 13.66 -79.61
C ILE I 362 52.43 13.04 -80.34
N LEU I 363 52.15 13.54 -81.53
CA LEU I 363 50.99 13.13 -82.31
C LEU I 363 51.49 12.32 -83.48
N ILE I 364 51.21 11.02 -83.46
CA ILE I 364 51.78 10.11 -84.46
C ILE I 364 50.76 10.01 -85.58
N LYS I 365 51.09 10.60 -86.72
CA LYS I 365 50.25 10.54 -87.88
C LYS I 365 50.58 9.27 -88.65
N ASN I 366 49.54 8.49 -88.97
CA ASN I 366 49.71 7.15 -89.51
C ASN I 366 50.49 6.28 -88.53
N THR I 367 49.87 5.88 -87.42
CA THR I 367 50.37 4.78 -86.62
C THR I 367 50.19 3.52 -87.46
N LYS I 368 51.29 2.83 -87.76
CA LYS I 368 51.25 1.84 -88.83
C LYS I 368 50.74 0.48 -88.35
N ALA I 369 51.22 -0.01 -87.19
CA ALA I 369 50.98 -1.41 -86.87
C ALA I 369 49.62 -1.63 -86.19
N ARG I 370 48.85 -0.56 -85.98
CA ARG I 370 47.44 -0.68 -85.61
C ARG I 370 46.76 0.62 -85.98
N THR I 371 45.45 0.66 -85.78
CA THR I 371 44.69 1.89 -85.95
C THR I 371 44.53 2.57 -84.60
N SER I 372 44.78 3.87 -84.56
CA SER I 372 44.88 4.58 -83.29
C SER I 372 44.20 5.93 -83.41
N ALA I 373 43.63 6.37 -82.30
CA ALA I 373 43.02 7.70 -82.22
C ALA I 373 42.99 8.15 -80.77
N SER I 374 43.00 9.47 -80.59
CA SER I 374 42.81 10.09 -79.28
C SER I 374 42.02 11.37 -79.47
N ILE I 375 40.98 11.56 -78.67
CA ILE I 375 40.12 12.74 -78.79
C ILE I 375 40.43 13.65 -77.62
N ILE I 376 41.03 14.80 -77.90
CA ILE I 376 41.36 15.77 -76.87
C ILE I 376 40.11 16.60 -76.64
N LEU I 377 39.88 17.01 -75.39
CA LEU I 377 38.67 17.72 -75.04
C LEU I 377 38.94 19.18 -74.74
N ARG I 378 38.43 20.05 -75.61
CA ARG I 378 38.51 21.50 -75.42
C ARG I 378 37.41 21.92 -74.46
N GLY I 379 37.80 22.55 -73.36
CA GLY I 379 36.87 23.10 -72.40
C GLY I 379 37.42 24.33 -71.73
N ALA I 380 36.60 25.04 -70.96
CA ALA I 380 37.11 26.19 -70.22
C ALA I 380 38.26 25.82 -69.31
N ASN I 381 38.08 24.82 -68.45
CA ASN I 381 39.16 24.28 -67.64
C ASN I 381 39.12 22.77 -67.77
N ASP I 382 40.06 22.10 -67.11
CA ASP I 382 40.07 20.63 -67.15
C ASP I 382 38.96 20.07 -66.27
N PHE I 383 38.47 20.86 -65.32
CA PHE I 383 37.23 20.49 -64.62
C PHE I 383 36.05 20.54 -65.56
N MET I 384 35.98 21.60 -66.39
CA MET I 384 35.01 21.64 -67.47
C MET I 384 35.23 20.47 -68.42
N CYS I 385 36.48 20.02 -68.55
CA CYS I 385 36.78 18.84 -69.34
C CYS I 385 36.47 17.57 -68.56
N ASP I 386 36.76 17.57 -67.25
CA ASP I 386 36.23 16.52 -66.38
C ASP I 386 34.72 16.43 -66.49
N GLU I 387 34.07 17.56 -66.76
CA GLU I 387 32.61 17.60 -66.78
C GLU I 387 32.06 16.81 -67.96
N MET I 388 32.58 17.06 -69.16
CA MET I 388 32.08 16.38 -70.35
C MET I 388 32.68 14.98 -70.49
N GLU I 389 33.93 14.80 -70.06
CA GLU I 389 34.56 13.49 -70.15
C GLU I 389 33.71 12.43 -69.46
N ARG I 390 33.24 12.73 -68.24
CA ARG I 390 32.35 11.78 -67.58
C ARG I 390 31.01 11.66 -68.30
N SER I 391 30.51 12.77 -68.86
CA SER I 391 29.32 12.70 -69.70
C SER I 391 29.55 11.79 -70.90
N LEU I 392 30.81 11.67 -71.32
CA LEU I 392 31.16 10.82 -72.46
C LEU I 392 31.19 9.35 -72.08
N HIS I 393 31.52 9.06 -70.81
CA HIS I 393 31.76 7.67 -70.43
C HIS I 393 30.47 6.85 -70.45
N ASP I 394 29.34 7.45 -70.09
CA ASP I 394 28.08 6.72 -70.16
C ASP I 394 27.44 6.87 -71.53
N ALA I 395 28.13 7.54 -72.45
CA ALA I 395 27.83 7.35 -73.86
C ALA I 395 28.65 6.18 -74.41
N LEU I 396 29.61 5.71 -73.61
CA LEU I 396 30.54 4.67 -74.06
C LEU I 396 30.06 3.28 -73.66
N CYS I 397 29.99 3.01 -72.36
CA CYS I 397 29.68 1.67 -71.88
C CYS I 397 28.32 1.19 -72.42
N VAL I 398 27.37 2.12 -72.56
CA VAL I 398 26.07 1.76 -73.12
C VAL I 398 26.25 1.24 -74.55
N VAL I 399 26.92 2.01 -75.41
CA VAL I 399 27.34 1.51 -76.71
C VAL I 399 28.10 0.20 -76.55
N LYS I 400 29.08 0.19 -75.64
CA LYS I 400 29.82 -1.04 -75.37
C LYS I 400 28.89 -2.17 -74.96
N ARG I 401 28.09 -1.96 -73.91
CA ARG I 401 27.12 -2.98 -73.51
C ARG I 401 26.16 -3.32 -74.65
N VAL I 402 25.83 -2.36 -75.50
CA VAL I 402 25.09 -2.69 -76.71
C VAL I 402 25.96 -3.47 -77.67
N LEU I 403 27.20 -3.02 -77.90
CA LEU I 403 28.13 -3.81 -78.69
C LEU I 403 28.39 -5.15 -78.00
N GLU I 404 28.21 -5.22 -76.69
CA GLU I 404 28.23 -6.50 -76.00
C GLU I 404 27.01 -7.34 -76.35
N SER I 405 25.81 -6.76 -76.22
CA SER I 405 24.58 -7.47 -76.58
C SER I 405 23.72 -6.56 -77.43
N LYS I 406 23.46 -6.97 -78.67
CA LYS I 406 22.60 -6.17 -79.54
C LYS I 406 21.19 -6.11 -78.97
N SER I 407 20.67 -7.24 -78.50
CA SER I 407 19.43 -7.26 -77.73
C SER I 407 19.64 -6.49 -76.44
N VAL I 408 18.64 -5.68 -76.08
CA VAL I 408 18.71 -4.82 -74.91
C VAL I 408 17.33 -4.72 -74.26
N VAL I 409 17.23 -3.85 -73.27
CA VAL I 409 15.97 -3.35 -72.72
C VAL I 409 16.14 -1.88 -72.39
N PRO I 410 15.07 -1.14 -72.14
CA PRO I 410 15.21 0.09 -71.36
C PRO I 410 15.61 -0.24 -69.94
N GLY I 411 16.54 0.55 -69.40
CA GLY I 411 16.92 0.42 -68.02
C GLY I 411 15.78 0.79 -67.07
N GLY I 412 15.79 0.14 -65.91
CA GLY I 412 14.80 0.39 -64.90
C GLY I 412 13.67 -0.63 -64.91
N GLY I 413 12.85 -0.54 -63.87
CA GLY I 413 11.73 -1.46 -63.71
C GLY I 413 10.58 -1.24 -64.66
N ALA I 414 10.76 -0.37 -65.66
CA ALA I 414 9.71 -0.17 -66.65
C ALA I 414 9.48 -1.43 -67.49
N VAL I 415 10.53 -2.22 -67.71
CA VAL I 415 10.35 -3.50 -68.40
C VAL I 415 9.49 -4.43 -67.55
N GLU I 416 9.61 -4.32 -66.22
CA GLU I 416 8.70 -5.01 -65.33
C GLU I 416 7.27 -4.57 -65.56
N ALA I 417 7.04 -3.25 -65.58
CA ALA I 417 5.70 -2.70 -65.69
C ALA I 417 4.95 -3.35 -66.85
N ALA I 418 5.63 -3.53 -67.98
CA ALA I 418 5.11 -4.40 -69.02
C ALA I 418 4.99 -5.83 -68.51
N LEU I 419 6.13 -6.47 -68.24
CA LEU I 419 6.17 -7.87 -67.82
C LEU I 419 5.24 -8.16 -66.65
N SER I 420 5.26 -7.31 -65.62
CA SER I 420 4.54 -7.63 -64.39
C SER I 420 3.07 -7.97 -64.66
N ILE I 421 2.29 -7.00 -65.16
CA ILE I 421 0.89 -7.30 -65.43
C ILE I 421 0.76 -8.39 -66.49
N TYR I 422 1.68 -8.39 -67.46
CA TYR I 422 1.70 -9.49 -68.44
C TYR I 422 1.96 -10.82 -67.74
N LEU I 423 2.96 -10.87 -66.87
CA LEU I 423 3.24 -12.11 -66.16
C LEU I 423 2.17 -12.42 -65.13
N GLU I 424 1.56 -11.40 -64.53
CA GLU I 424 0.35 -11.65 -63.75
C GLU I 424 -0.75 -12.20 -64.63
N ASN I 425 -0.85 -11.67 -65.86
CA ASN I 425 -1.71 -12.29 -66.86
C ASN I 425 -1.17 -13.66 -67.27
N TYR I 426 0.14 -13.73 -67.54
CA TYR I 426 0.77 -15.01 -67.83
C TYR I 426 0.58 -15.99 -66.68
N ALA I 427 0.30 -15.48 -65.48
CA ALA I 427 -0.08 -16.34 -64.37
C ALA I 427 -1.56 -16.70 -64.41
N THR I 428 -2.41 -15.76 -64.83
CA THR I 428 -3.85 -15.89 -64.66
C THR I 428 -4.38 -17.23 -65.17
N SER I 429 -4.23 -17.50 -66.47
CA SER I 429 -4.80 -18.73 -67.02
C SER I 429 -4.13 -19.97 -66.45
N MET I 430 -2.97 -19.81 -65.83
CA MET I 430 -2.34 -20.94 -65.15
C MET I 430 -3.17 -21.39 -63.97
N GLY I 431 -3.72 -20.46 -63.21
CA GLY I 431 -4.57 -20.86 -62.12
C GLY I 431 -3.79 -21.56 -61.02
N SER I 432 -4.56 -22.02 -60.04
CA SER I 432 -4.07 -22.89 -58.99
C SER I 432 -2.88 -22.29 -58.23
N ARG I 433 -1.87 -23.14 -58.03
CA ARG I 433 -0.55 -22.70 -57.61
C ARG I 433 -0.01 -21.65 -58.58
N GLU I 434 -0.16 -21.89 -59.87
CA GLU I 434 0.65 -21.22 -60.86
C GLU I 434 0.17 -19.81 -61.14
N GLN I 435 -1.12 -19.53 -60.99
CA GLN I 435 -1.58 -18.14 -61.04
C GLN I 435 -1.03 -17.37 -59.86
N LEU I 436 -0.79 -18.05 -58.74
CA LEU I 436 -0.22 -17.36 -57.60
C LEU I 436 1.23 -16.99 -57.89
N ALA I 437 2.10 -17.99 -58.05
CA ALA I 437 3.53 -17.76 -58.22
C ALA I 437 3.80 -16.65 -59.23
N ILE I 438 3.48 -16.88 -60.50
CA ILE I 438 3.90 -15.95 -61.55
C ILE I 438 3.30 -14.56 -61.32
N ALA I 439 2.11 -14.50 -60.72
CA ALA I 439 1.55 -13.21 -60.34
C ALA I 439 2.15 -12.70 -59.04
N GLU I 440 2.25 -13.56 -58.03
CA GLU I 440 2.97 -13.20 -56.80
C GLU I 440 4.41 -12.84 -57.11
N PHE I 441 4.98 -13.48 -58.14
CA PHE I 441 6.21 -12.97 -58.74
C PHE I 441 6.05 -11.54 -59.21
N ALA I 442 5.17 -11.33 -60.19
CA ALA I 442 5.20 -10.11 -60.98
C ALA I 442 4.74 -8.90 -60.18
N ARG I 443 3.90 -9.13 -59.16
CA ARG I 443 3.55 -8.03 -58.27
C ARG I 443 4.75 -7.56 -57.46
N SER I 444 5.68 -8.45 -57.13
CA SER I 444 6.87 -8.06 -56.38
C SER I 444 7.87 -7.31 -57.26
N LEU I 445 7.72 -7.40 -58.58
CA LEU I 445 8.55 -6.62 -59.48
C LEU I 445 8.38 -5.12 -59.28
N LEU I 446 7.14 -4.67 -59.10
CA LEU I 446 6.77 -3.26 -59.20
C LEU I 446 7.57 -2.36 -58.27
N VAL I 447 8.20 -2.93 -57.23
CA VAL I 447 8.82 -2.10 -56.20
C VAL I 447 9.99 -1.30 -56.77
N ILE I 448 10.77 -1.90 -57.68
CA ILE I 448 12.00 -1.25 -58.13
C ILE I 448 11.75 0.13 -58.74
N PRO I 449 11.02 0.27 -59.85
CA PRO I 449 10.93 1.61 -60.45
C PRO I 449 10.18 2.60 -59.59
N ASN I 450 9.10 2.19 -58.94
CA ASN I 450 8.32 3.13 -58.14
C ASN I 450 9.15 3.71 -57.01
N THR I 451 9.89 2.87 -56.29
CA THR I 451 10.86 3.39 -55.35
C THR I 451 11.86 4.29 -56.04
N LEU I 452 12.38 3.86 -57.19
CA LEU I 452 13.27 4.71 -57.98
C LEU I 452 12.55 5.99 -58.40
N ALA I 453 11.26 5.90 -58.73
CA ALA I 453 10.48 7.09 -59.03
C ALA I 453 10.49 8.06 -57.86
N VAL I 454 9.95 7.66 -56.71
CA VAL I 454 9.89 8.54 -55.56
C VAL I 454 11.29 8.96 -55.12
N ASN I 455 12.30 8.13 -55.43
CA ASN I 455 13.68 8.57 -55.26
C ASN I 455 13.94 9.84 -56.05
N ALA I 456 13.33 9.97 -57.22
CA ALA I 456 13.32 11.23 -57.97
C ALA I 456 12.12 12.10 -57.62
N ALA I 457 11.31 11.68 -56.64
CA ALA I 457 10.06 12.35 -56.30
C ALA I 457 9.15 12.44 -57.54
N GLN I 458 9.03 11.32 -58.24
CA GLN I 458 8.23 11.25 -59.47
C GLN I 458 6.79 10.86 -59.26
N ASP I 459 6.32 10.74 -58.01
CA ASP I 459 4.95 10.35 -57.73
C ASP I 459 4.69 8.96 -58.31
N SER I 460 5.21 7.93 -57.65
CA SER I 460 5.26 6.59 -58.25
C SER I 460 3.93 6.16 -58.85
N THR I 461 2.83 6.74 -58.35
CA THR I 461 1.54 6.61 -59.02
C THR I 461 1.67 7.01 -60.49
N ASP I 462 2.43 8.06 -60.77
CA ASP I 462 2.66 8.46 -62.16
C ASP I 462 3.36 7.38 -62.94
N LEU I 463 4.49 6.90 -62.41
CA LEU I 463 5.32 5.93 -63.10
C LEU I 463 4.52 4.71 -63.52
N VAL I 464 3.65 4.24 -62.63
CA VAL I 464 2.79 3.13 -63.01
C VAL I 464 1.68 3.61 -63.92
N ALA I 465 1.16 4.83 -63.69
CA ALA I 465 0.10 5.35 -64.53
C ALA I 465 0.54 5.46 -65.98
N LYS I 466 1.74 5.97 -66.22
CA LYS I 466 2.22 6.10 -67.58
C LYS I 466 2.50 4.74 -68.20
N LEU I 467 3.35 3.93 -67.56
CA LEU I 467 3.88 2.74 -68.21
C LEU I 467 2.79 1.71 -68.49
N ARG I 468 2.12 1.24 -67.43
CA ARG I 468 1.22 0.11 -67.59
C ARG I 468 -0.09 0.53 -68.22
N ALA I 469 -0.32 1.83 -68.36
CA ALA I 469 -1.30 2.29 -69.34
C ALA I 469 -0.91 1.86 -70.73
N PHE I 470 0.23 2.36 -71.23
CA PHE I 470 0.74 1.97 -72.54
C PHE I 470 0.82 0.46 -72.66
N HIS I 471 1.30 -0.20 -71.62
CA HIS I 471 1.28 -1.66 -71.56
C HIS I 471 -0.16 -2.13 -71.56
N ASN I 472 -0.50 -3.04 -72.47
CA ASN I 472 -1.89 -3.43 -72.66
C ASN I 472 -1.94 -4.86 -73.18
N GLU I 473 -3.15 -5.31 -73.51
CA GLU I 473 -3.33 -6.30 -74.55
C GLU I 473 -3.33 -5.69 -75.93
N ALA I 474 -3.85 -4.47 -76.07
CA ALA I 474 -3.59 -3.60 -77.21
C ALA I 474 -2.10 -3.55 -77.51
N GLN I 475 -1.29 -3.04 -76.57
CA GLN I 475 0.14 -3.29 -76.59
C GLN I 475 0.52 -4.27 -75.48
N VAL I 476 0.68 -5.54 -75.87
CA VAL I 476 1.54 -6.48 -75.17
C VAL I 476 2.95 -6.40 -75.69
N ASN I 477 3.15 -5.67 -76.70
CA ASN I 477 4.13 -5.51 -77.76
C ASN I 477 5.25 -4.59 -77.30
N PRO I 478 6.42 -5.17 -77.06
CA PRO I 478 7.64 -4.35 -77.03
C PRO I 478 7.91 -3.85 -78.43
N GLU I 479 7.57 -4.69 -79.39
CA GLU I 479 7.90 -4.51 -80.81
C GLU I 479 9.42 -4.35 -80.88
N ARG I 480 9.90 -3.55 -81.83
CA ARG I 480 11.24 -2.98 -81.74
C ARG I 480 11.09 -1.49 -81.42
N LYS I 481 9.84 -1.04 -81.37
CA LYS I 481 9.51 0.37 -81.50
C LYS I 481 8.53 0.77 -80.42
N ASN I 482 8.08 2.02 -80.49
CA ASN I 482 7.09 2.52 -79.55
C ASN I 482 5.72 2.57 -80.24
N LEU I 483 4.90 1.57 -80.00
CA LEU I 483 3.47 1.82 -79.94
C LEU I 483 3.04 1.94 -78.48
N LYS I 484 3.91 1.56 -77.54
CA LYS I 484 3.81 1.89 -76.14
C LYS I 484 5.18 2.40 -75.69
N TRP I 485 5.25 3.02 -74.53
CA TRP I 485 6.57 3.43 -74.02
C TRP I 485 6.93 2.59 -72.81
N ILE I 486 7.92 1.73 -73.00
CA ILE I 486 8.37 0.81 -71.96
C ILE I 486 9.60 1.40 -71.29
N GLY I 487 10.00 2.60 -71.67
CA GLY I 487 11.23 3.18 -71.18
C GLY I 487 11.08 3.94 -69.87
N LEU I 488 12.17 3.91 -69.09
CA LEU I 488 12.27 4.70 -67.87
C LEU I 488 13.66 5.32 -67.77
N ASP I 489 13.75 6.65 -67.69
CA ASP I 489 15.04 7.26 -67.47
C ASP I 489 15.37 7.28 -65.99
N LEU I 490 16.56 6.77 -65.67
CA LEU I 490 16.96 6.51 -64.29
C LEU I 490 17.39 7.75 -63.52
N SER I 491 18.23 8.59 -64.11
CA SER I 491 18.54 9.89 -63.52
C SER I 491 17.32 10.81 -63.51
N ASN I 492 16.36 10.57 -64.39
CA ASN I 492 15.06 11.23 -64.33
C ASN I 492 14.10 10.61 -63.32
N GLY I 493 14.14 9.29 -63.11
CA GLY I 493 13.13 8.64 -62.31
C GLY I 493 11.78 8.57 -62.97
N LYS I 494 11.63 9.22 -64.12
CA LYS I 494 10.40 9.35 -64.87
C LYS I 494 10.62 8.79 -66.27
N PRO I 495 9.63 8.11 -66.83
CA PRO I 495 9.74 7.74 -68.25
C PRO I 495 9.85 8.99 -69.09
N ARG I 496 10.84 9.01 -69.95
CA ARG I 496 11.07 10.10 -70.87
C ARG I 496 10.86 9.55 -72.29
N ASP I 497 11.19 10.34 -73.29
CA ASP I 497 11.09 9.88 -74.67
C ASP I 497 12.43 9.38 -75.22
N ASN I 498 13.47 9.30 -74.40
CA ASN I 498 14.76 8.89 -74.91
C ASN I 498 14.72 7.38 -75.15
N LYS I 499 14.81 6.99 -76.42
CA LYS I 499 14.92 5.56 -76.73
C LYS I 499 16.34 5.16 -77.07
N GLN I 500 17.27 6.11 -77.18
CA GLN I 500 18.67 5.75 -77.38
C GLN I 500 19.52 5.90 -76.12
N ALA I 501 18.97 6.41 -75.03
CA ALA I 501 19.79 7.05 -74.00
C ALA I 501 20.82 6.11 -73.42
N GLY I 502 21.97 6.67 -73.07
CA GLY I 502 23.10 5.96 -72.52
C GLY I 502 22.99 5.61 -71.06
N VAL I 503 21.96 6.11 -70.37
CA VAL I 503 21.73 5.73 -68.98
C VAL I 503 20.85 4.50 -68.84
N PHE I 504 20.45 3.88 -69.95
CA PHE I 504 19.76 2.60 -69.84
C PHE I 504 20.77 1.46 -69.69
N GLU I 505 20.26 0.24 -69.83
CA GLU I 505 21.07 -0.96 -69.67
C GLU I 505 20.63 -2.00 -70.71
N PRO I 506 21.53 -2.83 -71.22
CA PRO I 506 21.14 -3.82 -72.23
C PRO I 506 20.38 -4.99 -71.62
N THR I 507 20.15 -6.03 -72.42
CA THR I 507 19.53 -7.25 -71.90
C THR I 507 20.48 -8.01 -70.99
N ILE I 508 21.71 -7.53 -70.85
CA ILE I 508 22.73 -8.28 -70.14
C ILE I 508 22.44 -8.31 -68.65
N VAL I 509 22.48 -7.15 -68.00
CA VAL I 509 22.35 -7.11 -66.55
C VAL I 509 20.93 -7.41 -66.11
N LYS I 510 19.96 -7.26 -67.00
CA LYS I 510 18.56 -7.43 -66.64
C LYS I 510 18.15 -8.90 -66.62
N VAL I 511 18.58 -9.70 -67.59
CA VAL I 511 18.31 -11.13 -67.51
C VAL I 511 18.97 -11.71 -66.27
N LYS I 512 20.07 -11.10 -65.83
CA LYS I 512 20.73 -11.57 -64.61
C LYS I 512 19.94 -11.18 -63.37
N SER I 513 19.54 -9.90 -63.26
CA SER I 513 18.91 -9.42 -62.04
C SER I 513 17.63 -10.17 -61.73
N LEU I 514 16.92 -10.64 -62.77
CA LEU I 514 15.73 -11.46 -62.57
C LEU I 514 16.04 -12.70 -61.76
N LYS I 515 17.00 -13.49 -62.22
CA LYS I 515 17.25 -14.80 -61.63
C LYS I 515 17.79 -14.66 -60.21
N PHE I 516 18.84 -13.83 -60.05
CA PHE I 516 19.30 -13.48 -58.70
C PHE I 516 18.14 -13.09 -57.79
N ALA I 517 17.16 -12.34 -58.32
CA ALA I 517 16.00 -12.01 -57.53
C ALA I 517 15.15 -13.26 -57.24
N THR I 518 14.95 -14.11 -58.24
CA THR I 518 14.28 -15.38 -57.99
C THR I 518 15.10 -16.24 -57.03
N GLU I 519 16.43 -16.13 -57.11
CA GLU I 519 17.29 -16.92 -56.24
C GLU I 519 17.00 -16.68 -54.76
N ALA I 520 17.03 -15.41 -54.32
CA ALA I 520 16.87 -15.13 -52.89
C ALA I 520 15.56 -15.68 -52.36
N ALA I 521 14.55 -15.83 -53.23
CA ALA I 521 13.37 -16.59 -52.85
C ALA I 521 13.74 -18.02 -52.50
N ILE I 522 14.56 -18.66 -53.34
CA ILE I 522 15.04 -20.01 -53.04
C ILE I 522 16.18 -19.95 -52.03
N THR I 523 17.10 -18.98 -52.21
CA THR I 523 18.42 -19.05 -51.60
C THR I 523 18.36 -19.33 -50.11
N ILE I 524 17.31 -18.85 -49.45
CA ILE I 524 17.24 -19.06 -48.01
C ILE I 524 16.58 -20.39 -47.68
N LEU I 525 16.00 -21.08 -48.68
CA LEU I 525 15.03 -22.13 -48.38
C LEU I 525 15.65 -23.53 -48.36
N ARG I 526 16.94 -23.68 -48.64
CA ARG I 526 17.44 -25.02 -48.86
C ARG I 526 17.53 -25.84 -47.57
N ILE I 527 17.65 -25.17 -46.41
CA ILE I 527 17.85 -25.91 -45.18
C ILE I 527 16.75 -26.95 -45.02
N ASP I 528 17.16 -28.16 -44.68
CA ASP I 528 16.22 -29.20 -44.32
C ASP I 528 16.22 -29.32 -42.81
N ASP I 529 15.06 -29.67 -42.28
CA ASP I 529 14.78 -29.73 -40.85
C ASP I 529 15.09 -28.40 -40.17
N LEU I 530 15.42 -28.46 -38.88
CA LEU I 530 16.00 -27.37 -38.10
C LEU I 530 16.60 -27.99 -36.85
N ILE I 531 17.57 -27.32 -36.20
CA ILE I 531 18.08 -27.74 -34.90
C ILE I 531 18.60 -26.57 -34.10
N LYS I 532 19.27 -26.93 -33.01
CA LYS I 532 19.93 -26.03 -32.07
C LYS I 532 21.12 -26.79 -31.49
N LEU I 533 22.21 -26.08 -31.23
CA LEU I 533 23.43 -26.71 -30.75
C LEU I 533 23.76 -26.22 -29.35
N HIS I 534 24.56 -26.99 -28.63
CA HIS I 534 24.93 -26.68 -27.25
C HIS I 534 26.32 -26.08 -27.12
N ALA J 1 27.74 -32.94 18.43
CA ALA J 1 27.99 -32.68 17.02
C ALA J 1 26.65 -32.34 16.37
N ASP J 2 26.45 -32.74 15.12
CA ASP J 2 25.20 -32.46 14.44
C ASP J 2 24.32 -33.69 14.50
N GLU J 3 23.27 -33.62 15.33
CA GLU J 3 22.45 -34.76 15.68
C GLU J 3 21.12 -34.68 14.97
N GLU J 4 20.91 -35.57 13.99
CA GLU J 4 19.59 -35.77 13.40
C GLU J 4 18.72 -36.36 14.49
N ARG J 5 17.48 -35.90 14.59
CA ARG J 5 16.65 -36.29 15.72
C ARG J 5 15.57 -37.27 15.27
N ALA J 6 14.72 -37.64 16.22
CA ALA J 6 13.73 -38.69 16.00
C ALA J 6 12.85 -38.36 14.80
N GLU J 7 12.50 -37.09 14.62
CA GLU J 7 11.58 -36.72 13.54
C GLU J 7 12.20 -36.92 12.16
N THR J 8 13.35 -36.27 11.91
CA THR J 8 13.88 -36.23 10.55
C THR J 8 14.61 -37.50 10.17
N ALA J 9 15.51 -37.98 11.05
CA ALA J 9 16.41 -39.06 10.68
C ALA J 9 15.66 -40.31 10.22
N ARG J 10 14.57 -40.65 10.91
CA ARG J 10 13.81 -41.84 10.56
C ARG J 10 13.00 -41.62 9.30
N LEU J 11 12.33 -40.46 9.18
CA LEU J 11 11.70 -40.13 7.92
C LEU J 11 12.73 -40.02 6.81
N THR J 12 13.92 -39.51 7.14
CA THR J 12 15.03 -39.60 6.20
C THR J 12 15.43 -41.06 5.98
N SER J 13 15.48 -41.85 7.07
CA SER J 13 15.66 -43.28 6.92
C SER J 13 14.51 -43.90 6.13
N PHE J 14 13.29 -43.38 6.33
CA PHE J 14 12.17 -43.75 5.48
C PHE J 14 12.48 -43.43 4.01
N ILE J 15 12.53 -42.15 3.67
CA ILE J 15 12.49 -41.73 2.28
C ILE J 15 13.69 -42.26 1.49
N GLY J 16 14.90 -42.11 2.01
CA GLY J 16 16.09 -42.36 1.20
C GLY J 16 16.14 -43.77 0.64
N ALA J 17 15.97 -44.77 1.51
CA ALA J 17 15.92 -46.15 1.05
C ALA J 17 14.68 -46.39 0.20
N ILE J 18 13.56 -45.79 0.58
CA ILE J 18 12.36 -45.88 -0.26
C ILE J 18 12.59 -45.17 -1.58
N ALA J 19 13.34 -44.07 -1.56
CA ALA J 19 13.63 -43.36 -2.80
C ALA J 19 14.55 -44.17 -3.69
N ILE J 20 15.39 -45.03 -3.11
CA ILE J 20 16.21 -45.91 -3.92
C ILE J 20 15.55 -47.27 -4.10
N GLY J 21 14.48 -47.54 -3.35
CA GLY J 21 13.81 -48.83 -3.48
C GLY J 21 12.74 -48.83 -4.55
N ASP J 22 12.54 -47.67 -5.19
CA ASP J 22 11.53 -47.51 -6.23
C ASP J 22 11.98 -48.00 -7.60
N LEU J 23 13.22 -47.74 -8.00
CA LEU J 23 13.58 -47.84 -9.41
C LEU J 23 13.80 -49.29 -9.83
N VAL J 24 14.49 -50.07 -9.00
CA VAL J 24 14.79 -51.45 -9.37
C VAL J 24 13.57 -52.35 -9.37
N LYS J 25 12.53 -52.03 -8.58
CA LYS J 25 11.34 -52.87 -8.57
C LYS J 25 10.45 -52.63 -9.78
N SER J 26 10.55 -51.47 -10.42
CA SER J 26 9.95 -51.36 -11.74
C SER J 26 10.52 -52.39 -12.70
N THR J 27 11.84 -52.56 -12.68
CA THR J 27 12.54 -53.56 -13.49
C THR J 27 12.16 -54.98 -13.12
N LEU J 28 11.44 -55.15 -12.02
CA LEU J 28 11.47 -56.39 -11.27
C LEU J 28 10.12 -57.09 -11.31
N GLY J 29 10.16 -58.42 -11.16
CA GLY J 29 9.01 -59.26 -11.41
C GLY J 29 8.95 -59.61 -12.88
N PRO J 30 8.19 -60.64 -13.24
CA PRO J 30 8.13 -61.07 -14.65
C PRO J 30 7.60 -59.93 -15.52
N LYS J 31 8.34 -59.61 -16.57
CA LYS J 31 8.06 -58.43 -17.39
C LYS J 31 8.09 -57.16 -16.52
N GLY J 32 9.19 -57.02 -15.80
CA GLY J 32 9.49 -55.81 -15.06
C GLY J 32 9.91 -54.69 -15.98
N MET J 33 9.35 -53.51 -15.76
CA MET J 33 9.64 -52.35 -16.58
C MET J 33 11.04 -51.85 -16.29
N ASP J 34 11.89 -51.84 -17.31
CA ASP J 34 13.30 -51.52 -17.12
C ASP J 34 13.45 -50.11 -16.57
N LYS J 35 14.42 -49.93 -15.68
CA LYS J 35 14.91 -48.61 -15.31
C LYS J 35 15.96 -48.19 -16.31
N ILE J 36 15.92 -46.93 -16.70
CA ILE J 36 16.97 -46.37 -17.53
C ILE J 36 17.87 -45.56 -16.63
N LEU J 37 19.06 -46.09 -16.36
CA LEU J 37 20.07 -45.35 -15.63
C LEU J 37 20.48 -44.15 -16.47
N LEU J 38 20.32 -42.96 -15.92
CA LEU J 38 20.68 -41.75 -16.62
C LEU J 38 22.01 -41.27 -16.06
N SER J 39 23.04 -41.25 -16.89
CA SER J 39 24.30 -40.69 -16.47
C SER J 39 24.39 -39.30 -17.05
N SER J 40 23.96 -38.30 -16.28
CA SER J 40 24.30 -36.91 -16.54
C SER J 40 25.29 -36.41 -15.51
N GLY J 41 25.59 -37.23 -14.51
CA GLY J 41 26.41 -36.81 -13.40
C GLY J 41 27.88 -37.06 -13.55
N ARG J 42 28.26 -37.90 -14.49
CA ARG J 42 29.65 -38.15 -14.85
C ARG J 42 29.92 -37.73 -16.29
N ASP J 43 29.45 -38.50 -17.26
CA ASP J 43 29.23 -38.00 -18.61
C ASP J 43 27.76 -37.58 -18.69
N ALA J 44 27.31 -37.29 -19.90
CA ALA J 44 25.89 -37.09 -20.17
C ALA J 44 25.45 -38.23 -21.07
N SER J 45 24.69 -39.17 -20.52
CA SER J 45 24.43 -40.42 -21.21
C SER J 45 23.17 -41.08 -20.68
N LEU J 46 22.69 -42.07 -21.45
CA LEU J 46 21.59 -42.95 -21.09
C LEU J 46 22.11 -44.36 -20.89
N MET J 47 21.56 -45.06 -19.90
CA MET J 47 21.91 -46.44 -19.65
C MET J 47 20.65 -47.21 -19.29
N VAL J 48 20.40 -48.32 -19.99
CA VAL J 48 19.20 -49.14 -19.79
C VAL J 48 19.53 -50.18 -18.73
N THR J 49 18.84 -50.14 -17.58
CA THR J 49 19.23 -50.98 -16.46
C THR J 49 18.03 -51.66 -15.80
N ASN J 50 18.02 -52.99 -15.90
CA ASN J 50 17.30 -53.82 -14.94
C ASN J 50 18.10 -54.12 -13.69
N ASP J 51 19.37 -53.73 -13.65
CA ASP J 51 20.30 -54.25 -12.67
C ASP J 51 20.28 -53.40 -11.42
N GLY J 52 20.13 -54.06 -10.26
CA GLY J 52 20.03 -53.32 -9.02
C GLY J 52 21.25 -52.48 -8.71
N ALA J 53 22.43 -53.11 -8.64
CA ALA J 53 23.64 -52.36 -8.31
C ALA J 53 23.95 -51.34 -9.40
N THR J 54 23.83 -51.73 -10.66
CA THR J 54 24.05 -50.78 -11.75
C THR J 54 23.16 -49.55 -11.58
N ILE J 55 21.88 -49.78 -11.28
CA ILE J 55 21.04 -48.70 -10.75
C ILE J 55 21.64 -48.16 -9.47
N LEU J 56 21.71 -49.00 -8.43
CA LEU J 56 22.17 -48.54 -7.11
C LEU J 56 23.59 -47.98 -7.17
N LYS J 57 24.58 -48.86 -7.36
CA LYS J 57 25.98 -48.48 -7.12
C LYS J 57 26.46 -47.37 -8.04
N ASN J 58 26.11 -47.41 -9.33
CA ASN J 58 26.55 -46.34 -10.23
C ASN J 58 26.05 -44.99 -9.76
N ILE J 59 25.03 -44.97 -8.90
CA ILE J 59 24.67 -43.77 -8.17
C ILE J 59 25.34 -43.84 -6.80
N GLY J 60 26.34 -42.99 -6.57
CA GLY J 60 26.93 -42.89 -5.25
C GLY J 60 25.88 -42.59 -4.20
N VAL J 61 26.04 -43.22 -3.05
CA VAL J 61 25.05 -43.09 -1.99
C VAL J 61 25.53 -42.05 -1.00
N ASP J 62 24.69 -41.04 -0.79
CA ASP J 62 24.96 -39.98 0.19
C ASP J 62 24.23 -40.17 1.50
N ASN J 63 22.90 -40.21 1.50
CA ASN J 63 22.09 -40.35 2.71
C ASN J 63 22.59 -41.54 3.54
N PRO J 64 22.77 -41.36 4.85
CA PRO J 64 23.18 -42.49 5.70
C PRO J 64 22.29 -43.71 5.57
N ALA J 65 20.98 -43.52 5.40
CA ALA J 65 20.11 -44.67 5.22
C ALA J 65 20.26 -45.27 3.83
N ALA J 66 20.46 -44.44 2.82
CA ALA J 66 20.70 -44.95 1.48
C ALA J 66 22.00 -45.74 1.44
N LYS J 67 22.93 -45.45 2.34
CA LYS J 67 24.14 -46.25 2.46
C LYS J 67 23.81 -47.72 2.70
N VAL J 68 23.19 -48.02 3.84
CA VAL J 68 23.12 -49.38 4.35
C VAL J 68 22.47 -50.31 3.35
N LEU J 69 21.27 -49.98 2.88
CA LEU J 69 20.60 -50.85 1.91
C LEU J 69 21.44 -51.08 0.68
N VAL J 70 21.89 -50.01 0.02
CA VAL J 70 22.77 -50.16 -1.12
C VAL J 70 24.02 -50.92 -0.73
N ASP J 71 24.43 -50.81 0.53
CA ASP J 71 25.54 -51.61 1.02
C ASP J 71 25.09 -53.03 1.32
N MET J 72 23.98 -53.20 2.06
CA MET J 72 23.55 -54.53 2.46
C MET J 72 23.03 -55.32 1.27
N SER J 73 22.15 -54.72 0.47
CA SER J 73 21.65 -55.39 -0.72
C SER J 73 22.77 -55.70 -1.70
N ARG J 74 23.87 -54.95 -1.65
CA ARG J 74 25.00 -55.25 -2.53
C ARG J 74 25.65 -56.57 -2.17
N VAL J 75 26.07 -56.71 -0.91
CA VAL J 75 26.74 -57.94 -0.50
C VAL J 75 25.77 -59.11 -0.59
N GLN J 76 24.50 -58.87 -0.24
CA GLN J 76 23.44 -59.84 -0.48
C GLN J 76 23.45 -60.31 -1.94
N ASP J 77 23.83 -59.42 -2.86
CA ASP J 77 23.86 -59.78 -4.27
C ASP J 77 25.11 -60.59 -4.62
N ASP J 78 26.28 -60.15 -4.15
CA ASP J 78 27.48 -60.93 -4.41
C ASP J 78 27.44 -62.26 -3.68
N GLU J 79 26.82 -62.29 -2.50
CA GLU J 79 26.65 -63.55 -1.78
C GLU J 79 25.58 -64.41 -2.43
N VAL J 80 24.32 -63.99 -2.25
CA VAL J 80 23.19 -64.87 -2.50
C VAL J 80 22.63 -64.67 -3.91
N GLY J 81 23.04 -63.59 -4.57
CA GLY J 81 22.64 -63.32 -5.93
C GLY J 81 21.41 -62.43 -6.05
N ASP J 82 21.45 -61.51 -7.01
CA ASP J 82 20.40 -60.51 -7.28
C ASP J 82 19.79 -60.03 -5.97
N GLY J 83 20.65 -59.48 -5.11
CA GLY J 83 20.21 -58.99 -3.83
C GLY J 83 20.05 -57.49 -3.82
N THR J 84 20.69 -56.82 -4.78
CA THR J 84 20.58 -55.37 -4.88
C THR J 84 19.15 -54.96 -5.18
N THR J 85 18.47 -55.72 -6.04
CA THR J 85 17.07 -55.44 -6.33
C THR J 85 16.16 -55.80 -5.16
N SER J 86 16.24 -57.05 -4.69
CA SER J 86 15.35 -57.51 -3.63
C SER J 86 15.52 -56.68 -2.36
N VAL J 87 16.66 -56.85 -1.68
CA VAL J 87 16.82 -56.34 -0.33
C VAL J 87 16.60 -54.83 -0.27
N THR J 88 17.04 -54.11 -1.30
CA THR J 88 16.71 -52.69 -1.37
C THR J 88 15.20 -52.47 -1.32
N VAL J 89 14.48 -52.97 -2.32
CA VAL J 89 13.02 -52.86 -2.34
C VAL J 89 12.42 -53.41 -1.05
N LEU J 90 12.74 -54.66 -0.74
CA LEU J 90 12.10 -55.34 0.38
C LEU J 90 12.27 -54.55 1.68
N ALA J 91 13.48 -54.05 1.93
CA ALA J 91 13.68 -53.20 3.10
C ALA J 91 12.95 -51.86 2.92
N ALA J 92 13.06 -51.26 1.74
CA ALA J 92 12.32 -50.03 1.47
C ALA J 92 10.82 -50.26 1.59
N GLU J 93 10.34 -51.43 1.14
CA GLU J 93 8.96 -51.81 1.38
C GLU J 93 8.64 -51.82 2.87
N LEU J 94 9.43 -52.54 3.67
CA LEU J 94 9.20 -52.54 5.11
C LEU J 94 9.32 -51.14 5.68
N LEU J 95 10.21 -50.31 5.14
CA LEU J 95 10.22 -48.92 5.53
C LEU J 95 8.94 -48.21 5.14
N ARG J 96 8.40 -48.49 3.95
CA ARG J 96 7.05 -48.04 3.63
C ARG J 96 6.06 -48.62 4.64
N GLU J 97 6.30 -49.85 5.09
CA GLU J 97 5.43 -50.50 6.07
C GLU J 97 5.50 -49.87 7.44
N ALA J 98 6.70 -49.47 7.90
CA ALA J 98 6.84 -48.96 9.25
C ALA J 98 6.10 -47.65 9.46
N GLU J 99 5.91 -46.89 8.39
CA GLU J 99 5.53 -45.48 8.53
C GLU J 99 4.16 -45.33 9.18
N SER J 100 3.13 -45.97 8.62
CA SER J 100 1.84 -45.97 9.28
C SER J 100 1.97 -46.40 10.72
N LEU J 101 2.70 -47.49 10.96
CA LEU J 101 3.01 -47.90 12.32
C LEU J 101 3.72 -46.77 13.06
N ILE J 102 4.71 -46.16 12.43
CA ILE J 102 5.41 -45.03 13.04
C ILE J 102 4.50 -43.82 13.12
N ALA J 103 3.68 -43.60 12.09
CA ALA J 103 2.62 -42.61 12.21
C ALA J 103 1.74 -42.93 13.41
N LYS J 104 1.53 -44.21 13.66
CA LYS J 104 0.84 -44.64 14.87
C LYS J 104 1.81 -44.73 16.04
N LYS J 105 3.09 -44.46 15.77
CA LYS J 105 4.18 -44.77 16.68
C LYS J 105 4.00 -46.16 17.26
N ILE J 106 4.15 -47.18 16.45
CA ILE J 106 4.34 -48.51 16.99
C ILE J 106 5.78 -48.56 17.49
N HIS J 107 5.94 -49.01 18.73
CA HIS J 107 7.21 -48.89 19.41
C HIS J 107 8.35 -49.46 18.57
N PRO J 108 9.48 -48.77 18.52
CA PRO J 108 10.66 -49.35 17.87
C PRO J 108 11.08 -50.66 18.51
N GLN J 109 10.75 -50.86 19.78
CA GLN J 109 10.89 -52.19 20.38
C GLN J 109 9.94 -53.17 19.70
N THR J 110 8.70 -52.74 19.47
CA THR J 110 7.67 -53.67 19.00
C THR J 110 7.91 -54.07 17.55
N ILE J 111 8.24 -53.11 16.69
CA ILE J 111 8.30 -53.37 15.26
C ILE J 111 9.45 -54.33 14.94
N ILE J 112 10.61 -54.12 15.57
CA ILE J 112 11.76 -54.98 15.30
C ILE J 112 11.42 -56.43 15.61
N ALA J 113 10.95 -56.70 16.83
CA ALA J 113 10.59 -58.06 17.21
C ALA J 113 9.40 -58.58 16.39
N GLY J 114 8.43 -57.72 16.11
CA GLY J 114 7.29 -58.11 15.29
C GLY J 114 7.74 -58.56 13.92
N TRP J 115 8.59 -57.75 13.29
CA TRP J 115 9.16 -58.15 12.00
C TRP J 115 10.21 -59.24 12.18
N ARG J 116 10.80 -59.33 13.37
CA ARG J 116 11.71 -60.44 13.64
C ARG J 116 10.99 -61.76 13.55
N GLU J 117 9.86 -61.89 14.26
CA GLU J 117 9.10 -63.12 14.25
C GLU J 117 8.49 -63.39 12.89
N ALA J 118 7.79 -62.40 12.33
CA ALA J 118 7.16 -62.58 11.02
C ALA J 118 8.19 -62.91 9.95
N THR J 119 9.44 -62.44 10.11
CA THR J 119 10.49 -62.84 9.20
C THR J 119 10.66 -64.36 9.21
N LYS J 120 10.77 -64.95 10.40
CA LYS J 120 10.76 -66.41 10.48
C LYS J 120 9.48 -66.98 9.87
N ALA J 121 8.33 -66.39 10.21
CA ALA J 121 7.07 -66.87 9.66
C ALA J 121 7.12 -67.01 8.15
N ALA J 122 7.57 -65.97 7.45
CA ALA J 122 7.75 -66.08 6.00
C ALA J 122 8.88 -67.04 5.67
N ARG J 123 10.03 -66.92 6.35
CA ARG J 123 11.12 -67.86 6.13
C ARG J 123 10.67 -69.30 6.35
N GLU J 124 9.88 -69.53 7.40
CA GLU J 124 9.29 -70.85 7.58
C GLU J 124 8.22 -71.13 6.53
N ALA J 125 7.38 -70.12 6.25
CA ALA J 125 6.38 -70.29 5.20
C ALA J 125 7.05 -70.53 3.86
N LEU J 126 8.08 -69.73 3.53
CA LEU J 126 8.91 -70.03 2.38
C LEU J 126 9.44 -71.45 2.46
N LEU J 127 9.98 -71.83 3.62
CA LEU J 127 10.41 -73.19 3.85
C LEU J 127 9.26 -74.16 3.68
N SER J 128 8.12 -73.85 4.30
CA SER J 128 6.92 -74.66 4.12
C SER J 128 6.55 -74.73 2.64
N SER J 129 6.63 -73.60 1.95
CA SER J 129 6.41 -73.55 0.52
C SER J 129 7.58 -74.10 -0.27
N ALA J 130 8.70 -74.37 0.38
CA ALA J 130 9.89 -74.88 -0.29
C ALA J 130 9.87 -76.40 -0.30
N VAL J 131 10.08 -76.99 -1.47
CA VAL J 131 10.13 -78.44 -1.65
C VAL J 131 11.27 -78.78 -2.60
N ASP J 132 12.01 -79.84 -2.26
CA ASP J 132 13.12 -80.28 -3.09
C ASP J 132 12.61 -80.77 -4.44
N HIS J 133 13.13 -80.17 -5.51
CA HIS J 133 13.02 -80.75 -6.86
C HIS J 133 14.29 -81.50 -7.17
N GLY J 134 15.25 -81.45 -6.25
CA GLY J 134 16.53 -82.10 -6.44
C GLY J 134 16.58 -83.50 -5.86
N SER J 135 15.42 -84.12 -5.69
CA SER J 135 15.38 -85.49 -5.18
C SER J 135 16.16 -86.45 -6.06
N ASP J 136 16.03 -86.32 -7.38
CA ASP J 136 16.81 -87.10 -8.33
C ASP J 136 17.80 -86.17 -9.02
N GLU J 137 18.96 -86.73 -9.38
CA GLU J 137 20.01 -85.91 -9.98
C GLU J 137 19.54 -85.21 -11.24
N VAL J 138 18.90 -85.94 -12.15
CA VAL J 138 18.37 -85.31 -13.36
C VAL J 138 17.27 -84.32 -12.99
N LYS J 139 16.42 -84.68 -12.02
CA LYS J 139 15.54 -83.68 -11.43
C LYS J 139 16.36 -82.58 -10.78
N PHE J 140 17.45 -82.94 -10.10
CA PHE J 140 18.32 -81.94 -9.50
C PHE J 140 19.00 -81.11 -10.57
N ARG J 141 19.43 -81.76 -11.67
CA ARG J 141 19.85 -81.00 -12.84
C ARG J 141 18.77 -79.99 -13.22
N GLN J 142 17.55 -80.47 -13.42
CA GLN J 142 16.42 -79.58 -13.68
C GLN J 142 16.16 -78.67 -12.48
N ASP J 143 16.29 -79.19 -11.27
CA ASP J 143 16.16 -78.35 -10.09
C ASP J 143 17.21 -77.24 -10.10
N LEU J 144 18.48 -77.61 -10.33
CA LEU J 144 19.49 -76.60 -10.62
C LEU J 144 19.04 -75.69 -11.76
N MET J 145 18.53 -76.28 -12.84
CA MET J 145 18.04 -75.49 -13.97
C MET J 145 16.86 -74.61 -13.57
N ASN J 146 15.79 -75.22 -13.05
CA ASN J 146 14.61 -74.46 -12.66
C ASN J 146 14.97 -73.34 -11.69
N ILE J 147 15.93 -73.59 -10.80
CA ILE J 147 16.37 -72.56 -9.88
C ILE J 147 17.28 -71.55 -10.58
N ALA J 148 18.18 -72.04 -11.42
CA ALA J 148 18.94 -71.13 -12.29
C ALA J 148 17.99 -70.39 -13.22
N GLY J 149 16.94 -71.08 -13.69
CA GLY J 149 15.95 -70.43 -14.53
C GLY J 149 15.36 -69.19 -13.90
N THR J 150 15.12 -69.21 -12.59
CA THR J 150 14.70 -68.00 -11.90
C THR J 150 15.88 -67.06 -11.68
N THR J 151 17.08 -67.62 -11.56
CA THR J 151 18.27 -66.78 -11.40
C THR J 151 18.69 -66.16 -12.72
N LEU J 152 18.69 -66.95 -13.80
CA LEU J 152 19.22 -66.47 -15.07
C LEU J 152 18.20 -65.59 -15.80
N SER J 153 16.94 -65.59 -15.33
CA SER J 153 15.86 -64.99 -16.09
C SER J 153 15.92 -63.46 -16.07
N SER J 154 15.21 -62.86 -17.04
CA SER J 154 14.98 -61.41 -17.08
C SER J 154 16.28 -60.63 -17.18
N LYS J 155 17.15 -61.04 -18.11
CA LYS J 155 18.38 -60.34 -18.38
C LYS J 155 18.51 -60.14 -19.88
N LEU J 156 19.46 -59.29 -20.28
CA LEU J 156 19.65 -58.97 -21.69
C LEU J 156 20.42 -60.04 -22.43
N LEU J 157 20.82 -61.10 -21.73
CA LEU J 157 21.45 -62.25 -22.37
C LEU J 157 20.44 -62.96 -23.26
N THR J 158 20.95 -63.63 -24.29
CA THR J 158 20.11 -64.50 -25.11
C THR J 158 20.65 -65.91 -25.27
N HIS J 159 21.75 -66.12 -25.99
CA HIS J 159 22.34 -67.46 -26.03
C HIS J 159 23.20 -67.72 -24.82
N HIS J 160 23.68 -66.66 -24.15
CA HIS J 160 24.39 -66.86 -22.89
C HIS J 160 23.52 -67.51 -21.84
N LYS J 161 22.39 -66.90 -21.48
CA LYS J 161 21.52 -67.45 -20.44
C LYS J 161 21.25 -68.93 -20.68
N ASP J 162 21.01 -69.30 -21.94
CA ASP J 162 20.79 -70.70 -22.26
C ASP J 162 22.08 -71.49 -22.18
N HIS J 163 23.20 -70.89 -22.58
CA HIS J 163 24.49 -71.56 -22.44
C HIS J 163 24.80 -71.81 -20.97
N PHE J 164 24.37 -70.89 -20.09
CA PHE J 164 24.64 -71.06 -18.67
C PHE J 164 23.53 -71.81 -17.95
N THR J 165 22.42 -72.09 -18.64
CA THR J 165 21.45 -73.04 -18.09
C THR J 165 22.10 -74.41 -17.91
N LYS J 166 22.81 -74.88 -18.92
CA LYS J 166 23.55 -76.13 -18.78
C LYS J 166 24.87 -75.92 -18.05
N LEU J 167 25.54 -74.80 -18.30
CA LEU J 167 26.93 -74.65 -17.87
C LEU J 167 27.03 -74.55 -16.35
N ALA J 168 26.19 -73.72 -15.74
CA ALA J 168 26.10 -73.73 -14.29
C ALA J 168 25.75 -75.12 -13.79
N VAL J 169 24.66 -75.70 -14.29
CA VAL J 169 24.23 -77.02 -13.86
C VAL J 169 25.33 -78.06 -14.12
N GLU J 170 26.02 -77.94 -15.25
CA GLU J 170 27.12 -78.85 -15.52
C GLU J 170 28.28 -78.63 -14.56
N ALA J 171 28.63 -77.37 -14.31
CA ALA J 171 29.69 -77.09 -13.35
C ALA J 171 29.25 -77.42 -11.93
N VAL J 172 28.04 -77.02 -11.55
CA VAL J 172 27.57 -77.26 -10.19
C VAL J 172 27.45 -78.75 -9.91
N LEU J 173 27.09 -79.54 -10.93
CA LEU J 173 26.98 -80.98 -10.73
C LEU J 173 28.36 -81.61 -10.53
N ARG J 174 29.28 -81.39 -11.48
CA ARG J 174 30.54 -82.11 -11.41
C ARG J 174 31.44 -81.57 -10.29
N LEU J 175 31.12 -80.38 -9.78
CA LEU J 175 31.78 -79.94 -8.55
C LEU J 175 31.16 -80.59 -7.32
N LYS J 176 29.98 -81.19 -7.48
CA LYS J 176 29.28 -81.86 -6.39
C LYS J 176 29.06 -80.93 -5.20
N GLY J 177 28.17 -79.96 -5.35
CA GLY J 177 27.81 -79.08 -4.25
C GLY J 177 28.26 -77.64 -4.36
N SER J 178 29.09 -77.30 -5.33
CA SER J 178 29.64 -75.95 -5.44
C SER J 178 29.24 -75.33 -6.77
N GLY J 179 29.75 -74.13 -7.00
CA GLY J 179 29.82 -73.56 -8.32
C GLY J 179 30.99 -72.61 -8.33
N ASN J 180 31.64 -72.43 -9.48
CA ASN J 180 32.97 -71.85 -9.53
C ASN J 180 33.27 -71.30 -10.92
N LEU J 181 34.25 -70.41 -10.98
CA LEU J 181 34.86 -70.07 -12.25
C LEU J 181 36.17 -70.84 -12.40
N GLU J 182 36.53 -71.65 -11.40
CA GLU J 182 37.65 -72.58 -11.54
C GLU J 182 37.24 -73.84 -12.30
N ALA J 183 36.02 -74.34 -12.10
CA ALA J 183 35.49 -75.41 -12.92
C ALA J 183 35.22 -74.96 -14.34
N ILE J 184 34.85 -73.71 -14.54
CA ILE J 184 34.64 -73.13 -15.85
C ILE J 184 35.29 -71.75 -15.92
N HIS J 185 36.32 -71.60 -16.75
CA HIS J 185 37.07 -70.36 -16.79
C HIS J 185 36.51 -69.42 -17.84
N ILE J 186 35.96 -68.30 -17.39
CA ILE J 186 35.28 -67.35 -18.25
C ILE J 186 36.34 -66.59 -19.04
N ILE J 187 36.19 -66.59 -20.36
CA ILE J 187 36.94 -65.69 -21.23
C ILE J 187 35.93 -64.84 -21.99
N LYS J 188 35.86 -63.56 -21.66
CA LYS J 188 34.97 -62.63 -22.32
C LYS J 188 35.75 -61.85 -23.38
N LYS J 189 35.44 -62.13 -24.64
CA LYS J 189 36.21 -61.53 -25.73
C LYS J 189 35.26 -61.01 -26.80
N LEU J 190 35.80 -60.19 -27.68
CA LEU J 190 35.07 -59.67 -28.82
C LEU J 190 34.92 -60.76 -29.89
N GLY J 191 33.96 -60.55 -30.77
CA GLY J 191 33.76 -61.47 -31.86
C GLY J 191 32.45 -61.24 -32.57
N GLY J 192 32.32 -61.85 -33.74
CA GLY J 192 31.11 -61.75 -34.51
C GLY J 192 29.94 -62.42 -33.82
N SER J 193 30.24 -63.48 -33.07
CA SER J 193 29.24 -64.16 -32.26
C SER J 193 28.69 -63.22 -31.21
N LEU J 194 27.36 -63.10 -31.16
CA LEU J 194 26.74 -62.12 -30.27
C LEU J 194 26.63 -62.65 -28.86
N ALA J 195 25.70 -63.58 -28.62
CA ALA J 195 25.58 -64.18 -27.30
C ALA J 195 26.25 -65.55 -27.26
N ASP J 196 26.83 -65.98 -28.38
CA ASP J 196 27.37 -67.32 -28.49
C ASP J 196 28.58 -67.51 -27.58
N SER J 197 28.54 -68.56 -26.78
CA SER J 197 29.63 -68.93 -25.88
C SER J 197 29.69 -70.44 -25.81
N TYR J 198 30.91 -70.98 -25.73
CA TYR J 198 31.11 -72.42 -25.69
C TYR J 198 32.23 -72.74 -24.70
N LEU J 199 32.35 -74.03 -24.39
CA LEU J 199 33.31 -74.52 -23.42
C LEU J 199 34.64 -74.79 -24.12
N ASP J 200 35.68 -74.05 -23.74
CA ASP J 200 36.95 -74.10 -24.44
C ASP J 200 37.79 -75.30 -24.00
N GLU J 201 38.67 -75.74 -24.90
CA GLU J 201 39.66 -76.79 -24.62
C GLU J 201 41.00 -76.09 -24.40
N GLY J 202 41.70 -76.46 -23.34
CA GLY J 202 42.86 -75.69 -22.93
C GLY J 202 42.43 -74.28 -22.59
N PHE J 203 43.09 -73.28 -23.15
CA PHE J 203 42.60 -71.91 -23.05
C PHE J 203 43.19 -71.07 -24.17
N LEU J 204 42.52 -69.97 -24.47
CA LEU J 204 42.94 -69.03 -25.50
C LEU J 204 43.23 -67.66 -24.88
N LEU J 205 44.06 -66.89 -25.56
CA LEU J 205 44.48 -65.57 -25.13
C LEU J 205 44.40 -64.64 -26.32
N ASP J 206 44.19 -63.34 -26.06
CA ASP J 206 44.00 -62.39 -27.15
C ASP J 206 45.28 -61.64 -27.44
N LYS J 207 45.91 -61.96 -28.57
CA LYS J 207 47.11 -61.31 -29.08
C LYS J 207 47.52 -62.02 -30.38
N LYS J 208 48.30 -61.36 -31.23
CA LYS J 208 48.88 -62.02 -32.39
C LYS J 208 50.39 -62.03 -32.27
N ILE J 209 51.00 -63.13 -32.68
CA ILE J 209 52.45 -63.29 -32.66
C ILE J 209 52.94 -63.13 -34.09
N GLY J 210 53.60 -62.01 -34.37
CA GLY J 210 54.15 -61.77 -35.68
C GLY J 210 55.64 -62.01 -35.73
N VAL J 211 56.33 -61.21 -36.55
CA VAL J 211 57.79 -61.18 -36.60
C VAL J 211 58.30 -62.56 -36.98
N ASN J 212 59.39 -63.02 -36.36
CA ASN J 212 60.03 -64.24 -36.81
C ASN J 212 59.57 -65.46 -36.02
N GLN J 213 58.65 -65.31 -35.11
CA GLN J 213 58.16 -66.48 -34.39
C GLN J 213 57.05 -67.15 -35.18
N PRO J 214 57.13 -68.46 -35.39
CA PRO J 214 56.00 -69.18 -35.97
C PRO J 214 54.78 -69.08 -35.08
N LYS J 215 53.61 -68.97 -35.70
CA LYS J 215 52.40 -68.65 -34.95
C LYS J 215 51.81 -69.90 -34.31
N ARG J 216 52.43 -71.06 -34.53
CA ARG J 216 51.94 -72.32 -34.01
C ARG J 216 53.14 -73.19 -33.61
N ILE J 217 53.02 -73.90 -32.50
CA ILE J 217 54.09 -74.76 -31.99
C ILE J 217 53.51 -76.13 -31.68
N GLU J 218 54.26 -77.17 -32.02
CA GLU J 218 53.88 -78.56 -31.77
C GLU J 218 54.79 -79.15 -30.71
N ASN J 219 54.27 -80.15 -29.99
CA ASN J 219 54.99 -80.79 -28.89
C ASN J 219 55.39 -79.75 -27.84
N ALA J 220 54.40 -79.00 -27.38
CA ALA J 220 54.68 -77.88 -26.51
C ALA J 220 54.63 -78.31 -25.05
N LYS J 221 55.78 -78.22 -24.38
CA LYS J 221 55.87 -78.43 -22.94
C LYS J 221 55.83 -77.07 -22.27
N ILE J 222 54.73 -76.80 -21.56
CA ILE J 222 54.48 -75.49 -20.98
C ILE J 222 55.42 -75.27 -19.81
N LEU J 223 56.19 -74.19 -19.86
CA LEU J 223 56.95 -73.71 -18.71
C LEU J 223 56.22 -72.51 -18.14
N ILE J 224 55.59 -72.72 -16.98
CA ILE J 224 54.69 -71.76 -16.38
C ILE J 224 55.50 -70.76 -15.56
N ALA J 225 55.23 -69.48 -15.77
CA ALA J 225 55.96 -68.44 -15.05
C ALA J 225 55.00 -67.37 -14.57
N ASN J 226 54.96 -67.19 -13.24
CA ASN J 226 54.40 -65.98 -12.65
C ASN J 226 55.32 -64.80 -12.86
N THR J 227 56.55 -65.03 -13.27
CA THR J 227 57.56 -64.00 -13.48
C THR J 227 57.70 -63.73 -14.96
N GLY J 228 57.98 -62.48 -15.29
CA GLY J 228 58.18 -62.08 -16.68
C GLY J 228 58.88 -60.75 -16.70
N MET J 229 58.89 -60.10 -17.86
CA MET J 229 59.64 -58.87 -18.01
C MET J 229 58.69 -57.72 -18.24
N ASP J 230 59.11 -56.53 -17.81
CA ASP J 230 58.38 -55.31 -18.11
C ASP J 230 58.88 -54.68 -19.41
N THR J 231 59.77 -55.42 -20.11
CA THR J 231 60.71 -55.05 -21.18
C THR J 231 61.96 -54.50 -20.52
N ASP J 232 61.88 -54.24 -19.21
CA ASP J 232 63.01 -53.88 -18.38
C ASP J 232 62.90 -54.67 -17.08
N LYS J 233 63.94 -55.44 -16.77
CA LYS J 233 63.99 -56.29 -15.59
C LYS J 233 64.98 -55.71 -14.60
N ILE J 234 64.48 -55.29 -13.44
CA ILE J 234 65.31 -54.63 -12.44
C ILE J 234 66.33 -55.62 -11.89
N LYS J 235 67.60 -55.23 -11.93
CA LYS J 235 68.70 -56.04 -11.41
C LYS J 235 69.88 -55.12 -11.11
N ILE J 236 71.05 -55.71 -10.87
CA ILE J 236 72.22 -54.94 -10.43
C ILE J 236 72.59 -53.89 -11.47
N PHE J 237 72.80 -54.32 -12.71
CA PHE J 237 73.25 -53.44 -13.78
C PHE J 237 72.12 -52.66 -14.45
N GLY J 238 70.86 -53.00 -14.16
CA GLY J 238 69.74 -52.37 -14.83
C GLY J 238 69.42 -50.99 -14.32
N SER J 239 70.14 -50.53 -13.29
CA SER J 239 69.90 -49.25 -12.67
C SER J 239 70.65 -48.10 -13.35
N ARG J 240 71.37 -48.38 -14.44
CA ARG J 240 72.17 -47.34 -15.09
C ARG J 240 71.31 -46.16 -15.49
N VAL J 241 71.69 -44.97 -15.01
CA VAL J 241 71.09 -43.72 -15.45
C VAL J 241 72.23 -42.76 -15.79
N ARG J 242 72.37 -42.45 -17.08
CA ARG J 242 73.40 -41.55 -17.56
C ARG J 242 72.92 -40.13 -17.83
N VAL J 243 71.65 -39.82 -17.60
CA VAL J 243 71.07 -38.60 -18.15
C VAL J 243 71.57 -37.39 -17.38
N ASP J 244 72.23 -36.47 -18.09
CA ASP J 244 72.52 -35.14 -17.57
C ASP J 244 72.15 -34.08 -18.59
N SER J 245 72.84 -34.06 -19.73
CA SER J 245 72.59 -33.09 -20.79
C SER J 245 71.49 -33.63 -21.69
N THR J 246 71.20 -32.88 -22.75
CA THR J 246 70.20 -33.31 -23.72
C THR J 246 70.74 -34.42 -24.62
N ALA J 247 72.06 -34.58 -24.69
CA ALA J 247 72.64 -35.69 -25.44
C ALA J 247 72.40 -37.01 -24.72
N LYS J 248 72.61 -37.03 -23.40
CA LYS J 248 72.29 -38.21 -22.60
C LYS J 248 70.79 -38.49 -22.59
N VAL J 249 69.97 -37.47 -22.81
CA VAL J 249 68.54 -37.71 -23.04
C VAL J 249 68.35 -38.48 -24.35
N ALA J 250 69.21 -38.22 -25.33
CA ALA J 250 69.11 -38.95 -26.59
C ALA J 250 69.71 -40.34 -26.48
N GLU J 251 70.68 -40.52 -25.58
CA GLU J 251 71.35 -41.82 -25.48
C GLU J 251 70.57 -42.79 -24.61
N ILE J 252 69.68 -42.29 -23.75
CA ILE J 252 69.13 -43.14 -22.70
C ILE J 252 68.07 -44.10 -23.24
N GLU J 253 67.23 -43.63 -24.16
CA GLU J 253 66.20 -44.49 -24.73
C GLU J 253 66.80 -45.66 -25.49
N HIS J 254 68.05 -45.50 -25.96
CA HIS J 254 68.67 -46.53 -26.77
C HIS J 254 69.23 -47.64 -25.90
N ALA J 255 69.57 -47.32 -24.64
CA ALA J 255 70.08 -48.33 -23.73
C ALA J 255 69.01 -49.40 -23.46
N GLU J 256 67.74 -49.03 -23.57
CA GLU J 256 66.66 -50.00 -23.44
C GLU J 256 66.83 -51.15 -24.42
N LYS J 257 67.34 -50.87 -25.62
CA LYS J 257 67.62 -51.93 -26.58
C LYS J 257 68.71 -52.86 -26.05
N GLU J 258 69.69 -52.31 -25.32
CA GLU J 258 70.69 -53.13 -24.65
C GLU J 258 70.07 -53.95 -23.53
N LYS J 259 69.04 -53.42 -22.87
CA LYS J 259 68.45 -54.12 -21.74
C LYS J 259 67.59 -55.30 -22.17
N MET J 260 66.94 -55.20 -23.34
CA MET J 260 65.96 -56.22 -23.71
C MET J 260 66.62 -57.55 -24.03
N LYS J 261 67.88 -57.54 -24.46
CA LYS J 261 68.48 -58.74 -25.02
C LYS J 261 68.92 -59.73 -23.96
N GLU J 262 69.51 -59.24 -22.85
CA GLU J 262 70.02 -60.17 -21.84
C GLU J 262 68.90 -60.92 -21.13
N LYS J 263 67.67 -60.38 -21.15
CA LYS J 263 66.56 -61.05 -20.52
C LYS J 263 66.25 -62.39 -21.18
N VAL J 264 66.55 -62.52 -22.47
CA VAL J 264 66.26 -63.75 -23.18
C VAL J 264 67.10 -64.89 -22.62
N GLU J 265 68.24 -64.57 -22.02
CA GLU J 265 69.22 -65.58 -21.66
C GLU J 265 68.79 -66.41 -20.47
N ARG J 266 68.03 -65.83 -19.53
CA ARG J 266 67.66 -66.57 -18.32
C ARG J 266 66.71 -67.72 -18.65
N ILE J 267 65.94 -67.58 -19.73
CA ILE J 267 65.00 -68.64 -20.10
C ILE J 267 65.73 -69.77 -20.83
N LEU J 268 66.83 -69.44 -21.50
CA LEU J 268 67.55 -70.46 -22.27
C LEU J 268 68.20 -71.50 -21.37
N LYS J 269 68.58 -71.11 -20.15
CA LYS J 269 69.09 -72.08 -19.19
C LYS J 269 68.06 -73.18 -18.93
N HIS J 270 66.78 -72.88 -19.14
CA HIS J 270 65.74 -73.88 -18.94
C HIS J 270 65.66 -74.82 -20.13
N GLY J 271 66.00 -74.33 -21.32
CA GLY J 271 66.02 -75.14 -22.52
C GLY J 271 64.67 -75.61 -23.01
N ILE J 272 63.71 -74.70 -23.19
CA ILE J 272 62.36 -75.08 -23.61
C ILE J 272 61.93 -74.17 -24.75
N ASN J 273 61.25 -74.75 -25.75
CA ASN J 273 60.79 -73.95 -26.88
C ASN J 273 59.60 -73.08 -26.50
N CYS J 274 58.80 -73.52 -25.54
CA CYS J 274 57.60 -72.80 -25.13
C CYS J 274 57.75 -72.31 -23.71
N PHE J 275 57.89 -71.00 -23.54
CA PHE J 275 57.94 -70.36 -22.24
C PHE J 275 56.77 -69.39 -22.13
N ILE J 276 55.88 -69.64 -21.19
CA ILE J 276 54.74 -68.76 -20.95
C ILE J 276 55.02 -67.95 -19.69
N ASN J 277 54.72 -66.67 -19.74
CA ASN J 277 54.79 -65.79 -18.59
C ASN J 277 53.54 -64.92 -18.53
N ARG J 278 53.36 -64.28 -17.39
CA ARG J 278 52.17 -63.49 -17.11
C ARG J 278 52.35 -62.03 -17.52
N GLN J 279 53.44 -61.70 -18.18
CA GLN J 279 53.86 -60.34 -18.47
C GLN J 279 54.02 -60.16 -19.97
N LEU J 280 54.09 -58.90 -20.43
CA LEU J 280 53.94 -58.60 -21.85
C LEU J 280 55.15 -57.86 -22.41
N ILE J 281 55.26 -57.85 -23.75
CA ILE J 281 56.35 -57.18 -24.47
C ILE J 281 55.81 -56.49 -25.72
N TYR J 282 56.65 -55.65 -26.31
CA TYR J 282 56.36 -54.98 -27.57
C TYR J 282 56.67 -55.88 -28.76
N ASN J 283 56.57 -55.30 -29.97
CA ASN J 283 57.01 -55.98 -31.17
C ASN J 283 58.53 -56.05 -31.24
N TYR J 284 59.20 -54.92 -30.99
CA TYR J 284 60.65 -54.93 -31.10
C TYR J 284 61.31 -56.00 -30.21
N PRO J 285 60.86 -56.25 -28.98
CA PRO J 285 61.31 -57.46 -28.29
C PRO J 285 60.79 -58.74 -28.90
N GLU J 286 59.56 -58.78 -29.42
CA GLU J 286 59.11 -59.94 -30.20
C GLU J 286 60.12 -60.28 -31.29
N GLN J 287 60.86 -59.29 -31.75
CA GLN J 287 61.89 -59.53 -32.76
C GLN J 287 63.09 -60.24 -32.14
N LEU J 288 63.32 -60.05 -30.84
CA LEU J 288 64.50 -60.63 -30.20
C LEU J 288 64.29 -62.09 -29.81
N PHE J 289 63.12 -62.43 -29.28
CA PHE J 289 62.94 -63.73 -28.64
C PHE J 289 62.87 -64.87 -29.65
N GLY J 290 62.13 -64.68 -30.74
CA GLY J 290 62.06 -65.72 -31.75
C GLY J 290 63.37 -65.97 -32.46
N ALA J 291 64.30 -65.02 -32.34
CA ALA J 291 65.61 -65.20 -32.96
C ALA J 291 66.49 -66.11 -32.12
N ALA J 292 66.27 -66.12 -30.80
CA ALA J 292 67.16 -66.86 -29.91
C ALA J 292 66.71 -68.31 -29.74
N GLY J 293 65.49 -68.64 -30.20
CA GLY J 293 65.02 -70.01 -30.15
C GLY J 293 64.04 -70.31 -29.04
N VAL J 294 64.05 -69.51 -27.98
CA VAL J 294 63.08 -69.63 -26.90
C VAL J 294 61.93 -68.69 -27.18
N MET J 295 60.76 -69.25 -27.46
CA MET J 295 59.60 -68.46 -27.87
C MET J 295 58.94 -67.84 -26.65
N ALA J 296 58.73 -66.53 -26.71
CA ALA J 296 58.11 -65.81 -25.62
C ALA J 296 56.61 -65.75 -25.85
N ILE J 297 55.87 -66.48 -25.01
CA ILE J 297 54.41 -66.45 -25.01
C ILE J 297 53.99 -65.64 -23.80
N GLU J 298 53.45 -64.45 -24.05
CA GLU J 298 53.41 -63.39 -23.06
C GLU J 298 52.02 -63.21 -22.46
N HIS J 299 52.00 -62.80 -21.19
CA HIS J 299 50.78 -62.52 -20.43
C HIS J 299 49.84 -63.72 -20.38
N ALA J 300 50.33 -64.87 -19.93
CA ALA J 300 49.48 -66.05 -19.84
C ALA J 300 48.35 -65.80 -18.86
N ASP J 301 47.16 -66.29 -19.20
CA ASP J 301 46.00 -66.12 -18.33
C ASP J 301 46.27 -66.75 -16.98
N PHE J 302 46.01 -65.98 -15.92
CA PHE J 302 46.14 -66.52 -14.57
C PHE J 302 45.24 -67.74 -14.41
N ALA J 303 44.01 -67.63 -14.92
CA ALA J 303 43.10 -68.78 -14.93
C ALA J 303 43.53 -69.81 -15.96
N GLY J 304 44.22 -69.36 -17.02
CA GLY J 304 44.67 -70.29 -18.04
C GLY J 304 45.68 -71.29 -17.53
N VAL J 305 46.70 -70.80 -16.81
CA VAL J 305 47.59 -71.71 -16.09
C VAL J 305 46.80 -72.60 -15.16
N GLU J 306 45.88 -71.99 -14.39
CA GLU J 306 45.03 -72.77 -13.49
C GLU J 306 44.15 -73.74 -14.28
N ARG J 307 43.71 -73.32 -15.47
CA ARG J 307 42.95 -74.22 -16.34
C ARG J 307 43.74 -75.47 -16.66
N LEU J 308 44.97 -75.31 -17.13
CA LEU J 308 45.81 -76.46 -17.41
C LEU J 308 46.16 -77.21 -16.14
N ALA J 309 46.71 -76.49 -15.14
CA ALA J 309 47.28 -77.12 -13.96
C ALA J 309 46.26 -78.02 -13.25
N LEU J 310 44.98 -77.64 -13.29
CA LEU J 310 43.96 -78.50 -12.69
C LEU J 310 43.77 -79.78 -13.49
N VAL J 311 43.71 -79.68 -14.82
CA VAL J 311 43.55 -80.87 -15.64
C VAL J 311 44.89 -81.56 -15.87
N THR J 312 45.93 -80.78 -16.16
CA THR J 312 47.21 -81.36 -16.56
C THR J 312 48.04 -81.87 -15.38
N GLY J 313 47.53 -81.70 -14.16
CA GLY J 313 48.27 -82.09 -12.98
C GLY J 313 49.34 -81.09 -12.56
N GLY J 314 49.52 -80.03 -13.32
CA GLY J 314 50.48 -78.99 -12.97
C GLY J 314 50.10 -78.31 -11.67
N GLU J 315 51.05 -77.55 -11.15
CA GLU J 315 50.89 -76.84 -9.89
C GLU J 315 50.88 -75.34 -10.12
N ILE J 316 50.02 -74.64 -9.38
CA ILE J 316 50.00 -73.19 -9.36
C ILE J 316 50.90 -72.72 -8.23
N ALA J 317 51.68 -71.68 -8.48
CA ALA J 317 52.62 -71.16 -7.50
C ALA J 317 52.92 -69.69 -7.78
N SER J 318 53.92 -69.14 -7.09
CA SER J 318 54.31 -67.75 -7.30
C SER J 318 55.82 -67.65 -7.31
N THR J 319 56.31 -66.50 -7.80
CA THR J 319 57.74 -66.19 -7.85
C THR J 319 58.50 -67.23 -8.66
N PHE J 320 58.32 -67.21 -9.98
CA PHE J 320 59.05 -68.12 -10.86
C PHE J 320 60.43 -67.55 -11.13
N ASP J 321 61.43 -68.41 -11.10
CA ASP J 321 62.75 -68.10 -11.62
C ASP J 321 63.21 -69.23 -12.53
N HIS J 322 63.34 -70.42 -11.96
CA HIS J 322 63.77 -71.62 -12.67
C HIS J 322 62.62 -72.61 -12.66
N PRO J 323 62.59 -73.56 -13.60
CA PRO J 323 61.39 -74.40 -13.78
C PRO J 323 60.98 -75.19 -12.55
N GLU J 324 61.83 -75.28 -11.52
CA GLU J 324 61.57 -76.20 -10.43
C GLU J 324 60.51 -75.67 -9.46
N LEU J 325 60.46 -74.35 -9.24
CA LEU J 325 59.57 -73.82 -8.22
C LEU J 325 58.13 -73.72 -8.70
N VAL J 326 57.89 -73.90 -9.99
CA VAL J 326 56.54 -73.91 -10.56
C VAL J 326 56.46 -75.12 -11.49
N LYS J 327 55.54 -76.04 -11.21
CA LYS J 327 55.47 -77.29 -11.95
C LYS J 327 55.14 -77.04 -13.42
N LEU J 328 55.76 -77.84 -14.27
CA LEU J 328 55.55 -77.81 -15.72
C LEU J 328 54.16 -78.28 -16.08
N GLY J 329 53.76 -77.97 -17.31
CA GLY J 329 52.49 -78.40 -17.84
C GLY J 329 52.63 -78.70 -19.32
N SER J 330 51.59 -79.32 -19.87
CA SER J 330 51.64 -79.82 -21.24
C SER J 330 50.38 -79.46 -21.99
N CYS J 331 50.56 -78.69 -23.06
CA CYS J 331 49.53 -78.52 -24.07
C CYS J 331 49.92 -79.39 -25.26
N LYS J 332 48.93 -80.11 -25.79
CA LYS J 332 49.17 -80.87 -27.01
C LYS J 332 49.61 -79.96 -28.15
N LEU J 333 49.00 -78.78 -28.25
CA LEU J 333 49.27 -77.86 -29.34
C LEU J 333 49.25 -76.43 -28.82
N ILE J 334 50.21 -75.63 -29.27
CA ILE J 334 50.21 -74.18 -29.09
C ILE J 334 50.04 -73.58 -30.47
N GLU J 335 48.89 -72.95 -30.71
CA GLU J 335 48.51 -72.48 -32.04
C GLU J 335 47.80 -71.14 -31.95
N GLU J 336 47.78 -70.42 -33.07
CA GLU J 336 47.04 -69.18 -33.19
C GLU J 336 45.93 -69.36 -34.21
N VAL J 337 44.72 -68.93 -33.87
CA VAL J 337 43.53 -69.21 -34.67
C VAL J 337 42.85 -67.90 -35.05
N MET J 338 41.95 -67.99 -36.03
CA MET J 338 41.14 -66.87 -36.48
C MET J 338 39.75 -67.00 -35.87
N ILE J 339 39.41 -66.10 -34.95
CA ILE J 339 38.10 -66.07 -34.31
C ILE J 339 37.40 -64.80 -34.76
N GLY J 340 36.39 -64.94 -35.61
CA GLY J 340 35.77 -63.78 -36.20
C GLY J 340 36.78 -62.94 -36.96
N GLU J 341 36.85 -61.65 -36.61
CA GLU J 341 37.91 -60.77 -37.07
C GLU J 341 39.06 -60.70 -36.06
N ASP J 342 38.95 -61.40 -34.94
CA ASP J 342 39.96 -61.39 -33.89
C ASP J 342 40.96 -62.51 -34.14
N LYS J 343 42.24 -62.20 -34.02
CA LYS J 343 43.32 -63.16 -34.21
C LYS J 343 43.91 -63.53 -32.87
N LEU J 344 43.68 -64.77 -32.43
CA LEU J 344 44.03 -65.20 -31.08
C LEU J 344 44.92 -66.42 -31.11
N ILE J 345 45.95 -66.40 -30.26
CA ILE J 345 46.77 -67.57 -29.96
C ILE J 345 45.96 -68.41 -28.97
N HIS J 346 46.08 -69.73 -29.08
CA HIS J 346 45.18 -70.65 -28.36
C HIS J 346 45.95 -71.87 -27.87
N PHE J 347 45.75 -72.23 -26.60
CA PHE J 347 46.29 -73.47 -26.07
C PHE J 347 45.18 -74.50 -25.94
N SER J 348 45.50 -75.77 -26.22
CA SER J 348 44.53 -76.83 -26.20
C SER J 348 45.21 -78.19 -26.10
N GLY J 349 44.43 -79.25 -26.29
CA GLY J 349 44.89 -80.61 -26.13
C GLY J 349 44.32 -81.26 -24.89
N VAL J 350 43.86 -80.43 -23.96
CA VAL J 350 43.08 -80.89 -22.81
C VAL J 350 41.67 -80.32 -22.96
N ALA J 351 40.70 -81.22 -22.86
CA ALA J 351 39.32 -80.86 -23.16
C ALA J 351 38.46 -81.01 -21.91
N LEU J 352 37.88 -79.89 -21.49
CA LEU J 352 36.90 -79.84 -20.42
C LEU J 352 37.43 -80.44 -19.12
N GLY J 353 36.61 -81.22 -18.44
CA GLY J 353 37.02 -81.88 -17.23
C GLY J 353 36.73 -81.08 -15.98
N GLU J 354 37.55 -81.34 -14.95
CA GLU J 354 37.46 -80.59 -13.70
C GLU J 354 37.44 -79.09 -13.96
N ALA J 355 38.53 -78.56 -14.52
CA ALA J 355 38.60 -77.17 -14.94
C ALA J 355 38.16 -77.06 -16.39
N CYS J 356 37.30 -76.08 -16.67
CA CYS J 356 36.91 -75.75 -18.02
C CYS J 356 37.21 -74.28 -18.27
N THR J 357 37.28 -73.92 -19.55
CA THR J 357 37.38 -72.54 -19.97
C THR J 357 36.14 -72.19 -20.78
N ILE J 358 35.53 -71.06 -20.46
CA ILE J 358 34.31 -70.63 -21.14
C ILE J 358 34.63 -69.35 -21.90
N VAL J 359 34.63 -69.45 -23.23
CA VAL J 359 34.88 -68.31 -24.09
C VAL J 359 33.56 -67.59 -24.32
N LEU J 360 33.53 -66.30 -23.98
CA LEU J 360 32.35 -65.48 -24.17
C LEU J 360 32.60 -64.49 -25.29
N ARG J 361 31.90 -64.72 -26.41
CA ARG J 361 31.99 -63.84 -27.57
C ARG J 361 30.79 -62.92 -27.54
N GLY J 362 31.01 -61.65 -27.93
CA GLY J 362 29.95 -60.67 -27.87
C GLY J 362 30.19 -59.54 -28.84
N ALA J 363 29.09 -58.86 -29.20
CA ALA J 363 29.20 -57.63 -29.96
C ALA J 363 29.77 -56.52 -29.10
N THR J 364 29.32 -56.45 -27.84
CA THR J 364 29.81 -55.48 -26.87
C THR J 364 30.30 -56.20 -25.62
N GLN J 365 30.80 -55.41 -24.67
CA GLN J 365 31.09 -55.96 -23.35
C GLN J 365 29.82 -56.06 -22.51
N GLN J 366 28.78 -55.30 -22.89
CA GLN J 366 27.51 -55.38 -22.20
C GLN J 366 26.94 -56.79 -22.21
N ILE J 367 26.89 -57.41 -23.39
CA ILE J 367 26.36 -58.77 -23.50
C ILE J 367 27.30 -59.76 -22.84
N LEU J 368 28.56 -59.39 -22.67
CA LEU J 368 29.51 -60.27 -21.99
C LEU J 368 29.36 -60.19 -20.48
N ASP J 369 29.10 -59.00 -19.94
CA ASP J 369 29.12 -58.77 -18.50
C ASP J 369 28.05 -59.56 -17.76
N GLU J 370 26.79 -59.45 -18.21
CA GLU J 370 25.69 -60.13 -17.50
C GLU J 370 25.93 -61.64 -17.43
N ALA J 371 26.57 -62.20 -18.46
CA ALA J 371 26.72 -63.64 -18.54
C ALA J 371 27.55 -64.18 -17.37
N GLU J 372 28.65 -63.51 -17.03
CA GLU J 372 29.45 -63.95 -15.89
C GLU J 372 28.71 -63.69 -14.59
N ARG J 373 27.95 -62.60 -14.51
CA ARG J 373 27.20 -62.29 -13.29
C ARG J 373 25.97 -63.18 -13.16
N SER J 374 25.25 -63.41 -14.27
CA SER J 374 24.09 -64.29 -14.21
C SER J 374 24.53 -65.71 -13.83
N LEU J 375 25.70 -66.13 -14.34
CA LEU J 375 26.30 -67.38 -13.89
C LEU J 375 26.75 -67.28 -12.44
N HIS J 376 27.41 -66.17 -12.09
CA HIS J 376 27.85 -65.93 -10.72
C HIS J 376 26.72 -66.18 -9.72
N ASP J 377 25.56 -65.58 -9.98
CA ASP J 377 24.41 -65.81 -9.10
C ASP J 377 23.92 -67.25 -9.25
N ALA J 378 23.91 -67.78 -10.47
CA ALA J 378 23.48 -69.15 -10.69
C ALA J 378 24.33 -70.12 -9.90
N LEU J 379 25.66 -70.08 -10.10
CA LEU J 379 26.56 -71.01 -9.42
C LEU J 379 26.34 -71.03 -7.92
N CYS J 380 26.29 -69.86 -7.29
CA CYS J 380 26.09 -69.80 -5.85
C CYS J 380 24.72 -70.33 -5.45
N VAL J 381 23.67 -69.88 -6.15
CA VAL J 381 22.33 -70.34 -5.84
C VAL J 381 22.18 -71.82 -6.19
N LEU J 382 22.89 -72.26 -7.23
CA LEU J 382 22.88 -73.68 -7.54
C LEU J 382 23.79 -74.46 -6.60
N ALA J 383 24.83 -73.82 -6.07
CA ALA J 383 25.48 -74.36 -4.89
C ALA J 383 24.50 -74.41 -3.72
N GLN J 384 23.70 -73.36 -3.55
CA GLN J 384 22.62 -73.39 -2.59
C GLN J 384 21.60 -74.48 -2.94
N THR J 385 21.30 -74.65 -4.23
CA THR J 385 20.42 -75.73 -4.64
C THR J 385 20.90 -77.08 -4.16
N VAL J 386 22.20 -77.25 -3.95
CA VAL J 386 22.69 -78.49 -3.37
C VAL J 386 22.35 -78.55 -1.88
N LYS J 387 22.58 -77.45 -1.17
CA LYS J 387 22.31 -77.43 0.27
C LYS J 387 20.82 -77.62 0.54
N ASP J 388 19.99 -76.77 -0.03
CA ASP J 388 18.56 -77.06 -0.14
C ASP J 388 18.21 -77.19 -1.62
N SER J 389 17.88 -78.40 -2.04
CA SER J 389 17.22 -78.64 -3.31
C SER J 389 15.83 -78.05 -3.33
N ARG J 390 15.37 -77.52 -2.20
CA ARG J 390 14.08 -76.88 -2.14
C ARG J 390 13.98 -75.81 -3.20
N THR J 391 12.99 -75.95 -4.07
CA THR J 391 12.68 -74.89 -5.00
C THR J 391 11.23 -74.50 -4.78
N VAL J 392 11.06 -73.30 -4.25
CA VAL J 392 9.75 -72.74 -3.98
C VAL J 392 9.41 -71.80 -5.12
N TYR J 393 8.14 -71.81 -5.52
CA TYR J 393 7.76 -71.18 -6.77
C TYR J 393 7.92 -69.67 -6.68
N GLY J 394 8.75 -69.14 -7.57
CA GLY J 394 9.03 -67.73 -7.65
C GLY J 394 7.88 -66.99 -8.31
N GLY J 395 8.19 -65.79 -8.79
CA GLY J 395 7.16 -64.96 -9.37
C GLY J 395 5.97 -64.71 -8.48
N GLY J 396 6.18 -64.44 -7.19
CA GLY J 396 5.11 -64.08 -6.28
C GLY J 396 4.44 -65.26 -5.59
N CYS J 397 4.50 -66.47 -6.16
CA CYS J 397 3.89 -67.61 -5.47
C CYS J 397 4.54 -67.83 -4.11
N SER J 398 5.87 -67.91 -4.07
CA SER J 398 6.57 -67.92 -2.80
C SER J 398 6.19 -66.70 -1.97
N GLU J 399 6.11 -65.53 -2.62
CA GLU J 399 5.79 -64.31 -1.90
C GLU J 399 4.38 -64.34 -1.34
N MET J 400 3.41 -64.73 -2.15
CA MET J 400 2.02 -64.60 -1.74
C MET J 400 1.61 -65.75 -0.80
N LEU J 401 2.39 -66.83 -0.79
CA LEU J 401 2.19 -67.86 0.23
C LEU J 401 2.71 -67.42 1.59
N MET J 402 3.87 -66.76 1.62
CA MET J 402 4.48 -66.39 2.90
C MET J 402 3.59 -65.46 3.69
N ALA J 403 3.23 -64.30 3.11
CA ALA J 403 2.40 -63.33 3.81
C ALA J 403 1.13 -63.96 4.35
N HIS J 404 0.57 -64.92 3.60
CA HIS J 404 -0.55 -65.70 4.11
C HIS J 404 -0.20 -66.37 5.42
N ALA J 405 0.73 -67.34 5.38
CA ALA J 405 1.12 -68.05 6.59
C ALA J 405 1.60 -67.10 7.67
N VAL J 406 2.25 -66.00 7.27
CA VAL J 406 2.54 -64.94 8.23
C VAL J 406 1.26 -64.43 8.87
N THR J 407 0.24 -64.17 8.04
CA THR J 407 -0.97 -63.50 8.53
C THR J 407 -1.58 -64.19 9.74
N GLN J 408 -2.00 -65.44 9.59
CA GLN J 408 -2.62 -66.14 10.71
C GLN J 408 -1.71 -66.13 11.92
N LEU J 409 -0.42 -66.38 11.70
CA LEU J 409 0.57 -66.16 12.74
C LEU J 409 0.64 -64.70 13.16
N ALA J 410 0.59 -63.78 12.19
CA ALA J 410 0.60 -62.36 12.52
C ALA J 410 -0.67 -61.95 13.24
N ASN J 411 -1.63 -62.85 13.41
CA ASN J 411 -2.87 -62.48 14.07
C ASN J 411 -2.85 -62.84 15.56
N ARG J 412 -3.01 -64.12 15.87
CA ARG J 412 -3.21 -64.51 17.27
C ARG J 412 -1.90 -64.49 18.03
N THR J 413 -0.80 -64.85 17.39
CA THR J 413 0.48 -64.87 18.08
C THR J 413 0.79 -63.51 18.70
N PRO J 414 0.71 -62.39 17.99
CA PRO J 414 0.84 -61.10 18.68
C PRO J 414 -0.45 -60.73 19.39
N GLY J 415 -0.32 -60.04 20.51
CA GLY J 415 -1.43 -59.32 21.06
C GLY J 415 -1.31 -57.88 20.64
N LYS J 416 -0.15 -57.53 20.10
CA LYS J 416 0.13 -56.19 19.59
C LYS J 416 0.72 -56.28 18.19
N GLU J 417 1.84 -56.99 18.08
CA GLU J 417 2.79 -56.95 16.98
C GLU J 417 2.18 -57.25 15.63
N ALA J 418 0.89 -57.62 15.58
CA ALA J 418 0.17 -57.60 14.31
C ALA J 418 0.40 -56.30 13.58
N VAL J 419 0.57 -55.20 14.32
CA VAL J 419 1.09 -53.98 13.74
C VAL J 419 2.30 -54.27 12.87
N ALA J 420 3.37 -54.82 13.47
CA ALA J 420 4.55 -55.17 12.70
C ALA J 420 4.32 -56.42 11.87
N MET J 421 4.02 -57.55 12.52
CA MET J 421 3.96 -58.84 11.84
C MET J 421 3.10 -58.80 10.58
N GLU J 422 1.98 -58.08 10.61
CA GLU J 422 1.16 -57.99 9.40
C GLU J 422 1.80 -57.02 8.39
N SER J 423 2.33 -55.89 8.87
CA SER J 423 3.05 -54.98 7.99
C SER J 423 4.18 -55.70 7.27
N TYR J 424 4.87 -56.60 7.97
CA TYR J 424 5.81 -57.48 7.31
C TYR J 424 5.17 -58.19 6.13
N ALA J 425 4.13 -58.97 6.40
CA ALA J 425 3.44 -59.72 5.34
C ALA J 425 3.06 -58.81 4.18
N LYS J 426 2.71 -57.56 4.46
CA LYS J 426 2.31 -56.64 3.39
C LYS J 426 3.42 -56.44 2.38
N ALA J 427 4.65 -56.22 2.86
CA ALA J 427 5.78 -56.04 1.96
C ALA J 427 5.97 -57.24 1.05
N LEU J 428 5.80 -58.45 1.60
CA LEU J 428 5.88 -59.65 0.78
C LEU J 428 4.92 -59.59 -0.40
N ARG J 429 3.76 -58.97 -0.19
CA ARG J 429 2.76 -58.87 -1.25
C ARG J 429 2.95 -57.62 -2.08
N MET J 430 3.90 -56.76 -1.72
CA MET J 430 4.16 -55.56 -2.50
C MET J 430 4.90 -55.87 -3.79
N LEU J 431 5.88 -56.77 -3.73
CA LEU J 431 6.59 -57.15 -4.96
C LEU J 431 5.64 -57.64 -6.05
N PRO J 432 4.63 -58.47 -5.75
CA PRO J 432 3.66 -58.81 -6.80
C PRO J 432 2.86 -57.64 -7.30
N THR J 433 2.76 -56.55 -6.54
CA THR J 433 2.01 -55.39 -7.02
C THR J 433 2.84 -54.58 -8.02
N ILE J 434 4.10 -54.33 -7.69
CA ILE J 434 4.95 -53.50 -8.55
C ILE J 434 5.25 -54.21 -9.86
N ILE J 435 5.04 -55.52 -9.91
CA ILE J 435 5.10 -56.20 -11.19
C ILE J 435 3.75 -56.15 -11.91
N ALA J 436 2.64 -56.22 -11.17
CA ALA J 436 1.33 -56.37 -11.82
C ALA J 436 1.05 -55.20 -12.74
N ASP J 437 1.27 -53.98 -12.27
CA ASP J 437 1.25 -52.82 -13.16
C ASP J 437 2.27 -52.95 -14.28
N ASN J 438 3.48 -53.43 -13.98
CA ASN J 438 4.45 -53.65 -15.05
C ASN J 438 3.96 -54.71 -16.02
N ALA J 439 3.15 -55.64 -15.53
CA ALA J 439 2.44 -56.55 -16.41
C ALA J 439 1.17 -55.90 -16.95
N GLY J 440 0.83 -54.71 -16.44
CA GLY J 440 -0.40 -54.04 -16.82
C GLY J 440 -1.60 -54.63 -16.10
N TYR J 441 -1.37 -55.77 -15.45
CA TYR J 441 -2.40 -56.56 -14.81
C TYR J 441 -2.72 -56.02 -13.42
N ASP J 442 -3.94 -56.28 -12.96
CA ASP J 442 -4.39 -55.80 -11.66
C ASP J 442 -3.63 -56.51 -10.56
N SER J 443 -3.11 -55.74 -9.60
CA SER J 443 -2.53 -56.34 -8.41
C SER J 443 -3.62 -56.92 -7.53
N ALA J 444 -4.62 -56.10 -7.21
CA ALA J 444 -5.60 -56.42 -6.16
C ALA J 444 -6.31 -57.74 -6.41
N ASP J 445 -7.17 -57.79 -7.42
CA ASP J 445 -7.93 -59.00 -7.72
C ASP J 445 -7.01 -60.21 -7.78
N LEU J 446 -5.84 -60.05 -8.37
CA LEU J 446 -4.80 -61.07 -8.26
C LEU J 446 -4.48 -61.36 -6.81
N VAL J 447 -3.78 -60.44 -6.15
CA VAL J 447 -2.95 -60.76 -5.00
C VAL J 447 -3.77 -61.41 -3.90
N ALA J 448 -4.67 -60.64 -3.27
CA ALA J 448 -5.42 -61.15 -2.13
C ALA J 448 -6.13 -62.45 -2.48
N GLN J 449 -6.65 -62.54 -3.70
CA GLN J 449 -7.24 -63.80 -4.13
C GLN J 449 -6.17 -64.82 -4.43
N LEU J 450 -5.34 -64.54 -5.43
CA LEU J 450 -4.38 -65.56 -5.86
C LEU J 450 -3.51 -66.01 -4.70
N ARG J 451 -3.12 -65.11 -3.77
CA ARG J 451 -2.49 -65.63 -2.56
C ARG J 451 -3.41 -66.64 -1.90
N ALA J 452 -4.56 -66.20 -1.38
CA ALA J 452 -5.53 -67.09 -0.79
C ALA J 452 -5.79 -68.27 -1.70
N ALA J 453 -5.99 -68.03 -2.99
CA ALA J 453 -6.14 -69.12 -3.94
C ALA J 453 -5.04 -70.17 -3.76
N HIS J 454 -3.78 -69.79 -3.96
CA HIS J 454 -2.73 -70.79 -3.79
C HIS J 454 -2.33 -70.95 -2.34
N SER J 455 -2.69 -69.99 -1.48
CA SER J 455 -2.54 -70.21 -0.06
C SER J 455 -3.62 -71.13 0.47
N GLU J 456 -4.69 -71.28 -0.29
CA GLU J 456 -5.64 -72.37 -0.10
C GLU J 456 -5.20 -73.59 -0.89
N GLY J 457 -3.98 -73.56 -1.43
CA GLY J 457 -3.36 -74.76 -1.95
C GLY J 457 -3.12 -75.00 -3.43
N ASN J 458 -3.15 -73.98 -4.28
CA ASN J 458 -2.63 -74.28 -5.61
C ASN J 458 -1.20 -73.77 -5.73
N THR J 459 -0.22 -74.63 -5.44
CA THR J 459 1.13 -74.11 -5.26
C THR J 459 1.83 -73.93 -6.59
N THR J 460 1.69 -74.90 -7.50
CA THR J 460 2.19 -74.72 -8.87
C THR J 460 1.64 -73.44 -9.47
N ALA J 461 0.35 -73.20 -9.28
CA ALA J 461 -0.25 -71.96 -9.75
C ALA J 461 0.38 -70.77 -9.03
N GLY J 462 0.35 -69.62 -9.70
CA GLY J 462 1.05 -68.45 -9.23
C GLY J 462 0.89 -67.33 -10.21
N LEU J 463 1.83 -66.39 -10.15
CA LEU J 463 1.73 -65.15 -10.91
C LEU J 463 2.66 -65.23 -12.11
N ASP J 464 2.07 -65.30 -13.30
CA ASP J 464 2.84 -65.18 -14.55
C ASP J 464 2.63 -63.76 -15.02
N MET J 465 3.64 -62.92 -14.84
CA MET J 465 3.53 -61.51 -15.17
C MET J 465 4.16 -61.18 -16.51
N ARG J 466 4.73 -62.18 -17.17
CA ARG J 466 4.88 -62.12 -18.61
C ARG J 466 3.56 -61.79 -19.27
N GLU J 467 2.58 -62.68 -19.10
CA GLU J 467 1.21 -62.54 -19.58
C GLU J 467 0.34 -61.77 -18.60
N GLY J 468 0.81 -61.57 -17.37
CA GLY J 468 0.04 -60.88 -16.36
C GLY J 468 -0.91 -61.81 -15.63
N THR J 469 -1.06 -63.02 -16.15
CA THR J 469 -2.05 -63.96 -15.67
C THR J 469 -1.62 -64.61 -14.36
N ILE J 470 -2.62 -65.10 -13.64
CA ILE J 470 -2.43 -66.22 -12.73
C ILE J 470 -1.92 -67.37 -13.57
N GLY J 471 -0.79 -67.93 -13.18
CA GLY J 471 -0.13 -68.93 -14.00
C GLY J 471 0.58 -69.95 -13.15
N ASP J 472 0.92 -71.07 -13.79
CA ASP J 472 1.64 -72.14 -13.10
C ASP J 472 3.11 -71.80 -13.03
N MET J 473 3.65 -71.73 -11.81
CA MET J 473 5.06 -71.46 -11.61
C MET J 473 5.91 -72.71 -11.74
N ALA J 474 5.29 -73.89 -11.84
CA ALA J 474 6.00 -75.12 -12.13
C ALA J 474 6.36 -75.26 -13.60
N ILE J 475 5.35 -75.35 -14.48
CA ILE J 475 5.58 -75.51 -15.92
C ILE J 475 6.34 -74.33 -16.51
N LEU J 476 6.08 -73.11 -16.07
CA LEU J 476 6.92 -71.97 -16.40
C LEU J 476 8.32 -72.08 -15.81
N GLY J 477 8.54 -73.04 -14.92
CA GLY J 477 9.80 -73.13 -14.23
C GLY J 477 10.13 -71.91 -13.39
N ILE J 478 9.13 -71.15 -12.94
CA ILE J 478 9.46 -70.01 -12.11
C ILE J 478 9.45 -70.52 -10.68
N THR J 479 10.64 -70.83 -10.19
CA THR J 479 10.87 -71.37 -8.85
C THR J 479 12.36 -71.21 -8.60
N GLU J 480 12.77 -71.19 -7.34
CA GLU J 480 14.16 -70.91 -7.06
C GLU J 480 14.52 -71.46 -5.69
N SER J 481 15.83 -71.55 -5.43
CA SER J 481 16.31 -72.14 -4.20
C SER J 481 15.67 -71.48 -2.99
N PHE J 482 15.22 -72.31 -2.06
CA PHE J 482 14.76 -71.78 -0.78
C PHE J 482 15.86 -71.00 -0.09
N GLN J 483 17.12 -71.27 -0.46
CA GLN J 483 18.22 -70.55 0.15
C GLN J 483 18.29 -69.12 -0.34
N VAL J 484 18.48 -68.93 -1.65
CA VAL J 484 18.53 -67.59 -2.23
C VAL J 484 17.32 -66.78 -1.82
N LYS J 485 16.16 -67.41 -1.71
CA LYS J 485 14.97 -66.68 -1.31
C LYS J 485 14.96 -66.40 0.19
N ARG J 486 15.41 -67.37 1.00
CA ARG J 486 15.47 -67.14 2.45
C ARG J 486 16.44 -66.02 2.80
N GLN J 487 17.54 -65.93 2.04
CA GLN J 487 18.59 -65.00 2.41
C GLN J 487 18.19 -63.56 2.11
N VAL J 488 17.53 -63.33 0.98
CA VAL J 488 17.05 -61.99 0.68
C VAL J 488 15.92 -61.61 1.64
N LEU J 489 15.28 -62.59 2.26
CA LEU J 489 14.37 -62.29 3.36
C LEU J 489 15.15 -61.85 4.59
N LEU J 490 16.38 -62.37 4.74
CA LEU J 490 17.15 -62.12 5.95
C LEU J 490 17.69 -60.68 5.99
N SER J 491 18.32 -60.24 4.90
CA SER J 491 19.00 -58.94 4.93
C SER J 491 17.99 -57.80 4.99
N ALA J 492 17.01 -57.80 4.08
CA ALA J 492 16.14 -56.65 3.91
C ALA J 492 15.39 -56.32 5.19
N ALA J 493 14.99 -57.34 5.96
CA ALA J 493 14.39 -57.07 7.26
C ALA J 493 15.27 -56.15 8.09
N GLU J 494 16.56 -56.49 8.20
CA GLU J 494 17.49 -55.67 8.97
C GLU J 494 17.63 -54.29 8.38
N ALA J 495 17.97 -54.20 7.09
CA ALA J 495 18.14 -52.90 6.45
C ALA J 495 16.95 -51.99 6.72
N ALA J 496 15.76 -52.58 6.83
CA ALA J 496 14.62 -51.82 7.33
C ALA J 496 14.64 -51.73 8.85
N GLU J 497 14.96 -52.83 9.53
CA GLU J 497 14.94 -52.83 10.99
C GLU J 497 16.09 -52.04 11.60
N VAL J 498 17.27 -52.07 10.96
CA VAL J 498 18.43 -51.39 11.52
C VAL J 498 18.18 -49.90 11.65
N ILE J 499 17.84 -49.25 10.53
CA ILE J 499 17.63 -47.80 10.57
C ILE J 499 16.36 -47.43 11.31
N LEU J 500 15.46 -48.39 11.56
CA LEU J 500 14.38 -48.13 12.50
C LEU J 500 14.90 -47.96 13.91
N ARG J 501 15.79 -48.85 14.34
CA ARG J 501 16.44 -48.67 15.64
C ARG J 501 17.29 -47.41 15.64
N VAL J 502 17.49 -46.81 14.48
CA VAL J 502 18.16 -45.52 14.45
C VAL J 502 17.08 -44.46 14.54
N ASP J 503 16.95 -43.83 15.70
CA ASP J 503 16.11 -42.66 15.84
C ASP J 503 16.90 -41.38 15.75
N ASN J 504 18.22 -41.45 15.76
CA ASN J 504 19.06 -40.26 15.80
C ASN J 504 20.32 -40.50 15.01
N ILE J 505 20.75 -39.48 14.28
CA ILE J 505 22.00 -39.54 13.53
C ILE J 505 22.82 -38.31 13.90
N ILE J 506 23.91 -38.54 14.60
CA ILE J 506 24.85 -37.47 14.94
C ILE J 506 25.84 -37.35 13.80
N LYS J 507 26.22 -36.13 13.47
CA LYS J 507 27.23 -35.89 12.45
C LYS J 507 28.45 -35.25 13.08
N ALA J 508 29.51 -36.03 13.24
CA ALA J 508 30.77 -35.52 13.73
C ALA J 508 31.63 -35.17 12.54
N ASN K 1 28.42 -2.83 -38.50
CA ASN K 1 27.59 -3.77 -39.26
C ASN K 1 26.49 -3.02 -40.01
N THR K 2 25.44 -3.74 -40.35
CA THR K 2 24.31 -3.12 -41.02
C THR K 2 23.54 -2.23 -40.03
N LYS K 3 23.36 -0.96 -40.40
CA LYS K 3 22.54 -0.05 -39.62
C LYS K 3 21.76 0.84 -40.58
N ARG K 4 20.53 1.16 -40.21
CA ARG K 4 19.66 1.96 -41.05
C ARG K 4 19.12 3.13 -40.24
N GLU K 5 19.16 4.32 -40.86
CA GLU K 5 18.52 5.51 -40.31
C GLU K 5 17.69 6.13 -41.42
N SER K 6 16.71 6.97 -41.05
CA SER K 6 15.66 7.32 -42.01
C SER K 6 15.14 8.74 -41.83
N GLY K 7 14.66 9.30 -42.95
CA GLY K 7 13.76 10.44 -42.99
C GLY K 7 14.21 11.70 -42.30
N ARG K 8 13.22 12.50 -41.87
CA ARG K 8 13.50 13.74 -41.15
C ARG K 8 14.42 13.50 -39.98
N LYS K 9 14.29 12.33 -39.35
CA LYS K 9 14.94 12.06 -38.07
C LYS K 9 16.42 12.40 -38.10
N VAL K 10 17.13 11.91 -39.11
CA VAL K 10 18.53 12.26 -39.26
C VAL K 10 18.68 13.67 -39.82
N GLN K 11 17.82 14.01 -40.78
CA GLN K 11 17.90 15.33 -41.39
C GLN K 11 17.56 16.43 -40.40
N SER K 12 16.66 16.13 -39.45
CA SER K 12 16.48 17.02 -38.31
C SER K 12 17.72 17.03 -37.43
N GLY K 13 18.30 15.86 -37.19
CA GLY K 13 19.60 15.82 -36.52
C GLY K 13 20.66 16.56 -37.32
N ASN K 14 20.56 16.50 -38.64
CA ASN K 14 21.37 17.38 -39.47
C ASN K 14 21.05 18.84 -39.18
N ILE K 15 19.77 19.18 -39.11
CA ILE K 15 19.38 20.57 -38.81
C ILE K 15 20.00 21.03 -37.51
N ASN K 16 19.92 20.18 -36.47
CA ASN K 16 20.26 20.62 -35.13
C ASN K 16 21.68 21.13 -35.03
N ALA K 17 22.67 20.24 -35.20
CA ALA K 17 24.04 20.55 -34.83
C ALA K 17 24.55 21.82 -35.51
N ALA K 18 24.67 21.80 -36.84
CA ALA K 18 25.23 22.94 -37.56
C ALA K 18 24.49 24.23 -37.22
N LYS K 19 23.16 24.18 -37.20
CA LYS K 19 22.38 25.34 -36.79
C LYS K 19 22.73 25.78 -35.38
N THR K 20 22.68 24.86 -34.41
CA THR K 20 23.10 25.22 -33.06
C THR K 20 24.55 25.70 -33.03
N ILE K 21 25.39 25.13 -33.88
CA ILE K 21 26.75 25.65 -34.04
C ILE K 21 26.70 27.03 -34.67
N ALA K 22 25.69 27.28 -35.51
CA ALA K 22 25.64 28.53 -36.26
C ALA K 22 25.25 29.71 -35.39
N ASP K 23 24.93 29.45 -34.12
CA ASP K 23 24.34 30.48 -33.27
C ASP K 23 25.37 31.47 -32.78
N ILE K 24 26.24 31.04 -31.87
CA ILE K 24 27.22 31.92 -31.24
C ILE K 24 28.16 32.56 -32.25
N ILE K 25 28.64 31.78 -33.23
CA ILE K 25 29.68 32.30 -34.09
C ILE K 25 29.14 33.36 -35.05
N ARG K 26 27.90 33.21 -35.52
CA ARG K 26 27.24 34.28 -36.26
C ARG K 26 27.22 35.58 -35.46
N THR K 27 26.94 35.50 -34.16
CA THR K 27 27.09 36.67 -33.31
C THR K 27 28.56 37.05 -33.16
N CYS K 28 29.45 36.04 -33.11
CA CYS K 28 30.87 36.31 -33.02
C CYS K 28 31.42 36.93 -34.31
N LEU K 29 31.13 36.33 -35.45
CA LEU K 29 31.66 36.78 -36.73
C LEU K 29 31.26 38.22 -37.00
N GLY K 30 32.15 38.96 -37.66
CA GLY K 30 31.91 40.35 -37.96
C GLY K 30 32.29 41.25 -36.80
N PRO K 31 32.28 42.57 -37.05
CA PRO K 31 32.59 43.51 -35.96
C PRO K 31 31.74 43.33 -34.73
N LYS K 32 30.42 43.18 -34.88
CA LYS K 32 29.57 42.68 -33.80
C LYS K 32 30.04 41.28 -33.43
N SER K 33 30.36 41.09 -32.15
CA SER K 33 31.10 39.91 -31.74
C SER K 33 30.59 39.40 -30.40
N MET K 34 30.86 38.13 -30.16
CA MET K 34 30.63 37.46 -28.89
C MET K 34 31.76 36.44 -28.73
N MET K 35 31.61 35.55 -27.76
CA MET K 35 32.58 34.47 -27.56
C MET K 35 31.87 33.18 -27.24
N LYS K 36 32.30 32.09 -27.88
CA LYS K 36 31.83 30.75 -27.56
C LYS K 36 32.81 30.15 -26.56
N MET K 37 32.37 29.98 -25.32
CA MET K 37 33.24 29.50 -24.26
C MET K 37 32.92 28.06 -23.92
N LEU K 38 33.82 27.15 -24.28
CA LEU K 38 33.67 25.75 -23.93
C LEU K 38 33.90 25.57 -22.44
N LEU K 39 33.07 24.76 -21.80
CA LEU K 39 33.29 24.36 -20.42
C LEU K 39 33.96 23.00 -20.42
N ASP K 40 35.22 22.96 -20.04
CA ASP K 40 35.85 21.69 -19.80
C ASP K 40 35.24 21.05 -18.57
N PRO K 41 35.19 19.72 -18.51
CA PRO K 41 34.61 19.04 -17.34
C PRO K 41 35.22 19.48 -16.01
N MET K 42 36.44 20.00 -16.02
CA MET K 42 37.07 20.55 -14.83
C MET K 42 36.68 22.00 -14.57
N GLY K 43 35.80 22.56 -15.40
CA GLY K 43 35.51 23.97 -15.35
C GLY K 43 36.37 24.81 -16.25
N GLY K 44 37.27 24.19 -17.01
CA GLY K 44 38.14 24.90 -17.92
C GLY K 44 37.35 25.65 -18.98
N ILE K 45 37.61 26.95 -19.09
CA ILE K 45 36.92 27.82 -20.03
C ILE K 45 37.79 27.99 -21.27
N VAL K 46 37.20 27.80 -22.44
CA VAL K 46 37.86 28.14 -23.70
C VAL K 46 36.89 28.99 -24.50
N MET K 47 37.19 30.28 -24.64
CA MET K 47 36.30 31.17 -25.37
C MET K 47 37.00 31.64 -26.64
N THR K 48 36.37 31.37 -27.78
CA THR K 48 36.88 31.82 -29.06
C THR K 48 35.72 32.38 -29.86
N ASN K 49 36.04 32.95 -31.02
CA ASN K 49 35.05 33.23 -32.05
C ASN K 49 35.06 32.17 -33.13
N ASP K 50 35.92 31.17 -33.00
CA ASP K 50 35.97 30.02 -33.90
C ASP K 50 35.30 28.85 -33.20
N GLY K 51 34.12 28.48 -33.68
CA GLY K 51 33.45 27.32 -33.11
C GLY K 51 34.20 26.04 -33.41
N ASN K 52 34.83 25.98 -34.59
CA ASN K 52 35.57 24.80 -34.98
C ASN K 52 36.73 24.53 -34.02
N ALA K 53 37.23 25.58 -33.37
CA ALA K 53 38.16 25.39 -32.27
C ALA K 53 37.43 24.78 -31.08
N ILE K 54 36.21 25.24 -30.81
CA ILE K 54 35.45 24.72 -29.68
C ILE K 54 34.88 23.34 -30.02
N LEU K 55 34.41 23.16 -31.26
CA LEU K 55 33.78 21.90 -31.66
C LEU K 55 34.71 20.71 -31.44
N ARG K 56 36.00 20.87 -31.74
CA ARG K 56 36.94 19.78 -31.61
C ARG K 56 37.20 19.41 -30.16
N GLU K 57 37.26 20.42 -29.29
CA GLU K 57 37.63 20.21 -27.89
C GLU K 57 36.59 19.37 -27.15
N ILE K 58 35.45 19.08 -27.78
CA ILE K 58 34.37 18.31 -27.18
C ILE K 58 33.84 17.40 -28.27
N GLN K 59 32.81 16.60 -27.96
CA GLN K 59 32.24 15.69 -28.94
C GLN K 59 31.73 16.44 -30.16
N VAL K 60 32.14 15.96 -31.34
CA VAL K 60 31.59 16.41 -32.61
C VAL K 60 30.47 15.45 -32.99
N GLN K 61 29.24 15.93 -33.00
CA GLN K 61 28.12 15.11 -33.43
C GLN K 61 28.29 14.71 -34.88
N HIS K 62 27.86 13.49 -35.19
CA HIS K 62 28.05 12.96 -36.53
C HIS K 62 27.24 13.69 -37.60
N PRO K 63 25.91 13.88 -37.46
CA PRO K 63 25.11 14.15 -38.66
C PRO K 63 25.43 15.46 -39.35
N ALA K 64 25.35 16.59 -38.64
CA ALA K 64 25.77 17.86 -39.23
C ALA K 64 27.24 18.16 -38.98
N ALA K 65 27.70 17.99 -37.75
CA ALA K 65 28.92 18.64 -37.31
C ALA K 65 30.16 17.96 -37.88
N LYS K 66 30.06 16.67 -38.18
CA LYS K 66 31.22 15.97 -38.74
C LYS K 66 31.55 16.49 -40.12
N SER K 67 30.54 16.86 -40.91
CA SER K 67 30.81 17.44 -42.21
C SER K 67 31.13 18.93 -42.11
N MET K 68 30.66 19.59 -41.05
CA MET K 68 30.84 21.04 -40.97
C MET K 68 32.27 21.43 -40.63
N ILE K 69 32.95 20.66 -39.78
CA ILE K 69 34.38 20.89 -39.56
C ILE K 69 35.15 20.83 -40.88
N GLU K 70 34.76 19.92 -41.76
CA GLU K 70 35.48 19.77 -43.01
C GLU K 70 35.13 20.87 -43.99
N ILE K 71 33.87 21.31 -44.01
CA ILE K 71 33.54 22.47 -44.83
C ILE K 71 34.01 23.73 -44.13
N SER K 72 34.25 23.66 -42.82
CA SER K 72 35.01 24.71 -42.15
C SER K 72 36.44 24.75 -42.65
N ARG K 73 37.12 23.60 -42.61
CA ARG K 73 38.47 23.52 -43.16
C ARG K 73 38.49 23.94 -44.63
N THR K 74 37.67 23.28 -45.46
CA THR K 74 37.72 23.49 -46.90
C THR K 74 37.75 24.97 -47.25
N GLN K 75 36.86 25.77 -46.63
CA GLN K 75 36.89 27.20 -46.85
C GLN K 75 38.21 27.80 -46.39
N ASP K 76 38.64 27.47 -45.17
CA ASP K 76 39.93 27.94 -44.69
C ASP K 76 41.09 27.26 -45.41
N GLU K 77 40.87 26.04 -45.92
CA GLU K 77 41.88 25.40 -46.76
C GLU K 77 42.12 26.21 -48.03
N GLU K 78 41.04 26.71 -48.63
CA GLU K 78 41.12 27.34 -49.93
C GLU K 78 41.72 28.73 -49.86
N VAL K 79 40.96 29.68 -49.32
CA VAL K 79 41.36 31.08 -49.32
C VAL K 79 42.23 31.41 -48.12
N GLY K 80 42.21 30.58 -47.08
CA GLY K 80 42.87 30.90 -45.84
C GLY K 80 41.97 31.54 -44.79
N ASP K 81 40.65 31.50 -44.96
CA ASP K 81 39.71 32.13 -44.05
C ASP K 81 38.34 31.48 -44.25
N GLY K 82 37.43 31.73 -43.31
CA GLY K 82 36.04 31.46 -43.55
C GLY K 82 35.48 30.23 -42.89
N THR K 83 36.18 29.64 -41.92
CA THR K 83 35.58 28.57 -41.12
C THR K 83 34.26 29.01 -40.51
N THR K 84 34.19 30.28 -40.08
CA THR K 84 33.05 30.73 -39.28
C THR K 84 31.88 31.17 -40.16
N SER K 85 32.14 31.43 -41.44
CA SER K 85 31.07 31.87 -42.33
C SER K 85 30.26 30.70 -42.86
N VAL K 86 30.92 29.78 -43.57
CA VAL K 86 30.23 28.67 -44.23
C VAL K 86 29.32 27.93 -43.26
N ILE K 87 29.78 27.72 -42.03
CA ILE K 87 29.00 26.95 -41.07
C ILE K 87 27.66 27.62 -40.78
N ILE K 88 27.68 28.93 -40.51
CA ILE K 88 26.42 29.62 -40.23
C ILE K 88 25.62 29.77 -41.52
N LEU K 89 26.31 29.92 -42.65
CA LEU K 89 25.62 30.04 -43.93
C LEU K 89 24.99 28.71 -44.33
N ALA K 90 25.73 27.61 -44.20
CA ALA K 90 25.13 26.31 -44.40
C ALA K 90 24.06 26.02 -43.36
N GLY K 91 24.26 26.50 -42.13
CA GLY K 91 23.26 26.36 -41.09
C GLY K 91 21.99 27.11 -41.43
N GLU K 92 22.13 28.27 -42.08
CA GLU K 92 20.98 28.99 -42.59
C GLU K 92 20.12 28.14 -43.52
N MET K 93 20.66 27.79 -44.68
CA MET K 93 19.92 26.99 -45.65
C MET K 93 19.50 25.65 -45.08
N LEU K 94 20.32 25.07 -44.21
CA LEU K 94 19.93 23.84 -43.54
C LEU K 94 18.69 24.02 -42.68
N SER K 95 18.65 25.14 -41.94
CA SER K 95 17.58 25.35 -40.97
C SER K 95 16.20 25.29 -41.61
N VAL K 96 15.85 26.30 -42.41
CA VAL K 96 14.45 26.54 -42.70
C VAL K 96 14.00 25.73 -43.91
N ALA K 97 14.94 25.20 -44.70
CA ALA K 97 14.55 24.68 -46.00
C ALA K 97 13.81 23.35 -45.89
N GLU K 98 14.54 22.27 -45.57
CA GLU K 98 14.06 20.93 -45.88
C GLU K 98 12.70 20.65 -45.28
N HIS K 99 12.59 20.64 -43.95
CA HIS K 99 11.32 20.31 -43.29
C HIS K 99 10.16 21.05 -43.95
N PHE K 100 10.21 22.38 -43.94
CA PHE K 100 9.28 23.20 -44.70
C PHE K 100 9.10 22.66 -46.11
N LEU K 101 10.19 22.58 -46.88
CA LEU K 101 10.12 22.06 -48.23
C LEU K 101 9.75 20.57 -48.26
N GLU K 102 10.13 19.80 -47.24
CA GLU K 102 9.72 18.40 -47.20
C GLU K 102 8.29 18.27 -46.70
N GLN K 103 7.81 19.25 -45.96
CA GLN K 103 6.38 19.37 -45.74
C GLN K 103 5.68 19.80 -47.01
N GLN K 104 6.40 20.53 -47.86
CA GLN K 104 5.98 20.69 -49.25
C GLN K 104 6.47 19.54 -50.10
N MET K 105 7.23 18.63 -49.49
CA MET K 105 7.57 17.32 -50.04
C MET K 105 8.32 17.32 -51.36
N HIS K 106 9.64 17.50 -51.29
CA HIS K 106 10.54 17.01 -52.34
C HIS K 106 11.99 17.24 -51.92
N PRO K 107 12.84 16.23 -52.08
CA PRO K 107 14.28 16.46 -51.91
C PRO K 107 14.91 17.21 -53.07
N THR K 108 14.22 17.20 -54.22
CA THR K 108 14.87 17.54 -55.47
C THR K 108 15.17 19.02 -55.63
N VAL K 109 14.14 19.86 -55.78
CA VAL K 109 14.38 21.28 -56.00
C VAL K 109 15.11 21.88 -54.80
N VAL K 110 14.92 21.32 -53.61
CA VAL K 110 15.77 21.69 -52.48
C VAL K 110 17.23 21.66 -52.90
N ILE K 111 17.73 20.47 -53.26
CA ILE K 111 19.08 20.34 -53.80
C ILE K 111 19.26 21.26 -55.01
N SER K 112 18.24 21.32 -55.87
CA SER K 112 18.36 22.13 -57.09
C SER K 112 18.37 23.62 -56.77
N ALA K 113 17.71 24.03 -55.68
CA ALA K 113 17.73 25.44 -55.32
C ALA K 113 19.12 25.90 -54.95
N TYR K 114 19.88 25.05 -54.23
CA TYR K 114 21.25 25.40 -53.87
C TYR K 114 22.02 25.89 -55.08
N ARG K 115 21.96 25.12 -56.18
CA ARG K 115 22.55 25.58 -57.43
C ARG K 115 22.09 26.98 -57.79
N LYS K 116 20.79 27.15 -58.02
CA LYS K 116 20.30 28.38 -58.61
C LYS K 116 20.21 29.50 -57.59
N ALA K 117 20.25 29.17 -56.30
CA ALA K 117 20.51 30.19 -55.30
C ALA K 117 21.99 30.50 -55.21
N LEU K 118 22.84 29.54 -55.57
CA LEU K 118 24.28 29.78 -55.52
C LEU K 118 24.74 30.73 -56.60
N ASP K 119 24.22 30.58 -57.81
CA ASP K 119 24.72 31.38 -58.92
C ASP K 119 24.17 32.81 -58.87
N ASP K 120 22.97 32.99 -58.30
CA ASP K 120 22.46 34.34 -58.12
C ASP K 120 23.42 35.15 -57.26
N MET K 121 24.05 34.50 -56.27
CA MET K 121 25.23 35.09 -55.67
C MET K 121 26.26 35.44 -56.73
N ILE K 122 26.77 34.43 -57.43
CA ILE K 122 27.73 34.66 -58.50
C ILE K 122 27.20 35.73 -59.46
N SER K 123 25.89 35.75 -59.69
CA SER K 123 25.30 36.71 -60.61
C SER K 123 25.30 38.11 -60.02
N THR K 124 24.71 38.30 -58.85
CA THR K 124 24.51 39.66 -58.36
C THR K 124 25.78 40.23 -57.73
N LEU K 125 26.65 39.35 -57.22
CA LEU K 125 27.95 39.80 -56.72
C LEU K 125 28.76 40.48 -57.81
N LYS K 126 29.24 39.70 -58.79
CA LYS K 126 30.20 40.20 -59.76
C LYS K 126 29.66 41.39 -60.53
N LYS K 127 28.34 41.54 -60.58
CA LYS K 127 27.76 42.79 -61.07
C LYS K 127 28.04 43.93 -60.10
N ILE K 128 27.75 43.73 -58.82
CA ILE K 128 27.94 44.81 -57.86
C ILE K 128 29.28 44.66 -57.14
N SER K 129 30.06 43.62 -57.45
CA SER K 129 31.44 43.53 -56.97
C SER K 129 32.24 44.71 -57.49
N ILE K 130 32.88 45.43 -56.59
CA ILE K 130 33.57 46.68 -56.91
C ILE K 130 35.03 46.39 -57.19
N PRO K 131 35.55 46.74 -58.37
CA PRO K 131 36.97 46.52 -58.64
C PRO K 131 37.85 47.48 -57.84
N VAL K 132 39.04 47.00 -57.49
CA VAL K 132 40.03 47.79 -56.76
C VAL K 132 41.39 47.55 -57.40
N ASP K 133 42.23 48.57 -57.37
CA ASP K 133 43.53 48.49 -58.02
C ASP K 133 44.41 47.46 -57.32
N ILE K 134 44.90 46.49 -58.10
CA ILE K 134 45.75 45.44 -57.55
C ILE K 134 47.21 45.85 -57.49
N SER K 135 47.60 46.88 -58.22
CA SER K 135 48.95 47.44 -58.13
C SER K 135 49.06 48.39 -56.95
N ASP K 136 47.92 48.86 -56.44
CA ASP K 136 47.90 49.78 -55.32
C ASP K 136 47.86 48.98 -54.04
N SER K 137 48.91 49.12 -53.21
CA SER K 137 48.84 48.59 -51.86
C SER K 137 47.59 49.07 -51.16
N ASP K 138 47.31 50.37 -51.24
CA ASP K 138 46.17 50.96 -50.53
C ASP K 138 44.84 50.44 -51.06
N MET K 139 44.61 50.53 -52.37
CA MET K 139 43.36 50.02 -52.92
C MET K 139 43.18 48.54 -52.59
N MET K 140 44.29 47.82 -52.44
CA MET K 140 44.24 46.51 -51.82
C MET K 140 44.20 46.60 -50.30
N LEU K 141 44.76 47.66 -49.70
CA LEU K 141 44.83 47.73 -48.25
C LEU K 141 43.45 47.87 -47.64
N ASN K 142 42.56 48.63 -48.27
CA ASN K 142 41.23 48.83 -47.71
C ASN K 142 40.41 47.55 -47.80
N ILE K 143 40.60 46.76 -48.86
CA ILE K 143 39.93 45.47 -48.92
C ILE K 143 40.66 44.44 -48.09
N ILE K 144 41.99 44.59 -47.94
CA ILE K 144 42.75 43.62 -47.16
C ILE K 144 42.52 43.84 -45.68
N ASN K 145 42.49 45.10 -45.23
CA ASN K 145 42.20 45.37 -43.83
C ASN K 145 40.78 44.98 -43.46
N SER K 146 39.85 45.07 -44.42
CA SER K 146 38.52 44.54 -44.18
C SER K 146 38.56 43.04 -43.91
N SER K 147 39.47 42.33 -44.58
CA SER K 147 39.54 40.88 -44.43
C SER K 147 40.62 40.46 -43.45
N ILE K 148 41.38 41.39 -42.89
CA ILE K 148 42.28 41.05 -41.80
C ILE K 148 41.55 41.15 -40.47
N THR K 149 40.38 41.81 -40.48
CA THR K 149 39.58 42.08 -39.30
C THR K 149 38.60 40.97 -38.98
N THR K 150 38.79 39.79 -39.59
CA THR K 150 37.77 38.73 -39.63
C THR K 150 37.08 38.56 -38.29
N LYS K 151 37.80 38.67 -37.18
CA LYS K 151 37.08 38.68 -35.91
C LYS K 151 37.20 40.00 -35.19
N ALA K 152 38.29 40.21 -34.43
CA ALA K 152 38.49 41.48 -33.76
C ALA K 152 39.63 42.34 -34.32
N ILE K 153 40.43 41.82 -35.24
CA ILE K 153 41.80 42.34 -35.34
C ILE K 153 41.94 43.29 -36.52
N SER K 154 41.98 44.58 -36.22
CA SER K 154 42.54 45.57 -37.13
C SER K 154 43.94 45.97 -36.68
N ARG K 155 44.37 45.43 -35.54
CA ARG K 155 45.64 45.82 -34.93
C ARG K 155 46.85 45.51 -35.80
N TRP K 156 47.07 44.25 -36.13
CA TRP K 156 48.14 43.87 -37.04
C TRP K 156 47.72 44.02 -38.49
N SER K 157 46.48 44.42 -38.73
CA SER K 157 45.98 44.58 -40.08
C SER K 157 46.90 45.46 -40.92
N SER K 158 47.00 46.74 -40.57
CA SER K 158 47.85 47.66 -41.31
C SER K 158 49.26 47.11 -41.47
N LEU K 159 49.76 46.41 -40.45
CA LEU K 159 51.08 45.80 -40.57
C LEU K 159 51.02 44.51 -41.39
N ALA K 160 49.93 43.74 -41.23
CA ALA K 160 49.75 42.58 -42.11
C ALA K 160 49.32 43.02 -43.50
N CYS K 161 48.78 44.22 -43.63
CA CYS K 161 48.57 44.77 -44.97
C CYS K 161 49.90 44.84 -45.72
N ASN K 162 50.86 45.59 -45.19
CA ASN K 162 52.07 45.93 -45.93
C ASN K 162 52.83 44.69 -46.38
N ILE K 163 52.93 43.68 -45.52
CA ILE K 163 53.71 42.50 -45.85
C ILE K 163 53.04 41.73 -46.98
N ALA K 164 51.73 41.55 -46.89
CA ALA K 164 51.00 40.79 -47.90
C ALA K 164 50.86 41.59 -49.19
N LEU K 165 50.58 42.89 -49.08
CA LEU K 165 50.53 43.76 -50.25
C LEU K 165 51.81 43.61 -51.08
N ASP K 166 52.93 43.36 -50.40
CA ASP K 166 54.20 43.12 -51.06
C ASP K 166 54.35 41.67 -51.51
N ALA K 167 53.92 40.71 -50.68
CA ALA K 167 54.37 39.34 -50.82
C ALA K 167 53.63 38.60 -51.93
N VAL K 168 52.30 38.67 -51.94
CA VAL K 168 51.54 37.81 -52.85
C VAL K 168 51.80 38.18 -54.29
N LYS K 169 52.11 39.44 -54.55
CA LYS K 169 52.51 39.80 -55.91
C LYS K 169 53.76 39.04 -56.32
N MET K 170 54.79 39.05 -55.47
CA MET K 170 55.99 38.27 -55.73
C MET K 170 55.73 36.77 -55.69
N VAL K 171 54.60 36.33 -55.14
CA VAL K 171 54.30 34.90 -55.10
C VAL K 171 54.35 34.33 -56.49
N GLN K 172 55.13 33.27 -56.64
CA GLN K 172 55.09 32.42 -57.81
C GLN K 172 55.27 30.99 -57.32
N PHE K 173 54.71 30.05 -58.06
CA PHE K 173 54.90 28.64 -57.77
C PHE K 173 56.34 28.30 -58.17
N GLU K 174 56.76 27.06 -57.96
CA GLU K 174 57.99 26.62 -58.59
C GLU K 174 57.78 26.35 -60.06
N GLU K 175 56.54 26.07 -60.46
CA GLU K 175 56.09 26.25 -61.83
C GLU K 175 55.99 27.72 -62.20
N ASN K 176 55.83 28.60 -61.21
CA ASN K 176 55.65 30.03 -61.42
C ASN K 176 54.39 30.31 -62.26
N GLY K 177 53.44 29.36 -62.21
CA GLY K 177 52.40 29.33 -63.22
C GLY K 177 51.54 30.57 -63.26
N ARG K 178 50.78 30.86 -62.22
CA ARG K 178 50.33 32.24 -62.00
C ARG K 178 50.33 32.64 -60.53
N LYS K 179 51.34 33.39 -60.11
CA LYS K 179 51.22 34.55 -59.22
C LYS K 179 50.10 34.40 -58.18
N GLU K 180 49.31 35.47 -58.07
CA GLU K 180 47.87 35.47 -57.88
C GLU K 180 47.36 34.51 -56.80
N ILE K 181 46.26 33.83 -57.10
CA ILE K 181 45.81 32.73 -56.25
C ILE K 181 46.91 31.69 -56.18
N ASP K 182 47.14 31.15 -54.99
CA ASP K 182 48.35 30.40 -54.75
C ASP K 182 48.15 29.40 -53.62
N ILE K 183 49.01 28.39 -53.62
CA ILE K 183 49.15 27.50 -52.48
C ILE K 183 49.94 28.23 -51.40
N LYS K 184 49.67 27.89 -50.14
CA LYS K 184 50.30 28.56 -49.02
C LYS K 184 51.71 28.05 -48.76
N LYS K 185 52.20 27.10 -49.56
CA LYS K 185 53.64 26.89 -49.64
C LYS K 185 54.33 27.83 -50.61
N TYR K 186 53.64 28.30 -51.65
CA TYR K 186 54.15 29.32 -52.55
C TYR K 186 53.85 30.72 -52.05
N ALA K 187 52.99 30.84 -51.04
CA ALA K 187 53.05 31.96 -50.12
C ALA K 187 53.04 31.41 -48.71
N ARG K 188 54.17 31.44 -48.01
CA ARG K 188 54.20 30.95 -46.65
C ARG K 188 54.31 32.12 -45.68
N VAL K 189 53.65 31.95 -44.54
CA VAL K 189 53.80 32.87 -43.43
C VAL K 189 54.42 32.09 -42.29
N GLU K 190 55.70 32.32 -42.02
CA GLU K 190 56.34 31.77 -40.84
C GLU K 190 56.61 32.89 -39.84
N LYS K 191 55.85 32.85 -38.75
CA LYS K 191 56.01 33.81 -37.67
C LYS K 191 57.39 33.63 -37.05
N ILE K 192 58.14 34.72 -36.95
CA ILE K 192 59.50 34.62 -36.42
C ILE K 192 59.53 35.23 -35.02
N PRO K 193 59.91 34.45 -34.02
CA PRO K 193 59.70 34.86 -32.62
C PRO K 193 60.48 36.08 -32.17
N GLY K 194 59.90 36.81 -31.22
CA GLY K 194 60.61 37.84 -30.49
C GLY K 194 60.63 39.21 -31.13
N GLY K 195 61.65 39.99 -30.80
CA GLY K 195 61.84 41.29 -31.41
C GLY K 195 60.78 42.31 -31.03
N ILE K 196 60.17 42.88 -32.07
CA ILE K 196 59.28 44.03 -31.96
C ILE K 196 58.78 44.34 -33.36
N ILE K 197 57.76 45.21 -33.44
CA ILE K 197 57.07 45.52 -34.69
C ILE K 197 58.03 46.07 -35.74
N GLU K 198 59.11 46.72 -35.33
CA GLU K 198 60.12 47.23 -36.26
C GLU K 198 60.84 46.13 -37.02
N ASP K 199 60.97 44.94 -36.44
CA ASP K 199 61.63 43.82 -37.10
C ASP K 199 60.72 43.11 -38.07
N SER K 200 59.43 43.49 -38.14
CA SER K 200 58.48 42.83 -39.02
C SER K 200 58.96 42.75 -40.46
N CYS K 201 59.58 43.81 -40.99
CA CYS K 201 60.53 43.74 -42.10
C CYS K 201 60.07 42.85 -43.25
N VAL K 202 59.15 43.35 -44.09
CA VAL K 202 58.44 42.56 -45.09
C VAL K 202 59.40 41.67 -45.86
N LEU K 203 59.05 40.37 -45.95
CA LEU K 203 59.86 39.38 -46.64
C LEU K 203 59.02 38.78 -47.76
N ARG K 204 59.38 39.10 -49.00
CA ARG K 204 58.60 38.66 -50.14
C ARG K 204 58.98 37.27 -50.62
N GLY K 205 60.13 36.75 -50.22
CA GLY K 205 60.55 35.44 -50.66
C GLY K 205 60.51 34.38 -49.59
N VAL K 206 61.09 33.23 -49.87
CA VAL K 206 61.24 32.16 -48.89
C VAL K 206 62.17 32.65 -47.79
N MET K 207 62.02 32.08 -46.61
CA MET K 207 63.05 32.20 -45.59
C MET K 207 63.61 30.82 -45.30
N ILE K 208 64.88 30.79 -44.91
CA ILE K 208 65.49 29.56 -44.42
C ILE K 208 65.94 29.86 -43.00
N ASN K 209 65.25 29.30 -42.02
CA ASN K 209 65.72 29.40 -40.64
C ASN K 209 66.94 28.53 -40.44
N LYS K 210 67.10 27.52 -41.30
CA LYS K 210 68.23 26.60 -41.27
C LYS K 210 69.40 27.04 -42.15
N ASP K 211 69.32 28.19 -42.80
CA ASP K 211 70.43 28.61 -43.66
C ASP K 211 71.57 29.02 -42.75
N VAL K 212 71.37 30.08 -41.98
CA VAL K 212 72.28 30.40 -40.88
C VAL K 212 71.53 30.17 -39.58
N THR K 213 71.86 29.08 -38.88
CA THR K 213 71.35 28.90 -37.52
C THR K 213 72.36 29.31 -36.46
N HIS K 214 73.58 29.67 -36.82
CA HIS K 214 74.63 29.85 -35.84
C HIS K 214 75.45 31.09 -36.16
N PRO K 215 76.02 31.73 -35.15
CA PRO K 215 76.90 32.87 -35.42
C PRO K 215 78.19 32.47 -36.09
N ARG K 216 78.59 31.21 -35.95
CA ARG K 216 79.85 30.76 -36.52
C ARG K 216 79.72 30.47 -38.01
N MET K 217 78.48 30.40 -38.51
CA MET K 217 78.26 30.11 -39.91
C MET K 217 78.59 31.30 -40.81
N ARG K 218 78.29 31.14 -42.10
CA ARG K 218 78.45 32.19 -43.09
C ARG K 218 77.77 33.48 -42.65
N ARG K 219 78.49 34.60 -42.74
CA ARG K 219 77.96 35.89 -42.33
C ARG K 219 77.67 36.72 -43.57
N TYR K 220 76.38 36.91 -43.85
CA TYR K 220 75.90 37.86 -44.86
C TYR K 220 76.70 37.85 -46.15
N ILE K 221 76.69 36.73 -46.86
CA ILE K 221 77.15 36.68 -48.24
C ILE K 221 75.95 37.02 -49.13
N LYS K 222 76.06 38.13 -49.87
CA LYS K 222 74.89 38.73 -50.50
C LYS K 222 74.11 37.72 -51.33
N ASN K 223 74.82 36.89 -52.10
CA ASN K 223 74.18 35.80 -52.83
C ASN K 223 74.68 34.51 -52.24
N PRO K 224 73.90 33.82 -51.41
CA PRO K 224 74.28 32.48 -50.97
C PRO K 224 74.14 31.49 -52.09
N ARG K 225 75.17 30.67 -52.27
CA ARG K 225 75.15 29.61 -53.27
C ARG K 225 75.19 28.26 -52.55
N ILE K 226 74.05 27.58 -52.50
CA ILE K 226 73.93 26.31 -51.81
C ILE K 226 74.41 25.22 -52.76
N VAL K 227 75.43 24.49 -52.34
CA VAL K 227 76.00 23.41 -53.14
C VAL K 227 75.43 22.10 -52.65
N LEU K 228 74.69 21.42 -53.51
CA LEU K 228 74.09 20.16 -53.17
C LEU K 228 75.09 19.03 -53.27
N LEU K 229 75.43 18.44 -52.12
CA LEU K 229 75.90 17.07 -52.04
C LEU K 229 76.87 16.65 -53.14
N ASP K 230 76.60 15.45 -53.63
CA ASP K 230 76.84 14.99 -54.99
C ASP K 230 78.32 14.78 -55.33
N SER K 231 79.16 15.64 -54.77
CA SER K 231 80.57 15.43 -54.48
C SER K 231 81.01 16.13 -53.21
N SER K 232 80.78 17.45 -53.09
CA SER K 232 81.09 18.19 -51.87
C SER K 232 80.68 17.39 -50.64
N LEU K 233 79.52 16.77 -50.69
CA LEU K 233 79.25 15.60 -49.87
C LEU K 233 79.28 14.39 -50.81
N GLU K 234 80.35 13.62 -50.74
CA GLU K 234 80.33 12.29 -51.33
C GLU K 234 79.39 11.45 -50.49
N TYR K 235 78.84 10.39 -51.07
CA TYR K 235 77.76 9.73 -50.36
C TYR K 235 78.29 8.59 -49.49
N LYS K 236 78.31 8.85 -48.18
CA LYS K 236 78.28 7.78 -47.19
C LYS K 236 77.32 8.18 -46.08
N LYS K 237 76.18 7.50 -46.00
CA LYS K 237 75.25 7.65 -44.89
C LYS K 237 75.40 6.46 -43.94
N GLY K 238 76.23 5.49 -44.33
CA GLY K 238 76.28 4.24 -43.61
C GLY K 238 77.13 4.26 -42.36
N GLU K 239 77.57 3.08 -41.93
CA GLU K 239 78.39 2.94 -40.73
C GLU K 239 79.40 1.83 -40.93
N SER K 240 80.57 1.98 -40.28
CA SER K 240 81.64 1.00 -40.44
C SER K 240 81.21 -0.38 -39.99
N GLN K 241 80.34 -0.45 -38.98
CA GLN K 241 79.88 -1.73 -38.43
C GLN K 241 81.06 -2.57 -37.95
N THR K 242 81.95 -1.93 -37.19
CA THR K 242 83.18 -2.57 -36.77
C THR K 242 82.88 -3.70 -35.79
N ASP K 243 83.76 -4.70 -35.76
CA ASP K 243 83.53 -5.91 -34.98
C ASP K 243 83.50 -5.61 -33.49
N ILE K 244 82.90 -6.54 -32.73
CA ILE K 244 82.71 -6.37 -31.31
C ILE K 244 83.99 -6.71 -30.55
N GLU K 245 84.25 -5.95 -29.47
CA GLU K 245 85.36 -6.21 -28.57
C GLU K 245 84.92 -5.91 -27.15
N ILE K 246 85.16 -6.85 -26.22
CA ILE K 246 84.76 -6.72 -24.84
C ILE K 246 85.78 -5.95 -24.00
N THR K 247 87.01 -5.79 -24.49
CA THR K 247 88.05 -5.19 -23.68
C THR K 247 87.84 -3.68 -23.51
N ARG K 248 87.58 -2.97 -24.60
CA ARG K 248 87.44 -1.52 -24.57
C ARG K 248 85.99 -1.14 -24.34
N GLU K 249 85.77 -0.29 -23.33
CA GLU K 249 84.45 0.30 -23.12
C GLU K 249 84.16 1.36 -24.18
N GLU K 250 85.21 1.88 -24.82
CA GLU K 250 85.05 2.93 -25.82
C GLU K 250 84.43 2.41 -27.11
N ASP K 251 84.57 1.11 -27.40
CA ASP K 251 84.00 0.55 -28.62
C ASP K 251 82.48 0.67 -28.62
N PHE K 252 81.86 0.59 -27.43
CA PHE K 252 80.43 0.86 -27.34
C PHE K 252 80.12 2.30 -27.71
N THR K 253 80.96 3.24 -27.27
CA THR K 253 80.70 4.65 -27.52
C THR K 253 81.09 5.05 -28.94
N ARG K 254 82.14 4.42 -29.49
CA ARG K 254 82.71 4.90 -30.74
C ARG K 254 81.90 4.45 -31.95
N ILE K 255 81.26 3.28 -31.87
CA ILE K 255 80.58 2.74 -33.04
C ILE K 255 79.36 3.56 -33.41
N LEU K 256 78.67 4.15 -32.42
CA LEU K 256 77.52 4.98 -32.73
C LEU K 256 77.95 6.35 -33.25
N GLN K 257 79.04 6.89 -32.70
CA GLN K 257 79.59 8.16 -33.19
C GLN K 257 80.08 8.05 -34.63
N MET K 258 80.36 6.83 -35.09
CA MET K 258 80.86 6.65 -36.46
C MET K 258 79.84 7.14 -37.49
N GLU K 259 78.55 7.02 -37.18
CA GLU K 259 77.50 7.49 -38.10
C GLU K 259 77.72 8.94 -38.49
N GLU K 260 77.98 9.81 -37.51
CA GLU K 260 78.01 11.23 -37.79
C GLU K 260 79.43 11.74 -38.04
N GLU K 261 80.42 10.86 -37.96
CA GLU K 261 81.79 11.27 -38.30
C GLU K 261 82.07 11.04 -39.78
N TYR K 262 81.15 10.36 -40.48
CA TYR K 262 81.27 10.27 -41.94
C TYR K 262 80.97 11.60 -42.59
N ILE K 263 79.81 12.18 -42.30
CA ILE K 263 79.50 13.51 -42.83
C ILE K 263 80.55 14.51 -42.39
N GLN K 264 81.14 14.28 -41.21
CA GLN K 264 82.30 15.04 -40.77
C GLN K 264 83.41 15.00 -41.81
N GLN K 265 83.81 13.79 -42.23
CA GLN K 265 84.78 13.68 -43.31
C GLN K 265 84.21 14.21 -44.62
N LEU K 266 82.88 14.13 -44.77
CA LEU K 266 82.24 14.74 -45.93
C LEU K 266 82.18 16.25 -45.78
N CYS K 267 81.99 16.74 -44.55
CA CYS K 267 82.08 18.17 -44.31
C CYS K 267 83.52 18.66 -44.43
N GLU K 268 84.49 17.84 -44.00
CA GLU K 268 85.88 18.11 -44.36
C GLU K 268 86.04 18.19 -45.87
N ASP K 269 85.38 17.28 -46.59
CA ASP K 269 85.40 17.33 -48.05
C ASP K 269 84.68 18.58 -48.56
N ILE K 270 83.77 19.13 -47.76
CA ILE K 270 83.14 20.40 -48.11
C ILE K 270 84.09 21.56 -47.91
N ILE K 271 84.80 21.58 -46.78
CA ILE K 271 85.63 22.72 -46.40
C ILE K 271 86.55 23.13 -47.55
N GLN K 272 87.26 22.17 -48.13
CA GLN K 272 88.17 22.42 -49.24
C GLN K 272 87.50 23.24 -50.33
N LEU K 273 86.22 23.00 -50.57
CA LEU K 273 85.45 23.63 -51.62
C LEU K 273 84.89 24.99 -51.23
N LYS K 274 84.75 25.24 -49.93
CA LYS K 274 84.12 26.45 -49.42
C LYS K 274 82.82 26.83 -50.11
N PRO K 275 81.85 25.90 -50.21
CA PRO K 275 80.56 26.43 -50.67
C PRO K 275 80.03 27.38 -49.62
N ASP K 276 79.66 28.62 -49.98
CA ASP K 276 79.21 29.55 -48.96
C ASP K 276 78.03 29.02 -48.16
N VAL K 277 77.17 28.22 -48.78
CA VAL K 277 76.14 27.48 -48.08
C VAL K 277 76.23 26.03 -48.55
N VAL K 278 75.84 25.10 -47.69
CA VAL K 278 75.78 23.69 -48.04
C VAL K 278 74.42 23.14 -47.65
N ILE K 279 73.78 22.47 -48.62
CA ILE K 279 72.46 21.88 -48.44
C ILE K 279 72.58 20.37 -48.52
N THR K 280 72.03 19.68 -47.53
CA THR K 280 72.10 18.24 -47.48
C THR K 280 70.74 17.68 -47.11
N GLU K 281 70.14 16.91 -48.03
CA GLU K 281 68.87 16.24 -47.82
C GLU K 281 69.02 14.95 -47.03
N LYS K 282 70.15 14.25 -47.20
CA LYS K 282 70.58 13.26 -46.24
C LYS K 282 70.68 13.83 -44.84
N GLY K 283 70.85 15.15 -44.74
CA GLY K 283 71.09 15.83 -43.48
C GLY K 283 72.55 15.79 -43.14
N ILE K 284 73.03 16.79 -42.42
CA ILE K 284 74.37 16.78 -41.85
C ILE K 284 74.25 16.77 -40.35
N SER K 285 75.10 15.99 -39.70
CA SER K 285 75.13 15.97 -38.25
C SER K 285 75.82 17.21 -37.71
N ASP K 286 75.56 17.50 -36.44
CA ASP K 286 76.16 18.68 -35.83
C ASP K 286 77.64 18.46 -35.53
N LEU K 287 78.04 17.24 -35.14
CA LEU K 287 79.47 16.96 -35.01
C LEU K 287 80.17 17.09 -36.36
N ALA K 288 79.44 16.86 -37.45
CA ALA K 288 79.94 17.17 -38.78
C ALA K 288 79.84 18.65 -39.07
N GLN K 289 78.90 19.34 -38.43
CA GLN K 289 78.58 20.71 -38.83
C GLN K 289 79.50 21.73 -38.17
N HIS K 290 80.30 21.28 -37.19
CA HIS K 290 81.33 22.14 -36.61
C HIS K 290 82.24 22.70 -37.69
N TYR K 291 82.74 21.82 -38.57
CA TYR K 291 83.83 22.17 -39.46
C TYR K 291 83.34 22.98 -40.64
N LEU K 292 82.03 22.99 -40.89
CA LEU K 292 81.48 23.86 -41.91
C LEU K 292 81.42 25.30 -41.45
N MET K 293 80.95 25.52 -40.23
CA MET K 293 80.76 26.87 -39.71
C MET K 293 82.08 27.63 -39.66
N ARG K 294 83.10 27.05 -39.02
CA ARG K 294 84.38 27.75 -38.84
C ARG K 294 84.98 28.20 -40.17
N ALA K 295 84.61 27.52 -41.25
CA ALA K 295 85.01 27.93 -42.59
C ALA K 295 84.30 29.20 -43.05
N ASN K 296 83.39 29.73 -42.24
CA ASN K 296 82.45 30.78 -42.61
C ASN K 296 81.53 30.22 -43.69
N ILE K 297 81.29 28.91 -43.62
CA ILE K 297 80.37 28.20 -44.49
C ILE K 297 79.14 27.85 -43.67
N THR K 298 78.01 28.49 -43.97
CA THR K 298 76.76 28.14 -43.30
C THR K 298 76.23 26.85 -43.89
N ALA K 299 75.36 26.19 -43.15
CA ALA K 299 74.89 24.86 -43.50
C ALA K 299 73.38 24.77 -43.34
N ILE K 300 72.70 24.47 -44.45
CA ILE K 300 71.28 24.17 -44.43
C ILE K 300 71.14 22.66 -44.33
N ARG K 301 70.61 22.18 -43.21
CA ARG K 301 70.61 20.76 -42.93
C ARG K 301 69.19 20.24 -42.83
N ARG K 302 69.03 18.95 -43.13
CA ARG K 302 67.75 18.24 -42.97
C ARG K 302 66.63 18.93 -43.74
N VAL K 303 66.99 19.60 -44.82
CA VAL K 303 66.03 20.22 -45.73
C VAL K 303 65.97 19.37 -46.99
N ARG K 304 64.78 19.26 -47.57
CA ARG K 304 64.57 18.48 -48.77
C ARG K 304 65.13 19.20 -50.00
N LYS K 305 65.04 18.53 -51.14
CA LYS K 305 65.57 19.11 -52.38
C LYS K 305 64.67 20.23 -52.87
N THR K 306 63.36 20.02 -52.86
CA THR K 306 62.44 21.04 -53.36
C THR K 306 62.46 22.28 -52.47
N ASP K 307 62.58 22.09 -51.16
CA ASP K 307 62.88 23.22 -50.28
C ASP K 307 64.10 23.96 -50.80
N ASN K 308 65.20 23.23 -51.02
CA ASN K 308 66.41 23.83 -51.57
C ASN K 308 66.23 24.27 -53.01
N ASN K 309 65.63 23.43 -53.86
CA ASN K 309 65.54 23.72 -55.28
C ASN K 309 64.85 25.05 -55.53
N ARG K 310 63.63 25.22 -55.01
CA ARG K 310 62.95 26.50 -55.14
C ARG K 310 63.85 27.62 -54.64
N ILE K 311 64.53 27.40 -53.51
CA ILE K 311 65.46 28.39 -52.99
C ILE K 311 66.70 28.49 -53.87
N ALA K 312 67.29 27.35 -54.24
CA ALA K 312 68.45 27.38 -55.14
C ALA K 312 68.13 28.13 -56.42
N ARG K 313 66.86 28.12 -56.82
CA ARG K 313 66.41 29.04 -57.86
C ARG K 313 66.12 30.42 -57.28
N ALA K 314 65.52 30.47 -56.09
CA ALA K 314 65.19 31.76 -55.48
C ALA K 314 66.44 32.48 -55.00
N CYS K 315 67.27 31.83 -54.17
CA CYS K 315 68.53 32.45 -53.79
C CYS K 315 69.53 32.41 -54.94
N GLY K 316 69.19 31.73 -56.04
CA GLY K 316 70.06 31.69 -57.19
C GLY K 316 71.34 30.96 -56.89
N ALA K 317 71.22 29.70 -56.50
CA ALA K 317 72.34 28.96 -55.96
C ALA K 317 72.79 27.88 -56.93
N ARG K 318 74.06 27.96 -57.31
CA ARG K 318 74.70 26.92 -58.11
C ARG K 318 74.63 25.58 -57.40
N ILE K 319 74.07 24.58 -58.07
CA ILE K 319 73.85 23.25 -57.51
C ILE K 319 74.81 22.32 -58.23
N VAL K 320 75.85 21.86 -57.53
CA VAL K 320 76.96 21.18 -58.15
C VAL K 320 77.52 20.09 -57.26
N SER K 321 78.21 19.14 -57.91
CA SER K 321 79.01 18.16 -57.19
C SER K 321 79.99 18.85 -56.25
N ARG K 322 80.92 19.62 -56.81
CA ARG K 322 81.80 20.48 -56.04
C ARG K 322 81.78 21.87 -56.67
N PRO K 323 82.08 22.92 -55.91
CA PRO K 323 82.35 24.22 -56.54
C PRO K 323 83.43 24.18 -57.61
N GLU K 324 84.44 23.32 -57.47
CA GLU K 324 85.52 23.22 -58.46
C GLU K 324 85.28 22.06 -59.41
N GLU K 325 84.21 21.28 -59.18
CA GLU K 325 83.88 20.15 -60.05
C GLU K 325 82.58 20.46 -60.77
N LEU K 326 82.62 20.50 -62.10
CA LEU K 326 81.49 21.08 -62.79
C LEU K 326 80.32 20.10 -62.87
N ARG K 327 79.25 20.48 -62.19
CA ARG K 327 77.94 19.88 -62.42
C ARG K 327 77.09 20.77 -63.32
N GLU K 328 77.68 21.79 -63.97
CA GLU K 328 76.96 22.87 -64.65
C GLU K 328 76.23 23.76 -63.66
N ASP K 329 76.97 24.71 -63.08
CA ASP K 329 76.50 25.62 -62.05
C ASP K 329 75.16 26.23 -62.43
N ASP K 330 74.27 26.34 -61.44
CA ASP K 330 73.12 27.22 -61.52
C ASP K 330 73.61 28.65 -61.39
N VAL K 331 72.69 29.60 -61.46
CA VAL K 331 73.05 31.01 -61.47
C VAL K 331 73.67 31.39 -60.13
N GLY K 332 74.39 32.51 -60.11
CA GLY K 332 74.92 33.07 -58.88
C GLY K 332 73.93 33.86 -58.05
N THR K 333 72.98 34.56 -58.68
CA THR K 333 72.00 35.34 -57.94
C THR K 333 70.61 35.15 -58.55
N GLY K 334 69.68 34.69 -57.72
CA GLY K 334 68.28 34.70 -58.08
C GLY K 334 67.48 35.72 -57.28
N ALA K 335 68.10 36.30 -56.27
CA ALA K 335 67.42 37.16 -55.31
C ALA K 335 68.20 38.44 -55.06
N GLY K 336 67.50 39.47 -54.61
CA GLY K 336 68.12 40.74 -54.32
C GLY K 336 68.38 41.02 -52.86
N LEU K 337 67.79 40.23 -51.97
CA LEU K 337 67.96 40.45 -50.54
C LEU K 337 68.19 39.12 -49.83
N LEU K 338 69.31 39.04 -49.13
CA LEU K 338 69.52 38.00 -48.12
C LEU K 338 69.67 38.69 -46.78
N GLU K 339 68.66 38.55 -45.92
CA GLU K 339 68.69 39.15 -44.59
C GLU K 339 68.64 38.06 -43.54
N ILE K 340 69.71 37.97 -42.76
CA ILE K 340 69.79 37.01 -41.67
C ILE K 340 69.52 37.75 -40.37
N LYS K 341 68.35 37.54 -39.80
CA LYS K 341 67.92 38.27 -38.61
C LYS K 341 68.07 37.37 -37.39
N LYS K 342 68.52 37.96 -36.29
CA LYS K 342 68.82 37.22 -35.07
C LYS K 342 67.94 37.69 -33.93
N ILE K 343 67.10 36.80 -33.43
CA ILE K 343 66.50 36.93 -32.11
C ILE K 343 67.13 35.85 -31.24
N GLY K 344 68.00 36.27 -30.32
CA GLY K 344 68.89 35.32 -29.70
C GLY K 344 70.01 34.94 -30.66
N ASP K 345 70.72 33.86 -30.33
CA ASP K 345 71.80 33.35 -31.16
C ASP K 345 71.33 32.32 -32.17
N GLU K 346 70.03 32.08 -32.25
CA GLU K 346 69.45 31.31 -33.35
C GLU K 346 69.09 32.29 -34.46
N TYR K 347 69.85 32.24 -35.55
CA TYR K 347 69.74 33.18 -36.63
C TYR K 347 68.62 32.76 -37.57
N PHE K 348 67.89 33.73 -38.07
CA PHE K 348 66.81 33.51 -39.01
C PHE K 348 67.22 34.12 -40.33
N THR K 349 67.49 33.30 -41.33
CA THR K 349 67.99 33.76 -42.61
C THR K 349 66.82 33.93 -43.56
N PHE K 350 66.55 35.17 -43.93
CA PHE K 350 65.43 35.53 -44.78
C PHE K 350 65.98 35.99 -46.12
N ILE K 351 65.57 35.32 -47.19
CA ILE K 351 65.99 35.75 -48.53
C ILE K 351 64.74 36.24 -49.27
N THR K 352 64.65 37.54 -49.48
CA THR K 352 63.50 38.13 -50.16
C THR K 352 63.64 37.89 -51.65
N ASP K 353 62.62 37.28 -52.23
CA ASP K 353 62.72 36.70 -53.56
C ASP K 353 61.63 37.29 -54.43
N CYS K 354 62.05 37.85 -55.58
CA CYS K 354 61.15 38.57 -56.47
C CYS K 354 60.76 37.66 -57.62
N LYS K 355 59.50 37.22 -57.62
CA LYS K 355 58.94 36.39 -58.69
C LYS K 355 59.80 35.16 -58.93
N ASP K 356 60.10 34.44 -57.85
CA ASP K 356 60.95 33.26 -57.85
C ASP K 356 60.11 32.08 -57.41
N PRO K 357 60.57 30.85 -57.68
CA PRO K 357 59.84 29.69 -57.13
C PRO K 357 59.72 29.74 -55.62
N LYS K 358 60.84 29.91 -54.91
CA LYS K 358 60.94 30.20 -53.48
C LYS K 358 59.95 29.41 -52.65
N ALA K 359 59.57 29.94 -51.49
CA ALA K 359 58.25 29.69 -50.93
C ALA K 359 57.40 30.93 -50.77
N CYS K 360 57.93 32.13 -51.00
CA CYS K 360 57.35 33.38 -50.50
C CYS K 360 57.00 33.24 -49.02
N THR K 361 57.99 32.86 -48.21
CA THR K 361 57.78 32.66 -46.79
C THR K 361 58.06 33.98 -46.10
N ILE K 362 57.01 34.63 -45.59
CA ILE K 362 57.08 36.05 -45.25
C ILE K 362 57.44 36.23 -43.78
N LEU K 363 58.34 37.17 -43.54
CA LEU K 363 58.71 37.54 -42.18
C LEU K 363 57.65 38.42 -41.54
N LEU K 364 57.28 38.06 -40.32
CA LEU K 364 56.50 38.93 -39.46
C LEU K 364 57.18 38.96 -38.09
N ARG K 365 57.10 40.12 -37.45
CA ARG K 365 57.56 40.24 -36.08
C ARG K 365 56.52 40.98 -35.27
N GLY K 366 55.96 40.28 -34.29
CA GLY K 366 55.10 40.91 -33.32
C GLY K 366 55.96 41.62 -32.30
N ALA K 367 55.35 42.29 -31.34
CA ALA K 367 56.11 42.83 -30.23
C ALA K 367 56.86 41.74 -29.46
N SER K 368 56.43 40.48 -29.54
CA SER K 368 57.12 39.37 -28.91
C SER K 368 56.75 38.10 -29.67
N LYS K 369 57.11 36.96 -29.09
CA LYS K 369 56.94 35.65 -29.73
C LYS K 369 55.48 35.22 -29.87
N GLU K 370 54.54 35.95 -29.27
CA GLU K 370 53.17 35.45 -29.15
C GLU K 370 52.21 36.04 -30.17
N ILE K 371 52.01 37.36 -30.14
CA ILE K 371 51.08 38.00 -31.08
C ILE K 371 51.47 37.74 -32.52
N LEU K 372 52.64 37.15 -32.76
CA LEU K 372 52.98 36.60 -34.06
C LEU K 372 51.82 35.79 -34.63
N SER K 373 51.27 34.88 -33.83
CA SER K 373 50.27 33.93 -34.30
C SER K 373 49.09 34.64 -34.95
N GLU K 374 48.71 35.81 -34.44
CA GLU K 374 47.63 36.54 -35.08
C GLU K 374 48.10 37.25 -36.34
N VAL K 375 49.33 37.80 -36.31
CA VAL K 375 49.89 38.41 -37.51
C VAL K 375 49.88 37.40 -38.66
N GLU K 376 50.31 36.17 -38.39
CA GLU K 376 50.25 35.11 -39.39
C GLU K 376 48.83 34.92 -39.89
N ARG K 377 47.88 34.74 -38.99
CA ARG K 377 46.47 34.73 -39.37
C ARG K 377 46.08 36.03 -40.06
N ASN K 378 46.51 37.17 -39.49
CA ASN K 378 46.30 38.44 -40.18
C ASN K 378 46.92 38.42 -41.57
N LEU K 379 48.21 38.07 -41.65
CA LEU K 379 48.87 37.98 -42.94
C LEU K 379 48.20 36.97 -43.87
N GLN K 380 47.86 35.79 -43.36
CA GLN K 380 47.17 34.83 -44.23
C GLN K 380 45.84 35.38 -44.71
N ASP K 381 45.05 35.96 -43.79
CA ASP K 381 43.87 36.70 -44.22
C ASP K 381 44.25 37.91 -45.04
N ALA K 382 45.42 38.49 -44.76
CA ALA K 382 45.91 39.58 -45.60
C ALA K 382 46.33 39.05 -46.96
N MET K 383 47.21 38.04 -47.00
CA MET K 383 47.65 37.48 -48.27
C MET K 383 46.48 36.90 -49.06
N GLN K 384 45.44 36.45 -48.35
CA GLN K 384 44.21 36.00 -49.01
C GLN K 384 43.60 37.08 -49.88
N VAL K 385 43.43 38.28 -49.34
CA VAL K 385 43.04 39.39 -50.20
C VAL K 385 44.05 39.56 -51.33
N CYS K 386 45.34 39.65 -51.00
CA CYS K 386 46.33 39.92 -52.02
C CYS K 386 46.36 38.82 -53.07
N ARG K 387 46.02 37.59 -52.70
CA ARG K 387 45.78 36.58 -53.72
C ARG K 387 44.38 36.69 -54.29
N ASN K 388 43.43 37.25 -53.54
CA ASN K 388 42.09 37.43 -54.09
C ASN K 388 41.98 38.70 -54.92
N VAL K 389 42.57 39.80 -54.45
CA VAL K 389 42.52 41.03 -55.24
C VAL K 389 43.30 40.84 -56.53
N LEU K 390 44.48 40.24 -56.45
CA LEU K 390 45.23 39.91 -57.66
C LEU K 390 44.49 38.85 -58.47
N LEU K 391 43.49 38.21 -57.86
CA LEU K 391 42.51 37.45 -58.63
C LEU K 391 41.31 38.33 -58.98
N ASP K 392 40.51 38.69 -57.98
CA ASP K 392 39.31 39.51 -58.18
C ASP K 392 39.60 40.92 -57.68
N PRO K 393 39.82 41.89 -58.57
CA PRO K 393 39.68 43.29 -58.14
C PRO K 393 38.27 43.59 -57.69
N GLN K 394 37.28 43.02 -58.34
CA GLN K 394 35.90 43.18 -57.93
C GLN K 394 35.60 42.27 -56.76
N LEU K 395 35.27 42.87 -55.62
CA LEU K 395 34.84 42.10 -54.47
C LEU K 395 33.81 42.93 -53.73
N VAL K 396 32.72 42.29 -53.35
CA VAL K 396 31.49 43.00 -52.99
C VAL K 396 31.67 43.77 -51.69
N PRO K 397 31.36 45.06 -51.68
CA PRO K 397 31.11 45.74 -50.41
C PRO K 397 29.77 45.28 -49.84
N GLY K 398 29.76 45.06 -48.55
CA GLY K 398 28.52 44.76 -47.86
C GLY K 398 28.73 44.71 -46.37
N GLY K 399 27.65 44.96 -45.65
CA GLY K 399 27.61 44.70 -44.23
C GLY K 399 26.82 43.43 -44.04
N GLY K 400 26.80 42.63 -45.09
CA GLY K 400 25.81 41.60 -45.28
C GLY K 400 24.66 42.06 -46.15
N ALA K 401 24.71 43.30 -46.63
CA ALA K 401 23.85 43.68 -47.74
C ALA K 401 24.10 42.79 -48.93
N SER K 402 25.34 42.31 -49.08
CA SER K 402 25.61 41.20 -49.99
C SER K 402 24.87 39.96 -49.56
N GLU K 403 24.90 39.66 -48.26
CA GLU K 403 24.13 38.55 -47.72
C GLU K 403 22.64 38.80 -47.88
N MET K 404 22.24 40.06 -48.03
CA MET K 404 20.93 40.36 -48.60
C MET K 404 20.96 40.33 -50.13
N ALA K 405 22.02 40.86 -50.75
CA ALA K 405 22.03 41.13 -52.18
C ALA K 405 21.54 39.93 -52.98
N VAL K 406 22.05 38.75 -52.64
CA VAL K 406 21.53 37.53 -53.24
C VAL K 406 20.08 37.32 -52.80
N ALA K 407 19.85 37.33 -51.49
CA ALA K 407 18.56 36.94 -50.92
C ALA K 407 17.39 37.66 -51.59
N HIS K 408 17.50 38.99 -51.76
CA HIS K 408 16.43 39.76 -52.37
C HIS K 408 16.39 39.56 -53.88
N ALA K 409 17.56 39.52 -54.53
CA ALA K 409 17.60 39.17 -55.94
C ALA K 409 17.06 37.77 -56.17
N LEU K 410 17.18 36.89 -55.17
CA LEU K 410 16.52 35.59 -55.23
C LEU K 410 15.00 35.75 -55.27
N THR K 411 14.42 36.45 -54.29
CA THR K 411 12.97 36.61 -54.24
C THR K 411 12.48 37.35 -55.49
N GLU K 412 13.27 38.31 -55.98
CA GLU K 412 13.01 38.85 -57.31
C GLU K 412 12.94 37.74 -58.34
N LYS K 413 13.97 36.88 -58.34
CA LYS K 413 14.04 35.82 -59.33
C LYS K 413 13.09 34.69 -58.99
N SER K 414 12.78 34.52 -57.70
CA SER K 414 11.70 33.62 -57.32
C SER K 414 10.45 33.94 -58.10
N LYS K 415 10.15 35.23 -58.26
CA LYS K 415 9.03 35.64 -59.09
C LYS K 415 9.29 35.30 -60.55
N ALA K 416 10.56 35.29 -60.95
CA ALA K 416 10.90 34.98 -62.33
C ALA K 416 10.93 33.47 -62.58
N MET K 417 11.50 32.72 -61.65
CA MET K 417 11.74 31.30 -61.90
C MET K 417 10.47 30.49 -61.76
N THR K 418 9.62 30.85 -60.80
CA THR K 418 8.32 30.24 -60.60
C THR K 418 8.38 28.72 -60.47
N GLY K 419 7.40 28.05 -61.06
CA GLY K 419 7.19 26.64 -60.82
C GLY K 419 6.91 26.39 -59.34
N VAL K 420 6.90 25.10 -58.98
CA VAL K 420 7.07 24.78 -57.57
C VAL K 420 8.47 25.16 -57.13
N GLU K 421 9.42 25.16 -58.07
CA GLU K 421 10.81 25.51 -57.81
C GLU K 421 10.95 26.81 -57.03
N GLN K 422 10.16 27.83 -57.35
CA GLN K 422 10.31 29.12 -56.68
C GLN K 422 10.19 28.96 -55.17
N TRP K 423 9.30 28.08 -54.72
CA TRP K 423 9.04 28.01 -53.28
C TRP K 423 10.27 27.58 -52.50
N PRO K 424 10.99 26.52 -52.86
CA PRO K 424 12.34 26.35 -52.31
C PRO K 424 13.22 27.54 -52.60
N TYR K 425 13.20 28.01 -53.85
CA TYR K 425 14.05 29.12 -54.23
C TYR K 425 13.67 30.38 -53.44
N ARG K 426 12.38 30.52 -53.14
CA ARG K 426 11.94 31.61 -52.27
C ARG K 426 12.16 31.28 -50.80
N ALA K 427 12.10 30.00 -50.43
CA ALA K 427 12.46 29.63 -49.06
C ALA K 427 13.94 29.82 -48.81
N VAL K 428 14.80 29.30 -49.69
CA VAL K 428 16.22 29.56 -49.55
C VAL K 428 16.55 31.02 -49.80
N ALA K 429 15.61 31.79 -50.36
CA ALA K 429 15.82 33.22 -50.50
C ALA K 429 15.92 33.89 -49.14
N GLN K 430 15.31 33.28 -48.12
CA GLN K 430 15.27 33.90 -46.80
C GLN K 430 16.56 33.70 -46.02
N ALA K 431 17.21 32.55 -46.20
CA ALA K 431 18.26 32.13 -45.27
C ALA K 431 19.45 33.07 -45.27
N LEU K 432 19.66 33.81 -46.35
CA LEU K 432 20.91 34.54 -46.51
C LEU K 432 20.94 35.81 -45.67
N GLU K 433 19.78 36.45 -45.52
CA GLU K 433 19.71 37.76 -44.90
C GLU K 433 19.86 37.73 -43.39
N VAL K 434 19.93 36.54 -42.78
CA VAL K 434 19.90 36.45 -41.32
C VAL K 434 21.25 36.83 -40.73
N ILE K 435 22.34 36.36 -41.34
CA ILE K 435 23.68 36.62 -40.79
C ILE K 435 23.92 38.10 -40.52
N PRO K 436 23.79 39.01 -41.49
CA PRO K 436 24.02 40.42 -41.17
C PRO K 436 22.94 41.00 -40.29
N ARG K 437 21.69 40.60 -40.52
CA ARG K 437 20.60 41.08 -39.69
C ARG K 437 20.84 40.71 -38.24
N THR K 438 21.37 39.50 -38.01
CA THR K 438 21.87 39.17 -36.67
C THR K 438 22.92 40.16 -36.21
N LEU K 439 23.86 40.51 -37.08
CA LEU K 439 24.89 41.49 -36.70
C LEU K 439 24.26 42.85 -36.42
N ILE K 440 23.22 43.21 -37.17
CA ILE K 440 22.55 44.46 -36.86
C ILE K 440 21.36 44.20 -35.94
N GLN K 441 21.11 42.94 -35.59
CA GLN K 441 20.34 42.66 -34.38
C GLN K 441 21.25 42.68 -33.17
N ASN K 442 22.49 42.19 -33.33
CA ASN K 442 23.52 42.50 -32.36
C ASN K 442 23.58 43.99 -32.09
N CYS K 443 23.36 44.80 -33.14
CA CYS K 443 23.15 46.23 -32.95
C CYS K 443 21.94 46.49 -32.07
N GLY K 444 20.73 46.25 -32.58
CA GLY K 444 19.55 46.45 -31.77
C GLY K 444 18.36 46.86 -32.60
N ALA K 445 17.41 47.52 -31.92
CA ALA K 445 16.18 48.06 -32.50
C ALA K 445 15.38 46.99 -33.22
N SER K 446 14.81 47.35 -34.37
CA SER K 446 14.15 46.35 -35.20
C SER K 446 15.08 46.00 -36.34
N THR K 447 15.67 44.81 -36.27
CA THR K 447 16.68 44.41 -37.24
C THR K 447 16.02 43.92 -38.53
N ILE K 448 14.77 43.47 -38.43
CA ILE K 448 14.02 43.08 -39.61
C ILE K 448 13.50 44.32 -40.34
N ARG K 449 13.22 45.38 -39.58
CA ARG K 449 12.83 46.64 -40.20
C ARG K 449 14.01 47.29 -40.89
N LEU K 450 15.17 47.30 -40.22
CA LEU K 450 16.41 47.58 -40.92
C LEU K 450 16.55 46.68 -42.14
N LEU K 451 16.25 45.38 -41.97
CA LEU K 451 16.19 44.48 -43.10
C LEU K 451 15.12 44.91 -44.09
N THR K 452 13.95 45.31 -43.59
CA THR K 452 12.96 45.90 -44.48
C THR K 452 13.54 47.14 -45.15
N SER K 453 14.11 48.04 -44.36
CA SER K 453 14.86 49.16 -44.92
C SER K 453 15.93 48.66 -45.87
N LEU K 454 16.72 47.66 -45.46
CA LEU K 454 17.58 46.95 -46.40
C LEU K 454 16.83 46.56 -47.66
N ARG K 455 15.80 45.73 -47.52
CA ARG K 455 15.03 45.32 -48.70
C ARG K 455 14.49 46.54 -49.45
N ALA K 456 13.95 47.52 -48.71
CA ALA K 456 13.59 48.78 -49.33
C ALA K 456 14.81 49.41 -50.00
N LYS K 457 15.91 49.54 -49.26
CA LYS K 457 17.17 49.95 -49.85
C LYS K 457 17.58 49.06 -51.01
N HIS K 458 17.37 47.75 -50.91
CA HIS K 458 18.02 46.80 -51.79
C HIS K 458 17.78 47.11 -53.26
N THR K 459 16.58 46.83 -53.75
CA THR K 459 16.33 46.95 -55.17
C THR K 459 16.18 48.40 -55.56
N GLN K 460 15.63 49.22 -54.67
CA GLN K 460 15.60 50.66 -54.90
C GLN K 460 17.00 51.23 -55.02
N GLU K 461 17.77 51.25 -53.92
CA GLU K 461 19.01 51.99 -53.87
C GLU K 461 20.11 51.11 -54.44
N ASN K 462 20.62 50.14 -53.68
CA ASN K 462 21.60 49.18 -54.18
C ASN K 462 21.53 47.90 -53.37
N CYS K 463 21.93 46.81 -54.02
CA CYS K 463 22.00 45.51 -53.37
C CYS K 463 22.98 45.52 -52.20
N GLU K 464 24.27 45.66 -52.49
CA GLU K 464 25.34 45.36 -51.55
C GLU K 464 26.34 46.50 -51.39
N THR K 465 26.96 46.96 -52.48
CA THR K 465 27.89 48.08 -52.42
C THR K 465 27.35 49.20 -51.53
N TRP K 466 26.23 49.79 -51.91
CA TRP K 466 25.40 50.51 -50.95
C TRP K 466 24.63 49.47 -50.16
N GLY K 467 24.59 49.64 -48.84
CA GLY K 467 24.11 48.58 -47.97
C GLY K 467 23.92 49.01 -46.54
N VAL K 468 23.84 48.06 -45.63
CA VAL K 468 23.77 48.35 -44.20
C VAL K 468 25.16 48.20 -43.61
N ASN K 469 25.49 49.08 -42.67
CA ASN K 469 26.65 48.88 -41.82
C ASN K 469 26.41 47.69 -40.91
N GLY K 470 27.41 46.82 -40.82
CA GLY K 470 27.34 45.66 -39.94
C GLY K 470 27.32 45.98 -38.47
N GLU K 471 28.30 46.71 -37.95
CA GLU K 471 28.34 47.04 -36.53
C GLU K 471 27.47 48.23 -36.15
N THR K 472 27.31 49.23 -37.02
CA THR K 472 26.46 50.36 -36.67
C THR K 472 24.99 50.05 -36.94
N GLY K 473 24.72 49.41 -38.09
CA GLY K 473 23.35 49.11 -38.45
C GLY K 473 22.74 50.14 -39.38
N THR K 474 23.51 51.18 -39.70
CA THR K 474 23.05 52.22 -40.61
C THR K 474 23.12 51.71 -42.04
N LEU K 475 22.22 52.22 -42.87
CA LEU K 475 22.30 51.89 -44.30
C LEU K 475 23.27 52.84 -44.98
N VAL K 476 24.37 52.27 -45.48
CA VAL K 476 25.49 53.07 -45.95
C VAL K 476 26.13 52.34 -47.10
N ASP K 477 26.87 53.07 -47.93
CA ASP K 477 27.62 52.42 -49.00
C ASP K 477 28.82 51.73 -48.36
N MET K 478 28.95 50.43 -48.64
CA MET K 478 29.91 49.64 -47.87
C MET K 478 31.33 49.82 -48.39
N LYS K 479 31.48 50.30 -49.63
CA LYS K 479 32.76 50.85 -50.03
C LYS K 479 32.99 52.21 -49.38
N GLU K 480 31.94 53.03 -49.34
CA GLU K 480 32.01 54.30 -48.60
C GLU K 480 32.32 54.05 -47.14
N LEU K 481 31.70 53.02 -46.56
CA LEU K 481 32.07 52.63 -45.20
C LEU K 481 33.41 51.93 -45.18
N GLY K 482 33.82 51.39 -46.32
CA GLY K 482 35.09 50.73 -46.43
C GLY K 482 35.10 49.27 -46.07
N ILE K 483 33.96 48.71 -45.64
CA ILE K 483 33.85 47.29 -45.35
C ILE K 483 33.84 46.55 -46.67
N TRP K 484 34.77 45.61 -46.81
CA TRP K 484 34.89 44.83 -48.02
C TRP K 484 34.63 43.36 -47.72
N GLU K 485 33.87 42.74 -48.60
CA GLU K 485 33.49 41.34 -48.49
C GLU K 485 34.00 40.66 -49.74
N PRO K 486 35.19 40.06 -49.70
CA PRO K 486 35.81 39.54 -50.92
C PRO K 486 34.90 38.67 -51.76
N LEU K 487 34.88 38.95 -53.06
CA LEU K 487 34.07 38.17 -54.00
C LEU K 487 34.33 36.69 -53.85
N ALA K 488 35.60 36.27 -54.00
CA ALA K 488 35.95 34.87 -53.86
C ALA K 488 35.45 34.31 -52.54
N VAL K 489 35.76 34.99 -51.43
CA VAL K 489 35.22 34.58 -50.13
C VAL K 489 33.73 34.31 -50.24
N LYS K 490 32.95 35.36 -50.51
CA LYS K 490 31.51 35.17 -50.72
C LYS K 490 31.27 34.08 -51.75
N LEU K 491 31.96 34.15 -52.89
CA LEU K 491 31.90 33.09 -53.89
C LEU K 491 32.16 31.73 -53.27
N GLN K 492 33.17 31.64 -52.41
CA GLN K 492 33.46 30.37 -51.76
C GLN K 492 32.42 30.04 -50.71
N THR K 493 31.94 31.05 -49.97
CA THR K 493 31.11 30.79 -48.79
C THR K 493 29.86 30.00 -49.15
N TYR K 494 28.91 30.62 -49.87
CA TYR K 494 27.70 29.88 -50.22
C TYR K 494 28.04 28.60 -50.97
N LYS K 495 28.96 28.67 -51.93
CA LYS K 495 29.37 27.47 -52.64
C LYS K 495 29.73 26.35 -51.68
N THR K 496 30.76 26.56 -50.88
CA THR K 496 31.06 25.63 -49.79
C THR K 496 29.83 25.36 -48.93
N ALA K 497 29.00 26.39 -48.70
CA ALA K 497 27.84 26.21 -47.84
C ALA K 497 26.75 25.40 -48.53
N VAL K 498 26.41 25.74 -49.78
CA VAL K 498 25.33 25.02 -50.46
C VAL K 498 25.70 23.56 -50.65
N GLU K 499 26.99 23.27 -50.85
CA GLU K 499 27.43 21.90 -51.09
C GLU K 499 27.10 21.00 -49.92
N THR K 500 27.52 21.38 -48.70
CA THR K 500 27.31 20.52 -47.55
C THR K 500 25.84 20.28 -47.29
N ALA K 501 25.04 21.35 -47.38
CA ALA K 501 23.61 21.22 -47.09
C ALA K 501 22.91 20.34 -48.13
N VAL K 502 23.44 20.28 -49.34
CA VAL K 502 22.92 19.31 -50.31
C VAL K 502 23.03 17.90 -49.76
N LEU K 503 24.21 17.52 -49.26
CA LEU K 503 24.42 16.16 -48.78
C LEU K 503 23.64 15.92 -47.49
N LEU K 504 23.58 16.92 -46.62
CA LEU K 504 22.85 16.77 -45.37
C LEU K 504 21.40 16.37 -45.60
N LEU K 505 20.77 16.90 -46.65
CA LEU K 505 19.48 16.37 -47.08
C LEU K 505 19.64 14.98 -47.66
N ARG K 506 20.64 14.80 -48.53
CA ARG K 506 20.83 13.50 -49.17
C ARG K 506 21.11 12.41 -48.15
N ILE K 507 21.61 12.76 -46.97
CA ILE K 507 21.80 11.76 -45.94
C ILE K 507 20.61 11.78 -44.99
N ASP K 508 19.77 10.76 -45.11
CA ASP K 508 18.88 10.36 -44.04
C ASP K 508 19.40 9.14 -43.28
N ASP K 509 20.57 8.62 -43.63
CA ASP K 509 21.03 7.30 -43.20
C ASP K 509 22.51 7.35 -42.89
N ILE K 510 22.90 6.78 -41.76
CA ILE K 510 24.29 6.41 -41.50
C ILE K 510 24.29 4.98 -41.00
N VAL K 511 25.42 4.30 -41.13
CA VAL K 511 25.53 2.95 -40.59
C VAL K 511 26.54 2.97 -39.47
N SER K 512 26.77 1.83 -38.83
CA SER K 512 27.81 1.70 -37.83
C SER K 512 29.09 1.12 -38.39
N GLY K 513 29.12 0.75 -39.67
CA GLY K 513 30.32 0.20 -40.28
C GLY K 513 30.17 -1.22 -40.78
N ARG L 2 6.18 -42.60 -9.49
CA ARG L 2 5.76 -41.30 -8.97
C ARG L 2 5.42 -40.34 -10.09
N ASP L 3 5.19 -39.08 -9.72
CA ASP L 3 5.06 -38.01 -10.69
C ASP L 3 6.33 -37.82 -11.52
N LYS L 4 7.50 -37.92 -10.90
CA LYS L 4 8.74 -37.85 -11.67
C LYS L 4 8.77 -38.90 -12.77
N PRO L 5 8.67 -40.21 -12.51
CA PRO L 5 8.56 -41.16 -13.62
C PRO L 5 7.50 -40.78 -14.63
N ALA L 6 6.34 -40.34 -14.16
CA ALA L 6 5.31 -39.86 -15.07
C ALA L 6 5.80 -38.65 -15.86
N GLN L 7 6.30 -37.63 -15.16
CA GLN L 7 6.68 -36.41 -15.85
C GLN L 7 7.94 -36.59 -16.68
N ILE L 8 8.94 -37.31 -16.17
CA ILE L 8 10.21 -37.39 -16.88
C ILE L 8 10.02 -38.11 -18.21
N ARG L 9 9.21 -39.16 -18.23
CA ARG L 9 8.85 -39.75 -19.51
C ARG L 9 8.23 -38.71 -20.40
N PHE L 10 7.18 -38.06 -19.90
CA PHE L 10 6.58 -36.93 -20.60
C PHE L 10 7.60 -35.85 -20.87
N SER L 11 8.51 -35.60 -19.91
CA SER L 11 9.59 -34.64 -20.15
C SER L 11 10.58 -35.16 -21.17
N ASN L 12 10.87 -36.46 -21.13
CA ASN L 12 11.59 -37.08 -22.23
C ASN L 12 10.76 -37.03 -23.50
N ILE L 13 9.49 -37.42 -23.40
CA ILE L 13 8.56 -37.24 -24.52
C ILE L 13 8.50 -35.77 -24.91
N SER L 14 8.63 -34.86 -23.94
CA SER L 14 8.66 -33.44 -24.27
C SER L 14 9.81 -33.13 -25.23
N ALA L 15 11.05 -33.24 -24.74
CA ALA L 15 12.19 -32.76 -25.51
C ALA L 15 12.32 -33.49 -26.84
N ALA L 16 12.47 -34.82 -26.81
CA ALA L 16 12.79 -35.57 -28.02
C ALA L 16 11.75 -35.33 -29.11
N LYS L 17 10.47 -35.45 -28.77
CA LYS L 17 9.42 -35.14 -29.73
C LYS L 17 9.54 -33.71 -30.25
N ALA L 18 9.69 -32.74 -29.34
CA ALA L 18 9.77 -31.35 -29.75
C ALA L 18 10.90 -31.12 -30.74
N VAL L 19 12.00 -31.85 -30.57
CA VAL L 19 13.10 -31.71 -31.52
C VAL L 19 12.71 -32.33 -32.85
N ALA L 20 12.10 -33.52 -32.82
CA ALA L 20 11.86 -34.30 -34.04
C ALA L 20 10.88 -33.60 -34.98
N ASP L 21 10.12 -32.62 -34.46
CA ASP L 21 9.13 -31.94 -35.31
C ASP L 21 9.80 -30.96 -36.26
N ALA L 22 10.43 -29.91 -35.72
CA ALA L 22 11.23 -29.04 -36.56
C ALA L 22 12.38 -29.81 -37.22
N ILE L 23 12.72 -30.97 -36.67
CA ILE L 23 13.54 -31.92 -37.42
C ILE L 23 12.81 -32.39 -38.67
N ARG L 24 11.52 -32.10 -38.79
CA ARG L 24 10.98 -32.37 -40.11
C ARG L 24 10.64 -31.08 -40.84
N THR L 25 11.58 -30.67 -41.69
CA THR L 25 11.28 -30.03 -42.96
C THR L 25 11.44 -31.09 -44.05
N SER L 26 11.51 -32.37 -43.68
CA SER L 26 12.48 -33.31 -44.21
C SER L 26 12.58 -33.25 -45.73
N LEU L 27 13.83 -33.25 -46.19
CA LEU L 27 14.22 -33.04 -47.58
C LEU L 27 13.58 -31.77 -48.13
N GLY L 28 13.24 -31.78 -49.41
CA GLY L 28 12.60 -30.65 -50.04
C GLY L 28 13.51 -29.45 -50.15
N PRO L 29 13.13 -28.47 -50.95
CA PRO L 29 13.77 -27.14 -50.85
C PRO L 29 12.93 -26.24 -49.96
N LYS L 30 12.80 -26.60 -48.69
CA LYS L 30 11.73 -26.09 -47.85
C LYS L 30 12.31 -25.47 -46.59
N GLY L 31 11.75 -24.34 -46.16
CA GLY L 31 12.11 -23.77 -44.87
C GLY L 31 13.37 -22.94 -44.97
N MET L 32 13.48 -21.90 -44.15
CA MET L 32 14.53 -20.92 -44.36
C MET L 32 15.80 -21.23 -43.59
N ASP L 33 16.92 -20.93 -44.23
CA ASP L 33 18.25 -21.33 -43.78
C ASP L 33 18.58 -20.74 -42.42
N LYS L 34 19.42 -21.45 -41.68
CA LYS L 34 19.73 -21.17 -40.28
C LYS L 34 21.21 -20.91 -40.07
N MET L 35 21.53 -19.79 -39.46
CA MET L 35 22.69 -19.69 -38.57
C MET L 35 22.24 -20.35 -37.28
N ILE L 36 23.19 -20.79 -36.46
CA ILE L 36 22.86 -21.35 -35.16
C ILE L 36 23.76 -20.71 -34.12
N GLN L 37 23.16 -20.01 -33.18
CA GLN L 37 23.83 -19.55 -31.98
C GLN L 37 23.62 -20.60 -30.89
N ASP L 38 24.72 -21.24 -30.49
CA ASP L 38 24.63 -22.49 -29.79
C ASP L 38 24.17 -22.29 -28.34
N GLY L 39 24.03 -23.41 -27.62
CA GLY L 39 23.72 -23.42 -26.21
C GLY L 39 24.69 -22.67 -25.34
N LYS L 40 25.98 -22.98 -25.47
CA LYS L 40 27.03 -22.13 -24.91
C LYS L 40 27.42 -20.99 -25.84
N GLY L 41 26.79 -20.83 -26.98
CA GLY L 41 26.97 -19.70 -27.88
C GLY L 41 27.85 -20.02 -29.06
N ASP L 42 27.53 -19.37 -30.19
CA ASP L 42 28.21 -19.53 -31.47
C ASP L 42 27.45 -18.70 -32.50
N VAL L 43 27.92 -18.66 -33.74
CA VAL L 43 27.05 -18.50 -34.89
C VAL L 43 27.37 -19.63 -35.86
N THR L 44 26.45 -20.57 -35.99
CA THR L 44 26.68 -21.75 -36.80
C THR L 44 25.69 -21.78 -37.94
N ILE L 45 26.15 -21.50 -39.16
CA ILE L 45 25.29 -21.47 -40.33
C ILE L 45 25.02 -22.91 -40.72
N THR L 46 23.74 -23.30 -40.67
CA THR L 46 23.35 -24.71 -40.76
C THR L 46 22.34 -24.90 -41.88
N ASN L 47 22.38 -26.11 -42.45
CA ASN L 47 21.59 -26.45 -43.62
C ASN L 47 21.48 -27.97 -43.67
N ASP L 48 20.47 -28.47 -44.39
CA ASP L 48 20.33 -29.90 -44.62
C ASP L 48 20.23 -30.70 -43.33
N GLY L 49 19.03 -30.76 -42.75
CA GLY L 49 18.85 -31.37 -41.45
C GLY L 49 19.56 -32.71 -41.29
N ALA L 50 19.71 -33.45 -42.39
CA ALA L 50 20.43 -34.72 -42.33
C ALA L 50 21.79 -34.59 -41.64
N THR L 51 22.70 -33.82 -42.24
CA THR L 51 23.96 -33.52 -41.56
C THR L 51 23.70 -32.80 -40.25
N ILE L 52 22.78 -31.84 -40.27
CA ILE L 52 22.32 -31.18 -39.06
C ILE L 52 21.96 -32.18 -37.98
N LEU L 53 21.29 -33.28 -38.35
CA LEU L 53 21.03 -34.34 -37.37
C LEU L 53 22.31 -34.88 -36.77
N LYS L 54 23.31 -35.13 -37.61
CA LYS L 54 24.61 -35.57 -37.12
C LYS L 54 25.31 -34.43 -36.39
N GLN L 55 25.19 -33.22 -36.93
CA GLN L 55 25.63 -32.01 -36.24
C GLN L 55 24.91 -31.81 -34.91
N MET L 56 23.65 -32.23 -34.83
CA MET L 56 22.79 -31.94 -33.70
C MET L 56 23.38 -32.41 -32.39
N GLN L 57 23.51 -31.48 -31.45
CA GLN L 57 24.15 -31.67 -30.16
C GLN L 57 23.14 -31.93 -29.05
N VAL L 58 21.86 -32.07 -29.39
CA VAL L 58 20.79 -31.89 -28.41
C VAL L 58 21.07 -32.72 -27.15
N LEU L 59 21.02 -32.03 -26.02
CA LEU L 59 21.49 -32.57 -24.75
C LEU L 59 20.35 -32.48 -23.76
N HIS L 60 19.88 -33.65 -23.36
CA HIS L 60 18.67 -33.89 -22.59
C HIS L 60 18.56 -35.40 -22.59
N PRO L 61 18.07 -36.05 -21.53
CA PRO L 61 18.03 -37.51 -21.53
C PRO L 61 17.40 -38.11 -22.77
N ALA L 62 16.25 -37.63 -23.23
CA ALA L 62 15.67 -38.14 -24.47
C ALA L 62 16.23 -37.48 -25.73
N ALA L 63 17.05 -36.44 -25.60
CA ALA L 63 17.60 -35.80 -26.78
C ALA L 63 18.79 -36.57 -27.32
N ARG L 64 19.56 -37.21 -26.44
CA ARG L 64 20.77 -37.90 -26.86
C ARG L 64 20.48 -39.13 -27.69
N MET L 65 19.41 -39.86 -27.37
CA MET L 65 19.02 -41.00 -28.19
C MET L 65 18.68 -40.57 -29.62
N LEU L 66 18.27 -39.32 -29.80
CA LEU L 66 17.88 -38.84 -31.12
C LEU L 66 19.08 -38.81 -32.07
N VAL L 67 20.16 -38.15 -31.66
CA VAL L 67 21.34 -38.04 -32.51
C VAL L 67 21.84 -39.42 -32.90
N GLU L 68 21.92 -40.32 -31.90
CA GLU L 68 22.08 -41.75 -32.14
C GLU L 68 21.13 -42.27 -33.19
N LEU L 69 19.82 -42.16 -32.93
CA LEU L 69 18.80 -42.67 -33.83
C LEU L 69 19.07 -42.23 -35.27
N SER L 70 19.37 -40.95 -35.46
CA SER L 70 19.73 -40.43 -36.78
C SER L 70 20.94 -41.15 -37.35
N LYS L 71 22.04 -41.20 -36.60
CA LYS L 71 23.29 -41.73 -37.13
C LYS L 71 23.18 -43.20 -37.49
N ALA L 72 22.34 -43.94 -36.77
CA ALA L 72 22.24 -45.37 -37.01
C ALA L 72 21.68 -45.67 -38.39
N GLN L 73 20.56 -45.04 -38.75
CA GLN L 73 19.93 -45.34 -40.04
C GLN L 73 20.90 -45.09 -41.19
N ASP L 74 21.82 -44.14 -41.02
CA ASP L 74 22.92 -44.00 -41.96
C ASP L 74 23.72 -45.30 -42.03
N ILE L 75 24.33 -45.71 -40.92
CA ILE L 75 25.15 -46.91 -40.95
C ILE L 75 24.28 -48.15 -41.18
N GLU L 76 23.00 -48.08 -40.81
CA GLU L 76 22.09 -49.17 -41.13
C GLU L 76 21.84 -49.26 -42.62
N ALA L 77 21.53 -48.12 -43.24
CA ALA L 77 21.22 -48.04 -44.66
C ALA L 77 22.29 -47.30 -45.44
N GLY L 78 22.56 -46.05 -45.07
CA GLY L 78 23.17 -45.07 -45.93
C GLY L 78 22.19 -44.02 -46.39
N ASP L 79 20.90 -44.24 -46.08
CA ASP L 79 19.80 -43.38 -46.41
C ASP L 79 18.93 -43.18 -45.18
N GLY L 80 17.79 -42.52 -45.38
CA GLY L 80 16.78 -42.44 -44.34
C GLY L 80 17.26 -41.84 -43.05
N THR L 81 18.40 -41.15 -43.07
CA THR L 81 18.93 -40.54 -41.85
C THR L 81 17.90 -39.67 -41.16
N THR L 82 17.24 -38.79 -41.90
CA THR L 82 16.12 -38.06 -41.33
C THR L 82 14.95 -38.99 -41.06
N SER L 83 14.77 -40.01 -41.92
CA SER L 83 13.55 -40.80 -41.91
C SER L 83 13.35 -41.58 -40.62
N VAL L 84 14.44 -41.94 -39.95
CA VAL L 84 14.28 -42.66 -38.68
C VAL L 84 13.72 -41.73 -37.62
N VAL L 85 14.06 -40.44 -37.69
CA VAL L 85 13.57 -39.48 -36.71
C VAL L 85 12.18 -38.99 -37.09
N ILE L 86 11.85 -38.98 -38.38
CA ILE L 86 10.54 -38.46 -38.78
C ILE L 86 9.44 -39.38 -38.28
N ILE L 87 9.75 -40.66 -38.10
CA ILE L 87 8.80 -41.58 -37.49
C ILE L 87 9.07 -41.71 -35.99
N ALA L 88 10.13 -41.07 -35.50
CA ALA L 88 10.39 -41.08 -34.07
C ALA L 88 9.35 -40.28 -33.31
N GLY L 89 9.20 -39.00 -33.66
CA GLY L 89 8.14 -38.21 -33.06
C GLY L 89 6.77 -38.77 -33.38
N SER L 90 6.68 -39.56 -34.46
CA SER L 90 5.44 -40.29 -34.73
C SER L 90 5.13 -41.27 -33.60
N LEU L 91 6.12 -42.06 -33.18
CA LEU L 91 5.96 -42.92 -32.03
C LEU L 91 5.77 -42.11 -30.74
N LEU L 92 6.45 -40.97 -30.65
CA LEU L 92 6.47 -40.21 -29.40
C LEU L 92 5.09 -39.62 -29.10
N ASP L 93 4.27 -39.41 -30.12
CA ASP L 93 2.91 -38.93 -29.91
C ASP L 93 2.02 -40.03 -29.35
N SER L 94 1.88 -41.13 -30.10
CA SER L 94 0.97 -42.21 -29.73
C SER L 94 1.10 -42.62 -28.28
N CYS L 95 2.33 -42.65 -27.76
CA CYS L 95 2.55 -42.99 -26.35
C CYS L 95 1.69 -42.12 -25.44
N THR L 96 1.67 -40.81 -25.71
CA THR L 96 0.94 -39.87 -24.86
C THR L 96 -0.52 -40.28 -24.72
N LYS L 97 -1.28 -40.27 -25.81
CA LYS L 97 -2.70 -40.62 -25.76
C LYS L 97 -2.93 -41.90 -25.00
N LEU L 98 -2.03 -42.88 -25.16
CA LEU L 98 -2.08 -44.11 -24.38
C LEU L 98 -1.86 -43.83 -22.90
N LEU L 99 -0.75 -43.16 -22.57
CA LEU L 99 -0.51 -42.77 -21.19
C LEU L 99 -1.55 -41.74 -20.74
N GLN L 100 -2.08 -40.96 -21.68
CA GLN L 100 -3.26 -40.15 -21.42
C GLN L 100 -4.50 -41.01 -21.25
N LYS L 101 -4.64 -42.05 -22.07
CA LYS L 101 -5.59 -43.12 -21.78
C LYS L 101 -5.17 -43.87 -20.52
N GLY L 102 -3.92 -43.71 -20.11
CA GLY L 102 -3.41 -44.29 -18.89
C GLY L 102 -2.79 -45.65 -19.07
N ILE L 103 -2.71 -46.10 -20.33
CA ILE L 103 -2.24 -47.45 -20.64
C ILE L 103 -0.82 -47.60 -20.13
N HIS L 104 -0.50 -48.78 -19.63
CA HIS L 104 0.79 -49.03 -19.01
C HIS L 104 1.91 -48.93 -20.05
N PRO L 105 3.00 -48.24 -19.74
CA PRO L 105 4.08 -48.06 -20.73
C PRO L 105 4.73 -49.36 -21.19
N THR L 106 4.90 -50.35 -20.32
CA THR L 106 5.49 -51.60 -20.78
C THR L 106 4.49 -52.39 -21.62
N ILE L 107 3.21 -52.25 -21.31
CA ILE L 107 2.17 -52.72 -22.23
C ILE L 107 2.23 -51.91 -23.52
N ILE L 108 2.54 -50.62 -23.40
CA ILE L 108 2.79 -49.80 -24.58
C ILE L 108 4.09 -50.22 -25.23
N SER L 109 5.03 -50.73 -24.43
CA SER L 109 6.36 -51.06 -24.95
C SER L 109 6.31 -52.13 -26.02
N GLU L 110 5.76 -53.30 -25.70
CA GLU L 110 5.78 -54.40 -26.65
C GLU L 110 4.85 -54.12 -27.82
N SER L 111 3.91 -53.19 -27.65
CA SER L 111 3.13 -52.70 -28.78
C SER L 111 4.05 -52.21 -29.89
N PHE L 112 5.13 -51.51 -29.54
CA PHE L 112 6.12 -51.13 -30.54
C PHE L 112 6.67 -52.34 -31.27
N GLN L 113 7.00 -53.40 -30.54
CA GLN L 113 7.35 -54.64 -31.20
C GLN L 113 6.22 -55.09 -32.11
N LYS L 114 5.02 -55.28 -31.55
CA LYS L 114 3.86 -55.63 -32.36
C LYS L 114 3.70 -54.68 -33.54
N ALA L 115 4.06 -53.42 -33.37
CA ALA L 115 4.09 -52.51 -34.51
C ALA L 115 5.27 -52.81 -35.42
N LEU L 116 6.45 -53.04 -34.84
CA LEU L 116 7.63 -53.34 -35.64
C LEU L 116 7.52 -54.72 -36.27
N GLU L 117 6.93 -55.67 -35.55
CA GLU L 117 6.81 -57.04 -36.05
C GLU L 117 6.04 -57.10 -37.35
N LYS L 118 4.79 -56.63 -37.34
CA LYS L 118 3.96 -56.68 -38.53
C LYS L 118 4.30 -55.54 -39.48
N GLY L 119 4.79 -54.42 -38.93
CA GLY L 119 5.05 -53.26 -39.76
C GLY L 119 6.05 -53.53 -40.87
N ILE L 120 7.12 -54.25 -40.55
CA ILE L 120 8.10 -54.59 -41.58
C ILE L 120 7.52 -55.56 -42.59
N GLU L 121 6.57 -56.40 -42.18
CA GLU L 121 5.95 -57.33 -43.11
C GLU L 121 5.04 -56.61 -44.09
N ILE L 122 4.21 -55.70 -43.58
CA ILE L 122 3.46 -54.81 -44.45
C ILE L 122 4.42 -54.02 -45.35
N LEU L 123 5.54 -53.57 -44.79
CA LEU L 123 6.61 -53.07 -45.64
C LEU L 123 7.14 -54.15 -46.56
N THR L 124 7.34 -55.37 -46.04
CA THR L 124 7.72 -56.48 -46.90
C THR L 124 6.64 -56.77 -47.94
N ASP L 125 5.38 -56.53 -47.58
CA ASP L 125 4.31 -56.68 -48.55
C ASP L 125 4.42 -55.61 -49.64
N MET L 126 4.56 -54.35 -49.23
CA MET L 126 4.73 -53.29 -50.21
C MET L 126 6.13 -53.30 -50.82
N SER L 127 7.03 -54.12 -50.28
CA SER L 127 8.35 -54.23 -50.88
C SER L 127 8.25 -54.82 -52.27
N ARG L 128 8.83 -54.14 -53.22
CA ARG L 128 8.92 -54.80 -54.51
C ARG L 128 10.28 -55.44 -54.65
N PRO L 129 10.39 -56.75 -54.50
CA PRO L 129 11.72 -57.38 -54.46
C PRO L 129 12.46 -57.26 -55.77
N VAL L 130 13.70 -56.80 -55.69
CA VAL L 130 14.57 -56.66 -56.86
C VAL L 130 15.88 -57.39 -56.55
N GLU L 131 16.52 -57.90 -57.60
CA GLU L 131 17.72 -58.71 -57.44
C GLU L 131 18.85 -57.90 -56.84
N LEU L 132 19.56 -58.48 -55.86
CA LEU L 132 20.66 -57.82 -55.18
C LEU L 132 21.98 -57.91 -55.93
N SER L 133 22.13 -58.86 -56.85
CA SER L 133 23.35 -59.01 -57.64
C SER L 133 23.17 -58.44 -59.05
N ASP L 134 21.99 -57.95 -59.37
CA ASP L 134 21.64 -57.58 -60.73
C ASP L 134 22.14 -56.19 -61.05
N ARG L 135 22.96 -56.09 -62.10
CA ARG L 135 23.48 -54.80 -62.55
C ARG L 135 22.39 -53.75 -62.63
N GLU L 136 21.25 -54.10 -63.24
CA GLU L 136 20.20 -53.11 -63.48
C GLU L 136 19.56 -52.65 -62.18
N THR L 137 19.04 -53.59 -61.38
CA THR L 137 18.49 -53.22 -60.08
C THR L 137 19.51 -52.45 -59.26
N LEU L 138 20.76 -52.91 -59.28
CA LEU L 138 21.84 -52.17 -58.63
C LEU L 138 22.00 -50.78 -59.23
N LEU L 139 22.10 -50.71 -60.57
CA LEU L 139 22.12 -49.42 -61.24
C LEU L 139 20.90 -48.59 -60.88
N ASN L 140 19.71 -49.12 -61.13
CA ASN L 140 18.49 -48.33 -61.04
C ASN L 140 18.23 -47.84 -59.63
N SER L 141 18.40 -48.73 -58.63
CA SER L 141 18.19 -48.32 -57.25
C SER L 141 19.19 -47.25 -56.84
N ALA L 142 20.47 -47.49 -57.10
CA ALA L 142 21.48 -46.47 -56.84
C ALA L 142 21.21 -45.22 -57.66
N THR L 143 20.69 -45.39 -58.87
CA THR L 143 20.40 -44.24 -59.73
C THR L 143 19.38 -43.31 -59.09
N THR L 144 18.36 -43.87 -58.43
CA THR L 144 17.38 -43.03 -57.75
C THR L 144 18.04 -42.22 -56.63
N SER L 145 18.87 -42.86 -55.81
CA SER L 145 19.68 -42.12 -54.87
C SER L 145 20.58 -41.13 -55.58
N LEU L 146 21.38 -41.61 -56.54
CA LEU L 146 22.32 -40.77 -57.24
C LEU L 146 21.64 -39.59 -57.93
N ASN L 147 20.61 -39.85 -58.73
CA ASN L 147 19.88 -38.76 -59.35
C ASN L 147 19.34 -37.76 -58.32
N SER L 148 19.12 -38.21 -57.09
CA SER L 148 18.77 -37.30 -56.01
C SER L 148 20.00 -36.77 -55.28
N LYS L 149 21.18 -37.35 -55.50
CA LYS L 149 22.40 -36.87 -54.85
C LYS L 149 22.91 -35.58 -55.49
N VAL L 150 24.02 -35.06 -54.98
CA VAL L 150 24.56 -33.78 -55.40
C VAL L 150 25.16 -33.83 -56.80
N VAL L 151 25.57 -35.00 -57.28
CA VAL L 151 25.92 -35.15 -58.69
C VAL L 151 25.01 -36.20 -59.31
N SER L 152 24.11 -35.74 -60.18
CA SER L 152 23.24 -36.62 -60.93
C SER L 152 23.88 -36.93 -62.29
N GLN L 153 24.94 -36.19 -62.61
CA GLN L 153 25.66 -36.32 -63.86
C GLN L 153 26.64 -37.48 -63.73
N TYR L 154 27.67 -37.24 -62.92
CA TYR L 154 28.67 -38.21 -62.54
C TYR L 154 28.06 -39.49 -61.99
N SER L 155 26.84 -39.41 -61.47
CA SER L 155 26.09 -40.59 -61.07
C SER L 155 26.14 -41.67 -62.13
N SER L 156 26.06 -41.29 -63.40
CA SER L 156 26.16 -42.27 -64.49
C SER L 156 27.47 -43.03 -64.42
N LEU L 157 28.56 -42.33 -64.09
CA LEU L 157 29.83 -43.02 -63.89
C LEU L 157 29.92 -43.61 -62.49
N LEU L 158 29.23 -43.01 -61.53
CA LEU L 158 29.31 -43.44 -60.13
C LEU L 158 28.57 -44.75 -59.88
N SER L 159 27.39 -44.93 -60.47
CA SER L 159 26.60 -46.14 -60.18
C SER L 159 27.31 -47.42 -60.60
N PRO L 160 27.76 -47.60 -61.85
CA PRO L 160 28.46 -48.84 -62.19
C PRO L 160 29.65 -49.10 -61.30
N MET L 161 30.36 -48.04 -60.89
CA MET L 161 31.38 -48.21 -59.86
C MET L 161 30.80 -48.85 -58.62
N SER L 162 29.76 -48.25 -58.04
CA SER L 162 29.07 -48.89 -56.92
C SER L 162 28.51 -50.25 -57.31
N VAL L 163 28.00 -50.38 -58.54
CA VAL L 163 27.51 -51.68 -58.99
C VAL L 163 28.66 -52.68 -59.08
N ASN L 164 29.81 -52.24 -59.60
CA ASN L 164 30.96 -53.13 -59.74
C ASN L 164 31.73 -53.25 -58.43
N ALA L 165 31.80 -52.16 -57.66
CA ALA L 165 32.34 -52.26 -56.31
C ALA L 165 31.64 -53.38 -55.54
N VAL L 166 30.31 -53.36 -55.55
CA VAL L 166 29.53 -54.43 -54.95
C VAL L 166 29.84 -55.78 -55.62
N MET L 167 29.48 -55.91 -56.90
CA MET L 167 29.52 -57.22 -57.55
C MET L 167 30.85 -57.93 -57.42
N LYS L 168 31.96 -57.20 -57.46
CA LYS L 168 33.22 -57.77 -56.99
C LYS L 168 33.12 -58.20 -55.54
N VAL L 169 32.92 -57.24 -54.63
CA VAL L 169 32.90 -57.52 -53.21
C VAL L 169 31.74 -58.43 -52.82
N ILE L 170 30.69 -58.47 -53.65
CA ILE L 170 29.48 -59.18 -53.25
C ILE L 170 29.76 -60.67 -53.19
N ASP L 171 29.06 -61.36 -52.32
CA ASP L 171 29.13 -62.80 -52.45
C ASP L 171 28.31 -63.21 -53.65
N PRO L 172 28.76 -64.18 -54.44
CA PRO L 172 28.07 -64.51 -55.69
C PRO L 172 26.60 -64.85 -55.49
N ALA L 173 25.78 -64.55 -56.51
CA ALA L 173 24.33 -64.77 -56.49
C ALA L 173 23.76 -63.98 -55.32
N THR L 174 22.87 -64.55 -54.51
CA THR L 174 22.30 -63.81 -53.39
C THR L 174 23.32 -63.67 -52.28
N ALA L 175 23.39 -62.45 -51.72
CA ALA L 175 24.33 -62.17 -50.65
C ALA L 175 23.79 -61.02 -49.81
N THR L 176 24.07 -61.09 -48.52
CA THR L 176 24.08 -59.91 -47.65
C THR L 176 25.57 -59.64 -47.48
N SER L 177 26.06 -58.59 -48.12
CA SER L 177 27.50 -58.45 -48.33
C SER L 177 27.80 -57.03 -48.74
N VAL L 178 29.07 -56.79 -49.08
CA VAL L 178 29.60 -55.49 -49.49
C VAL L 178 29.25 -54.47 -48.42
N ASP L 179 29.92 -54.55 -47.27
CA ASP L 179 29.70 -53.58 -46.22
C ASP L 179 30.36 -52.27 -46.65
N LEU L 180 30.18 -51.25 -45.83
CA LEU L 180 30.93 -50.02 -46.01
C LEU L 180 32.32 -50.13 -45.40
N ARG L 181 32.56 -51.18 -44.64
CA ARG L 181 33.90 -51.56 -44.19
C ARG L 181 34.71 -52.22 -45.30
N ASP L 182 34.13 -53.19 -45.99
CA ASP L 182 34.68 -53.73 -47.22
C ASP L 182 35.09 -52.64 -48.19
N ILE L 183 34.13 -51.89 -48.70
CA ILE L 183 34.40 -50.72 -49.53
C ILE L 183 35.32 -49.81 -48.74
N LYS L 184 36.45 -49.43 -49.33
CA LYS L 184 37.29 -48.40 -48.76
C LYS L 184 37.24 -47.19 -49.69
N ILE L 185 36.55 -46.14 -49.26
CA ILE L 185 36.39 -44.93 -50.05
C ILE L 185 37.62 -44.09 -49.80
N VAL L 186 38.41 -43.87 -50.85
CA VAL L 186 39.68 -43.18 -50.73
C VAL L 186 39.66 -41.94 -51.61
N LYS L 187 39.73 -40.78 -50.97
CA LYS L 187 39.86 -39.52 -51.69
C LYS L 187 41.22 -39.46 -52.37
N LYS L 188 41.25 -38.80 -53.51
CA LYS L 188 42.54 -38.39 -54.07
C LYS L 188 42.43 -36.96 -54.56
N LEU L 189 43.24 -36.07 -53.99
CA LEU L 189 43.33 -34.72 -54.50
C LEU L 189 43.70 -34.74 -55.98
N GLY L 190 43.12 -33.82 -56.73
CA GLY L 190 43.30 -33.81 -58.16
C GLY L 190 42.44 -34.85 -58.83
N GLY L 191 42.83 -35.21 -60.04
CA GLY L 191 41.98 -36.00 -60.88
C GLY L 191 40.67 -35.28 -61.17
N THR L 192 39.67 -36.09 -61.48
CA THR L 192 38.35 -35.60 -61.80
C THR L 192 37.36 -36.53 -61.12
N ILE L 193 36.12 -36.07 -60.97
CA ILE L 193 35.06 -37.01 -60.61
C ILE L 193 34.96 -38.09 -61.67
N ASP L 194 35.13 -37.71 -62.94
CA ASP L 194 35.28 -38.70 -63.99
C ASP L 194 36.47 -39.59 -63.71
N ASP L 195 37.52 -39.03 -63.11
CA ASP L 195 38.70 -39.80 -62.73
C ASP L 195 38.56 -40.46 -61.39
N CYS L 196 37.42 -40.32 -60.72
CA CYS L 196 37.11 -41.20 -59.61
C CYS L 196 37.24 -42.64 -60.09
N GLU L 197 38.05 -43.41 -59.38
CA GLU L 197 38.46 -44.71 -59.88
C GLU L 197 37.95 -45.81 -58.98
N LEU L 198 37.42 -46.85 -59.59
CA LEU L 198 36.93 -48.00 -58.86
C LEU L 198 37.98 -49.10 -58.92
N VAL L 199 38.67 -49.35 -57.81
CA VAL L 199 39.76 -50.31 -57.76
C VAL L 199 39.30 -51.51 -56.95
N GLU L 200 39.34 -52.69 -57.55
CA GLU L 200 39.03 -53.91 -56.83
C GLU L 200 40.36 -54.42 -56.30
N GLY L 201 40.55 -54.31 -55.00
CA GLY L 201 41.84 -54.51 -54.37
C GLY L 201 41.93 -53.54 -53.21
N LEU L 202 43.10 -53.35 -52.63
CA LEU L 202 43.22 -52.42 -51.51
C LEU L 202 44.09 -51.23 -51.90
N VAL L 203 43.45 -50.09 -52.09
CA VAL L 203 44.12 -48.81 -52.26
C VAL L 203 44.08 -48.07 -50.94
N LEU L 204 45.25 -47.89 -50.33
CA LEU L 204 45.37 -47.13 -49.09
C LEU L 204 45.51 -45.66 -49.41
N THR L 205 44.62 -44.86 -48.83
CA THR L 205 44.52 -43.45 -49.19
C THR L 205 45.74 -42.64 -48.80
N GLN L 206 46.71 -43.27 -48.11
CA GLN L 206 47.86 -42.55 -47.57
C GLN L 206 48.65 -41.85 -48.67
N LYS L 207 49.31 -40.77 -48.28
CA LYS L 207 50.16 -40.02 -49.19
C LYS L 207 51.57 -40.61 -49.19
N VAL L 208 51.97 -41.14 -50.34
CA VAL L 208 53.29 -41.74 -50.53
C VAL L 208 54.32 -40.64 -50.38
N SER L 209 55.44 -40.96 -49.74
CA SER L 209 56.56 -40.04 -49.63
C SER L 209 56.92 -39.51 -51.01
N ASN L 210 57.06 -38.18 -51.10
CA ASN L 210 57.52 -37.40 -52.26
C ASN L 210 56.98 -37.95 -53.57
N SER L 211 57.84 -38.09 -54.58
CA SER L 211 57.48 -38.68 -55.85
C SER L 211 58.74 -39.14 -56.55
N GLY L 212 58.59 -39.63 -57.77
CA GLY L 212 59.67 -40.32 -58.44
C GLY L 212 60.09 -41.60 -57.74
N ILE L 213 59.33 -42.05 -56.75
CA ILE L 213 59.60 -43.26 -55.99
C ILE L 213 59.09 -44.42 -56.84
N THR L 214 59.06 -45.62 -56.28
CA THR L 214 58.51 -46.76 -56.99
C THR L 214 57.08 -46.50 -57.42
N ARG L 215 56.85 -46.55 -58.73
CA ARG L 215 55.54 -46.97 -59.23
C ARG L 215 55.56 -48.41 -59.73
N VAL L 216 56.70 -49.09 -59.63
CA VAL L 216 56.95 -50.35 -60.34
C VAL L 216 56.21 -51.48 -59.65
N GLU L 217 56.35 -52.67 -60.21
CA GLU L 217 55.72 -53.86 -59.67
C GLU L 217 56.56 -54.44 -58.54
N LYS L 218 56.16 -55.63 -58.09
CA LYS L 218 56.74 -56.28 -56.92
C LYS L 218 56.93 -55.31 -55.77
N ALA L 219 55.82 -54.88 -55.17
CA ALA L 219 55.88 -54.22 -53.88
C ALA L 219 56.11 -55.27 -52.81
N LYS L 220 56.53 -54.82 -51.63
CA LYS L 220 56.18 -55.50 -50.40
C LYS L 220 55.67 -54.45 -49.43
N ILE L 221 54.38 -54.52 -49.11
CA ILE L 221 53.77 -53.60 -48.17
C ILE L 221 53.46 -54.36 -46.91
N GLY L 222 53.66 -53.72 -45.77
CA GLY L 222 53.28 -54.28 -44.49
C GLY L 222 53.53 -53.26 -43.41
N LEU L 223 52.84 -53.39 -42.28
CA LEU L 223 53.16 -52.52 -41.17
C LEU L 223 54.35 -53.09 -40.42
N ILE L 224 55.44 -52.37 -40.46
CA ILE L 224 56.68 -52.82 -39.87
C ILE L 224 56.93 -52.02 -38.60
N GLN L 225 57.02 -52.75 -37.49
CA GLN L 225 57.22 -52.15 -36.18
C GLN L 225 58.67 -52.18 -35.75
N PHE L 226 59.57 -52.62 -36.63
CA PHE L 226 60.99 -52.43 -36.38
C PHE L 226 61.38 -50.99 -36.72
N CYS L 227 62.49 -50.57 -36.11
CA CYS L 227 63.01 -49.23 -36.30
C CYS L 227 64.42 -49.32 -36.87
N LEU L 228 64.87 -48.24 -37.49
CA LEU L 228 66.19 -48.19 -38.09
C LEU L 228 67.17 -47.64 -37.07
N SER L 229 68.10 -48.49 -36.64
CA SER L 229 69.09 -48.09 -35.65
C SER L 229 70.11 -47.14 -36.26
N ALA L 230 70.71 -46.32 -35.41
CA ALA L 230 71.92 -45.58 -35.75
C ALA L 230 72.49 -44.99 -34.48
N PRO L 231 73.67 -44.38 -34.53
CA PRO L 231 74.13 -43.58 -33.40
C PRO L 231 73.17 -42.43 -33.16
N LYS L 232 72.74 -42.28 -31.91
CA LYS L 232 71.71 -41.32 -31.53
C LYS L 232 70.40 -41.60 -32.26
N THR L 233 70.16 -42.87 -32.60
CA THR L 233 68.83 -43.24 -33.06
C THR L 233 68.24 -44.39 -32.25
N ASP L 234 68.64 -45.63 -32.55
CA ASP L 234 68.36 -46.75 -31.65
C ASP L 234 69.59 -47.25 -30.91
N MET L 235 70.76 -46.71 -31.22
CA MET L 235 72.02 -47.35 -30.85
C MET L 235 72.69 -46.57 -29.72
N ASP L 236 73.39 -47.31 -28.85
CA ASP L 236 73.97 -46.73 -27.66
C ASP L 236 75.14 -45.82 -27.99
N ASN L 237 75.27 -44.74 -27.22
CA ASN L 237 76.43 -43.87 -27.24
C ASN L 237 76.81 -43.54 -25.80
N GLN L 238 78.11 -43.38 -25.58
CA GLN L 238 78.63 -43.01 -24.27
C GLN L 238 78.94 -41.51 -24.16
N ILE L 239 78.71 -40.76 -25.22
CA ILE L 239 79.33 -39.44 -25.37
C ILE L 239 78.30 -38.35 -25.14
N VAL L 240 78.44 -37.64 -24.02
CA VAL L 240 77.72 -36.39 -23.76
C VAL L 240 78.41 -35.31 -24.57
N VAL L 241 77.64 -34.36 -25.11
CA VAL L 241 78.25 -33.31 -25.91
C VAL L 241 78.51 -32.09 -25.04
N SER L 242 79.80 -31.86 -24.74
CA SER L 242 80.23 -30.58 -24.19
C SER L 242 80.84 -29.74 -25.30
N ASP L 243 80.95 -30.33 -26.49
CA ASP L 243 81.69 -29.74 -27.60
C ASP L 243 80.90 -29.93 -28.90
N TYR L 244 81.37 -29.23 -29.94
CA TYR L 244 80.69 -29.31 -31.24
C TYR L 244 81.04 -30.61 -31.98
N ALA L 245 82.26 -31.12 -31.81
CA ALA L 245 82.67 -32.30 -32.54
C ALA L 245 81.90 -33.54 -32.07
N GLN L 246 81.73 -33.68 -30.76
CA GLN L 246 80.95 -34.78 -30.22
C GLN L 246 79.52 -34.77 -30.74
N MET L 247 78.99 -33.58 -31.03
CA MET L 247 77.67 -33.47 -31.65
C MET L 247 77.68 -34.03 -33.07
N ASP L 248 78.75 -33.77 -33.81
CA ASP L 248 78.78 -34.11 -35.23
C ASP L 248 79.13 -35.57 -35.46
N ARG L 249 79.95 -36.17 -34.59
CA ARG L 249 80.52 -37.48 -34.87
C ARG L 249 79.43 -38.54 -34.98
N VAL L 250 78.49 -38.57 -34.04
CA VAL L 250 77.42 -39.54 -34.07
C VAL L 250 76.57 -39.36 -35.33
N LEU L 251 76.35 -38.12 -35.75
CA LEU L 251 75.55 -37.86 -36.95
C LEU L 251 76.19 -38.47 -38.19
N ARG L 252 77.52 -38.33 -38.33
CA ARG L 252 78.19 -38.88 -39.51
C ARG L 252 78.05 -40.40 -39.55
N GLU L 253 78.06 -41.03 -38.37
CA GLU L 253 77.82 -42.47 -38.32
C GLU L 253 76.32 -42.78 -38.32
N GLU L 254 75.49 -41.80 -37.95
CA GLU L 254 74.05 -42.03 -37.86
C GLU L 254 73.43 -42.20 -39.24
N ARG L 255 73.66 -41.25 -40.13
CA ARG L 255 72.99 -41.27 -41.43
C ARG L 255 73.54 -42.37 -42.33
N ALA L 256 74.82 -42.73 -42.15
CA ALA L 256 75.42 -43.75 -43.00
C ALA L 256 74.87 -45.14 -42.65
N TYR L 257 74.78 -45.45 -41.36
CA TYR L 257 74.30 -46.76 -40.95
C TYR L 257 72.83 -46.96 -41.31
N ILE L 258 72.00 -45.92 -41.13
CA ILE L 258 70.62 -46.00 -41.60
C ILE L 258 70.58 -46.18 -43.10
N LEU L 259 71.43 -45.45 -43.83
CA LEU L 259 71.49 -45.58 -45.29
C LEU L 259 71.75 -47.03 -45.72
N ASN L 260 72.42 -47.81 -44.88
CA ASN L 260 72.63 -49.22 -45.21
C ASN L 260 71.55 -50.10 -44.62
N LEU L 261 70.70 -49.54 -43.75
CA LEU L 261 69.56 -50.30 -43.24
C LEU L 261 68.40 -50.28 -44.24
N VAL L 262 68.19 -49.11 -44.88
CA VAL L 262 67.13 -48.98 -45.86
C VAL L 262 67.37 -49.89 -47.05
N LYS L 263 68.65 -50.23 -47.29
CA LYS L 263 68.97 -51.24 -48.29
C LYS L 263 68.35 -52.57 -47.92
N GLN L 264 68.64 -53.05 -46.71
CA GLN L 264 68.03 -54.28 -46.19
C GLN L 264 66.52 -54.25 -46.37
N ILE L 265 65.90 -53.09 -46.18
CA ILE L 265 64.48 -52.94 -46.45
C ILE L 265 64.19 -53.16 -47.93
N LYS L 266 64.87 -52.42 -48.80
CA LYS L 266 64.67 -52.66 -50.23
C LYS L 266 65.22 -54.02 -50.64
N LYS L 267 66.29 -54.47 -49.97
CA LYS L 267 66.77 -55.84 -50.18
C LYS L 267 65.69 -56.86 -49.84
N THR L 268 64.88 -56.58 -48.82
CA THR L 268 63.75 -57.43 -48.50
C THR L 268 62.79 -57.55 -49.69
N GLY L 269 62.86 -56.62 -50.62
CA GLY L 269 61.87 -56.48 -51.65
C GLY L 269 60.81 -55.44 -51.38
N CYS L 270 61.09 -54.47 -50.52
CA CYS L 270 60.07 -53.54 -50.07
C CYS L 270 60.01 -52.34 -50.98
N ASN L 271 58.94 -52.23 -51.74
CA ASN L 271 58.63 -50.97 -52.39
C ASN L 271 57.69 -50.12 -51.54
N VAL L 272 57.17 -50.64 -50.44
CA VAL L 272 56.41 -49.87 -49.46
C VAL L 272 56.86 -50.33 -48.08
N LEU L 273 56.68 -49.47 -47.07
CA LEU L 273 56.58 -49.88 -45.69
C LEU L 273 55.52 -49.03 -45.01
N LEU L 274 54.77 -49.65 -44.11
CA LEU L 274 53.91 -48.90 -43.21
C LEU L 274 54.60 -48.82 -41.86
N ILE L 275 55.10 -47.63 -41.55
CA ILE L 275 55.97 -47.42 -40.41
C ILE L 275 55.13 -47.45 -39.15
N GLN L 276 55.60 -48.15 -38.13
CA GLN L 276 54.91 -48.11 -36.84
C GLN L 276 54.78 -46.67 -36.39
N LYS L 277 53.62 -46.31 -35.85
CA LYS L 277 53.46 -45.02 -35.22
C LYS L 277 54.34 -44.85 -33.99
N SER L 278 54.94 -45.95 -33.52
CA SER L 278 55.86 -45.90 -32.39
C SER L 278 57.25 -45.47 -32.84
N ILE L 279 57.92 -44.73 -31.96
CA ILE L 279 59.31 -44.31 -32.17
C ILE L 279 60.06 -44.57 -30.88
N LEU L 280 61.40 -44.50 -30.95
CA LEU L 280 62.14 -44.49 -29.69
C LEU L 280 62.65 -43.08 -29.44
N ARG L 281 63.80 -42.74 -30.01
CA ARG L 281 64.16 -41.36 -30.29
C ARG L 281 63.64 -40.95 -31.67
N ASP L 282 63.69 -41.89 -32.61
CA ASP L 282 63.41 -41.70 -34.02
C ASP L 282 62.43 -42.70 -34.61
N ALA L 283 62.67 -44.01 -34.47
CA ALA L 283 62.16 -45.07 -35.34
C ALA L 283 62.80 -44.88 -36.71
N LEU L 284 61.99 -44.77 -37.76
CA LEU L 284 62.50 -44.39 -39.05
C LEU L 284 62.68 -42.89 -39.06
N SER L 285 63.92 -42.44 -39.18
CA SER L 285 64.22 -41.02 -39.10
C SER L 285 63.75 -40.30 -40.35
N ASP L 286 63.90 -38.97 -40.34
CA ASP L 286 63.58 -38.19 -41.52
C ASP L 286 64.60 -38.43 -42.63
N LEU L 287 65.88 -38.54 -42.26
CA LEU L 287 66.88 -39.00 -43.21
C LEU L 287 66.63 -40.45 -43.60
N ALA L 288 66.21 -41.28 -42.64
CA ALA L 288 65.91 -42.67 -42.94
C ALA L 288 64.90 -42.78 -44.06
N LEU L 289 63.72 -42.18 -43.88
CA LEU L 289 62.75 -42.11 -44.97
C LEU L 289 63.39 -41.54 -46.22
N HIS L 290 64.15 -40.45 -46.08
CA HIS L 290 64.97 -39.96 -47.17
C HIS L 290 65.88 -41.06 -47.70
N PHE L 291 66.40 -41.93 -46.83
CA PHE L 291 67.21 -43.04 -47.33
C PHE L 291 66.33 -44.16 -47.86
N LEU L 292 65.19 -44.44 -47.22
CA LEU L 292 64.31 -45.48 -47.76
C LEU L 292 63.79 -45.07 -49.14
N ASN L 293 63.48 -43.79 -49.32
CA ASN L 293 62.95 -43.34 -50.59
C ASN L 293 64.04 -43.31 -51.66
N LYS L 294 65.31 -43.19 -51.24
CA LYS L 294 66.40 -43.41 -52.19
C LYS L 294 66.35 -44.82 -52.76
N MET L 295 65.89 -45.78 -51.96
CA MET L 295 65.78 -47.15 -52.40
C MET L 295 64.39 -47.46 -52.95
N LYS L 296 63.54 -46.45 -53.10
CA LYS L 296 62.19 -46.58 -53.63
C LYS L 296 61.32 -47.44 -52.72
N ILE L 297 61.39 -47.19 -51.42
CA ILE L 297 60.50 -47.82 -50.45
C ILE L 297 59.44 -46.78 -50.09
N MET L 298 58.18 -47.08 -50.39
CA MET L 298 57.11 -46.14 -50.04
C MET L 298 56.97 -46.07 -48.54
N VAL L 299 57.08 -44.85 -48.01
CA VAL L 299 57.08 -44.63 -46.57
C VAL L 299 56.13 -43.48 -46.26
N ILE L 300 55.36 -43.65 -45.20
CA ILE L 300 54.62 -42.56 -44.60
C ILE L 300 54.84 -42.65 -43.10
N LYS L 301 55.52 -41.65 -42.54
CA LYS L 301 55.99 -41.72 -41.16
C LYS L 301 54.79 -41.62 -40.23
N ASP L 302 54.74 -42.52 -39.24
CA ASP L 302 53.62 -42.59 -38.31
C ASP L 302 52.31 -42.70 -39.10
N ILE L 303 52.23 -43.72 -39.95
CA ILE L 303 51.11 -43.88 -40.88
C ILE L 303 49.79 -43.83 -40.12
N GLU L 304 48.80 -43.22 -40.75
CA GLU L 304 47.46 -43.16 -40.18
C GLU L 304 47.01 -44.55 -39.78
N ARG L 305 46.35 -44.64 -38.62
CA ARG L 305 45.94 -45.93 -38.11
C ARG L 305 44.94 -46.61 -39.03
N GLU L 306 44.28 -45.83 -39.90
CA GLU L 306 43.25 -46.40 -40.76
C GLU L 306 43.84 -47.32 -41.82
N ASP L 307 44.80 -46.84 -42.61
CA ASP L 307 45.41 -47.71 -43.62
C ASP L 307 46.18 -48.85 -42.99
N ILE L 308 46.57 -48.70 -41.72
CA ILE L 308 47.16 -49.80 -40.98
C ILE L 308 46.19 -50.98 -40.92
N GLU L 309 44.91 -50.70 -40.72
CA GLU L 309 43.96 -51.78 -40.51
C GLU L 309 43.56 -52.43 -41.82
N PHE L 310 43.26 -51.62 -42.85
CA PHE L 310 42.88 -52.20 -44.14
C PHE L 310 43.94 -53.16 -44.66
N ILE L 311 45.22 -52.79 -44.55
CA ILE L 311 46.26 -53.69 -45.04
C ILE L 311 46.33 -54.93 -44.18
N CYS L 312 46.02 -54.81 -42.89
CA CYS L 312 45.90 -55.99 -42.05
C CYS L 312 44.56 -56.67 -42.26
N LYS L 313 43.52 -55.91 -42.56
CA LYS L 313 42.21 -56.49 -42.83
C LYS L 313 42.18 -57.16 -44.21
N THR L 314 42.56 -56.40 -45.25
CA THR L 314 42.49 -56.94 -46.60
C THR L 314 43.59 -57.96 -46.86
N ILE L 315 44.84 -57.55 -46.66
CA ILE L 315 45.97 -58.41 -47.03
C ILE L 315 46.34 -59.42 -45.93
N GLY L 316 45.96 -59.16 -44.68
CA GLY L 316 46.38 -60.01 -43.58
C GLY L 316 47.81 -59.78 -43.16
N THR L 317 48.19 -58.52 -42.98
CA THR L 317 49.56 -58.16 -42.64
C THR L 317 49.90 -58.58 -41.21
N LYS L 318 51.15 -58.98 -41.00
CA LYS L 318 51.66 -59.43 -39.72
C LYS L 318 52.89 -58.64 -39.33
N PRO L 319 53.21 -58.58 -38.04
CA PRO L 319 54.43 -57.90 -37.60
C PRO L 319 55.68 -58.47 -38.27
N VAL L 320 56.71 -57.63 -38.36
CA VAL L 320 57.90 -57.92 -39.18
C VAL L 320 59.14 -57.78 -38.30
N ALA L 321 60.15 -58.60 -38.58
CA ALA L 321 61.36 -58.64 -37.77
C ALA L 321 62.25 -57.43 -38.01
N HIS L 322 63.13 -57.17 -37.03
CA HIS L 322 64.03 -56.02 -37.10
C HIS L 322 64.85 -56.07 -38.38
N ILE L 323 65.13 -54.90 -38.95
CA ILE L 323 65.82 -54.86 -40.23
C ILE L 323 67.24 -55.39 -40.11
N ASP L 324 67.84 -55.30 -38.92
CA ASP L 324 69.11 -55.99 -38.67
C ASP L 324 68.91 -57.48 -38.49
N GLN L 325 67.68 -57.91 -38.20
CA GLN L 325 67.28 -59.31 -38.29
C GLN L 325 66.76 -59.63 -39.68
N PHE L 326 66.92 -58.70 -40.63
CA PHE L 326 66.29 -58.72 -41.94
C PHE L 326 64.78 -58.60 -41.76
N THR L 327 64.00 -59.56 -42.26
CA THR L 327 62.56 -59.51 -42.08
C THR L 327 61.99 -60.91 -41.92
N ALA L 328 60.76 -60.97 -41.44
CA ALA L 328 59.95 -62.17 -41.51
C ALA L 328 59.22 -62.29 -42.83
N ASP L 329 59.33 -61.28 -43.69
CA ASP L 329 58.54 -61.17 -44.91
C ASP L 329 57.05 -61.25 -44.59
N MET L 330 56.71 -60.84 -43.37
CA MET L 330 55.32 -60.72 -42.97
C MET L 330 54.71 -59.40 -43.39
N LEU L 331 55.46 -58.57 -44.12
CA LEU L 331 54.83 -57.55 -44.94
C LEU L 331 53.79 -58.22 -45.81
N GLY L 332 52.59 -57.64 -45.86
CA GLY L 332 51.53 -58.22 -46.63
C GLY L 332 51.90 -58.38 -48.09
N SER L 333 51.21 -59.31 -48.75
CA SER L 333 51.50 -59.59 -50.14
C SER L 333 51.00 -58.44 -51.02
N ALA L 334 51.94 -57.82 -51.72
CA ALA L 334 51.63 -56.71 -52.63
C ALA L 334 52.43 -56.88 -53.90
N GLU L 335 51.78 -56.94 -55.03
CA GLU L 335 52.54 -56.99 -56.27
C GLU L 335 52.74 -55.63 -56.91
N LEU L 336 52.10 -54.58 -56.42
CA LEU L 336 52.25 -53.25 -57.00
C LEU L 336 52.34 -52.21 -55.89
N ALA L 337 53.41 -51.42 -55.92
CA ALA L 337 53.48 -50.17 -55.16
C ALA L 337 53.27 -49.06 -56.17
N GLU L 338 52.10 -48.43 -56.11
CA GLU L 338 51.72 -47.45 -57.11
C GLU L 338 51.41 -46.12 -56.44
N GLU L 339 52.09 -45.07 -56.89
CA GLU L 339 51.76 -43.71 -56.49
C GLU L 339 51.20 -43.01 -57.72
N VAL L 340 49.91 -42.75 -57.72
CA VAL L 340 49.26 -42.09 -58.84
C VAL L 340 49.24 -40.60 -58.57
N ASN L 341 49.51 -39.82 -59.61
CA ASN L 341 49.42 -38.36 -59.59
C ASN L 341 48.57 -37.93 -60.78
N LEU L 342 47.39 -37.37 -60.49
CA LEU L 342 46.44 -36.99 -61.53
C LEU L 342 45.87 -35.62 -61.19
N ASN L 343 45.67 -34.80 -62.22
CA ASN L 343 45.69 -33.34 -62.12
C ASN L 343 47.02 -32.85 -61.55
N GLY L 344 48.08 -33.64 -61.69
CA GLY L 344 49.31 -33.36 -60.99
C GLY L 344 49.18 -33.29 -59.49
N SER L 345 48.07 -33.79 -58.93
CA SER L 345 47.75 -33.58 -57.52
C SER L 345 47.51 -34.92 -56.85
N GLY L 346 47.94 -35.00 -55.60
CA GLY L 346 47.66 -36.14 -54.74
C GLY L 346 48.73 -37.22 -54.82
N LYS L 347 48.98 -37.88 -53.70
CA LYS L 347 49.91 -38.99 -53.64
C LYS L 347 49.13 -40.20 -53.12
N LEU L 348 48.93 -41.19 -53.97
CA LEU L 348 48.04 -42.26 -53.58
C LEU L 348 48.72 -43.61 -53.76
N LEU L 349 48.93 -44.28 -52.63
CA LEU L 349 49.36 -45.67 -52.62
C LEU L 349 48.24 -46.54 -53.13
N LYS L 350 48.52 -47.32 -54.16
CA LYS L 350 47.62 -48.35 -54.65
C LYS L 350 48.30 -49.70 -54.56
N ILE L 351 47.77 -50.56 -53.70
CA ILE L 351 48.26 -51.92 -53.57
C ILE L 351 47.27 -52.80 -54.33
N THR L 352 47.70 -53.29 -55.49
CA THR L 352 46.87 -54.09 -56.36
C THR L 352 47.59 -55.41 -56.63
N GLY L 353 46.81 -56.49 -56.72
CA GLY L 353 47.39 -57.80 -56.55
C GLY L 353 47.53 -58.17 -55.10
N CYS L 354 47.11 -57.28 -54.21
CA CYS L 354 47.08 -57.53 -52.78
C CYS L 354 46.22 -58.73 -52.46
N ALA L 355 46.58 -59.44 -51.40
CA ALA L 355 45.67 -60.45 -50.88
C ALA L 355 44.34 -59.79 -50.53
N SER L 356 43.27 -60.33 -51.14
CA SER L 356 41.94 -59.77 -50.96
C SER L 356 40.97 -60.93 -50.78
N PRO L 357 39.98 -60.77 -49.89
CA PRO L 357 39.04 -61.86 -49.61
C PRO L 357 38.09 -62.22 -50.75
N GLY L 358 38.02 -61.41 -51.80
CA GLY L 358 36.84 -61.35 -52.63
C GLY L 358 36.00 -60.15 -52.30
N LYS L 359 36.55 -59.23 -51.51
CA LYS L 359 35.88 -58.06 -50.99
C LYS L 359 36.89 -56.93 -50.96
N THR L 360 36.55 -55.86 -50.24
CA THR L 360 37.38 -54.68 -50.15
C THR L 360 37.62 -54.09 -51.53
N VAL L 361 36.59 -53.48 -52.10
CA VAL L 361 36.76 -52.57 -53.21
C VAL L 361 37.28 -51.26 -52.62
N THR L 362 38.23 -50.65 -53.32
CA THR L 362 38.63 -49.31 -52.97
C THR L 362 38.26 -48.39 -54.12
N ILE L 363 37.22 -47.59 -53.91
CA ILE L 363 36.82 -46.55 -54.85
C ILE L 363 37.73 -45.36 -54.61
N VAL L 364 38.52 -45.02 -55.63
CA VAL L 364 39.40 -43.87 -55.58
C VAL L 364 38.59 -42.67 -56.04
N VAL L 365 38.45 -41.68 -55.17
CA VAL L 365 37.60 -40.53 -55.42
C VAL L 365 38.51 -39.35 -55.74
N ARG L 366 38.38 -38.82 -56.95
CA ARG L 366 39.19 -37.71 -57.42
C ARG L 366 38.29 -36.56 -57.83
N GLY L 367 38.91 -35.40 -57.99
CA GLY L 367 38.20 -34.22 -58.43
C GLY L 367 39.10 -33.00 -58.48
N SER L 368 38.69 -31.98 -59.22
CA SER L 368 39.50 -30.76 -59.30
C SER L 368 39.61 -30.08 -57.95
N ASN L 369 38.72 -30.41 -57.02
CA ASN L 369 38.71 -29.85 -55.68
C ASN L 369 38.19 -30.91 -54.71
N LYS L 370 38.53 -30.75 -53.42
CA LYS L 370 37.90 -31.59 -52.40
C LYS L 370 36.39 -31.51 -52.48
N LEU L 371 35.86 -30.30 -52.61
CA LEU L 371 34.41 -30.15 -52.81
C LEU L 371 33.96 -30.89 -54.06
N VAL L 372 34.71 -30.79 -55.15
CA VAL L 372 34.47 -31.65 -56.30
C VAL L 372 34.62 -33.12 -55.93
N ILE L 373 35.67 -33.48 -55.20
CA ILE L 373 35.85 -34.85 -54.73
C ILE L 373 34.64 -35.31 -53.94
N GLU L 374 34.22 -34.51 -52.96
CA GLU L 374 33.26 -34.99 -51.97
C GLU L 374 31.85 -35.13 -52.55
N GLU L 375 31.52 -34.33 -53.56
CA GLU L 375 30.20 -34.43 -54.18
C GLU L 375 29.91 -35.86 -54.61
N ALA L 376 30.68 -36.37 -55.57
CA ALA L 376 30.50 -37.75 -56.00
C ALA L 376 30.73 -38.71 -54.84
N GLU L 377 31.76 -38.44 -54.04
CA GLU L 377 32.09 -39.31 -52.92
C GLU L 377 30.89 -39.54 -52.01
N ARG L 378 30.16 -38.46 -51.70
CA ARG L 378 28.90 -38.62 -50.97
C ARG L 378 27.84 -39.25 -51.87
N SER L 379 27.87 -38.90 -53.16
CA SER L 379 26.87 -39.43 -54.08
C SER L 379 27.09 -40.91 -54.31
N ILE L 380 28.33 -41.31 -54.64
CA ILE L 380 28.62 -42.72 -54.88
C ILE L 380 28.39 -43.53 -53.62
N HIS L 381 28.44 -42.88 -52.46
CA HIS L 381 28.18 -43.59 -51.21
C HIS L 381 26.74 -44.10 -51.18
N ASP L 382 25.78 -43.21 -51.48
CA ASP L 382 24.40 -43.66 -51.58
C ASP L 382 24.19 -44.53 -52.81
N ALA L 383 25.06 -44.40 -53.81
CA ALA L 383 25.11 -45.41 -54.85
C ALA L 383 25.58 -46.74 -54.28
N LEU L 384 26.65 -46.72 -53.49
CA LEU L 384 27.07 -47.91 -52.76
C LEU L 384 25.97 -48.41 -51.83
N CYS L 385 25.47 -47.52 -50.96
CA CYS L 385 24.60 -47.93 -49.87
C CYS L 385 23.27 -48.47 -50.36
N VAL L 386 22.60 -47.75 -51.26
CA VAL L 386 21.34 -48.25 -51.82
C VAL L 386 21.54 -49.63 -52.43
N ILE L 387 22.54 -49.78 -53.28
CA ILE L 387 22.93 -51.10 -53.76
C ILE L 387 23.23 -52.01 -52.58
N ARG L 388 24.07 -51.55 -51.65
CA ARG L 388 24.32 -52.31 -50.43
C ARG L 388 23.03 -52.62 -49.70
N CYS L 389 22.11 -51.64 -49.64
CA CYS L 389 20.78 -51.91 -49.12
C CYS L 389 20.04 -52.94 -49.96
N LEU L 390 20.17 -52.91 -51.28
CA LEU L 390 19.67 -54.01 -52.09
C LEU L 390 20.35 -55.32 -51.73
N VAL L 391 21.68 -55.30 -51.63
CA VAL L 391 22.42 -56.50 -51.28
C VAL L 391 21.98 -57.01 -49.92
N LYS L 392 22.05 -56.15 -48.90
CA LYS L 392 21.65 -56.57 -47.57
C LYS L 392 20.18 -57.00 -47.53
N LYS L 393 19.32 -56.32 -48.29
CA LYS L 393 17.91 -56.73 -48.35
C LYS L 393 17.36 -56.49 -49.75
N ARG L 394 16.70 -57.50 -50.30
CA ARG L 394 16.20 -57.38 -51.66
C ARG L 394 14.81 -56.77 -51.69
N ALA L 395 14.73 -55.57 -52.25
CA ALA L 395 13.47 -54.90 -52.57
C ALA L 395 13.70 -53.54 -53.18
N LEU L 396 12.70 -53.02 -53.87
CA LEU L 396 12.56 -51.59 -54.08
C LEU L 396 11.21 -51.14 -53.56
N ILE L 397 11.24 -50.41 -52.46
CA ILE L 397 10.08 -49.67 -51.97
C ILE L 397 10.23 -48.24 -52.46
N ALA L 398 9.32 -47.40 -51.98
CA ALA L 398 9.43 -45.96 -52.21
C ALA L 398 10.46 -45.33 -51.29
N GLY L 399 10.89 -44.12 -51.65
CA GLY L 399 11.50 -43.20 -50.71
C GLY L 399 10.49 -42.14 -50.30
N GLY L 400 10.96 -41.23 -49.45
CA GLY L 400 10.19 -40.06 -49.08
C GLY L 400 9.19 -40.24 -47.96
N GLY L 401 8.82 -41.48 -47.61
CA GLY L 401 7.98 -41.72 -46.46
C GLY L 401 6.51 -41.85 -46.74
N ALA L 402 6.08 -41.75 -47.99
CA ALA L 402 4.68 -42.04 -48.33
C ALA L 402 4.30 -43.49 -48.05
N PRO L 403 5.18 -44.51 -48.32
CA PRO L 403 4.77 -45.89 -48.03
C PRO L 403 4.55 -46.13 -46.54
N GLU L 404 5.04 -45.22 -45.70
CA GLU L 404 4.67 -45.28 -44.29
C GLU L 404 3.15 -45.15 -44.14
N ILE L 405 2.55 -44.22 -44.87
CA ILE L 405 1.08 -44.14 -44.88
C ILE L 405 0.49 -45.43 -45.42
N GLU L 406 1.20 -46.09 -46.34
CA GLU L 406 0.74 -47.36 -46.87
C GLU L 406 0.75 -48.44 -45.80
N LEU L 407 1.77 -48.42 -44.94
CA LEU L 407 1.74 -49.24 -43.74
C LEU L 407 0.67 -48.77 -42.76
N ALA L 408 0.35 -47.47 -42.81
CA ALA L 408 -0.47 -46.89 -41.75
C ALA L 408 -1.93 -47.30 -41.87
N LEU L 409 -2.52 -47.11 -43.06
CA LEU L 409 -3.88 -47.61 -43.29
C LEU L 409 -4.00 -49.07 -42.87
N ARG L 410 -3.05 -49.89 -43.33
CA ARG L 410 -3.04 -51.30 -42.98
C ARG L 410 -2.89 -51.51 -41.49
N LEU L 411 -1.71 -51.16 -40.93
CA LEU L 411 -1.39 -51.53 -39.55
C LEU L 411 -2.45 -51.08 -38.57
N THR L 412 -3.19 -50.03 -38.93
CA THR L 412 -4.40 -49.68 -38.20
C THR L 412 -5.32 -50.88 -38.07
N GLU L 413 -5.78 -51.41 -39.21
CA GLU L 413 -6.67 -52.55 -39.21
C GLU L 413 -6.04 -53.76 -38.53
N TYR L 414 -4.75 -53.97 -38.75
CA TYR L 414 -4.04 -55.06 -38.08
C TYR L 414 -4.20 -54.97 -36.58
N SER L 415 -4.06 -53.77 -36.02
CA SER L 415 -4.45 -53.57 -34.63
C SER L 415 -5.93 -53.88 -34.44
N ARG L 416 -6.77 -53.24 -35.24
CA ARG L 416 -8.21 -53.49 -35.16
C ARG L 416 -8.51 -54.99 -35.20
N THR L 417 -7.67 -55.76 -35.90
CA THR L 417 -7.76 -57.21 -35.82
C THR L 417 -7.08 -57.75 -34.58
N LEU L 418 -5.96 -57.15 -34.17
CA LEU L 418 -5.30 -57.57 -32.93
C LEU L 418 -6.28 -57.59 -31.77
N SER L 419 -7.18 -56.60 -31.72
CA SER L 419 -8.32 -56.60 -30.80
C SER L 419 -7.88 -56.65 -29.33
N GLY L 420 -6.65 -56.22 -29.08
CA GLY L 420 -6.11 -56.13 -27.74
C GLY L 420 -6.13 -54.72 -27.19
N MET L 421 -5.64 -54.58 -25.97
CA MET L 421 -5.29 -53.25 -25.49
C MET L 421 -4.21 -52.66 -26.37
N GLU L 422 -3.26 -53.50 -26.80
CA GLU L 422 -2.28 -53.10 -27.80
C GLU L 422 -2.92 -52.72 -29.12
N SER L 423 -4.03 -53.36 -29.50
CA SER L 423 -4.74 -52.94 -30.69
C SER L 423 -5.11 -51.47 -30.60
N TYR L 424 -5.27 -50.97 -29.39
CA TYR L 424 -5.41 -49.54 -29.19
C TYR L 424 -4.05 -48.87 -29.13
N CYS L 425 -3.05 -49.57 -28.58
CA CYS L 425 -1.72 -49.00 -28.46
C CYS L 425 -1.04 -48.88 -29.82
N VAL L 426 -1.01 -49.98 -30.58
CA VAL L 426 -0.35 -49.97 -31.88
C VAL L 426 -1.13 -49.10 -32.86
N ARG L 427 -2.46 -49.18 -32.82
CA ARG L 427 -3.28 -48.41 -33.76
C ARG L 427 -3.11 -46.92 -33.56
N ALA L 428 -3.05 -46.48 -32.29
CA ALA L 428 -2.83 -45.07 -32.01
C ALA L 428 -1.58 -44.57 -32.74
N PHE L 429 -0.53 -45.38 -32.81
CA PHE L 429 0.58 -45.05 -33.68
C PHE L 429 0.32 -45.46 -35.12
N ALA L 430 -0.40 -46.57 -35.32
CA ALA L 430 -0.54 -47.12 -36.67
C ALA L 430 -1.03 -46.06 -37.64
N ASP L 431 -1.94 -45.19 -37.20
CA ASP L 431 -2.27 -44.02 -38.00
C ASP L 431 -1.27 -42.89 -37.81
N ALA L 432 -0.71 -42.75 -36.61
CA ALA L 432 0.10 -41.57 -36.30
C ALA L 432 1.38 -41.52 -37.14
N MET L 433 1.68 -42.60 -37.85
CA MET L 433 2.83 -42.63 -38.73
C MET L 433 2.58 -41.88 -40.04
N GLU L 434 1.32 -41.57 -40.34
CA GLU L 434 0.97 -40.84 -41.56
C GLU L 434 1.49 -39.41 -41.57
N VAL L 435 2.06 -38.93 -40.46
CA VAL L 435 2.32 -37.51 -40.28
C VAL L 435 3.42 -36.98 -41.20
N ILE L 436 4.35 -37.83 -41.64
CA ILE L 436 5.60 -37.33 -42.22
C ILE L 436 5.42 -36.57 -43.52
N PRO L 437 4.66 -37.04 -44.52
CA PRO L 437 4.72 -36.36 -45.83
C PRO L 437 4.35 -34.89 -45.75
N SER L 438 3.42 -34.55 -44.85
CA SER L 438 3.09 -33.15 -44.63
C SER L 438 4.22 -32.43 -43.91
N THR L 439 4.86 -33.12 -42.97
CA THR L 439 5.84 -32.46 -42.11
C THR L 439 7.17 -32.27 -42.85
N LEU L 440 7.46 -33.14 -43.81
CA LEU L 440 8.40 -32.78 -44.86
C LEU L 440 8.10 -31.40 -45.41
N ALA L 441 6.91 -31.23 -45.99
CA ALA L 441 6.51 -30.02 -46.67
C ALA L 441 6.51 -28.78 -45.77
N GLU L 442 6.46 -28.97 -44.46
CA GLU L 442 5.71 -28.05 -43.61
C GLU L 442 6.37 -26.69 -43.44
N ASN L 443 7.70 -26.64 -43.33
CA ASN L 443 8.28 -25.55 -42.55
C ASN L 443 8.42 -24.25 -43.34
N ALA L 444 7.92 -24.19 -44.57
CA ALA L 444 8.22 -23.03 -45.41
C ALA L 444 7.24 -21.87 -45.19
N GLY L 445 6.02 -21.98 -45.73
CA GLY L 445 5.21 -20.80 -45.99
C GLY L 445 3.92 -20.49 -45.25
N LEU L 446 3.08 -19.68 -45.91
CA LEU L 446 1.80 -19.21 -45.43
C LEU L 446 0.66 -19.96 -46.11
N ASN L 447 -0.58 -19.62 -45.72
CA ASN L 447 -1.79 -20.23 -46.28
C ASN L 447 -1.66 -21.75 -46.26
N PRO L 448 -1.55 -22.34 -45.08
CA PRO L 448 -0.90 -23.66 -44.97
C PRO L 448 -1.69 -24.89 -45.42
N ILE L 449 -2.99 -24.94 -45.15
CA ILE L 449 -3.57 -26.17 -44.60
C ILE L 449 -3.79 -27.26 -45.65
N SER L 450 -4.08 -26.88 -46.90
CA SER L 450 -4.77 -27.78 -47.82
C SER L 450 -4.06 -29.11 -47.98
N THR L 451 -2.79 -29.08 -48.37
CA THR L 451 -2.08 -30.29 -48.71
C THR L 451 -1.94 -31.23 -47.51
N VAL L 452 -1.65 -30.66 -46.34
CA VAL L 452 -1.31 -31.46 -45.17
C VAL L 452 -2.31 -32.59 -44.95
N THR L 453 -3.54 -32.24 -44.59
CA THR L 453 -4.52 -33.26 -44.26
C THR L 453 -4.79 -34.17 -45.45
N GLU L 454 -4.78 -33.63 -46.67
CA GLU L 454 -5.24 -34.42 -47.79
C GLU L 454 -4.20 -35.47 -48.20
N LEU L 455 -2.92 -35.22 -47.89
CA LEU L 455 -1.88 -36.19 -48.24
C LEU L 455 -2.23 -37.57 -47.75
N ARG L 456 -2.30 -37.75 -46.44
CA ARG L 456 -2.75 -39.00 -45.84
C ARG L 456 -4.13 -39.38 -46.37
N ASN L 457 -4.98 -38.40 -46.65
CA ASN L 457 -6.26 -38.67 -47.26
C ASN L 457 -6.08 -39.21 -48.68
N ARG L 458 -5.27 -38.51 -49.49
CA ARG L 458 -4.98 -38.97 -50.84
C ARG L 458 -4.60 -40.43 -50.86
N HIS L 459 -3.52 -40.79 -50.18
CA HIS L 459 -3.13 -42.18 -50.11
C HIS L 459 -4.25 -43.03 -49.52
N ALA L 460 -4.93 -42.52 -48.50
CA ALA L 460 -6.06 -43.27 -47.96
C ALA L 460 -7.11 -43.51 -49.03
N GLN L 461 -7.35 -42.51 -49.88
CA GLN L 461 -8.22 -42.72 -51.03
C GLN L 461 -7.51 -43.54 -52.10
N GLY L 462 -6.19 -43.43 -52.20
CA GLY L 462 -5.43 -44.41 -52.96
C GLY L 462 -5.41 -45.76 -52.28
N GLU L 463 -5.99 -45.83 -51.09
CA GLU L 463 -6.10 -47.04 -50.29
C GLU L 463 -4.74 -47.68 -50.05
N LYS L 464 -4.73 -49.00 -50.06
CA LYS L 464 -3.55 -49.79 -49.75
C LYS L 464 -2.60 -49.89 -50.94
N THR L 465 -3.12 -50.07 -52.13
CA THR L 465 -2.28 -50.23 -53.30
C THR L 465 -1.73 -48.92 -53.84
N ALA L 466 -2.43 -47.79 -53.69
CA ALA L 466 -2.01 -46.57 -54.35
C ALA L 466 -1.92 -45.45 -53.32
N GLY L 467 -1.29 -44.36 -53.73
CA GLY L 467 -1.19 -43.19 -52.90
C GLY L 467 -0.44 -42.09 -53.61
N ILE L 468 -0.25 -40.97 -52.89
CA ILE L 468 0.43 -39.83 -53.49
C ILE L 468 1.94 -40.00 -53.36
N ASN L 469 2.64 -39.73 -54.45
CA ASN L 469 4.09 -39.59 -54.41
C ASN L 469 4.45 -38.32 -53.67
N VAL L 470 5.29 -38.44 -52.64
CA VAL L 470 5.69 -37.29 -51.86
C VAL L 470 6.60 -36.35 -52.65
N ARG L 471 7.71 -36.86 -53.20
CA ARG L 471 8.56 -36.07 -54.08
C ARG L 471 7.85 -35.60 -55.35
N LYS L 472 7.44 -36.50 -56.24
CA LYS L 472 6.86 -36.10 -57.51
C LYS L 472 5.42 -35.61 -57.44
N GLY L 473 4.74 -35.74 -56.31
CA GLY L 473 3.35 -35.29 -56.25
C GLY L 473 2.40 -36.20 -57.00
N GLY L 474 1.09 -36.00 -56.81
CA GLY L 474 0.09 -36.77 -57.51
C GLY L 474 -0.05 -38.17 -56.96
N ILE L 475 -1.18 -38.82 -57.21
CA ILE L 475 -1.43 -40.13 -56.63
C ILE L 475 -0.97 -41.21 -57.61
N SER L 476 0.11 -41.90 -57.25
CA SER L 476 0.55 -43.09 -57.95
C SER L 476 1.31 -43.93 -56.95
N ASN L 477 1.24 -45.24 -57.11
CA ASN L 477 1.86 -46.11 -56.12
C ASN L 477 3.33 -45.72 -55.96
N ILE L 478 3.68 -45.39 -54.72
CA ILE L 478 4.97 -44.79 -54.44
C ILE L 478 6.12 -45.79 -54.58
N LEU L 479 5.86 -47.07 -54.35
CA LEU L 479 6.89 -48.09 -54.32
C LEU L 479 7.75 -48.07 -55.58
N GLU L 480 7.14 -47.96 -56.76
CA GLU L 480 7.89 -47.80 -58.00
C GLU L 480 7.46 -46.49 -58.65
N GLU L 481 8.36 -45.52 -58.62
CA GLU L 481 8.06 -44.16 -59.06
C GLU L 481 9.15 -43.62 -59.98
N LEU L 482 10.42 -43.84 -59.60
CA LEU L 482 11.55 -42.91 -59.59
C LEU L 482 11.43 -42.02 -58.37
N VAL L 483 10.72 -42.53 -57.37
CA VAL L 483 11.00 -42.30 -55.97
C VAL L 483 11.03 -43.68 -55.34
N VAL L 484 12.20 -44.19 -54.98
CA VAL L 484 12.31 -45.56 -54.54
C VAL L 484 13.42 -45.70 -53.50
N GLN L 485 13.33 -46.77 -52.72
CA GLN L 485 14.37 -47.20 -51.79
C GLN L 485 14.39 -48.73 -51.75
N PRO L 486 15.52 -49.34 -51.39
CA PRO L 486 15.46 -50.71 -50.88
C PRO L 486 14.76 -50.69 -49.53
N LEU L 487 13.99 -51.76 -49.28
CA LEU L 487 13.18 -51.78 -48.07
C LEU L 487 14.04 -51.75 -46.82
N LEU L 488 15.28 -52.24 -46.92
CA LEU L 488 16.22 -52.15 -45.80
C LEU L 488 16.28 -50.74 -45.22
N VAL L 489 16.27 -49.74 -46.09
CA VAL L 489 16.29 -48.34 -45.65
C VAL L 489 15.22 -48.10 -44.61
N SER L 490 13.96 -48.29 -44.98
CA SER L 490 12.84 -47.91 -44.13
C SER L 490 12.62 -48.84 -42.95
N VAL L 491 12.77 -50.15 -43.12
CA VAL L 491 12.49 -51.06 -42.01
C VAL L 491 13.39 -50.78 -40.82
N SER L 492 14.66 -50.46 -41.07
CA SER L 492 15.55 -50.14 -39.97
C SER L 492 15.08 -48.90 -39.23
N ALA L 493 14.49 -47.94 -39.95
CA ALA L 493 13.96 -46.74 -39.30
C ALA L 493 12.92 -47.10 -38.25
N LEU L 494 12.04 -48.05 -38.55
CA LEU L 494 11.13 -48.55 -37.53
C LEU L 494 11.90 -49.21 -36.39
N THR L 495 12.75 -50.19 -36.72
CA THR L 495 13.53 -50.91 -35.72
C THR L 495 14.20 -49.94 -34.76
N LEU L 496 15.08 -49.09 -35.29
CA LEU L 496 15.79 -48.11 -34.47
C LEU L 496 14.83 -47.32 -33.59
N ALA L 497 13.76 -46.80 -34.19
CA ALA L 497 12.83 -45.97 -33.45
C ALA L 497 11.92 -46.79 -32.55
N THR L 498 11.61 -48.02 -32.97
CA THR L 498 10.79 -48.91 -32.14
C THR L 498 11.35 -49.03 -30.73
N GLU L 499 12.67 -48.89 -30.60
CA GLU L 499 13.34 -49.29 -29.36
C GLU L 499 13.73 -48.08 -28.53
N THR L 500 14.58 -47.22 -29.09
CA THR L 500 15.01 -46.02 -28.36
C THR L 500 13.82 -45.25 -27.81
N VAL L 501 12.72 -45.18 -28.58
CA VAL L 501 11.48 -44.60 -28.06
C VAL L 501 10.91 -45.47 -26.95
N ARG L 502 10.82 -46.79 -27.18
CA ARG L 502 10.37 -47.70 -26.13
C ARG L 502 11.28 -47.63 -24.92
N SER L 503 12.55 -47.32 -25.13
CA SER L 503 13.48 -47.14 -24.01
C SER L 503 13.02 -46.03 -23.08
N ILE L 504 12.34 -45.01 -23.63
CA ILE L 504 11.81 -43.94 -22.79
C ILE L 504 10.68 -44.46 -21.92
N LEU L 505 9.83 -45.32 -22.48
CA LEU L 505 8.75 -45.92 -21.70
C LEU L 505 9.30 -46.61 -20.46
N LYS L 506 10.53 -47.09 -20.52
CA LYS L 506 11.12 -47.75 -19.37
C LYS L 506 11.49 -46.77 -18.28
N ILE L 507 11.97 -45.57 -18.65
CA ILE L 507 12.57 -44.68 -17.66
C ILE L 507 11.54 -44.42 -16.58
N ASP L 508 11.91 -44.72 -15.34
CA ASP L 508 11.15 -44.27 -14.18
C ASP L 508 12.04 -43.34 -13.37
N ASP L 509 11.51 -42.15 -13.10
CA ASP L 509 12.19 -41.04 -12.47
C ASP L 509 13.48 -40.75 -13.22
N VAL L 510 14.53 -40.38 -12.50
CA VAL L 510 15.82 -40.01 -13.07
C VAL L 510 16.91 -40.30 -12.04
N VAL L 511 18.11 -40.56 -12.53
CA VAL L 511 19.30 -40.62 -11.72
C VAL L 511 20.41 -39.88 -12.45
N ASN L 512 21.49 -39.60 -11.73
CA ASN L 512 22.70 -39.11 -12.34
C ASN L 512 23.87 -39.82 -11.68
N THR L 513 24.63 -40.58 -12.46
CA THR L 513 25.75 -41.34 -11.91
C THR L 513 26.71 -40.36 -11.24
N ARG L 514 27.01 -40.59 -9.97
CA ARG L 514 27.82 -39.67 -9.19
C ARG L 514 28.97 -40.41 -8.55
N LYS M 1 31.37 -9.39 24.74
CA LYS M 1 30.53 -10.56 24.98
C LYS M 1 29.26 -10.16 25.73
N SER M 2 28.60 -11.15 26.32
CA SER M 2 27.44 -10.89 27.15
C SER M 2 27.45 -11.81 28.37
N ARG M 3 27.22 -11.22 29.55
CA ARG M 3 26.93 -11.98 30.75
C ARG M 3 25.47 -12.38 30.69
N LEU M 4 25.23 -13.68 30.63
CA LEU M 4 23.90 -14.20 30.40
C LEU M 4 23.48 -15.00 31.62
N MET M 5 22.53 -14.47 32.37
CA MET M 5 22.17 -15.02 33.67
C MET M 5 20.66 -14.98 33.81
N GLY M 6 20.19 -15.34 34.97
CA GLY M 6 18.75 -15.60 35.13
C GLY M 6 18.32 -16.72 34.21
N LEU M 7 17.05 -16.73 33.83
CA LEU M 7 16.55 -17.79 32.97
C LEU M 7 17.32 -17.87 31.66
N GLU M 8 17.99 -16.78 31.27
CA GLU M 8 18.78 -16.77 30.03
C GLU M 8 19.67 -17.99 29.93
N ALA M 9 20.69 -18.08 30.78
CA ALA M 9 21.59 -19.24 30.72
C ALA M 9 20.94 -20.45 31.34
N LEU M 10 20.06 -20.25 32.33
CA LEU M 10 19.31 -21.36 32.90
C LEU M 10 18.61 -22.17 31.81
N LYS M 11 18.13 -21.49 30.77
CA LYS M 11 17.75 -22.20 29.56
C LYS M 11 18.97 -22.83 28.91
N SER M 12 19.98 -22.03 28.62
CA SER M 12 21.20 -22.52 27.97
C SER M 12 21.77 -23.71 28.72
N HIS M 13 21.51 -23.78 30.03
CA HIS M 13 21.79 -25.00 30.76
C HIS M 13 20.76 -26.07 30.44
N ILE M 14 19.48 -25.81 30.72
CA ILE M 14 18.45 -26.83 30.52
C ILE M 14 18.30 -27.17 29.03
N MET M 15 18.73 -26.27 28.14
CA MET M 15 18.62 -26.54 26.71
C MET M 15 19.47 -27.74 26.29
N ALA M 16 20.77 -27.70 26.55
CA ALA M 16 21.69 -28.64 25.93
C ALA M 16 21.42 -30.07 26.38
N ALA M 17 21.08 -30.27 27.66
CA ALA M 17 20.99 -31.61 28.21
C ALA M 17 19.88 -32.42 27.54
N LYS M 18 18.82 -31.74 27.08
CA LYS M 18 17.66 -32.46 26.57
C LYS M 18 17.95 -33.10 25.21
N ALA M 19 18.51 -32.33 24.28
CA ALA M 19 18.90 -32.92 23.00
C ALA M 19 19.90 -34.05 23.21
N VAL M 20 20.88 -33.82 24.08
CA VAL M 20 21.82 -34.86 24.46
C VAL M 20 21.10 -36.09 25.01
N ALA M 21 20.39 -35.92 26.13
CA ALA M 21 19.92 -37.05 26.91
C ALA M 21 18.98 -37.96 26.10
N ASN M 22 18.23 -37.40 25.17
CA ASN M 22 17.14 -38.17 24.58
C ASN M 22 17.63 -39.23 23.63
N THR M 23 18.56 -38.89 22.73
CA THR M 23 19.17 -39.94 21.91
C THR M 23 19.84 -40.99 22.79
N MET M 24 20.28 -40.60 23.98
CA MET M 24 20.84 -41.56 24.92
C MET M 24 19.74 -42.37 25.58
N ARG M 25 18.61 -41.74 25.90
CA ARG M 25 17.52 -42.47 26.54
C ARG M 25 16.73 -43.29 25.54
N THR M 26 16.77 -42.93 24.26
CA THR M 26 16.26 -43.79 23.21
C THR M 26 17.26 -44.89 22.86
N SER M 27 18.55 -44.68 23.15
CA SER M 27 19.56 -45.72 23.06
C SER M 27 19.80 -46.39 24.41
N LEU M 28 19.01 -46.05 25.42
CA LEU M 28 19.27 -46.46 26.80
C LEU M 28 19.07 -47.97 26.96
N GLY M 29 20.13 -48.65 27.40
CA GLY M 29 20.08 -50.06 27.67
C GLY M 29 19.89 -50.90 26.42
N PRO M 30 19.68 -52.21 26.61
CA PRO M 30 19.41 -53.09 25.47
C PRO M 30 18.17 -52.71 24.68
N ASN M 31 17.03 -52.45 25.34
CA ASN M 31 15.89 -51.87 24.66
C ASN M 31 16.22 -50.56 23.99
N GLY M 32 17.25 -49.86 24.45
CA GLY M 32 17.74 -48.69 23.77
C GLY M 32 18.08 -49.00 22.32
N LEU M 33 17.75 -48.05 21.46
CA LEU M 33 17.69 -48.28 20.04
C LEU M 33 19.01 -47.91 19.39
N ASP M 34 19.36 -48.64 18.34
CA ASP M 34 20.72 -48.56 17.82
C ASP M 34 20.82 -47.46 16.77
N LYS M 35 21.57 -46.40 17.08
CA LYS M 35 21.56 -45.17 16.30
C LYS M 35 22.75 -45.09 15.36
N MET M 36 22.48 -45.24 14.07
CA MET M 36 23.41 -44.86 13.01
C MET M 36 23.73 -43.38 13.16
N MET M 37 25.01 -43.05 13.24
CA MET M 37 25.47 -41.67 13.34
C MET M 37 26.66 -41.47 12.40
N VAL M 38 26.48 -40.62 11.39
CA VAL M 38 27.44 -40.49 10.31
C VAL M 38 28.20 -39.18 10.46
N ASP M 39 29.52 -39.22 10.28
CA ASP M 39 30.37 -38.07 10.44
C ASP M 39 30.15 -37.06 9.31
N LYS M 40 30.89 -35.96 9.38
CA LYS M 40 31.20 -35.17 8.20
C LYS M 40 32.18 -35.91 7.30
N ASP M 41 32.73 -37.02 7.79
CA ASP M 41 33.59 -37.88 6.99
C ASP M 41 32.78 -38.84 6.14
N GLY M 42 31.45 -38.81 6.28
CA GLY M 42 30.57 -39.72 5.58
C GLY M 42 30.61 -41.14 6.09
N ASP M 43 30.81 -41.36 7.38
CA ASP M 43 31.03 -42.71 7.89
C ASP M 43 29.98 -43.08 8.93
N VAL M 44 29.24 -44.14 8.64
CA VAL M 44 28.16 -44.62 9.48
C VAL M 44 28.73 -45.19 10.77
N THR M 45 28.25 -44.68 11.90
CA THR M 45 28.53 -45.25 13.21
C THR M 45 27.21 -45.49 13.92
N VAL M 46 26.90 -46.77 14.16
CA VAL M 46 25.65 -47.16 14.80
C VAL M 46 25.88 -47.20 16.30
N THR M 47 25.18 -46.34 17.03
CA THR M 47 25.48 -46.13 18.43
C THR M 47 24.23 -46.37 19.28
N ASN M 48 24.26 -47.47 20.03
CA ASN M 48 23.25 -47.65 21.07
C ASN M 48 23.83 -47.26 22.42
N ASP M 49 25.10 -46.90 22.45
CA ASP M 49 25.79 -46.54 23.68
C ASP M 49 25.78 -45.03 23.81
N GLY M 50 25.14 -44.53 24.87
CA GLY M 50 25.19 -43.11 25.16
C GLY M 50 26.61 -42.58 25.19
N ALA M 51 27.53 -43.28 25.85
CA ALA M 51 28.93 -42.87 25.83
C ALA M 51 29.47 -42.84 24.40
N THR M 52 29.17 -43.87 23.61
CA THR M 52 29.55 -43.83 22.21
C THR M 52 28.80 -42.70 21.49
N ILE M 53 27.52 -42.52 21.82
CA ILE M 53 26.80 -41.33 21.37
C ILE M 53 27.51 -40.08 21.89
N LEU M 54 27.89 -40.08 23.17
CA LEU M 54 28.71 -39.00 23.71
C LEU M 54 30.04 -38.92 22.98
N SER M 55 30.68 -40.07 22.73
CA SER M 55 31.89 -40.07 21.93
C SER M 55 31.62 -39.56 20.52
N MET M 56 30.42 -39.79 20.02
CA MET M 56 30.08 -39.34 18.67
C MET M 56 29.74 -37.87 18.65
N MET M 57 29.00 -37.40 19.65
CA MET M 57 28.65 -36.00 19.72
C MET M 57 29.77 -35.16 20.35
N ASP M 58 29.77 -33.88 19.99
CA ASP M 58 30.10 -32.83 20.93
C ASP M 58 29.05 -31.73 20.77
N VAL M 59 28.18 -31.56 21.77
CA VAL M 59 27.05 -30.65 21.61
C VAL M 59 27.44 -29.31 22.21
N ASP M 60 26.97 -28.23 21.60
CA ASP M 60 27.57 -26.95 21.90
C ASP M 60 26.92 -26.34 23.14
N HIS M 61 27.70 -26.40 24.22
CA HIS M 61 27.45 -25.84 25.54
C HIS M 61 28.63 -26.39 26.32
N GLN M 62 29.01 -25.77 27.43
CA GLN M 62 30.16 -26.32 28.14
C GLN M 62 29.80 -27.60 28.87
N ILE M 63 28.54 -27.73 29.28
CA ILE M 63 28.12 -28.92 30.00
C ILE M 63 28.03 -30.12 29.05
N ALA M 64 27.53 -29.90 27.83
CA ALA M 64 27.42 -31.00 26.88
C ALA M 64 28.80 -31.56 26.54
N LYS M 65 29.83 -30.71 26.52
CA LYS M 65 31.19 -31.23 26.52
C LYS M 65 31.45 -32.06 27.75
N LEU M 66 31.14 -31.52 28.92
CA LEU M 66 31.44 -32.20 30.18
C LEU M 66 30.59 -33.44 30.39
N MET M 67 29.35 -33.45 29.89
CA MET M 67 28.53 -34.66 29.99
C MET M 67 29.13 -35.80 29.19
N VAL M 68 29.61 -35.53 27.98
CA VAL M 68 30.41 -36.52 27.26
C VAL M 68 31.54 -37.01 28.16
N GLU M 69 32.17 -36.08 28.87
CA GLU M 69 33.28 -36.42 29.75
C GLU M 69 32.79 -36.99 31.07
N LEU M 70 31.57 -36.64 31.47
CA LEU M 70 31.02 -37.13 32.74
C LEU M 70 30.94 -38.65 32.75
N SER M 71 30.28 -39.23 31.76
CA SER M 71 30.12 -40.69 31.72
C SER M 71 31.48 -41.37 31.62
N LYS M 72 32.45 -40.73 30.97
CA LYS M 72 33.76 -41.34 30.76
C LYS M 72 34.40 -41.75 32.08
N SER M 73 34.23 -40.95 33.13
CA SER M 73 34.66 -41.37 34.45
C SER M 73 34.05 -42.71 34.81
N GLN M 74 32.73 -42.74 35.03
CA GLN M 74 32.04 -43.99 35.33
C GLN M 74 32.19 -45.01 34.20
N ASP M 75 32.45 -44.56 32.97
CA ASP M 75 32.77 -45.51 31.91
C ASP M 75 34.16 -46.09 32.13
N ASP M 76 35.12 -45.26 32.55
CA ASP M 76 36.39 -45.78 33.01
C ASP M 76 36.23 -46.49 34.34
N GLU M 77 35.61 -45.82 35.31
CA GLU M 77 35.34 -46.43 36.60
C GLU M 77 34.54 -47.71 36.43
N ILE M 78 33.26 -47.57 36.11
CA ILE M 78 32.30 -48.65 36.22
C ILE M 78 32.05 -49.32 34.88
N GLY M 79 32.57 -48.77 33.79
CA GLY M 79 32.04 -49.28 32.54
C GLY M 79 30.59 -48.84 32.46
N ASP M 80 29.69 -49.81 32.49
CA ASP M 80 28.26 -49.52 32.49
C ASP M 80 27.92 -48.47 33.56
N GLY M 81 26.89 -47.69 33.28
CA GLY M 81 26.64 -46.44 33.98
C GLY M 81 26.95 -45.22 33.15
N THR M 82 27.20 -45.38 31.84
CA THR M 82 27.51 -44.25 30.98
C THR M 82 26.26 -43.44 30.66
N THR M 83 25.18 -44.12 30.26
CA THR M 83 24.03 -43.42 29.71
C THR M 83 23.16 -42.81 30.80
N GLY M 84 22.96 -43.55 31.90
CA GLY M 84 21.99 -43.12 32.90
C GLY M 84 22.41 -41.88 33.65
N VAL M 85 23.72 -41.72 33.88
CA VAL M 85 24.19 -40.58 34.67
C VAL M 85 23.90 -39.27 33.95
N VAL M 86 23.89 -39.29 32.62
CA VAL M 86 23.59 -38.09 31.84
C VAL M 86 22.10 -37.88 31.72
N VAL M 87 21.39 -38.85 31.15
CA VAL M 87 19.97 -38.68 30.82
C VAL M 87 19.19 -38.14 32.02
N LEU M 88 19.54 -38.57 33.22
CA LEU M 88 18.84 -38.08 34.40
C LEU M 88 19.36 -36.72 34.83
N ALA M 89 20.63 -36.44 34.54
CA ALA M 89 21.21 -35.14 34.89
C ALA M 89 20.44 -34.00 34.24
N GLY M 90 19.96 -34.22 33.02
CA GLY M 90 19.10 -33.23 32.38
C GLY M 90 17.71 -33.20 32.97
N ALA M 91 17.24 -34.33 33.49
CA ALA M 91 15.91 -34.37 34.10
C ALA M 91 15.87 -33.52 35.35
N LEU M 92 16.98 -33.46 36.09
CA LEU M 92 17.06 -32.54 37.23
C LEU M 92 16.80 -31.11 36.77
N LEU M 93 17.42 -30.69 35.65
CA LEU M 93 17.14 -29.37 35.11
C LEU M 93 15.66 -29.16 34.86
N GLU M 94 15.01 -30.12 34.20
CA GLU M 94 13.55 -30.14 34.13
C GLU M 94 12.93 -29.94 35.51
N GLU M 95 13.22 -30.85 36.44
CA GLU M 95 12.83 -30.68 37.83
C GLU M 95 13.19 -29.29 38.32
N ALA M 96 14.48 -28.95 38.31
CA ALA M 96 14.96 -27.74 38.96
C ALA M 96 14.32 -26.49 38.38
N GLU M 97 14.27 -26.37 37.05
CA GLU M 97 13.70 -25.18 36.44
C GLU M 97 12.28 -24.93 36.93
N GLN M 98 11.41 -25.94 36.79
CA GLN M 98 10.08 -25.86 37.37
C GLN M 98 10.14 -25.44 38.84
N LEU M 99 11.09 -26.00 39.58
CA LEU M 99 11.27 -25.63 40.98
C LEU M 99 11.69 -24.17 41.12
N LEU M 100 12.64 -23.72 40.30
CA LEU M 100 12.89 -22.29 40.24
C LEU M 100 11.67 -21.54 39.73
N ASP M 101 10.98 -22.13 38.75
CA ASP M 101 9.70 -21.58 38.34
C ASP M 101 8.70 -21.59 39.48
N ARG M 102 8.78 -22.56 40.40
CA ARG M 102 8.06 -22.49 41.66
C ARG M 102 8.55 -21.35 42.54
N GLY M 103 9.64 -20.71 42.16
CA GLY M 103 10.14 -19.56 42.88
C GLY M 103 11.26 -19.93 43.84
N ILE M 104 11.62 -21.20 43.89
CA ILE M 104 12.66 -21.70 44.79
C ILE M 104 13.99 -21.28 44.19
N HIS M 105 14.79 -20.55 44.98
CA HIS M 105 16.05 -20.03 44.48
C HIS M 105 16.91 -21.15 43.89
N PRO M 106 17.65 -20.85 42.82
CA PRO M 106 18.47 -21.89 42.17
C PRO M 106 19.43 -22.63 43.08
N ILE M 107 20.12 -21.93 44.00
CA ILE M 107 21.04 -22.62 44.89
C ILE M 107 20.29 -23.47 45.91
N ARG M 108 19.10 -23.02 46.33
CA ARG M 108 18.22 -23.87 47.12
C ARG M 108 18.04 -25.23 46.46
N ILE M 109 17.33 -25.27 45.33
CA ILE M 109 17.10 -26.51 44.59
C ILE M 109 18.41 -27.18 44.23
N ALA M 110 19.44 -26.38 43.92
CA ALA M 110 20.75 -26.96 43.60
C ALA M 110 21.21 -27.89 44.71
N ASP M 111 21.02 -27.48 45.95
CA ASP M 111 21.61 -28.20 47.07
C ASP M 111 20.81 -29.45 47.43
N GLY M 112 19.47 -29.36 47.38
CA GLY M 112 18.64 -30.44 47.90
C GLY M 112 18.86 -31.77 47.22
N TYR M 113 19.16 -31.76 45.92
CA TYR M 113 19.46 -33.01 45.23
C TYR M 113 20.62 -33.74 45.89
N GLU M 114 21.81 -33.14 45.87
CA GLU M 114 22.94 -33.69 46.62
C GLU M 114 22.55 -34.02 48.05
N GLN M 115 21.90 -33.07 48.73
CA GLN M 115 21.37 -33.32 50.05
C GLN M 115 20.56 -34.61 50.09
N ALA M 116 19.76 -34.86 49.06
CA ALA M 116 18.98 -36.08 49.01
C ALA M 116 19.75 -37.20 48.31
N ALA M 117 20.89 -36.86 47.69
CA ALA M 117 21.67 -37.87 47.00
C ALA M 117 22.28 -38.87 47.96
N ARG M 118 22.29 -38.54 49.26
CA ARG M 118 22.70 -39.50 50.27
C ARG M 118 21.88 -40.78 50.17
N VAL M 119 20.59 -40.71 50.50
CA VAL M 119 19.74 -41.90 50.46
C VAL M 119 19.80 -42.56 49.08
N ALA M 120 19.94 -41.76 48.03
CA ALA M 120 20.11 -42.31 46.68
C ALA M 120 21.19 -43.37 46.67
N ILE M 121 22.43 -43.00 46.97
CA ILE M 121 23.48 -44.00 47.07
C ILE M 121 23.32 -44.82 48.34
N GLU M 122 22.71 -44.25 49.39
CA GLU M 122 22.59 -44.94 50.66
C GLU M 122 21.54 -46.04 50.61
N HIS M 123 20.39 -45.79 49.97
CA HIS M 123 19.40 -46.85 49.82
C HIS M 123 19.93 -47.98 48.96
N LEU M 124 20.74 -47.64 47.95
CA LEU M 124 21.38 -48.68 47.15
C LEU M 124 22.20 -49.61 48.02
N ASP M 125 23.01 -49.06 48.93
CA ASP M 125 23.93 -49.83 49.75
C ASP M 125 23.26 -51.05 50.38
N LYS M 126 21.96 -50.97 50.67
CA LYS M 126 21.30 -51.98 51.48
C LYS M 126 20.95 -53.23 50.65
N ILE M 127 21.05 -53.13 49.32
CA ILE M 127 20.59 -54.24 48.48
C ILE M 127 21.58 -55.40 48.53
N SER M 128 22.73 -55.22 47.89
CA SER M 128 23.84 -56.14 48.06
C SER M 128 25.11 -55.35 48.34
N ASP M 129 25.61 -55.49 49.56
CA ASP M 129 26.89 -54.90 49.94
C ASP M 129 27.98 -55.96 49.83
N SER M 130 27.61 -57.11 49.27
CA SER M 130 28.38 -58.35 49.35
C SER M 130 29.76 -58.19 48.72
N VAL M 131 30.65 -59.12 49.06
CA VAL M 131 31.98 -59.22 48.47
C VAL M 131 32.30 -60.69 48.25
N LEU M 132 32.81 -61.02 47.07
CA LEU M 132 33.24 -62.37 46.76
C LEU M 132 34.57 -62.33 46.01
N VAL M 133 35.20 -63.49 45.89
CA VAL M 133 36.51 -63.59 45.23
C VAL M 133 36.31 -64.02 43.78
N ASP M 134 37.42 -64.27 43.08
CA ASP M 134 37.37 -64.51 41.65
C ASP M 134 36.53 -65.74 41.30
N ILE M 135 36.80 -66.87 41.95
CA ILE M 135 36.11 -68.10 41.58
C ILE M 135 34.68 -68.08 42.08
N LYS M 136 34.42 -67.32 43.14
CA LYS M 136 33.03 -67.09 43.54
C LYS M 136 32.35 -66.10 42.62
N ASP M 137 32.96 -64.92 42.42
CA ASP M 137 32.34 -63.87 41.61
C ASP M 137 32.06 -64.35 40.19
N THR M 138 32.89 -65.26 39.67
CA THR M 138 32.75 -65.63 38.26
C THR M 138 31.31 -66.01 37.93
N GLU M 139 30.60 -66.64 38.85
CA GLU M 139 29.17 -66.87 38.63
C GLU M 139 28.38 -65.56 38.69
N PRO M 140 28.43 -64.76 39.75
CA PRO M 140 27.83 -63.41 39.65
C PRO M 140 28.44 -62.56 38.55
N LEU M 141 29.72 -62.73 38.23
CA LEU M 141 30.31 -61.95 37.15
C LEU M 141 29.71 -62.34 35.80
N ILE M 142 29.59 -63.65 35.53
CA ILE M 142 28.89 -64.02 34.31
C ILE M 142 27.42 -63.67 34.42
N GLN M 143 26.82 -63.81 35.62
CA GLN M 143 25.45 -63.37 35.83
C GLN M 143 25.31 -61.87 35.63
N THR M 144 26.30 -61.09 36.08
CA THR M 144 26.29 -59.68 35.74
C THR M 144 26.71 -59.47 34.30
N ALA M 145 27.56 -60.35 33.77
CA ALA M 145 27.92 -60.26 32.36
C ALA M 145 26.91 -60.99 31.49
N LYS M 146 25.89 -61.59 32.10
CA LYS M 146 24.63 -61.77 31.38
C LYS M 146 24.09 -60.41 30.97
N THR M 147 24.05 -59.45 31.89
CA THR M 147 23.53 -58.12 31.56
C THR M 147 24.57 -57.25 30.87
N THR M 148 25.82 -57.23 31.36
CA THR M 148 26.78 -56.26 30.86
C THR M 148 27.24 -56.61 29.45
N LEU M 149 27.61 -57.87 29.23
CA LEU M 149 27.88 -58.31 27.86
C LEU M 149 26.66 -58.12 26.99
N GLY M 150 25.49 -58.53 27.48
CA GLY M 150 24.25 -58.32 26.79
C GLY M 150 23.81 -56.89 26.69
N SER M 151 24.44 -55.98 27.43
CA SER M 151 24.16 -54.55 27.28
C SER M 151 24.48 -54.04 25.89
N LYS M 152 25.48 -54.65 25.23
CA LYS M 152 25.72 -54.45 23.81
C LYS M 152 24.95 -55.43 22.94
N VAL M 153 24.05 -56.20 23.54
CA VAL M 153 23.23 -57.22 22.89
C VAL M 153 24.15 -58.32 22.38
N VAL M 154 25.35 -58.40 22.94
CA VAL M 154 26.14 -59.60 22.74
C VAL M 154 26.57 -60.17 24.10
N ASN M 155 25.77 -61.07 24.67
CA ASN M 155 26.22 -61.97 25.72
C ASN M 155 26.22 -63.45 25.36
N SER M 156 25.72 -63.81 24.18
CA SER M 156 25.36 -65.20 23.88
C SER M 156 26.62 -66.04 23.76
N CYS M 157 26.73 -67.06 24.60
CA CYS M 157 27.89 -67.95 24.73
C CYS M 157 29.09 -67.19 25.28
N HIS M 158 28.94 -65.89 25.53
CA HIS M 158 30.06 -65.01 25.84
C HIS M 158 30.40 -65.00 27.31
N ARG M 159 29.81 -65.91 28.07
CA ARG M 159 30.37 -66.27 29.37
C ARG M 159 31.85 -66.61 29.24
N GLN M 160 32.27 -67.08 28.06
CA GLN M 160 33.67 -67.04 27.69
C GLN M 160 34.28 -65.66 27.93
N MET M 161 33.63 -64.60 27.43
CA MET M 161 34.15 -63.25 27.65
C MET M 161 34.02 -62.86 29.11
N ALA M 162 32.88 -63.16 29.73
CA ALA M 162 32.72 -62.91 31.15
C ALA M 162 33.81 -63.61 31.97
N GLU M 163 33.97 -64.91 31.76
CA GLU M 163 34.94 -65.68 32.54
C GLU M 163 36.38 -65.25 32.28
N ILE M 164 36.69 -64.77 31.08
CA ILE M 164 38.02 -64.24 30.87
C ILE M 164 38.13 -62.84 31.45
N ALA M 165 37.00 -62.15 31.60
CA ALA M 165 37.00 -60.88 32.33
C ALA M 165 37.09 -61.10 33.82
N VAL M 166 36.58 -62.23 34.31
CA VAL M 166 36.72 -62.58 35.72
C VAL M 166 38.19 -62.57 36.12
N ASN M 167 39.01 -63.32 35.39
CA ASN M 167 40.39 -63.50 35.79
C ASN M 167 41.28 -62.40 35.23
N ALA M 168 40.74 -61.58 34.33
CA ALA M 168 41.51 -60.45 33.83
C ALA M 168 41.60 -59.33 34.86
N VAL M 169 40.46 -58.97 35.46
CA VAL M 169 40.43 -57.82 36.35
C VAL M 169 41.19 -58.10 37.64
N LEU M 170 40.93 -59.25 38.28
CA LEU M 170 41.62 -59.57 39.52
C LEU M 170 43.14 -59.56 39.33
N THR M 171 43.60 -60.13 38.21
CA THR M 171 45.01 -60.03 37.85
C THR M 171 45.49 -58.59 37.94
N VAL M 172 44.92 -57.72 37.09
CA VAL M 172 45.36 -56.33 37.04
C VAL M 172 44.86 -55.50 38.23
N ALA M 173 43.57 -55.51 38.52
CA ALA M 173 43.02 -54.73 39.62
C ALA M 173 42.74 -55.71 40.75
N ASP M 174 43.56 -55.67 41.78
CA ASP M 174 43.46 -56.65 42.84
C ASP M 174 42.28 -56.34 43.74
N MET M 175 41.70 -57.39 44.30
CA MET M 175 40.58 -57.21 45.22
C MET M 175 41.02 -56.51 46.49
N GLU M 176 42.27 -56.74 46.92
CA GLU M 176 42.80 -56.13 48.12
C GLU M 176 43.26 -54.70 47.90
N ARG M 177 43.87 -54.39 46.76
CA ARG M 177 44.31 -53.03 46.49
C ARG M 177 43.11 -52.08 46.45
N ARG M 178 41.97 -52.56 45.94
CA ARG M 178 40.79 -51.75 45.71
C ARG M 178 41.13 -50.46 44.97
N ASP M 179 42.09 -50.56 44.06
CA ASP M 179 42.49 -49.47 43.20
C ASP M 179 42.20 -49.87 41.77
N VAL M 180 41.68 -48.92 40.98
CA VAL M 180 41.30 -49.25 39.61
C VAL M 180 42.57 -49.52 38.81
N ASP M 181 42.66 -50.73 38.26
CA ASP M 181 43.79 -51.02 37.39
C ASP M 181 43.28 -51.79 36.18
N PHE M 182 43.24 -51.13 35.02
CA PHE M 182 43.12 -51.82 33.75
C PHE M 182 44.42 -51.80 32.96
N GLU M 183 45.45 -51.15 33.50
CA GLU M 183 46.64 -50.85 32.70
C GLU M 183 47.34 -52.13 32.23
N LEU M 184 47.44 -53.13 33.09
CA LEU M 184 48.15 -54.34 32.72
C LEU M 184 47.28 -55.29 31.91
N ILE M 185 45.99 -55.02 31.81
CA ILE M 185 45.16 -55.62 30.76
C ILE M 185 45.68 -55.09 29.44
N LYS M 186 46.07 -55.99 28.55
CA LYS M 186 46.53 -55.59 27.23
C LYS M 186 45.40 -55.81 26.25
N VAL M 187 44.79 -54.72 25.80
CA VAL M 187 43.67 -54.78 24.88
C VAL M 187 44.20 -55.21 23.52
N GLU M 188 43.64 -56.29 23.01
CA GLU M 188 44.15 -56.90 21.80
C GLU M 188 43.00 -57.59 21.08
N GLY M 189 43.05 -57.60 19.76
CA GLY M 189 41.96 -58.14 18.98
C GLY M 189 42.10 -57.79 17.51
N LYS M 190 41.33 -58.44 16.64
CA LYS M 190 41.46 -58.15 15.22
C LYS M 190 40.14 -58.39 14.51
N VAL M 191 39.87 -57.55 13.52
CA VAL M 191 38.69 -57.64 12.68
C VAL M 191 38.76 -58.95 11.90
N GLY M 192 37.61 -59.57 11.67
CA GLY M 192 37.57 -60.80 10.91
C GLY M 192 37.32 -62.01 11.78
N GLY M 193 37.43 -61.83 13.09
CA GLY M 193 37.22 -62.89 14.04
C GLY M 193 35.75 -63.19 14.24
N ARG M 194 35.44 -63.76 15.40
CA ARG M 194 34.07 -64.03 15.77
C ARG M 194 33.78 -63.45 17.14
N LEU M 195 32.52 -63.11 17.37
CA LEU M 195 32.03 -62.94 18.73
C LEU M 195 32.27 -64.18 19.57
N GLU M 196 31.91 -65.35 19.06
CA GLU M 196 32.08 -66.63 19.75
C GLU M 196 33.54 -67.03 19.86
N ASP M 197 34.42 -66.39 19.10
CA ASP M 197 35.85 -66.62 19.21
C ASP M 197 36.43 -65.45 20.00
N THR M 198 36.83 -65.71 21.24
CA THR M 198 37.46 -64.68 22.07
C THR M 198 38.37 -65.37 23.06
N LYS M 199 39.49 -64.74 23.40
CA LYS M 199 40.51 -65.38 24.21
C LYS M 199 41.08 -64.42 25.24
N LEU M 200 41.42 -64.99 26.40
CA LEU M 200 42.30 -64.33 27.36
C LEU M 200 43.66 -65.01 27.30
N ILE M 201 44.63 -64.31 26.73
CA ILE M 201 46.00 -64.81 26.63
C ILE M 201 46.81 -64.09 27.67
N LYS M 202 47.21 -64.81 28.71
CA LYS M 202 47.83 -64.22 29.89
C LYS M 202 49.15 -63.52 29.58
N GLY M 203 49.79 -63.88 28.48
CA GLY M 203 51.02 -63.24 28.08
C GLY M 203 50.82 -62.13 27.06
N VAL M 204 51.85 -61.82 26.28
CA VAL M 204 51.75 -60.82 25.22
C VAL M 204 51.83 -61.51 23.87
N ILE M 205 50.92 -61.14 22.98
CA ILE M 205 50.90 -61.65 21.61
C ILE M 205 51.31 -60.52 20.67
N VAL M 206 52.40 -60.73 19.95
CA VAL M 206 52.94 -59.74 19.02
C VAL M 206 52.44 -60.07 17.62
N ASP M 207 52.16 -59.03 16.84
CA ASP M 207 51.63 -59.23 15.50
C ASP M 207 52.62 -60.01 14.62
N LYS M 208 53.89 -59.64 14.67
CA LYS M 208 54.90 -60.25 13.83
C LYS M 208 55.06 -61.73 14.17
N ASP M 209 55.49 -62.49 13.16
CA ASP M 209 55.67 -63.92 13.27
C ASP M 209 57.11 -64.26 12.88
N PHE M 210 57.41 -65.55 12.81
CA PHE M 210 58.76 -66.02 12.51
C PHE M 210 59.19 -65.56 11.13
N SER M 211 60.46 -65.17 11.02
CA SER M 211 60.97 -64.60 9.78
C SER M 211 60.90 -65.58 8.62
N HIS M 212 60.96 -66.88 8.92
CA HIS M 212 60.76 -67.91 7.92
C HIS M 212 60.00 -69.10 8.52
N PRO M 213 59.17 -69.78 7.73
CA PRO M 213 58.68 -71.10 8.13
C PRO M 213 59.77 -72.17 8.17
N GLN M 214 60.83 -72.03 7.36
CA GLN M 214 61.95 -72.95 7.43
C GLN M 214 62.62 -72.91 8.79
N MET M 215 62.79 -71.72 9.35
CA MET M 215 63.17 -71.65 10.75
C MET M 215 62.01 -72.09 11.62
N PRO M 216 62.31 -72.76 12.73
CA PRO M 216 61.24 -73.36 13.54
C PRO M 216 60.20 -72.33 13.98
N LYS M 217 58.95 -72.78 14.04
CA LYS M 217 57.84 -71.96 14.49
C LYS M 217 57.63 -72.05 15.99
N LYS M 218 58.55 -72.67 16.70
CA LYS M 218 58.55 -72.71 18.16
C LYS M 218 59.85 -72.14 18.68
N VAL M 219 59.76 -71.12 19.53
CA VAL M 219 60.87 -70.71 20.38
C VAL M 219 60.63 -71.33 21.75
N GLU M 220 61.69 -71.87 22.35
CA GLU M 220 61.54 -72.58 23.61
C GLU M 220 61.22 -71.62 24.74
N ASP M 221 61.07 -72.15 25.96
CA ASP M 221 60.73 -71.31 27.09
C ASP M 221 61.84 -70.29 27.35
N ALA M 222 61.44 -69.08 27.74
CA ALA M 222 62.33 -67.96 27.97
C ALA M 222 63.24 -67.72 26.77
N LYS M 223 64.50 -67.37 27.06
CA LYS M 223 65.52 -67.10 26.05
C LYS M 223 64.95 -66.34 24.87
N ILE M 224 64.47 -65.12 25.13
CA ILE M 224 64.02 -64.19 24.11
C ILE M 224 64.95 -63.00 24.18
N ALA M 225 65.38 -62.49 23.02
CA ALA M 225 66.31 -61.37 22.99
C ALA M 225 65.49 -60.09 22.93
N ILE M 226 65.46 -59.36 24.03
CA ILE M 226 64.82 -58.05 24.08
C ILE M 226 65.89 -57.02 23.78
N LEU M 227 65.73 -56.30 22.68
CA LEU M 227 66.76 -55.42 22.17
C LEU M 227 66.15 -54.26 21.43
N THR M 228 66.85 -53.12 21.44
CA THR M 228 66.69 -52.13 20.41
C THR M 228 67.96 -52.25 19.57
N CYS M 229 67.83 -52.87 18.41
CA CYS M 229 68.90 -52.92 17.42
C CYS M 229 68.30 -52.95 16.03
N PRO M 230 68.90 -52.26 15.07
CA PRO M 230 68.33 -52.27 13.73
C PRO M 230 68.61 -53.59 13.03
N PHE M 231 67.54 -54.26 12.61
CA PHE M 231 67.63 -55.19 11.50
C PHE M 231 66.94 -54.71 10.24
N GLU M 232 66.35 -53.51 10.28
CA GLU M 232 65.79 -52.87 9.09
C GLU M 232 66.09 -51.38 9.22
N PRO M 233 65.59 -50.54 8.32
CA PRO M 233 65.76 -49.09 8.51
C PRO M 233 65.40 -48.68 9.92
N PRO M 234 66.28 -47.93 10.57
CA PRO M 234 66.13 -47.61 11.99
C PRO M 234 64.93 -46.77 12.36
N LYS M 235 64.58 -45.77 11.55
CA LYS M 235 63.46 -44.87 11.76
C LYS M 235 63.57 -44.13 13.11
N PRO M 236 64.62 -43.31 13.29
CA PRO M 236 64.68 -42.48 14.50
C PRO M 236 63.71 -41.32 14.41
N LYS M 237 63.82 -40.40 15.36
CA LYS M 237 62.93 -39.25 15.36
C LYS M 237 63.02 -38.47 14.06
N THR M 238 64.21 -37.99 13.70
CA THR M 238 64.34 -37.33 12.41
C THR M 238 65.64 -37.65 11.67
N LYS M 239 65.52 -38.32 10.52
CA LYS M 239 66.59 -38.45 9.53
C LYS M 239 65.98 -38.60 8.15
N HIS M 240 66.64 -38.04 7.13
CA HIS M 240 66.16 -38.08 5.77
C HIS M 240 66.79 -39.26 5.03
N LYS M 241 66.00 -39.91 4.18
CA LYS M 241 66.38 -41.14 3.52
C LYS M 241 66.95 -40.86 2.13
N LEU M 242 68.23 -41.16 1.96
CA LEU M 242 68.90 -41.02 0.66
C LEU M 242 69.20 -42.42 0.13
N ASP M 243 68.95 -42.63 -1.16
CA ASP M 243 69.11 -43.93 -1.79
C ASP M 243 70.36 -43.94 -2.68
N VAL M 244 70.58 -45.08 -3.33
CA VAL M 244 71.78 -45.26 -4.15
C VAL M 244 71.46 -45.07 -5.63
N THR M 245 72.25 -44.23 -6.28
CA THR M 245 72.00 -43.87 -7.67
C THR M 245 72.86 -44.61 -8.70
N SER M 246 73.79 -45.47 -8.28
CA SER M 246 74.79 -46.00 -9.21
C SER M 246 74.83 -47.52 -9.16
N VAL M 247 75.40 -48.10 -10.22
CA VAL M 247 75.64 -49.54 -10.26
C VAL M 247 76.74 -49.91 -9.26
N GLU M 248 77.84 -49.17 -9.25
CA GLU M 248 78.91 -49.46 -8.31
C GLU M 248 78.50 -49.13 -6.88
N ASP M 249 77.44 -48.32 -6.73
CA ASP M 249 76.95 -48.01 -5.39
C ASP M 249 75.95 -49.06 -4.90
N TYR M 250 75.42 -49.88 -5.81
CA TYR M 250 74.36 -50.83 -5.42
C TYR M 250 74.94 -52.10 -4.80
N LYS M 251 76.04 -52.61 -5.35
CA LYS M 251 76.55 -53.92 -4.95
C LYS M 251 76.92 -53.95 -3.47
N ALA M 252 77.71 -52.97 -3.02
CA ALA M 252 78.22 -53.01 -1.65
C ALA M 252 77.11 -52.83 -0.62
N LEU M 253 75.99 -52.23 -1.03
CA LEU M 253 74.86 -52.07 -0.11
C LEU M 253 74.34 -53.42 0.36
N GLN M 254 74.45 -54.44 -0.49
CA GLN M 254 73.97 -55.77 -0.11
C GLN M 254 74.95 -56.48 0.80
N LYS M 255 76.26 -56.29 0.58
CA LYS M 255 77.26 -57.00 1.36
C LYS M 255 77.29 -56.58 2.81
N TYR M 256 77.34 -55.27 3.07
CA TYR M 256 77.46 -54.78 4.44
C TYR M 256 76.28 -55.20 5.29
N GLU M 257 75.06 -54.95 4.81
CA GLU M 257 73.88 -55.32 5.57
C GLU M 257 73.82 -56.82 5.80
N LYS M 258 74.45 -57.61 4.93
CA LYS M 258 74.65 -59.02 5.23
C LYS M 258 75.66 -59.23 6.34
N GLU M 259 76.75 -58.45 6.34
CA GLU M 259 77.87 -58.75 7.21
C GLU M 259 77.56 -58.42 8.67
N LYS M 260 76.81 -57.35 8.93
CA LYS M 260 76.52 -56.99 10.30
C LYS M 260 75.42 -57.85 10.91
N PHE M 261 74.35 -58.10 10.16
CA PHE M 261 73.23 -58.85 10.73
C PHE M 261 73.63 -60.27 11.06
N GLU M 262 74.42 -60.91 10.20
CA GLU M 262 74.99 -62.21 10.55
C GLU M 262 75.61 -62.17 11.94
N GLU M 263 76.67 -61.38 12.11
CA GLU M 263 77.27 -61.19 13.42
C GLU M 263 76.24 -60.82 14.47
N MET M 264 75.32 -59.89 14.15
CA MET M 264 74.28 -59.53 15.11
C MET M 264 73.36 -60.70 15.39
N ILE M 265 72.85 -61.36 14.34
CA ILE M 265 72.05 -62.55 14.56
C ILE M 265 72.88 -63.64 15.21
N GLN M 266 74.14 -63.79 14.81
CA GLN M 266 75.06 -64.63 15.57
C GLN M 266 75.12 -64.19 17.02
N GLN M 267 75.62 -62.97 17.28
CA GLN M 267 75.78 -62.49 18.64
C GLN M 267 74.50 -62.64 19.46
N ILE M 268 73.33 -62.37 18.86
CA ILE M 268 72.07 -62.62 19.55
C ILE M 268 71.92 -64.11 19.86
N LYS M 269 72.07 -64.95 18.84
CA LYS M 269 72.04 -66.39 19.08
C LYS M 269 73.21 -66.81 19.97
N GLU M 270 74.37 -66.17 19.79
CA GLU M 270 75.50 -66.39 20.68
C GLU M 270 75.19 -65.90 22.09
N THR M 271 74.39 -64.83 22.21
CA THR M 271 73.92 -64.40 23.52
C THR M 271 73.01 -65.45 24.15
N GLY M 272 72.45 -66.36 23.36
CA GLY M 272 71.68 -67.46 23.91
C GLY M 272 70.19 -67.23 23.95
N ALA M 273 69.68 -66.30 23.14
CA ALA M 273 68.24 -66.08 23.09
C ALA M 273 67.68 -66.54 21.74
N ASN M 274 66.78 -67.54 21.80
CA ASN M 274 66.26 -68.14 20.58
C ASN M 274 65.02 -67.44 20.02
N LEU M 275 64.62 -66.31 20.57
CA LEU M 275 63.75 -65.39 19.86
C LEU M 275 64.34 -64.00 20.01
N ALA M 276 64.76 -63.40 18.92
CA ALA M 276 65.22 -62.02 18.96
C ALA M 276 64.04 -61.13 18.63
N ILE M 277 63.54 -60.44 19.64
CA ILE M 277 62.50 -59.42 19.47
C ILE M 277 63.20 -58.08 19.55
N CYS M 278 63.29 -57.42 18.40
CA CYS M 278 64.10 -56.22 18.27
C CYS M 278 63.18 -55.03 18.13
N GLN M 279 63.36 -54.05 19.03
CA GLN M 279 62.57 -52.82 18.95
C GLN M 279 62.62 -52.25 17.54
N TRP M 280 63.75 -52.41 16.87
CA TRP M 280 63.83 -52.25 15.43
C TRP M 280 63.94 -53.64 14.83
N GLY M 281 62.86 -54.10 14.23
CA GLY M 281 62.82 -55.49 13.83
C GLY M 281 63.54 -55.74 12.53
N PHE M 282 63.16 -56.83 11.87
CA PHE M 282 63.93 -57.35 10.75
C PHE M 282 63.43 -56.79 9.44
N ASP M 283 64.36 -56.44 8.58
CA ASP M 283 64.01 -56.33 7.17
C ASP M 283 63.88 -57.74 6.60
N ASP M 284 63.49 -57.83 5.34
CA ASP M 284 63.44 -59.14 4.71
C ASP M 284 64.84 -59.66 4.44
N GLU M 285 65.84 -58.76 4.47
CA GLU M 285 67.22 -59.19 4.31
C GLU M 285 67.76 -59.77 5.60
N ALA M 286 67.38 -59.20 6.74
CA ALA M 286 67.79 -59.76 8.02
C ALA M 286 67.16 -61.12 8.28
N ASN M 287 66.07 -61.43 7.58
CA ASN M 287 65.38 -62.69 7.81
C ASN M 287 66.21 -63.88 7.33
N HIS M 288 66.79 -63.78 6.13
CA HIS M 288 67.54 -64.91 5.58
C HIS M 288 68.85 -65.12 6.33
N LEU M 289 69.49 -64.04 6.77
CA LEU M 289 70.66 -64.18 7.63
C LEU M 289 70.28 -64.78 8.97
N LEU M 290 69.14 -64.36 9.51
CA LEU M 290 68.57 -65.05 10.66
C LEU M 290 68.38 -66.52 10.37
N LEU M 291 68.06 -66.85 9.11
CA LEU M 291 67.96 -68.25 8.70
C LEU M 291 69.34 -68.84 8.46
N GLN M 292 70.30 -68.02 8.02
CA GLN M 292 71.67 -68.50 7.90
C GLN M 292 72.21 -68.95 9.25
N ASN M 293 72.13 -68.08 10.25
CA ASN M 293 72.54 -68.41 11.61
C ASN M 293 71.52 -69.33 12.28
N ASN M 294 70.37 -69.52 11.64
CA ASN M 294 69.31 -70.42 12.10
C ASN M 294 68.86 -70.11 13.51
N LEU M 295 68.25 -68.93 13.69
CA LEU M 295 67.68 -68.59 14.97
C LEU M 295 66.22 -68.20 14.73
N PRO M 296 65.29 -68.63 15.57
CA PRO M 296 63.93 -68.06 15.50
C PRO M 296 63.95 -66.65 16.05
N ALA M 297 63.30 -65.72 15.36
CA ALA M 297 63.28 -64.35 15.86
C ALA M 297 62.17 -63.54 15.20
N VAL M 298 61.85 -62.38 15.82
CA VAL M 298 60.71 -61.55 15.47
C VAL M 298 61.17 -60.32 14.70
N ARG M 299 60.34 -59.89 13.74
CA ARG M 299 60.51 -58.68 12.95
C ARG M 299 60.00 -57.46 13.71
N TRP M 300 59.74 -56.36 13.00
CA TRP M 300 59.53 -55.04 13.59
C TRP M 300 58.53 -55.06 14.75
N VAL M 301 58.96 -54.52 15.88
CA VAL M 301 58.12 -54.40 17.07
C VAL M 301 57.99 -52.91 17.38
N GLY M 302 56.81 -52.52 17.87
CA GLY M 302 56.64 -51.17 18.35
C GLY M 302 57.65 -50.83 19.43
N GLY M 303 57.97 -49.53 19.51
CA GLY M 303 59.02 -49.07 20.39
C GLY M 303 58.80 -49.43 21.84
N PRO M 304 57.68 -48.99 22.43
CA PRO M 304 57.38 -49.38 23.81
C PRO M 304 56.99 -50.84 23.99
N GLU M 305 56.60 -51.53 22.92
CA GLU M 305 56.11 -52.90 23.10
C GLU M 305 57.24 -53.85 23.48
N ILE M 306 58.47 -53.51 23.11
CA ILE M 306 59.61 -54.30 23.56
C ILE M 306 59.77 -54.17 25.07
N GLU M 307 59.35 -53.04 25.64
CA GLU M 307 59.16 -52.95 27.07
C GLU M 307 58.00 -53.81 27.51
N LEU M 308 56.91 -53.83 26.73
CA LEU M 308 55.76 -54.65 27.08
C LEU M 308 56.13 -56.12 27.11
N ILE M 309 57.19 -56.51 26.41
CA ILE M 309 57.68 -57.87 26.55
C ILE M 309 58.73 -57.92 27.65
N ALA M 310 59.19 -56.76 28.12
CA ALA M 310 60.05 -56.73 29.30
C ALA M 310 59.24 -56.76 30.58
N ILE M 311 58.17 -55.96 30.66
CA ILE M 311 57.32 -55.97 31.85
C ILE M 311 56.53 -57.27 31.94
N ALA M 312 55.75 -57.60 30.90
CA ALA M 312 54.77 -58.67 31.01
C ALA M 312 55.46 -60.02 31.19
N THR M 313 56.66 -60.17 30.65
CA THR M 313 57.31 -61.47 30.66
C THR M 313 58.20 -61.68 31.87
N GLY M 314 58.40 -60.65 32.68
CA GLY M 314 59.31 -60.74 33.79
C GLY M 314 60.78 -60.82 33.39
N GLY M 315 61.06 -60.82 32.09
CA GLY M 315 62.44 -60.82 31.66
C GLY M 315 63.12 -59.50 31.94
N ARG M 316 64.27 -59.60 32.60
CA ARG M 316 65.06 -58.43 32.96
C ARG M 316 65.61 -57.79 31.69
N ILE M 317 65.67 -56.45 31.70
CA ILE M 317 65.75 -55.69 30.47
C ILE M 317 67.19 -55.57 29.96
N VAL M 318 67.36 -55.84 28.67
CA VAL M 318 68.50 -55.36 27.90
C VAL M 318 67.96 -54.34 26.90
N PRO M 319 68.36 -53.09 26.98
CA PRO M 319 67.81 -52.09 26.05
C PRO M 319 68.24 -52.29 24.60
N ARG M 320 69.50 -52.63 24.36
CA ARG M 320 70.07 -52.51 23.03
C ARG M 320 71.05 -53.66 22.77
N PHE M 321 71.39 -53.82 21.49
CA PHE M 321 72.31 -54.87 21.05
C PHE M 321 73.67 -54.75 21.73
N SER M 322 74.21 -53.54 21.82
CA SER M 322 75.55 -53.31 22.35
C SER M 322 75.78 -53.93 23.73
N GLU M 323 74.73 -54.11 24.52
CA GLU M 323 74.83 -54.62 25.88
C GLU M 323 74.56 -56.11 26.01
N LEU M 324 74.41 -56.84 24.89
CA LEU M 324 73.92 -58.22 24.95
C LEU M 324 74.66 -59.09 25.96
N THR M 325 73.87 -59.76 26.80
CA THR M 325 74.35 -60.72 27.78
C THR M 325 73.27 -61.78 27.97
N ALA M 326 73.71 -63.00 28.31
CA ALA M 326 72.80 -64.12 28.49
C ALA M 326 71.94 -63.98 29.74
N GLU M 327 72.39 -63.22 30.74
CA GLU M 327 71.66 -63.01 31.98
C GLU M 327 70.31 -62.33 31.78
N LYS M 328 70.30 -61.16 31.15
CA LYS M 328 69.07 -60.41 30.93
C LYS M 328 68.54 -60.76 29.55
N LEU M 329 67.41 -61.45 29.52
CA LEU M 329 66.77 -61.84 28.26
C LEU M 329 65.27 -61.64 28.40
N GLY M 330 64.59 -61.67 27.26
CA GLY M 330 63.15 -61.74 27.26
C GLY M 330 62.69 -63.13 27.64
N PHE M 331 61.50 -63.19 28.24
CA PHE M 331 60.95 -64.47 28.64
C PHE M 331 59.74 -64.80 27.77
N ALA M 332 59.53 -66.08 27.56
CA ALA M 332 58.28 -66.56 27.00
C ALA M 332 58.02 -67.95 27.55
N GLY M 333 56.76 -68.20 27.87
CA GLY M 333 56.36 -69.56 28.21
C GLY M 333 56.45 -70.44 26.98
N LEU M 334 55.72 -70.06 25.94
CA LEU M 334 55.84 -70.71 24.64
C LEU M 334 55.59 -69.67 23.55
N VAL M 335 56.45 -69.68 22.54
CA VAL M 335 56.34 -68.77 21.41
C VAL M 335 55.65 -69.50 20.27
N GLN M 336 54.44 -69.08 19.93
CA GLN M 336 53.69 -69.67 18.84
C GLN M 336 52.96 -68.56 18.09
N GLU M 337 53.05 -68.60 16.76
CA GLU M 337 52.12 -67.85 15.93
C GLU M 337 50.80 -68.60 15.92
N ILE M 338 49.75 -67.94 16.42
CA ILE M 338 48.49 -68.61 16.70
C ILE M 338 47.40 -68.06 15.80
N SER M 339 46.75 -68.95 15.07
CA SER M 339 45.53 -68.64 14.35
C SER M 339 44.36 -69.22 15.13
N PHE M 340 43.31 -68.42 15.27
CA PHE M 340 42.19 -68.71 16.17
C PHE M 340 41.06 -69.44 15.45
N GLY M 341 41.31 -69.82 14.19
CA GLY M 341 40.25 -70.27 13.32
C GLY M 341 39.85 -69.25 12.30
N THR M 342 40.10 -67.98 12.57
CA THR M 342 40.11 -66.93 11.56
C THR M 342 41.56 -66.49 11.41
N THR M 343 42.17 -66.87 10.29
CA THR M 343 43.55 -66.49 10.00
C THR M 343 43.70 -64.99 9.83
N LYS M 344 42.59 -64.31 9.54
CA LYS M 344 42.50 -62.86 9.62
C LYS M 344 42.97 -62.33 10.97
N ASP M 345 42.81 -63.11 12.03
CA ASP M 345 43.37 -62.78 13.33
C ASP M 345 44.51 -63.76 13.57
N LYS M 346 45.73 -63.29 13.47
CA LYS M 346 46.91 -64.15 13.57
C LYS M 346 47.98 -63.44 14.39
N MET M 347 48.35 -64.05 15.51
CA MET M 347 49.29 -63.44 16.43
C MET M 347 50.36 -64.44 16.81
N LEU M 348 51.57 -63.94 17.08
CA LEU M 348 52.62 -64.73 17.72
C LEU M 348 52.55 -64.46 19.20
N VAL M 349 52.19 -65.48 19.97
CA VAL M 349 52.10 -65.37 21.42
C VAL M 349 53.51 -65.44 21.98
N ILE M 350 53.85 -64.44 22.79
CA ILE M 350 54.95 -64.56 23.73
C ILE M 350 54.27 -64.85 25.05
N GLU M 351 54.34 -66.10 25.48
CA GLU M 351 53.38 -66.63 26.44
C GLU M 351 53.88 -66.42 27.86
N GLN M 352 52.99 -65.89 28.69
CA GLN M 352 53.33 -65.65 30.08
C GLN M 352 52.35 -66.41 30.98
N CYS M 353 52.92 -67.20 31.88
CA CYS M 353 52.15 -67.88 32.91
C CYS M 353 52.71 -67.65 34.30
N LYS M 354 53.94 -68.09 34.58
CA LYS M 354 54.58 -67.92 35.88
C LYS M 354 54.68 -66.46 36.29
N ASN M 355 55.36 -65.62 35.50
CA ASN M 355 55.33 -64.18 35.69
C ASN M 355 54.58 -63.54 34.52
N SER M 356 53.34 -63.13 34.79
CA SER M 356 52.60 -62.37 33.80
C SER M 356 52.30 -60.98 34.33
N ARG M 357 53.01 -59.99 33.83
CA ARG M 357 52.74 -58.64 34.29
C ARG M 357 51.86 -57.85 33.34
N ALA M 358 51.48 -58.39 32.19
CA ALA M 358 50.40 -57.83 31.41
C ALA M 358 49.50 -58.97 30.93
N VAL M 359 48.26 -58.97 31.42
CA VAL M 359 47.27 -59.93 30.97
C VAL M 359 46.66 -59.38 29.69
N THR M 360 46.42 -60.24 28.71
CA THR M 360 45.95 -59.81 27.41
C THR M 360 44.62 -60.50 27.08
N ILE M 361 43.56 -59.71 27.03
CA ILE M 361 42.31 -60.16 26.44
C ILE M 361 42.48 -60.06 24.93
N PHE M 362 42.13 -61.11 24.21
CA PHE M 362 42.12 -61.06 22.76
C PHE M 362 40.69 -61.20 22.29
N ILE M 363 40.17 -60.15 21.65
CA ILE M 363 38.78 -60.08 21.25
C ILE M 363 38.72 -60.26 19.74
N ARG M 364 37.62 -60.79 19.24
CA ARG M 364 37.50 -61.06 17.82
C ARG M 364 36.10 -60.72 17.35
N GLY M 365 36.00 -60.49 16.05
CA GLY M 365 34.73 -60.18 15.44
C GLY M 365 34.89 -60.06 13.94
N GLY M 366 33.78 -60.27 13.24
CA GLY M 366 33.83 -60.28 11.79
C GLY M 366 34.11 -58.91 11.19
N ASN M 367 33.68 -57.85 11.86
CA ASN M 367 33.76 -56.51 11.30
C ASN M 367 34.42 -55.57 12.31
N LYS M 368 34.60 -54.32 11.90
CA LYS M 368 35.11 -53.30 12.80
C LYS M 368 34.12 -53.04 13.94
N MET M 369 32.83 -53.06 13.63
CA MET M 369 31.83 -52.93 14.69
C MET M 369 31.85 -54.15 15.60
N ILE M 370 31.93 -55.35 15.02
CA ILE M 370 31.68 -56.58 15.77
C ILE M 370 32.74 -56.78 16.84
N ILE M 371 34.01 -56.57 16.50
CA ILE M 371 35.03 -56.49 17.56
C ILE M 371 34.66 -55.39 18.56
N GLU M 372 34.57 -54.15 18.10
CA GLU M 372 34.17 -53.04 18.95
C GLU M 372 32.88 -53.36 19.72
N GLU M 373 31.90 -53.95 19.04
CA GLU M 373 30.75 -54.51 19.73
C GLU M 373 31.18 -55.36 20.92
N ALA M 374 31.89 -56.45 20.65
CA ALA M 374 32.41 -57.29 21.73
C ALA M 374 33.37 -56.50 22.63
N LYS M 375 34.13 -55.56 22.06
CA LYS M 375 35.06 -54.79 22.88
C LYS M 375 34.34 -53.96 23.93
N ARG M 376 33.45 -53.06 23.51
CA ARG M 376 32.76 -52.22 24.48
C ARG M 376 31.79 -53.04 25.31
N SER M 377 31.30 -54.15 24.75
CA SER M 377 30.56 -55.12 25.55
C SER M 377 31.39 -55.60 26.72
N LEU M 378 32.51 -56.26 26.44
CA LEU M 378 33.30 -56.86 27.51
C LEU M 378 33.99 -55.80 28.35
N HIS M 379 34.43 -54.71 27.74
CA HIS M 379 35.13 -53.68 28.50
C HIS M 379 34.22 -53.07 29.57
N ASP M 380 32.97 -52.83 29.22
CA ASP M 380 32.02 -52.37 30.23
C ASP M 380 31.66 -53.50 31.19
N ALA M 381 31.56 -54.72 30.68
CA ALA M 381 31.54 -55.88 31.56
C ALA M 381 32.77 -55.88 32.45
N LEU M 382 33.95 -55.73 31.84
CA LEU M 382 35.21 -55.78 32.56
C LEU M 382 35.21 -54.85 33.76
N CYS M 383 34.68 -53.63 33.61
CA CYS M 383 34.75 -52.66 34.69
C CYS M 383 33.75 -52.96 35.80
N VAL M 384 32.49 -53.22 35.45
CA VAL M 384 31.54 -53.69 36.45
C VAL M 384 32.07 -54.94 37.15
N ILE M 385 32.57 -55.90 36.36
CA ILE M 385 33.20 -57.08 36.91
C ILE M 385 34.36 -56.70 37.82
N ARG M 386 35.20 -55.74 37.41
CA ARG M 386 36.22 -55.21 38.30
C ARG M 386 35.59 -54.67 39.58
N ASN M 387 34.55 -53.84 39.43
CA ASN M 387 33.85 -53.33 40.60
C ASN M 387 33.37 -54.46 41.47
N LEU M 388 32.78 -55.49 40.85
CA LEU M 388 32.27 -56.62 41.61
C LEU M 388 33.39 -57.49 42.14
N ILE M 389 34.54 -57.54 41.46
CA ILE M 389 35.62 -58.40 41.94
C ILE M 389 36.19 -57.83 43.23
N ARG M 390 36.35 -56.50 43.29
CA ARG M 390 36.80 -55.86 44.53
C ARG M 390 35.75 -56.05 45.64
N ASP M 391 34.54 -55.59 45.38
CA ASP M 391 33.40 -55.84 46.24
C ASP M 391 32.19 -56.19 45.37
N ASN M 392 31.60 -57.37 45.59
CA ASN M 392 30.53 -57.80 44.69
C ASN M 392 29.22 -57.29 45.27
N ARG M 393 28.79 -56.16 44.72
CA ARG M 393 27.70 -55.39 45.28
C ARG M 393 26.74 -55.10 44.14
N VAL M 394 25.54 -55.64 44.21
CA VAL M 394 24.62 -55.49 43.10
C VAL M 394 23.29 -54.98 43.61
N VAL M 395 22.41 -54.70 42.66
CA VAL M 395 21.07 -54.23 42.94
C VAL M 395 20.20 -54.72 41.80
N TYR M 396 18.90 -54.73 42.04
CA TYR M 396 17.95 -55.07 41.00
C TYR M 396 17.55 -53.79 40.31
N GLY M 397 18.01 -53.61 39.07
CA GLY M 397 18.14 -52.31 38.46
C GLY M 397 16.92 -51.91 37.66
N GLY M 398 17.20 -51.19 36.57
CA GLY M 398 16.17 -50.78 35.63
C GLY M 398 15.03 -49.99 36.22
N GLY M 399 15.28 -49.20 37.27
CA GLY M 399 14.24 -48.44 37.90
C GLY M 399 13.58 -49.11 39.09
N ALA M 400 13.73 -50.43 39.23
CA ALA M 400 13.22 -51.09 40.42
C ALA M 400 13.87 -50.53 41.68
N ALA M 401 15.14 -50.18 41.59
CA ALA M 401 15.79 -49.47 42.70
C ALA M 401 15.44 -48.00 42.68
N GLU M 402 15.31 -47.41 41.49
CA GLU M 402 14.99 -45.99 41.39
C GLU M 402 13.68 -45.67 42.09
N ILE M 403 12.66 -46.52 41.90
CA ILE M 403 11.42 -46.38 42.65
C ILE M 403 11.69 -46.51 44.15
N SER M 404 12.36 -47.59 44.55
CA SER M 404 12.61 -47.84 45.97
C SER M 404 13.42 -46.71 46.58
N CYS M 405 14.35 -46.15 45.81
CA CYS M 405 15.02 -44.93 46.26
C CYS M 405 14.07 -43.75 46.27
N ALA M 406 13.12 -43.73 45.33
CA ALA M 406 12.17 -42.62 45.26
C ALA M 406 11.23 -42.65 46.46
N LEU M 407 11.00 -43.84 47.04
CA LEU M 407 10.21 -43.92 48.26
C LEU M 407 10.81 -43.05 49.35
N ALA M 408 11.95 -43.48 49.90
CA ALA M 408 12.53 -42.84 51.08
C ALA M 408 12.62 -41.33 50.93
N VAL M 409 13.39 -40.84 49.95
CA VAL M 409 13.66 -39.41 49.84
C VAL M 409 12.37 -38.62 49.74
N SER M 410 11.56 -38.89 48.72
CA SER M 410 10.31 -38.16 48.55
C SER M 410 9.46 -38.24 49.82
N GLN M 411 9.42 -39.40 50.45
CA GLN M 411 8.94 -39.48 51.82
C GLN M 411 9.76 -38.59 52.74
N GLU M 412 11.04 -38.90 52.91
CA GLU M 412 11.94 -38.13 53.79
C GLU M 412 11.90 -36.64 53.49
N ALA M 413 11.56 -36.27 52.26
CA ALA M 413 11.36 -34.86 51.93
C ALA M 413 10.44 -34.20 52.96
N ASP M 414 9.16 -34.58 52.97
CA ASP M 414 8.20 -33.91 53.85
C ASP M 414 8.54 -34.08 55.32
N LYS M 415 9.30 -35.11 55.67
CA LYS M 415 9.76 -35.26 57.04
C LYS M 415 10.48 -34.01 57.53
N CYS M 416 11.10 -33.31 56.66
CA CYS M 416 11.86 -32.11 56.83
C CYS M 416 11.01 -30.88 56.58
N PRO M 417 11.04 -29.90 57.47
CA PRO M 417 10.41 -28.62 57.19
C PRO M 417 11.15 -27.84 56.12
N THR M 418 12.37 -28.29 55.83
CA THR M 418 13.29 -27.55 54.98
C THR M 418 12.77 -27.43 53.56
N LEU M 419 13.13 -26.33 52.90
CA LEU M 419 12.76 -26.09 51.52
C LEU M 419 13.12 -27.24 50.61
N GLU M 420 14.21 -27.96 50.93
CA GLU M 420 14.77 -28.94 50.02
C GLU M 420 13.90 -30.17 49.87
N GLN M 421 12.84 -30.30 50.69
CA GLN M 421 11.88 -31.38 50.45
C GLN M 421 11.38 -31.34 49.02
N TYR M 422 11.09 -30.14 48.50
CA TYR M 422 10.72 -30.00 47.11
C TYR M 422 11.83 -30.51 46.21
N ALA M 423 13.06 -30.07 46.46
CA ALA M 423 14.19 -30.68 45.80
C ALA M 423 14.23 -32.18 46.07
N MET M 424 14.16 -32.57 47.34
CA MET M 424 14.16 -34.00 47.69
C MET M 424 13.06 -34.75 46.95
N ARG M 425 11.84 -34.21 46.98
CA ARG M 425 10.79 -34.75 46.13
C ARG M 425 11.25 -34.82 44.68
N ALA M 426 11.46 -33.66 44.06
CA ALA M 426 11.91 -33.62 42.67
C ALA M 426 13.18 -34.43 42.48
N PHE M 427 14.03 -34.50 43.51
CA PHE M 427 15.12 -35.47 43.48
C PHE M 427 14.58 -36.88 43.29
N ALA M 428 13.82 -37.38 44.27
CA ALA M 428 13.24 -38.71 44.15
C ALA M 428 12.28 -38.78 42.99
N ASP M 429 11.74 -37.64 42.54
CA ASP M 429 10.84 -37.64 41.40
C ASP M 429 11.62 -37.75 40.09
N ALA M 430 12.85 -37.24 40.06
CA ALA M 430 13.66 -37.31 38.84
C ALA M 430 14.23 -38.70 38.61
N LEU M 431 14.18 -39.56 39.63
CA LEU M 431 14.86 -40.86 39.55
C LEU M 431 14.21 -41.79 38.54
N GLU M 432 12.88 -41.72 38.42
CA GLU M 432 12.13 -42.82 37.84
C GLU M 432 12.05 -42.75 36.32
N VAL M 433 12.69 -41.77 35.70
CA VAL M 433 12.60 -41.65 34.25
C VAL M 433 13.28 -42.83 33.57
N ILE M 434 14.22 -43.47 34.26
CA ILE M 434 15.01 -44.55 33.67
C ILE M 434 14.12 -45.72 33.28
N PRO M 435 13.36 -46.34 34.19
CA PRO M 435 12.43 -47.38 33.75
C PRO M 435 11.38 -46.84 32.81
N MET M 436 10.89 -45.63 33.07
CA MET M 436 10.05 -44.92 32.13
C MET M 436 10.65 -44.91 30.73
N ALA M 437 11.80 -44.23 30.57
CA ALA M 437 12.47 -44.22 29.28
C ALA M 437 12.83 -45.63 28.82
N LEU M 438 13.18 -46.50 29.76
CA LEU M 438 13.35 -47.91 29.43
C LEU M 438 12.09 -48.51 28.85
N SER M 439 10.98 -48.45 29.60
CA SER M 439 9.70 -48.94 29.10
C SER M 439 9.37 -48.37 27.74
N GLU M 440 9.78 -47.14 27.48
CA GLU M 440 9.61 -46.54 26.17
C GLU M 440 10.50 -47.23 25.14
N ASN M 441 11.79 -47.38 25.47
CA ASN M 441 12.65 -48.22 24.64
C ASN M 441 12.19 -49.66 24.68
N SER M 442 11.61 -50.10 25.81
CA SER M 442 11.03 -51.43 25.88
C SER M 442 9.70 -51.50 25.16
N GLY M 443 9.18 -50.35 24.73
CA GLY M 443 7.93 -50.33 23.99
C GLY M 443 6.73 -50.71 24.82
N MET M 444 6.61 -50.09 26.00
CA MET M 444 5.51 -50.36 26.92
C MET M 444 5.02 -49.01 27.45
N ASN M 445 3.90 -49.05 28.16
CA ASN M 445 3.49 -47.87 28.89
C ASN M 445 4.56 -47.53 29.90
N PRO M 446 5.27 -46.41 29.76
CA PRO M 446 6.30 -46.07 30.74
C PRO M 446 5.72 -45.64 32.06
N ILE M 447 4.49 -45.11 32.04
CA ILE M 447 3.95 -44.41 33.20
C ILE M 447 3.48 -45.42 34.24
N GLN M 448 2.67 -46.39 33.82
CA GLN M 448 2.32 -47.47 34.72
C GLN M 448 3.53 -48.33 35.04
N THR M 449 4.44 -48.48 34.07
CA THR M 449 5.63 -49.30 34.25
C THR M 449 6.34 -49.00 35.55
N MET M 450 6.68 -47.73 35.78
CA MET M 450 7.29 -47.34 37.04
C MET M 450 6.42 -47.76 38.21
N THR M 451 5.13 -47.48 38.13
CA THR M 451 4.24 -47.72 39.25
C THR M 451 3.92 -49.20 39.43
N GLU M 452 3.93 -49.97 38.32
CA GLU M 452 3.93 -51.42 38.45
C GLU M 452 4.98 -51.87 39.44
N VAL M 453 6.18 -51.29 39.37
CA VAL M 453 7.24 -51.63 40.30
C VAL M 453 6.97 -51.03 41.67
N ARG M 454 6.40 -49.82 41.72
CA ARG M 454 6.10 -49.28 43.04
C ARG M 454 4.96 -50.04 43.69
N ALA M 455 3.95 -50.44 42.90
CA ALA M 455 3.00 -51.43 43.37
C ALA M 455 3.73 -52.63 43.94
N ARG M 456 4.70 -53.17 43.18
CA ARG M 456 5.68 -54.06 43.76
C ARG M 456 6.41 -53.42 44.93
N GLN M 457 7.14 -52.32 44.73
CA GLN M 457 7.88 -51.69 45.82
C GLN M 457 7.00 -51.40 47.02
N VAL M 458 5.70 -51.18 46.84
CA VAL M 458 4.78 -51.31 47.97
C VAL M 458 4.88 -52.71 48.55
N LYS M 459 4.47 -53.71 47.77
CA LYS M 459 4.53 -55.12 48.17
C LYS M 459 5.96 -55.52 48.51
N GLU M 460 6.82 -55.46 47.49
CA GLU M 460 8.23 -55.85 47.62
C GLU M 460 8.91 -55.15 48.78
N MET M 461 8.86 -53.81 48.80
CA MET M 461 9.70 -53.01 49.68
C MET M 461 11.18 -53.25 49.39
N ASN M 462 11.49 -53.52 48.12
CA ASN M 462 12.81 -53.90 47.64
C ASN M 462 12.77 -54.16 46.14
N PRO M 463 13.73 -53.64 45.35
CA PRO M 463 13.89 -54.17 44.01
C PRO M 463 14.34 -55.62 44.07
N ALA M 464 13.55 -56.49 43.46
CA ALA M 464 13.97 -57.83 43.07
C ALA M 464 13.42 -58.08 41.68
N LEU M 465 12.10 -58.20 41.62
CA LEU M 465 11.34 -58.15 40.38
C LEU M 465 11.41 -56.72 39.88
N GLY M 466 11.05 -56.52 38.62
CA GLY M 466 11.07 -55.22 38.01
C GLY M 466 10.21 -55.27 36.77
N ILE M 467 10.33 -54.29 35.89
CA ILE M 467 9.64 -54.36 34.60
C ILE M 467 10.57 -54.99 33.58
N ASP M 468 10.22 -54.92 32.30
CA ASP M 468 11.01 -55.60 31.29
C ASP M 468 12.11 -54.69 30.75
N CYS M 469 13.35 -55.00 31.13
CA CYS M 469 14.51 -54.42 30.50
C CYS M 469 14.87 -55.15 29.19
N LEU M 470 14.51 -56.43 29.09
CA LEU M 470 14.85 -57.20 27.90
C LEU M 470 13.69 -57.35 26.93
N HIS M 471 12.49 -56.84 27.25
CA HIS M 471 11.30 -57.00 26.42
C HIS M 471 10.94 -58.48 26.27
N LYS M 472 11.32 -59.30 27.24
CA LYS M 472 11.07 -60.74 27.16
C LYS M 472 9.84 -61.18 27.94
N GLY M 473 9.13 -60.26 28.60
CA GLY M 473 7.85 -60.56 29.21
C GLY M 473 7.89 -60.96 30.67
N THR M 474 9.00 -61.49 31.16
CA THR M 474 9.15 -61.74 32.57
C THR M 474 9.50 -60.43 33.25
N ASN M 475 8.65 -59.97 34.15
CA ASN M 475 8.88 -58.71 34.81
C ASN M 475 9.70 -58.96 36.06
N ASP M 476 11.01 -58.73 35.93
CA ASP M 476 12.01 -59.09 36.91
C ASP M 476 13.18 -58.14 36.75
N MET M 477 13.81 -57.80 37.85
CA MET M 477 15.23 -57.51 37.78
C MET M 477 16.02 -58.70 38.29
N LYS M 478 15.33 -59.76 38.71
CA LYS M 478 15.90 -60.86 39.48
C LYS M 478 16.10 -62.09 38.62
N GLN M 479 15.01 -62.72 38.20
CA GLN M 479 15.07 -63.86 37.30
C GLN M 479 15.31 -63.43 35.86
N GLN M 480 14.90 -62.22 35.50
CA GLN M 480 15.47 -61.53 34.35
C GLN M 480 16.93 -61.19 34.56
N HIS M 481 17.41 -61.17 35.80
CA HIS M 481 18.81 -60.95 36.12
C HIS M 481 19.30 -59.62 35.57
N VAL M 482 18.61 -58.55 35.97
CA VAL M 482 19.16 -57.21 35.81
C VAL M 482 19.96 -57.00 37.09
N ILE M 483 21.26 -57.16 36.97
CA ILE M 483 22.17 -57.25 38.10
C ILE M 483 23.45 -56.52 37.71
N GLU M 484 23.78 -55.46 38.46
CA GLU M 484 24.90 -54.59 38.12
C GLU M 484 25.55 -54.09 39.38
N THR M 485 26.82 -53.70 39.25
CA THR M 485 27.57 -53.29 40.43
C THR M 485 26.87 -52.13 41.13
N LEU M 486 26.62 -52.33 42.42
CA LEU M 486 25.96 -51.32 43.23
C LEU M 486 26.86 -50.10 43.38
N ILE M 487 28.17 -50.31 43.27
CA ILE M 487 29.13 -49.22 43.16
C ILE M 487 28.70 -48.27 42.03
N GLY M 488 28.67 -48.77 40.80
CA GLY M 488 28.34 -47.92 39.67
C GLY M 488 26.92 -47.38 39.71
N LYS M 489 26.02 -48.13 40.32
CA LYS M 489 24.70 -47.58 40.61
C LYS M 489 24.82 -46.32 41.46
N LYS M 490 25.77 -46.30 42.39
CA LYS M 490 26.00 -45.11 43.20
C LYS M 490 26.88 -44.10 42.46
N GLN M 491 27.57 -44.55 41.42
CA GLN M 491 28.44 -43.64 40.68
C GLN M 491 27.64 -42.71 39.79
N GLN M 492 26.60 -43.23 39.12
CA GLN M 492 25.68 -42.36 38.39
C GLN M 492 25.14 -41.24 39.25
N ILE M 493 24.65 -41.56 40.45
CA ILE M 493 24.08 -40.55 41.34
C ILE M 493 25.07 -39.44 41.63
N SER M 494 26.15 -39.77 42.34
CA SER M 494 27.12 -38.74 42.74
C SER M 494 27.62 -37.96 41.55
N LEU M 495 27.88 -38.63 40.43
CA LEU M 495 28.30 -37.92 39.23
C LEU M 495 27.19 -37.04 38.69
N ALA M 496 25.98 -37.60 38.53
CA ALA M 496 24.88 -36.81 37.97
C ALA M 496 24.52 -35.63 38.88
N THR M 497 24.17 -35.91 40.14
CA THR M 497 23.64 -34.85 40.99
C THR M 497 24.68 -33.78 41.29
N GLN M 498 25.94 -34.18 41.49
CA GLN M 498 26.94 -33.21 41.92
C GLN M 498 27.49 -32.43 40.73
N MET M 499 27.50 -33.03 39.54
CA MET M 499 27.82 -32.26 38.34
C MET M 499 26.75 -31.22 38.08
N VAL M 500 25.48 -31.64 38.07
CA VAL M 500 24.38 -30.69 37.89
C VAL M 500 24.47 -29.58 38.91
N ARG M 501 24.73 -29.92 40.18
CA ARG M 501 24.95 -28.91 41.20
C ARG M 501 26.01 -27.90 40.75
N MET M 502 27.16 -28.40 40.31
CA MET M 502 28.20 -27.50 39.82
C MET M 502 27.74 -26.76 38.57
N ILE M 503 26.88 -27.40 37.78
CA ILE M 503 26.23 -26.69 36.69
C ILE M 503 25.27 -25.66 37.24
N LEU M 504 24.64 -25.98 38.38
CA LEU M 504 23.60 -25.11 38.93
C LEU M 504 24.18 -23.90 39.63
N LYS M 505 25.26 -24.06 40.40
CA LYS M 505 25.89 -22.91 41.03
C LYS M 505 26.35 -21.90 39.97
N ILE M 506 26.54 -22.36 38.74
CA ILE M 506 26.86 -21.43 37.69
C ILE M 506 25.60 -21.18 36.87
N ASP M 507 24.95 -20.05 37.13
CA ASP M 507 24.14 -19.38 36.13
C ASP M 507 24.94 -18.23 35.53
N ASP M 508 26.13 -17.97 36.08
CA ASP M 508 26.94 -16.83 35.69
C ASP M 508 27.73 -17.25 34.47
N ILE M 509 27.44 -16.61 33.34
CA ILE M 509 27.94 -17.06 32.05
C ILE M 509 28.46 -15.87 31.27
N ARG M 510 29.77 -15.83 31.04
CA ARG M 510 30.35 -14.91 30.06
C ARG M 510 30.76 -15.71 28.85
N LYS M 511 29.99 -15.57 27.78
CA LYS M 511 30.27 -16.16 26.49
C LYS M 511 29.80 -15.14 25.46
N PRO M 512 30.40 -15.15 24.27
CA PRO M 512 29.81 -14.38 23.17
C PRO M 512 28.36 -14.75 22.89
N GLY M 513 28.01 -16.04 22.94
CA GLY M 513 26.63 -16.47 22.87
C GLY M 513 26.10 -17.01 24.18
N GLU M 514 24.98 -17.74 24.10
CA GLU M 514 24.42 -18.46 25.24
C GLU M 514 25.15 -19.75 25.61
N SER M 515 25.12 -20.79 24.77
CA SER M 515 25.76 -22.06 25.07
C SER M 515 26.98 -22.27 24.19
N GLU M 516 28.15 -22.25 24.83
CA GLU M 516 29.41 -22.39 24.11
C GLU M 516 30.19 -23.58 24.62
N GLU M 517 30.48 -24.54 23.75
CA GLU M 517 31.15 -25.76 24.18
C GLU M 517 32.65 -25.56 24.32
N ALA N 1 25.68 18.76 -29.09
CA ALA N 1 25.50 17.91 -27.92
C ALA N 1 24.86 18.68 -26.78
N GLU N 2 25.60 18.82 -25.68
CA GLU N 2 25.16 19.57 -24.52
C GLU N 2 25.69 20.99 -24.64
N VAL N 3 24.81 21.95 -24.90
CA VAL N 3 25.22 23.33 -25.14
C VAL N 3 24.29 24.27 -24.39
N ALA N 4 24.88 25.13 -23.56
CA ALA N 4 24.17 26.24 -22.95
C ALA N 4 24.47 27.49 -23.75
N ARG N 5 23.44 28.27 -24.03
CA ARG N 5 23.50 29.30 -25.05
C ARG N 5 22.78 30.56 -24.57
N ALA N 6 23.31 31.70 -25.01
CA ALA N 6 22.66 33.01 -24.93
C ALA N 6 22.36 33.49 -23.52
N GLN N 7 21.12 33.94 -23.31
CA GLN N 7 20.77 34.69 -22.10
C GLN N 7 20.82 33.82 -20.86
N ALA N 8 20.23 32.62 -20.91
CA ALA N 8 20.18 31.77 -19.74
C ALA N 8 21.56 31.21 -19.42
N ALA N 9 22.43 31.10 -20.42
CA ALA N 9 23.76 30.54 -20.18
C ALA N 9 24.64 31.49 -19.40
N LEU N 10 24.57 32.78 -19.71
CA LEU N 10 25.44 33.75 -19.03
C LEU N 10 24.97 33.99 -17.61
N ALA N 11 23.76 33.55 -17.26
CA ALA N 11 23.26 33.72 -15.90
C ALA N 11 24.20 33.08 -14.88
N VAL N 12 24.49 31.79 -15.04
CA VAL N 12 25.38 31.10 -14.10
C VAL N 12 26.70 31.84 -13.98
N ASN N 13 27.22 32.37 -15.08
CA ASN N 13 28.41 33.20 -15.02
C ASN N 13 28.21 34.41 -14.10
N ILE N 14 27.27 35.29 -14.45
CA ILE N 14 27.01 36.46 -13.61
C ILE N 14 26.46 36.04 -12.26
N SER N 15 25.82 34.88 -12.16
CA SER N 15 25.44 34.38 -10.83
C SER N 15 26.66 33.98 -10.03
N ALA N 16 27.59 33.26 -10.65
CA ALA N 16 28.86 32.95 -9.99
C ALA N 16 29.60 34.22 -9.60
N ALA N 17 30.03 35.00 -10.59
CA ALA N 17 30.85 36.18 -10.37
C ALA N 17 30.29 37.07 -9.27
N ARG N 18 29.10 37.62 -9.48
CA ARG N 18 28.46 38.41 -8.44
C ARG N 18 28.28 37.60 -7.16
N GLY N 19 27.95 36.32 -7.30
CA GLY N 19 27.85 35.47 -6.12
C GLY N 19 29.20 35.20 -5.49
N LEU N 20 30.25 35.09 -6.31
CA LEU N 20 31.58 34.84 -5.77
C LEU N 20 32.19 36.09 -5.17
N GLN N 21 31.91 37.27 -5.73
CA GLN N 21 32.54 38.48 -5.24
C GLN N 21 32.00 38.89 -3.87
N ASP N 22 30.71 38.64 -3.62
CA ASP N 22 30.05 39.21 -2.45
C ASP N 22 30.66 38.70 -1.16
N VAL N 23 31.40 37.58 -1.23
CA VAL N 23 32.08 37.10 -0.05
C VAL N 23 33.28 37.99 0.28
N LEU N 24 33.90 38.57 -0.75
CA LEU N 24 35.03 39.47 -0.55
C LEU N 24 34.62 40.81 0.02
N ARG N 25 33.32 41.07 0.18
CA ARG N 25 32.84 42.26 0.85
C ARG N 25 33.21 42.28 2.32
N THR N 26 33.52 41.11 2.88
CA THR N 26 34.10 40.98 4.21
C THR N 26 35.52 41.56 4.28
N ASN N 27 36.05 42.02 3.16
CA ASN N 27 37.44 42.41 2.98
C ASN N 27 37.48 43.86 2.50
N LEU N 28 38.68 44.28 2.06
CA LEU N 28 38.89 45.62 1.52
C LEU N 28 38.63 46.70 2.56
N GLY N 29 39.58 46.87 3.47
CA GLY N 29 39.52 47.93 4.46
C GLY N 29 39.31 47.43 5.86
N PRO N 30 39.71 48.24 6.84
CA PRO N 30 39.73 47.78 8.24
C PRO N 30 38.36 47.43 8.81
N LYS N 31 37.29 48.05 8.34
CA LYS N 31 35.96 47.57 8.73
C LYS N 31 35.62 46.24 8.09
N GLY N 32 36.13 45.98 6.90
CA GLY N 32 36.23 44.61 6.43
C GLY N 32 37.24 43.84 7.25
N THR N 33 37.28 42.52 7.04
CA THR N 33 38.08 41.65 7.87
C THR N 33 39.00 40.81 6.99
N MET N 34 40.10 40.36 7.59
CA MET N 34 40.86 39.29 7.00
C MET N 34 39.96 38.07 6.83
N LYS N 35 39.99 37.48 5.64
CA LYS N 35 39.22 36.28 5.38
C LYS N 35 40.09 35.06 5.60
N MET N 36 39.57 34.09 6.34
CA MET N 36 40.28 32.86 6.62
C MET N 36 40.19 31.92 5.43
N LEU N 37 41.35 31.51 4.92
CA LEU N 37 41.42 30.45 3.92
C LEU N 37 42.15 29.26 4.52
N VAL N 38 41.68 28.07 4.19
CA VAL N 38 42.32 26.82 4.61
C VAL N 38 42.55 26.01 3.34
N SER N 39 43.58 25.17 3.36
CA SER N 39 43.91 24.33 2.22
C SER N 39 43.98 22.87 2.66
N GLY N 40 44.39 21.99 1.74
CA GLY N 40 44.71 20.63 2.13
C GLY N 40 45.79 20.53 3.18
N ALA N 41 46.67 21.54 3.25
CA ALA N 41 47.60 21.65 4.34
C ALA N 41 46.93 22.00 5.66
N GLY N 42 45.63 22.30 5.63
CA GLY N 42 44.94 22.78 6.80
C GLY N 42 45.40 24.14 7.28
N ASP N 43 46.22 24.84 6.50
CA ASP N 43 46.73 26.13 6.93
C ASP N 43 45.61 27.17 6.94
N ILE N 44 45.40 27.78 8.09
CA ILE N 44 44.52 28.92 8.22
C ILE N 44 45.25 30.11 7.61
N LYS N 45 44.70 30.67 6.56
CA LYS N 45 45.32 31.76 5.82
C LYS N 45 44.46 33.00 6.00
N LEU N 46 44.97 33.96 6.77
CA LEU N 46 44.19 35.13 7.13
C LEU N 46 44.66 36.27 6.24
N THR N 47 43.85 36.61 5.25
CA THR N 47 44.13 37.74 4.38
C THR N 47 42.83 38.43 4.03
N LYS N 48 42.82 39.74 4.20
CA LYS N 48 41.83 40.62 3.59
C LYS N 48 42.20 40.90 2.14
N ASP N 49 43.32 40.34 1.69
CA ASP N 49 43.77 40.48 0.31
C ASP N 49 42.99 39.55 -0.60
N GLY N 50 42.53 40.08 -1.73
CA GLY N 50 41.78 39.24 -2.66
C GLY N 50 42.64 38.18 -3.30
N ASN N 51 43.81 38.57 -3.83
CA ASN N 51 44.66 37.65 -4.57
C ASN N 51 45.00 36.40 -3.76
N VAL N 52 45.56 36.57 -2.56
CA VAL N 52 45.92 35.43 -1.71
C VAL N 52 44.76 34.45 -1.63
N LEU N 53 43.63 34.91 -1.11
CA LEU N 53 42.43 34.09 -1.05
C LEU N 53 42.08 33.50 -2.41
N LEU N 54 42.10 34.32 -3.45
CA LEU N 54 41.46 33.95 -4.71
C LEU N 54 42.14 32.78 -5.38
N HIS N 55 43.47 32.73 -5.35
CA HIS N 55 44.18 31.82 -6.24
C HIS N 55 44.51 30.51 -5.54
N GLU N 56 44.09 30.36 -4.28
CA GLU N 56 44.45 29.17 -3.53
C GLU N 56 43.29 28.17 -3.46
N MET N 57 42.28 28.46 -2.65
CA MET N 57 41.17 27.55 -2.47
C MET N 57 39.86 28.27 -2.72
N GLN N 58 39.02 27.68 -3.56
CA GLN N 58 37.77 28.29 -3.99
C GLN N 58 36.83 27.19 -4.47
N ILE N 59 35.65 27.60 -4.92
CA ILE N 59 34.68 26.67 -5.49
C ILE N 59 34.82 26.71 -7.00
N GLN N 60 34.66 25.55 -7.63
CA GLN N 60 34.74 25.44 -9.08
C GLN N 60 33.72 26.36 -9.73
N HIS N 61 34.20 27.25 -10.59
CA HIS N 61 33.32 28.10 -11.41
C HIS N 61 34.03 28.39 -12.72
N PRO N 62 33.27 28.56 -13.80
CA PRO N 62 33.88 29.09 -15.02
C PRO N 62 34.42 30.50 -14.83
N THR N 63 33.76 31.30 -14.01
CA THR N 63 34.28 32.62 -13.68
C THR N 63 35.47 32.52 -12.74
N ALA N 64 35.53 31.45 -11.94
CA ALA N 64 36.65 31.28 -11.00
C ALA N 64 37.97 31.24 -11.74
N SER N 65 37.97 30.79 -13.00
CA SER N 65 39.18 30.81 -13.80
C SER N 65 39.56 32.23 -14.19
N LEU N 66 38.57 33.02 -14.64
CA LEU N 66 38.86 34.36 -15.14
C LEU N 66 39.22 35.32 -14.02
N ILE N 67 38.50 35.23 -12.89
CA ILE N 67 38.77 36.16 -11.79
C ILE N 67 40.17 35.95 -11.24
N ALA N 68 40.69 34.72 -11.29
CA ALA N 68 42.04 34.45 -10.82
C ALA N 68 43.08 35.26 -11.59
N LYS N 69 42.73 35.76 -12.78
CA LYS N 69 43.65 36.58 -13.56
C LYS N 69 43.74 37.99 -13.01
N VAL N 70 42.60 38.61 -12.72
CA VAL N 70 42.58 40.05 -12.50
C VAL N 70 43.17 40.42 -11.14
N ALA N 71 42.81 39.71 -10.07
CA ALA N 71 43.40 40.00 -8.77
C ALA N 71 44.88 39.66 -8.77
N THR N 72 45.29 38.71 -9.60
CA THR N 72 46.72 38.55 -9.87
C THR N 72 47.25 39.76 -10.62
N ALA N 73 46.57 40.17 -11.69
CA ALA N 73 47.04 41.28 -12.51
C ALA N 73 47.20 42.55 -11.68
N GLN N 74 46.23 42.86 -10.84
CA GLN N 74 46.31 44.09 -10.05
C GLN N 74 47.39 43.97 -8.98
N ASP N 75 47.57 42.76 -8.44
CA ASP N 75 48.73 42.52 -7.57
C ASP N 75 50.01 42.67 -8.36
N ASP N 76 50.04 42.17 -9.60
CA ASP N 76 51.22 42.27 -10.43
C ASP N 76 51.55 43.73 -10.73
N ILE N 77 50.56 44.47 -11.23
CA ILE N 77 50.81 45.81 -11.73
C ILE N 77 50.89 46.80 -10.56
N THR N 78 50.38 46.41 -9.41
CA THR N 78 50.43 47.26 -8.22
C THR N 78 50.93 46.55 -6.97
N GLY N 79 50.21 45.54 -6.50
CA GLY N 79 50.38 45.04 -5.16
C GLY N 79 49.34 45.55 -4.19
N ASP N 80 48.24 46.12 -4.69
CA ASP N 80 47.20 46.73 -3.88
C ASP N 80 45.90 46.65 -4.66
N GLY N 81 44.79 46.75 -3.94
CA GLY N 81 43.49 46.79 -4.60
C GLY N 81 43.12 45.52 -5.33
N THR N 82 43.82 44.42 -5.05
CA THR N 82 43.41 43.15 -5.62
C THR N 82 42.07 42.71 -5.05
N THR N 83 41.80 43.09 -3.80
CA THR N 83 40.47 42.94 -3.22
C THR N 83 39.51 43.95 -3.84
N SER N 84 40.01 45.14 -4.17
CA SER N 84 39.17 46.16 -4.78
C SER N 84 38.49 45.68 -6.05
N ASN N 85 39.28 45.31 -7.05
CA ASN N 85 38.75 45.03 -8.39
C ASN N 85 37.52 44.14 -8.35
N VAL N 86 37.56 43.09 -7.54
CA VAL N 86 36.53 42.05 -7.62
C VAL N 86 35.15 42.64 -7.39
N LEU N 87 35.03 43.51 -6.39
CA LEU N 87 33.70 43.98 -5.99
C LEU N 87 33.12 44.97 -7.00
N ILE N 88 33.96 45.54 -7.86
CA ILE N 88 33.43 46.47 -8.85
C ILE N 88 32.73 45.73 -9.98
N ILE N 89 33.31 44.61 -10.42
CA ILE N 89 32.90 44.03 -11.70
C ILE N 89 31.50 43.46 -11.61
N GLY N 90 31.18 42.72 -10.54
CA GLY N 90 29.85 42.17 -10.41
C GLY N 90 28.82 43.24 -10.10
N GLU N 91 29.24 44.25 -9.32
CA GLU N 91 28.42 45.45 -9.16
C GLU N 91 28.07 46.05 -10.53
N LEU N 92 29.03 46.04 -11.46
CA LEU N 92 28.73 46.44 -12.82
C LEU N 92 27.85 45.40 -13.51
N LEU N 93 28.12 44.12 -13.26
CA LEU N 93 27.28 43.06 -13.83
C LEU N 93 25.86 43.15 -13.31
N LYS N 94 25.71 43.29 -11.99
CA LYS N 94 24.38 43.46 -11.40
C LYS N 94 23.64 44.61 -12.06
N GLN N 95 24.32 45.75 -12.20
CA GLN N 95 23.81 46.80 -13.08
C GLN N 95 23.52 46.27 -14.47
N ALA N 96 24.55 45.79 -15.17
CA ALA N 96 24.40 45.32 -16.53
C ALA N 96 23.28 44.31 -16.68
N ASP N 97 23.15 43.39 -15.72
CA ASP N 97 22.12 42.37 -15.81
C ASP N 97 20.73 42.97 -15.90
N LEU N 98 20.48 44.02 -15.11
CA LEU N 98 19.19 44.70 -15.15
C LEU N 98 18.81 45.07 -16.58
N TYR N 99 19.74 45.69 -17.31
CA TYR N 99 19.45 46.10 -18.67
C TYR N 99 19.27 44.88 -19.57
N ILE N 100 20.04 43.83 -19.30
CA ILE N 100 19.81 42.57 -19.99
C ILE N 100 18.57 41.90 -19.44
N SER N 101 18.29 42.08 -18.15
CA SER N 101 16.96 41.73 -17.65
C SER N 101 15.90 42.57 -18.35
N GLU N 102 16.26 43.79 -18.75
CA GLU N 102 15.40 44.58 -19.62
C GLU N 102 15.41 44.02 -21.04
N GLY N 103 16.26 43.03 -21.31
CA GLY N 103 16.36 42.44 -22.63
C GLY N 103 17.36 43.17 -23.49
N LEU N 104 17.71 44.39 -23.08
CA LEU N 104 18.66 45.21 -23.83
C LEU N 104 19.99 44.46 -23.89
N HIS N 105 20.49 44.30 -25.17
CA HIS N 105 21.56 43.42 -25.63
C HIS N 105 22.78 43.50 -24.73
N PRO N 106 23.33 42.36 -24.32
CA PRO N 106 24.66 42.41 -23.69
C PRO N 106 25.68 43.07 -24.60
N ARG N 107 25.50 42.94 -25.92
CA ARG N 107 26.32 43.69 -26.86
C ARG N 107 26.16 45.19 -26.70
N ILE N 108 24.91 45.67 -26.57
CA ILE N 108 24.73 47.10 -26.39
C ILE N 108 25.12 47.50 -24.98
N ILE N 109 25.05 46.56 -24.03
CA ILE N 109 25.52 46.84 -22.69
C ILE N 109 27.05 46.76 -22.64
N THR N 110 27.63 45.80 -23.37
CA THR N 110 29.09 45.70 -23.45
C THR N 110 29.69 46.99 -23.99
N GLU N 111 29.16 47.47 -25.11
CA GLU N 111 29.85 48.50 -25.89
C GLU N 111 29.73 49.87 -25.21
N GLY N 112 28.97 49.94 -24.13
CA GLY N 112 28.85 51.20 -23.41
C GLY N 112 29.78 51.32 -22.22
N PHE N 113 30.40 50.20 -21.82
CA PHE N 113 31.30 50.24 -20.67
C PHE N 113 32.53 51.10 -20.95
N GLU N 114 33.01 51.08 -22.19
CA GLU N 114 34.37 51.49 -22.47
C GLU N 114 34.53 53.00 -22.40
N ALA N 115 33.64 53.74 -23.05
CA ALA N 115 33.65 55.19 -22.91
C ALA N 115 33.53 55.57 -21.44
N ALA N 116 32.59 54.95 -20.73
CA ALA N 116 32.38 55.23 -19.32
C ALA N 116 33.66 55.06 -18.52
N LYS N 117 34.38 53.96 -18.73
CA LYS N 117 35.66 53.80 -18.05
C LYS N 117 36.62 54.92 -18.43
N GLU N 118 36.81 55.13 -19.74
CA GLU N 118 37.60 56.25 -20.22
C GLU N 118 37.17 57.55 -19.55
N LYS N 119 35.86 57.82 -19.52
CA LYS N 119 35.34 58.94 -18.76
C LYS N 119 35.93 58.98 -17.35
N ALA N 120 35.69 57.93 -16.56
CA ALA N 120 36.27 57.86 -15.23
C ALA N 120 37.79 57.86 -15.28
N LEU N 121 38.40 57.11 -16.20
CA LEU N 121 39.84 57.20 -16.40
C LEU N 121 40.28 58.65 -16.57
N GLN N 122 39.81 59.29 -17.64
CA GLN N 122 40.00 60.73 -17.81
C GLN N 122 39.64 61.49 -16.55
N PHE N 123 38.53 61.12 -15.90
CA PHE N 123 38.17 61.77 -14.66
C PHE N 123 39.15 61.48 -13.54
N LEU N 124 39.52 60.20 -13.34
CA LEU N 124 40.55 59.91 -12.35
C LEU N 124 41.87 60.55 -12.75
N GLU N 125 42.11 60.72 -14.06
CA GLU N 125 43.19 61.59 -14.50
C GLU N 125 42.95 63.03 -14.05
N GLU N 126 41.68 63.44 -13.93
CA GLU N 126 41.38 64.80 -13.47
C GLU N 126 41.50 64.90 -11.96
N VAL N 127 40.97 63.92 -11.24
CA VAL N 127 40.95 64.02 -9.78
C VAL N 127 42.29 63.61 -9.19
N LYS N 128 43.17 63.01 -9.99
CA LYS N 128 44.53 62.82 -9.52
C LYS N 128 45.20 64.18 -9.44
N VAL N 129 46.25 64.25 -8.62
CA VAL N 129 47.23 65.33 -8.71
C VAL N 129 48.59 64.70 -8.53
N SER N 130 49.62 65.40 -8.97
CA SER N 130 50.96 64.96 -8.62
C SER N 130 51.20 65.31 -7.16
N ARG N 131 51.42 64.29 -6.35
CA ARG N 131 51.63 64.45 -4.92
C ARG N 131 53.10 64.27 -4.61
N GLU N 132 53.41 64.27 -3.32
CA GLU N 132 54.79 64.03 -2.93
C GLU N 132 55.10 62.54 -2.96
N MET N 133 56.37 62.23 -3.21
CA MET N 133 56.92 60.91 -2.94
C MET N 133 57.55 60.87 -1.56
N ASP N 134 57.40 61.95 -0.79
CA ASP N 134 57.89 62.09 0.58
C ASP N 134 57.43 60.96 1.49
N ARG N 135 58.34 60.51 2.35
CA ARG N 135 58.02 59.44 3.30
C ARG N 135 56.71 59.70 4.02
N GLU N 136 56.54 60.91 4.56
CA GLU N 136 55.29 61.24 5.22
C GLU N 136 54.12 61.20 4.25
N THR N 137 54.28 61.75 3.05
CA THR N 137 53.26 61.60 2.03
C THR N 137 53.04 60.14 1.69
N LEU N 138 54.08 59.32 1.81
CA LEU N 138 53.92 57.89 1.64
C LEU N 138 53.17 57.27 2.82
N ILE N 139 53.45 57.74 4.04
CA ILE N 139 52.66 57.34 5.20
C ILE N 139 51.18 57.56 4.94
N ASP N 140 50.83 58.74 4.43
CA ASP N 140 49.46 59.00 4.01
C ASP N 140 48.94 57.90 3.10
N VAL N 141 49.78 57.44 2.17
CA VAL N 141 49.40 56.36 1.28
C VAL N 141 49.59 55.02 1.96
N ALA N 142 50.67 54.86 2.73
CA ALA N 142 50.97 53.58 3.35
C ALA N 142 49.88 53.18 4.34
N ARG N 143 49.49 54.12 5.19
CA ARG N 143 48.29 53.93 5.99
C ARG N 143 47.12 53.46 5.13
N THR N 144 46.92 54.08 3.98
CA THR N 144 45.75 53.81 3.15
C THR N 144 45.94 52.55 2.30
N SER N 145 47.13 52.38 1.72
CA SER N 145 47.41 51.22 0.89
C SER N 145 47.23 49.93 1.69
N LEU N 146 47.82 49.88 2.88
CA LEU N 146 47.77 48.66 3.68
C LEU N 146 46.34 48.33 4.12
N ARG N 147 45.61 49.32 4.64
CA ARG N 147 44.30 49.06 5.23
C ARG N 147 43.30 48.46 4.24
N THR N 148 43.20 49.00 3.03
CA THR N 148 42.32 48.39 2.04
C THR N 148 42.78 47.02 1.61
N LYS N 149 44.04 46.66 1.90
CA LYS N 149 44.49 45.28 1.69
C LYS N 149 44.65 44.55 3.01
N VAL N 150 45.61 44.95 3.83
CA VAL N 150 45.88 44.27 5.10
C VAL N 150 45.22 45.07 6.22
N HIS N 151 45.49 44.63 7.46
CA HIS N 151 44.79 45.18 8.62
C HIS N 151 45.35 46.55 9.03
N ALA N 152 44.49 47.36 9.67
CA ALA N 152 44.86 48.72 10.02
C ALA N 152 45.89 48.76 11.14
N GLU N 153 45.64 48.03 12.24
CA GLU N 153 46.65 47.95 13.30
C GLU N 153 47.95 47.40 12.74
N LEU N 154 47.88 46.36 11.92
CA LEU N 154 49.05 45.97 11.14
C LEU N 154 49.52 47.12 10.27
N ALA N 155 48.63 47.74 9.50
CA ALA N 155 48.99 48.87 8.66
C ALA N 155 49.79 49.90 9.46
N ASP N 156 49.28 50.31 10.62
CA ASP N 156 49.95 51.32 11.42
C ASP N 156 51.36 50.89 11.79
N VAL N 157 51.51 49.69 12.35
CA VAL N 157 52.84 49.24 12.76
C VAL N 157 53.68 48.92 11.52
N LEU N 158 53.03 48.61 10.40
CA LEU N 158 53.75 48.46 9.14
C LEU N 158 54.04 49.80 8.49
N THR N 159 53.19 50.81 8.68
CA THR N 159 53.23 52.03 7.88
C THR N 159 54.62 52.66 7.91
N GLU N 160 55.25 52.72 9.08
CA GLU N 160 56.57 53.33 9.15
C GLU N 160 57.63 52.42 8.54
N ALA N 161 57.58 51.13 8.82
CA ALA N 161 58.63 50.22 8.36
C ALA N 161 58.49 49.91 6.88
N VAL N 162 57.25 49.83 6.39
CA VAL N 162 57.03 49.59 4.96
C VAL N 162 57.61 50.73 4.13
N VAL N 163 57.32 51.97 4.50
CA VAL N 163 57.83 53.10 3.74
C VAL N 163 59.34 53.18 3.82
N ASP N 164 59.90 52.98 5.02
CA ASP N 164 61.34 53.06 5.21
C ASP N 164 62.10 52.16 4.25
N SER N 165 61.60 50.95 3.99
CA SER N 165 62.26 50.07 3.04
C SER N 165 62.21 50.66 1.63
N ILE N 166 61.02 51.01 1.16
CA ILE N 166 60.90 51.57 -0.18
C ILE N 166 61.48 52.98 -0.24
N LEU N 167 61.72 53.61 0.91
CA LEU N 167 62.45 54.87 0.92
C LEU N 167 63.94 54.66 0.78
N ALA N 168 64.42 53.45 1.12
CA ALA N 168 65.84 53.14 1.03
C ALA N 168 66.35 53.10 -0.40
N ILE N 169 65.47 53.29 -1.38
CA ILE N 169 65.86 53.19 -2.78
C ILE N 169 66.89 54.26 -3.13
N LYS N 170 67.61 53.99 -4.21
CA LYS N 170 68.58 54.90 -4.82
C LYS N 170 67.89 55.87 -5.78
N LYS N 171 66.57 55.97 -5.68
CA LYS N 171 65.66 56.40 -6.74
C LYS N 171 65.71 55.38 -7.85
N GLN N 172 65.22 54.18 -7.54
CA GLN N 172 64.88 53.17 -8.53
C GLN N 172 63.60 53.60 -9.22
N ASP N 173 63.42 53.17 -10.47
CA ASP N 173 62.20 53.42 -11.21
C ASP N 173 61.18 52.30 -11.00
N GLU N 174 61.48 51.35 -10.13
CA GLU N 174 60.66 50.15 -10.00
C GLU N 174 59.37 50.46 -9.23
N PRO N 175 58.21 50.08 -9.77
CA PRO N 175 56.96 50.24 -9.01
C PRO N 175 56.82 49.30 -7.83
N ILE N 176 57.58 48.20 -7.81
CA ILE N 176 57.69 47.31 -6.68
C ILE N 176 59.17 47.08 -6.43
N ASP N 177 59.52 46.65 -5.24
CA ASP N 177 60.92 46.53 -4.86
C ASP N 177 61.35 45.07 -4.71
N LEU N 178 62.25 44.65 -5.60
CA LEU N 178 62.85 43.32 -5.54
C LEU N 178 63.67 43.08 -4.30
N PHE N 179 64.74 43.86 -4.08
CA PHE N 179 65.65 43.63 -2.98
C PHE N 179 65.32 44.40 -1.71
N MET N 180 64.43 45.39 -1.77
CA MET N 180 63.92 45.99 -0.56
C MET N 180 63.05 45.02 0.21
N ILE N 181 62.63 43.94 -0.42
CA ILE N 181 62.01 42.82 0.28
C ILE N 181 63.10 41.80 0.55
N GLU N 182 63.53 41.72 1.80
CA GLU N 182 64.24 40.56 2.34
C GLU N 182 63.53 40.19 3.63
N ILE N 183 62.88 39.04 3.64
CA ILE N 183 61.99 38.70 4.74
C ILE N 183 62.67 37.64 5.59
N MET N 184 63.07 38.04 6.79
CA MET N 184 63.43 37.13 7.84
C MET N 184 62.19 36.91 8.71
N GLU N 185 62.00 35.67 9.13
CA GLU N 185 60.86 35.31 9.97
C GLU N 185 61.36 34.52 11.16
N MET N 186 60.57 34.48 12.22
CA MET N 186 61.02 33.81 13.42
C MET N 186 59.83 33.36 14.27
N LYS N 187 60.05 32.29 15.04
CA LYS N 187 59.18 31.92 16.14
C LYS N 187 59.56 32.75 17.35
N HIS N 188 58.61 33.52 17.87
CA HIS N 188 58.92 34.56 18.83
C HIS N 188 58.04 34.34 20.07
N LYS N 189 58.09 35.29 21.01
CA LYS N 189 57.02 35.46 21.97
C LYS N 189 55.99 36.46 21.50
N SER N 190 56.19 37.08 20.33
CA SER N 190 55.19 37.93 19.69
C SER N 190 54.74 37.25 18.41
N GLU N 191 53.48 36.82 18.38
CA GLU N 191 52.93 36.19 17.19
C GLU N 191 53.01 37.12 15.99
N THR N 192 52.99 38.43 16.22
CA THR N 192 53.26 39.40 15.17
C THR N 192 54.26 40.43 15.67
N ASP N 193 55.45 40.42 15.07
CA ASP N 193 56.45 41.44 15.27
C ASP N 193 57.31 41.49 14.01
N THR N 194 57.70 42.70 13.62
CA THR N 194 58.57 42.87 12.46
C THR N 194 59.63 43.91 12.75
N SER N 195 60.89 43.51 12.67
CA SER N 195 62.03 44.41 12.81
C SER N 195 62.40 44.95 11.44
N LEU N 196 62.80 46.21 11.41
CA LEU N 196 63.18 46.89 10.18
C LEU N 196 64.69 46.96 10.07
N ILE N 197 65.25 46.29 9.06
CA ILE N 197 66.69 46.20 8.87
C ILE N 197 67.05 46.60 7.45
N ARG N 198 67.79 47.69 7.31
CA ARG N 198 68.37 48.02 6.02
C ARG N 198 69.63 47.21 5.79
N GLY N 199 69.87 46.84 4.55
CA GLY N 199 70.94 45.91 4.23
C GLY N 199 70.43 44.48 4.17
N LEU N 200 71.37 43.56 4.03
CA LEU N 200 71.02 42.14 3.98
C LEU N 200 71.31 41.46 5.31
N VAL N 201 70.46 40.50 5.66
CA VAL N 201 70.68 39.61 6.78
C VAL N 201 70.87 38.21 6.22
N LEU N 202 71.64 37.39 6.94
CA LEU N 202 71.82 36.01 6.53
C LEU N 202 70.72 35.12 7.09
N ASP N 203 70.33 34.15 6.26
CA ASP N 203 69.54 33.02 6.73
C ASP N 203 70.11 32.46 8.02
N HIS N 204 71.29 31.84 7.94
CA HIS N 204 71.98 31.37 9.12
C HIS N 204 73.40 31.89 9.08
N GLY N 205 73.95 32.14 10.26
CA GLY N 205 75.39 32.30 10.39
C GLY N 205 75.99 31.14 11.13
N ALA N 206 77.22 31.30 11.61
CA ALA N 206 77.74 30.49 12.69
C ALA N 206 78.43 31.42 13.67
N ARG N 207 77.89 31.48 14.88
CA ARG N 207 78.45 32.40 15.86
C ARG N 207 79.28 31.61 16.87
N HIS N 208 80.52 32.05 17.03
CA HIS N 208 81.43 31.56 18.05
C HIS N 208 82.02 32.76 18.78
N PRO N 209 82.22 32.65 20.09
CA PRO N 209 83.08 33.64 20.77
C PRO N 209 84.49 33.67 20.22
N ASP N 210 85.00 32.54 19.73
CA ASP N 210 86.26 32.54 19.00
C ASP N 210 86.17 33.44 17.77
N MET N 211 85.14 33.25 16.95
CA MET N 211 84.84 34.20 15.88
C MET N 211 84.57 35.57 16.49
N LYS N 212 84.91 36.60 15.74
CA LYS N 212 84.65 37.95 16.22
C LYS N 212 83.15 38.18 16.31
N LYS N 213 82.68 38.55 17.51
CA LYS N 213 81.26 38.85 17.66
C LYS N 213 80.86 40.08 16.85
N ARG N 214 81.77 41.04 16.73
CA ARG N 214 81.54 42.24 15.95
C ARG N 214 82.60 42.34 14.87
N VAL N 215 82.18 42.28 13.61
CA VAL N 215 83.08 42.52 12.50
C VAL N 215 82.72 43.88 11.90
N GLU N 216 83.55 44.87 12.20
CA GLU N 216 83.33 46.24 11.71
C GLU N 216 83.81 46.45 10.29
N ASP N 217 85.04 46.03 9.96
CA ASP N 217 85.41 46.04 8.56
C ASP N 217 85.26 44.62 8.05
N ALA N 218 84.22 44.39 7.26
CA ALA N 218 83.76 43.05 6.98
C ALA N 218 84.07 42.72 5.53
N TYR N 219 85.03 41.84 5.33
CA TYR N 219 85.29 41.32 4.00
C TYR N 219 84.66 39.94 3.98
N ILE N 220 83.54 39.84 3.28
CA ILE N 220 82.67 38.69 3.39
C ILE N 220 82.99 37.74 2.25
N LEU N 221 83.46 36.55 2.60
CA LEU N 221 83.75 35.53 1.61
C LEU N 221 82.59 34.56 1.62
N THR N 222 81.75 34.65 0.60
CA THR N 222 80.45 34.00 0.58
C THR N 222 80.50 32.88 -0.44
N CYS N 223 80.48 31.64 0.03
CA CYS N 223 80.90 30.53 -0.79
C CYS N 223 79.92 29.37 -0.70
N ASN N 224 79.61 28.81 -1.86
CA ASN N 224 78.77 27.62 -1.97
C ASN N 224 79.59 26.39 -1.65
N VAL N 225 80.57 26.07 -2.49
CA VAL N 225 81.50 24.99 -2.20
C VAL N 225 82.25 25.35 -0.93
N SER N 226 82.25 24.42 0.02
CA SER N 226 82.64 24.76 1.37
C SER N 226 83.97 24.14 1.78
N LEU N 227 84.25 24.33 3.08
CA LEU N 227 85.54 24.00 3.67
C LEU N 227 86.02 22.58 3.36
N GLU N 228 85.09 21.67 3.07
CA GLU N 228 85.47 20.27 2.87
C GLU N 228 86.31 20.10 1.61
N TYR N 229 86.42 21.13 0.79
CA TYR N 229 87.14 21.00 -0.47
C TYR N 229 88.28 22.00 -0.55
N GLU N 230 89.06 21.91 -1.63
CA GLU N 230 90.36 22.58 -1.75
C GLU N 230 90.49 23.24 -3.11
N LYS N 231 90.60 24.57 -3.11
CA LYS N 231 90.63 25.41 -4.31
C LYS N 231 89.61 24.93 -5.33
N THR N 232 88.33 24.94 -4.94
CA THR N 232 87.28 24.40 -5.78
C THR N 232 86.07 25.32 -5.75
N GLU N 233 85.67 25.78 -6.93
CA GLU N 233 84.33 26.32 -7.13
C GLU N 233 83.35 25.20 -7.44
N VAL N 234 83.82 23.95 -7.43
CA VAL N 234 83.01 22.79 -7.76
C VAL N 234 83.35 21.66 -6.80
N ASN N 235 82.32 20.93 -6.38
CA ASN N 235 82.53 19.83 -5.44
C ASN N 235 83.32 18.72 -6.12
N SER N 236 83.98 17.89 -5.30
CA SER N 236 84.83 16.81 -5.79
C SER N 236 84.12 15.47 -5.64
N GLY N 237 84.37 14.57 -6.57
CA GLY N 237 83.67 13.30 -6.62
C GLY N 237 84.00 12.32 -5.50
N PHE N 238 82.98 11.63 -5.02
CA PHE N 238 83.13 10.59 -4.01
C PHE N 238 82.98 9.23 -4.67
N PHE N 239 83.75 8.26 -4.20
CA PHE N 239 83.48 6.87 -4.54
C PHE N 239 83.44 6.05 -3.27
N TYR N 240 82.24 5.60 -2.90
CA TYR N 240 82.07 4.69 -1.77
C TYR N 240 81.87 3.27 -2.27
N LYS N 241 81.91 3.08 -3.58
CA LYS N 241 81.62 1.80 -4.22
C LYS N 241 82.49 0.67 -3.72
N SER N 242 83.78 0.90 -3.49
CA SER N 242 84.70 -0.18 -3.16
C SER N 242 85.52 0.20 -1.94
N ALA N 243 86.22 -0.78 -1.38
CA ALA N 243 86.92 -0.57 -0.12
C ALA N 243 88.16 0.31 -0.31
N GLU N 244 89.03 -0.03 -1.27
CA GLU N 244 90.31 0.64 -1.38
C GLU N 244 90.15 2.08 -1.88
N GLU N 245 89.09 2.35 -2.63
CA GLU N 245 88.83 3.73 -3.02
C GLU N 245 88.31 4.55 -1.83
N ARG N 246 87.42 3.96 -1.03
CA ARG N 246 86.93 4.65 0.17
C ARG N 246 88.04 4.76 1.21
N GLU N 247 88.94 3.77 1.23
CA GLU N 247 90.05 3.80 2.17
C GLU N 247 90.95 5.01 1.94
N LYS N 248 91.10 5.42 0.69
CA LYS N 248 91.93 6.59 0.38
C LYS N 248 91.09 7.85 0.33
N LEU N 249 89.77 7.72 0.50
CA LEU N 249 88.89 8.88 0.42
C LEU N 249 88.89 9.68 1.72
N VAL N 250 88.86 8.99 2.87
CA VAL N 250 88.66 9.69 4.13
C VAL N 250 89.97 10.29 4.64
N LYS N 251 91.11 9.84 4.13
CA LYS N 251 92.39 10.33 4.62
C LYS N 251 92.73 11.69 4.03
N ALA N 252 92.55 11.86 2.72
CA ALA N 252 92.97 13.06 2.02
C ALA N 252 91.97 14.20 2.12
N GLU N 253 90.73 13.92 2.51
CA GLU N 253 89.71 14.95 2.59
C GLU N 253 90.11 16.04 3.59
N ARG N 254 90.85 15.67 4.63
CA ARG N 254 91.32 16.66 5.59
C ARG N 254 92.31 17.64 4.97
N LYS N 255 93.06 17.19 3.96
CA LYS N 255 93.86 18.12 3.17
C LYS N 255 92.97 19.14 2.47
N PHE N 256 91.93 18.64 1.80
CA PHE N 256 90.89 19.53 1.28
C PHE N 256 90.31 20.39 2.40
N ILE N 257 90.19 19.83 3.60
CA ILE N 257 89.73 20.60 4.75
C ILE N 257 90.81 21.59 5.18
N GLU N 258 92.05 21.12 5.31
CA GLU N 258 93.12 21.96 5.86
C GLU N 258 93.45 23.13 4.95
N ASP N 259 93.71 22.86 3.67
CA ASP N 259 94.06 23.95 2.77
C ASP N 259 92.95 24.99 2.71
N ARG N 260 91.69 24.54 2.66
CA ARG N 260 90.58 25.48 2.59
C ARG N 260 90.59 26.43 3.77
N VAL N 261 90.46 25.92 5.00
CA VAL N 261 90.57 26.78 6.17
C VAL N 261 91.88 27.56 6.12
N LYS N 262 92.96 26.94 5.65
CA LYS N 262 94.19 27.68 5.43
C LYS N 262 93.99 28.79 4.40
N LYS N 263 93.27 28.49 3.32
CA LYS N 263 93.00 29.50 2.30
C LYS N 263 92.40 30.75 2.91
N ILE N 264 91.54 30.60 3.92
CA ILE N 264 90.94 31.79 4.55
C ILE N 264 91.93 32.44 5.50
N ILE N 265 92.55 31.65 6.37
CA ILE N 265 93.30 32.22 7.48
C ILE N 265 94.52 32.99 6.97
N GLU N 266 95.19 32.45 5.95
CA GLU N 266 96.24 33.22 5.30
C GLU N 266 95.65 34.40 4.55
N LEU N 267 94.42 34.26 4.06
CA LEU N 267 93.82 35.35 3.30
C LEU N 267 93.25 36.43 4.21
N LYS N 268 92.69 36.06 5.37
CA LYS N 268 92.34 37.08 6.34
C LYS N 268 93.54 37.96 6.65
N ARG N 269 94.67 37.33 6.99
CA ARG N 269 95.92 38.07 7.15
C ARG N 269 96.17 38.97 5.96
N LYS N 270 96.05 38.42 4.75
CA LYS N 270 96.07 39.23 3.53
C LYS N 270 94.94 40.25 3.53
N VAL N 271 93.70 39.78 3.45
CA VAL N 271 92.56 40.65 3.18
C VAL N 271 92.25 41.54 4.38
N CYS N 272 91.98 40.95 5.53
CA CYS N 272 91.52 41.72 6.69
C CYS N 272 92.64 42.11 7.63
N GLY N 273 93.89 41.82 7.29
CA GLY N 273 94.90 41.99 8.30
C GLY N 273 94.83 40.82 9.26
N ASP N 274 95.66 40.91 10.31
CA ASP N 274 95.79 39.75 11.18
C ASP N 274 94.63 39.70 12.17
N SER N 275 94.69 40.53 13.21
CA SER N 275 93.47 40.87 13.94
C SER N 275 92.93 42.23 13.53
N ASP N 276 93.56 42.91 12.57
CA ASP N 276 93.31 44.33 12.34
C ASP N 276 91.86 44.60 11.95
N LYS N 277 91.29 43.78 11.07
CA LYS N 277 89.87 43.87 10.77
C LYS N 277 89.22 42.55 11.15
N GLY N 278 87.90 42.49 11.04
CA GLY N 278 87.20 41.24 11.17
C GLY N 278 87.05 40.60 9.81
N PHE N 279 87.01 39.27 9.75
CA PHE N 279 86.81 38.58 8.49
C PHE N 279 85.47 37.87 8.53
N VAL N 280 84.86 37.70 7.37
CA VAL N 280 83.61 36.98 7.26
C VAL N 280 83.75 35.87 6.21
N VAL N 281 83.70 34.63 6.67
CA VAL N 281 83.44 33.48 5.83
C VAL N 281 81.94 33.21 5.85
N ILE N 282 81.36 33.04 4.68
CA ILE N 282 80.03 32.48 4.56
C ILE N 282 80.19 31.08 3.98
N ASN N 283 79.72 30.09 4.72
CA ASN N 283 79.51 28.76 4.20
C ASN N 283 78.03 28.58 3.89
N GLN N 284 77.71 28.61 2.60
CA GLN N 284 76.36 28.35 2.14
C GLN N 284 75.98 26.90 2.32
N LYS N 285 76.99 26.04 2.52
CA LYS N 285 76.85 24.66 2.95
C LYS N 285 77.41 24.54 4.35
N GLY N 286 77.51 23.31 4.83
CA GLY N 286 78.05 23.09 6.17
C GLY N 286 79.47 23.58 6.32
N ILE N 287 79.88 23.68 7.58
CA ILE N 287 81.19 24.17 7.96
C ILE N 287 82.00 23.01 8.52
N ASP N 288 83.32 22.91 8.09
CA ASP N 288 84.06 21.75 8.57
C ASP N 288 84.32 21.83 10.06
N PRO N 289 84.34 20.67 10.73
CA PRO N 289 84.60 20.67 12.18
C PRO N 289 85.95 21.25 12.56
N PHE N 290 87.02 20.89 11.86
CA PHE N 290 88.29 21.59 12.07
C PHE N 290 88.15 23.06 11.69
N SER N 291 87.72 23.32 10.46
CA SER N 291 87.64 24.67 9.95
C SER N 291 86.66 25.54 10.73
N LEU N 292 85.64 24.93 11.34
CA LEU N 292 84.68 25.70 12.12
C LEU N 292 85.38 26.46 13.24
N ASP N 293 86.08 25.75 14.12
CA ASP N 293 86.76 26.41 15.22
C ASP N 293 88.10 26.98 14.78
N ALA N 294 88.63 26.49 13.65
CA ALA N 294 89.89 27.05 13.13
C ALA N 294 89.65 28.42 12.50
N LEU N 295 88.66 28.53 11.62
CA LEU N 295 88.25 29.86 11.16
C LEU N 295 87.79 30.71 12.33
N SER N 296 87.19 30.07 13.34
CA SER N 296 86.74 30.81 14.51
C SER N 296 87.88 31.57 15.18
N LYS N 297 88.96 30.86 15.52
CA LYS N 297 89.98 31.44 16.39
C LYS N 297 90.94 32.35 15.62
N GLU N 298 90.80 32.44 14.30
CA GLU N 298 91.70 33.28 13.53
C GLU N 298 91.14 34.68 13.34
N GLY N 299 89.99 34.98 13.92
CA GLY N 299 89.35 36.28 13.74
C GLY N 299 88.31 36.23 12.66
N ILE N 300 88.43 35.23 11.78
CA ILE N 300 87.45 34.95 10.73
C ILE N 300 86.14 34.61 11.40
N VAL N 301 85.04 35.07 10.84
CA VAL N 301 83.72 34.58 11.21
C VAL N 301 83.20 33.75 10.04
N ALA N 302 83.17 32.44 10.23
CA ALA N 302 82.58 31.53 9.24
C ALA N 302 81.09 31.42 9.49
N LEU N 303 80.31 31.59 8.43
CA LEU N 303 78.87 31.65 8.55
C LEU N 303 78.23 30.47 7.84
N ARG N 304 77.64 29.57 8.62
CA ARG N 304 76.95 28.39 8.12
C ARG N 304 75.62 28.81 7.49
N ARG N 305 75.36 28.29 6.29
CA ARG N 305 74.06 28.46 5.64
C ARG N 305 73.67 29.91 5.39
N ALA N 306 74.30 30.55 4.41
CA ALA N 306 73.67 31.70 3.78
C ALA N 306 73.07 31.22 2.46
N LYS N 307 71.94 31.82 2.11
CA LYS N 307 71.18 31.36 0.97
C LYS N 307 71.90 31.71 -0.33
N ARG N 308 71.28 31.32 -1.45
CA ARG N 308 71.67 31.87 -2.74
C ARG N 308 71.04 33.24 -2.94
N ARG N 309 69.97 33.52 -2.20
CA ARG N 309 69.38 34.84 -2.19
C ARG N 309 70.17 35.79 -1.29
N ASN N 310 70.66 35.29 -0.16
CA ASN N 310 71.67 36.02 0.59
C ASN N 310 72.90 36.26 -0.26
N MET N 311 73.31 35.26 -1.04
CA MET N 311 74.42 35.41 -1.96
C MET N 311 74.24 36.63 -2.86
N GLU N 312 73.09 36.75 -3.51
CA GLU N 312 72.91 37.79 -4.51
C GLU N 312 72.64 39.15 -3.87
N ARG N 313 71.83 39.19 -2.81
CA ARG N 313 71.59 40.46 -2.14
C ARG N 313 72.87 41.03 -1.55
N LEU N 314 73.66 40.19 -0.86
CA LEU N 314 74.94 40.62 -0.33
C LEU N 314 75.77 41.32 -1.40
N THR N 315 76.11 40.60 -2.48
CA THR N 315 76.88 41.19 -3.57
C THR N 315 76.31 42.54 -3.99
N LEU N 316 75.00 42.60 -4.22
CA LEU N 316 74.37 43.86 -4.55
C LEU N 316 74.45 44.84 -3.40
N ALA N 317 74.03 44.42 -2.21
CA ALA N 317 74.04 45.31 -1.05
C ALA N 317 75.45 45.76 -0.70
N CYS N 318 76.36 44.82 -0.45
CA CYS N 318 77.68 45.19 0.06
C CYS N 318 78.62 45.61 -1.06
N GLY N 319 78.18 45.53 -2.31
CA GLY N 319 79.03 45.95 -3.41
C GLY N 319 80.13 44.99 -3.79
N GLY N 320 80.38 43.95 -2.98
CA GLY N 320 81.35 42.93 -3.30
C GLY N 320 80.74 41.86 -4.18
N VAL N 321 81.37 40.68 -4.15
CA VAL N 321 80.84 39.53 -4.86
C VAL N 321 81.05 38.27 -4.03
N ALA N 322 80.03 37.42 -4.03
CA ALA N 322 80.09 36.12 -3.38
C ALA N 322 80.94 35.20 -4.24
N LEU N 323 81.73 34.36 -3.60
CA LEU N 323 82.55 33.40 -4.32
C LEU N 323 81.88 32.04 -4.29
N ASN N 324 82.53 31.05 -4.88
CA ASN N 324 82.24 29.67 -4.51
C ASN N 324 83.29 29.13 -3.56
N SER N 325 84.31 29.91 -3.23
CA SER N 325 85.55 29.35 -2.72
C SER N 325 86.28 30.33 -1.82
N PHE N 326 87.15 29.76 -1.00
CA PHE N 326 87.89 30.45 0.05
C PHE N 326 89.31 30.83 -0.35
N ASP N 327 89.68 30.62 -1.61
CA ASP N 327 91.06 30.80 -2.06
C ASP N 327 91.52 32.24 -1.88
N ASP N 328 92.84 32.41 -1.84
CA ASP N 328 93.42 33.73 -1.66
C ASP N 328 93.00 34.66 -2.80
N LEU N 329 92.41 35.78 -2.43
CA LEU N 329 91.86 36.72 -3.40
C LEU N 329 91.76 38.10 -2.74
N SER N 330 91.61 39.13 -3.57
CA SER N 330 91.56 40.49 -3.08
C SER N 330 90.37 40.70 -2.13
N PRO N 331 90.44 41.71 -1.25
CA PRO N 331 89.31 41.99 -0.36
C PRO N 331 88.07 42.49 -1.07
N ASP N 332 88.20 43.22 -2.17
CA ASP N 332 87.05 43.81 -2.84
C ASP N 332 86.08 42.79 -3.40
N CYS N 333 86.56 41.77 -4.10
CA CYS N 333 85.71 40.66 -4.51
C CYS N 333 84.93 40.09 -3.35
N LEU N 334 85.62 39.69 -2.29
CA LEU N 334 84.98 39.33 -1.03
C LEU N 334 84.04 40.45 -0.61
N GLY N 335 82.79 40.08 -0.36
CA GLY N 335 81.79 41.07 -0.05
C GLY N 335 82.20 41.94 1.12
N HIS N 336 81.94 43.24 1.00
CA HIS N 336 82.16 44.13 2.12
C HIS N 336 80.93 44.97 2.40
N ALA N 337 80.26 44.66 3.50
CA ALA N 337 79.27 45.53 4.10
C ALA N 337 79.91 46.14 5.32
N GLY N 338 79.72 47.44 5.52
CA GLY N 338 80.38 48.15 6.58
C GLY N 338 80.09 47.63 7.97
N LEU N 339 79.13 46.71 8.10
CA LEU N 339 78.99 45.92 9.31
C LEU N 339 78.56 44.51 8.92
N VAL N 340 79.26 43.50 9.43
CA VAL N 340 78.71 42.17 9.54
C VAL N 340 78.48 41.86 11.01
N TYR N 341 77.22 41.65 11.35
CA TYR N 341 76.82 41.39 12.72
C TYR N 341 75.86 40.22 12.69
N GLU N 342 76.24 39.13 13.35
CA GLU N 342 75.38 37.96 13.42
C GLU N 342 74.51 38.12 14.64
N TYR N 343 73.23 38.36 14.39
CA TYR N 343 72.26 38.63 15.44
C TYR N 343 71.41 37.38 15.61
N THR N 344 71.63 36.66 16.69
CA THR N 344 70.94 35.40 16.94
C THR N 344 69.69 35.72 17.75
N LEU N 345 68.54 35.60 17.11
CA LEU N 345 67.27 35.88 17.77
C LEU N 345 66.41 34.63 17.65
N GLY N 346 65.74 34.27 18.73
CA GLY N 346 65.13 32.96 18.79
C GLY N 346 66.21 31.88 18.76
N GLU N 347 65.93 30.79 18.05
CA GLU N 347 66.92 29.77 17.79
C GLU N 347 67.68 30.02 16.49
N GLU N 348 67.32 31.06 15.76
CA GLU N 348 67.87 31.35 14.45
C GLU N 348 68.95 32.42 14.57
N LYS N 349 70.06 32.17 13.88
CA LYS N 349 71.20 33.08 13.88
C LYS N 349 71.13 33.93 12.62
N PHE N 350 70.81 35.21 12.79
CA PHE N 350 70.65 36.13 11.69
C PHE N 350 71.92 36.95 11.58
N THR N 351 72.68 36.75 10.52
CA THR N 351 73.89 37.52 10.30
C THR N 351 73.54 38.74 9.47
N PHE N 352 73.61 39.91 10.09
CA PHE N 352 73.47 41.16 9.37
C PHE N 352 74.74 41.37 8.55
N ILE N 353 74.55 41.68 7.27
CA ILE N 353 75.56 42.41 6.53
C ILE N 353 74.99 43.80 6.29
N GLU N 354 75.57 44.79 6.96
CA GLU N 354 74.96 46.10 7.09
C GLU N 354 76.00 47.19 6.84
N LYS N 355 75.51 48.43 6.75
CA LYS N 355 76.25 49.50 6.10
C LYS N 355 76.65 48.97 4.73
N CYS N 356 75.64 48.72 3.90
CA CYS N 356 75.85 48.09 2.62
C CYS N 356 76.13 49.15 1.56
N ASN N 357 77.05 48.83 0.64
CA ASN N 357 77.38 49.75 -0.43
C ASN N 357 76.15 50.12 -1.25
N ASN N 358 75.21 49.19 -1.36
CA ASN N 358 73.87 49.50 -1.87
C ASN N 358 72.86 49.22 -0.77
N PRO N 359 72.15 50.21 -0.24
CA PRO N 359 70.97 49.90 0.55
C PRO N 359 69.79 49.58 -0.36
N ARG N 360 70.06 48.74 -1.35
CA ARG N 360 69.05 48.19 -2.23
C ARG N 360 68.39 47.04 -1.50
N SER N 361 69.18 46.04 -1.14
CA SER N 361 68.74 45.02 -0.21
C SER N 361 68.43 45.69 1.13
N VAL N 362 67.21 45.53 1.62
CA VAL N 362 66.86 45.85 2.99
C VAL N 362 65.95 44.74 3.50
N THR N 363 66.05 44.47 4.79
CA THR N 363 65.50 43.26 5.39
C THR N 363 64.43 43.60 6.41
N LEU N 364 63.41 42.76 6.51
CA LEU N 364 62.46 42.83 7.61
C LEU N 364 62.39 41.48 8.30
N LEU N 365 62.66 41.46 9.60
CA LEU N 365 62.58 40.24 10.39
C LEU N 365 61.18 40.13 10.96
N ILE N 366 60.43 39.18 10.43
CA ILE N 366 59.07 38.91 10.87
C ILE N 366 59.14 38.03 12.11
N LYS N 367 58.14 38.10 12.98
CA LYS N 367 58.08 37.27 14.17
C LYS N 367 56.71 36.64 14.34
N GLY N 368 56.71 35.33 14.57
CA GLY N 368 55.68 34.75 15.39
C GLY N 368 55.92 33.30 15.73
N PRO N 369 55.49 32.89 16.93
CA PRO N 369 55.42 31.45 17.21
C PRO N 369 54.30 30.77 16.45
N ASN N 370 53.17 31.46 16.29
CA ASN N 370 52.05 30.91 15.55
C ASN N 370 52.22 31.18 14.06
N LYS N 371 52.11 30.12 13.26
CA LYS N 371 52.40 30.27 11.83
C LYS N 371 51.36 31.11 11.12
N HIS N 372 50.08 30.91 11.45
CA HIS N 372 49.02 31.68 10.80
C HIS N 372 49.21 33.18 11.03
N THR N 373 49.63 33.56 12.23
CA THR N 373 50.06 34.94 12.46
C THR N 373 51.30 35.25 11.64
N LEU N 374 52.32 34.39 11.75
CA LEU N 374 53.52 34.53 10.93
C LEU N 374 53.16 34.53 9.45
N THR N 375 52.09 33.82 9.07
CA THR N 375 51.59 33.92 7.72
C THR N 375 51.02 35.31 7.45
N GLN N 376 50.10 35.76 8.30
CA GLN N 376 49.43 37.04 8.09
C GLN N 376 50.41 38.19 7.99
N ILE N 377 51.14 38.46 9.07
CA ILE N 377 51.96 39.68 9.13
C ILE N 377 53.05 39.64 8.08
N LYS N 378 53.70 38.50 7.89
CA LYS N 378 54.70 38.39 6.84
C LYS N 378 54.08 38.64 5.47
N ASP N 379 52.83 38.20 5.28
CA ASP N 379 52.10 38.58 4.08
C ASP N 379 51.64 40.03 4.12
N ALA N 380 51.44 40.58 5.32
CA ALA N 380 50.90 41.93 5.44
C ALA N 380 51.92 42.97 5.03
N VAL N 381 53.21 42.61 5.05
CA VAL N 381 54.25 43.59 4.75
C VAL N 381 54.34 43.83 3.25
N ARG N 382 54.15 42.79 2.45
CA ARG N 382 54.52 42.82 1.04
C ARG N 382 53.66 43.80 0.25
N ASP N 383 52.33 43.65 0.35
CA ASP N 383 51.43 44.48 -0.45
C ASP N 383 51.72 45.96 -0.33
N GLY N 384 51.81 46.49 0.90
CA GLY N 384 52.21 47.87 1.08
C GLY N 384 53.54 48.17 0.42
N LEU N 385 54.56 47.34 0.68
CA LEU N 385 55.84 47.52 0.00
C LEU N 385 55.64 47.65 -1.50
N ARG N 386 54.81 46.79 -2.08
CA ARG N 386 54.45 46.96 -3.50
C ARG N 386 53.52 48.15 -3.68
N ALA N 387 52.48 48.26 -2.86
CA ALA N 387 51.57 49.39 -2.93
C ALA N 387 52.31 50.71 -2.72
N VAL N 388 52.83 50.92 -1.51
CA VAL N 388 53.36 52.22 -1.14
C VAL N 388 54.51 52.63 -2.05
N LYS N 389 55.20 51.66 -2.65
CA LYS N 389 56.18 51.99 -3.68
C LYS N 389 55.51 52.70 -4.85
N ASN N 390 54.28 52.30 -5.19
CA ASN N 390 53.55 52.99 -6.25
C ASN N 390 53.24 54.43 -5.87
N ALA N 391 53.39 54.76 -4.60
CA ALA N 391 53.35 56.17 -4.22
C ALA N 391 54.72 56.83 -4.41
N ILE N 392 55.80 56.10 -4.10
CA ILE N 392 57.12 56.73 -4.11
C ILE N 392 57.76 56.59 -5.49
N ASP N 393 57.23 55.71 -6.33
CA ASP N 393 57.69 55.70 -7.72
C ASP N 393 57.00 56.80 -8.52
N ASP N 394 55.73 57.04 -8.20
CA ASP N 394 54.90 57.95 -8.96
C ASP N 394 54.80 59.31 -8.28
N GLY N 395 55.13 60.35 -9.03
CA GLY N 395 54.85 61.69 -8.56
C GLY N 395 53.39 61.96 -8.33
N CYS N 396 52.51 61.28 -9.05
CA CYS N 396 51.08 61.37 -8.87
C CYS N 396 50.64 60.30 -7.89
N VAL N 397 49.68 60.65 -7.02
CA VAL N 397 48.94 59.69 -6.22
C VAL N 397 47.47 60.08 -6.35
N VAL N 398 46.62 59.10 -6.59
CA VAL N 398 45.18 59.31 -6.67
C VAL N 398 44.63 59.36 -5.25
N PRO N 399 43.74 60.30 -4.92
CA PRO N 399 43.17 60.31 -3.57
C PRO N 399 42.28 59.10 -3.34
N GLY N 400 42.32 58.59 -2.12
CA GLY N 400 41.62 57.36 -1.80
C GLY N 400 40.30 57.54 -1.08
N ALA N 401 39.97 56.58 -0.22
CA ALA N 401 38.76 56.56 0.60
C ALA N 401 37.49 56.74 -0.21
N GLY N 402 37.48 56.31 -1.47
CA GLY N 402 36.27 56.34 -2.27
C GLY N 402 35.71 57.71 -2.57
N ALA N 403 36.43 58.77 -2.20
CA ALA N 403 35.91 60.12 -2.45
C ALA N 403 35.83 60.41 -3.94
N VAL N 404 36.64 59.73 -4.74
CA VAL N 404 36.69 60.00 -6.17
C VAL N 404 35.63 59.20 -6.91
N GLU N 405 35.05 58.20 -6.27
CA GLU N 405 34.08 57.35 -6.95
C GLU N 405 32.71 58.03 -7.00
N VAL N 406 32.30 58.65 -5.90
CA VAL N 406 31.13 59.53 -5.93
C VAL N 406 31.38 60.69 -6.86
N ALA N 407 32.65 60.99 -7.10
CA ALA N 407 33.02 62.17 -7.84
C ALA N 407 32.79 61.98 -9.34
N MET N 408 33.08 60.77 -9.84
CA MET N 408 32.84 60.51 -11.26
C MET N 408 31.39 60.19 -11.53
N ALA N 409 30.74 59.43 -10.64
CA ALA N 409 29.36 58.98 -10.90
C ALA N 409 28.49 60.15 -11.33
N GLU N 410 28.63 61.30 -10.68
CA GLU N 410 27.95 62.50 -11.17
C GLU N 410 28.73 63.16 -12.29
N ALA N 411 30.07 63.12 -12.24
CA ALA N 411 30.85 63.66 -13.34
C ALA N 411 30.62 62.86 -14.62
N LEU N 412 29.96 61.72 -14.50
CA LEU N 412 29.52 60.91 -15.63
C LEU N 412 28.16 61.37 -16.13
N ILE N 413 27.73 62.56 -15.69
CA ILE N 413 26.37 63.07 -15.85
C ILE N 413 25.91 62.81 -17.28
N LYS N 414 24.66 62.39 -17.40
CA LYS N 414 24.30 61.50 -18.47
C LYS N 414 23.61 62.26 -19.60
N HIS N 415 23.32 61.53 -20.67
CA HIS N 415 22.99 62.09 -21.98
C HIS N 415 24.18 62.85 -22.53
N LYS N 416 25.19 63.01 -21.71
CA LYS N 416 26.55 63.07 -22.22
C LYS N 416 26.67 61.86 -23.13
N PRO N 417 26.12 60.70 -22.76
CA PRO N 417 25.84 59.67 -23.76
C PRO N 417 24.46 59.83 -24.37
N SER N 418 24.29 60.91 -25.13
CA SER N 418 23.09 61.11 -25.93
C SER N 418 23.17 60.24 -27.18
N VAL N 419 24.29 59.53 -27.33
CA VAL N 419 24.55 58.74 -28.54
C VAL N 419 23.38 57.82 -28.86
N LYS N 420 23.19 56.78 -28.06
CA LYS N 420 22.17 55.77 -28.30
C LYS N 420 21.31 55.60 -27.05
N GLY N 421 21.97 55.41 -25.92
CA GLY N 421 21.34 54.88 -24.74
C GLY N 421 21.85 53.52 -24.33
N ARG N 422 22.61 52.85 -25.20
CA ARG N 422 23.37 51.68 -24.74
C ARG N 422 24.63 52.11 -24.00
N ALA N 423 25.37 53.07 -24.56
CA ALA N 423 26.45 53.69 -23.81
C ALA N 423 25.90 54.44 -22.61
N GLN N 424 24.71 55.02 -22.77
CA GLN N 424 24.04 55.68 -21.65
C GLN N 424 23.74 54.68 -20.53
N LEU N 425 23.46 53.43 -20.87
CA LEU N 425 23.43 52.40 -19.85
C LEU N 425 24.84 51.98 -19.46
N GLY N 426 25.74 51.86 -20.45
CA GLY N 426 27.11 51.53 -20.15
C GLY N 426 27.73 52.50 -19.18
N VAL N 427 27.33 53.77 -19.24
CA VAL N 427 27.76 54.72 -18.20
C VAL N 427 26.90 54.56 -16.95
N GLN N 428 25.60 54.34 -17.13
CA GLN N 428 24.71 54.25 -15.97
C GLN N 428 25.03 53.01 -15.14
N ALA N 429 25.31 51.90 -15.81
CA ALA N 429 25.81 50.74 -15.10
C ALA N 429 27.16 51.04 -14.47
N PHE N 430 27.99 51.82 -15.15
CA PHE N 430 29.36 52.03 -14.70
C PHE N 430 29.41 53.00 -13.54
N ALA N 431 28.55 54.03 -13.54
CA ALA N 431 28.55 55.00 -12.46
C ALA N 431 28.29 54.32 -11.12
N ASP N 432 27.47 53.26 -11.12
CA ASP N 432 27.14 52.57 -9.89
C ASP N 432 28.24 51.59 -9.48
N ALA N 433 28.93 50.98 -10.45
CA ALA N 433 30.04 50.10 -10.11
C ALA N 433 31.17 50.87 -9.44
N LEU N 434 31.32 52.16 -9.75
CA LEU N 434 32.31 53.00 -9.08
C LEU N 434 32.13 52.96 -7.58
N LEU N 435 30.89 52.97 -7.12
CA LEU N 435 30.57 53.26 -5.73
C LEU N 435 30.63 52.04 -4.82
N ILE N 436 30.98 50.86 -5.36
CA ILE N 436 30.89 49.65 -4.55
C ILE N 436 31.88 49.70 -3.40
N ILE N 437 33.07 50.29 -3.63
CA ILE N 437 34.02 50.48 -2.54
C ILE N 437 33.52 51.54 -1.55
N PRO N 438 33.07 52.72 -1.97
CA PRO N 438 32.44 53.63 -1.00
C PRO N 438 31.23 53.01 -0.32
N LYS N 439 30.44 52.21 -1.04
CA LYS N 439 29.41 51.40 -0.40
C LYS N 439 30.01 50.45 0.63
N VAL N 440 30.84 49.51 0.18
CA VAL N 440 31.23 48.38 1.02
C VAL N 440 31.87 48.83 2.33
N LEU N 441 32.45 50.04 2.35
CA LEU N 441 33.03 50.53 3.58
C LEU N 441 31.96 51.03 4.55
N ALA N 442 31.21 52.06 4.15
CA ALA N 442 30.04 52.46 4.92
C ALA N 442 29.14 51.27 5.22
N GLN N 443 29.04 50.34 4.28
CA GLN N 443 28.51 49.01 4.59
C GLN N 443 29.24 48.41 5.78
N ASN N 444 30.53 48.13 5.63
CA ASN N 444 31.28 47.50 6.71
C ASN N 444 31.35 48.40 7.93
N SER N 445 31.11 49.70 7.75
CA SER N 445 30.96 50.60 8.88
C SER N 445 29.50 50.66 9.31
N GLY N 446 29.23 51.55 10.27
CA GLY N 446 27.87 51.69 10.75
C GLY N 446 26.97 52.34 9.71
N PHE N 447 25.73 52.62 10.13
CA PHE N 447 24.79 53.39 9.34
C PHE N 447 24.46 52.68 8.04
N ASP N 448 24.49 53.42 6.93
CA ASP N 448 24.18 52.82 5.65
C ASP N 448 25.37 52.94 4.69
N LEU N 449 25.51 51.92 3.85
CA LEU N 449 26.39 52.03 2.69
C LEU N 449 25.86 53.06 1.71
N GLN N 450 24.55 53.31 1.74
CA GLN N 450 23.91 54.25 0.84
C GLN N 450 23.68 55.61 1.48
N GLU N 451 22.91 55.66 2.58
CA GLU N 451 22.56 56.94 3.20
C GLU N 451 23.77 57.83 3.38
N THR N 452 24.89 57.27 3.80
CA THR N 452 26.13 58.04 3.79
C THR N 452 26.57 58.33 2.38
N LEU N 453 26.56 57.32 1.50
CA LEU N 453 27.05 57.50 0.14
C LEU N 453 26.30 58.60 -0.57
N VAL N 454 24.98 58.62 -0.43
CA VAL N 454 24.22 59.72 -1.02
C VAL N 454 24.50 61.02 -0.28
N LYS N 455 24.72 60.96 1.03
CA LYS N 455 25.30 62.13 1.69
C LYS N 455 26.60 62.52 1.01
N ILE N 456 27.51 61.55 0.84
CA ILE N 456 28.78 61.81 0.18
C ILE N 456 28.54 62.53 -1.15
N GLN N 457 27.70 61.96 -2.01
CA GLN N 457 27.43 62.59 -3.30
C GLN N 457 26.74 63.93 -3.13
N ALA N 458 25.64 63.98 -2.37
CA ALA N 458 25.02 65.25 -2.08
C ALA N 458 26.05 66.24 -1.55
N GLU N 459 26.86 65.80 -0.59
CA GLU N 459 28.05 66.56 -0.24
C GLU N 459 28.97 66.79 -1.43
N HIS N 460 29.52 65.72 -2.02
CA HIS N 460 30.52 65.94 -3.06
C HIS N 460 30.01 66.83 -4.18
N SER N 461 28.72 66.72 -4.52
CA SER N 461 28.15 67.62 -5.53
C SER N 461 28.29 69.08 -5.10
N GLU N 462 28.26 69.33 -3.80
CA GLU N 462 28.56 70.65 -3.28
C GLU N 462 30.00 71.01 -3.63
N SER N 463 30.23 72.28 -3.89
CA SER N 463 31.52 72.71 -4.43
C SER N 463 32.64 72.51 -3.42
N GLY N 464 33.86 72.40 -3.94
CA GLY N 464 35.04 72.32 -3.10
C GLY N 464 35.18 71.05 -2.31
N GLN N 465 34.23 70.12 -2.42
CA GLN N 465 34.26 68.90 -1.65
C GLN N 465 34.57 67.72 -2.55
N LEU N 466 35.77 67.16 -2.38
CA LEU N 466 36.01 65.79 -2.78
C LEU N 466 35.90 65.00 -1.48
N VAL N 467 34.74 64.36 -1.26
CA VAL N 467 34.37 63.88 0.06
C VAL N 467 34.09 62.40 -0.05
N GLY N 468 34.33 61.68 1.04
CA GLY N 468 34.19 60.24 0.99
C GLY N 468 33.87 59.57 2.31
N VAL N 469 33.33 58.36 2.22
CA VAL N 469 33.03 57.52 3.36
C VAL N 469 34.33 57.22 4.10
N ASP N 470 34.31 57.32 5.43
CA ASP N 470 35.45 56.90 6.21
C ASP N 470 35.65 55.40 6.07
N LEU N 471 36.90 54.97 5.94
CA LEU N 471 37.22 53.55 6.00
C LEU N 471 36.93 52.97 7.37
N ASN N 472 36.68 53.81 8.37
CA ASN N 472 36.46 53.36 9.73
C ASN N 472 35.06 53.61 10.25
N THR N 473 34.71 54.85 10.59
CA THR N 473 33.39 55.13 11.12
C THR N 473 32.38 55.23 9.98
N GLY N 474 32.86 55.19 8.75
CA GLY N 474 32.00 55.30 7.59
C GLY N 474 31.37 56.65 7.38
N GLU N 475 31.84 57.67 8.08
CA GLU N 475 31.23 58.98 8.00
C GLU N 475 31.85 59.80 6.88
N PRO N 476 31.11 60.78 6.36
CA PRO N 476 31.66 61.65 5.32
C PRO N 476 32.87 62.44 5.79
N MET N 477 33.91 62.40 4.98
CA MET N 477 35.04 63.31 5.12
C MET N 477 35.74 63.45 3.78
N VAL N 478 36.42 64.58 3.61
CA VAL N 478 37.24 64.84 2.43
C VAL N 478 38.46 63.93 2.53
N ALA N 479 38.68 63.12 1.50
CA ALA N 479 39.69 62.06 1.61
C ALA N 479 41.10 62.59 1.36
N ALA N 480 41.28 63.46 0.36
CA ALA N 480 42.61 63.93 0.04
C ALA N 480 43.23 64.71 1.19
N GLU N 481 42.40 65.30 2.05
CA GLU N 481 42.92 66.10 3.16
C GLU N 481 43.39 65.21 4.31
N VAL N 482 42.71 64.09 4.52
CA VAL N 482 43.16 63.13 5.53
C VAL N 482 44.50 62.53 5.13
N GLY N 483 44.91 62.74 3.89
CA GLY N 483 46.02 62.03 3.33
C GLY N 483 45.69 60.62 2.90
N VAL N 484 44.44 60.18 3.09
CA VAL N 484 44.14 58.80 2.76
C VAL N 484 44.11 58.68 1.25
N TRP N 485 45.06 57.91 0.73
CA TRP N 485 45.38 57.88 -0.69
C TRP N 485 45.71 56.45 -1.10
N ASP N 486 44.97 55.93 -2.06
CA ASP N 486 45.36 54.74 -2.76
C ASP N 486 46.37 55.15 -3.83
N ASN N 487 47.27 54.23 -4.15
CA ASN N 487 48.31 54.51 -5.12
C ASN N 487 47.68 54.93 -6.45
N TYR N 488 48.35 55.88 -7.11
CA TYR N 488 47.86 56.38 -8.39
C TYR N 488 47.69 55.26 -9.40
N CYS N 489 48.72 54.42 -9.55
CA CYS N 489 48.69 53.38 -10.58
C CYS N 489 47.55 52.38 -10.35
N VAL N 490 47.04 52.32 -9.11
CA VAL N 490 45.92 51.42 -8.81
C VAL N 490 44.74 51.74 -9.73
N LYS N 491 44.10 52.89 -9.49
CA LYS N 491 42.83 53.22 -10.12
C LYS N 491 42.85 53.00 -11.63
N LYS N 492 43.71 53.74 -12.35
CA LYS N 492 43.76 53.64 -13.80
C LYS N 492 43.93 52.18 -14.22
N GLN N 493 44.91 51.48 -13.66
CA GLN N 493 45.00 50.04 -13.85
C GLN N 493 43.79 49.29 -13.33
N LEU N 494 43.24 49.72 -12.20
CA LEU N 494 42.09 49.01 -11.63
C LEU N 494 40.92 49.03 -12.59
N LEU N 495 40.60 50.22 -13.12
CA LEU N 495 39.46 50.35 -14.02
C LEU N 495 39.59 49.44 -15.23
N HIS N 496 40.76 49.43 -15.87
CA HIS N 496 40.96 48.52 -17.00
C HIS N 496 40.70 47.08 -16.58
N SER N 497 41.41 46.60 -15.56
CA SER N 497 41.21 45.24 -15.09
C SER N 497 39.79 44.98 -14.60
N CYS N 498 39.11 46.00 -14.07
CA CYS N 498 37.72 45.83 -13.69
C CYS N 498 36.83 45.62 -14.92
N THR N 499 36.88 46.55 -15.86
CA THR N 499 35.91 46.55 -16.95
C THR N 499 36.09 45.37 -17.88
N VAL N 500 37.36 44.99 -18.15
CA VAL N 500 37.63 43.99 -19.18
C VAL N 500 36.90 42.68 -18.89
N ILE N 501 37.05 42.15 -17.67
CA ILE N 501 36.41 40.88 -17.36
C ILE N 501 34.90 41.00 -17.45
N ALA N 502 34.32 42.02 -16.82
CA ALA N 502 32.88 42.27 -16.97
C ALA N 502 32.53 42.48 -18.44
N THR N 503 33.40 43.12 -19.20
CA THR N 503 33.23 43.17 -20.65
C THR N 503 33.34 41.78 -21.26
N ASN N 504 34.32 41.00 -20.79
CA ASN N 504 34.45 39.63 -21.28
C ASN N 504 33.23 38.80 -20.94
N ILE N 505 32.57 39.13 -19.83
CA ILE N 505 31.38 38.40 -19.42
C ILE N 505 30.33 38.44 -20.52
N LEU N 506 30.00 39.64 -21.00
CA LEU N 506 28.86 39.78 -21.89
C LEU N 506 29.16 39.21 -23.27
N LEU N 507 30.44 39.16 -23.65
CA LEU N 507 30.79 38.57 -24.93
C LEU N 507 30.69 37.05 -24.90
N VAL N 508 30.75 36.45 -23.71
CA VAL N 508 30.45 35.03 -23.63
C VAL N 508 28.99 34.85 -23.30
N ASP N 509 28.21 34.49 -24.32
CA ASP N 509 26.84 34.06 -24.07
C ASP N 509 26.69 32.54 -24.16
N GLU N 510 27.74 31.81 -24.50
CA GLU N 510 27.65 30.38 -24.75
C GLU N 510 28.61 29.67 -23.80
N ILE N 511 28.17 28.55 -23.24
CA ILE N 511 29.04 27.65 -22.50
C ILE N 511 28.62 26.22 -22.83
N MET N 512 29.60 25.39 -23.19
CA MET N 512 29.33 24.03 -23.62
C MET N 512 29.97 23.02 -22.67
N ARG N 513 29.13 22.14 -22.12
CA ARG N 513 29.59 21.09 -21.24
C ARG N 513 29.73 19.76 -21.98
N GLY O 1 42.67 10.38 13.95
CA GLY O 1 42.13 11.48 14.74
C GLY O 1 42.04 11.16 16.22
N THR O 2 41.55 12.10 17.01
CA THR O 2 41.46 11.95 18.46
C THR O 2 40.09 12.38 18.94
N ASP O 3 39.55 11.60 19.89
CA ASP O 3 38.23 11.82 20.47
C ASP O 3 38.34 12.31 21.90
N SER O 4 37.38 13.11 22.34
CA SER O 4 37.13 13.41 23.75
C SER O 4 35.65 13.71 23.94
N SER O 5 35.07 13.28 25.05
CA SER O 5 33.68 13.57 25.35
C SER O 5 33.49 13.93 26.82
N GLN O 6 33.05 15.18 27.06
CA GLN O 6 32.58 15.59 28.38
C GLN O 6 31.08 15.36 28.46
N GLY O 7 30.50 15.91 29.53
CA GLY O 7 29.06 16.01 29.63
C GLY O 7 28.41 14.94 30.47
N ILE O 8 27.33 15.35 31.13
CA ILE O 8 26.48 14.38 31.83
C ILE O 8 26.08 13.22 30.93
N PRO O 9 25.70 13.42 29.66
CA PRO O 9 25.51 12.25 28.78
C PRO O 9 26.68 11.30 28.78
N GLN O 10 27.90 11.81 28.71
CA GLN O 10 29.07 10.95 28.84
C GLN O 10 29.34 10.60 30.29
N LEU O 11 29.16 11.56 31.20
CA LEU O 11 29.40 11.28 32.61
C LEU O 11 28.42 10.24 33.13
N VAL O 12 27.20 10.21 32.58
CA VAL O 12 26.32 9.09 32.88
C VAL O 12 26.70 7.88 32.03
N SER O 13 27.13 8.11 30.80
CA SER O 13 27.70 7.02 30.01
C SER O 13 28.89 6.40 30.75
N ASN O 14 29.63 7.23 31.49
CA ASN O 14 30.63 6.71 32.42
C ASN O 14 29.98 5.75 33.41
N ILE O 15 29.06 6.26 34.25
CA ILE O 15 28.52 5.48 35.35
C ILE O 15 27.74 4.27 34.84
N SER O 16 27.07 4.41 33.70
CA SER O 16 26.35 3.26 33.14
C SER O 16 27.31 2.14 32.80
N ALA O 17 28.29 2.41 31.94
CA ALA O 17 29.30 1.42 31.61
C ALA O 17 30.05 0.97 32.84
N CYS O 18 30.16 1.83 33.84
CA CYS O 18 30.82 1.45 35.08
C CYS O 18 30.09 0.32 35.78
N GLN O 19 28.75 0.39 35.82
CA GLN O 19 27.99 -0.64 36.53
C GLN O 19 27.77 -1.86 35.67
N VAL O 20 28.19 -1.80 34.40
CA VAL O 20 28.04 -2.96 33.52
C VAL O 20 28.99 -4.08 33.92
N ILE O 21 30.23 -3.74 34.24
CA ILE O 21 31.23 -4.76 34.47
C ILE O 21 31.07 -5.39 35.85
N ALA O 22 30.59 -4.61 36.82
CA ALA O 22 30.35 -5.16 38.15
C ALA O 22 29.31 -6.27 38.12
N GLU O 23 28.62 -6.43 37.00
CA GLU O 23 27.64 -7.51 36.83
C GLU O 23 28.22 -8.85 37.25
N ALA O 24 29.42 -9.17 36.78
CA ALA O 24 30.07 -10.43 37.15
C ALA O 24 30.17 -10.56 38.65
N VAL O 25 30.93 -9.67 39.30
CA VAL O 25 31.20 -9.77 40.73
C VAL O 25 29.96 -9.63 41.58
N ARG O 26 28.86 -9.15 41.01
CA ARG O 26 27.65 -8.83 41.79
C ARG O 26 26.75 -10.04 41.94
N THR O 27 27.26 -11.21 41.57
CA THR O 27 26.61 -12.48 41.80
C THR O 27 27.33 -13.25 42.89
N THR O 28 28.61 -13.50 42.65
CA THR O 28 29.39 -14.54 43.30
C THR O 28 29.92 -14.16 44.67
N LEU O 29 30.89 -14.97 45.12
CA LEU O 29 31.56 -14.93 46.41
C LEU O 29 30.60 -15.21 47.56
N GLY O 30 30.14 -16.45 47.65
CA GLY O 30 29.40 -16.93 48.80
C GLY O 30 29.31 -18.44 48.76
N PRO O 31 29.12 -19.07 49.93
CA PRO O 31 29.00 -20.55 49.94
C PRO O 31 27.79 -21.04 49.19
N ARG O 32 26.61 -20.48 49.46
CA ARG O 32 25.47 -20.59 48.56
C ARG O 32 25.50 -19.50 47.50
N GLY O 33 26.53 -18.66 47.56
CA GLY O 33 26.79 -17.73 46.49
C GLY O 33 27.20 -18.46 45.24
N MET O 34 27.55 -17.71 44.21
CA MET O 34 27.64 -18.25 42.86
C MET O 34 29.09 -18.36 42.46
N ASP O 35 29.37 -19.22 41.51
CA ASP O 35 30.62 -19.10 40.79
C ASP O 35 30.34 -18.48 39.42
N LYS O 36 31.40 -18.19 38.69
CA LYS O 36 31.29 -17.53 37.40
C LYS O 36 31.87 -18.42 36.31
N LEU O 37 31.16 -18.52 35.20
CA LEU O 37 31.68 -19.16 34.00
C LEU O 37 31.91 -18.10 32.95
N ILE O 38 33.17 -17.86 32.63
CA ILE O 38 33.54 -16.98 31.53
C ILE O 38 34.18 -17.84 30.45
N VAL O 39 33.49 -17.98 29.33
CA VAL O 39 34.00 -18.70 28.18
C VAL O 39 34.26 -17.65 27.10
N ASP O 40 35.54 -17.39 26.85
CA ASP O 40 35.96 -16.21 26.10
C ASP O 40 36.73 -16.65 24.87
N GLY O 41 36.76 -15.79 23.86
CA GLY O 41 37.66 -16.00 22.74
C GLY O 41 37.37 -17.21 21.89
N ARG O 42 38.35 -18.12 21.83
CA ARG O 42 38.35 -19.21 20.88
C ARG O 42 37.44 -20.36 21.33
N GLY O 43 36.73 -20.16 22.44
CA GLY O 43 35.99 -21.24 23.06
C GLY O 43 36.67 -21.64 24.34
N LYS O 44 37.73 -20.93 24.68
CA LYS O 44 38.37 -21.05 25.98
C LYS O 44 37.36 -20.79 27.08
N ALA O 45 37.25 -21.73 28.02
CA ALA O 45 36.28 -21.66 29.11
C ALA O 45 37.01 -21.49 30.43
N THR O 46 36.42 -20.73 31.35
CA THR O 46 36.99 -20.51 32.67
C THR O 46 35.89 -20.48 33.72
N ILE O 47 36.07 -21.27 34.77
CA ILE O 47 35.19 -21.25 35.94
C ILE O 47 35.96 -20.64 37.10
N SER O 48 35.65 -19.40 37.44
CA SER O 48 36.27 -18.76 38.60
C SER O 48 35.24 -17.92 39.32
N ASN O 49 35.04 -18.24 40.60
CA ASN O 49 34.26 -17.41 41.49
C ASN O 49 34.95 -16.06 41.73
N ASP O 50 36.27 -16.01 41.61
CA ASP O 50 37.03 -14.77 41.77
C ASP O 50 36.73 -13.82 40.62
N GLY O 51 36.36 -12.59 40.95
CA GLY O 51 36.12 -11.59 39.92
C GLY O 51 37.40 -11.14 39.25
N ALA O 52 38.39 -10.73 40.06
CA ALA O 52 39.64 -10.19 39.53
C ALA O 52 40.33 -11.18 38.59
N THR O 53 39.99 -12.46 38.70
CA THR O 53 40.45 -13.44 37.74
C THR O 53 39.74 -13.26 36.41
N ILE O 54 38.41 -13.41 36.43
CA ILE O 54 37.62 -13.40 35.20
C ILE O 54 37.52 -11.99 34.65
N LEU O 55 37.38 -10.97 35.51
CA LEU O 55 37.14 -9.61 35.04
C LEU O 55 38.22 -9.15 34.09
N LYS O 56 39.48 -9.50 34.38
CA LYS O 56 40.58 -9.10 33.52
C LYS O 56 40.60 -9.92 32.24
N LEU O 57 40.02 -11.11 32.29
CA LEU O 57 39.82 -11.87 31.06
C LEU O 57 38.64 -11.32 30.26
N LEU O 58 37.67 -10.73 30.94
CA LEU O 58 36.52 -10.14 30.29
C LEU O 58 36.88 -8.78 29.69
N ASP O 59 36.11 -8.39 28.67
CA ASP O 59 36.36 -7.12 27.99
C ASP O 59 35.90 -5.94 28.82
N VAL O 60 36.82 -5.01 29.10
CA VAL O 60 36.49 -3.73 29.72
C VAL O 60 36.94 -2.63 28.78
N VAL O 61 35.99 -1.93 28.16
CA VAL O 61 36.29 -0.90 27.17
C VAL O 61 36.60 0.42 27.87
N HIS O 62 35.86 0.74 28.83
CA HIS O 62 35.78 2.10 29.33
C HIS O 62 36.86 2.36 30.37
N PRO O 63 37.25 3.63 30.54
CA PRO O 63 38.14 3.96 31.65
C PRO O 63 37.55 3.56 32.99
N ALA O 64 36.25 3.79 33.20
CA ALA O 64 35.58 3.30 34.40
C ALA O 64 35.58 1.79 34.45
N ALA O 65 35.24 1.14 33.33
CA ALA O 65 35.32 -0.31 33.25
C ALA O 65 36.73 -0.80 33.55
N LYS O 66 37.74 -0.08 33.06
CA LYS O 66 39.13 -0.44 33.37
C LYS O 66 39.54 0.03 34.75
N THR O 67 38.88 1.07 35.28
CA THR O 67 39.21 1.55 36.62
C THR O 67 38.83 0.52 37.67
N LEU O 68 37.67 -0.13 37.51
CA LEU O 68 37.26 -1.14 38.48
C LEU O 68 38.05 -2.43 38.32
N VAL O 69 38.78 -2.58 37.21
CA VAL O 69 39.57 -3.80 37.00
C VAL O 69 40.61 -3.95 38.09
N ASP O 70 41.35 -2.89 38.39
CA ASP O 70 42.33 -2.98 39.45
C ASP O 70 41.68 -2.94 40.81
N ILE O 71 40.48 -2.37 40.92
CA ILE O 71 39.77 -2.32 42.20
C ILE O 71 39.53 -3.72 42.73
N ALA O 72 39.08 -4.64 41.87
CA ALA O 72 39.03 -6.04 42.25
C ALA O 72 40.43 -6.58 42.52
N LYS O 73 41.37 -6.28 41.61
CA LYS O 73 42.75 -6.67 41.83
C LYS O 73 43.32 -6.05 43.08
N SER O 74 42.97 -4.79 43.35
CA SER O 74 43.40 -4.12 44.57
C SER O 74 43.12 -4.97 45.80
N GLN O 75 41.93 -5.55 45.88
CA GLN O 75 41.66 -6.50 46.96
C GLN O 75 42.31 -7.84 46.68
N ASP O 76 42.49 -8.18 45.39
CA ASP O 76 43.15 -9.43 45.04
C ASP O 76 44.65 -9.38 45.34
N ALA O 77 45.27 -8.23 45.16
CA ALA O 77 46.69 -8.11 45.47
C ALA O 77 46.90 -8.03 46.98
N GLU O 78 45.83 -7.81 47.73
CA GLU O 78 45.94 -7.70 49.18
C GLU O 78 45.81 -9.06 49.86
N VAL O 79 44.59 -9.58 49.93
CA VAL O 79 44.35 -10.83 50.65
C VAL O 79 44.30 -11.98 49.65
N GLY O 80 44.33 -11.65 48.36
CA GLY O 80 43.89 -12.58 47.36
C GLY O 80 42.42 -12.94 47.46
N ASP O 81 41.67 -12.28 48.34
CA ASP O 81 40.32 -12.63 48.70
C ASP O 81 39.46 -11.37 48.80
N GLY O 82 38.25 -11.43 48.26
CA GLY O 82 37.32 -10.33 48.40
C GLY O 82 37.26 -9.36 47.24
N THR O 83 37.74 -9.78 46.07
CA THR O 83 37.73 -8.92 44.89
C THR O 83 36.32 -8.51 44.51
N THR O 84 35.40 -9.48 44.48
CA THR O 84 34.03 -9.21 44.05
C THR O 84 33.33 -8.24 45.01
N SER O 85 33.65 -8.33 46.31
CA SER O 85 33.02 -7.44 47.28
C SER O 85 33.44 -6.00 47.07
N VAL O 86 34.74 -5.76 46.92
CA VAL O 86 35.23 -4.40 46.74
C VAL O 86 34.72 -3.82 45.43
N THR O 87 34.50 -4.67 44.43
CA THR O 87 34.01 -4.18 43.14
C THR O 87 32.51 -3.94 43.19
N LEU O 88 31.76 -4.80 43.89
CA LEU O 88 30.32 -4.64 43.99
C LEU O 88 29.97 -3.29 44.61
N LEU O 89 30.73 -2.88 45.62
CA LEU O 89 30.39 -1.69 46.39
C LEU O 89 30.43 -0.43 45.55
N ALA O 90 31.43 -0.32 44.66
CA ALA O 90 31.61 0.90 43.90
C ALA O 90 30.39 1.22 43.05
N ALA O 91 29.86 0.22 42.34
CA ALA O 91 28.71 0.44 41.49
C ALA O 91 27.46 0.80 42.30
N GLU O 92 27.41 0.33 43.55
CA GLU O 92 26.26 0.63 44.40
C GLU O 92 26.11 2.12 44.61
N PHE O 93 27.21 2.81 44.96
CA PHE O 93 27.19 4.25 45.13
C PHE O 93 26.56 4.94 43.92
N LEU O 94 26.91 4.48 42.72
CA LEU O 94 26.41 5.10 41.50
C LEU O 94 24.89 4.99 41.41
N LYS O 95 24.34 3.85 41.84
CA LYS O 95 22.88 3.73 41.94
C LYS O 95 22.34 4.75 42.93
N GLN O 96 23.07 4.96 44.02
CA GLN O 96 22.65 5.86 45.08
C GLN O 96 22.80 7.32 44.70
N VAL O 97 23.89 7.68 44.01
CA VAL O 97 24.05 9.05 43.54
C VAL O 97 23.28 9.25 42.24
N LYS O 98 22.82 8.16 41.63
CA LYS O 98 22.09 8.25 40.37
C LYS O 98 20.98 9.28 40.39
N PRO O 99 20.18 9.42 41.45
CA PRO O 99 19.29 10.59 41.50
C PRO O 99 20.05 11.89 41.33
N TYR O 100 21.17 12.06 42.04
CA TYR O 100 21.84 13.34 42.09
C TYR O 100 22.39 13.72 40.72
N VAL O 101 22.92 12.75 39.98
CA VAL O 101 23.41 13.02 38.64
C VAL O 101 22.25 13.19 37.67
N GLU O 102 21.14 12.50 37.92
CA GLU O 102 19.93 12.77 37.15
C GLU O 102 19.25 14.02 37.66
N GLU O 103 19.30 14.25 38.97
CA GLU O 103 19.13 15.60 39.51
C GLU O 103 20.13 16.56 38.89
N GLY O 104 21.22 16.02 38.34
CA GLY O 104 22.26 16.84 37.76
C GLY O 104 23.17 17.48 38.76
N LEU O 105 22.90 17.28 40.05
CA LEU O 105 23.63 17.95 41.12
C LEU O 105 24.74 17.04 41.61
N HIS O 106 25.97 17.41 41.30
CA HIS O 106 27.12 16.87 42.00
C HIS O 106 28.15 17.95 42.29
N PRO O 107 28.07 18.64 43.41
CA PRO O 107 29.28 19.32 43.90
C PRO O 107 30.35 18.26 44.11
N GLN O 108 31.57 18.55 43.67
CA GLN O 108 32.67 17.62 43.83
C GLN O 108 32.93 17.29 45.30
N ILE O 109 32.33 18.04 46.22
CA ILE O 109 32.42 17.71 47.64
C ILE O 109 31.76 16.37 47.94
N ILE O 110 30.69 16.02 47.21
CA ILE O 110 29.99 14.76 47.47
C ILE O 110 30.96 13.59 47.44
N ILE O 111 31.75 13.48 46.37
CA ILE O 111 32.77 12.44 46.35
C ILE O 111 33.87 12.74 47.35
N ARG O 112 34.21 14.01 47.52
CA ARG O 112 35.17 14.38 48.55
C ARG O 112 34.65 14.05 49.93
N ALA O 113 33.33 14.00 50.11
CA ALA O 113 32.78 13.61 51.40
C ALA O 113 32.63 12.10 51.51
N PHE O 114 32.74 11.38 50.39
CA PHE O 114 32.79 9.92 50.47
C PHE O 114 34.01 9.47 51.24
N ARG O 115 35.12 10.18 51.07
CA ARG O 115 36.35 9.82 51.76
C ARG O 115 36.21 9.93 53.26
N THR O 116 35.29 10.80 53.72
CA THR O 116 35.15 11.02 55.15
C THR O 116 34.71 9.75 55.87
N ALA O 117 33.54 9.22 55.51
CA ALA O 117 33.06 8.00 56.15
C ALA O 117 33.94 6.82 55.81
N THR O 118 34.54 6.84 54.61
CA THR O 118 35.51 5.80 54.24
C THR O 118 36.56 5.64 55.33
N GLN O 119 37.20 6.75 55.72
CA GLN O 119 38.04 6.73 56.91
C GLN O 119 37.26 6.28 58.13
N LEU O 120 36.22 7.04 58.50
CA LEU O 120 35.46 6.76 59.72
C LEU O 120 35.05 5.30 59.80
N ALA O 121 34.58 4.73 58.69
CA ALA O 121 34.31 3.30 58.66
C ALA O 121 35.56 2.50 58.98
N VAL O 122 36.58 2.59 58.13
CA VAL O 122 37.79 1.81 58.35
C VAL O 122 38.44 2.19 59.68
N ASN O 123 38.16 3.41 60.16
CA ASN O 123 38.44 3.70 61.56
C ASN O 123 37.69 2.73 62.46
N LYS O 124 36.36 2.86 62.52
CA LYS O 124 35.56 1.98 63.35
C LYS O 124 35.90 0.52 63.10
N ILE O 125 36.18 0.16 61.86
CA ILE O 125 36.66 -1.19 61.56
C ILE O 125 37.87 -1.52 62.40
N LYS O 126 38.97 -0.79 62.22
CA LYS O 126 40.16 -1.10 62.99
C LYS O 126 39.97 -0.76 64.46
N GLU O 127 39.08 0.20 64.76
CA GLU O 127 38.68 0.43 66.14
C GLU O 127 38.11 -0.85 66.75
N ILE O 128 36.99 -1.34 66.21
CA ILE O 128 36.35 -2.54 66.71
C ILE O 128 37.19 -3.79 66.47
N ALA O 129 38.28 -3.67 65.71
CA ALA O 129 39.15 -4.80 65.43
C ALA O 129 39.69 -5.40 66.72
N VAL O 130 39.71 -6.73 66.77
CA VAL O 130 40.19 -7.46 67.93
C VAL O 130 41.18 -8.52 67.46
N THR O 131 42.37 -8.50 68.07
CA THR O 131 43.44 -9.43 67.72
C THR O 131 43.00 -10.85 68.05
N VAL O 132 43.28 -11.80 67.15
CA VAL O 132 42.97 -13.19 67.44
C VAL O 132 44.19 -13.95 67.95
N LYS O 133 45.35 -13.27 68.02
CA LYS O 133 46.60 -13.96 68.29
C LYS O 133 46.71 -14.41 69.74
N LYS O 134 46.86 -13.45 70.65
CA LYS O 134 46.91 -13.79 72.07
C LYS O 134 45.55 -14.24 72.57
N ALA O 135 44.50 -13.97 71.80
CA ALA O 135 43.16 -14.47 72.13
C ALA O 135 43.11 -15.98 72.01
N ASP O 136 43.76 -16.54 70.99
CA ASP O 136 43.74 -17.98 70.77
C ASP O 136 45.13 -18.55 71.00
N LYS O 137 45.30 -19.22 72.15
CA LYS O 137 46.47 -20.02 72.50
C LYS O 137 47.78 -19.28 72.27
N VAL O 138 48.82 -19.99 71.84
CA VAL O 138 50.14 -19.45 71.55
C VAL O 138 50.59 -19.99 70.19
N GLU O 139 50.69 -21.32 70.09
CA GLU O 139 50.77 -21.97 68.79
C GLU O 139 49.65 -21.46 67.87
N GLN O 140 48.51 -21.11 68.46
CA GLN O 140 47.38 -20.51 67.74
C GLN O 140 46.81 -21.48 66.73
N ARG O 141 46.96 -22.78 66.97
CA ARG O 141 46.40 -23.74 66.04
C ARG O 141 44.89 -23.85 66.16
N LYS O 142 44.31 -23.40 67.28
CA LYS O 142 42.87 -23.19 67.37
C LYS O 142 42.45 -21.87 66.74
N LEU O 143 43.28 -20.82 66.85
CA LEU O 143 43.15 -19.68 65.95
C LEU O 143 43.04 -20.17 64.51
N LEU O 144 43.94 -21.06 64.11
CA LEU O 144 43.91 -21.63 62.77
C LEU O 144 42.64 -22.42 62.54
N GLU O 145 42.27 -23.28 63.48
CA GLU O 145 41.21 -24.26 63.26
C GLU O 145 39.85 -23.60 63.18
N LYS O 146 39.53 -22.75 64.14
CA LYS O 146 38.22 -22.09 64.12
C LYS O 146 38.13 -21.07 63.00
N CYS O 147 39.28 -20.59 62.53
CA CYS O 147 39.32 -19.91 61.23
C CYS O 147 39.37 -20.93 60.09
N ALA O 148 39.89 -22.13 60.36
CA ALA O 148 39.87 -23.17 59.33
C ALA O 148 38.49 -23.79 59.19
N MET O 149 37.84 -24.09 60.33
CA MET O 149 36.49 -24.63 60.28
C MET O 149 35.56 -23.75 59.47
N THR O 150 35.47 -22.47 59.82
CA THR O 150 34.43 -21.63 59.24
C THR O 150 34.81 -21.11 57.86
N ALA O 151 36.09 -21.18 57.48
CA ALA O 151 36.47 -20.73 56.15
C ALA O 151 36.52 -21.88 55.15
N LEU O 152 36.35 -23.11 55.63
CA LEU O 152 36.15 -24.24 54.71
C LEU O 152 34.71 -24.31 54.25
N SER O 153 33.77 -23.94 55.12
CA SER O 153 32.34 -24.02 54.84
C SER O 153 31.77 -22.72 54.30
N SER O 154 32.58 -21.67 54.18
CA SER O 154 32.12 -20.41 53.62
C SER O 154 32.12 -20.44 52.09
N LYS O 155 32.56 -21.53 51.49
CA LYS O 155 32.40 -21.76 50.06
C LYS O 155 31.72 -23.11 49.83
N LEU O 156 32.34 -24.20 50.28
CA LEU O 156 31.77 -25.52 50.02
C LEU O 156 31.65 -26.40 51.27
N ILE O 157 32.77 -26.78 51.87
CA ILE O 157 32.80 -27.98 52.68
C ILE O 157 32.50 -27.67 54.15
N SER O 158 31.30 -28.07 54.59
CA SER O 158 30.92 -28.01 55.99
C SER O 158 31.02 -29.34 56.74
N GLN O 159 31.31 -30.44 56.04
CA GLN O 159 31.47 -31.75 56.67
C GLN O 159 32.92 -32.11 56.86
N GLN O 160 33.65 -32.19 55.74
CA GLN O 160 35.09 -32.40 55.75
C GLN O 160 35.81 -31.42 56.67
N LYS O 161 35.25 -30.22 56.88
CA LYS O 161 35.94 -29.24 57.72
C LYS O 161 36.19 -29.77 59.12
N ALA O 162 35.27 -30.57 59.65
CA ALA O 162 35.55 -31.25 60.92
C ALA O 162 36.84 -32.06 60.83
N PHE O 163 37.02 -32.78 59.72
CA PHE O 163 38.26 -33.52 59.51
C PHE O 163 39.36 -32.64 58.93
N PHE O 164 39.02 -31.72 58.00
CA PHE O 164 40.06 -30.99 57.28
C PHE O 164 40.63 -29.81 58.07
N ALA O 165 39.80 -29.11 58.84
CA ALA O 165 40.25 -27.87 59.47
C ALA O 165 41.54 -28.07 60.24
N LYS O 166 41.62 -29.15 61.03
CA LYS O 166 42.83 -29.47 61.75
C LYS O 166 44.02 -29.73 60.84
N MET O 167 43.78 -30.11 59.58
CA MET O 167 44.88 -30.17 58.62
C MET O 167 45.16 -28.79 58.03
N VAL O 168 44.11 -28.01 57.74
CA VAL O 168 44.30 -26.61 57.38
C VAL O 168 45.06 -25.89 58.49
N VAL O 169 44.92 -26.35 59.72
CA VAL O 169 45.73 -25.86 60.82
C VAL O 169 47.22 -26.03 60.53
N ASP O 170 47.69 -27.28 60.56
CA ASP O 170 49.13 -27.53 60.61
C ASP O 170 49.79 -27.26 59.28
N ALA O 171 48.99 -27.24 58.21
CA ALA O 171 49.54 -26.88 56.90
C ALA O 171 49.93 -25.41 56.86
N VAL O 172 49.13 -24.55 57.51
CA VAL O 172 49.46 -23.13 57.54
C VAL O 172 50.75 -22.89 58.29
N MET O 173 50.87 -23.42 59.50
CA MET O 173 52.10 -23.21 60.28
C MET O 173 53.32 -23.77 59.57
N MET O 174 53.24 -25.03 59.08
CA MET O 174 54.37 -25.61 58.37
C MET O 174 54.79 -24.75 57.19
N LEU O 175 53.88 -24.57 56.22
CA LEU O 175 54.19 -23.73 55.08
C LEU O 175 54.65 -22.34 55.49
N ASP O 176 53.92 -21.68 56.39
CA ASP O 176 54.32 -20.35 56.83
C ASP O 176 55.69 -20.42 57.50
N ASP O 177 56.41 -19.30 57.43
CA ASP O 177 57.86 -19.12 57.36
C ASP O 177 58.29 -19.20 55.90
N LEU O 178 57.40 -19.70 55.05
CA LEU O 178 57.49 -19.52 53.62
C LEU O 178 56.10 -19.21 53.08
N LEU O 179 55.95 -18.04 52.47
CA LEU O 179 54.64 -17.59 52.02
C LEU O 179 54.25 -18.15 50.65
N GLN O 180 55.07 -19.02 50.07
CA GLN O 180 54.71 -19.69 48.83
C GLN O 180 53.37 -20.40 48.99
N LEU O 181 52.48 -20.20 48.02
CA LEU O 181 51.20 -20.89 48.02
C LEU O 181 51.22 -22.14 47.15
N LYS O 182 52.38 -22.48 46.58
CA LYS O 182 52.54 -23.72 45.83
C LYS O 182 52.73 -24.93 46.73
N MET O 183 53.36 -24.77 47.88
CA MET O 183 53.75 -25.87 48.75
C MET O 183 52.57 -26.48 49.49
N ILE O 184 51.43 -25.81 49.48
CA ILE O 184 50.19 -26.37 50.01
C ILE O 184 49.42 -27.16 48.95
N GLY O 185 50.02 -27.36 47.78
CA GLY O 185 49.33 -28.02 46.68
C GLY O 185 48.66 -29.32 47.06
N ILE O 186 47.37 -29.41 46.73
CA ILE O 186 46.51 -30.52 47.13
C ILE O 186 46.41 -31.49 45.96
N LYS O 187 46.49 -32.79 46.25
CA LYS O 187 46.42 -33.83 45.23
C LYS O 187 45.06 -34.49 45.22
N LYS O 188 44.33 -34.24 44.13
CA LYS O 188 43.03 -34.84 43.86
C LYS O 188 43.22 -36.26 43.33
N VAL O 189 42.43 -37.20 43.83
CA VAL O 189 42.30 -38.53 43.21
C VAL O 189 40.90 -39.09 43.45
N GLN O 190 40.71 -40.34 43.07
CA GLN O 190 39.45 -41.05 43.22
C GLN O 190 39.74 -42.55 43.21
N GLY O 191 38.82 -43.32 43.77
CA GLY O 191 39.01 -44.74 43.95
C GLY O 191 39.49 -45.15 45.32
N GLY O 192 40.08 -44.23 46.08
CA GLY O 192 40.29 -44.46 47.50
C GLY O 192 39.05 -44.04 48.26
N ALA O 193 39.20 -43.61 49.51
CA ALA O 193 38.06 -43.10 50.26
C ALA O 193 37.81 -41.66 49.83
N LEU O 194 36.64 -41.38 49.26
CA LEU O 194 36.35 -40.04 48.81
C LEU O 194 36.00 -39.14 50.00
N GLU O 195 36.18 -37.83 49.79
CA GLU O 195 35.97 -36.84 50.85
C GLU O 195 36.86 -37.12 52.06
N ASP O 196 38.00 -37.74 51.80
CA ASP O 196 39.03 -37.95 52.80
C ASP O 196 40.35 -37.47 52.24
N SER O 197 40.89 -36.40 52.81
CA SER O 197 42.18 -35.86 52.41
C SER O 197 43.17 -36.03 53.55
N GLN O 198 44.37 -36.52 53.21
CA GLN O 198 45.44 -36.66 54.17
C GLN O 198 46.47 -35.57 53.94
N LEU O 199 46.85 -34.88 55.01
CA LEU O 199 47.94 -33.92 54.94
C LEU O 199 49.27 -34.65 55.02
N VAL O 200 50.08 -34.51 53.98
CA VAL O 200 51.41 -35.13 53.92
C VAL O 200 52.43 -34.06 53.56
N ALA O 201 53.33 -33.78 54.49
CA ALA O 201 54.41 -32.81 54.27
C ALA O 201 55.21 -33.10 53.02
N GLY O 202 55.43 -34.38 52.71
CA GLY O 202 56.12 -34.79 51.51
C GLY O 202 55.29 -34.60 50.27
N VAL O 203 55.97 -34.31 49.17
CA VAL O 203 55.31 -33.98 47.91
C VAL O 203 55.08 -35.27 47.15
N ALA O 204 53.82 -35.65 46.98
CA ALA O 204 53.46 -36.70 46.05
C ALA O 204 53.76 -36.19 44.65
N PHE O 205 54.15 -37.11 43.77
CA PHE O 205 54.43 -36.71 42.39
C PHE O 205 53.44 -37.34 41.44
N LYS O 206 52.71 -36.48 40.74
CA LYS O 206 51.72 -36.89 39.75
C LYS O 206 52.32 -37.86 38.73
N LYS O 207 53.45 -37.51 38.15
CA LYS O 207 53.95 -38.18 36.95
C LYS O 207 55.36 -38.72 37.16
N THR O 208 55.55 -39.97 36.73
CA THR O 208 56.85 -40.56 36.52
C THR O 208 56.73 -41.63 35.45
N PHE O 209 57.79 -41.78 34.65
CA PHE O 209 57.76 -42.69 33.51
C PHE O 209 58.78 -43.80 33.77
N SER O 210 58.29 -44.99 34.09
CA SER O 210 59.16 -46.12 34.38
C SER O 210 58.57 -47.37 33.75
N TYR O 211 59.31 -48.00 32.83
CA TYR O 211 58.89 -49.19 32.11
C TYR O 211 60.07 -50.13 31.93
N ALA O 212 59.87 -51.15 31.10
CA ALA O 212 60.73 -52.33 31.02
C ALA O 212 60.78 -53.02 32.39
N GLY O 213 59.59 -53.44 32.81
CA GLY O 213 59.31 -53.97 34.13
C GLY O 213 59.08 -52.82 35.07
N PHE O 214 58.11 -52.95 35.99
CA PHE O 214 58.01 -51.97 37.06
C PHE O 214 58.60 -52.50 38.36
N GLU O 215 58.80 -53.83 38.46
CA GLU O 215 59.36 -54.38 39.68
C GLU O 215 60.86 -54.65 39.57
N MET O 216 61.45 -54.48 38.39
CA MET O 216 62.89 -54.52 38.23
C MET O 216 63.43 -53.08 38.21
N GLN O 217 62.54 -52.12 38.38
CA GLN O 217 62.90 -50.72 38.56
C GLN O 217 62.65 -50.33 40.01
N PRO O 218 63.65 -49.88 40.75
CA PRO O 218 63.40 -49.45 42.13
C PRO O 218 62.44 -48.26 42.17
N LYS O 219 61.35 -48.39 42.93
CA LYS O 219 60.37 -47.33 43.09
C LYS O 219 60.53 -46.57 44.39
N LYS O 220 61.49 -46.93 45.24
CA LYS O 220 61.63 -46.31 46.54
C LYS O 220 63.10 -46.15 46.91
N TYR O 221 63.43 -45.04 47.56
CA TYR O 221 64.77 -44.73 48.04
C TYR O 221 64.68 -44.07 49.41
N HIS O 222 65.49 -44.54 50.35
CA HIS O 222 65.59 -43.92 51.66
C HIS O 222 66.77 -42.96 51.77
N ASN O 223 67.50 -42.77 50.69
CA ASN O 223 68.18 -41.51 50.43
C ASN O 223 68.10 -41.28 48.94
N PRO O 224 66.96 -40.83 48.42
CA PRO O 224 66.98 -40.30 47.07
C PRO O 224 68.01 -39.20 47.00
N LYS O 225 68.91 -39.33 46.05
CA LYS O 225 69.72 -38.19 45.64
C LYS O 225 69.00 -37.74 44.39
N ILE O 226 68.26 -36.67 44.52
CA ILE O 226 67.15 -36.39 43.63
C ILE O 226 67.69 -35.66 42.42
N ALA O 227 67.46 -36.22 41.24
CA ALA O 227 67.81 -35.51 40.03
C ALA O 227 66.61 -34.66 39.71
N LEU O 228 66.73 -33.36 39.98
CA LEU O 228 65.70 -32.39 39.64
C LEU O 228 66.15 -31.86 38.28
N LEU O 229 65.43 -32.28 37.26
CA LEU O 229 65.94 -32.12 35.92
C LEU O 229 64.88 -31.50 35.02
N ASN O 230 65.32 -30.50 34.26
CA ASN O 230 64.53 -29.98 33.16
C ASN O 230 64.85 -30.72 31.88
N VAL O 231 65.67 -31.77 31.93
CA VAL O 231 66.20 -32.37 30.71
C VAL O 231 65.19 -33.34 30.11
N GLU O 232 65.07 -33.27 28.79
CA GLU O 232 64.40 -34.31 28.03
C GLU O 232 65.42 -35.40 27.67
N LEU O 233 64.95 -36.64 27.69
CA LEU O 233 65.78 -37.76 27.28
C LEU O 233 65.08 -38.44 26.11
N GLU O 234 65.66 -38.27 24.92
CA GLU O 234 64.96 -38.57 23.68
C GLU O 234 65.01 -40.05 23.32
N LEU O 235 64.03 -40.47 22.52
CA LEU O 235 63.93 -41.85 22.09
C LEU O 235 65.23 -42.33 21.45
N LYS O 236 65.59 -41.79 20.28
CA LYS O 236 66.85 -42.12 19.62
C LYS O 236 67.60 -40.84 19.35
N ALA O 237 68.90 -40.86 19.61
CA ALA O 237 69.76 -39.67 19.52
C ALA O 237 70.56 -39.74 18.23
N GLU O 238 70.24 -38.87 17.28
CA GLU O 238 71.02 -38.78 16.05
C GLU O 238 72.32 -38.04 16.32
N LYS O 239 73.33 -38.32 15.48
CA LYS O 239 74.55 -37.53 15.55
C LYS O 239 74.36 -36.15 14.95
N ASP O 240 73.83 -36.08 13.74
CA ASP O 240 73.58 -34.84 13.04
C ASP O 240 72.19 -34.87 12.41
N ASN O 241 71.67 -33.68 12.10
CA ASN O 241 70.52 -33.58 11.21
C ASN O 241 70.91 -33.26 9.77
N ALA O 242 72.19 -33.01 9.49
CA ALA O 242 72.68 -32.73 8.15
C ALA O 242 74.09 -33.26 8.01
N GLU O 243 74.52 -33.48 6.77
CA GLU O 243 75.79 -34.13 6.47
C GLU O 243 75.80 -35.52 7.08
N ILE O 244 74.61 -36.09 7.29
CA ILE O 244 74.44 -37.47 7.73
C ILE O 244 73.07 -37.89 7.23
N ARG O 245 72.81 -39.19 7.19
CA ARG O 245 71.59 -39.65 6.56
C ARG O 245 71.29 -41.07 7.03
N VAL O 246 70.21 -41.63 6.49
CA VAL O 246 69.90 -43.04 6.62
C VAL O 246 68.99 -43.44 5.47
N HIS O 247 71.31 -45.13 4.55
CA HIS O 247 71.16 -46.50 5.01
C HIS O 247 71.83 -47.47 4.03
N THR O 248 73.86 -43.57 3.06
CA THR O 248 73.04 -44.27 2.08
C THR O 248 73.53 -45.71 1.90
N VAL O 249 74.74 -46.00 2.41
CA VAL O 249 75.31 -47.33 2.34
C VAL O 249 75.81 -47.75 3.72
N GLU O 250 76.86 -47.05 4.21
CA GLU O 250 77.54 -47.46 5.42
C GLU O 250 76.77 -47.09 6.69
N ASP O 251 76.11 -45.94 6.68
CA ASP O 251 75.45 -45.44 7.89
C ASP O 251 74.23 -46.24 8.27
N TYR O 252 73.85 -47.23 7.46
CA TYR O 252 72.73 -48.10 7.80
C TYR O 252 72.86 -48.65 9.22
N GLN O 253 73.89 -49.45 9.47
CA GLN O 253 74.21 -49.93 10.80
C GLN O 253 75.19 -49.05 11.56
N ALA O 254 75.78 -48.06 10.90
CA ALA O 254 76.81 -47.25 11.54
C ALA O 254 76.20 -46.20 12.47
N ILE O 255 75.13 -45.54 12.03
CA ILE O 255 74.53 -44.50 12.85
C ILE O 255 73.97 -45.09 14.14
N VAL O 256 73.36 -46.27 14.05
CA VAL O 256 72.50 -46.75 15.12
C VAL O 256 73.32 -47.07 16.37
N ASP O 257 74.32 -47.93 16.24
CA ASP O 257 75.19 -48.21 17.37
C ASP O 257 75.89 -46.95 17.84
N ALA O 258 76.02 -45.95 16.97
CA ALA O 258 76.46 -44.63 17.38
C ALA O 258 75.32 -43.81 17.95
N GLU O 259 74.09 -43.99 17.44
CA GLU O 259 72.93 -43.32 18.01
C GLU O 259 72.78 -43.65 19.49
N TRP O 260 73.18 -44.86 19.87
CA TRP O 260 73.00 -45.31 21.25
C TRP O 260 73.97 -44.61 22.19
N ASN O 261 75.04 -44.04 21.64
CA ASN O 261 76.14 -43.56 22.46
C ASN O 261 75.75 -42.31 23.24
N ILE O 262 75.16 -41.31 22.56
CA ILE O 262 74.71 -40.11 23.25
C ILE O 262 73.76 -40.47 24.38
N LEU O 263 72.84 -41.41 24.11
CA LEU O 263 71.98 -41.88 25.19
C LEU O 263 72.76 -42.66 26.23
N TYR O 264 73.65 -43.56 25.80
CA TYR O 264 74.58 -44.14 26.76
C TYR O 264 75.34 -43.04 27.50
N ASP O 265 75.77 -42.01 26.78
CA ASP O 265 76.44 -40.88 27.44
C ASP O 265 75.47 -40.06 28.28
N LYS O 266 74.42 -39.52 27.66
CA LYS O 266 73.63 -38.48 28.32
C LYS O 266 72.73 -39.05 29.40
N LEU O 267 72.12 -40.22 29.16
CA LEU O 267 71.30 -40.85 30.18
C LEU O 267 72.16 -41.20 31.40
N GLU O 268 73.45 -41.48 31.17
CA GLU O 268 74.37 -41.70 32.28
C GLU O 268 74.83 -40.39 32.89
N LYS O 269 74.87 -39.31 32.10
CA LYS O 269 75.30 -38.02 32.64
C LYS O 269 74.47 -37.64 33.85
N ILE O 270 73.21 -38.07 33.89
CA ILE O 270 72.43 -37.94 35.11
C ILE O 270 73.00 -38.83 36.19
N HIS O 271 73.40 -40.06 35.83
CA HIS O 271 73.74 -41.05 36.83
C HIS O 271 75.10 -40.79 37.47
N HIS O 272 76.14 -40.59 36.66
CA HIS O 272 77.47 -40.41 37.24
C HIS O 272 77.63 -39.04 37.89
N SER O 273 76.89 -38.04 37.43
CA SER O 273 76.81 -36.78 38.16
C SER O 273 75.87 -36.93 39.35
N GLY O 274 75.24 -38.09 39.48
CA GLY O 274 74.48 -38.48 40.65
C GLY O 274 72.98 -38.39 40.48
N ALA O 275 72.30 -39.37 41.09
CA ALA O 275 70.85 -39.50 41.08
C ALA O 275 70.50 -40.82 41.75
N LYS O 276 69.25 -40.93 42.19
CA LYS O 276 68.64 -42.24 42.38
C LYS O 276 67.25 -42.19 41.75
N VAL O 277 66.36 -41.39 42.32
CA VAL O 277 65.18 -40.90 41.61
C VAL O 277 65.66 -39.88 40.60
N VAL O 278 65.33 -40.10 39.33
CA VAL O 278 65.61 -39.15 38.27
C VAL O 278 64.30 -38.48 37.90
N LEU O 279 64.16 -37.21 38.29
CA LEU O 279 62.99 -36.43 37.97
C LEU O 279 63.32 -35.53 36.80
N SER O 280 62.78 -35.86 35.63
CA SER O 280 62.99 -35.03 34.46
C SER O 280 61.70 -34.28 34.18
N LYS O 281 61.81 -32.96 34.10
CA LYS O 281 60.65 -32.13 33.78
C LYS O 281 60.08 -32.46 32.42
N LEU O 282 60.82 -33.23 31.62
CA LEU O 282 60.52 -33.62 30.25
C LEU O 282 60.64 -35.14 30.09
N PRO O 283 60.08 -35.71 29.02
CA PRO O 283 59.88 -37.16 28.97
C PRO O 283 61.16 -37.97 29.00
N ILE O 284 61.01 -39.26 29.29
CA ILE O 284 62.07 -40.26 29.22
C ILE O 284 61.71 -41.24 28.12
N GLY O 285 62.67 -41.51 27.22
CA GLY O 285 62.44 -42.42 26.12
C GLY O 285 62.23 -43.85 26.56
N ASP O 286 61.62 -44.69 25.72
CA ASP O 286 61.29 -46.05 26.14
C ASP O 286 62.53 -46.92 26.26
N VAL O 287 63.34 -47.03 25.20
CA VAL O 287 64.61 -47.72 25.33
C VAL O 287 65.52 -46.93 26.26
N ALA O 288 65.31 -45.62 26.37
CA ALA O 288 65.94 -44.85 27.44
C ALA O 288 65.41 -45.29 28.80
N THR O 289 64.11 -45.54 28.90
CA THR O 289 63.56 -46.02 30.17
C THR O 289 63.98 -47.46 30.43
N GLN O 290 64.14 -48.25 29.36
CA GLN O 290 64.82 -49.53 29.47
C GLN O 290 66.22 -49.35 30.04
N TYR O 291 66.95 -48.36 29.50
CA TYR O 291 68.24 -47.99 30.07
C TYR O 291 68.13 -47.75 31.56
N PHE O 292 67.34 -46.74 31.97
CA PHE O 292 67.13 -46.48 33.39
C PHE O 292 66.62 -47.72 34.12
N ALA O 293 65.79 -48.52 33.47
CA ALA O 293 65.45 -49.82 34.03
C ALA O 293 66.69 -50.70 34.18
N ASP O 294 67.49 -50.80 33.11
CA ASP O 294 68.73 -51.56 33.17
C ASP O 294 69.71 -50.93 34.16
N ARG O 295 69.57 -49.63 34.41
CA ARG O 295 70.43 -48.95 35.39
C ARG O 295 69.89 -49.02 36.81
N ASP O 296 68.68 -49.56 37.01
CA ASP O 296 68.07 -49.71 38.33
C ASP O 296 68.01 -48.39 39.07
N MET O 297 67.89 -47.29 38.33
CA MET O 297 67.78 -45.95 38.91
C MET O 297 66.46 -45.33 38.48
N PHE O 298 65.64 -44.98 39.46
CA PHE O 298 64.29 -44.49 39.22
C PHE O 298 64.31 -43.28 38.30
N CYS O 299 63.51 -43.37 37.23
CA CYS O 299 63.46 -42.29 36.24
C CYS O 299 62.04 -41.76 36.17
N ALA O 300 61.93 -40.43 36.22
CA ALA O 300 60.65 -39.76 36.04
C ALA O 300 60.76 -38.84 34.84
N GLY O 301 59.63 -38.55 34.22
CA GLY O 301 59.60 -37.70 33.05
C GLY O 301 58.30 -36.93 33.00
N ARG O 302 58.34 -35.82 32.26
CA ARG O 302 57.24 -34.86 32.19
C ARG O 302 56.85 -34.35 33.57
N VAL O 303 57.82 -34.28 34.48
CA VAL O 303 57.52 -33.84 35.85
C VAL O 303 57.17 -32.36 35.84
N PRO O 304 56.14 -31.91 36.56
CA PRO O 304 55.91 -30.47 36.68
C PRO O 304 57.09 -29.81 37.37
N GLU O 305 57.52 -28.68 36.83
CA GLU O 305 58.59 -27.92 37.47
C GLU O 305 58.19 -27.51 38.88
N GLU O 306 56.90 -27.32 39.13
CA GLU O 306 56.43 -26.92 40.45
C GLU O 306 56.66 -28.03 41.48
N ASP O 307 56.36 -29.28 41.11
CA ASP O 307 56.71 -30.40 41.97
C ASP O 307 58.20 -30.44 42.21
N LEU O 308 58.99 -30.13 41.17
CA LEU O 308 60.43 -29.98 41.36
C LEU O 308 60.74 -28.83 42.31
N LYS O 309 60.02 -27.71 42.18
CA LYS O 309 60.26 -26.54 43.00
C LYS O 309 59.91 -26.76 44.47
N ARG O 310 58.71 -27.27 44.75
CA ARG O 310 58.37 -27.65 46.12
C ARG O 310 59.43 -28.56 46.69
N THR O 311 59.89 -29.52 45.89
CA THR O 311 61.05 -30.34 46.25
C THR O 311 62.32 -29.52 46.32
N MET O 312 62.56 -28.68 45.30
CA MET O 312 63.70 -27.77 45.32
C MET O 312 63.73 -26.96 46.62
N MET O 313 62.59 -26.42 47.03
CA MET O 313 62.53 -25.74 48.31
C MET O 313 62.47 -26.73 49.47
N ALA O 314 62.11 -27.98 49.20
CA ALA O 314 62.16 -29.00 50.24
C ALA O 314 63.58 -29.54 50.43
N CYS O 315 64.34 -29.65 49.34
CA CYS O 315 65.67 -30.25 49.43
C CYS O 315 66.73 -29.20 49.74
N GLY O 316 66.39 -27.93 49.62
CA GLY O 316 67.41 -26.94 49.40
C GLY O 316 68.12 -27.12 48.09
N GLY O 317 67.58 -27.97 47.21
CA GLY O 317 68.19 -28.27 45.94
C GLY O 317 67.74 -27.31 44.85
N SER O 318 67.81 -27.78 43.61
CA SER O 318 67.40 -26.98 42.46
C SER O 318 67.11 -27.89 41.29
N ILE O 319 66.36 -27.35 40.32
CA ILE O 319 66.14 -28.06 39.06
C ILE O 319 67.37 -27.93 38.18
N GLN O 320 67.53 -28.86 37.25
CA GLN O 320 68.68 -28.85 36.36
C GLN O 320 68.24 -29.02 34.91
N THR O 321 68.46 -27.97 34.11
CA THR O 321 68.43 -28.08 32.66
C THR O 321 69.62 -28.87 32.13
N SER O 322 70.58 -29.18 32.99
CA SER O 322 71.72 -30.01 32.63
C SER O 322 71.55 -31.42 33.19
N VAL O 323 71.80 -32.41 32.33
CA VAL O 323 71.99 -33.77 32.78
C VAL O 323 73.18 -33.87 33.74
N ASN O 324 74.08 -32.88 33.69
CA ASN O 324 75.18 -32.76 34.64
C ASN O 324 74.63 -32.22 35.96
N ALA O 325 74.85 -32.98 37.03
CA ALA O 325 74.53 -32.55 38.39
C ALA O 325 75.81 -32.28 39.16
N LEU O 326 76.10 -31.00 39.36
CA LEU O 326 77.40 -30.60 39.89
C LEU O 326 77.41 -30.30 41.38
N SER O 327 76.26 -30.28 42.05
CA SER O 327 76.19 -30.02 43.48
C SER O 327 74.86 -30.50 44.01
N ALA O 328 74.80 -30.73 45.32
CA ALA O 328 73.57 -31.14 46.00
C ALA O 328 72.52 -30.04 46.01
N ASP O 329 72.95 -28.78 45.97
CA ASP O 329 72.05 -27.64 45.90
C ASP O 329 71.54 -27.33 44.50
N VAL O 330 72.33 -27.60 43.46
CA VAL O 330 71.81 -27.57 42.10
C VAL O 330 71.11 -28.88 41.75
N LEU O 331 71.58 -30.00 42.29
CA LEU O 331 70.84 -31.25 42.28
C LEU O 331 69.88 -31.19 43.46
N GLY O 332 69.32 -32.35 43.83
CA GLY O 332 68.48 -32.43 45.00
C GLY O 332 68.65 -33.77 45.68
N ARG O 333 68.15 -33.85 46.90
CA ARG O 333 68.16 -35.10 47.65
C ARG O 333 67.12 -35.04 48.76
N CYS O 334 66.67 -36.21 49.18
CA CYS O 334 65.83 -36.36 50.35
C CYS O 334 66.25 -37.60 51.11
N GLN O 335 65.70 -37.76 52.30
CA GLN O 335 65.91 -38.96 53.09
C GLN O 335 64.81 -39.99 52.88
N VAL O 336 63.77 -39.67 52.12
CA VAL O 336 62.77 -40.65 51.71
C VAL O 336 62.36 -40.38 50.27
N PHE O 337 62.41 -41.42 49.44
CA PHE O 337 61.72 -41.47 48.16
C PHE O 337 60.84 -42.71 48.16
N GLU O 338 59.53 -42.50 48.02
CA GLU O 338 58.61 -43.63 47.98
C GLU O 338 57.60 -43.41 46.88
N GLU O 339 57.57 -44.34 45.93
CA GLU O 339 56.51 -44.41 44.95
C GLU O 339 55.39 -45.23 45.55
N THR O 340 54.18 -44.69 45.51
CA THR O 340 53.00 -45.38 45.99
C THR O 340 51.79 -44.85 45.24
N GLN O 341 50.71 -45.63 45.24
CA GLN O 341 49.49 -45.25 44.54
C GLN O 341 48.37 -45.12 45.55
N ILE O 342 47.93 -43.89 45.80
CA ILE O 342 46.76 -43.61 46.61
C ILE O 342 45.73 -42.97 45.69
N GLY O 343 44.69 -43.72 45.35
CA GLY O 343 43.78 -43.32 44.30
C GLY O 343 44.04 -43.93 42.95
N GLY O 344 45.14 -44.68 42.79
CA GLY O 344 45.37 -45.39 41.54
C GLY O 344 46.35 -44.75 40.59
N GLU O 345 47.06 -43.71 41.03
CA GLU O 345 48.08 -43.07 40.20
C GLU O 345 49.40 -43.14 40.94
N ARG O 346 50.50 -43.22 40.20
CA ARG O 346 51.81 -43.26 40.82
C ARG O 346 52.12 -41.92 41.46
N TYR O 347 52.38 -41.94 42.76
CA TYR O 347 52.94 -40.80 43.50
C TYR O 347 54.40 -41.09 43.72
N ASN O 348 55.22 -40.04 43.69
CA ASN O 348 56.56 -40.13 44.26
C ASN O 348 56.61 -39.16 45.42
N PHE O 349 56.62 -39.68 46.64
CA PHE O 349 56.70 -38.86 47.84
C PHE O 349 58.16 -38.60 48.19
N PHE O 350 58.51 -37.33 48.32
CA PHE O 350 59.73 -36.92 48.99
C PHE O 350 59.37 -36.44 50.38
N THR O 351 59.67 -37.26 51.39
CA THR O 351 59.36 -36.92 52.76
C THR O 351 60.64 -36.90 53.57
N GLY O 352 60.58 -36.28 54.73
CA GLY O 352 61.79 -36.03 55.50
C GLY O 352 62.81 -35.23 54.74
N CYS O 353 62.38 -34.22 53.98
CA CYS O 353 63.28 -33.52 53.09
C CYS O 353 64.24 -32.64 53.90
N PRO O 354 65.34 -32.18 53.29
CA PRO O 354 66.22 -31.24 54.00
C PRO O 354 65.53 -29.99 54.51
N LYS O 355 64.41 -29.59 53.88
CA LYS O 355 63.62 -28.47 54.37
C LYS O 355 62.15 -28.80 54.52
N ALA O 356 61.43 -28.96 53.41
CA ALA O 356 60.05 -29.45 53.37
C ALA O 356 59.15 -28.70 54.35
N LYS O 357 58.90 -27.44 54.02
CA LYS O 357 57.75 -26.73 54.56
C LYS O 357 56.54 -26.90 53.64
N THR O 358 56.72 -27.69 52.59
CA THR O 358 55.65 -28.12 51.70
C THR O 358 54.61 -28.90 52.49
N CYS O 359 53.34 -28.62 52.21
CA CYS O 359 52.24 -29.42 52.74
C CYS O 359 51.43 -29.97 51.56
N THR O 360 51.54 -31.27 51.32
CA THR O 360 50.83 -31.90 50.23
C THR O 360 49.59 -32.57 50.81
N PHE O 361 48.48 -32.48 50.09
CA PHE O 361 47.21 -33.06 50.51
C PHE O 361 46.76 -34.07 49.47
N ILE O 362 46.60 -35.32 49.88
CA ILE O 362 46.05 -36.34 49.00
C ILE O 362 44.55 -36.31 49.24
N LEU O 363 43.81 -35.78 48.28
CA LEU O 363 42.40 -35.47 48.45
C LEU O 363 41.57 -36.26 47.45
N ARG O 364 40.33 -36.55 47.81
CA ARG O 364 39.38 -37.25 46.96
C ARG O 364 38.03 -36.58 47.14
N GLY O 365 37.42 -36.16 46.02
CA GLY O 365 36.12 -35.54 46.05
C GLY O 365 35.02 -36.55 45.84
N GLY O 366 33.82 -36.16 46.29
CA GLY O 366 32.68 -37.06 46.18
C GLY O 366 32.38 -37.51 44.77
N ALA O 367 32.78 -36.72 43.77
CA ALA O 367 32.58 -37.07 42.37
C ALA O 367 33.56 -36.34 41.47
N GLU O 368 33.26 -36.35 40.17
CA GLU O 368 34.08 -35.73 39.15
C GLU O 368 34.06 -34.21 39.21
N GLN O 369 32.90 -33.59 39.00
CA GLN O 369 32.84 -32.13 38.98
C GLN O 369 32.78 -31.54 40.38
N PHE O 370 32.53 -32.37 41.39
CA PHE O 370 32.34 -31.85 42.75
C PHE O 370 33.65 -31.79 43.52
N MET O 371 34.72 -32.35 42.97
CA MET O 371 35.94 -32.56 43.74
C MET O 371 36.76 -31.28 43.90
N GLU O 372 36.55 -30.29 43.04
CA GLU O 372 37.52 -29.21 42.94
C GLU O 372 37.35 -28.18 44.07
N GLU O 373 36.12 -27.79 44.38
CA GLU O 373 35.92 -26.65 45.28
C GLU O 373 36.36 -26.97 46.71
N THR O 374 36.35 -28.24 47.10
CA THR O 374 36.97 -28.63 48.36
C THR O 374 38.38 -28.09 48.48
N GLU O 375 39.23 -28.37 47.48
CA GLU O 375 40.57 -27.80 47.48
C GLU O 375 40.53 -26.28 47.49
N ARG O 376 39.63 -25.69 46.71
CA ARG O 376 39.47 -24.24 46.78
C ARG O 376 38.98 -23.82 48.17
N SER O 377 38.13 -24.63 48.80
CA SER O 377 37.77 -24.37 50.19
C SER O 377 38.95 -24.55 51.11
N LEU O 378 39.75 -25.60 50.87
CA LEU O 378 40.95 -25.83 51.68
C LEU O 378 41.89 -24.64 51.62
N HIS O 379 42.27 -24.20 50.41
CA HIS O 379 43.19 -23.08 50.29
C HIS O 379 42.57 -21.79 50.81
N ASP O 380 41.31 -21.53 50.46
CA ASP O 380 40.66 -20.32 50.93
C ASP O 380 40.67 -20.25 52.46
N ALA O 381 40.37 -21.36 53.12
CA ALA O 381 40.63 -21.44 54.55
C ALA O 381 42.10 -21.17 54.85
N ILE O 382 42.99 -21.96 54.23
CA ILE O 382 44.43 -21.76 54.41
C ILE O 382 44.82 -20.30 54.19
N MET O 383 44.21 -19.64 53.21
CA MET O 383 44.51 -18.24 52.98
C MET O 383 44.13 -17.39 54.18
N ILE O 384 42.84 -17.43 54.57
CA ILE O 384 42.40 -16.51 55.62
C ILE O 384 42.81 -17.01 56.99
N VAL O 385 43.08 -18.31 57.13
CA VAL O 385 43.76 -18.78 58.32
C VAL O 385 45.14 -18.14 58.42
N ARG O 386 45.90 -18.20 57.33
CA ARG O 386 47.14 -17.44 57.24
C ARG O 386 46.88 -15.95 57.26
N ARG O 387 45.75 -15.51 56.70
CA ARG O 387 45.41 -14.09 56.76
C ARG O 387 44.92 -13.67 58.14
N ALA O 388 44.25 -14.58 58.86
CA ALA O 388 44.05 -14.35 60.29
C ALA O 388 45.38 -14.34 61.02
N ILE O 389 46.40 -14.99 60.45
CA ILE O 389 47.76 -14.87 60.97
C ILE O 389 48.41 -13.59 60.45
N LYS O 390 48.29 -13.31 59.15
CA LYS O 390 48.97 -12.16 58.60
C LYS O 390 48.28 -10.85 59.02
N ASN O 391 47.12 -10.95 59.65
CA ASN O 391 46.52 -9.84 60.37
C ASN O 391 46.01 -10.36 61.70
N ASP O 392 46.59 -9.85 62.79
CA ASP O 392 46.18 -10.23 64.13
C ASP O 392 44.71 -9.95 64.40
N SER O 393 44.20 -8.79 64.00
CA SER O 393 42.85 -8.36 64.29
C SER O 393 41.91 -8.83 63.20
N VAL O 394 40.97 -9.70 63.57
CA VAL O 394 40.06 -10.34 62.63
C VAL O 394 38.64 -10.20 63.13
N VAL O 395 37.83 -9.46 62.37
CA VAL O 395 36.49 -9.08 62.79
C VAL O 395 35.47 -10.09 62.28
N ALA O 396 34.20 -9.78 62.52
CA ALA O 396 33.10 -10.64 62.10
C ALA O 396 32.95 -10.63 60.59
N GLY O 397 32.78 -11.83 60.02
CA GLY O 397 32.55 -11.97 58.60
C GLY O 397 31.10 -11.70 58.25
N GLY O 398 30.71 -12.18 57.06
CA GLY O 398 29.35 -12.10 56.59
C GLY O 398 28.72 -10.73 56.63
N GLY O 399 29.47 -9.66 56.39
CA GLY O 399 28.93 -8.32 56.43
C GLY O 399 28.28 -7.94 57.75
N ALA O 400 28.84 -8.39 58.88
CA ALA O 400 28.24 -8.10 60.17
C ALA O 400 28.43 -6.65 60.56
N ILE O 401 29.59 -6.07 60.22
CA ILE O 401 29.96 -4.77 60.72
C ILE O 401 29.28 -3.66 59.91
N GLU O 402 29.08 -3.90 58.61
CA GLU O 402 28.62 -2.85 57.71
C GLU O 402 27.27 -2.30 58.13
N MET O 403 26.36 -3.18 58.57
CA MET O 403 25.03 -2.76 59.00
C MET O 403 25.10 -1.69 60.09
N GLU O 404 25.82 -1.99 61.17
CA GLU O 404 26.06 -0.98 62.19
C GLU O 404 26.67 0.28 61.57
N LEU O 405 27.65 0.10 60.69
CA LEU O 405 28.28 1.24 60.02
C LEU O 405 27.25 2.04 59.24
N SER O 406 26.29 1.36 58.60
CA SER O 406 25.19 2.07 57.98
C SER O 406 24.46 2.94 58.99
N LYS O 407 23.98 2.33 60.08
CA LYS O 407 23.36 3.10 61.14
C LYS O 407 24.33 4.10 61.75
N TYR O 408 25.58 3.66 61.97
CA TYR O 408 26.64 4.59 62.33
C TYR O 408 26.65 5.79 61.40
N LEU O 409 26.41 5.55 60.11
CA LEU O 409 26.17 6.67 59.21
C LEU O 409 24.74 7.18 59.29
N ARG O 410 23.75 6.29 59.46
CA ARG O 410 22.40 6.78 59.69
C ARG O 410 22.34 7.70 60.90
N ASP O 411 23.27 7.51 61.84
CA ASP O 411 23.57 8.56 62.79
C ASP O 411 23.87 9.87 62.07
N TYR O 412 24.91 9.88 61.24
CA TYR O 412 25.26 11.10 60.51
C TYR O 412 24.19 11.47 59.52
N SER O 413 23.54 10.48 58.91
CA SER O 413 22.36 10.79 58.11
C SER O 413 21.38 11.63 58.91
N ARG O 414 21.29 11.39 60.20
CA ARG O 414 20.68 12.36 61.10
C ARG O 414 21.66 13.47 61.46
N THR O 415 22.87 13.11 61.87
CA THR O 415 23.73 14.05 62.58
C THR O 415 24.41 15.04 61.65
N ILE O 416 25.03 14.55 60.58
CA ILE O 416 25.97 15.36 59.82
C ILE O 416 25.32 16.51 59.05
N PRO O 417 24.18 16.32 58.37
CA PRO O 417 23.90 17.13 57.19
C PRO O 417 23.54 18.58 57.45
N GLY O 418 24.19 19.46 56.72
CA GLY O 418 23.48 20.60 56.20
C GLY O 418 22.80 20.07 54.97
N LYS O 419 23.54 19.19 54.30
CA LYS O 419 23.12 18.45 53.11
C LYS O 419 23.41 16.96 53.26
N GLN O 420 24.68 16.65 53.49
CA GLN O 420 25.31 15.43 53.01
C GLN O 420 24.69 14.14 53.55
N GLN O 421 23.70 14.21 54.44
CA GLN O 421 22.95 13.00 54.76
C GLN O 421 22.53 12.28 53.50
N LEU O 422 22.23 13.05 52.45
CA LEU O 422 21.94 12.48 51.14
C LEU O 422 23.02 11.50 50.74
N LEU O 423 24.27 11.89 50.92
CA LEU O 423 25.39 10.97 50.80
C LEU O 423 25.33 9.90 51.89
N ILE O 424 25.27 10.35 53.14
CA ILE O 424 25.39 9.45 54.28
C ILE O 424 24.25 8.45 54.30
N GLY O 425 23.08 8.83 53.80
CA GLY O 425 22.03 7.86 53.57
C GLY O 425 22.33 6.96 52.38
N ALA O 426 22.71 7.56 51.25
CA ALA O 426 23.16 6.78 50.10
C ALA O 426 24.37 5.92 50.45
N TYR O 427 25.51 6.56 50.73
CA TYR O 427 26.78 5.89 50.91
C TYR O 427 26.66 4.64 51.78
N ALA O 428 26.24 4.82 53.03
CA ALA O 428 26.17 3.72 53.99
C ALA O 428 25.38 2.53 53.46
N LYS O 429 24.25 2.80 52.79
CA LYS O 429 23.39 1.70 52.35
C LYS O 429 24.15 0.73 51.45
N ALA O 430 25.10 1.25 50.67
CA ALA O 430 25.80 0.41 49.71
C ALA O 430 26.65 -0.63 50.42
N LEU O 431 27.13 -0.32 51.63
CA LEU O 431 27.77 -1.31 52.47
C LEU O 431 26.94 -2.59 52.53
N GLU O 432 25.72 -2.48 53.06
CA GLU O 432 24.86 -3.60 53.38
C GLU O 432 24.53 -4.45 52.16
N ILE O 433 24.80 -3.95 50.94
CA ILE O 433 24.44 -4.69 49.73
C ILE O 433 25.33 -5.92 49.56
N ILE O 434 26.59 -5.83 49.96
CA ILE O 434 27.52 -6.95 49.73
C ILE O 434 27.12 -8.19 50.49
N PRO O 435 26.86 -8.16 51.80
CA PRO O 435 26.27 -9.35 52.43
C PRO O 435 24.84 -9.57 52.01
N ARG O 436 24.11 -8.50 51.68
CA ARG O 436 22.83 -8.66 51.00
C ARG O 436 22.98 -9.54 49.76
N GLN O 437 24.04 -9.34 48.99
CA GLN O 437 24.27 -10.18 47.82
C GLN O 437 24.27 -11.65 48.20
N LEU O 438 24.70 -11.97 49.42
CA LEU O 438 24.75 -13.36 49.84
C LEU O 438 23.35 -13.90 50.07
N CYS O 439 22.60 -13.33 51.02
CA CYS O 439 21.19 -13.67 51.16
C CYS O 439 20.49 -13.66 49.81
N ASP O 440 20.80 -12.67 48.97
CA ASP O 440 20.31 -12.68 47.60
C ASP O 440 20.77 -13.94 46.85
N ASN O 441 22.07 -14.03 46.58
CA ASN O 441 22.56 -15.12 45.74
C ASN O 441 22.37 -16.48 46.41
N ALA O 442 22.02 -16.47 47.70
CA ALA O 442 21.58 -17.71 48.33
C ALA O 442 20.06 -17.84 48.32
N GLY O 443 19.35 -16.80 47.90
CA GLY O 443 17.91 -16.81 47.95
C GLY O 443 17.31 -16.78 49.33
N PHE O 444 17.77 -15.87 50.19
CA PHE O 444 17.18 -15.65 51.49
C PHE O 444 17.08 -14.15 51.70
N ASP O 445 16.35 -13.74 52.74
CA ASP O 445 15.90 -12.36 52.78
C ASP O 445 16.95 -11.51 53.46
N ALA O 446 17.70 -10.75 52.67
CA ALA O 446 18.70 -9.85 53.24
C ALA O 446 18.04 -8.85 54.18
N THR O 447 17.17 -8.01 53.63
CA THR O 447 16.49 -6.99 54.43
C THR O 447 15.99 -7.57 55.75
N ASN O 448 15.11 -8.55 55.68
CA ASN O 448 14.70 -9.28 56.88
C ASN O 448 15.90 -9.63 57.74
N ILE O 449 16.78 -10.50 57.23
CA ILE O 449 17.93 -10.94 58.01
C ILE O 449 18.76 -9.74 58.46
N LEU O 450 19.14 -8.88 57.53
CA LEU O 450 19.97 -7.73 57.89
C LEU O 450 19.26 -6.86 58.92
N ASN O 451 17.97 -6.62 58.72
CA ASN O 451 17.25 -5.78 59.68
C ASN O 451 16.99 -6.50 61.00
N LYS O 452 16.77 -7.82 60.95
CA LYS O 452 16.75 -8.58 62.20
C LYS O 452 18.05 -8.39 62.95
N LEU O 453 19.16 -8.30 62.23
CA LEU O 453 20.40 -7.87 62.85
C LEU O 453 20.32 -6.41 63.31
N ARG O 454 19.60 -5.57 62.55
CA ARG O 454 19.58 -4.15 62.87
C ARG O 454 18.80 -3.87 64.14
N ALA O 455 17.75 -4.64 64.41
CA ALA O 455 17.06 -4.48 65.70
C ALA O 455 18.04 -4.68 66.85
N ARG O 456 18.92 -5.67 66.73
CA ARG O 456 20.00 -5.82 67.70
C ARG O 456 21.16 -4.88 67.40
N HIS O 457 21.34 -4.47 66.14
CA HIS O 457 22.24 -3.35 65.92
C HIS O 457 21.68 -2.08 66.50
N ALA O 458 20.35 -1.94 66.53
CA ALA O 458 19.73 -0.89 67.32
C ALA O 458 20.09 -1.05 68.79
N GLN O 459 20.26 -2.29 69.24
CA GLN O 459 20.66 -2.54 70.63
C GLN O 459 22.09 -2.09 70.87
N GLY O 460 22.82 -1.78 69.81
CA GLY O 460 24.22 -1.44 69.89
C GLY O 460 25.12 -2.55 69.38
N GLY O 461 24.50 -3.62 68.90
CA GLY O 461 25.25 -4.76 68.39
C GLY O 461 26.07 -4.43 67.17
N THR O 462 27.25 -5.02 67.07
CA THR O 462 28.15 -4.71 65.97
C THR O 462 28.50 -5.98 65.20
N TRP O 463 29.15 -6.95 65.86
CA TRP O 463 29.56 -8.17 65.18
C TRP O 463 28.36 -9.05 64.82
N TYR O 464 27.14 -8.67 65.23
CA TYR O 464 25.94 -9.38 64.81
C TYR O 464 25.92 -9.46 63.29
N GLY O 465 25.75 -10.66 62.78
CA GLY O 465 25.87 -10.86 61.34
C GLY O 465 25.28 -12.15 60.84
N VAL O 466 25.65 -12.51 59.61
CA VAL O 466 25.01 -13.60 58.89
C VAL O 466 25.94 -14.79 58.84
N ASP O 467 25.42 -15.97 59.21
CA ASP O 467 26.07 -17.23 58.86
C ASP O 467 25.57 -17.62 57.48
N ILE O 468 26.48 -17.65 56.52
CA ILE O 468 26.12 -17.51 55.11
C ILE O 468 25.79 -18.84 54.45
N ASN O 469 25.89 -19.93 55.20
CA ASN O 469 25.28 -21.18 54.72
C ASN O 469 23.78 -21.15 54.88
N ASN O 470 23.28 -20.78 56.06
CA ASN O 470 21.85 -20.69 56.29
C ASN O 470 21.32 -19.35 55.83
N GLU O 471 22.23 -18.38 55.65
CA GLU O 471 21.85 -16.98 55.56
C GLU O 471 20.94 -16.66 56.74
N ASP O 472 21.50 -16.62 57.94
CA ASP O 472 20.68 -16.40 59.12
C ASP O 472 21.39 -15.41 60.03
N ILE O 473 20.58 -14.71 60.85
CA ILE O 473 21.12 -13.76 61.80
C ILE O 473 21.92 -14.50 62.87
N ALA O 474 23.07 -13.92 63.21
CA ALA O 474 23.93 -14.46 64.25
C ALA O 474 24.95 -13.39 64.61
N ASP O 475 25.91 -13.77 65.44
CA ASP O 475 27.09 -12.93 65.64
C ASP O 475 28.27 -13.59 64.94
N ASN O 476 28.68 -13.02 63.82
CA ASN O 476 29.68 -13.65 62.95
C ASN O 476 31.03 -13.80 63.63
N PHE O 477 31.43 -12.83 64.44
CA PHE O 477 32.69 -12.91 65.16
C PHE O 477 32.71 -14.10 66.09
N GLU O 478 31.69 -14.26 66.93
CA GLU O 478 31.55 -15.44 67.76
C GLU O 478 31.35 -16.72 66.97
N ALA O 479 30.59 -16.69 65.88
CA ALA O 479 30.47 -17.84 64.99
C ALA O 479 31.78 -18.16 64.28
N PHE O 480 32.80 -17.31 64.47
CA PHE O 480 34.07 -17.36 63.78
C PHE O 480 33.87 -17.19 62.29
N VAL O 481 32.77 -16.57 61.87
CA VAL O 481 32.69 -16.09 60.50
C VAL O 481 33.48 -14.81 60.51
N TRP O 482 34.57 -14.79 59.77
CA TRP O 482 35.63 -13.83 60.02
C TRP O 482 36.31 -13.42 58.73
N GLU O 483 36.78 -12.18 58.74
CA GLU O 483 37.89 -11.76 57.92
C GLU O 483 38.62 -10.67 58.71
N PRO O 484 39.91 -10.51 58.52
CA PRO O 484 40.63 -9.47 59.26
C PRO O 484 40.10 -8.07 59.02
N ALA O 485 40.38 -7.16 59.95
CA ALA O 485 39.82 -5.81 59.86
C ALA O 485 40.44 -5.04 58.71
N MET O 486 41.74 -5.24 58.46
CA MET O 486 42.36 -4.58 57.31
C MET O 486 41.67 -4.98 56.01
N VAL O 487 41.27 -6.25 55.89
CA VAL O 487 40.50 -6.68 54.74
C VAL O 487 39.25 -5.84 54.61
N ARG O 488 38.54 -5.66 55.72
CA ARG O 488 37.46 -4.67 55.78
C ARG O 488 37.96 -3.27 55.44
N ILE O 489 39.09 -2.87 56.06
CA ILE O 489 39.67 -1.55 55.79
C ILE O 489 40.00 -1.40 54.32
N ASN O 490 40.66 -2.40 53.74
CA ASN O 490 41.16 -2.29 52.37
C ASN O 490 40.02 -2.11 51.38
N ALA O 491 38.84 -2.64 51.70
CA ALA O 491 37.73 -2.61 50.77
C ALA O 491 37.24 -1.18 50.53
N LEU O 492 37.01 -0.44 51.62
CA LEU O 492 36.38 0.87 51.50
C LEU O 492 37.30 1.88 50.84
N THR O 493 38.61 1.66 50.94
CA THR O 493 39.57 2.53 50.27
C THR O 493 39.27 2.65 48.78
N ALA O 494 39.38 1.53 48.05
CA ALA O 494 39.26 1.58 46.60
C ALA O 494 37.85 1.91 46.16
N ALA O 495 36.86 1.17 46.68
CA ALA O 495 35.50 1.27 46.17
C ALA O 495 34.92 2.67 46.35
N SER O 496 35.27 3.35 47.44
CA SER O 496 34.87 4.74 47.60
C SER O 496 35.49 5.61 46.52
N GLU O 497 36.80 5.46 46.29
CA GLU O 497 37.52 6.33 45.36
C GLU O 497 37.09 6.10 43.92
N ALA O 498 36.90 4.84 43.54
CA ALA O 498 36.47 4.53 42.18
C ALA O 498 35.24 5.36 41.80
N ALA O 499 34.25 5.38 42.68
CA ALA O 499 33.14 6.31 42.50
C ALA O 499 33.65 7.74 42.43
N CYS O 500 34.47 8.13 43.40
CA CYS O 500 35.01 9.49 43.41
C CYS O 500 35.81 9.79 42.15
N LEU O 501 36.72 8.88 41.78
CA LEU O 501 37.52 9.08 40.57
C LEU O 501 36.65 9.28 39.36
N ILE O 502 35.84 8.27 39.03
CA ILE O 502 35.04 8.30 37.81
C ILE O 502 34.07 9.50 37.83
N VAL O 503 33.72 9.98 39.01
CA VAL O 503 32.89 11.18 39.08
C VAL O 503 33.68 12.40 38.64
N SER O 504 34.91 12.55 39.15
CA SER O 504 35.74 13.68 38.75
C SER O 504 35.91 13.72 37.23
N VAL O 505 35.83 12.57 36.57
CA VAL O 505 35.95 12.53 35.13
C VAL O 505 34.58 12.52 34.48
N ASP O 506 34.21 13.61 33.80
CA ASP O 506 33.13 13.49 32.83
C ASP O 506 33.68 13.32 31.42
N GLU O 507 35.00 13.35 31.26
CA GLU O 507 35.63 13.46 29.95
C GLU O 507 36.68 12.39 29.75
N THR O 508 36.50 11.58 28.71
CA THR O 508 37.46 10.57 28.32
C THR O 508 37.94 10.86 26.92
N ILE O 509 39.22 11.22 26.78
CA ILE O 509 39.84 11.42 25.47
C ILE O 509 40.10 10.04 24.89
N LYS O 510 39.93 9.92 23.58
CA LYS O 510 40.45 8.77 22.83
C LYS O 510 41.41 9.37 21.81
N ASN O 511 42.71 9.18 22.06
CA ASN O 511 43.71 9.71 21.13
C ASN O 511 43.76 8.98 19.79
N PRO O 512 43.71 7.64 19.71
CA PRO O 512 43.78 7.00 18.39
C PRO O 512 42.49 7.19 17.61
N ARG O 513 41.38 7.31 18.34
CA ARG O 513 40.03 7.31 17.78
C ARG O 513 39.88 6.13 16.80
N SER O 514 40.41 4.98 17.21
CA SER O 514 40.43 3.80 16.35
C SER O 514 39.34 2.82 16.74
N ALA P 6 34.92 18.30 6.18
CA ALA P 6 35.90 18.15 7.24
C ALA P 6 36.25 19.51 7.85
N LYS P 7 36.64 20.45 7.00
CA LYS P 7 37.09 21.76 7.44
C LYS P 7 36.41 22.92 6.73
N HIS P 8 36.53 23.03 5.41
CA HIS P 8 36.00 24.14 4.64
C HIS P 8 34.48 24.10 4.70
N PHE P 9 33.86 25.25 4.98
CA PHE P 9 32.41 25.37 4.91
C PHE P 9 32.03 26.79 4.52
N SER P 10 30.83 26.92 3.97
CA SER P 10 30.23 28.21 3.63
C SER P 10 28.83 28.25 4.20
N GLY P 11 28.21 29.42 4.17
CA GLY P 11 26.93 29.63 4.79
C GLY P 11 26.96 30.02 6.25
N LEU P 12 27.99 30.75 6.68
CA LEU P 12 28.15 31.23 8.06
C LEU P 12 28.36 30.06 9.02
N GLU P 13 28.85 28.94 8.50
CA GLU P 13 29.15 27.79 9.35
C GLU P 13 30.48 27.98 10.08
N GLU P 14 31.44 28.66 9.45
CA GLU P 14 32.73 28.87 10.08
C GLU P 14 32.64 29.81 11.28
N ALA P 15 31.77 30.81 11.21
CA ALA P 15 31.80 31.89 12.20
C ALA P 15 30.87 31.60 13.37
N VAL P 16 29.56 31.71 13.15
CA VAL P 16 28.61 31.60 14.26
C VAL P 16 28.52 30.17 14.73
N TYR P 17 29.15 29.25 14.01
CA TYR P 17 28.94 27.83 14.28
C TYR P 17 30.23 27.16 14.74
N ARG P 18 31.25 27.10 13.87
CA ARG P 18 32.50 26.45 14.24
C ARG P 18 33.16 27.15 15.43
N ASN P 19 33.05 28.49 15.50
CA ASN P 19 33.68 29.23 16.59
C ASN P 19 33.04 28.87 17.92
N ILE P 20 31.71 29.00 18.01
CA ILE P 20 31.04 28.79 19.29
C ILE P 20 31.20 27.35 19.75
N GLN P 21 31.16 26.40 18.82
CA GLN P 21 31.34 25.00 19.18
C GLN P 21 32.67 24.79 19.88
N ALA P 22 33.70 25.51 19.42
CA ALA P 22 34.98 25.49 20.14
C ALA P 22 34.80 25.94 21.58
N CYS P 23 34.07 27.04 21.78
CA CYS P 23 33.85 27.55 23.14
C CYS P 23 33.24 26.48 24.03
N LYS P 24 32.46 25.57 23.44
CA LYS P 24 31.95 24.43 24.21
C LYS P 24 33.09 23.54 24.67
N GLU P 25 34.01 23.22 23.74
CA GLU P 25 35.22 22.48 24.12
C GLU P 25 36.00 23.22 25.19
N LEU P 26 36.05 24.55 25.09
CA LEU P 26 36.78 25.35 26.07
C LEU P 26 36.24 25.11 27.48
N ALA P 27 35.00 24.68 27.60
CA ALA P 27 34.43 24.34 28.90
C ALA P 27 34.78 22.90 29.29
N GLN P 28 34.96 22.70 30.59
CA GLN P 28 35.30 21.42 31.21
C GLN P 28 36.60 20.83 30.69
N THR P 29 37.40 21.65 30.02
CA THR P 29 38.84 21.43 30.03
C THR P 29 39.46 22.35 31.07
N THR P 30 38.69 23.31 31.58
CA THR P 30 39.09 24.29 32.56
C THR P 30 38.06 24.31 33.69
N ARG P 31 36.79 24.48 33.34
CA ARG P 31 35.70 24.81 34.26
C ARG P 31 35.80 24.08 35.59
N THR P 32 35.64 22.76 35.60
CA THR P 32 35.98 22.03 36.82
C THR P 32 37.45 21.66 36.89
N ALA P 33 38.19 21.74 35.79
CA ALA P 33 39.61 21.36 35.76
C ALA P 33 40.50 22.52 36.18
N TYR P 34 39.91 23.65 36.54
CA TYR P 34 40.63 24.84 36.96
C TYR P 34 39.96 25.42 38.20
N GLY P 35 40.48 26.55 38.64
CA GLY P 35 40.22 27.07 39.95
C GLY P 35 41.44 26.87 40.81
N PRO P 36 41.35 27.21 42.09
CA PRO P 36 42.44 26.85 43.01
C PRO P 36 42.82 25.39 42.95
N ASN P 37 41.89 24.51 42.58
CA ASN P 37 42.15 23.11 42.26
C ASN P 37 41.73 22.82 40.82
N GLY P 38 42.24 21.70 40.31
CA GLY P 38 41.77 21.15 39.06
C GLY P 38 40.91 19.91 39.30
N MET P 39 40.42 19.36 38.20
CA MET P 39 39.72 18.07 38.23
C MET P 39 40.15 17.26 37.02
N ASN P 40 40.10 15.94 37.17
CA ASN P 40 40.72 15.05 36.20
C ASN P 40 39.73 14.57 35.17
N LYS P 41 40.22 14.40 33.94
CA LYS P 41 39.42 13.90 32.83
C LYS P 41 40.23 12.88 32.05
N MET P 42 39.64 11.70 31.87
CA MET P 42 40.31 10.55 31.29
C MET P 42 40.81 10.88 29.89
N VAL P 43 41.95 10.29 29.54
CA VAL P 43 42.54 10.42 28.21
C VAL P 43 43.04 9.05 27.78
N ILE P 44 42.49 8.53 26.70
CA ILE P 44 42.94 7.27 26.11
C ILE P 44 43.81 7.61 24.91
N ASN P 45 44.83 6.81 24.68
CA ASN P 45 45.99 7.25 23.91
C ASN P 45 46.12 6.48 22.61
N HIS P 46 46.83 7.07 21.64
CA HIS P 46 47.00 6.46 20.32
C HIS P 46 47.43 5.01 20.45
N LEU P 47 48.22 4.71 21.47
CA LEU P 47 48.32 3.37 22.03
C LEU P 47 47.61 3.41 23.38
N GLU P 48 46.48 2.71 23.47
CA GLU P 48 45.46 3.05 24.44
C GLU P 48 45.93 2.87 25.88
N LYS P 49 45.58 3.84 26.72
CA LYS P 49 45.83 3.85 28.15
C LYS P 49 45.21 5.12 28.73
N LEU P 50 44.93 5.15 30.03
CA LEU P 50 44.14 6.21 30.62
C LEU P 50 45.03 7.31 31.17
N PHE P 51 44.74 8.56 30.79
CA PHE P 51 45.38 9.71 31.39
C PHE P 51 44.32 10.60 32.03
N VAL P 52 44.49 10.89 33.32
CA VAL P 52 43.70 11.90 34.00
C VAL P 52 44.43 13.23 33.86
N THR P 53 43.68 14.31 33.64
CA THR P 53 44.29 15.60 33.35
C THR P 53 43.47 16.74 33.94
N ASN P 54 44.18 17.73 34.47
CA ASN P 54 43.60 18.97 34.96
C ASN P 54 43.83 20.08 33.93
N ASP P 55 45.10 20.36 33.65
CA ASP P 55 45.46 21.53 32.86
C ASP P 55 44.91 21.44 31.44
N ALA P 56 44.51 22.60 30.90
CA ALA P 56 43.97 22.67 29.55
C ALA P 56 44.97 22.19 28.51
N ALA P 57 46.06 22.93 28.33
CA ALA P 57 46.94 22.75 27.17
C ALA P 57 47.30 21.29 26.96
N THR P 58 47.73 20.60 28.02
CA THR P 58 48.10 19.20 27.92
C THR P 58 47.02 18.35 27.28
N ILE P 59 45.86 18.23 27.94
CA ILE P 59 44.81 17.37 27.42
C ILE P 59 44.31 17.83 26.07
N LEU P 60 44.30 19.14 25.81
CA LEU P 60 43.88 19.59 24.50
C LEU P 60 44.95 19.39 23.44
N ARG P 61 46.22 19.46 23.81
CA ARG P 61 47.25 18.95 22.92
C ARG P 61 47.05 17.45 22.69
N GLU P 62 46.70 16.73 23.75
CA GLU P 62 46.34 15.33 23.63
C GLU P 62 45.16 15.14 22.70
N LEU P 63 44.29 16.15 22.61
CA LEU P 63 43.18 16.08 21.67
C LEU P 63 43.57 16.67 20.33
N GLU P 64 43.57 15.83 19.30
CA GLU P 64 43.76 16.29 17.93
C GLU P 64 42.46 16.96 17.52
N VAL P 65 42.53 18.25 17.19
CA VAL P 65 41.33 19.05 17.10
C VAL P 65 41.02 19.38 15.65
N GLN P 66 39.75 19.23 15.27
CA GLN P 66 39.35 19.49 13.90
C GLN P 66 39.14 20.97 13.63
N HIS P 67 38.41 21.67 14.51
CA HIS P 67 38.00 23.05 14.26
C HIS P 67 39.22 23.95 14.11
N PRO P 68 39.40 24.58 12.94
CA PRO P 68 40.40 25.66 12.84
C PRO P 68 40.18 26.77 13.85
N ALA P 69 38.92 27.09 14.14
CA ALA P 69 38.60 27.99 15.25
C ALA P 69 39.26 27.50 16.54
N ALA P 70 38.87 26.33 17.01
CA ALA P 70 39.47 25.76 18.21
C ALA P 70 40.98 25.58 18.03
N LYS P 71 41.41 25.26 16.82
CA LYS P 71 42.82 24.97 16.57
C LYS P 71 43.72 26.15 16.90
N MET P 72 43.23 27.37 16.71
CA MET P 72 44.08 28.54 16.90
C MET P 72 44.35 28.81 18.38
N ILE P 73 43.31 28.77 19.22
CA ILE P 73 43.50 29.07 20.64
C ILE P 73 44.32 28.00 21.33
N VAL P 74 44.30 26.75 20.83
CA VAL P 74 45.17 25.71 21.36
C VAL P 74 46.61 26.19 21.42
N MET P 75 47.05 26.89 20.37
CA MET P 75 48.43 27.35 20.32
C MET P 75 48.73 28.33 21.44
N ALA P 76 47.80 29.24 21.72
CA ALA P 76 48.03 30.27 22.74
C ALA P 76 48.15 29.66 24.14
N SER P 77 47.44 28.56 24.40
CA SER P 77 47.50 27.94 25.72
C SER P 77 48.87 27.31 25.95
N HIS P 78 49.45 26.70 24.91
CA HIS P 78 50.80 26.18 25.04
C HIS P 78 51.82 27.30 25.16
N MET P 79 51.62 28.39 24.41
CA MET P 79 52.42 29.59 24.63
C MET P 79 52.32 30.05 26.07
N GLN P 80 51.09 30.17 26.59
CA GLN P 80 50.92 30.41 28.01
C GLN P 80 51.61 29.37 28.86
N GLU P 81 51.21 28.10 28.74
CA GLU P 81 51.77 27.05 29.59
C GLU P 81 53.29 27.14 29.64
N GLN P 82 53.93 27.20 28.46
CA GLN P 82 55.37 27.43 28.43
C GLN P 82 55.75 28.71 29.17
N GLU P 83 55.30 29.85 28.66
CA GLU P 83 55.56 31.15 29.28
C GLU P 83 55.14 31.23 30.74
N VAL P 84 53.97 30.70 31.09
CA VAL P 84 53.32 31.05 32.34
C VAL P 84 52.93 29.82 33.14
N GLY P 85 52.02 29.02 32.60
CA GLY P 85 51.51 27.83 33.25
C GLY P 85 50.32 28.06 34.16
N ASP P 86 50.18 29.25 34.71
CA ASP P 86 49.02 29.58 35.54
C ASP P 86 47.93 30.18 34.67
N GLY P 87 46.72 29.71 34.87
CA GLY P 87 45.65 30.10 33.97
C GLY P 87 45.79 29.47 32.60
N THR P 88 46.60 28.42 32.48
CA THR P 88 46.65 27.69 31.22
C THR P 88 45.28 27.09 30.89
N ASN P 89 44.59 26.60 31.92
CA ASN P 89 43.16 26.36 31.80
C ASN P 89 42.39 27.62 31.48
N PHE P 90 42.77 28.74 32.11
CA PHE P 90 42.00 29.96 32.01
C PHE P 90 41.95 30.51 30.59
N VAL P 91 43.01 30.31 29.81
CA VAL P 91 43.09 30.93 28.50
C VAL P 91 41.91 30.50 27.64
N LEU P 92 41.47 29.25 27.81
CA LEU P 92 40.23 28.80 27.18
C LEU P 92 39.04 29.63 27.67
N VAL P 93 38.68 29.45 28.94
CA VAL P 93 37.38 29.87 29.46
C VAL P 93 37.12 31.34 29.18
N PHE P 94 38.08 32.21 29.45
CA PHE P 94 37.84 33.64 29.21
C PHE P 94 37.60 33.90 27.74
N ALA P 95 38.47 33.38 26.88
CA ALA P 95 38.30 33.55 25.43
C ALA P 95 36.95 33.00 24.98
N GLY P 96 36.57 31.82 25.48
CA GLY P 96 35.26 31.30 25.15
C GLY P 96 34.15 32.19 25.65
N ALA P 97 34.16 32.50 26.95
CA ALA P 97 33.18 33.45 27.49
C ALA P 97 33.26 34.79 26.78
N LEU P 98 34.43 35.13 26.23
CA LEU P 98 34.56 36.36 25.47
C LEU P 98 33.93 36.23 24.08
N LEU P 99 34.22 35.13 23.39
CA LEU P 99 33.74 34.96 22.02
C LEU P 99 32.23 34.73 22.00
N GLU P 100 31.70 34.09 23.03
CA GLU P 100 30.26 33.82 23.09
C GLU P 100 29.47 35.11 23.19
N LEU P 101 30.15 36.22 23.50
CA LEU P 101 29.48 37.51 23.62
C LEU P 101 29.14 38.09 22.25
N ALA P 102 29.69 37.51 21.18
CA ALA P 102 29.50 38.08 19.85
C ALA P 102 28.13 37.74 19.27
N GLU P 103 27.69 36.49 19.42
CA GLU P 103 26.46 36.04 18.79
C GLU P 103 25.29 36.94 19.14
N GLU P 104 25.18 37.32 20.42
CA GLU P 104 24.17 38.30 20.80
C GLU P 104 24.44 39.66 20.15
N LEU P 105 25.69 40.11 20.19
CA LEU P 105 26.04 41.31 19.43
C LEU P 105 25.79 41.11 17.94
N LEU P 106 25.90 39.87 17.46
CA LEU P 106 25.47 39.59 16.10
C LEU P 106 23.97 39.74 15.94
N ARG P 107 23.19 39.27 16.91
CA ARG P 107 21.76 39.57 16.92
C ARG P 107 21.53 41.04 17.23
N ILE P 108 22.45 41.66 17.96
CA ILE P 108 22.39 43.10 18.14
C ILE P 108 22.90 43.80 16.88
N GLY P 109 23.78 43.14 16.13
CA GLY P 109 24.19 43.65 14.83
C GLY P 109 25.56 44.30 14.80
N LEU P 110 26.36 44.10 15.83
CA LEU P 110 27.68 44.73 15.86
C LEU P 110 28.63 44.03 14.88
N SER P 111 29.69 44.74 14.52
CA SER P 111 30.65 44.29 13.53
C SER P 111 31.89 43.71 14.20
N VAL P 112 32.45 42.69 13.56
CA VAL P 112 33.71 42.10 14.02
C VAL P 112 34.79 43.17 14.12
N SER P 113 34.85 44.06 13.14
CA SER P 113 35.78 45.18 13.21
C SER P 113 35.52 46.06 14.43
N GLU P 114 34.26 46.14 14.86
CA GLU P 114 33.94 46.93 16.05
C GLU P 114 34.34 46.21 17.32
N VAL P 115 33.95 44.94 17.46
CA VAL P 115 34.00 44.28 18.76
C VAL P 115 35.42 43.83 19.08
N ILE P 116 36.21 43.50 18.05
CA ILE P 116 37.62 43.20 18.29
C ILE P 116 38.30 44.39 18.95
N GLU P 117 38.12 45.59 18.37
CA GLU P 117 38.60 46.81 18.99
C GLU P 117 38.08 46.95 20.41
N GLY P 118 36.82 46.56 20.62
CA GLY P 118 36.23 46.72 21.93
C GLY P 118 36.96 45.95 23.01
N TYR P 119 37.09 44.64 22.82
CA TYR P 119 37.85 43.83 23.78
C TYR P 119 39.30 44.26 23.80
N GLU P 120 39.82 44.70 22.64
CA GLU P 120 41.21 45.10 22.53
C GLU P 120 41.57 46.23 23.47
N ILE P 121 40.99 47.41 23.26
CA ILE P 121 41.25 48.52 24.17
C ILE P 121 40.85 48.16 25.58
N ALA P 122 39.90 47.24 25.74
CA ALA P 122 39.48 46.84 27.08
C ALA P 122 40.50 45.90 27.71
N CYS P 123 41.08 44.96 26.95
CA CYS P 123 42.17 44.18 27.54
C CYS P 123 43.41 45.03 27.70
N ARG P 124 43.63 45.99 26.81
CA ARG P 124 44.67 46.99 27.04
C ARG P 124 44.31 47.85 28.25
N LYS P 125 43.02 48.05 28.49
CA LYS P 125 42.61 48.65 29.76
C LYS P 125 42.78 47.66 30.91
N ALA P 126 42.35 46.42 30.72
CA ALA P 126 42.49 45.40 31.76
C ALA P 126 43.95 45.19 32.14
N HIS P 127 44.82 45.11 31.13
CA HIS P 127 46.25 45.00 31.39
C HIS P 127 46.76 46.17 32.23
N GLU P 128 46.17 47.35 32.06
CA GLU P 128 46.48 48.48 32.92
C GLU P 128 45.97 48.28 34.34
N ILE P 129 44.84 47.60 34.48
CA ILE P 129 44.23 47.45 35.80
C ILE P 129 44.90 46.33 36.58
N LEU P 130 45.40 45.31 35.88
CA LEU P 130 46.01 44.18 36.55
C LEU P 130 47.04 44.54 37.62
N PRO P 131 48.02 45.43 37.36
CA PRO P 131 49.06 45.70 38.37
C PRO P 131 48.55 46.02 39.76
N ASN P 132 47.41 46.69 39.87
CA ASN P 132 46.85 47.03 41.18
C ASN P 132 46.15 45.86 41.83
N LEU P 133 45.40 45.07 41.06
CA LEU P 133 44.83 43.84 41.56
C LEU P 133 45.89 42.78 41.83
N VAL P 134 47.11 43.00 41.32
CA VAL P 134 48.28 42.29 41.82
C VAL P 134 48.45 42.77 43.26
N CYS P 135 48.46 41.83 44.21
CA CYS P 135 48.39 42.17 45.62
C CYS P 135 49.66 41.71 46.31
N CYS P 136 50.43 42.68 46.80
CA CYS P 136 51.73 42.48 47.41
C CYS P 136 52.68 41.71 46.50
N SER P 137 53.57 40.92 47.08
CA SER P 137 54.50 40.07 46.33
C SER P 137 55.13 39.07 47.28
N ALA P 138 55.66 37.98 46.73
CA ALA P 138 56.61 37.14 47.46
C ALA P 138 57.66 36.62 46.50
N LYS P 139 58.94 36.87 46.80
CA LYS P 139 60.01 36.12 46.17
C LYS P 139 61.16 35.83 47.11
N ASN P 140 61.45 34.55 47.32
CA ASN P 140 62.79 34.14 47.71
C ASN P 140 63.10 32.87 46.95
N LEU P 141 64.09 32.92 46.08
CA LEU P 141 64.39 31.80 45.19
C LEU P 141 65.49 30.92 45.76
N ARG P 142 66.03 31.30 46.92
CA ARG P 142 66.76 30.39 47.78
C ARG P 142 65.85 29.71 48.80
N ASP P 143 64.60 30.16 48.92
CA ASP P 143 63.67 29.61 49.89
C ASP P 143 62.76 28.63 49.18
N ILE P 144 62.87 27.35 49.53
CA ILE P 144 61.96 26.35 49.03
C ILE P 144 60.56 26.62 49.56
N ASP P 145 60.44 26.89 50.86
CA ASP P 145 59.13 27.02 51.48
C ASP P 145 58.38 28.24 50.94
N GLU P 146 59.09 29.34 50.69
CA GLU P 146 58.46 30.48 50.04
C GLU P 146 58.00 30.11 48.64
N VAL P 147 58.91 29.53 47.84
CA VAL P 147 58.54 29.10 46.49
C VAL P 147 57.47 28.02 46.56
N SER P 148 57.50 27.18 47.59
CA SER P 148 56.53 26.10 47.69
C SER P 148 55.10 26.63 47.70
N SER P 149 54.78 27.50 48.65
CA SER P 149 53.40 28.00 48.76
C SER P 149 52.98 28.74 47.50
N LEU P 150 53.90 29.49 46.89
CA LEU P 150 53.55 30.16 45.64
C LEU P 150 53.37 29.16 44.50
N LEU P 151 54.24 28.15 44.43
CA LEU P 151 53.99 27.05 43.51
C LEU P 151 52.86 26.16 43.98
N ARG P 152 52.60 26.10 45.30
CA ARG P 152 51.60 25.18 45.81
C ARG P 152 50.25 25.45 45.19
N THR P 153 49.75 26.68 45.31
CA THR P 153 48.53 27.04 44.61
C THR P 153 48.74 27.09 43.11
N SER P 154 49.96 27.42 42.67
CA SER P 154 50.24 27.42 41.25
C SER P 154 50.17 26.01 40.68
N ILE P 155 50.71 25.02 41.40
CA ILE P 155 50.45 23.65 40.98
C ILE P 155 49.02 23.27 41.33
N MET P 156 48.53 23.70 42.51
CA MET P 156 47.18 23.34 42.94
C MET P 156 46.15 23.77 41.91
N SER P 157 46.28 24.99 41.38
CA SER P 157 45.36 25.45 40.35
C SER P 157 45.20 24.41 39.26
N LYS P 158 46.29 23.75 38.88
CA LYS P 158 46.28 22.60 38.00
C LYS P 158 46.42 21.27 38.74
N GLN P 159 46.41 21.27 40.07
CA GLN P 159 46.54 20.03 40.83
C GLN P 159 45.46 19.93 41.90
N TYR P 160 44.72 18.82 41.86
CA TYR P 160 44.03 18.41 43.08
C TYR P 160 44.78 17.16 43.57
N GLY P 161 45.48 17.32 44.68
CA GLY P 161 46.37 16.29 45.20
C GLY P 161 47.03 16.77 46.46
N ASN P 162 48.17 16.17 46.81
CA ASN P 162 48.97 16.67 47.94
C ASN P 162 49.69 17.89 47.38
N GLU P 163 49.31 19.06 47.89
CA GLU P 163 49.74 20.31 47.27
C GLU P 163 51.09 20.77 47.80
N VAL P 164 51.28 20.69 49.11
CA VAL P 164 52.47 21.29 49.71
C VAL P 164 53.70 20.42 49.48
N PHE P 165 53.51 19.09 49.43
CA PHE P 165 54.64 18.20 49.26
C PHE P 165 55.29 18.38 47.90
N LEU P 166 54.51 18.28 46.83
CA LEU P 166 55.05 18.66 45.52
C LEU P 166 55.56 20.08 45.55
N ALA P 167 54.76 21.01 46.08
CA ALA P 167 55.22 22.39 46.24
C ALA P 167 56.58 22.44 46.90
N LYS P 168 56.73 21.77 48.04
CA LYS P 168 58.06 21.58 48.63
C LYS P 168 59.04 21.06 47.58
N LEU P 169 58.77 19.89 47.00
CA LEU P 169 59.71 19.30 46.06
C LEU P 169 59.91 20.18 44.84
N ILE P 170 58.83 20.60 44.19
CA ILE P 170 58.99 21.40 42.98
C ILE P 170 59.65 22.74 43.32
N ALA P 171 59.50 23.19 44.56
CA ALA P 171 60.29 24.34 45.01
C ALA P 171 61.69 23.91 45.42
N GLN P 172 61.83 22.71 45.99
CA GLN P 172 63.15 22.20 46.34
C GLN P 172 64.10 22.29 45.15
N ALA P 173 63.79 21.59 44.06
CA ALA P 173 64.65 21.58 42.89
C ALA P 173 64.94 22.99 42.39
N CYS P 174 63.91 23.67 41.85
CA CYS P 174 64.12 24.94 41.16
C CYS P 174 64.90 25.93 42.01
N VAL P 175 64.65 25.93 43.32
CA VAL P 175 65.53 26.67 44.23
C VAL P 175 66.93 26.08 44.24
N SER P 176 67.04 24.79 44.52
CA SER P 176 68.35 24.18 44.73
C SER P 176 69.03 23.77 43.44
N ILE P 177 68.30 23.65 42.33
CA ILE P 177 68.97 23.29 41.09
C ILE P 177 69.73 24.48 40.54
N PHE P 178 69.23 25.70 40.77
CA PHE P 178 70.05 26.83 40.40
C PHE P 178 70.70 27.46 41.62
N PRO P 179 72.03 27.41 41.70
CA PRO P 179 72.74 28.28 42.64
C PRO P 179 72.49 29.77 42.42
N ASP P 180 72.14 30.13 41.19
CA ASP P 180 71.78 31.48 40.75
C ASP P 180 70.27 31.70 40.73
N SER P 181 69.48 30.80 41.31
CA SER P 181 68.04 30.98 41.32
C SER P 181 67.70 32.41 41.70
N GLY P 182 66.71 32.97 41.03
CA GLY P 182 66.75 34.37 40.66
C GLY P 182 66.86 34.40 39.16
N HIS P 183 67.07 33.22 38.58
CA HIS P 183 66.81 32.98 37.17
C HIS P 183 66.23 31.57 37.08
N PHE P 184 65.55 31.28 35.98
CA PHE P 184 65.03 29.94 35.77
C PHE P 184 65.00 29.68 34.27
N ASN P 185 65.30 28.44 33.89
CA ASN P 185 65.39 28.07 32.49
C ASN P 185 64.35 27.00 32.20
N VAL P 186 64.06 26.82 30.91
CA VAL P 186 62.88 26.05 30.49
C VAL P 186 62.78 24.73 31.25
N ASP P 187 63.69 23.80 30.97
CA ASP P 187 63.74 22.56 31.72
C ASP P 187 64.90 22.67 32.70
N ASN P 188 64.59 22.92 33.97
CA ASN P 188 65.58 22.82 35.03
C ASN P 188 65.43 21.57 35.87
N ILE P 189 64.44 20.75 35.63
CA ILE P 189 64.14 19.59 36.46
C ILE P 189 63.83 18.42 35.55
N ARG P 190 64.67 17.39 35.58
CA ARG P 190 64.30 16.11 35.00
C ARG P 190 63.45 15.36 36.02
N VAL P 191 62.62 14.48 35.52
CA VAL P 191 61.89 13.56 36.38
C VAL P 191 62.02 12.16 35.80
N CYS P 192 62.50 11.24 36.63
CA CYS P 192 62.47 9.83 36.30
C CYS P 192 61.26 9.24 36.98
N LYS P 193 60.25 8.92 36.18
CA LYS P 193 58.97 8.46 36.70
C LYS P 193 59.16 7.00 37.08
N ILE P 194 59.00 6.71 38.37
CA ILE P 194 59.23 5.39 38.92
C ILE P 194 58.06 5.08 39.83
N LEU P 195 57.31 4.04 39.50
CA LEU P 195 56.10 3.77 40.25
C LEU P 195 56.45 3.05 41.55
N GLY P 196 55.43 2.80 42.38
CA GLY P 196 55.62 2.09 43.62
C GLY P 196 55.78 3.00 44.82
N SER P 197 55.83 2.39 46.00
CA SER P 197 55.96 3.06 47.29
C SER P 197 54.80 4.06 47.43
N GLY P 198 55.08 5.24 47.99
CA GLY P 198 54.06 6.25 48.18
C GLY P 198 54.20 7.40 47.20
N ILE P 199 53.19 8.27 47.20
CA ILE P 199 53.29 9.53 46.48
C ILE P 199 54.33 10.46 47.10
N SER P 200 54.53 10.37 48.41
CA SER P 200 55.60 11.09 49.08
C SER P 200 56.97 10.49 48.78
N SER P 201 57.01 9.29 48.22
CA SER P 201 58.26 8.68 47.80
C SER P 201 58.87 9.36 46.59
N SER P 202 58.12 10.23 45.91
CA SER P 202 58.74 11.13 44.95
C SER P 202 59.75 12.01 45.67
N SER P 203 60.95 12.11 45.10
CA SER P 203 62.06 12.77 45.78
C SER P 203 62.89 13.55 44.78
N VAL P 204 63.49 14.63 45.27
CA VAL P 204 64.29 15.55 44.45
C VAL P 204 65.75 15.12 44.54
N LEU P 205 66.33 14.80 43.40
CA LEU P 205 67.76 14.49 43.33
C LEU P 205 68.39 15.31 42.20
N HIS P 206 69.30 16.20 42.55
CA HIS P 206 69.94 17.04 41.56
C HIS P 206 70.97 16.25 40.77
N GLY P 207 70.82 16.27 39.45
CA GLY P 207 71.72 15.57 38.58
C GLY P 207 71.17 14.31 37.95
N MET P 208 71.66 13.98 36.76
CA MET P 208 70.97 13.06 35.87
C MET P 208 70.76 11.69 36.51
N VAL P 209 69.54 11.19 36.42
CA VAL P 209 69.21 9.83 36.80
C VAL P 209 68.95 9.03 35.54
N PHE P 210 69.71 7.97 35.34
CA PHE P 210 69.33 6.93 34.41
C PHE P 210 68.54 5.93 35.25
N LYS P 211 67.23 5.88 35.02
CA LYS P 211 66.41 4.89 35.69
C LYS P 211 66.75 3.48 35.22
N LYS P 212 67.61 3.38 34.21
CA LYS P 212 67.94 2.11 33.60
C LYS P 212 68.76 1.22 34.53
N GLU P 213 68.80 -0.06 34.21
CA GLU P 213 69.81 -0.97 34.74
C GLU P 213 71.18 -0.37 34.49
N THR P 214 72.09 -0.49 35.45
CA THR P 214 73.42 0.08 35.33
C THR P 214 74.47 -0.96 35.64
N GLU P 215 75.34 -1.21 34.66
CA GLU P 215 76.36 -2.24 34.81
C GLU P 215 77.75 -1.72 34.51
N GLY P 216 78.72 -2.62 34.50
CA GLY P 216 80.12 -2.23 34.52
C GLY P 216 80.51 -2.06 35.97
N ASP P 217 81.77 -2.36 36.30
CA ASP P 217 82.26 -2.22 37.66
C ASP P 217 82.86 -0.83 37.78
N VAL P 218 82.53 -0.11 38.86
CA VAL P 218 82.85 1.30 38.91
C VAL P 218 84.36 1.51 39.03
N THR P 219 84.93 2.21 38.05
CA THR P 219 86.28 2.74 38.20
C THR P 219 86.33 4.06 38.94
N SER P 220 85.45 5.01 38.62
CA SER P 220 85.34 6.26 39.35
C SER P 220 83.87 6.56 39.58
N VAL P 221 83.45 6.53 40.85
CA VAL P 221 82.15 7.06 41.21
C VAL P 221 82.30 8.56 41.41
N LYS P 222 83.54 8.98 41.69
CA LYS P 222 83.86 10.38 41.91
C LYS P 222 83.49 11.27 40.74
N ASP P 223 84.20 11.16 39.62
CA ASP P 223 83.87 11.90 38.41
C ASP P 223 82.94 11.08 37.54
N ALA P 224 81.98 11.76 36.94
CA ALA P 224 81.29 11.18 35.80
C ALA P 224 81.60 12.03 34.58
N LYS P 225 82.47 11.50 33.71
CA LYS P 225 82.52 11.98 32.34
C LYS P 225 81.97 10.87 31.47
N ILE P 226 80.99 11.20 30.65
CA ILE P 226 80.30 10.17 29.89
C ILE P 226 80.53 10.41 28.42
N ALA P 227 81.08 9.40 27.75
CA ALA P 227 80.96 9.32 26.31
C ALA P 227 79.58 8.76 26.05
N VAL P 228 78.74 9.54 25.41
CA VAL P 228 77.30 9.27 25.36
C VAL P 228 76.97 8.52 24.08
N TYR P 229 76.15 7.48 24.23
CA TYR P 229 75.91 6.53 23.15
C TYR P 229 74.46 6.05 23.16
N SER P 230 73.87 6.07 21.98
CA SER P 230 72.83 5.12 21.64
C SER P 230 73.43 3.87 21.02
N CYS P 231 74.75 3.78 20.97
CA CYS P 231 75.43 2.68 20.30
C CYS P 231 75.25 1.38 21.10
N PRO P 232 74.82 0.30 20.46
CA PRO P 232 74.86 -1.00 21.13
C PRO P 232 76.29 -1.44 21.36
N PHE P 233 76.58 -1.80 22.61
CA PHE P 233 77.89 -2.36 22.93
C PHE P 233 77.83 -3.87 23.04
N ASP P 234 76.68 -4.42 22.65
CA ASP P 234 76.53 -5.85 22.40
C ASP P 234 77.48 -6.32 21.30
N GLY P 235 78.19 -5.37 20.68
CA GLY P 235 78.99 -5.64 19.50
C GLY P 235 78.37 -5.11 18.23
N MET P 236 77.37 -4.25 18.34
CA MET P 236 76.62 -3.75 17.20
C MET P 236 76.85 -2.26 16.99
N ILE P 237 77.53 -1.93 15.89
CA ILE P 237 77.73 -0.54 15.49
C ILE P 237 76.90 -0.28 14.23
N THR P 238 76.23 0.88 14.20
CA THR P 238 75.19 1.13 13.22
C THR P 238 75.68 1.02 11.78
N GLU P 239 76.82 1.63 11.46
CA GLU P 239 77.28 1.66 10.07
C GLU P 239 77.47 0.27 9.51
N THR P 240 78.25 -0.56 10.19
CA THR P 240 78.37 -1.98 9.87
C THR P 240 78.22 -2.76 11.16
N LYS P 241 77.13 -3.53 11.28
CA LYS P 241 76.83 -4.16 12.56
C LYS P 241 77.59 -5.46 12.74
N GLY P 242 77.98 -5.72 13.99
CA GLY P 242 78.68 -6.92 14.40
C GLY P 242 77.76 -7.92 15.06
N THR P 243 76.47 -7.87 14.70
CA THR P 243 75.40 -8.55 15.41
C THR P 243 75.70 -10.01 15.73
N VAL P 244 75.32 -10.44 16.94
CA VAL P 244 75.54 -11.80 17.40
C VAL P 244 74.86 -12.78 16.45
N LEU P 245 75.50 -13.93 16.22
CA LEU P 245 74.93 -14.96 15.37
C LEU P 245 74.30 -16.03 16.26
N ILE P 246 72.97 -16.08 16.30
CA ILE P 246 72.26 -16.94 17.24
C ILE P 246 71.82 -18.24 16.57
N LYS P 247 72.10 -18.38 15.27
CA LYS P 247 71.64 -19.54 14.52
C LYS P 247 72.63 -20.69 14.54
N THR P 248 73.81 -20.51 15.14
CA THR P 248 74.84 -21.54 15.16
C THR P 248 75.58 -21.47 16.47
N ALA P 249 75.92 -22.64 17.04
CA ALA P 249 76.63 -22.66 18.32
C ALA P 249 78.12 -22.35 18.15
N GLU P 250 78.71 -22.78 17.04
CA GLU P 250 80.14 -22.54 16.84
C GLU P 250 80.43 -21.10 16.49
N GLU P 251 79.54 -20.46 15.71
CA GLU P 251 79.73 -19.04 15.39
C GLU P 251 79.63 -18.18 16.63
N LEU P 252 78.66 -18.46 17.50
CA LEU P 252 78.57 -17.74 18.76
C LEU P 252 79.74 -18.05 19.67
N MET P 253 80.29 -19.28 19.58
CA MET P 253 81.43 -19.65 20.41
C MET P 253 82.63 -18.77 20.12
N ASN P 254 82.91 -18.48 18.84
CA ASN P 254 84.09 -17.71 18.49
C ASN P 254 83.86 -16.21 18.69
N PHE P 255 82.64 -15.73 18.47
CA PHE P 255 82.38 -14.30 18.54
C PHE P 255 82.42 -13.80 19.97
N SER P 256 81.80 -14.53 20.90
CA SER P 256 81.78 -14.09 22.30
C SER P 256 83.19 -14.01 22.87
N LYS P 257 84.07 -14.91 22.44
CA LYS P 257 85.48 -14.82 22.84
C LYS P 257 86.11 -13.54 22.33
N GLY P 258 85.64 -13.04 21.18
CA GLY P 258 86.10 -11.77 20.67
C GLY P 258 85.29 -10.59 21.16
N GLU P 259 84.09 -10.84 21.71
CA GLU P 259 83.30 -9.74 22.27
C GLU P 259 83.97 -9.15 23.49
N GLU P 260 84.67 -9.96 24.27
CA GLU P 260 85.60 -9.44 25.27
C GLU P 260 86.54 -8.43 24.66
N ASN P 261 87.26 -8.83 23.61
CA ASN P 261 88.29 -7.98 23.02
C ASN P 261 87.70 -6.96 22.05
N LEU P 262 86.55 -7.24 21.43
CA LEU P 262 85.89 -6.19 20.68
C LEU P 262 85.41 -5.08 21.60
N MET P 263 84.69 -5.45 22.66
CA MET P 263 84.33 -4.47 23.68
C MET P 263 85.57 -3.76 24.21
N ASP P 264 86.70 -4.47 24.25
CA ASP P 264 87.98 -3.81 24.55
C ASP P 264 88.25 -2.70 23.54
N ALA P 265 88.17 -3.02 22.24
CA ALA P 265 88.29 -1.97 21.23
C ALA P 265 87.11 -1.01 21.29
N GLN P 266 86.03 -1.42 21.95
CA GLN P 266 84.88 -0.54 22.10
C GLN P 266 85.06 0.39 23.30
N VAL P 267 85.21 -0.16 24.51
CA VAL P 267 85.33 0.66 25.71
C VAL P 267 86.49 1.64 25.60
N LYS P 268 87.51 1.29 24.81
CA LYS P 268 88.67 2.15 24.74
C LYS P 268 88.38 3.40 23.93
N ALA P 269 88.04 3.25 22.64
CA ALA P 269 87.63 4.41 21.85
C ALA P 269 86.63 5.27 22.62
N ILE P 270 85.74 4.63 23.37
CA ILE P 270 84.96 5.33 24.39
C ILE P 270 85.88 6.06 25.36
N ALA P 271 86.71 5.30 26.07
CA ALA P 271 87.45 5.87 27.20
C ALA P 271 88.82 6.38 26.78
N ASP P 272 89.18 6.22 25.49
CA ASP P 272 90.38 6.88 24.98
C ASP P 272 90.26 8.39 25.14
N THR P 273 89.33 9.00 24.41
CA THR P 273 88.92 10.37 24.70
C THR P 273 88.28 10.49 26.08
N GLY P 274 87.95 9.36 26.70
CA GLY P 274 87.56 9.24 28.09
C GLY P 274 86.08 9.07 28.34
N ALA P 275 85.76 8.21 29.29
CA ALA P 275 84.43 8.15 29.89
C ALA P 275 84.56 7.54 31.28
N ASN P 276 83.78 8.07 32.21
CA ASN P 276 83.58 7.38 33.48
C ASN P 276 82.41 6.41 33.43
N VAL P 277 81.18 6.88 33.23
CA VAL P 277 80.13 6.06 32.66
C VAL P 277 80.33 6.06 31.16
N VAL P 278 80.23 4.88 30.54
CA VAL P 278 79.91 4.79 29.12
C VAL P 278 78.40 4.61 29.02
N VAL P 279 77.73 5.66 28.56
CA VAL P 279 76.28 5.68 28.52
C VAL P 279 75.84 4.88 27.31
N THR P 280 75.07 3.82 27.53
CA THR P 280 74.72 2.88 26.48
C THR P 280 73.23 2.96 26.20
N GLY P 281 72.86 3.53 25.06
CA GLY P 281 71.49 3.46 24.62
C GLY P 281 71.14 2.19 23.88
N GLY P 282 72.15 1.47 23.38
CA GLY P 282 71.95 0.25 22.65
C GLY P 282 72.15 -0.98 23.51
N LYS P 283 72.21 -2.13 22.84
CA LYS P 283 72.30 -3.40 23.54
C LYS P 283 73.72 -3.72 23.97
N VAL P 284 73.84 -4.56 25.00
CA VAL P 284 75.12 -4.96 25.56
C VAL P 284 75.18 -6.47 25.64
N ALA P 285 76.39 -7.01 25.45
CA ALA P 285 76.65 -8.44 25.54
C ALA P 285 77.35 -8.74 26.85
N ASP P 286 77.10 -9.95 27.36
CA ASP P 286 77.76 -10.38 28.59
C ASP P 286 79.28 -10.34 28.44
N MET P 287 79.80 -10.96 27.39
CA MET P 287 81.24 -10.89 27.14
C MET P 287 81.70 -9.45 26.96
N ALA P 288 80.80 -8.58 26.48
CA ALA P 288 81.09 -7.16 26.51
C ALA P 288 81.00 -6.63 27.94
N LEU P 289 79.99 -7.05 28.69
CA LEU P 289 79.84 -6.56 30.06
C LEU P 289 80.85 -7.19 31.00
N HIS P 290 80.98 -8.52 30.95
CA HIS P 290 81.97 -9.20 31.78
C HIS P 290 83.35 -8.56 31.59
N TYR P 291 83.66 -8.17 30.37
CA TYR P 291 84.85 -7.35 30.14
C TYR P 291 84.66 -5.96 30.75
N ALA P 292 83.59 -5.27 30.37
CA ALA P 292 83.37 -3.91 30.87
C ALA P 292 83.29 -3.88 32.40
N ASN P 293 82.82 -4.97 33.01
CA ASN P 293 83.00 -5.13 34.44
C ASN P 293 84.48 -5.14 34.81
N LYS P 294 85.24 -6.02 34.17
CA LYS P 294 86.66 -6.14 34.50
C LYS P 294 87.45 -4.95 33.96
N TYR P 295 87.10 -4.47 32.77
CA TYR P 295 87.68 -3.24 32.27
C TYR P 295 87.36 -2.05 33.17
N ASN P 296 86.29 -2.17 33.96
CA ASN P 296 85.86 -1.13 34.88
C ASN P 296 85.54 0.16 34.15
N ILE P 297 84.62 0.12 33.19
CA ILE P 297 83.92 1.30 32.71
C ILE P 297 82.44 1.06 32.92
N MET P 298 81.69 2.11 33.24
CA MET P 298 80.30 1.92 33.62
C MET P 298 79.38 1.96 32.42
N LEU P 299 78.76 0.82 32.14
CA LEU P 299 77.72 0.69 31.14
C LEU P 299 76.36 0.85 31.80
N VAL P 300 75.68 1.96 31.51
CA VAL P 300 74.28 2.08 31.84
C VAL P 300 73.57 1.61 30.57
N ARG P 301 72.92 0.45 30.65
CA ARG P 301 72.72 -0.39 29.49
C ARG P 301 71.32 -0.22 28.90
N LEU P 302 71.24 -0.28 27.58
CA LEU P 302 69.98 -0.29 26.85
C LEU P 302 69.12 0.91 27.23
N ASN P 303 69.81 2.02 27.45
CA ASN P 303 69.20 3.18 28.10
C ASN P 303 67.99 3.67 27.33
N SER P 304 66.97 4.06 28.07
CA SER P 304 65.81 4.70 27.49
C SER P 304 66.24 5.88 26.62
N LYS P 305 65.70 5.92 25.40
CA LYS P 305 65.91 7.08 24.54
C LYS P 305 65.57 8.35 25.27
N TRP P 306 64.57 8.30 26.16
CA TRP P 306 64.28 9.44 27.01
C TRP P 306 65.44 9.73 27.96
N ASP P 307 65.87 8.73 28.74
CA ASP P 307 67.10 8.87 29.51
C ASP P 307 68.26 9.29 28.63
N LEU P 308 68.31 8.76 27.41
CA LEU P 308 69.32 9.20 26.46
C LEU P 308 69.14 10.67 26.11
N ARG P 309 67.92 11.03 25.67
CA ARG P 309 67.61 12.44 25.42
C ARG P 309 67.83 13.28 26.66
N ARG P 310 67.33 12.82 27.82
CA ARG P 310 67.59 13.53 29.07
C ARG P 310 69.08 13.77 29.27
N LEU P 311 69.89 12.77 28.94
CA LEU P 311 71.33 12.96 29.05
C LEU P 311 71.87 13.80 27.91
N CYS P 312 71.44 13.49 26.68
CA CYS P 312 71.91 14.24 25.51
C CYS P 312 71.68 15.74 25.67
N LYS P 313 70.60 16.11 26.36
CA LYS P 313 70.31 17.52 26.58
C LYS P 313 71.22 18.13 27.65
N THR P 314 71.34 17.48 28.81
CA THR P 314 71.87 18.17 29.99
C THR P 314 73.39 18.26 29.96
N VAL P 315 74.08 17.18 29.61
CA VAL P 315 75.53 17.24 29.60
C VAL P 315 76.04 17.96 28.36
N GLY P 316 75.13 18.33 27.45
CA GLY P 316 75.53 18.98 26.22
C GLY P 316 76.26 18.09 25.26
N ALA P 317 76.05 16.78 25.31
CA ALA P 317 76.79 15.85 24.47
C ALA P 317 75.85 15.10 23.54
N THR P 318 76.38 14.64 22.41
CA THR P 318 75.62 13.98 21.37
C THR P 318 75.86 12.47 21.44
N ALA P 319 74.78 11.73 21.71
CA ALA P 319 74.87 10.27 21.69
C ALA P 319 75.32 9.79 20.33
N LEU P 320 76.23 8.81 20.33
CA LEU P 320 76.74 8.27 19.09
C LEU P 320 76.02 6.97 18.77
N PRO P 321 75.15 6.94 17.77
CA PRO P 321 74.63 5.64 17.31
C PRO P 321 75.72 4.72 16.81
N ARG P 322 76.62 5.23 15.96
CA ARG P 322 77.75 4.44 15.48
C ARG P 322 78.84 4.44 16.55
N LEU P 323 79.60 3.35 16.59
CA LEU P 323 80.74 3.26 17.47
C LEU P 323 81.94 3.92 16.79
N THR P 324 82.55 4.87 17.47
CA THR P 324 83.53 5.78 16.91
C THR P 324 84.03 6.66 18.05
N PRO P 325 85.30 7.07 18.01
CA PRO P 325 85.84 7.83 19.14
C PRO P 325 85.05 9.12 19.31
N PRO P 326 84.51 9.35 20.50
CA PRO P 326 83.79 10.60 20.74
C PRO P 326 84.73 11.77 20.89
N VAL P 327 84.41 12.88 20.22
CA VAL P 327 85.16 14.12 20.43
C VAL P 327 84.45 14.90 21.51
N LEU P 328 84.97 16.08 21.85
CA LEU P 328 84.49 16.81 23.03
C LEU P 328 83.01 17.14 22.93
N GLU P 329 82.47 17.28 21.72
CA GLU P 329 81.03 17.42 21.56
C GLU P 329 80.28 16.13 21.85
N GLU P 330 80.91 14.98 21.67
CA GLU P 330 80.28 13.68 21.78
C GLU P 330 80.44 13.05 23.16
N MET P 331 81.06 13.77 24.11
CA MET P 331 81.25 13.28 25.47
C MET P 331 80.61 14.22 26.47
N GLY P 332 79.83 13.66 27.40
CA GLY P 332 79.21 14.42 28.46
C GLY P 332 80.00 14.34 29.76
N HIS P 333 79.69 15.27 30.64
CA HIS P 333 80.41 15.37 31.91
C HIS P 333 79.40 15.63 33.01
N CYS P 334 79.57 14.93 34.13
CA CYS P 334 78.70 15.07 35.28
C CYS P 334 79.57 15.28 36.51
N ASP P 335 78.97 15.88 37.55
CA ASP P 335 79.68 16.02 38.81
C ASP P 335 80.10 14.66 39.37
N SER P 336 79.16 13.75 39.54
CA SER P 336 79.45 12.44 40.07
C SER P 336 78.59 11.40 39.37
N VAL P 337 79.11 10.19 39.28
CA VAL P 337 78.30 9.01 39.01
C VAL P 337 78.27 8.15 40.26
N TYR P 338 77.13 8.11 40.92
CA TYR P 338 77.06 7.32 42.14
C TYR P 338 75.80 6.49 42.09
N LEU P 339 75.97 5.17 42.12
CA LEU P 339 74.86 4.24 42.04
C LEU P 339 74.07 4.41 43.32
N SER P 340 72.81 4.78 43.19
CA SER P 340 71.99 5.02 44.35
C SER P 340 70.53 4.87 43.95
N GLU P 341 69.71 4.51 44.93
CA GLU P 341 68.28 4.47 44.73
C GLU P 341 67.75 5.90 44.64
N VAL P 342 67.07 6.19 43.55
CA VAL P 342 66.40 7.47 43.37
C VAL P 342 64.92 7.18 43.60
N GLY P 343 64.38 7.63 44.72
CA GLY P 343 63.12 7.12 45.20
C GLY P 343 63.15 5.64 45.55
N ASP P 344 64.17 5.19 46.26
CA ASP P 344 64.25 3.81 46.74
C ASP P 344 64.24 2.82 45.59
N THR P 345 64.67 3.26 44.41
CA THR P 345 64.75 2.42 43.23
C THR P 345 66.18 2.46 42.72
N GLN P 346 66.86 1.31 42.77
CA GLN P 346 68.30 1.29 42.58
C GLN P 346 68.63 1.52 41.10
N VAL P 347 69.35 2.61 40.85
CA VAL P 347 69.71 3.04 39.50
C VAL P 347 71.03 3.80 39.63
N VAL P 348 71.42 4.48 38.56
CA VAL P 348 72.53 5.42 38.61
C VAL P 348 71.97 6.83 38.61
N VAL P 349 72.40 7.64 39.58
CA VAL P 349 72.03 9.04 39.67
C VAL P 349 73.29 9.87 39.61
N PHE P 350 73.36 10.75 38.61
CA PHE P 350 74.44 11.71 38.52
C PHE P 350 74.13 12.89 39.43
N LYS P 351 75.07 13.81 39.51
CA LYS P 351 74.86 15.07 40.22
C LYS P 351 75.17 16.19 39.25
N HIS P 352 74.24 17.15 39.15
CA HIS P 352 74.50 18.39 38.46
C HIS P 352 73.94 19.51 39.31
N GLU P 353 74.84 20.30 39.89
CA GLU P 353 74.51 21.60 40.45
C GLU P 353 75.59 22.55 39.98
N LYS P 354 76.81 22.28 40.42
CA LYS P 354 78.02 22.98 39.97
C LYS P 354 78.36 22.63 38.53
N GLU P 355 78.06 21.40 38.09
CA GLU P 355 78.35 21.00 36.72
C GLU P 355 77.79 21.99 35.72
N ASP P 356 76.46 22.02 35.58
CA ASP P 356 75.74 22.97 34.78
C ASP P 356 74.66 23.60 35.64
N GLY P 357 73.79 22.74 36.17
CA GLY P 357 72.54 23.20 36.70
C GLY P 357 71.45 22.89 35.68
N ALA P 358 70.26 23.42 35.93
CA ALA P 358 69.13 23.26 35.03
C ALA P 358 68.79 21.79 34.83
N ILE P 359 69.29 20.94 35.71
CA ILE P 359 68.80 19.57 35.80
C ILE P 359 68.72 19.12 37.25
N SER P 360 67.50 18.97 37.75
CA SER P 360 67.30 18.36 39.06
C SER P 360 66.41 17.16 38.76
N THR P 361 66.95 15.96 38.94
CA THR P 361 66.21 14.79 38.53
C THR P 361 65.38 14.30 39.69
N ILE P 362 64.07 14.54 39.59
CA ILE P 362 63.15 14.28 40.68
C ILE P 362 62.42 13.01 40.34
N VAL P 363 62.73 11.94 41.07
CA VAL P 363 61.98 10.70 40.90
C VAL P 363 60.52 11.00 41.23
N LEU P 364 59.64 10.68 40.30
CA LEU P 364 58.21 10.79 40.53
C LEU P 364 57.70 9.41 40.92
N ARG P 365 57.36 9.26 42.18
CA ARG P 365 56.78 8.01 42.64
C ARG P 365 55.36 8.26 43.07
N GLY P 366 54.42 7.79 42.25
CA GLY P 366 53.03 7.77 42.62
C GLY P 366 52.62 6.35 42.89
N SER P 367 51.39 6.14 43.31
CA SER P 367 50.88 4.78 43.40
C SER P 367 50.45 4.24 42.04
N THR P 368 49.91 5.08 41.15
CA THR P 368 49.57 4.67 39.80
C THR P 368 50.24 5.66 38.84
N ASP P 369 50.33 5.26 37.58
CA ASP P 369 50.99 6.10 36.59
C ASP P 369 50.25 7.41 36.35
N ASN P 370 48.94 7.44 36.58
CA ASN P 370 48.19 8.68 36.42
C ASN P 370 48.42 9.61 37.61
N LEU P 371 48.52 9.05 38.82
CA LEU P 371 49.13 9.81 39.90
C LEU P 371 50.54 10.25 39.51
N MET P 372 51.32 9.33 38.94
CA MET P 372 52.65 9.69 38.47
C MET P 372 52.55 10.60 37.25
N ASP P 373 51.38 10.64 36.61
CA ASP P 373 51.06 11.72 35.70
C ASP P 373 50.59 12.96 36.45
N ASP P 374 49.80 12.78 37.52
CA ASP P 374 49.32 13.93 38.29
C ASP P 374 50.49 14.78 38.79
N ILE P 375 51.34 14.21 39.65
CA ILE P 375 52.56 14.89 40.07
C ILE P 375 53.39 15.35 38.88
N GLU P 376 53.27 14.67 37.73
CA GLU P 376 53.86 15.16 36.50
C GLU P 376 53.08 16.36 35.95
N ARG P 377 51.75 16.34 36.06
CA ARG P 377 50.95 17.46 35.57
C ARG P 377 51.18 18.72 36.38
N ALA P 378 51.18 18.60 37.71
CA ALA P 378 51.17 19.78 38.57
C ALA P 378 52.43 20.61 38.40
N VAL P 379 53.59 19.95 38.46
CA VAL P 379 54.86 20.68 38.46
C VAL P 379 55.04 21.48 37.18
N ASP P 380 54.31 21.11 36.12
CA ASP P 380 54.36 21.87 34.88
C ASP P 380 54.17 23.35 35.13
N ASP P 381 53.23 23.70 36.01
CA ASP P 381 53.08 25.09 36.42
C ASP P 381 54.15 25.46 37.44
N GLY P 382 54.42 24.56 38.39
CA GLY P 382 55.47 24.81 39.36
C GLY P 382 56.81 25.07 38.71
N VAL P 383 57.11 24.36 37.63
CA VAL P 383 58.23 24.74 36.78
C VAL P 383 58.08 26.19 36.33
N ASN P 384 56.99 26.48 35.60
CA ASN P 384 56.82 27.78 34.98
C ASN P 384 56.53 28.91 35.97
N THR P 385 55.78 28.64 37.05
CA THR P 385 55.49 29.71 37.99
C THR P 385 56.74 30.19 38.72
N PHE P 386 57.66 29.29 39.05
CA PHE P 386 58.96 29.72 39.55
C PHE P 386 59.68 30.55 38.52
N LYS P 387 59.67 30.09 37.25
CA LYS P 387 60.12 30.91 36.15
C LYS P 387 59.38 32.24 36.09
N VAL P 388 58.06 32.20 36.25
CA VAL P 388 57.33 33.45 36.48
C VAL P 388 57.83 34.12 37.75
N LEU P 389 58.03 33.33 38.81
CA LEU P 389 58.49 33.91 40.07
C LEU P 389 59.90 34.50 39.93
N THR P 390 60.71 33.94 39.04
CA THR P 390 61.96 34.62 38.68
C THR P 390 61.66 35.89 37.91
N ARG P 391 60.65 35.86 37.04
CA ARG P 391 60.37 37.02 36.20
C ARG P 391 59.58 38.08 36.97
N ASP P 392 58.68 37.67 37.85
CA ASP P 392 58.14 38.61 38.82
C ASP P 392 57.76 37.87 40.10
N LYS P 393 58.03 38.50 41.22
CA LYS P 393 57.42 38.11 42.49
C LYS P 393 56.02 38.66 42.62
N ARG P 394 55.61 39.51 41.68
CA ARG P 394 54.37 40.24 41.80
C ARG P 394 53.22 39.26 41.97
N LEU P 395 52.47 39.45 43.05
CA LEU P 395 51.56 38.44 43.55
C LEU P 395 50.12 38.90 43.37
N VAL P 396 49.28 38.02 42.85
CA VAL P 396 47.85 38.25 42.74
C VAL P 396 47.18 37.21 43.62
N PRO P 397 46.07 37.52 44.27
CA PRO P 397 45.34 36.48 44.99
C PRO P 397 44.79 35.43 44.03
N GLY P 398 44.18 34.38 44.56
CA GLY P 398 43.53 33.39 43.72
C GLY P 398 42.50 34.01 42.82
N GLY P 399 42.29 33.40 41.65
CA GLY P 399 41.40 33.96 40.64
C GLY P 399 39.98 34.18 41.12
N GLY P 400 39.25 35.05 40.43
CA GLY P 400 37.89 35.39 40.76
C GLY P 400 37.74 36.60 41.65
N ALA P 401 38.76 36.92 42.44
CA ALA P 401 38.76 38.20 43.14
C ALA P 401 39.18 39.33 42.20
N THR P 402 40.09 39.03 41.28
CA THR P 402 40.62 40.04 40.38
C THR P 402 39.57 40.44 39.35
N GLU P 403 38.87 39.46 38.79
CA GLU P 403 38.05 39.67 37.61
C GLU P 403 36.83 40.53 37.89
N ILE P 404 36.39 40.59 39.15
CA ILE P 404 35.23 41.42 39.48
C ILE P 404 35.57 42.89 39.42
N GLU P 405 36.72 43.28 39.98
CA GLU P 405 37.15 44.66 39.85
C GLU P 405 37.34 45.03 38.39
N LEU P 406 37.91 44.10 37.61
CA LEU P 406 38.01 44.30 36.18
C LEU P 406 36.65 44.58 35.57
N ALA P 407 35.67 43.71 35.86
CA ALA P 407 34.31 43.96 35.39
C ALA P 407 33.79 45.30 35.86
N LYS P 408 33.99 45.62 37.15
CA LYS P 408 33.65 46.94 37.66
C LYS P 408 34.32 48.04 36.85
N GLN P 409 35.63 47.91 36.59
CA GLN P 409 36.29 48.82 35.68
C GLN P 409 35.63 48.82 34.32
N ILE P 410 35.59 47.66 33.67
CA ILE P 410 35.32 47.58 32.25
C ILE P 410 33.88 47.95 31.92
N THR P 411 32.94 47.64 32.82
CA THR P 411 31.55 48.02 32.56
C THR P 411 31.38 49.53 32.54
N SER P 412 31.84 50.22 33.60
CA SER P 412 31.84 51.67 33.59
C SER P 412 32.80 52.22 32.56
N TYR P 413 33.98 51.61 32.42
CA TYR P 413 34.81 51.84 31.25
C TYR P 413 34.04 51.57 29.96
N GLY P 414 32.99 50.75 30.03
CA GLY P 414 32.14 50.53 28.87
C GLY P 414 31.22 51.70 28.58
N GLU P 415 30.59 52.26 29.61
CA GLU P 415 29.70 53.40 29.35
C GLU P 415 30.49 54.65 29.02
N THR P 416 31.80 54.65 29.24
CA THR P 416 32.65 55.76 28.84
C THR P 416 33.15 55.62 27.41
N CYS P 417 32.89 54.48 26.79
CA CYS P 417 33.16 54.15 25.39
C CYS P 417 32.43 54.97 24.32
N PRO P 418 31.21 55.51 24.59
CA PRO P 418 30.08 55.32 23.68
C PRO P 418 30.36 55.37 22.18
N GLY P 419 29.52 54.62 21.48
CA GLY P 419 29.76 53.94 20.24
C GLY P 419 29.69 52.45 20.55
N LEU P 420 29.34 51.68 19.53
CA LEU P 420 28.85 50.32 19.72
C LEU P 420 29.79 49.47 20.55
N GLU P 421 31.08 49.80 20.57
CA GLU P 421 32.01 49.14 21.48
C GLU P 421 31.62 49.33 22.94
N GLN P 422 30.80 50.33 23.25
CA GLN P 422 30.18 50.41 24.57
C GLN P 422 29.57 49.07 24.94
N TYR P 423 28.93 48.42 23.97
CA TYR P 423 28.46 47.06 24.18
C TYR P 423 29.64 46.12 24.36
N ALA P 424 30.58 46.13 23.40
CA ALA P 424 31.68 45.17 23.39
C ALA P 424 32.52 45.25 24.64
N ILE P 425 32.97 46.44 25.02
CA ILE P 425 33.71 46.58 26.27
C ILE P 425 32.88 46.09 27.45
N LYS P 426 31.62 46.51 27.54
CA LYS P 426 30.78 46.01 28.64
C LYS P 426 30.66 44.49 28.58
N LYS P 427 30.68 43.92 27.38
CA LYS P 427 30.82 42.48 27.23
C LYS P 427 32.17 41.99 27.74
N PHE P 428 33.25 42.68 27.38
CA PHE P 428 34.58 42.29 27.86
C PHE P 428 34.61 42.19 29.38
N ALA P 429 33.78 42.98 30.06
CA ALA P 429 33.69 42.88 31.51
C ALA P 429 33.08 41.55 31.93
N GLU P 430 32.26 40.97 31.07
CA GLU P 430 31.50 39.79 31.47
C GLU P 430 32.33 38.52 31.38
N ALA P 431 33.20 38.43 30.38
CA ALA P 431 34.05 37.24 30.25
C ALA P 431 34.91 37.04 31.48
N PHE P 432 35.10 38.09 32.29
CA PHE P 432 35.80 37.94 33.56
C PHE P 432 35.06 37.02 34.52
N GLU P 433 33.73 37.04 34.50
CA GLU P 433 32.95 36.39 35.55
C GLU P 433 32.77 34.90 35.29
N ALA P 434 33.33 34.39 34.20
CA ALA P 434 33.22 32.96 33.92
C ALA P 434 34.09 32.14 34.89
N ILE P 435 35.20 32.72 35.33
CA ILE P 435 36.06 32.02 36.28
C ILE P 435 35.36 31.72 37.61
N PRO P 436 34.86 32.70 38.36
CA PRO P 436 34.13 32.36 39.59
C PRO P 436 32.97 31.42 39.33
N ARG P 437 32.32 31.57 38.18
CA ARG P 437 31.38 30.57 37.69
C ARG P 437 32.04 29.21 37.55
N ALA P 438 33.05 29.10 36.67
CA ALA P 438 33.82 27.87 36.54
C ALA P 438 34.26 27.35 37.90
N LEU P 439 34.70 28.25 38.79
CA LEU P 439 35.01 27.86 40.16
C LEU P 439 33.75 27.44 40.91
N ALA P 440 32.67 28.20 40.77
CA ALA P 440 31.40 27.80 41.38
C ALA P 440 30.91 26.48 40.80
N GLU P 441 31.12 26.28 39.49
CA GLU P 441 30.81 25.00 38.86
C GLU P 441 31.56 23.85 39.52
N ASN P 442 32.90 23.88 39.47
CA ASN P 442 33.70 22.83 40.10
C ASN P 442 33.29 22.61 41.54
N SER P 443 33.12 23.69 42.30
CA SER P 443 32.71 23.57 43.69
C SER P 443 31.22 23.33 43.83
N GLY P 444 30.46 23.39 42.74
CA GLY P 444 29.06 23.00 42.77
C GLY P 444 28.06 24.08 43.13
N VAL P 445 28.36 25.35 42.84
CA VAL P 445 27.45 26.44 43.12
C VAL P 445 27.37 27.35 41.90
N LYS P 446 26.71 28.50 42.08
CA LYS P 446 26.48 29.43 40.98
C LYS P 446 27.35 30.67 41.12
N ALA P 447 27.71 31.25 39.98
CA ALA P 447 28.41 32.53 39.99
C ALA P 447 27.55 33.63 40.58
N ASN P 448 26.24 33.61 40.29
CA ASN P 448 25.38 34.73 40.64
C ASN P 448 25.50 35.07 42.12
N GLU P 449 25.41 34.08 42.99
CA GLU P 449 25.72 34.29 44.40
C GLU P 449 27.15 34.78 44.58
N VAL P 450 28.10 34.04 44.02
CA VAL P 450 29.50 34.46 44.04
C VAL P 450 29.62 35.89 43.49
N ILE P 451 29.09 36.12 42.30
CA ILE P 451 29.04 37.47 41.74
C ILE P 451 28.40 38.44 42.71
N SER P 452 27.25 38.06 43.30
CA SER P 452 26.62 38.92 44.29
C SER P 452 27.54 39.15 45.48
N LYS P 453 28.16 38.08 45.98
CA LYS P 453 29.05 38.23 47.12
C LYS P 453 30.31 38.98 46.73
N LEU P 454 30.90 38.61 45.60
CA LEU P 454 32.11 39.28 45.14
C LEU P 454 31.87 40.77 44.95
N TYR P 455 30.69 41.16 44.47
CA TYR P 455 30.36 42.57 44.43
C TYR P 455 29.88 43.08 45.79
N ALA P 456 29.34 42.18 46.62
CA ALA P 456 28.82 42.61 47.92
C ALA P 456 29.86 43.34 48.75
N VAL P 457 30.92 42.64 49.18
CA VAL P 457 32.05 43.30 49.82
C VAL P 457 32.60 44.41 48.94
N HIS P 458 32.40 44.29 47.62
CA HIS P 458 33.04 45.13 46.64
C HIS P 458 34.55 45.08 46.75
N GLN P 459 35.13 43.99 47.26
CA GLN P 459 36.55 43.95 47.01
C GLN P 459 37.02 42.78 46.14
N GLU P 460 36.82 42.96 44.84
CA GLU P 460 37.76 43.48 43.86
C GLU P 460 39.26 43.23 43.99
N GLY P 461 39.71 42.00 43.78
CA GLY P 461 41.13 41.75 43.66
C GLY P 461 41.78 41.01 44.80
N ASN P 462 41.06 40.84 45.90
CA ASN P 462 41.55 40.04 47.01
C ASN P 462 40.56 39.00 47.52
N LYS P 463 39.40 39.39 48.03
CA LYS P 463 38.44 38.45 48.56
C LYS P 463 37.69 37.74 47.43
N ASN P 464 37.63 36.41 47.51
CA ASN P 464 36.94 35.61 46.51
C ASN P 464 36.58 34.26 47.11
N VAL P 465 35.61 33.60 46.49
CA VAL P 465 35.36 32.19 46.72
C VAL P 465 36.49 31.43 46.04
N GLY P 466 37.21 30.62 46.82
CA GLY P 466 38.17 29.70 46.26
C GLY P 466 37.49 28.46 45.73
N LEU P 467 38.30 27.49 45.34
CA LEU P 467 37.76 26.17 45.05
C LEU P 467 37.70 25.52 46.42
N ASP P 468 36.48 25.25 46.87
CA ASP P 468 36.24 25.17 48.30
C ASP P 468 35.28 24.04 48.61
N ILE P 469 35.55 23.37 49.73
CA ILE P 469 34.50 22.61 50.41
C ILE P 469 33.59 23.53 51.21
N GLU P 470 34.10 24.68 51.66
CA GLU P 470 33.28 25.73 52.23
C GLU P 470 32.34 26.34 51.21
N ALA P 471 32.55 26.07 49.93
CA ALA P 471 31.64 26.44 48.86
C ALA P 471 30.32 25.70 48.96
N GLU P 472 30.21 24.81 49.97
CA GLU P 472 28.93 24.20 50.32
C GLU P 472 27.83 25.24 50.27
N VAL P 473 27.91 26.25 51.14
CA VAL P 473 27.34 27.56 50.87
C VAL P 473 28.46 28.39 50.22
N PRO P 474 28.31 28.81 48.96
CA PRO P 474 29.41 29.51 48.29
C PRO P 474 29.88 30.70 49.13
N ALA P 475 31.18 30.75 49.38
CA ALA P 475 31.72 31.60 50.43
C ALA P 475 33.01 32.27 49.97
N VAL P 476 33.05 33.57 50.11
CA VAL P 476 34.21 34.38 49.75
C VAL P 476 35.27 34.24 50.83
N LYS P 477 36.52 34.48 50.44
CA LYS P 477 37.64 34.56 51.36
C LYS P 477 38.71 35.42 50.71
N ASP P 478 39.53 36.06 51.53
CA ASP P 478 40.67 36.77 50.97
C ASP P 478 41.56 35.72 50.33
N MET P 479 41.79 35.86 49.03
CA MET P 479 42.58 34.84 48.35
C MET P 479 44.07 35.07 48.57
N LEU P 480 44.45 36.34 48.70
CA LEU P 480 45.85 36.69 48.96
C LEU P 480 46.37 35.97 50.20
N GLU P 481 45.75 36.25 51.35
CA GLU P 481 46.17 35.63 52.60
C GLU P 481 45.97 34.12 52.58
N ALA P 482 44.96 33.65 51.84
CA ALA P 482 44.62 32.22 51.88
C ALA P 482 45.72 31.36 51.30
N GLY P 483 46.70 31.96 50.64
CA GLY P 483 47.75 31.19 49.99
C GLY P 483 47.40 30.77 48.58
N ILE P 484 46.14 30.80 48.20
CA ILE P 484 45.73 30.57 46.82
C ILE P 484 45.98 31.86 46.07
N LEU P 485 46.86 31.81 45.09
CA LEU P 485 47.53 33.00 44.62
C LEU P 485 47.74 32.94 43.11
N ASP P 486 47.87 34.13 42.53
CA ASP P 486 48.16 34.34 41.13
C ASP P 486 49.28 35.36 41.05
N THR P 487 49.79 35.58 39.84
CA THR P 487 50.84 36.58 39.63
C THR P 487 50.43 37.51 38.50
N TYR P 488 51.05 38.69 38.48
CA TYR P 488 50.76 39.65 37.42
C TYR P 488 50.86 38.99 36.06
N LEU P 489 52.07 38.57 35.69
CA LEU P 489 52.30 37.83 34.46
C LEU P 489 51.28 36.72 34.27
N GLY P 490 51.21 35.77 35.21
CA GLY P 490 50.22 34.70 35.13
C GLY P 490 48.82 35.20 34.82
N LYS P 491 48.44 36.32 35.44
CA LYS P 491 47.17 36.95 35.08
C LYS P 491 47.30 37.79 33.81
N TYR P 492 48.41 38.49 33.65
CA TYR P 492 48.58 39.38 32.50
C TYR P 492 48.67 38.61 31.19
N TRP P 493 49.64 37.71 31.08
CA TRP P 493 49.76 36.89 29.88
C TRP P 493 48.46 36.17 29.59
N ALA P 494 47.78 35.69 30.64
CA ALA P 494 46.53 34.97 30.46
C ALA P 494 45.51 35.83 29.72
N ILE P 495 45.34 37.09 30.16
CA ILE P 495 44.43 37.99 29.47
C ILE P 495 44.98 38.32 28.09
N LYS P 496 46.29 38.52 27.99
CA LYS P 496 46.86 38.98 26.73
C LYS P 496 46.74 37.90 25.65
N LEU P 497 47.00 36.64 26.01
CA LEU P 497 46.92 35.57 25.02
C LEU P 497 45.47 35.12 24.79
N ALA P 498 44.65 35.12 25.84
CA ALA P 498 43.25 34.72 25.67
C ALA P 498 42.51 35.68 24.75
N THR P 499 42.55 36.98 25.07
CA THR P 499 41.91 37.97 24.19
C THR P 499 42.46 37.88 22.77
N ASN P 500 43.78 37.89 22.63
CA ASN P 500 44.41 37.74 21.31
C ASN P 500 43.82 36.55 20.56
N ALA P 501 43.99 35.35 21.10
CA ALA P 501 43.48 34.16 20.43
C ALA P 501 41.96 34.23 20.26
N ALA P 502 41.27 34.99 21.12
CA ALA P 502 39.83 35.15 20.97
C ALA P 502 39.50 36.16 19.87
N VAL P 503 40.23 37.27 19.83
CA VAL P 503 39.88 38.31 18.86
C VAL P 503 40.39 37.94 17.48
N THR P 504 41.48 37.17 17.40
CA THR P 504 42.01 36.80 16.11
C THR P 504 41.18 35.70 15.44
N VAL P 505 40.56 34.83 16.23
CA VAL P 505 39.67 33.82 15.67
C VAL P 505 38.35 34.47 15.28
N LEU P 506 38.08 35.68 15.78
CA LEU P 506 36.84 36.36 15.42
C LEU P 506 36.93 37.00 14.03
N ARG P 507 38.11 37.45 13.64
CA ARG P 507 38.25 38.10 12.35
C ARG P 507 38.16 37.09 11.21
N VAL P 508 38.35 35.81 11.50
CA VAL P 508 38.45 34.80 10.45
C VAL P 508 37.12 34.69 9.73
N ASP P 509 37.14 34.23 8.48
CA ASP P 509 35.94 34.14 7.67
C ASP P 509 35.81 32.73 7.13
N GLN P 510 34.81 32.53 6.27
CA GLN P 510 34.59 31.23 5.67
C GLN P 510 35.73 30.90 4.71
N ILE P 511 35.90 29.62 4.38
CA ILE P 511 36.84 29.20 3.36
C ILE P 511 36.03 28.71 2.16
N ILE P 512 36.08 29.45 1.07
CA ILE P 512 35.51 28.99 -0.19
C ILE P 512 36.38 27.85 -0.70
N MET P 513 35.75 26.71 -0.95
CA MET P 513 36.45 25.51 -1.36
C MET P 513 35.53 24.67 -2.21
N ALA P 514 36.09 24.02 -3.24
CA ALA P 514 35.29 23.20 -4.14
C ALA P 514 34.72 21.98 -3.41
N ALA Q 1 -41.93 49.18 23.86
CA ALA Q 1 -42.89 48.21 24.37
C ALA Q 1 -44.28 48.52 23.84
N PHE Q 2 -44.45 48.36 22.53
CA PHE Q 2 -45.70 48.65 21.86
C PHE Q 2 -46.62 47.43 21.73
N THR Q 3 -46.14 46.23 22.07
CA THR Q 3 -46.84 45.01 21.70
C THR Q 3 -47.99 44.70 22.67
N GLU Q 4 -47.75 44.89 23.96
CA GLU Q 4 -48.65 44.35 24.99
C GLU Q 4 -49.99 45.06 25.01
N LEU Q 5 -50.12 46.14 24.24
CA LEU Q 5 -51.28 47.02 24.40
C LEU Q 5 -52.37 46.72 23.39
N GLN Q 6 -52.13 45.77 22.47
CA GLN Q 6 -53.13 45.44 21.47
C GLN Q 6 -54.20 44.50 22.03
N ALA Q 7 -53.92 43.82 23.13
CA ALA Q 7 -54.89 42.88 23.68
C ALA Q 7 -55.96 43.58 24.49
N LYS Q 8 -55.57 44.55 25.32
CA LYS Q 8 -56.51 45.15 26.27
C LYS Q 8 -57.59 45.93 25.54
N VAL Q 9 -57.32 46.36 24.31
CA VAL Q 9 -58.36 47.02 23.52
C VAL Q 9 -59.33 45.99 22.96
N ILE Q 10 -58.81 44.85 22.51
CA ILE Q 10 -59.69 43.78 22.03
C ILE Q 10 -60.32 43.06 23.21
N ASP Q 11 -59.58 42.94 24.32
CA ASP Q 11 -60.14 42.33 25.52
C ASP Q 11 -61.32 43.13 26.05
N THR Q 12 -61.13 44.43 26.27
CA THR Q 12 -62.22 45.28 26.74
C THR Q 12 -63.30 45.43 25.67
N GLN Q 13 -62.95 45.24 24.40
CA GLN Q 13 -63.92 45.38 23.32
C GLN Q 13 -65.11 44.44 23.54
N GLN Q 14 -64.86 43.18 23.85
CA GLN Q 14 -65.94 42.27 24.17
C GLN Q 14 -66.57 42.58 25.52
N LYS Q 15 -65.97 43.50 26.27
CA LYS Q 15 -66.40 43.74 27.64
C LYS Q 15 -67.26 44.99 27.74
N VAL Q 16 -66.68 46.15 27.41
CA VAL Q 16 -67.42 47.40 27.51
C VAL Q 16 -68.70 47.35 26.68
N LYS Q 17 -68.68 46.59 25.58
CA LYS Q 17 -69.91 46.36 24.83
C LYS Q 17 -70.87 45.49 25.63
N LEU Q 18 -70.34 44.44 26.26
CA LEU Q 18 -71.19 43.59 27.08
C LEU Q 18 -71.86 44.38 28.20
N ALA Q 19 -71.12 45.29 28.84
CA ALA Q 19 -71.63 45.96 30.02
C ALA Q 19 -72.76 46.94 29.68
N ASP Q 20 -73.01 47.17 28.39
CA ASP Q 20 -74.11 48.04 28.00
C ASP Q 20 -75.45 47.30 28.04
N ILE Q 21 -75.58 46.24 27.25
CA ILE Q 21 -76.84 45.49 27.19
C ILE Q 21 -77.19 44.91 28.55
N GLN Q 22 -76.23 44.90 29.48
CA GLN Q 22 -76.46 44.33 30.80
C GLN Q 22 -77.37 45.22 31.64
N ILE Q 23 -77.06 46.52 31.72
CA ILE Q 23 -77.93 47.44 32.45
C ILE Q 23 -79.31 47.50 31.80
N GLU Q 24 -79.38 47.20 30.50
CA GLU Q 24 -80.66 47.23 29.79
C GLU Q 24 -81.66 46.30 30.43
N GLN Q 25 -81.38 44.99 30.43
CA GLN Q 25 -82.31 44.00 30.97
C GLN Q 25 -82.66 44.29 32.42
N LEU Q 26 -81.79 44.99 33.14
CA LEU Q 26 -82.01 45.22 34.56
C LEU Q 26 -83.02 46.34 34.78
N ASN Q 27 -83.14 47.25 33.82
CA ASN Q 27 -84.27 48.18 33.81
C ASN Q 27 -85.53 47.50 33.31
N ARG Q 28 -85.37 46.36 32.63
CA ARG Q 28 -86.51 45.70 31.99
C ARG Q 28 -87.33 44.90 32.99
N THR Q 29 -86.77 43.79 33.48
CA THR Q 29 -87.48 42.96 34.46
C THR Q 29 -87.82 43.76 35.71
N LYS Q 30 -87.12 44.87 35.94
CA LYS Q 30 -87.52 45.83 36.96
C LYS Q 30 -88.98 46.24 36.78
N LYS Q 31 -89.25 47.00 35.73
CA LYS Q 31 -90.61 47.50 35.50
C LYS Q 31 -91.55 46.35 35.15
N HIS Q 32 -91.00 45.24 34.69
CA HIS Q 32 -91.84 44.08 34.39
C HIS Q 32 -92.23 43.36 35.67
N ALA Q 33 -91.29 43.24 36.62
CA ALA Q 33 -91.65 42.72 37.94
C ALA Q 33 -92.56 43.69 38.67
N HIS Q 34 -92.59 44.96 38.23
CA HIS Q 34 -93.69 45.83 38.60
C HIS Q 34 -94.92 45.57 37.74
N LEU Q 35 -94.69 45.32 36.45
CA LEU Q 35 -95.80 45.04 35.53
C LEU Q 35 -96.48 43.72 35.89
N THR Q 36 -95.69 42.67 36.12
CA THR Q 36 -96.27 41.43 36.63
C THR Q 36 -96.91 41.66 37.99
N ASP Q 37 -96.29 42.50 38.82
CA ASP Q 37 -96.90 42.91 40.07
C ASP Q 37 -98.21 43.64 39.82
N THR Q 38 -98.27 44.43 38.75
CA THR Q 38 -99.50 45.16 38.44
C THR Q 38 -100.63 44.20 38.08
N GLU Q 39 -100.31 43.11 37.39
CA GLU Q 39 -101.37 42.22 36.91
C GLU Q 39 -101.88 41.28 37.99
N ILE Q 40 -101.04 40.97 38.98
CA ILE Q 40 -101.56 40.26 40.15
C ILE Q 40 -102.28 41.22 41.08
N MET Q 41 -101.85 42.49 41.13
CA MET Q 41 -102.71 43.49 41.73
C MET Q 41 -103.98 43.70 40.91
N THR Q 42 -103.94 43.38 39.61
CA THR Q 42 -105.13 43.57 38.78
C THR Q 42 -106.27 42.68 39.25
N LEU Q 43 -105.97 41.46 39.67
CA LEU Q 43 -107.00 40.64 40.29
C LEU Q 43 -106.96 40.84 41.80
N VAL Q 44 -108.14 41.09 42.37
CA VAL Q 44 -108.22 41.70 43.70
C VAL Q 44 -107.56 40.82 44.74
N ASP Q 45 -107.87 39.52 44.75
CA ASP Q 45 -107.23 38.58 45.65
C ASP Q 45 -107.00 37.25 44.94
N GLU Q 46 -105.76 36.78 44.97
CA GLU Q 46 -105.49 35.42 44.50
C GLU Q 46 -104.49 34.69 45.38
N THR Q 47 -104.92 33.60 46.02
CA THR Q 47 -104.03 32.67 46.71
C THR Q 47 -103.42 31.66 45.76
N ASN Q 48 -104.20 31.12 44.82
CA ASN Q 48 -103.70 30.16 43.84
C ASN Q 48 -102.65 30.77 42.93
N MET Q 49 -102.49 32.08 43.01
CA MET Q 49 -101.38 32.79 42.40
C MET Q 49 -100.06 32.13 42.78
N TYR Q 50 -99.20 31.93 41.79
CA TYR Q 50 -97.95 31.20 41.99
C TYR Q 50 -96.77 32.12 41.73
N GLU Q 51 -96.02 32.44 42.78
CA GLU Q 51 -94.72 33.07 42.57
C GLU Q 51 -93.61 32.16 43.07
N GLY Q 52 -92.81 31.70 42.13
CA GLY Q 52 -91.56 31.02 42.41
C GLY Q 52 -90.61 31.33 41.28
N VAL Q 53 -89.31 31.23 41.53
CA VAL Q 53 -88.31 31.75 40.61
C VAL Q 53 -87.94 30.68 39.59
N GLY Q 54 -88.69 29.59 39.57
CA GLY Q 54 -88.44 28.53 38.61
C GLY Q 54 -89.67 27.77 38.18
N ARG Q 55 -89.48 26.72 37.39
CA ARG Q 55 -90.58 25.92 36.88
C ARG Q 55 -91.41 25.27 37.98
N MET Q 56 -90.93 25.32 39.22
CA MET Q 56 -91.80 25.15 40.37
C MET Q 56 -92.63 26.41 40.56
N PHE Q 57 -93.94 26.26 40.49
CA PHE Q 57 -94.82 27.42 40.64
C PHE Q 57 -95.61 27.21 41.91
N ILE Q 58 -95.25 27.97 42.93
CA ILE Q 58 -95.43 27.60 44.32
C ILE Q 58 -96.46 28.53 44.94
N LEU Q 59 -97.52 27.94 45.47
CA LEU Q 59 -98.72 28.70 45.81
C LEU Q 59 -98.42 29.70 46.90
N GLN Q 60 -98.78 30.95 46.64
CA GLN Q 60 -98.59 32.03 47.61
C GLN Q 60 -99.71 33.04 47.38
N SER Q 61 -100.11 33.72 48.45
CA SER Q 61 -101.12 34.75 48.31
C SER Q 61 -100.57 35.91 47.48
N LYS Q 62 -101.49 36.67 46.87
CA LYS Q 62 -101.08 37.75 45.98
C LYS Q 62 -100.10 38.70 46.65
N GLU Q 63 -100.28 38.95 47.94
CA GLU Q 63 -99.62 40.11 48.56
C GLU Q 63 -98.16 39.82 48.88
N ALA Q 64 -97.91 38.82 49.74
CA ALA Q 64 -96.54 38.40 49.98
C ALA Q 64 -95.80 38.13 48.68
N ILE Q 65 -96.54 37.75 47.65
CA ILE Q 65 -95.98 37.70 46.31
C ILE Q 65 -95.58 39.09 45.82
N HIS Q 66 -96.45 40.09 46.03
CA HIS Q 66 -96.09 41.44 45.61
C HIS Q 66 -94.78 41.88 46.23
N SER Q 67 -94.71 41.85 47.57
CA SER Q 67 -93.44 42.14 48.25
C SER Q 67 -92.31 41.31 47.68
N GLN Q 68 -92.54 40.02 47.45
CA GLN Q 68 -91.55 39.20 46.77
C GLN Q 68 -91.31 39.71 45.35
N LEU Q 69 -92.38 40.04 44.62
CA LEU Q 69 -92.25 40.46 43.23
C LEU Q 69 -91.85 41.93 43.11
N LEU Q 70 -92.27 42.79 44.04
CA LEU Q 70 -91.77 44.16 44.04
C LEU Q 70 -90.32 44.24 44.46
N GLU Q 71 -89.87 43.33 45.31
CA GLU Q 71 -88.44 43.22 45.56
C GLU Q 71 -87.73 42.59 44.37
N LYS Q 72 -88.41 41.65 43.69
CA LYS Q 72 -87.91 41.17 42.40
C LYS Q 72 -87.72 42.32 41.43
N GLN Q 73 -88.68 43.26 41.40
CA GLN Q 73 -88.42 44.55 40.78
C GLN Q 73 -87.20 45.21 41.40
N LYS Q 74 -87.19 45.38 42.72
CA LYS Q 74 -86.10 46.06 43.40
C LYS Q 74 -84.75 45.45 43.06
N ILE Q 75 -84.70 44.12 42.92
CA ILE Q 75 -83.45 43.46 42.56
C ILE Q 75 -82.89 44.04 41.26
N ALA Q 76 -83.55 43.75 40.14
CA ALA Q 76 -83.08 44.28 38.85
C ALA Q 76 -83.03 45.80 38.88
N GLU Q 77 -83.92 46.43 39.66
CA GLU Q 77 -83.83 47.86 39.87
C GLU Q 77 -82.47 48.25 40.45
N GLU Q 78 -81.95 47.43 41.36
CA GLU Q 78 -80.63 47.69 41.92
C GLU Q 78 -79.52 47.38 40.92
N LYS Q 79 -79.74 46.36 40.08
CA LYS Q 79 -78.64 45.79 39.31
C LYS Q 79 -78.22 46.69 38.15
N ILE Q 80 -79.04 47.69 37.81
CA ILE Q 80 -78.75 48.50 36.65
C ILE Q 80 -77.39 49.19 36.79
N LYS Q 81 -77.06 49.67 37.99
CA LYS Q 81 -75.90 50.56 38.13
C LYS Q 81 -74.58 49.80 37.98
N GLU Q 82 -74.41 48.71 38.74
CA GLU Q 82 -73.14 47.98 38.74
C GLU Q 82 -72.70 47.65 37.32
N LEU Q 83 -73.62 47.17 36.51
CA LEU Q 83 -73.26 46.68 35.18
C LEU Q 83 -73.08 47.84 34.21
N GLU Q 84 -73.69 48.99 34.50
CA GLU Q 84 -73.28 50.23 33.88
C GLU Q 84 -71.99 50.76 34.50
N GLN Q 85 -71.90 50.74 35.83
CA GLN Q 85 -70.62 51.00 36.50
C GLN Q 85 -69.55 50.06 35.96
N LYS Q 86 -69.97 48.88 35.50
CA LYS Q 86 -69.05 47.97 34.84
C LYS Q 86 -68.62 48.49 33.48
N LYS Q 87 -69.46 49.29 32.83
CA LYS Q 87 -69.11 49.81 31.51
C LYS Q 87 -68.06 50.92 31.61
N SER Q 88 -67.76 51.36 32.83
CA SER Q 88 -66.83 52.47 33.00
C SER Q 88 -65.39 52.02 33.06
N TYR Q 89 -64.98 51.37 34.16
CA TYR Q 89 -63.59 50.98 34.35
C TYR Q 89 -63.08 50.11 33.22
N LEU Q 90 -63.94 49.25 32.68
CA LEU Q 90 -63.67 48.61 31.40
C LEU Q 90 -63.19 49.63 30.39
N GLU Q 91 -64.04 50.60 30.04
CA GLU Q 91 -63.65 51.63 29.08
C GLU Q 91 -62.54 52.51 29.64
N ARG Q 92 -62.31 52.45 30.96
CA ARG Q 92 -61.17 53.15 31.52
C ARG Q 92 -59.89 52.35 31.33
N SER Q 93 -59.98 51.03 31.43
CA SER Q 93 -58.81 50.18 31.28
C SER Q 93 -58.34 50.13 29.83
N VAL Q 94 -59.28 50.13 28.88
CA VAL Q 94 -58.90 50.07 27.47
C VAL Q 94 -58.04 51.26 27.10
N LYS Q 95 -58.26 52.42 27.73
CA LYS Q 95 -57.47 53.60 27.42
C LYS Q 95 -56.12 53.56 28.13
N GLU Q 96 -56.07 53.01 29.35
CA GLU Q 96 -54.83 52.99 30.10
C GLU Q 96 -53.75 52.23 29.35
N ALA Q 97 -54.13 51.18 28.64
CA ALA Q 97 -53.18 50.51 27.75
C ALA Q 97 -52.79 51.40 26.58
N GLU Q 98 -53.70 52.29 26.16
CA GLU Q 98 -53.43 53.14 25.01
C GLU Q 98 -52.52 54.32 25.38
N ASP Q 99 -52.69 54.87 26.59
CA ASP Q 99 -51.94 56.07 26.96
C ASP Q 99 -50.48 55.72 27.21
N ASN Q 100 -50.14 54.43 27.15
CA ASN Q 100 -48.74 54.03 27.22
C ASN Q 100 -47.95 54.58 26.04
N ILE Q 101 -48.35 54.22 24.82
CA ILE Q 101 -47.54 54.56 23.64
C ILE Q 101 -47.72 56.03 23.29
N ARG Q 102 -48.96 56.52 23.38
CA ARG Q 102 -49.30 57.83 22.82
C ARG Q 102 -48.51 58.95 23.48
N GLU Q 103 -47.99 58.72 24.68
CA GLU Q 103 -47.38 59.82 25.42
C GLU Q 103 -45.96 60.10 24.95
N MET Q 104 -45.17 59.06 24.68
CA MET Q 104 -43.80 59.29 24.25
C MET Q 104 -43.77 59.90 22.85
N LEU Q 105 -44.63 59.44 21.95
CA LEU Q 105 -44.60 59.96 20.59
C LEU Q 105 -45.24 61.35 20.52
N MET Q 106 -46.21 61.63 21.40
CA MET Q 106 -46.63 63.01 21.59
C MET Q 106 -45.56 63.84 22.28
N ALA Q 107 -45.07 63.35 23.41
CA ALA Q 107 -44.39 64.18 24.36
C ALA Q 107 -43.46 63.35 25.23
N SER R 1 -74.02 46.31 -19.34
CA SER R 1 -74.20 45.65 -20.62
C SER R 1 -75.10 44.43 -20.48
N ALA R 2 -74.53 43.33 -19.98
CA ALA R 2 -75.27 42.11 -19.72
C ALA R 2 -75.76 42.04 -18.27
N GLU R 3 -75.53 43.09 -17.48
CA GLU R 3 -75.89 43.06 -16.07
C GLU R 3 -77.41 42.99 -15.86
N GLN R 4 -78.18 43.68 -16.70
CA GLN R 4 -79.63 43.65 -16.56
C GLN R 4 -80.22 42.39 -17.15
N VAL R 5 -79.62 41.87 -18.22
CA VAL R 5 -80.08 40.63 -18.83
C VAL R 5 -79.99 39.49 -17.82
N ILE R 6 -78.82 39.32 -17.20
CA ILE R 6 -78.66 38.27 -16.21
C ILE R 6 -79.54 38.53 -15.00
N ALA R 7 -79.79 39.82 -14.69
CA ALA R 7 -80.65 40.14 -13.56
C ALA R 7 -82.10 39.73 -13.82
N GLY R 8 -82.69 40.23 -14.90
CA GLY R 8 -84.08 39.89 -15.18
C GLY R 8 -84.25 38.41 -15.49
N PHE R 9 -83.25 37.80 -16.11
CA PHE R 9 -83.26 36.35 -16.31
C PHE R 9 -83.28 35.63 -14.97
N ASN R 10 -82.60 36.19 -13.96
CA ASN R 10 -82.52 35.55 -12.66
C ASN R 10 -83.76 35.81 -11.81
N ARG R 11 -84.26 37.05 -11.83
CA ARG R 11 -85.22 37.48 -10.81
C ARG R 11 -86.52 36.69 -10.88
N LEU R 12 -87.08 36.51 -12.08
CA LEU R 12 -88.32 35.74 -12.20
C LEU R 12 -88.13 34.31 -11.72
N ARG R 13 -86.96 33.73 -11.96
CA ARG R 13 -86.71 32.37 -11.45
C ARG R 13 -86.34 32.40 -9.97
N GLN R 14 -85.63 33.45 -9.54
CA GLN R 14 -85.25 33.57 -8.14
C GLN R 14 -86.46 33.86 -7.26
N GLU R 15 -87.25 34.89 -7.61
CA GLU R 15 -88.50 35.15 -6.92
C GLU R 15 -89.36 33.91 -6.84
N GLN R 16 -89.51 33.19 -7.95
CA GLN R 16 -90.34 31.99 -8.00
C GLN R 16 -89.99 31.00 -6.91
N ARG R 17 -88.72 30.59 -6.85
CA ARG R 17 -88.32 29.64 -5.82
C ARG R 17 -88.25 30.30 -4.44
N GLY R 18 -87.99 31.61 -4.41
CA GLY R 18 -88.03 32.34 -3.16
C GLY R 18 -89.42 32.46 -2.57
N LEU R 19 -90.46 32.23 -3.38
CA LEU R 19 -91.82 32.28 -2.86
C LEU R 19 -92.02 31.28 -1.73
N ALA R 20 -91.51 30.06 -1.89
CA ALA R 20 -91.51 29.11 -0.79
C ALA R 20 -90.69 29.62 0.38
N SER R 21 -89.48 30.13 0.12
CA SER R 21 -88.69 30.75 1.18
C SER R 21 -89.41 31.95 1.77
N LYS R 22 -90.13 32.69 0.93
CA LYS R 22 -90.93 33.80 1.43
C LYS R 22 -92.09 33.31 2.30
N ALA R 23 -92.87 32.36 1.78
CA ALA R 23 -94.05 31.91 2.51
C ALA R 23 -93.69 31.12 3.75
N ALA R 24 -92.59 30.36 3.70
CA ALA R 24 -92.20 29.57 4.86
C ALA R 24 -91.62 30.44 5.96
N GLU R 25 -90.90 31.50 5.59
CA GLU R 25 -90.40 32.45 6.58
C GLU R 25 -91.55 33.06 7.37
N LEU R 26 -92.70 33.25 6.73
CA LEU R 26 -93.89 33.69 7.45
C LEU R 26 -94.56 32.52 8.15
N GLU R 27 -94.40 31.31 7.61
CA GLU R 27 -95.14 30.16 8.10
C GLU R 27 -94.76 29.83 9.55
N MET R 28 -93.49 29.55 9.80
CA MET R 28 -93.09 29.07 11.12
C MET R 28 -93.32 30.12 12.19
N GLU R 29 -93.30 31.40 11.80
CA GLU R 29 -93.77 32.44 12.69
C GLU R 29 -95.24 32.24 13.04
N LEU R 30 -96.09 32.16 12.02
CA LEU R 30 -97.52 31.92 12.24
C LEU R 30 -97.77 30.52 12.77
N ASN R 31 -96.77 29.64 12.68
CA ASN R 31 -96.95 28.27 13.16
C ASN R 31 -97.18 28.24 14.67
N GLU R 32 -96.39 28.99 15.43
CA GLU R 32 -96.61 29.03 16.88
C GLU R 32 -97.76 29.95 17.26
N HIS R 33 -98.10 30.91 16.40
CA HIS R 33 -99.31 31.71 16.64
C HIS R 33 -100.55 30.83 16.72
N SER R 34 -100.54 29.70 15.99
CA SER R 34 -101.69 28.80 16.01
C SER R 34 -101.83 28.09 17.35
N LEU R 35 -100.70 27.72 17.95
CA LEU R 35 -100.73 26.94 19.18
C LEU R 35 -101.18 27.79 20.37
N VAL R 36 -101.28 29.10 20.19
CA VAL R 36 -101.46 29.99 21.33
C VAL R 36 -102.85 30.61 21.32
N ILE R 37 -103.13 31.47 20.34
CA ILE R 37 -104.39 32.19 20.31
C ILE R 37 -105.57 31.22 20.23
N ASP R 38 -105.33 30.03 19.68
CA ASP R 38 -106.38 29.02 19.64
C ASP R 38 -106.61 28.40 21.01
N THR R 39 -105.54 27.97 21.67
CA THR R 39 -105.68 27.18 22.88
C THR R 39 -106.26 27.99 24.03
N LEU R 40 -106.11 29.32 24.00
CA LEU R 40 -106.73 30.14 25.02
C LEU R 40 -108.22 30.34 24.75
N LYS R 41 -108.56 30.70 23.51
CA LYS R 41 -109.90 31.21 23.23
C LYS R 41 -110.93 30.10 23.09
N GLU R 42 -110.51 28.92 22.64
CA GLU R 42 -111.46 27.82 22.40
C GLU R 42 -112.07 27.32 23.70
N VAL R 43 -111.24 27.16 24.72
CA VAL R 43 -111.66 26.54 25.98
C VAL R 43 -111.95 27.65 26.99
N ASP R 44 -112.90 27.39 27.90
CA ASP R 44 -113.51 28.45 28.70
C ASP R 44 -112.47 29.33 29.38
N GLU R 45 -112.57 30.63 29.10
CA GLU R 45 -111.73 31.67 29.67
C GLU R 45 -112.38 32.24 30.92
N THR R 46 -113.61 31.81 31.18
CA THR R 46 -114.42 32.24 32.31
C THR R 46 -113.70 32.09 33.63
N ARG R 47 -112.99 30.98 33.82
CA ARG R 47 -112.20 30.76 35.03
C ARG R 47 -110.93 31.58 34.94
N LYS R 48 -110.03 31.35 35.88
CA LYS R 48 -108.84 32.18 36.01
C LYS R 48 -107.82 31.82 34.95
N CYS R 49 -107.40 32.84 34.19
CA CYS R 49 -106.41 32.69 33.15
C CYS R 49 -105.08 33.29 33.60
N TYR R 50 -104.12 32.42 33.92
CA TYR R 50 -102.82 32.84 34.40
C TYR R 50 -102.03 33.51 33.29
N ARG R 51 -101.00 34.25 33.69
CA ARG R 51 -99.90 34.63 32.81
C ARG R 51 -98.62 34.03 33.36
N MET R 52 -97.91 33.29 32.51
CA MET R 52 -96.67 32.64 32.91
C MET R 52 -95.49 33.55 32.57
N VAL R 53 -94.79 34.02 33.61
CA VAL R 53 -93.60 34.85 33.44
C VAL R 53 -92.45 34.20 34.19
N GLY R 54 -91.32 34.90 34.24
CA GLY R 54 -90.08 34.30 34.69
C GLY R 54 -90.00 33.87 36.13
N GLY R 55 -90.18 34.81 37.07
CA GLY R 55 -90.07 34.47 38.47
C GLY R 55 -91.42 34.40 39.12
N VAL R 56 -92.47 34.35 38.31
CA VAL R 56 -93.86 34.46 38.75
C VAL R 56 -94.74 33.67 37.79
N LEU R 57 -95.82 33.10 38.30
CA LEU R 57 -96.97 32.77 37.47
C LEU R 57 -98.05 33.80 37.78
N VAL R 58 -98.27 34.73 36.87
CA VAL R 58 -99.14 35.87 37.11
C VAL R 58 -100.59 35.40 37.08
N GLU R 59 -101.35 35.82 38.08
CA GLU R 59 -102.79 35.65 38.05
C GLU R 59 -103.43 36.77 37.23
N ARG R 60 -104.34 36.38 36.33
CA ARG R 60 -105.04 37.31 35.47
C ARG R 60 -106.43 36.77 35.17
N THR R 61 -107.35 37.68 34.93
CA THR R 61 -108.65 37.36 34.36
C THR R 61 -108.51 37.25 32.84
N VAL R 62 -109.45 36.51 32.23
CA VAL R 62 -109.57 36.48 30.77
C VAL R 62 -109.49 37.88 30.20
N LYS R 63 -110.14 38.85 30.84
CA LYS R 63 -110.33 40.18 30.26
C LYS R 63 -109.01 40.80 29.81
N GLU R 64 -107.94 40.58 30.58
CA GLU R 64 -106.62 41.00 30.11
C GLU R 64 -105.97 39.94 29.24
N VAL R 65 -106.17 38.65 29.56
CA VAL R 65 -105.46 37.58 28.86
C VAL R 65 -106.00 37.42 27.45
N LEU R 66 -107.30 37.56 27.27
CA LEU R 66 -107.90 37.37 25.95
C LEU R 66 -107.38 38.36 24.90
N PRO R 67 -107.48 39.69 25.09
CA PRO R 67 -107.12 40.59 23.98
C PRO R 67 -105.63 40.62 23.70
N ALA R 68 -104.80 40.19 24.64
CA ALA R 68 -103.35 40.19 24.41
C ALA R 68 -102.99 39.33 23.23
N LEU R 69 -103.54 38.11 23.17
CA LEU R 69 -103.25 37.23 22.04
C LEU R 69 -103.98 37.72 20.79
N GLU R 70 -105.09 38.42 20.98
CA GLU R 70 -105.85 38.96 19.86
C GLU R 70 -105.00 39.91 19.02
N ASN R 71 -104.64 41.06 19.59
CA ASN R 71 -104.06 42.14 18.81
C ASN R 71 -102.59 41.89 18.51
N ASN R 72 -101.86 41.23 19.43
CA ASN R 72 -100.43 41.02 19.23
C ASN R 72 -100.16 40.19 17.98
N LYS R 73 -100.75 39.01 17.90
CA LYS R 73 -100.61 38.19 16.68
C LYS R 73 -100.98 38.98 15.44
N GLU R 74 -102.15 39.64 15.47
CA GLU R 74 -102.58 40.44 14.32
C GLU R 74 -101.59 41.56 14.02
N GLN R 75 -101.08 42.22 15.07
CA GLN R 75 -100.09 43.27 14.86
C GLN R 75 -98.79 42.70 14.31
N ILE R 76 -98.44 41.47 14.71
CA ILE R 76 -97.24 40.82 14.20
C ILE R 76 -97.41 40.47 12.72
N GLN R 77 -98.62 40.05 12.35
CA GLN R 77 -98.85 39.57 10.99
C GLN R 77 -98.66 40.69 9.97
N LYS R 78 -98.98 41.93 10.34
CA LYS R 78 -98.72 43.06 9.46
C LYS R 78 -97.23 43.19 9.18
N ILE R 79 -96.41 43.23 10.24
CA ILE R 79 -95.00 43.54 10.08
C ILE R 79 -94.27 42.43 9.35
N ILE R 80 -94.65 41.17 9.61
CA ILE R 80 -93.95 40.06 8.97
C ILE R 80 -94.24 40.02 7.48
N GLU R 81 -95.46 40.36 7.06
CA GLU R 81 -95.77 40.41 5.65
C GLU R 81 -94.94 41.47 4.93
N THR R 82 -94.52 42.52 5.65
CA THR R 82 -93.84 43.63 5.01
C THR R 82 -92.42 43.27 4.60
N LEU R 83 -91.59 42.80 5.55
CA LEU R 83 -90.16 42.70 5.30
C LEU R 83 -89.83 41.53 4.39
N THR R 84 -90.34 40.33 4.70
CA THR R 84 -90.06 39.17 3.87
C THR R 84 -90.49 39.39 2.44
N GLN R 85 -91.59 40.13 2.24
CA GLN R 85 -91.97 40.58 0.91
C GLN R 85 -90.93 41.51 0.32
N GLN R 86 -90.40 42.43 1.15
CA GLN R 86 -89.42 43.39 0.65
C GLN R 86 -88.05 42.75 0.43
N LEU R 87 -87.79 41.61 1.07
CA LEU R 87 -86.49 40.96 0.92
C LEU R 87 -86.28 40.46 -0.50
N GLN R 88 -87.34 39.93 -1.12
CA GLN R 88 -87.20 39.37 -2.46
C GLN R 88 -86.85 40.46 -3.49
N ALA R 89 -87.54 41.60 -3.42
CA ALA R 89 -87.29 42.68 -4.38
C ALA R 89 -85.93 43.31 -4.15
N LYS R 90 -85.47 43.32 -2.89
CA LYS R 90 -84.10 43.76 -2.64
C LYS R 90 -83.11 42.85 -3.35
N GLY R 91 -83.21 41.54 -3.14
CA GLY R 91 -82.37 40.61 -3.88
C GLY R 91 -82.47 40.83 -5.39
N LYS R 92 -83.69 41.02 -5.89
CA LYS R 92 -83.87 41.39 -7.29
C LYS R 92 -83.00 42.57 -7.69
N GLU R 93 -83.03 43.64 -6.89
CA GLU R 93 -82.28 44.84 -7.24
C GLU R 93 -80.81 44.70 -6.86
N LEU R 94 -80.52 44.01 -5.77
CA LEU R 94 -79.12 43.87 -5.33
C LEU R 94 -78.33 42.98 -6.28
N ASN R 95 -79.00 42.03 -6.95
CA ASN R 95 -78.32 41.26 -7.98
C ASN R 95 -77.84 42.17 -9.11
N GLU R 96 -78.59 43.23 -9.39
CA GLU R 96 -78.14 44.20 -10.39
C GLU R 96 -77.09 45.12 -9.81
N PHE R 97 -77.13 45.36 -8.50
CA PHE R 97 -76.27 46.37 -7.89
C PHE R 97 -74.85 45.85 -7.69
N ARG R 98 -74.71 44.60 -7.26
CA ARG R 98 -73.40 44.12 -6.84
C ARG R 98 -72.43 44.01 -8.00
N GLU R 99 -72.94 43.84 -9.22
CA GLU R 99 -72.05 43.78 -10.38
C GLU R 99 -71.50 45.15 -10.72
N LYS R 100 -72.15 46.21 -10.24
CA LYS R 100 -71.78 47.57 -10.64
C LYS R 100 -70.59 48.12 -9.85
N HIS R 101 -70.62 48.01 -8.52
CA HIS R 101 -69.87 48.97 -7.68
C HIS R 101 -68.43 48.54 -7.42
N ASN R 102 -68.09 47.28 -7.69
CA ASN R 102 -66.95 46.63 -7.05
C ASN R 102 -65.64 46.75 -7.84
N ILE R 103 -65.63 47.54 -8.91
CA ILE R 103 -64.38 47.79 -9.64
C ILE R 103 -63.29 48.29 -8.69
N VAL S 1 -90.37 16.43 -27.52
CA VAL S 1 -88.94 16.49 -27.32
C VAL S 1 -88.61 16.09 -25.89
N LEU S 2 -87.44 15.47 -25.69
CA LEU S 2 -87.00 15.13 -24.34
C LEU S 2 -86.73 16.37 -23.52
N LYS S 3 -86.58 17.52 -24.18
CA LYS S 3 -86.32 18.78 -23.47
C LYS S 3 -87.51 19.19 -22.61
N LYS S 4 -88.73 19.02 -23.13
CA LYS S 4 -89.91 19.55 -22.43
C LYS S 4 -90.31 18.64 -21.27
N LEU S 5 -90.09 17.33 -21.40
CA LEU S 5 -90.48 16.41 -20.33
C LEU S 5 -89.48 16.43 -19.19
N ASP S 6 -88.18 16.59 -19.51
CA ASP S 6 -87.16 16.55 -18.47
C ASP S 6 -87.32 17.72 -17.50
N GLU S 7 -87.60 18.92 -18.02
CA GLU S 7 -87.74 20.08 -17.16
C GLU S 7 -88.91 19.91 -16.20
N GLN S 8 -89.98 19.27 -16.66
CA GLN S 8 -91.17 19.10 -15.84
C GLN S 8 -91.01 17.92 -14.88
N TYR S 9 -90.32 16.87 -15.32
CA TYR S 9 -90.29 15.61 -14.56
C TYR S 9 -89.68 15.81 -13.17
N GLN S 10 -88.61 16.61 -13.08
CA GLN S 10 -87.96 16.80 -11.79
C GLN S 10 -88.72 17.80 -10.92
N LYS S 11 -89.20 18.90 -11.51
CA LYS S 11 -89.81 19.94 -10.68
C LYS S 11 -91.11 19.46 -10.07
N TYR S 12 -91.85 18.61 -10.78
CA TYR S 12 -92.92 17.87 -10.12
C TYR S 12 -92.34 16.95 -9.05
N LYS S 13 -91.48 16.01 -9.45
CA LYS S 13 -91.01 14.97 -8.54
C LYS S 13 -90.34 15.56 -7.31
N PHE S 14 -89.72 16.73 -7.46
CA PHE S 14 -89.19 17.44 -6.31
C PHE S 14 -90.30 18.01 -5.44
N MET S 15 -91.33 18.58 -6.05
CA MET S 15 -92.40 19.19 -5.27
C MET S 15 -93.61 18.26 -5.15
N GLU S 16 -93.60 17.11 -5.84
CA GLU S 16 -94.56 16.05 -5.55
C GLU S 16 -94.14 15.30 -4.30
N LEU S 17 -92.83 15.10 -4.14
CA LEU S 17 -92.28 14.62 -2.87
C LEU S 17 -92.73 15.50 -1.72
N ASN S 18 -92.95 16.80 -1.99
CA ASN S 18 -93.37 17.72 -0.94
C ASN S 18 -94.77 17.39 -0.44
N LEU S 19 -95.59 16.73 -1.26
CA LEU S 19 -96.90 16.30 -0.79
C LEU S 19 -96.78 15.32 0.36
N ALA S 20 -95.87 14.35 0.25
CA ALA S 20 -95.72 13.35 1.30
C ALA S 20 -95.06 13.94 2.54
N GLN S 21 -94.23 14.96 2.37
CA GLN S 21 -93.45 15.49 3.49
C GLN S 21 -94.35 16.04 4.59
N LYS S 22 -95.21 17.00 4.24
CA LYS S 22 -96.09 17.57 5.25
C LYS S 22 -97.21 16.61 5.60
N LYS S 23 -97.69 15.85 4.62
CA LYS S 23 -98.66 14.79 4.90
C LYS S 23 -98.13 13.83 5.94
N ARG S 24 -96.83 13.55 5.91
CA ARG S 24 -96.23 12.75 6.97
C ARG S 24 -96.10 13.55 8.24
N ARG S 25 -95.60 14.79 8.14
CA ARG S 25 -95.50 15.64 9.31
C ARG S 25 -96.88 15.98 9.85
N LEU S 26 -97.93 15.80 9.02
CA LEU S 26 -99.28 15.73 9.56
C LEU S 26 -99.40 14.60 10.57
N LYS S 27 -99.09 13.37 10.16
CA LYS S 27 -99.17 12.22 11.04
C LYS S 27 -97.92 12.06 11.89
N GLY S 28 -96.95 12.97 11.72
CA GLY S 28 -95.71 12.87 12.48
C GLY S 28 -95.76 13.52 13.83
N GLN S 29 -96.70 14.45 14.04
CA GLN S 29 -96.80 15.11 15.33
C GLN S 29 -97.72 14.36 16.26
N ILE S 30 -98.42 13.34 15.77
CA ILE S 30 -99.27 12.53 16.63
C ILE S 30 -98.50 11.96 17.80
N PRO S 31 -97.29 11.42 17.64
CA PRO S 31 -96.54 10.93 18.82
C PRO S 31 -96.19 12.01 19.83
N GLU S 32 -95.80 13.21 19.37
CA GLU S 32 -95.55 14.31 20.30
C GLU S 32 -96.72 14.50 21.25
N ILE S 33 -97.94 14.51 20.68
CA ILE S 33 -99.09 15.08 21.37
C ILE S 33 -99.75 14.07 22.29
N LYS S 34 -99.91 12.81 21.84
CA LYS S 34 -100.78 11.89 22.55
C LYS S 34 -100.12 11.28 23.78
N GLN S 35 -98.80 11.10 23.74
CA GLN S 35 -98.12 10.58 24.92
C GLN S 35 -98.13 11.58 26.06
N THR S 36 -98.05 12.88 25.74
CA THR S 36 -98.32 13.89 26.75
C THR S 36 -99.63 13.59 27.48
N LEU S 37 -100.67 13.18 26.75
CA LEU S 37 -101.89 12.73 27.40
C LEU S 37 -101.62 11.49 28.25
N GLU S 38 -100.81 10.57 27.74
CA GLU S 38 -100.45 9.36 28.47
C GLU S 38 -99.79 9.71 29.80
N ILE S 39 -98.94 10.74 29.81
CA ILE S 39 -98.45 11.32 31.05
C ILE S 39 -99.61 11.60 32.00
N LEU S 40 -100.53 12.47 31.59
CA LEU S 40 -101.65 12.85 32.46
C LEU S 40 -102.53 11.66 32.81
N LYS S 41 -102.46 10.58 32.01
CA LYS S 41 -103.51 9.56 32.07
C LYS S 41 -103.44 8.76 33.38
N TYR S 42 -102.38 7.97 33.55
CA TYR S 42 -102.18 7.29 34.84
C TYR S 42 -102.29 8.29 35.98
N MET S 43 -101.72 9.47 35.79
CA MET S 43 -101.89 10.56 36.74
C MET S 43 -103.36 10.85 36.99
N GLN S 44 -104.15 10.95 35.93
CA GLN S 44 -105.55 11.32 36.08
C GLN S 44 -106.25 10.39 37.03
N LYS S 45 -106.81 10.96 38.10
CA LYS S 45 -107.62 10.22 39.04
C LYS S 45 -108.85 11.05 39.32
N LYS S 46 -110.01 10.54 38.91
CA LYS S 46 -111.29 11.16 39.21
C LYS S 46 -112.01 10.31 40.24
N LYS S 47 -112.81 10.98 41.07
CA LYS S 47 -113.29 10.41 42.33
C LYS S 47 -112.11 10.04 43.21
N GLU S 48 -111.10 10.91 43.20
CA GLU S 48 -109.86 10.82 43.94
C GLU S 48 -109.06 12.06 43.58
N SER S 49 -108.08 12.43 44.40
CA SER S 49 -107.15 13.45 43.95
C SER S 49 -106.30 12.89 42.81
N THR S 50 -106.26 13.64 41.71
CA THR S 50 -105.50 13.22 40.54
C THR S 50 -104.06 12.94 40.96
N ASN S 51 -103.47 11.91 40.34
CA ASN S 51 -102.11 11.44 40.64
C ASN S 51 -101.83 11.51 42.14
N SER S 52 -102.46 10.62 42.92
CA SER S 52 -102.14 10.47 44.33
C SER S 52 -101.07 9.37 44.38
N MET S 53 -99.83 9.80 44.60
CA MET S 53 -98.65 9.03 44.18
C MET S 53 -97.42 9.60 44.87
N GLU S 54 -96.28 8.98 44.58
CA GLU S 54 -94.98 9.62 44.79
C GLU S 54 -94.67 10.59 43.65
N THR S 55 -93.75 11.50 43.94
CA THR S 55 -93.13 12.32 42.90
C THR S 55 -91.80 12.83 43.42
N ARG S 56 -90.94 13.21 42.48
CA ARG S 56 -89.93 14.22 42.74
C ARG S 56 -90.33 15.44 41.93
N PHE S 57 -90.83 16.48 42.61
CA PHE S 57 -91.20 17.71 41.94
C PHE S 57 -90.02 18.23 41.13
N LEU S 58 -90.32 18.88 40.02
CA LEU S 58 -89.27 19.55 39.29
C LEU S 58 -89.34 21.00 39.73
N LEU S 59 -88.42 21.36 40.63
CA LEU S 59 -88.18 22.72 41.05
C LEU S 59 -87.28 23.42 40.04
N ALA S 60 -86.19 22.76 39.71
CA ALA S 60 -85.41 22.95 38.50
C ALA S 60 -85.02 21.56 38.03
N ASP S 61 -84.27 21.48 36.94
CA ASP S 61 -83.73 20.21 36.50
C ASP S 61 -82.83 19.59 37.55
N ASN S 62 -81.96 20.39 38.15
CA ASN S 62 -81.06 19.94 39.19
C ASN S 62 -81.72 19.81 40.55
N LEU S 63 -82.96 20.25 40.71
CA LEU S 63 -83.54 20.49 42.03
C LEU S 63 -84.89 19.79 42.09
N TYR S 64 -85.00 18.74 42.91
CA TYR S 64 -86.25 18.02 43.03
C TYR S 64 -86.71 17.96 44.48
N CYS S 65 -88.02 17.87 44.65
CA CYS S 65 -88.61 17.60 45.95
C CYS S 65 -89.48 16.36 45.89
N LYS S 66 -89.13 15.38 46.73
CA LYS S 66 -90.06 14.32 47.08
C LYS S 66 -91.19 14.94 47.90
N ALA S 67 -92.41 14.70 47.46
CA ALA S 67 -93.58 15.21 48.15
C ALA S 67 -94.69 14.19 48.03
N SER S 68 -95.73 14.37 48.83
CA SER S 68 -97.02 13.81 48.51
C SER S 68 -97.64 14.74 47.47
N VAL S 69 -97.80 14.23 46.26
CA VAL S 69 -98.22 15.05 45.12
C VAL S 69 -99.65 15.55 45.18
N PRO S 70 -100.65 14.75 45.59
CA PRO S 70 -102.00 14.90 45.03
C PRO S 70 -102.49 16.33 45.10
N PRO S 71 -102.89 16.91 43.99
CA PRO S 71 -103.51 18.24 44.03
C PRO S 71 -105.03 18.14 44.10
N THR S 72 -105.69 19.28 44.17
CA THR S 72 -107.08 19.39 43.76
C THR S 72 -107.10 19.14 42.26
N ASP S 73 -108.22 18.63 41.75
CA ASP S 73 -108.26 18.35 40.32
C ASP S 73 -107.98 19.63 39.55
N LYS S 74 -106.87 19.61 38.81
CA LYS S 74 -106.51 20.63 37.82
C LYS S 74 -105.17 20.28 37.23
N MET S 75 -104.93 20.78 36.02
CA MET S 75 -103.59 20.80 35.44
C MET S 75 -103.46 22.13 34.74
N CYS S 76 -102.51 22.94 35.17
CA CYS S 76 -102.22 24.20 34.50
C CYS S 76 -101.31 23.88 33.32
N LEU S 77 -101.76 24.21 32.13
CA LEU S 77 -101.13 23.77 30.89
C LEU S 77 -100.51 24.96 30.17
N TRP S 78 -99.54 24.66 29.32
CA TRP S 78 -98.83 25.70 28.58
C TRP S 78 -99.55 25.92 27.26
N LEU S 79 -100.25 27.05 27.16
CA LEU S 79 -100.97 27.45 25.97
C LEU S 79 -100.05 28.17 25.00
N GLY S 80 -98.98 28.76 25.50
CA GLY S 80 -98.04 29.54 24.71
C GLY S 80 -98.20 31.03 24.96
N ALA S 81 -97.08 31.73 24.73
CA ALA S 81 -97.04 33.20 24.78
C ALA S 81 -97.52 33.75 26.13
N ASN S 82 -96.96 33.21 27.21
CA ASN S 82 -97.25 33.67 28.58
C ASN S 82 -98.74 33.62 28.89
N VAL S 83 -99.47 32.72 28.26
CA VAL S 83 -100.88 32.52 28.55
C VAL S 83 -101.07 31.15 29.15
N MET S 84 -101.46 31.13 30.42
CA MET S 84 -101.76 29.88 31.08
C MET S 84 -103.19 29.89 31.58
N LEU S 85 -104.00 29.03 30.97
CA LEU S 85 -105.33 28.77 31.48
C LEU S 85 -105.27 27.50 32.32
N GLU S 86 -106.06 27.47 33.38
CA GLU S 86 -106.18 26.27 34.19
C GLU S 86 -107.04 25.24 33.47
N TYR S 87 -106.71 23.97 33.66
CA TYR S 87 -107.46 22.88 33.06
C TYR S 87 -107.56 21.77 34.10
N ASP S 88 -108.74 21.21 34.28
CA ASP S 88 -108.79 20.22 35.32
C ASP S 88 -108.77 18.83 34.73
N ILE S 89 -107.57 18.26 34.67
CA ILE S 89 -107.31 16.82 34.54
C ILE S 89 -107.93 16.24 33.26
N ASP S 90 -108.82 17.02 32.64
CA ASP S 90 -109.64 16.52 31.55
C ASP S 90 -109.60 17.50 30.39
N GLU S 91 -110.04 18.74 30.63
CA GLU S 91 -109.70 19.84 29.73
C GLU S 91 -108.22 19.80 29.39
N ALA S 92 -107.38 19.54 30.40
CA ALA S 92 -105.97 19.30 30.15
C ALA S 92 -105.77 18.27 29.05
N GLN S 93 -106.14 17.02 29.32
CA GLN S 93 -106.08 15.97 28.31
C GLN S 93 -106.77 16.41 27.03
N ALA S 94 -107.91 17.09 27.14
CA ALA S 94 -108.57 17.62 25.95
C ALA S 94 -107.72 18.67 25.26
N LEU S 95 -107.35 19.74 25.97
CA LEU S 95 -106.45 20.74 25.40
C LEU S 95 -105.18 20.08 24.92
N LEU S 96 -104.71 19.08 25.65
CA LEU S 96 -103.42 18.49 25.34
C LEU S 96 -103.47 17.72 24.03
N GLU S 97 -104.62 17.15 23.70
CA GLU S 97 -104.79 16.52 22.39
C GLU S 97 -104.98 17.57 21.31
N LYS S 98 -105.34 18.80 21.69
CA LYS S 98 -105.50 19.87 20.71
C LYS S 98 -104.15 20.28 20.11
N ASN S 99 -103.06 20.01 20.82
CA ASN S 99 -101.74 20.36 20.30
C ASN S 99 -101.39 19.49 19.09
N LEU S 100 -102.18 18.44 18.86
CA LEU S 100 -102.04 17.63 17.66
C LEU S 100 -102.19 18.47 16.40
N SER S 101 -103.40 18.92 16.11
CA SER S 101 -103.69 19.44 14.78
C SER S 101 -103.14 20.86 14.59
N THR S 102 -103.12 21.67 15.66
CA THR S 102 -102.70 23.05 15.52
C THR S 102 -101.30 23.17 14.94
N ALA S 103 -100.35 22.39 15.48
CA ALA S 103 -99.02 22.34 14.86
C ALA S 103 -99.03 21.46 13.63
N THR S 104 -99.97 20.51 13.58
CA THR S 104 -100.17 19.72 12.36
C THR S 104 -100.73 20.58 11.24
N LYS S 105 -101.45 21.64 11.61
CA LYS S 105 -101.93 22.59 10.61
C LYS S 105 -100.88 23.67 10.34
N ASN S 106 -99.70 23.52 10.93
CA ASN S 106 -98.60 24.43 10.65
C ASN S 106 -97.87 24.03 9.37
N LEU S 107 -98.39 23.02 8.67
CA LEU S 107 -97.55 22.23 7.77
C LEU S 107 -98.05 22.27 6.34
N ASP S 108 -99.24 21.71 6.09
CA ASP S 108 -99.72 21.52 4.71
C ASP S 108 -99.79 22.83 3.95
N SER S 109 -99.96 23.96 4.64
CA SER S 109 -99.97 25.25 3.97
C SER S 109 -98.70 25.44 3.15
N LEU S 110 -97.59 24.89 3.62
CA LEU S 110 -96.40 24.87 2.76
C LEU S 110 -96.53 23.81 1.68
N GLU S 111 -96.90 22.58 2.06
CA GLU S 111 -97.17 21.53 1.08
C GLU S 111 -98.09 22.03 -0.04
N GLU S 112 -99.20 22.66 0.34
CA GLU S 112 -100.07 23.28 -0.65
C GLU S 112 -99.30 24.28 -1.50
N ASP S 113 -98.61 25.23 -0.85
CA ASP S 113 -97.71 26.13 -1.57
C ASP S 113 -96.68 25.35 -2.38
N LEU S 114 -96.07 24.33 -1.76
CA LEU S 114 -95.09 23.52 -2.47
C LEU S 114 -95.72 22.85 -3.69
N ASP S 115 -96.91 22.28 -3.53
CA ASP S 115 -97.65 21.75 -4.67
C ASP S 115 -98.03 22.87 -5.63
N PHE S 116 -98.40 24.02 -5.08
CA PHE S 116 -98.84 25.12 -5.95
C PHE S 116 -97.65 25.89 -6.51
N LEU S 117 -96.50 25.87 -5.83
CA LEU S 117 -95.28 26.32 -6.48
C LEU S 117 -94.78 25.27 -7.47
N ARG S 118 -95.04 23.99 -7.19
CA ARG S 118 -94.75 22.94 -8.15
C ARG S 118 -95.35 23.26 -9.51
N ASP S 119 -96.62 23.66 -9.52
CA ASP S 119 -97.25 24.03 -10.78
C ASP S 119 -96.77 25.41 -11.23
N GLN S 120 -96.21 26.20 -10.32
CA GLN S 120 -95.51 27.41 -10.73
C GLN S 120 -94.15 27.09 -11.32
N PHE S 121 -93.53 25.99 -10.87
CA PHE S 121 -92.34 25.50 -11.55
C PHE S 121 -92.64 25.12 -12.99
N THR S 122 -93.59 24.21 -13.20
CA THR S 122 -93.83 23.67 -14.54
C THR S 122 -94.39 24.72 -15.48
N THR S 123 -95.36 25.51 -15.01
CA THR S 123 -95.98 26.51 -15.89
C THR S 123 -94.96 27.52 -16.38
N THR S 124 -94.10 28.00 -15.48
CA THR S 124 -93.09 28.98 -15.87
C THR S 124 -92.07 28.38 -16.83
N GLU S 125 -91.58 27.18 -16.53
CA GLU S 125 -90.41 26.65 -17.23
C GLU S 125 -90.69 26.40 -18.70
N VAL S 126 -91.87 25.87 -19.03
CA VAL S 126 -92.21 25.62 -20.42
C VAL S 126 -92.20 26.92 -21.21
N ASN S 127 -92.88 27.94 -20.72
CA ASN S 127 -92.74 29.27 -21.30
C ASN S 127 -91.32 29.77 -21.18
N MET S 128 -90.69 29.56 -20.02
CA MET S 128 -89.31 30.00 -19.81
C MET S 128 -88.37 29.35 -20.82
N ALA S 129 -88.64 28.09 -21.18
CA ALA S 129 -87.90 27.46 -22.26
C ALA S 129 -88.21 28.11 -23.59
N ARG S 130 -89.47 28.49 -23.80
CA ARG S 130 -89.87 29.12 -25.05
C ARG S 130 -89.51 30.62 -25.06
N VAL S 131 -89.71 31.30 -23.92
CA VAL S 131 -89.39 32.73 -23.87
C VAL S 131 -87.88 32.95 -24.00
N TYR S 132 -87.09 32.24 -23.21
CA TYR S 132 -85.64 32.40 -23.24
C TYR S 132 -84.92 31.05 -23.41
N ASP T 1 -94.69 15.91 -19.80
CA ASP T 1 -95.39 15.21 -18.73
C ASP T 1 -95.93 13.86 -19.18
N GLN T 2 -95.72 12.85 -18.34
CA GLN T 2 -96.31 11.52 -18.50
C GLN T 2 -96.79 11.01 -17.16
N GLN T 3 -97.41 9.83 -17.18
CA GLN T 3 -98.03 9.32 -15.96
C GLN T 3 -96.97 8.79 -14.99
N LYS T 4 -95.79 8.47 -15.50
CA LYS T 4 -94.72 7.98 -14.64
C LYS T 4 -94.20 9.07 -13.72
N ILE T 5 -94.45 10.34 -14.08
CA ILE T 5 -94.03 11.45 -13.22
C ILE T 5 -94.73 11.36 -11.88
N ASN T 6 -96.06 11.19 -11.90
CA ASN T 6 -96.82 11.14 -10.66
C ASN T 6 -96.65 9.79 -9.98
N LYS T 7 -96.76 8.70 -10.74
CA LYS T 7 -96.74 7.37 -10.14
C LYS T 7 -95.40 7.07 -9.48
N PHE T 8 -94.31 7.19 -10.24
CA PHE T 8 -93.00 6.80 -9.75
C PHE T 8 -92.63 7.57 -8.48
N ALA T 9 -92.88 8.88 -8.47
CA ALA T 9 -92.51 9.70 -7.32
C ALA T 9 -93.45 9.47 -6.14
N ARG T 10 -94.76 9.59 -6.38
CA ARG T 10 -95.72 9.47 -5.28
C ARG T 10 -95.67 8.08 -4.65
N ASN T 11 -95.37 7.07 -5.48
CA ASN T 11 -94.95 5.78 -4.94
C ASN T 11 -93.73 5.93 -4.06
N THR T 12 -92.60 6.36 -4.64
CA THR T 12 -91.38 6.56 -3.87
C THR T 12 -91.62 7.47 -2.68
N SER T 13 -92.51 8.47 -2.84
CA SER T 13 -92.96 9.26 -1.70
C SER T 13 -93.53 8.37 -0.61
N ARG T 14 -94.43 7.45 -0.97
CA ARG T 14 -95.04 6.59 0.03
C ARG T 14 -94.07 5.56 0.57
N ILE T 15 -93.12 5.11 -0.27
CA ILE T 15 -92.16 4.09 0.18
C ILE T 15 -91.43 4.55 1.42
N THR T 16 -90.61 5.59 1.29
CA THR T 16 -89.90 6.13 2.45
C THR T 16 -90.88 6.59 3.52
N GLU T 17 -92.07 7.05 3.10
CA GLU T 17 -93.11 7.43 4.06
C GLU T 17 -93.49 6.27 4.97
N LEU T 18 -93.70 5.09 4.40
CA LEU T 18 -94.27 3.98 5.15
C LEU T 18 -93.22 3.26 5.98
N LYS T 19 -91.96 3.27 5.52
CA LYS T 19 -90.90 2.56 6.24
C LYS T 19 -90.52 3.29 7.53
N GLU T 20 -90.81 4.59 7.60
CA GLU T 20 -90.33 5.40 8.71
C GLU T 20 -91.17 5.20 9.98
N GLU T 21 -92.50 5.23 9.84
CA GLU T 21 -93.35 5.06 11.01
C GLU T 21 -93.16 3.68 11.63
N ILE T 22 -92.57 2.77 10.87
CA ILE T 22 -92.07 1.51 11.41
C ILE T 22 -91.04 1.76 12.51
N GLU T 23 -89.91 2.38 12.16
CA GLU T 23 -88.67 2.18 12.90
C GLU T 23 -88.75 2.68 14.33
N VAL T 24 -89.38 3.83 14.56
CA VAL T 24 -89.31 4.48 15.86
C VAL T 24 -89.87 3.59 16.96
N LYS T 25 -90.74 2.64 16.60
CA LYS T 25 -91.37 1.82 17.60
C LYS T 25 -90.56 0.55 17.87
N LYS T 26 -89.47 0.34 17.12
CA LYS T 26 -88.52 -0.73 17.43
C LYS T 26 -87.60 -0.33 18.57
N LYS T 27 -87.07 0.89 18.53
CA LYS T 27 -86.03 1.29 19.47
C LYS T 27 -86.62 1.68 20.82
N GLN T 28 -87.77 2.36 20.81
CA GLN T 28 -88.46 2.63 22.07
C GLN T 28 -88.79 1.32 22.78
N LEU T 29 -89.26 0.32 22.03
CA LEU T 29 -89.32 -1.06 22.52
C LEU T 29 -88.02 -1.45 23.20
N GLN T 30 -86.89 -1.17 22.56
CA GLN T 30 -85.59 -1.43 23.20
C GLN T 30 -85.33 -0.44 24.32
N ASN T 31 -85.72 0.82 24.14
CA ASN T 31 -85.59 1.80 25.21
C ASN T 31 -86.47 1.42 26.40
N LEU T 32 -87.71 0.99 26.14
CA LEU T 32 -88.56 0.52 27.21
C LEU T 32 -88.01 -0.75 27.84
N GLU T 33 -87.14 -1.45 27.10
CA GLU T 33 -86.47 -2.62 27.66
C GLU T 33 -85.41 -2.22 28.67
N ASP T 34 -84.91 -0.99 28.55
CA ASP T 34 -83.79 -0.56 29.38
C ASP T 34 -84.21 -0.44 30.85
N ALA T 35 -85.31 0.28 31.11
CA ALA T 35 -85.78 0.44 32.48
C ALA T 35 -86.15 -0.91 33.09
N CYS T 36 -86.49 -1.88 32.23
CA CYS T 36 -86.66 -3.25 32.71
C CYS T 36 -85.37 -3.75 33.35
N ASP T 37 -84.25 -3.64 32.62
CA ASP T 37 -82.96 -4.06 33.15
C ASP T 37 -82.65 -3.37 34.46
N ASP T 38 -83.17 -2.15 34.63
CA ASP T 38 -82.71 -1.27 35.69
C ASP T 38 -83.31 -1.64 37.03
N ILE T 39 -84.59 -2.03 37.03
CA ILE T 39 -85.18 -2.58 38.25
C ILE T 39 -84.81 -4.04 38.40
N MET T 40 -84.41 -4.70 37.31
CA MET T 40 -83.76 -6.01 37.43
C MET T 40 -82.36 -5.86 38.01
N LEU T 41 -81.70 -4.75 37.70
CA LEU T 41 -80.32 -4.58 38.16
C LEU T 41 -80.29 -4.16 39.63
N ALA T 42 -81.11 -3.17 39.99
CA ALA T 42 -81.09 -2.63 41.34
C ALA T 42 -82.51 -2.47 41.83
N ASP T 43 -82.66 -2.57 43.16
CA ASP T 43 -83.95 -2.56 43.81
C ASP T 43 -84.88 -3.54 43.13
N ASP T 44 -84.64 -4.82 43.36
CA ASP T 44 -85.27 -5.89 42.61
C ASP T 44 -86.76 -6.04 42.95
N ASP T 45 -87.30 -5.10 43.75
CA ASP T 45 -88.52 -5.13 44.57
C ASP T 45 -88.22 -5.39 46.04
N CYS T 46 -86.94 -5.54 46.39
CA CYS T 46 -86.57 -5.43 47.81
C CYS T 46 -87.11 -4.17 48.45
N LEU T 47 -87.31 -3.11 47.67
CA LEU T 47 -88.18 -2.00 48.02
C LEU T 47 -89.16 -1.77 46.88
N MET T 48 -90.17 -0.95 47.16
CA MET T 48 -91.15 -0.57 46.15
C MET T 48 -90.46 0.11 44.97
N ILE T 49 -91.08 0.00 43.80
CA ILE T 49 -90.60 0.70 42.59
C ILE T 49 -91.66 1.69 42.12
N PRO T 50 -91.39 2.98 42.19
CA PRO T 50 -92.23 3.95 41.48
C PRO T 50 -91.93 4.00 39.99
N TYR T 51 -92.96 4.34 39.22
CA TYR T 51 -92.87 4.48 37.77
C TYR T 51 -93.24 5.90 37.37
N GLN T 52 -92.33 6.56 36.65
CA GLN T 52 -92.49 7.95 36.30
C GLN T 52 -93.58 8.12 35.25
N ILE T 53 -94.58 8.93 35.57
CA ILE T 53 -95.59 9.38 34.62
C ILE T 53 -95.60 10.91 34.70
N GLY T 54 -95.14 11.57 33.64
CA GLY T 54 -94.87 12.98 33.73
C GLY T 54 -93.85 13.28 34.80
N ASP T 55 -94.21 14.13 35.75
CA ASP T 55 -93.33 14.39 36.87
C ASP T 55 -93.48 13.30 37.94
N VAL T 56 -94.71 12.90 38.20
CA VAL T 56 -95.06 12.11 39.37
C VAL T 56 -94.79 10.64 39.14
N PHE T 57 -94.63 9.92 40.24
CA PHE T 57 -94.20 8.53 40.25
C PHE T 57 -95.26 7.67 40.93
N ILE T 58 -95.70 6.61 40.25
CA ILE T 58 -96.72 5.70 40.78
C ILE T 58 -96.03 4.57 41.54
N SER T 59 -96.33 4.46 42.83
CA SER T 59 -95.71 3.48 43.71
C SER T 59 -96.16 2.07 43.35
N HIS T 60 -95.20 1.16 43.23
CA HIS T 60 -95.51 -0.23 42.96
C HIS T 60 -94.29 -1.10 43.19
N SER T 61 -94.43 -2.37 42.85
CA SER T 61 -93.31 -3.32 42.85
C SER T 61 -92.52 -3.19 41.55
N GLN T 62 -91.62 -4.14 41.28
CA GLN T 62 -90.75 -4.02 40.10
C GLN T 62 -91.54 -4.03 38.81
N GLU T 63 -92.35 -5.08 38.60
CA GLU T 63 -92.82 -5.41 37.25
C GLU T 63 -93.59 -4.28 36.60
N GLU T 64 -94.35 -3.52 37.39
CA GLU T 64 -95.34 -2.61 36.83
C GLU T 64 -94.69 -1.62 35.87
N THR T 65 -93.52 -1.10 36.23
CA THR T 65 -92.75 -0.33 35.26
C THR T 65 -92.50 -1.14 34.01
N GLN T 66 -91.87 -2.31 34.15
CA GLN T 66 -91.60 -3.17 33.00
C GLN T 66 -92.87 -3.42 32.20
N GLU T 67 -93.99 -3.62 32.88
CA GLU T 67 -95.27 -3.69 32.19
C GLU T 67 -95.51 -2.45 31.35
N MET T 68 -95.63 -1.28 32.00
CA MET T 68 -95.88 -0.04 31.28
C MET T 68 -94.88 0.14 30.14
N LEU T 69 -93.63 -0.24 30.40
CA LEU T 69 -92.67 -0.39 29.32
C LEU T 69 -93.17 -1.38 28.27
N GLU T 70 -93.33 -2.65 28.66
CA GLU T 70 -93.82 -3.66 27.73
C GLU T 70 -95.18 -3.31 27.16
N GLU T 71 -96.05 -2.72 27.97
CA GLU T 71 -97.33 -2.24 27.47
C GLU T 71 -97.14 -1.32 26.27
N ALA T 72 -96.29 -0.30 26.42
CA ALA T 72 -96.00 0.57 25.30
C ALA T 72 -95.17 -0.13 24.23
N LYS T 73 -94.26 -1.03 24.62
CA LYS T 73 -93.57 -1.85 23.63
C LYS T 73 -94.55 -2.51 22.67
N LYS T 74 -95.63 -3.07 23.21
CA LYS T 74 -96.60 -3.79 22.39
C LYS T 74 -97.49 -2.82 21.63
N ASN T 75 -97.79 -1.67 22.24
CA ASN T 75 -98.45 -0.60 21.51
C ASN T 75 -97.58 -0.14 20.36
N LEU T 76 -96.27 -0.23 20.55
CA LEU T 76 -95.31 0.18 19.52
C LEU T 76 -95.16 -0.85 18.41
N GLN T 77 -94.97 -2.13 18.78
CA GLN T 77 -94.48 -3.11 17.80
C GLN T 77 -95.47 -3.36 16.67
N GLU T 78 -96.76 -3.16 16.91
CA GLU T 78 -97.75 -3.58 15.91
C GLU T 78 -97.79 -2.63 14.71
N GLU T 79 -97.85 -1.32 14.97
CA GLU T 79 -97.90 -0.37 13.86
C GLU T 79 -96.61 -0.39 13.05
N ILE T 80 -95.56 -1.01 13.60
CA ILE T 80 -94.41 -1.40 12.81
C ILE T 80 -94.81 -2.40 11.75
N ASP T 81 -95.49 -3.46 12.16
CA ASP T 81 -95.51 -4.70 11.39
C ASP T 81 -96.44 -4.62 10.21
N ALA T 82 -97.63 -4.04 10.39
CA ALA T 82 -98.51 -3.81 9.25
C ALA T 82 -97.85 -2.85 8.26
N LEU T 83 -97.08 -1.88 8.77
CA LEU T 83 -96.36 -0.99 7.89
C LEU T 83 -95.08 -1.65 7.37
N GLU T 84 -94.58 -2.66 8.08
CA GLU T 84 -93.56 -3.53 7.49
C GLU T 84 -94.10 -4.18 6.22
N SER T 85 -95.37 -4.58 6.24
CA SER T 85 -95.99 -5.10 5.02
C SER T 85 -96.40 -3.96 4.10
N ARG T 86 -96.64 -2.77 4.66
CA ARG T 86 -97.15 -1.68 3.84
C ARG T 86 -96.06 -1.05 2.99
N VAL T 87 -94.88 -0.77 3.57
CA VAL T 87 -93.77 -0.35 2.74
C VAL T 87 -93.33 -1.49 1.83
N GLU T 88 -93.46 -2.73 2.31
CA GLU T 88 -93.22 -3.91 1.48
C GLU T 88 -94.02 -3.86 0.19
N SER T 89 -95.29 -3.51 0.28
CA SER T 89 -96.13 -3.43 -0.91
C SER T 89 -95.70 -2.29 -1.81
N ILE T 90 -95.56 -1.09 -1.25
CA ILE T 90 -95.37 0.09 -2.08
C ILE T 90 -94.00 0.07 -2.76
N GLN T 91 -93.00 -0.54 -2.12
CA GLN T 91 -91.67 -0.57 -2.73
C GLN T 91 -91.61 -1.54 -3.90
N ARG T 92 -92.34 -2.65 -3.83
CA ARG T 92 -92.41 -3.56 -4.96
C ARG T 92 -93.16 -2.94 -6.12
N VAL T 93 -94.14 -2.07 -5.81
CA VAL T 93 -94.82 -1.31 -6.85
C VAL T 93 -93.82 -0.42 -7.56
N LEU T 94 -92.83 0.09 -6.83
CA LEU T 94 -91.81 0.91 -7.46
C LEU T 94 -90.98 0.10 -8.45
N ALA T 95 -90.49 -1.06 -8.01
CA ALA T 95 -89.76 -1.95 -8.91
C ALA T 95 -90.60 -2.27 -10.14
N ASP T 96 -91.94 -2.26 -9.99
CA ASP T 96 -92.80 -2.32 -11.16
C ASP T 96 -92.78 -1.00 -11.92
N LEU T 97 -92.89 0.13 -11.22
CA LEU T 97 -92.89 1.42 -11.89
C LEU T 97 -91.54 1.72 -12.51
N LYS T 98 -90.47 1.14 -11.97
CA LYS T 98 -89.17 1.22 -12.61
C LYS T 98 -89.24 0.68 -14.04
N VAL T 99 -89.54 -0.61 -14.18
CA VAL T 99 -89.56 -1.25 -15.49
C VAL T 99 -90.59 -0.59 -16.40
N GLN T 100 -91.76 -0.25 -15.85
CA GLN T 100 -92.79 0.39 -16.66
C GLN T 100 -92.32 1.74 -17.19
N LEU T 101 -91.40 2.39 -16.48
CA LEU T 101 -90.81 3.63 -16.97
C LEU T 101 -89.80 3.36 -18.08
N TYR T 102 -89.11 2.22 -18.01
CA TYR T 102 -87.98 1.98 -18.90
C TYR T 102 -88.43 1.50 -20.27
N ALA T 103 -89.50 0.70 -20.33
CA ALA T 103 -89.82 -0.02 -21.55
C ALA T 103 -90.38 0.89 -22.64
N LYS T 104 -91.04 1.96 -22.25
CA LYS T 104 -91.72 2.83 -23.22
C LYS T 104 -90.73 3.62 -24.08
N ASN U 1 -52.42 34.48 -3.71
CA ASN U 1 -52.57 35.84 -3.18
C ASN U 1 -53.87 35.92 -2.38
N LEU U 2 -54.82 36.70 -2.89
CA LEU U 2 -56.16 36.74 -2.28
C LEU U 2 -56.84 35.39 -2.24
N PRO U 3 -56.72 34.51 -3.24
CA PRO U 3 -57.30 33.16 -3.09
C PRO U 3 -56.93 32.48 -1.79
N GLN U 4 -55.67 32.56 -1.35
CA GLN U 4 -55.35 32.13 0.01
C GLN U 4 -56.17 32.90 1.03
N LEU U 5 -56.22 34.23 0.92
CA LEU U 5 -56.95 35.04 1.89
C LEU U 5 -58.44 34.71 1.87
N GLU U 6 -59.02 34.59 0.68
CA GLU U 6 -60.45 34.35 0.54
C GLU U 6 -60.87 33.06 1.22
N MET U 7 -60.05 32.01 1.09
CA MET U 7 -60.26 30.80 1.88
C MET U 7 -59.92 31.05 3.35
N LEU U 8 -58.93 31.90 3.60
CA LEU U 8 -58.51 32.17 4.97
C LEU U 8 -59.50 33.12 5.66
N LYS U 9 -60.11 34.01 4.90
CA LYS U 9 -61.12 34.90 5.48
C LYS U 9 -62.37 34.13 5.87
N ASN U 10 -62.81 33.20 5.02
CA ASN U 10 -64.05 32.50 5.26
C ASN U 10 -63.93 31.49 6.41
N GLN U 11 -62.79 30.79 6.47
CA GLN U 11 -62.58 29.79 7.51
C GLN U 11 -62.60 30.40 8.90
N LEU U 12 -61.85 31.49 9.10
CA LEU U 12 -61.64 32.03 10.44
C LEU U 12 -62.94 32.60 11.02
N ASP U 13 -63.95 32.78 10.19
CA ASP U 13 -65.25 33.22 10.69
C ASP U 13 -65.90 32.13 11.54
N GLN U 14 -65.93 30.90 11.04
CA GLN U 14 -66.75 29.86 11.66
C GLN U 14 -66.24 29.48 13.04
N GLU U 15 -64.91 29.52 13.24
CA GLU U 15 -64.39 29.14 14.55
C GLU U 15 -64.69 30.21 15.59
N VAL U 16 -64.79 31.47 15.17
CA VAL U 16 -65.44 32.46 16.02
C VAL U 16 -66.85 32.02 16.34
N GLU U 17 -67.62 31.69 15.30
CA GLU U 17 -69.00 31.25 15.46
C GLU U 17 -69.10 29.99 16.30
N PHE U 18 -68.39 28.93 15.91
CA PHE U 18 -68.42 27.68 16.66
C PHE U 18 -68.13 27.91 18.13
N LEU U 19 -67.18 28.78 18.42
CA LEU U 19 -66.86 29.12 19.80
C LEU U 19 -67.83 30.14 20.37
N SER U 20 -68.33 31.06 19.52
CA SER U 20 -69.34 32.00 20.00
C SER U 20 -70.57 31.27 20.52
N THR U 21 -70.98 30.22 19.82
CA THR U 21 -72.11 29.43 20.28
C THR U 21 -71.81 28.70 21.57
N SER U 22 -70.63 28.08 21.65
CA SER U 22 -70.27 27.25 22.81
C SER U 22 -70.38 28.02 24.12
N ILE U 23 -69.54 29.04 24.31
CA ILE U 23 -69.54 29.77 25.58
C ILE U 23 -70.91 30.37 25.85
N ALA U 24 -71.60 30.83 24.80
CA ALA U 24 -72.96 31.34 24.99
C ALA U 24 -73.86 30.26 25.57
N GLN U 25 -73.56 28.99 25.30
CA GLN U 25 -74.32 27.90 25.88
C GLN U 25 -73.76 27.50 27.24
N LEU U 26 -72.57 27.97 27.57
CA LEU U 26 -71.93 27.58 28.83
C LEU U 26 -72.35 28.51 29.97
N LYS U 27 -73.03 29.60 29.65
CA LYS U 27 -73.56 30.47 30.69
C LYS U 27 -74.88 29.94 31.22
N VAL U 28 -75.77 29.51 30.31
CA VAL U 28 -77.10 29.07 30.68
C VAL U 28 -77.06 27.92 31.68
N VAL U 29 -76.50 26.79 31.26
CA VAL U 29 -76.38 25.64 32.15
C VAL U 29 -75.65 26.02 33.43
N GLN U 30 -74.67 26.92 33.33
CA GLN U 30 -74.07 27.48 34.53
C GLN U 30 -75.08 28.30 35.32
N THR U 31 -75.98 28.99 34.62
CA THR U 31 -76.94 29.85 35.31
C THR U 31 -78.07 29.06 35.95
N LYS U 32 -78.42 27.89 35.40
CA LYS U 32 -79.49 27.13 36.01
C LYS U 32 -79.11 26.64 37.39
N TYR U 33 -77.84 26.28 37.60
CA TYR U 33 -77.40 25.92 38.95
C TYR U 33 -77.49 27.12 39.88
N VAL U 34 -77.22 28.32 39.37
CA VAL U 34 -77.56 29.52 40.12
C VAL U 34 -79.05 29.55 40.40
N GLU U 35 -79.87 29.28 39.38
CA GLU U 35 -81.31 29.35 39.55
C GLU U 35 -81.83 28.15 40.33
N ALA U 36 -81.24 26.97 40.12
CA ALA U 36 -81.58 25.82 40.97
C ALA U 36 -81.23 26.11 42.42
N LYS U 37 -80.21 26.95 42.64
CA LYS U 37 -80.02 27.51 43.98
C LYS U 37 -81.10 28.52 44.31
N ASP U 38 -81.57 29.26 43.29
CA ASP U 38 -82.58 30.28 43.52
C ASP U 38 -83.95 29.66 43.69
N CYS U 39 -84.31 28.71 42.82
CA CYS U 39 -85.59 28.01 42.95
C CYS U 39 -85.73 27.40 44.34
N LEU U 40 -84.61 27.00 44.93
CA LEU U 40 -84.62 26.44 46.27
C LEU U 40 -84.87 27.51 47.33
N ASN U 41 -84.58 28.78 47.00
CA ASN U 41 -84.78 29.84 47.98
C ASN U 41 -86.25 30.09 48.23
N VAL U 42 -87.03 30.33 47.17
CA VAL U 42 -88.46 30.54 47.32
C VAL U 42 -89.12 29.28 47.84
N LEU U 43 -88.54 28.12 47.52
CA LEU U 43 -89.02 26.85 48.05
C LEU U 43 -89.09 26.87 49.57
N ASN U 44 -87.92 26.94 50.22
CA ASN U 44 -87.86 27.08 51.68
C ASN U 44 -88.69 28.26 52.14
N LYS U 45 -88.78 29.31 51.31
CA LYS U 45 -89.35 30.57 51.77
C LYS U 45 -90.85 30.46 52.00
N SER U 46 -91.57 29.75 51.14
CA SER U 46 -93.02 29.73 51.28
C SER U 46 -93.40 28.82 52.44
N ASN U 47 -93.35 27.51 52.20
CA ASN U 47 -93.32 26.46 53.23
C ASN U 47 -93.48 25.12 52.54
N GLU U 48 -93.39 24.05 53.31
CA GLU U 48 -93.85 22.75 52.84
C GLU U 48 -95.37 22.77 52.70
N GLY U 49 -95.87 22.15 51.63
CA GLY U 49 -97.29 22.02 51.42
C GLY U 49 -97.88 22.84 50.32
N LYS U 50 -97.15 23.83 49.78
CA LYS U 50 -97.71 24.69 48.76
C LYS U 50 -98.00 23.90 47.49
N GLU U 51 -98.99 24.37 46.73
CA GLU U 51 -99.17 23.80 45.41
C GLU U 51 -98.03 24.23 44.49
N LEU U 52 -97.33 23.23 43.95
CA LEU U 52 -96.28 23.50 42.99
C LEU U 52 -96.68 22.93 41.65
N LEU U 53 -96.97 23.82 40.71
CA LEU U 53 -96.93 23.45 39.31
C LEU U 53 -95.50 23.05 39.02
N VAL U 54 -95.33 21.83 38.54
CA VAL U 54 -94.00 21.30 38.28
C VAL U 54 -94.05 20.69 36.88
N PRO U 55 -92.99 20.82 36.10
CA PRO U 55 -93.05 20.41 34.69
C PRO U 55 -93.53 18.98 34.55
N LEU U 56 -94.52 18.81 33.67
CA LEU U 56 -95.22 17.55 33.58
C LEU U 56 -94.92 16.86 32.27
N THR U 57 -95.34 17.46 31.16
CA THR U 57 -95.05 16.96 29.83
C THR U 57 -95.11 18.16 28.88
N SER U 58 -95.05 17.90 27.57
CA SER U 58 -95.19 18.98 26.62
C SER U 58 -96.54 19.65 26.82
N SER U 59 -96.50 20.98 27.01
CA SER U 59 -97.67 21.84 27.13
C SER U 59 -98.39 21.74 28.47
N MET U 60 -97.97 20.86 29.38
CA MET U 60 -98.62 20.71 30.67
C MET U 60 -97.70 21.14 31.80
N TYR U 61 -98.31 21.53 32.93
CA TYR U 61 -97.69 21.45 34.24
C TYR U 61 -98.63 20.70 35.17
N VAL U 62 -98.07 19.85 36.01
CA VAL U 62 -98.82 19.19 37.08
C VAL U 62 -98.69 20.02 38.34
N PRO U 63 -99.79 20.50 38.91
CA PRO U 63 -99.73 21.03 40.27
C PRO U 63 -99.55 19.91 41.28
N GLY U 64 -98.81 20.23 42.34
CA GLY U 64 -98.67 19.28 43.41
C GLY U 64 -98.40 20.01 44.70
N LYS U 65 -98.79 19.37 45.79
CA LYS U 65 -98.67 19.94 47.12
C LYS U 65 -97.31 19.61 47.72
N LEU U 66 -96.55 20.66 48.00
CA LEU U 66 -95.15 20.53 48.35
C LEU U 66 -94.97 19.75 49.64
N HIS U 67 -93.83 19.10 49.77
CA HIS U 67 -93.44 18.47 51.03
C HIS U 67 -91.94 18.50 51.14
N ASP U 68 -91.44 18.78 52.34
CA ASP U 68 -90.00 18.80 52.61
C ASP U 68 -89.26 19.75 51.66
N VAL U 69 -89.39 21.05 51.92
CA VAL U 69 -88.64 22.07 51.20
C VAL U 69 -87.14 21.85 51.32
N GLU U 70 -86.71 20.94 52.19
CA GLU U 70 -85.30 20.57 52.30
C GLU U 70 -84.89 19.55 51.24
N HIS U 71 -85.85 18.94 50.53
CA HIS U 71 -85.57 18.00 49.46
C HIS U 71 -84.98 18.75 48.26
N VAL U 72 -83.80 18.32 47.81
CA VAL U 72 -83.23 18.82 46.57
C VAL U 72 -82.55 17.65 45.87
N LEU U 73 -82.59 17.68 44.53
CA LEU U 73 -81.74 16.80 43.75
C LEU U 73 -80.33 17.38 43.67
N ILE U 74 -79.36 16.49 43.54
CA ILE U 74 -78.07 16.80 42.92
C ILE U 74 -77.75 15.68 41.95
N ASP U 75 -77.66 16.01 40.68
CA ASP U 75 -77.30 15.03 39.67
C ASP U 75 -75.80 15.07 39.45
N VAL U 76 -75.12 14.01 39.88
CA VAL U 76 -73.70 13.84 39.63
C VAL U 76 -73.50 12.40 39.18
N GLY U 77 -72.24 12.00 39.00
CA GLY U 77 -72.13 10.79 38.23
C GLY U 77 -72.52 11.14 36.81
N THR U 78 -73.06 10.16 36.09
CA THR U 78 -73.56 10.45 34.75
C THR U 78 -74.95 11.07 34.81
N GLY U 79 -75.97 10.25 35.07
CA GLY U 79 -77.30 10.74 35.32
C GLY U 79 -77.69 10.61 36.78
N TYR U 80 -76.85 9.94 37.56
CA TYR U 80 -77.22 9.39 38.86
C TYR U 80 -77.89 10.42 39.76
N TYR U 81 -78.89 9.94 40.49
CA TYR U 81 -79.78 10.76 41.32
C TYR U 81 -79.22 10.83 42.73
N VAL U 82 -78.77 12.02 43.14
CA VAL U 82 -78.39 12.26 44.52
C VAL U 82 -79.33 13.32 45.08
N GLU U 83 -80.23 12.91 45.96
CA GLU U 83 -81.12 13.84 46.66
C GLU U 83 -80.34 14.42 47.84
N LYS U 84 -80.38 15.74 47.98
CA LYS U 84 -79.52 16.43 48.94
C LYS U 84 -80.34 17.41 49.76
N THR U 85 -79.70 17.96 50.79
CA THR U 85 -80.32 18.99 51.61
C THR U 85 -80.39 20.31 50.85
N ALA U 86 -81.24 21.21 51.34
CA ALA U 86 -81.31 22.55 50.77
C ALA U 86 -79.94 23.23 50.79
N GLU U 87 -79.08 22.87 51.74
CA GLU U 87 -77.75 23.46 51.75
C GLU U 87 -76.84 22.79 50.73
N ASP U 88 -76.88 21.46 50.65
CA ASP U 88 -75.93 20.74 49.81
C ASP U 88 -76.09 21.11 48.33
N ALA U 89 -77.32 21.42 47.91
CA ALA U 89 -77.53 21.83 46.54
C ALA U 89 -76.72 23.05 46.18
N LYS U 90 -76.78 24.09 47.02
CA LYS U 90 -76.25 25.40 46.66
C LYS U 90 -74.75 25.34 46.37
N ASP U 91 -74.02 24.53 47.13
CA ASP U 91 -72.58 24.43 46.91
C ASP U 91 -72.27 23.53 45.73
N PHE U 92 -73.00 22.41 45.62
CA PHE U 92 -72.83 21.55 44.46
C PHE U 92 -73.19 22.28 43.18
N PHE U 93 -74.27 23.07 43.22
CA PHE U 93 -74.54 24.01 42.13
C PHE U 93 -73.36 24.92 41.91
N LYS U 94 -72.86 25.55 42.97
CA LYS U 94 -71.79 26.52 42.82
C LYS U 94 -70.52 25.88 42.31
N ARG U 95 -70.26 24.62 42.67
CA ARG U 95 -69.19 23.88 42.01
C ARG U 95 -69.42 23.83 40.51
N LYS U 96 -70.60 23.36 40.08
CA LYS U 96 -70.87 23.28 38.65
C LYS U 96 -71.10 24.66 38.04
N ILE U 97 -71.48 25.64 38.85
CA ILE U 97 -71.40 27.03 38.40
C ILE U 97 -69.96 27.40 38.12
N ASP U 98 -69.08 27.15 39.08
CA ASP U 98 -67.65 27.40 38.87
C ASP U 98 -67.08 26.44 37.84
N PHE U 99 -67.68 25.26 37.71
CA PHE U 99 -67.19 24.28 36.76
C PHE U 99 -67.41 24.76 35.32
N LEU U 100 -68.56 25.35 35.05
CA LEU U 100 -68.79 25.92 33.72
C LEU U 100 -68.18 27.30 33.60
N THR U 101 -67.87 27.94 34.73
CA THR U 101 -67.24 29.25 34.70
C THR U 101 -65.97 29.24 33.87
N LYS U 102 -64.98 28.44 34.28
CA LYS U 102 -63.80 28.22 33.46
C LYS U 102 -64.20 27.73 32.07
N GLN U 103 -65.14 26.80 31.99
CA GLN U 103 -65.56 26.28 30.69
C GLN U 103 -66.08 27.40 29.80
N MET U 104 -66.76 28.38 30.38
CA MET U 104 -67.04 29.59 29.61
C MET U 104 -65.75 30.24 29.14
N GLU U 105 -64.82 30.47 30.07
CA GLU U 105 -63.71 31.36 29.81
C GLU U 105 -62.70 30.75 28.83
N LYS U 106 -62.61 29.41 28.77
CA LYS U 106 -61.68 28.78 27.86
C LYS U 106 -61.98 29.15 26.42
N ILE U 107 -63.22 29.52 26.14
CA ILE U 107 -63.67 29.73 24.76
C ILE U 107 -63.24 31.08 24.22
N GLN U 108 -63.39 32.14 25.03
CA GLN U 108 -63.21 33.52 24.56
C GLN U 108 -61.88 33.76 23.85
N PRO U 109 -60.72 33.35 24.39
CA PRO U 109 -59.47 33.56 23.66
C PRO U 109 -59.48 32.90 22.29
N ALA U 110 -59.97 31.65 22.24
CA ALA U 110 -60.08 30.96 20.97
C ALA U 110 -61.26 31.48 20.17
N LEU U 111 -62.28 32.01 20.85
CA LEU U 111 -63.34 32.73 20.15
C LEU U 111 -62.77 33.95 19.43
N GLN U 112 -62.06 34.81 20.15
CA GLN U 112 -61.64 36.09 19.60
C GLN U 112 -60.44 35.94 18.68
N GLU U 113 -59.67 34.85 18.82
CA GLU U 113 -58.45 34.70 18.03
C GLU U 113 -58.76 34.65 16.54
N LYS U 114 -59.88 34.05 16.17
CA LYS U 114 -60.16 33.82 14.76
C LYS U 114 -60.86 35.01 14.13
N HIS U 115 -61.16 36.03 14.92
CA HIS U 115 -61.74 37.25 14.37
C HIS U 115 -60.67 38.26 13.96
N ALA U 116 -59.90 38.76 14.92
CA ALA U 116 -58.81 39.68 14.60
C ALA U 116 -57.85 39.05 13.60
N MET U 117 -57.69 37.73 13.65
CA MET U 117 -56.95 37.04 12.59
C MET U 117 -57.69 37.12 11.27
N LYS U 118 -58.98 36.78 11.25
CA LYS U 118 -59.80 37.00 10.06
C LYS U 118 -59.83 38.46 9.66
N GLN U 119 -59.88 39.35 10.66
CA GLN U 119 -59.89 40.79 10.36
C GLN U 119 -58.63 41.19 9.60
N ALA U 120 -57.51 40.55 9.91
CA ALA U 120 -56.27 40.81 9.17
C ALA U 120 -56.35 40.22 7.77
N VAL U 121 -57.24 39.25 7.56
CA VAL U 121 -57.37 38.62 6.24
C VAL U 121 -58.32 39.43 5.36
N MET U 122 -59.10 40.33 5.97
CA MET U 122 -59.97 41.19 5.18
C MET U 122 -59.19 42.30 4.51
N GLU U 123 -58.20 42.87 5.22
CA GLU U 123 -57.52 44.06 4.73
C GLU U 123 -56.72 43.79 3.47
N MET U 124 -55.75 42.86 3.54
CA MET U 124 -54.88 42.63 2.39
C MET U 124 -55.66 42.11 1.19
N MET U 125 -56.85 41.55 1.44
CA MET U 125 -57.75 41.21 0.35
C MET U 125 -58.22 42.46 -0.38
N SER U 126 -58.81 43.40 0.38
CA SER U 126 -59.23 44.66 -0.23
C SER U 126 -58.02 45.55 -0.51
N GLN U 127 -57.13 45.67 0.47
CA GLN U 127 -55.89 46.41 0.30
C GLN U 127 -54.85 45.48 -0.33
N VAL V 1 -64.26 10.69 -1.10
CA VAL V 1 -64.84 9.37 -1.21
C VAL V 1 -65.53 9.07 0.14
N GLU V 2 -66.34 8.00 0.20
CA GLU V 2 -67.17 7.78 1.38
C GLU V 2 -66.37 7.25 2.56
N LYS V 3 -65.24 6.58 2.31
CA LYS V 3 -64.61 5.80 3.37
C LYS V 3 -63.80 6.67 4.31
N TYR V 4 -63.59 7.94 3.96
CA TYR V 4 -62.81 8.85 4.81
C TYR V 4 -63.43 8.98 6.20
N GLN V 5 -64.57 9.67 6.29
CA GLN V 5 -65.02 10.19 7.58
C GLN V 5 -66.03 9.27 8.25
N GLN V 6 -66.36 8.15 7.60
CA GLN V 6 -67.18 7.13 8.27
C GLN V 6 -66.60 6.77 9.63
N LEU V 7 -65.28 6.63 9.70
CA LEU V 7 -64.61 6.20 10.91
C LEU V 7 -64.38 7.36 11.87
N GLN V 8 -64.11 8.55 11.33
CA GLN V 8 -63.81 9.69 12.17
C GLN V 8 -65.05 10.19 12.89
N LYS V 9 -66.23 9.96 12.31
CA LYS V 9 -67.48 10.31 13.01
C LYS V 9 -67.59 9.59 14.33
N ASP V 10 -67.69 8.26 14.31
CA ASP V 10 -67.83 7.50 15.55
C ASP V 10 -66.58 7.64 16.40
N LEU V 11 -65.46 8.01 15.78
CA LEU V 11 -64.33 8.56 16.53
C LEU V 11 -64.77 9.78 17.33
N SER V 12 -65.16 10.85 16.63
CA SER V 12 -65.61 12.07 17.31
C SER V 12 -66.83 11.79 18.18
N LYS V 13 -67.68 10.85 17.78
CA LYS V 13 -68.86 10.50 18.57
C LYS V 13 -68.48 10.07 19.99
N SER V 14 -67.88 8.90 20.12
CA SER V 14 -67.59 8.37 21.46
C SER V 14 -66.46 9.15 22.12
N MET V 15 -65.84 10.06 21.38
CA MET V 15 -64.82 10.94 21.95
C MET V 15 -65.42 11.87 22.99
N SER V 16 -66.52 12.56 22.64
CA SER V 16 -67.01 13.67 23.45
C SER V 16 -67.76 13.20 24.69
N GLY V 17 -68.71 12.27 24.53
CA GLY V 17 -69.43 11.76 25.69
C GLY V 17 -68.51 11.11 26.69
N ARG V 18 -67.47 10.43 26.19
CA ARG V 18 -66.33 10.06 27.02
C ARG V 18 -65.79 11.25 27.80
N GLN V 19 -65.59 12.39 27.13
CA GLN V 19 -65.08 13.56 27.82
C GLN V 19 -66.14 14.17 28.72
N LYS V 20 -67.41 14.09 28.32
CA LYS V 20 -68.51 14.37 29.24
C LYS V 20 -68.33 13.58 30.53
N LEU V 21 -67.92 12.30 30.40
CA LEU V 21 -67.68 11.48 31.57
C LEU V 21 -66.61 12.07 32.47
N GLU V 22 -65.61 12.73 31.89
CA GLU V 22 -64.53 13.28 32.70
C GLU V 22 -65.06 14.31 33.69
N ALA V 23 -65.98 15.16 33.24
CA ALA V 23 -66.76 15.96 34.18
C ALA V 23 -67.48 15.05 35.17
N GLN V 24 -68.16 14.03 34.66
CA GLN V 24 -68.87 13.08 35.49
C GLN V 24 -67.90 12.24 36.32
N LEU V 25 -66.66 12.10 35.85
CA LEU V 25 -65.63 11.40 36.62
C LEU V 25 -65.40 12.08 37.96
N THR V 26 -65.04 13.37 37.91
CA THR V 26 -65.00 14.16 39.12
C THR V 26 -66.28 14.00 39.92
N GLU V 27 -67.43 14.05 39.24
CA GLU V 27 -68.70 13.83 39.90
C GLU V 27 -68.81 12.42 40.44
N ASN V 28 -68.32 11.42 39.68
CA ASN V 28 -68.39 10.04 40.15
C ASN V 28 -67.46 9.82 41.34
N ASN V 29 -66.41 10.63 41.46
CA ASN V 29 -65.67 10.65 42.71
C ASN V 29 -66.38 11.51 43.75
N ILE V 30 -67.11 12.54 43.28
CA ILE V 30 -67.86 13.39 44.20
C ILE V 30 -69.17 12.72 44.61
N VAL V 31 -69.74 11.89 43.73
CA VAL V 31 -70.94 11.17 44.14
C VAL V 31 -70.59 10.11 45.18
N LYS V 32 -69.37 9.58 45.12
CA LYS V 32 -68.87 8.79 46.24
C LYS V 32 -68.69 9.65 47.48
N GLU V 33 -68.52 10.96 47.29
CA GLU V 33 -68.49 11.87 48.42
C GLU V 33 -69.90 12.26 48.85
N GLU V 34 -70.80 12.52 47.90
CA GLU V 34 -72.12 13.04 48.25
C GLU V 34 -72.98 11.99 48.93
N LEU V 35 -73.08 10.80 48.34
CA LEU V 35 -73.92 9.76 48.93
C LEU V 35 -73.33 9.23 50.23
N ALA V 36 -72.01 9.08 50.29
CA ALA V 36 -71.40 8.60 51.52
C ALA V 36 -71.63 9.59 52.67
N LEU V 37 -71.89 10.86 52.33
CA LEU V 37 -72.29 11.82 53.35
C LEU V 37 -73.81 11.89 53.45
N LEU V 38 -74.52 11.07 52.67
CA LEU V 38 -75.94 10.87 52.87
C LEU V 38 -76.19 9.60 53.67
N ASP V 39 -76.72 9.77 54.89
CA ASP V 39 -77.04 8.62 55.72
C ASP V 39 -78.46 8.12 55.51
N GLY V 40 -79.18 8.63 54.51
CA GLY V 40 -80.59 8.34 54.35
C GLY V 40 -81.45 9.53 54.73
N SER V 41 -80.78 10.68 54.94
CA SER V 41 -81.51 11.92 55.15
C SER V 41 -82.44 12.22 53.98
N ASN V 42 -81.89 12.48 52.80
CA ASN V 42 -82.68 12.71 51.60
C ASN V 42 -82.85 11.39 50.88
N VAL V 43 -84.04 11.16 50.34
CA VAL V 43 -84.33 9.86 49.72
C VAL V 43 -83.39 9.63 48.55
N VAL V 44 -82.62 8.55 48.63
CA VAL V 44 -81.65 8.24 47.58
C VAL V 44 -82.31 7.28 46.60
N PHE V 45 -82.53 7.77 45.40
CA PHE V 45 -82.79 6.89 44.28
C PHE V 45 -81.52 6.81 43.47
N LYS V 46 -81.27 5.64 42.90
CA LYS V 46 -80.40 5.58 41.75
C LYS V 46 -81.12 6.34 40.66
N LEU V 47 -80.41 7.11 39.86
CA LEU V 47 -80.91 7.37 38.53
C LEU V 47 -80.10 6.48 37.62
N LEU V 48 -80.68 5.34 37.28
CA LEU V 48 -80.04 4.35 36.42
C LEU V 48 -81.12 3.89 35.46
N GLY V 49 -80.98 4.28 34.20
CA GLY V 49 -82.02 4.09 33.23
C GLY V 49 -83.27 4.90 33.52
N PRO V 50 -84.25 4.82 32.61
CA PRO V 50 -85.42 5.71 32.68
C PRO V 50 -86.39 5.47 33.83
N VAL V 51 -86.37 4.32 34.49
CA VAL V 51 -87.21 4.09 35.66
C VAL V 51 -86.52 4.68 36.87
N LEU V 52 -87.22 5.56 37.58
CA LEU V 52 -86.70 6.18 38.78
C LEU V 52 -87.32 5.49 39.99
N VAL V 53 -86.47 4.85 40.79
CA VAL V 53 -86.85 3.72 41.62
C VAL V 53 -86.58 4.04 43.08
N LYS V 54 -87.52 3.68 43.95
CA LYS V 54 -87.26 3.77 45.39
C LYS V 54 -86.08 2.87 45.73
N GLN V 55 -85.06 3.47 46.33
CA GLN V 55 -83.76 2.82 46.49
C GLN V 55 -83.32 2.89 47.95
N GLU V 56 -82.29 2.12 48.26
CA GLU V 56 -81.70 2.06 49.59
C GLU V 56 -80.29 2.67 49.51
N LEU V 57 -79.61 2.71 50.66
CA LEU V 57 -78.33 3.41 50.74
C LEU V 57 -77.20 2.62 50.10
N GLY V 58 -77.08 1.34 50.44
CA GLY V 58 -76.12 0.49 49.74
C GLY V 58 -76.42 0.41 48.26
N GLU V 59 -77.71 0.39 47.91
CA GLU V 59 -78.11 0.54 46.52
C GLU V 59 -77.63 1.87 45.95
N ALA V 60 -77.66 2.93 46.76
CA ALA V 60 -77.10 4.20 46.34
C ALA V 60 -75.58 4.12 46.24
N ARG V 61 -74.95 3.50 47.25
CA ARG V 61 -73.50 3.45 47.29
C ARG V 61 -72.93 2.51 46.24
N ALA V 62 -73.29 1.22 46.31
CA ALA V 62 -72.78 0.26 45.35
C ALA V 62 -73.03 0.71 43.92
N THR V 63 -74.07 1.51 43.69
CA THR V 63 -74.36 2.00 42.35
C THR V 63 -73.28 2.96 41.86
N VAL V 64 -72.81 3.85 42.73
CA VAL V 64 -71.88 4.88 42.26
C VAL V 64 -70.46 4.34 42.14
N GLY V 65 -70.10 3.36 42.97
CA GLY V 65 -68.95 2.54 42.63
C GLY V 65 -69.16 1.84 41.30
N LYS V 66 -70.42 1.52 40.98
CA LYS V 66 -70.76 1.03 39.65
C LYS V 66 -71.01 2.16 38.66
N ARG V 67 -71.33 3.37 39.13
CA ARG V 67 -71.49 4.49 38.19
C ARG V 67 -70.13 4.98 37.71
N LEU V 68 -69.10 4.85 38.55
CA LEU V 68 -67.74 5.13 38.09
C LEU V 68 -67.37 4.19 36.96
N ASP V 69 -68.03 3.03 36.89
CA ASP V 69 -67.79 2.11 35.78
C ASP V 69 -68.24 2.73 34.47
N TYR V 70 -69.17 3.70 34.52
CA TYR V 70 -69.36 4.56 33.35
C TYR V 70 -68.06 5.21 32.94
N ILE V 71 -67.48 6.03 33.82
CA ILE V 71 -66.26 6.73 33.43
C ILE V 71 -65.15 5.73 33.15
N THR V 72 -65.09 4.67 33.96
CA THR V 72 -64.18 3.57 33.66
C THR V 72 -64.44 3.01 32.28
N ALA V 73 -65.63 2.45 32.06
CA ALA V 73 -65.87 1.67 30.84
C ALA V 73 -65.91 2.55 29.60
N GLU V 74 -66.78 3.58 29.57
CA GLU V 74 -66.98 4.31 28.33
C GLU V 74 -65.70 5.01 27.88
N ILE V 75 -64.94 5.55 28.82
CA ILE V 75 -63.69 6.21 28.44
C ILE V 75 -62.75 5.23 27.78
N LYS V 76 -62.48 4.11 28.45
CA LYS V 76 -61.50 3.16 27.96
C LYS V 76 -61.88 2.63 26.59
N ARG V 77 -63.10 2.08 26.45
CA ARG V 77 -63.50 1.43 25.21
C ARG V 77 -63.21 2.30 24.00
N TYR V 78 -63.42 3.62 24.12
CA TYR V 78 -63.28 4.47 22.95
C TYR V 78 -61.84 4.57 22.48
N GLU V 79 -60.88 4.57 23.41
CA GLU V 79 -59.49 4.65 22.99
C GLU V 79 -59.15 3.53 22.03
N SER V 80 -59.85 2.40 22.14
CA SER V 80 -59.94 1.48 21.00
C SER V 80 -60.58 2.17 19.80
N GLN V 81 -61.87 2.48 19.91
CA GLN V 81 -62.64 3.00 18.77
C GLN V 81 -62.01 4.25 18.19
N LEU V 82 -61.32 5.02 19.03
CA LEU V 82 -60.47 6.08 18.51
C LEU V 82 -59.57 5.54 17.39
N ARG V 83 -58.59 4.72 17.75
CA ARG V 83 -57.63 4.24 16.77
C ARG V 83 -58.20 3.10 15.93
N ASP V 84 -59.13 2.32 16.50
CA ASP V 84 -59.83 1.33 15.70
C ASP V 84 -60.42 1.95 14.45
N LEU V 85 -61.09 3.09 14.59
CA LEU V 85 -61.63 3.79 13.44
C LEU V 85 -60.56 4.65 12.76
N GLU V 86 -59.71 5.29 13.57
CA GLU V 86 -58.76 6.26 13.04
C GLU V 86 -57.86 5.64 11.97
N ARG V 87 -57.29 4.46 12.26
CA ARG V 87 -56.34 3.87 11.34
C ARG V 87 -57.01 3.46 10.04
N GLN V 88 -58.16 2.79 10.12
CA GLN V 88 -58.89 2.43 8.91
C GLN V 88 -59.34 3.68 8.17
N SER V 89 -59.58 4.77 8.90
CA SER V 89 -59.87 6.04 8.24
C SER V 89 -58.64 6.57 7.53
N GLU V 90 -57.52 6.69 8.28
CA GLU V 90 -56.26 7.13 7.70
C GLU V 90 -55.86 6.26 6.53
N GLN V 91 -56.06 4.95 6.65
CA GLN V 91 -55.75 4.02 5.57
C GLN V 91 -56.46 4.39 4.28
N GLN V 92 -57.79 4.57 4.37
CA GLN V 92 -58.63 4.74 3.20
C GLN V 92 -58.47 6.10 2.53
N ARG V 93 -57.70 7.01 3.14
CA ARG V 93 -57.61 8.37 2.64
C ARG V 93 -56.80 8.45 1.35
N GLU V 94 -55.57 7.95 1.39
CA GLU V 94 -54.68 8.12 0.25
C GLU V 94 -55.04 7.15 -0.87
N THR V 95 -55.63 6.01 -0.51
CA THR V 95 -55.95 4.99 -1.51
C THR V 95 -56.94 5.50 -2.54
N LEU V 96 -58.11 5.94 -2.09
CA LEU V 96 -59.18 6.25 -3.03
C LEU V 96 -58.98 7.63 -3.66
N ALA V 97 -58.24 8.51 -2.98
CA ALA V 97 -57.96 9.83 -3.56
C ALA V 97 -57.01 9.73 -4.74
N GLN V 98 -55.86 9.07 -4.54
CA GLN V 98 -54.91 8.91 -5.63
C GLN V 98 -55.56 8.27 -6.85
N LEU V 99 -56.42 7.27 -6.62
CA LEU V 99 -57.19 6.70 -7.72
C LEU V 99 -57.94 7.78 -8.49
N GLN V 100 -58.91 8.42 -7.85
CA GLN V 100 -59.79 9.35 -8.56
C GLN V 100 -58.99 10.49 -9.20
N GLN V 101 -57.82 10.82 -8.65
CA GLN V 101 -56.96 11.79 -9.30
C GLN V 101 -56.18 11.17 -10.46
N GLU V 102 -55.58 10.00 -10.23
CA GLU V 102 -54.77 9.33 -11.23
C GLU V 102 -55.59 9.02 -12.48
#